data_6J50
#
_entry.id   6J50
#
_cell.length_a   1
_cell.length_b   1
_cell.length_c   1
_cell.angle_alpha   90
_cell.angle_beta   90
_cell.angle_gamma   90
#
_symmetry.space_group_name_H-M   'P 1'
#
loop_
_entity.id
_entity.type
_entity.pdbx_description
1 polymer 'DNA-directed RNA polymerase subunit'
2 polymer 'DNA-directed RNA polymerase subunit beta'
3 polymer 'RNA polymerase II third largest subunit B44, part of central core'
4 polymer 'RNA polymerase II subunit B32'
5 polymer 'RNA polymerase subunit ABC27, common to RNA polymerases I, II, and III'
6 polymer 'RNA polymerase subunit ABC23, common to RNA polymerases I, II, and III'
7 polymer 'RNA polymerase II subunit'
8 polymer 'DNA-directed RNA polymerases I, II, and III subunit RPABC3'
9 polymer 'DNA-directed RNA polymerase subunit'
10 polymer 'RNA polymerase subunit ABC10-beta, common to RNA polymerases I, II, and III'
11 polymer 'RNA polymerase II subunit B12.5'
12 polymer 'RNA polymerase subunit ABC10-alpha'
13 polymer "RNA (5'-R(P*GP*CP*CP*UP*GP*GP*UP*GP*UP*CP*UP*UP*GP*GP*GP*U)-3')"
14 polymer 'DNA (198-MER)'
15 polymer 'DNA (198-MER)'
16 polymer 'Transcription elongation factor SPT4'
17 polymer 'Protein that forms a complex with Spt4p'
18 polymer 'Histone H3.3'
19 polymer 'Histone H4'
20 polymer 'Histone H2A type 1-B/E'
21 polymer 'Histone H2B type 1-J'
22 polymer 'DNA (41-MER)'
23 polymer 'DNA (41-MER)'
24 non-polymer 'ZINC ION'
25 non-polymer 'MAGNESIUM ION'
#
loop_
_entity_poly.entity_id
_entity_poly.type
_entity_poly.pdbx_seq_one_letter_code
_entity_poly.pdbx_strand_id
1 'polypeptide(L)'
;MSQFPYSSAPLRSVKEVQFGLLSPEEIRAISVVKIEYPEIMDESRQRPREGGLNDPKLGSIDRNFKCQTCGEGMAECPGH
FGHMELAKPVFHIGFIPKIKKVCECICMNCGKLLLDETNPTMAQAIRIRDPKKRFNAVWQLCKTKMVCEADAPVDEYSEQ
KVVSRGGCGNTQPVVRKDGMKLWGTWKKSGFSDRDAQPERKLLTPGEILNVFKHISPEDCFRLGFNEDYARPEWMIITVL
PVPPPQVRPSIAMDETTQGQDDLTHKLSDILKANINVQKLEMDGSPQHIINEVEQLLQFHVATYMDNDIAGQPQALQKSG
RPVKAIRARLKGKEGRLRGNLMGKRVDFSARTVISGDPNLELDQVGVPISIAKTLSYPETVTQYNIHRLTEYVRNGPNEH
PGAKYVIRDNGDRIDLRYHKRAGDIVLQYGWKVERHLMDDDPVLFNRQPSLHKMSMMAHRVKVMPYSTFRLNLSVTSPYN
ADFDGDEMNLHVPQSEETRAELSQLCAVPLQIVSPQSNKPVMGIVQDTLCGVRKMTLRDTFIEYEQVMNMLFWVPSWDGV
VPQPAILKPKPLWTGKQLLSIAIPSGIHLQRTDGGNSLLSPKDNGMLIVDGKVMFGVVDKKTVGSGGGGLIHTVMREKGP
KICAELFGNIQKVVNYWLLHNGFSIGIGDAIADASTMKEITHAISSAKEQVQEIIYKAQHNELELKPGMTLRESFEGEVS
RTLNDARDSAGRSAEMNLKDLNNVKQMVSAGSKGSFINIAQMSACVGQQMVEGKRIAFGFADRSLPHFTKDDFSPESKGF
VENSYLRGLTPQEFFFHAMAGREGLIDTAVKTAETGYIQRRLVKALEDIMVHYDGTTRNSLGDIIQFLYGEDGLDGTQVE
RQTIDTIPGSDKAFHKRYYVDLMDEKNSIKPDVIEYAADILGDVELQKELNSEYEQLVSDRKFLREIVFVNGDHNWPLPV
NLRRIIQNAQQIFHLDRAKASDLTIPEIIHGVRDLCKKLFVLRGENELIKEAQQNATSLFQCLVRARLATRRILEEFRLN
RDAFEWVLGTIEAQFQRSLVHPGEMVGVIAAQSIGEPATQMTLNTFHYAGVSSKNVTLGVPRLKEILNVAKNIKTPALTV
YLDREIALDIEKAKVIQSSIEYTTLKNVTSATEIYYDPDPTSTVIEEDFDTVEAYFSIPDEKVEETIDKQSPWLLRLELD
RARMLDKQLTMNQVADKISEVFSDDLFVMWSEDNADKLIIRCRVIRDPKAMDEELEAEEDQMLKRIEAHMLDLIALRGIP
GISKVYMVKHKVSVPDESGEYKNEELWALETDGINLAEVMAVPGVDSSRTYSNSFVEILSVLGIEATRSSLYKEILNVIA
FDGSYVNYRHMALLVDVMTSRGYLMAITRHGINRADTGALMRCSFEETVEILFEAGAAAELDDCRGVSENVMLGQLAPMG
TGAFDVMIDEKLLTSLPADYAPTMPLFKGKATQGSATPYDNNAQYDDEFNHDDVADVMFSPMAETGSGDDRSGGLTEYAG
IQSPYQPTSPGLSATSPGFAPTSPGFAPTSPRYSPTSPGYSPTSPSYSPTSPSYSPTSPSYSPTSPSYSPTSPSYSPTSP
SYSPTSPSYSPTSPSYSPTSPSYSPTSPQYSPTSPQYSPTSPQYSPTSPQYSPTSPQYSPTSPQYSPTSPQYSPTSPQYS
PTSPQYSPTSPQYSPTSPQYSPTSPQYSPTSPQYSPTSPQYSPASPQYSPSRHSPNGESKEGE
;
A
2 'polypeptide(L)'
;MSYDPYSIDDTITTEDCWTVISAFFEEKGLVSQQLDSFDEFMETSIQDLVWEEPRLILDQPAQHTNEKDNINKRYEIRFG
KIYLSRPTMTEADGTTHAMFPQEARLRNLTYSSPVYLDMEKSMFTSIDDEGNPNATLDWQQVHEPIKDGVEEGNKVHIGK
VPIMLRSKFCSLRTLDEVDLYKMKECPYDMGGYFVINGSEKVLIAQERSAANIVQVFKKAAPSPISHVAEIRSALEKGSR
LISTMQIKLYGREDKGTGRTIKATLPYVKQDIPIVIVFRALGVVPDGEILQHICYDENDWQMLEMLKPCIEEGFVIQDKE
VALDFIGRRGSAALGIRREKRIQYAKDILQKELLPHITQEEGFETRKTFFLGYMVNRLLLCALERKDQDDRDHFGKKRLD
LAGPLLANLFRILFRKLTREIYRYMQRCIETDRDFNLNLAVKSTTITSGLKYSLATGNWGEQKKAMSSRAGVSQVLNRYT
YSSTLSHLRRTNTPIGRDGKLAKPRQLHNTHWGLVCPAETPEGQACGLVKNLSLLSGISIGSPSEPIINFLEEWGMEPLE
DYDPAQHTKSTRIFVNGVWTGIHRDPSMLVSTMRDLRRSGAISPEVSIIRDIREREFKIFTDVGRVYRPLFIVEDDESKD
NKGELRITKEHIRKIQQGYDDDAMNDDSEEQEQDVYGWSSLVTSGVIEYVDGEEEETIMIAMTPEDLQTRSLEQKEIDLN
DTAKRIKPEMSTSSHHTFTHCEIHPSMILGVAASIIPFPDHNQSPRNTYQSAMGKQAMGVFLTNYNVRMDTMANILYYPQ
KPLAKTQAMEYLKFRELPAGQNAIVAIACYSGYNQEDSMIMNQSSIDRGLFRSLFFRSYMDQEKRFGISIVEEFEKPTRA
TTLRLKHGTYEKLDEDGLIAPGVRVSGDDIIIGKTTPIPPDTEELGQRTKYHTKRDASTPLRSTENGIVDQVLLTTNQEG
LKFVKVRMRTTKVPQIGDKFASRHGQKGTIGVTYRHEDMPFSAEGIVPDLIINPHAIPSRMTVAHLIECLLSKVGSIRGY
EGDATPFTDLTVDAVSNLLRDNGYQSRGFEVMYNGHTGKKLMAQVFFGPTYYQRLRHMVDDKIHARARGPVQVLTRQPVE
GRSRDGGLRFGEMERDCMIAHGAAGFLKERLMEASDAFRVHVCGICGLMSVIANLKKNQFECRSCKNKTNIYQLHIPYAA
KLLFQELMAMNIAPRLYTERSGVSMRS
;
B
3 'polypeptide(L)'
;MSKEPKVNIINAQDDEVELMLSDVNLSLANSLRRTMLAEVPTLAIDLVEIKMNTSVLADEFISHRLGLIPLVSEDVEEMK
YSRDCTCEDYCDECSVVLELSARHEGEEGTTDVYSSSLIKVSGPGNLNVGEPVRRDDYDQGILLCKLRNHQELNIRCIAK
KGIAKEHAKWSPCSAIAFEYDPHNKLKHTDFWFEVDAKKEWPDSKYATWEEPPKPGEVFDYKAKPNRFYMTVETTGSLKA
NQVFSRGIKTLQEKLANVLFELENSRPANTTAYGGATAYGGQTVYGRETSYGGNTNYGDYNAPY
;
C
4 'polypeptide(L)'
;MNVSTSTVGARRRRAKQQVDDEENATLLRLGPEFALKQYDHDGNEHDLIALSLSESRLLIREALKARSRARNGGVDIESS
NGEIDDDELAKVTSGAVANGVVKKTLDYLNTFARFKDEETCTAVDQLLHNSSDCSVLHPFEIAQLSSLGCEDVDEAITLI
PSLAAKKEVNLQRILDELNRLEDPYK
;
D
5 'polypeptide(L)'
;MEDNNRIISRLWRSFRTVKEMAADRGYFISQEEMDQSLEEFRSKICDSMGNPQRKLMSFLANPTPEALEKYSDLGTLWVE
FCDEPSVGIKTMRNFCLRIQEKNFSTGIFIYQNNITPSANKMIPTVSPAIIETFQESDLVVNITHHELVPKHIRLSDGEK
SQLLQRYKLKESQLPRIQREDPVARYLGLKRGQVVKIIRRSETSGRYASYRICL
;
E
6 'polypeptide(L)'
;MSEDEAFNEQTENFENFEDEHFSDDNFEDRSTQPEDYAVGVTADGRQIINGDGIQEVNGTIKAHRKRSNKELAILKEERT
TTPYLTKYERARILGTRALQISMNAPVLVDIEGETDPLQIAMKELSQRKIPLVIRRYLPDGSYEDWGCDELIVDN
;
F
7 'polypeptide(L)'
;MFFLKDLSLILTLHPSYFGPQMNQYLREKLLTDVEGTCTGQFGYIVTVLDGMNIDVGKGRIIPGSGSAEFEVKYRAVVWK
PFKGEVVDAIVSNVSPIGFFADVGPLNVFVSTRLIPDNLVYNPSNSPPAYMSNDELITKGSKVRLKVVGTRTDVNEIYAI
GSIKEDFLGAI
;
G
8 'polypeptide(L)'
;MSSALFDDIFTVQTVDNGRYNKVSRIIGISTTNSAIKLTLDINNEMFPVSQDDSLTVTLANSLSLDGEDESANFSKSWRP
PKPTDKSLADDYDYVMFGTVYKFEEGDEDKIKVYVSFGGLLMCLEGGYKSLASLKQDNLYILIRR
;
H
9 'polypeptide(L)'
;MASFRFCLECNNMLYPKEDKENQRLLYSCRNCDYTELAEDPKVYRHELITNIGETAGIVDDIGQDPTLPRSDKECPECHS
RDCVFFQSQQRRKDTNMTLFYVCLNCKKTFRDESE
;
I
10 'polypeptide(L)' MIIPVRCFSCGKVVGDKWDAYLRLLEEGKQEGDALDELKLKRYCCRRMVLTHVDLIEKFLRYNPLEKKDFDS J
11 'polypeptide(L)'
;MNAPDRFELFILPDDVPKLKITPDSRVPNCIIIKFEREDHTLANLLREELALYPDVTFVAYKVEHPLFANFVMRLQTEEG
TRPKQALERACASIINKLKTLDHKFNEEWNIKNFSLND
;
K
12 'polypeptide(L)' MSREGFVAPSGTDLAAAASGVAPNKHYGVKYTCGACAHNFSLNKSDPVRCKECGHRVIYKARTKRMIQFDAR L
13 'polyribonucleotide' GCCUGGUGUCUUGGGU P
14 'polydeoxyribonucleotide'
;(DA)(DT)(DC)(DA)(DG)(DA)(DA)(DT)(DC)(DC)(DC)(DG)(DG)(DT)(DG)(DC)(DC)(DG)(DA)(DG)
(DG)(DC)(DC)(DG)(DC)(DT)(DC)(DA)(DA)(DT)(DT)(DG)(DG)(DT)(DC)(DG)(DT)(DA)(DG)(DA)
(DC)(DA)(DG)(DC)(DT)(DC)(DT)(DA)(DG)(DC)(DA)(DC)(DC)(DG)(DC)(DT)(DT)(DA)(DA)(DA)
(DC)(DG)(DC)(DA)(DC)(DG)(DT)(DA)(DC)(DG)(DC)(DG)(DC)(DT)(DG)(DT)(DC)(DC)(DC)(DC)
(DC)(DG)(DC)(DG)(DT)(DT)(DT)(DT)(DA)(DA)(DC)(DC)(DG)(DC)(DC)(DA)(DA)(DG)(DG)(DG)
(DG)(DA)(DT)(DT)(DA)(DC)(DA)(DC)(DC)(DC)(DA)(DA)(DG)(DA)(DC)(DA)(DC)(DC)(DA)(DG)
(DG)(DC)(DA)(DC)(DG)(DA)(DG)(DA)(DC)(DA)(DG)(DA)(DA)(DA)(DA)(DA)(DA)(DA)(DC)(DA)
(DA)(DC)(DG)(DA)(DA)(DA)(DA)(DC)(DG)(DG)(DC)(DC)(DA)(DC)(DC)(DA)(DC)(DC)(DC)(DA)
(DA)(DA)(DC)(DA)(DC)(DA)(DC)(DC)(DA)(DA)(DA)(DC)(DA)(DC)(DA)(DA)(DG)(DA)(DG)(DC)
(DT)(DA)(DA)(DT)(DT)(DG)(DA)(DC)(DT)(DG)(DA)(DC)(DG)(DT)(DA)(DA)(DG)(DC)
;
T
15 'polydeoxyribonucleotide'
;(DG)(DC)(DT)(DT)(DA)(DC)(DG)(DT)(DC)(DA)(DG)(DT)(DC)(DT)(DG)(DG)(DC)(DC)(DA)(DT)
(DC)(DT)(DT)(DT)(DG)(DT)(DG)(DT)(DT)(DT)(DG)(DG)(DT)(DG)(DT)(DG)(DT)(DT)(DT)(DG)
(DG)(DG)(DT)(DG)(DG)(DT)(DG)(DG)(DC)(DC)(DG)(DT)(DT)(DT)(DT)(DC)(DG)(DT)(DT)(DG)
(DT)(DT)(DT)(DT)(DT)(DT)(DT)(DC)(DT)(DG)(DT)(DC)(DT)(DC)(DG)(DT)(DG)(DC)(DC)(DT)
(DG)(DG)(DT)(DG)(DT)(DC)(DT)(DT)(DG)(DG)(DG)(DT)(DG)(DT)(DA)(DA)(DT)(DC)(DC)(DC)
(DC)(DT)(DT)(DG)(DG)(DC)(DG)(DG)(DT)(DT)(DA)(DA)(DA)(DA)(DC)(DG)(DC)(DG)(DG)(DG)
(DG)(DG)(DA)(DC)(DA)(DG)(DC)(DG)(DC)(DG)(DT)(DA)(DC)(DG)(DT)(DG)(DC)(DG)(DT)(DT)
(DT)(DA)(DA)(DG)(DC)(DG)(DG)(DT)(DG)(DC)(DT)(DA)(DG)(DA)(DG)(DC)(DT)(DG)(DT)(DC)
(DT)(DA)(DC)(DG)(DA)(DC)(DC)(DA)(DA)(DT)(DT)(DG)(DA)(DG)(DC)(DG)(DG)(DC)(DC)(DT)
(DC)(DG)(DG)(DC)(DA)(DC)(DC)(DG)(DG)(DG)(DA)(DT)(DT)(DC)(DT)(DG)(DA)(DT)
;
N
16 'polypeptide(L)'
;MRERACMLCGIVLPGRVFMQNGCPNCDSVLNLRDSDQATVNECTSSSFEGLVAVGDNEHSWVAKWLRVDRFQPGLYAVRV
DGRLPSDIVAALEQYGVYYRPRDGSVID
;
V
17 'polypeptide(L)'
;GPGMSETHKNQLDKVSTVSPDGPSEAVKEHSLQSKDLSKNDGQFIVPLDRNVIEQEEHKQVKSSAQAHNTTGDAADNEIE
DGVPSEDVEFDKFKEDDYDEDDEVEEEGDIRSRKRRRHNQFLDVEAEVDDEEDDDDDDDDVELKHDFIQDDHIQHETQNE
GFIAGHVDDDRLHRKLDQSREKIADQDAQELADEFKQRYGRSASSKYMGSASTTAPQRLLIPTVDDPGIWGVKVRLGKEK
DVVRQILKKKLAREGTKNPLEIYSAFQRDSFKGHVYIEARKAEAINDALKGNVNVFSNNSKFLVGIVEYKDLLRPVKSSD
VKLTRGSYVRVKNGKFKGDLAQVDEVLENGLEARLKLVPRLDYGKDLSHLSTSSSVDSTKNRRKFYTSKFRPAQRLFSEA
EARVHEPTIRRDRDGFVTYGGEEYYEGFLYKTFRLQNLIVNSINPTLNELSLFQSNEESTTIDLSTIADSLKETAKNLVS
FQPGDNVEIINGELNHLTGTVSSVNQSTIVSVRLHSDDDTINSETVEIPTSDLRKIFNVGDHVRVIHGKHTDDTGLIVEV
NGDKVEFISNQTKRTVIVFSNYLIKSTDSTVSINESGRFELHDLVQVNSDLVGIVIRAQKDSFDVLCSDGKLLSLPPVSI
YSKLNLNPNQQIAIDSNGVEVKVGDTVREFTGERRQGTILHVYRNFLFLRSREIVENQGVFVTSSNRVKTITSKSNGTGG
QISGPDLSRMNPSRVIPPPSIPVANQRMTGRDPTLNKTVKIRQGGYKGKIGIVKEANGDRFRVELHNPNKTIPIPCSFLL
IESTHGWVPYEDFVASDRRGGNIPRHEISGHVQQPQHGRAPAWGSGGKTPAWGSGGKTPAWGSGGSGGKTPAWGSGGKTP
TWGSGAKTPAWGSGSKTPAWSGLDEEDRRDF
;
W
18 'polypeptide(L)'
;GSHMARTKQTARKSTGGKAPRKQLATKAARKSAPSTGGVKKPHRYRPGTVALREIRRYQKSTELLIRKLPFQRLVREIAQ
DFKTDLRFQSAAIGALQEASEAYLVGLFEDTNLCAIHAKRVTIMPKDIQLARRIRGERA
;
a,e
19 'polypeptide(L)'
;GSHMSGRGKGGKGLGKGGAKRHRKVLRDNIQGITKPAIRRLARRGGVKRISGLIYEETRGVLKVFLENVIRDAVTYTEHA
KRKTVTAMDVVYALKRQGRTLYGFGG
;
b,f
20 'polypeptide(L)'
;GSHMSGRGKQGGKARAKAKTRSSRAGLQFPVGRVHRLLRKGNYSERVGAGAPVYLAAVLEYLTAEILELAGNAARDNKKT
RIIPRHLQLAIRNDEELNKLLGRVTIAQGGVLPNIQAVLLPKKTESHHKAKGK
;
c,g
21 'polypeptide(L)'
;GSHMPEPAKSAPAPKKGSKKAVTKAQKKDGKKRKRSRKESYSIYVYKVLKQVHPDTGISSKAMGIMNSFVNDIFERIAGE
ASRLAHYNKRSTITSREIQTAVRLLLPGELAKHAVSEGTKAVTKYTSAK
;
d,h
22 'polydeoxyribonucleotide'
;(DG)(DG)(DG)(DA)(DT)(DT)(DA)(DC)(DA)(DC)(DC)(DC)(DA)(DA)(DG)(DA)(DC)(DA)(DC)(DC)
(DA)(DG)(DG)(DC)(DA)(DC)(DG)(DA)(DG)(DA)(DC)(DA)(DG)(DA)(DA)(DA)(DA)(DA)(DA)(DA)
(DC)
;
0
23 'polydeoxyribonucleotide'
;(DG)(DT)(DT)(DT)(DT)(DT)(DT)(DT)(DC)(DT)(DG)(DT)(DC)(DT)(DC)(DG)(DT)(DG)(DC)(DC)
(DT)(DG)(DG)(DT)(DG)(DT)(DC)(DT)(DT)(DG)(DG)(DG)(DT)(DG)(DT)(DA)(DA)(DT)(DC)(DC)
(DC)
;
1
#
# COMPACT_ATOMS: atom_id res chain seq x y z
N SER A 2 -23.46 22.63 26.51
CA SER A 2 -24.22 22.40 27.73
C SER A 2 -23.36 21.70 28.76
N GLN A 3 -22.50 20.80 28.29
CA GLN A 3 -21.47 20.24 29.15
C GLN A 3 -20.29 21.17 29.31
N PHE A 4 -20.25 22.22 28.58
CA PHE A 4 -19.29 23.29 28.63
C PHE A 4 -19.77 24.42 29.54
N PRO A 5 -18.97 24.86 30.51
CA PRO A 5 -19.36 26.01 31.33
C PRO A 5 -19.49 27.26 30.47
N TYR A 6 -20.33 28.20 30.93
CA TYR A 6 -20.68 29.36 30.12
C TYR A 6 -19.43 30.21 29.86
N SER A 7 -19.30 30.72 28.65
CA SER A 7 -18.24 31.66 28.31
C SER A 7 -18.82 32.79 27.46
N SER A 8 -18.43 34.02 27.77
CA SER A 8 -18.98 35.19 27.09
C SER A 8 -18.50 35.34 25.65
N ALA A 9 -17.44 34.65 25.26
CA ALA A 9 -16.93 34.77 23.89
C ALA A 9 -17.99 34.25 22.90
N PRO A 10 -18.19 34.95 21.79
CA PRO A 10 -19.20 34.51 20.81
C PRO A 10 -18.89 33.16 20.18
N LEU A 11 -19.93 32.33 20.07
CA LEU A 11 -19.82 31.02 19.44
C LEU A 11 -19.97 31.16 17.93
N ARG A 12 -19.01 30.64 17.18
CA ARG A 12 -19.08 30.64 15.73
C ARG A 12 -18.59 29.30 15.19
N SER A 13 -18.85 29.07 13.92
CA SER A 13 -18.35 27.89 13.23
C SER A 13 -17.16 28.23 12.34
N VAL A 14 -16.46 27.18 11.92
CA VAL A 14 -15.29 27.32 11.05
C VAL A 14 -15.74 27.39 9.60
N LYS A 15 -15.34 28.46 8.91
CA LYS A 15 -15.63 28.61 7.50
C LYS A 15 -14.42 28.39 6.59
N GLU A 16 -13.20 28.52 7.10
CA GLU A 16 -12.02 28.43 6.26
C GLU A 16 -10.85 27.90 7.08
N VAL A 17 -10.03 27.06 6.47
CA VAL A 17 -8.78 26.64 7.10
C VAL A 17 -7.63 27.14 6.24
N GLN A 18 -6.83 28.03 6.79
CA GLN A 18 -5.66 28.58 6.13
C GLN A 18 -4.40 27.82 6.57
N PHE A 19 -3.81 27.06 5.67
CA PHE A 19 -2.60 26.37 6.04
C PHE A 19 -1.40 27.29 5.85
N GLY A 20 -0.30 26.97 6.51
CA GLY A 20 0.93 27.72 6.30
C GLY A 20 2.01 27.25 7.22
N LEU A 21 3.11 27.98 7.23
CA LEU A 21 4.21 27.67 8.13
C LEU A 21 4.26 28.64 9.30
N LEU A 22 4.76 28.15 10.43
CA LEU A 22 4.97 28.93 11.63
C LEU A 22 6.34 29.58 11.56
N SER A 23 6.38 30.91 11.56
CA SER A 23 7.65 31.60 11.59
C SER A 23 8.36 31.35 12.92
N PRO A 24 9.70 31.46 12.94
CA PRO A 24 10.43 31.44 14.20
C PRO A 24 9.97 32.47 15.22
N GLU A 25 9.68 33.68 14.78
CA GLU A 25 9.18 34.71 15.68
C GLU A 25 7.86 34.32 16.32
N GLU A 26 6.92 33.81 15.50
CA GLU A 26 5.60 33.42 16.00
C GLU A 26 5.66 32.28 17.01
N ILE A 27 6.54 31.28 16.76
CA ILE A 27 6.72 30.16 17.69
C ILE A 27 7.09 30.67 19.08
N ARG A 28 7.91 31.71 19.14
CA ARG A 28 8.28 32.27 20.43
C ARG A 28 7.13 33.07 21.00
N ALA A 29 6.33 33.69 20.14
CA ALA A 29 5.24 34.52 20.65
C ALA A 29 4.15 33.67 21.29
N ILE A 30 3.90 32.45 20.80
CA ILE A 30 2.88 31.63 21.43
C ILE A 30 3.42 30.74 22.52
N SER A 31 4.74 30.59 22.61
CA SER A 31 5.35 29.73 23.61
C SER A 31 5.19 30.33 25.00
N VAL A 32 5.04 29.47 26.00
CA VAL A 32 4.96 29.93 27.37
C VAL A 32 6.19 29.59 28.20
N VAL A 33 7.20 28.94 27.64
CA VAL A 33 8.41 28.55 28.39
C VAL A 33 9.52 28.08 27.46
N LYS A 34 10.78 28.37 27.80
CA LYS A 34 11.92 27.89 27.05
C LYS A 34 12.41 26.58 27.67
N ILE A 35 12.67 25.60 26.82
CA ILE A 35 13.01 24.23 27.22
C ILE A 35 14.49 23.91 27.06
N GLU A 36 15.20 23.62 28.16
CA GLU A 36 16.65 23.47 28.04
C GLU A 36 17.22 22.16 28.57
N TYR A 37 16.61 21.60 29.63
CA TYR A 37 17.22 20.49 30.36
C TYR A 37 16.49 19.17 30.12
N PRO A 38 17.21 18.13 29.67
CA PRO A 38 16.58 16.84 29.37
C PRO A 38 16.20 16.02 30.58
N GLU A 39 16.68 16.37 31.77
CA GLU A 39 16.27 15.66 32.98
C GLU A 39 14.84 16.02 33.34
N ILE A 40 13.95 15.03 33.18
CA ILE A 40 12.52 15.22 33.41
C ILE A 40 12.22 15.60 34.86
N MET A 41 12.85 14.93 35.82
CA MET A 41 12.50 15.13 37.21
C MET A 41 13.44 16.15 37.87
N ASP A 42 12.95 16.72 38.98
CA ASP A 42 13.72 17.70 39.74
C ASP A 42 15.00 17.06 40.26
N GLU A 43 14.86 15.95 40.98
CA GLU A 43 15.93 15.06 41.44
C GLU A 43 15.31 13.76 41.97
N SER A 44 14.27 13.28 41.28
CA SER A 44 13.47 12.09 41.61
C SER A 44 12.77 12.21 42.97
N ARG A 45 12.63 13.42 43.49
CA ARG A 45 11.95 13.74 44.75
C ARG A 45 10.62 14.47 44.55
N GLN A 46 9.81 14.06 43.55
CA GLN A 46 8.46 14.59 43.27
C GLN A 46 8.51 16.05 42.78
N ARG A 47 7.45 16.50 42.01
CA ARG A 47 7.40 17.82 41.36
C ARG A 47 8.45 17.87 40.26
N PRO A 48 8.01 17.98 39.01
CA PRO A 48 8.91 18.01 37.85
C PRO A 48 9.52 19.38 37.63
N ARG A 49 10.74 19.31 37.12
CA ARG A 49 11.67 20.41 36.97
C ARG A 49 11.26 21.44 35.94
N GLU A 50 11.17 22.68 36.43
CA GLU A 50 10.93 23.86 35.63
C GLU A 50 12.03 24.00 34.58
N GLY A 51 11.64 24.39 33.37
CA GLY A 51 12.51 24.35 32.22
C GLY A 51 12.72 22.96 31.64
N GLY A 52 12.22 21.92 32.31
CA GLY A 52 12.27 20.57 31.81
C GLY A 52 11.05 20.23 30.96
N LEU A 53 11.08 19.02 30.41
CA LEU A 53 10.07 18.62 29.44
C LEU A 53 8.67 18.44 30.02
N ASN A 54 8.55 18.31 31.34
CA ASN A 54 7.25 18.28 31.99
C ASN A 54 7.03 19.49 32.90
N ASP A 55 7.61 20.64 32.53
CA ASP A 55 7.37 21.91 33.21
C ASP A 55 5.88 22.15 33.36
N PRO A 56 5.39 22.40 34.58
CA PRO A 56 3.93 22.55 34.76
C PRO A 56 3.29 23.69 33.99
N LYS A 57 4.05 24.67 33.46
CA LYS A 57 3.42 25.66 32.62
C LYS A 57 2.91 25.09 31.30
N LEU A 58 3.41 23.93 30.86
CA LEU A 58 2.93 23.35 29.62
C LEU A 58 1.55 22.75 29.78
N GLY A 59 1.18 22.37 30.99
CA GLY A 59 -0.15 21.88 31.25
C GLY A 59 -0.20 20.73 32.23
N SER A 60 -1.42 20.41 32.61
CA SER A 60 -1.72 19.37 33.59
C SER A 60 -2.31 18.13 32.93
N ILE A 61 -1.75 16.95 33.26
CA ILE A 61 -2.44 15.74 32.83
C ILE A 61 -2.78 14.96 34.09
N ASP A 62 -2.89 15.69 35.20
CA ASP A 62 -3.11 15.12 36.51
C ASP A 62 -4.31 15.81 37.13
N ARG A 63 -5.20 15.03 37.75
CA ARG A 63 -6.50 15.52 38.24
C ARG A 63 -6.40 16.52 39.39
N ASN A 64 -5.24 16.65 40.04
CA ASN A 64 -5.11 17.44 41.25
C ASN A 64 -4.21 18.66 41.14
N PHE A 65 -3.63 18.95 39.98
CA PHE A 65 -2.79 20.12 39.81
C PHE A 65 -3.43 20.97 38.73
N LYS A 66 -3.79 22.21 39.08
CA LYS A 66 -4.32 23.11 38.08
C LYS A 66 -3.22 23.76 37.26
N CYS A 67 -3.58 24.09 36.01
CA CYS A 67 -2.64 24.68 35.06
C CYS A 67 -2.17 26.03 35.59
N GLN A 68 -0.87 26.26 35.58
CA GLN A 68 -0.39 27.54 36.08
C GLN A 68 -0.49 28.65 35.06
N THR A 69 -1.06 28.38 33.90
CA THR A 69 -1.29 29.39 32.89
C THR A 69 -2.75 29.80 32.74
N CYS A 70 -3.68 28.83 32.70
CA CYS A 70 -5.07 29.19 32.47
C CYS A 70 -5.97 28.98 33.67
N GLY A 71 -5.50 28.33 34.73
CA GLY A 71 -6.34 28.12 35.90
C GLY A 71 -7.42 27.07 35.77
N GLU A 72 -7.58 26.45 34.62
CA GLU A 72 -8.66 25.50 34.38
C GLU A 72 -8.22 24.09 34.76
N GLY A 73 -9.21 23.23 34.99
CA GLY A 73 -8.91 21.84 35.28
C GLY A 73 -8.37 21.14 34.05
N MET A 74 -7.87 19.91 34.26
CA MET A 74 -7.29 19.13 33.17
C MET A 74 -8.29 18.82 32.06
N ALA A 75 -9.58 18.77 32.36
CA ALA A 75 -10.57 18.47 31.34
C ALA A 75 -10.69 19.60 30.33
N GLU A 76 -10.76 20.84 30.82
CA GLU A 76 -10.89 21.98 29.92
C GLU A 76 -9.57 22.45 29.33
N CYS A 77 -8.47 22.33 30.08
CA CYS A 77 -7.18 22.90 29.68
C CYS A 77 -6.67 22.27 28.40
N PRO A 78 -6.48 23.03 27.33
CA PRO A 78 -5.96 22.45 26.09
C PRO A 78 -4.48 22.14 26.12
N GLY A 79 -3.73 22.67 27.07
CA GLY A 79 -2.29 22.56 26.87
C GLY A 79 -1.73 23.74 26.10
N HIS A 80 -0.50 24.10 26.45
CA HIS A 80 0.15 25.27 25.88
C HIS A 80 1.53 24.85 25.41
N PHE A 81 1.96 25.40 24.28
CA PHE A 81 3.22 25.00 23.69
C PHE A 81 4.42 25.65 24.36
N GLY A 82 5.55 24.96 24.31
CA GLY A 82 6.83 25.56 24.58
C GLY A 82 7.62 25.77 23.30
N HIS A 83 8.90 26.08 23.48
CA HIS A 83 9.81 26.18 22.34
C HIS A 83 11.19 25.72 22.77
N MET A 84 11.93 25.20 21.81
CA MET A 84 13.29 24.73 22.05
C MET A 84 14.21 25.37 21.04
N GLU A 85 15.12 26.21 21.51
CA GLU A 85 16.08 26.85 20.63
C GLU A 85 17.15 25.87 20.17
N LEU A 86 17.41 25.84 18.88
CA LEU A 86 18.44 25.00 18.32
C LEU A 86 19.71 25.82 18.17
N ALA A 87 20.85 25.23 18.55
CA ALA A 87 22.11 25.96 18.46
C ALA A 87 22.48 26.24 17.01
N LYS A 88 22.04 25.39 16.08
CA LYS A 88 22.38 25.57 14.69
C LYS A 88 21.12 25.22 13.90
N PRO A 89 20.79 26.00 12.86
CA PRO A 89 19.62 25.66 12.02
C PRO A 89 19.80 24.37 11.24
N VAL A 90 18.74 23.56 11.21
CA VAL A 90 18.70 22.28 10.51
C VAL A 90 17.54 22.26 9.53
N PHE A 91 17.63 21.36 8.55
CA PHE A 91 16.54 21.15 7.60
C PHE A 91 15.32 20.49 8.21
N HIS A 92 14.15 20.88 7.71
CA HIS A 92 12.92 20.14 7.88
C HIS A 92 12.87 18.98 6.88
N ILE A 93 12.80 17.75 7.38
CA ILE A 93 12.88 16.55 6.56
C ILE A 93 11.78 16.48 5.49
N GLY A 94 10.61 17.04 5.77
CA GLY A 94 9.50 17.03 4.83
C GLY A 94 9.69 17.90 3.61
N PHE A 95 10.52 18.92 3.68
CA PHE A 95 10.58 19.95 2.65
C PHE A 95 11.84 19.90 1.82
N ILE A 96 12.77 18.98 2.11
CA ILE A 96 14.02 18.86 1.35
C ILE A 96 13.84 18.84 -0.17
N PRO A 97 12.99 17.96 -0.77
CA PRO A 97 12.89 17.98 -2.25
C PRO A 97 12.36 19.28 -2.82
N LYS A 98 11.63 20.07 -2.05
CA LYS A 98 11.19 21.37 -2.54
C LYS A 98 12.31 22.40 -2.41
N ILE A 99 13.04 22.40 -1.29
CA ILE A 99 14.26 23.18 -1.14
C ILE A 99 15.21 22.98 -2.32
N LYS A 100 15.45 21.71 -2.68
CA LYS A 100 16.28 21.35 -3.83
C LYS A 100 15.81 22.02 -5.12
N LYS A 101 14.50 22.07 -5.29
CA LYS A 101 13.90 22.67 -6.48
C LYS A 101 14.12 24.18 -6.50
N VAL A 102 14.06 24.82 -5.33
CA VAL A 102 14.26 26.26 -5.22
C VAL A 102 15.69 26.66 -5.57
N CYS A 103 16.68 25.86 -5.17
CA CYS A 103 18.09 26.14 -5.53
C CYS A 103 18.32 26.28 -7.04
N GLU A 104 17.74 25.39 -7.84
CA GLU A 104 17.95 25.51 -9.29
C GLU A 104 17.22 26.70 -9.91
N CYS A 105 16.30 27.32 -9.18
CA CYS A 105 15.53 28.44 -9.69
C CYS A 105 16.21 29.77 -9.44
N ILE A 106 16.86 29.93 -8.30
CA ILE A 106 17.39 31.21 -7.88
C ILE A 106 18.91 31.19 -8.00
N CYS A 107 19.48 32.38 -7.92
CA CYS A 107 20.92 32.59 -7.86
C CYS A 107 21.47 32.22 -6.50
N MET A 108 22.53 31.40 -6.47
CA MET A 108 23.02 30.99 -5.16
C MET A 108 23.87 32.06 -4.46
N ASN A 109 23.84 33.31 -4.92
CA ASN A 109 24.54 34.41 -4.27
C ASN A 109 23.54 35.46 -3.84
N CYS A 110 22.72 35.98 -4.76
CA CYS A 110 21.76 37.02 -4.38
C CYS A 110 20.31 36.56 -4.37
N GLY A 111 19.99 35.43 -5.00
CA GLY A 111 18.64 34.89 -4.92
C GLY A 111 17.60 35.47 -5.85
N LYS A 112 17.95 35.80 -7.08
CA LYS A 112 16.94 36.32 -8.00
C LYS A 112 16.54 35.30 -9.05
N LEU A 113 15.24 35.29 -9.38
CA LEU A 113 14.68 34.48 -10.46
C LEU A 113 15.37 34.71 -11.81
N LEU A 114 15.94 33.63 -12.34
CA LEU A 114 16.77 33.59 -13.55
C LEU A 114 16.08 34.08 -14.82
N LEU A 115 14.76 34.23 -14.85
CA LEU A 115 14.11 34.76 -16.05
C LEU A 115 13.12 35.88 -15.75
N ASP A 116 12.91 36.68 -16.79
CA ASP A 116 12.18 37.93 -16.80
C ASP A 116 11.02 37.84 -17.79
N GLU A 117 10.10 38.79 -17.70
CA GLU A 117 8.98 38.95 -18.63
C GLU A 117 9.40 39.23 -20.07
N THR A 118 10.66 39.61 -20.31
CA THR A 118 11.17 39.75 -21.67
C THR A 118 11.16 38.43 -22.44
N ASN A 119 11.33 37.30 -21.76
CA ASN A 119 11.30 36.01 -22.43
C ASN A 119 9.83 35.67 -22.73
N PRO A 120 9.44 35.55 -24.02
CA PRO A 120 8.00 35.40 -24.37
C PRO A 120 7.30 34.19 -23.77
N THR A 121 7.92 33.01 -23.84
CA THR A 121 7.33 31.80 -23.24
C THR A 121 7.24 31.94 -21.73
N MET A 122 8.28 32.49 -21.10
CA MET A 122 8.27 32.74 -19.67
C MET A 122 7.23 33.77 -19.26
N ALA A 123 6.95 34.77 -20.10
CA ALA A 123 5.89 35.71 -19.79
C ALA A 123 4.52 35.06 -19.81
N GLN A 124 4.35 34.01 -20.62
CA GLN A 124 3.11 33.25 -20.62
C GLN A 124 2.97 32.44 -19.33
N ALA A 125 4.08 31.92 -18.82
CA ALA A 125 4.06 31.04 -17.65
C ALA A 125 3.69 31.76 -16.36
N ILE A 126 4.02 33.06 -16.22
CA ILE A 126 3.64 33.76 -14.99
C ILE A 126 2.14 34.01 -14.92
N ARG A 127 1.44 33.94 -16.06
CA ARG A 127 0.00 34.17 -16.07
C ARG A 127 -0.78 33.01 -15.47
N ILE A 128 -0.17 31.83 -15.35
CA ILE A 128 -0.88 30.63 -14.89
C ILE A 128 -1.34 30.90 -13.46
N ARG A 129 -2.64 30.75 -13.26
CA ARG A 129 -3.30 31.13 -12.02
C ARG A 129 -2.98 30.20 -10.85
N ASP A 130 -2.78 28.92 -11.09
CA ASP A 130 -2.54 28.02 -9.96
C ASP A 130 -1.09 28.14 -9.52
N PRO A 131 -0.83 28.47 -8.23
CA PRO A 131 0.57 28.64 -7.76
C PRO A 131 1.48 27.45 -8.01
N LYS A 132 1.01 26.23 -7.78
CA LYS A 132 1.83 25.05 -7.96
C LYS A 132 2.24 24.88 -9.42
N LYS A 133 1.29 25.02 -10.34
CA LYS A 133 1.59 24.83 -11.76
C LYS A 133 2.50 25.94 -12.28
N ARG A 134 2.25 27.18 -11.85
CA ARG A 134 3.12 28.30 -12.21
C ARG A 134 4.55 28.06 -11.78
N PHE A 135 4.75 27.68 -10.50
CA PHE A 135 6.09 27.40 -9.98
C PHE A 135 6.79 26.31 -10.79
N ASN A 136 6.04 25.29 -11.19
CA ASN A 136 6.61 24.19 -11.95
C ASN A 136 6.96 24.64 -13.36
N ALA A 137 6.05 25.40 -13.98
CA ALA A 137 6.29 25.96 -15.32
C ALA A 137 7.51 26.85 -15.37
N VAL A 138 7.69 27.69 -14.33
CA VAL A 138 8.89 28.53 -14.23
C VAL A 138 10.13 27.65 -14.13
N TRP A 139 10.11 26.68 -13.21
CA TRP A 139 11.27 25.83 -12.98
C TRP A 139 11.58 24.99 -14.22
N GLN A 140 10.56 24.66 -15.01
CA GLN A 140 10.75 23.89 -16.23
C GLN A 140 11.54 24.70 -17.26
N LEU A 141 11.42 26.03 -17.20
CA LEU A 141 12.16 26.92 -18.09
C LEU A 141 13.56 27.13 -17.53
N CYS A 142 13.64 27.57 -16.27
CA CYS A 142 14.90 28.00 -15.66
C CYS A 142 15.87 26.85 -15.40
N LYS A 143 15.39 25.59 -15.46
CA LYS A 143 16.24 24.42 -15.19
C LYS A 143 17.44 24.40 -16.13
N THR A 144 17.22 24.73 -17.41
CA THR A 144 18.27 24.63 -18.43
C THR A 144 19.15 25.86 -18.41
N LYS A 145 18.71 26.94 -17.79
CA LYS A 145 19.50 28.15 -17.61
C LYS A 145 20.59 27.76 -16.62
N MET A 146 21.82 27.56 -17.08
CA MET A 146 22.85 27.00 -16.20
C MET A 146 23.82 28.03 -15.63
N VAL A 147 23.56 29.32 -15.80
CA VAL A 147 24.38 30.35 -15.20
C VAL A 147 23.47 31.51 -14.80
N CYS A 148 23.71 32.07 -13.61
CA CYS A 148 23.02 33.29 -13.23
C CYS A 148 23.71 34.47 -13.87
N GLU A 149 23.02 35.09 -14.78
CA GLU A 149 23.56 36.20 -15.55
C GLU A 149 23.57 37.49 -14.74
N ALA A 150 24.70 38.15 -14.76
CA ALA A 150 24.88 39.45 -14.12
C ALA A 150 24.18 40.52 -14.94
N ASP A 151 24.06 40.27 -16.24
CA ASP A 151 23.56 41.17 -17.25
C ASP A 151 22.27 40.56 -17.77
N ALA A 152 21.32 41.40 -18.19
CA ALA A 152 20.15 40.90 -18.93
C ALA A 152 20.55 40.09 -20.17
N PRO A 153 19.66 39.16 -20.66
CA PRO A 153 20.02 38.36 -21.84
C PRO A 153 20.27 39.14 -23.13
N LYS A 161 25.42 48.30 -24.78
CA LYS A 161 24.78 48.61 -23.50
C LYS A 161 24.94 47.42 -22.57
N VAL A 162 24.76 47.66 -21.28
CA VAL A 162 24.79 46.64 -20.25
C VAL A 162 23.57 46.93 -19.39
N VAL A 163 22.61 46.01 -19.41
CA VAL A 163 21.44 46.08 -18.55
C VAL A 163 21.60 45.01 -17.49
N SER A 164 21.66 45.42 -16.22
CA SER A 164 21.89 44.47 -15.16
C SER A 164 20.54 44.09 -14.57
N ARG A 165 20.39 42.81 -14.27
CA ARG A 165 19.20 42.24 -13.68
C ARG A 165 19.34 42.05 -12.17
N GLY A 166 20.48 42.44 -11.61
CA GLY A 166 20.77 42.25 -10.21
C GLY A 166 21.58 41.00 -9.97
N GLY A 167 21.95 40.31 -11.05
CA GLY A 167 22.71 39.09 -10.99
C GLY A 167 24.13 39.34 -10.51
N CYS A 168 24.80 38.25 -10.16
CA CYS A 168 26.16 38.29 -9.65
C CYS A 168 27.16 37.64 -10.60
N GLY A 169 26.67 37.05 -11.69
CA GLY A 169 27.48 36.47 -12.75
C GLY A 169 27.91 35.03 -12.51
N ASN A 170 27.70 34.49 -11.31
CA ASN A 170 28.20 33.15 -11.00
C ASN A 170 27.45 32.08 -11.77
N THR A 171 28.19 31.03 -12.15
CA THR A 171 27.55 29.85 -12.73
C THR A 171 26.83 29.08 -11.63
N GLN A 172 25.74 28.43 -12.02
CA GLN A 172 25.02 27.76 -10.93
C GLN A 172 25.34 26.27 -10.86
N PRO A 173 25.31 25.71 -9.65
CA PRO A 173 25.63 24.30 -9.48
C PRO A 173 24.43 23.42 -9.76
N VAL A 174 24.74 22.16 -10.01
CA VAL A 174 23.73 21.10 -10.08
C VAL A 174 23.63 20.46 -8.70
N VAL A 175 22.53 20.73 -8.01
CA VAL A 175 22.36 20.32 -6.62
C VAL A 175 21.79 18.91 -6.63
N ARG A 176 22.38 18.04 -5.83
CA ARG A 176 21.94 16.66 -5.68
C ARG A 176 21.73 16.32 -4.22
N LYS A 177 20.73 15.49 -3.96
CA LYS A 177 20.39 15.03 -2.63
C LYS A 177 21.07 13.71 -2.34
N ASP A 178 21.70 13.62 -1.17
CA ASP A 178 22.39 12.41 -0.71
C ASP A 178 21.94 12.21 0.75
N GLY A 179 20.78 11.58 0.93
CA GLY A 179 20.25 11.41 2.27
C GLY A 179 19.77 12.73 2.83
N MET A 180 20.23 13.07 4.03
CA MET A 180 19.87 14.35 4.64
C MET A 180 20.81 15.47 4.26
N LYS A 181 21.66 15.27 3.26
CA LYS A 181 22.67 16.25 2.89
C LYS A 181 22.45 16.61 1.43
N LEU A 182 22.68 17.87 1.09
CA LEU A 182 22.61 18.34 -0.28
C LEU A 182 23.99 18.74 -0.79
N TRP A 183 24.35 18.19 -1.95
CA TRP A 183 25.63 18.48 -2.56
C TRP A 183 25.38 19.26 -3.84
N GLY A 184 26.16 20.33 -4.01
CA GLY A 184 26.13 21.20 -5.16
C GLY A 184 27.45 21.15 -5.90
N THR A 185 27.44 20.94 -7.21
CA THR A 185 28.68 20.80 -7.98
C THR A 185 28.74 22.00 -8.91
N TRP A 186 29.68 22.90 -8.63
CA TRP A 186 29.91 24.09 -9.43
C TRP A 186 30.93 23.86 -10.53
N LYS A 187 30.67 24.42 -11.70
CA LYS A 187 31.54 24.23 -12.85
C LYS A 187 32.40 25.50 -12.96
N LYS A 188 33.59 25.45 -12.39
CA LYS A 188 34.49 26.59 -12.44
C LYS A 188 35.09 26.75 -13.84
N SER A 189 35.02 27.97 -14.37
CA SER A 189 35.54 28.28 -15.68
C SER A 189 37.05 28.49 -15.65
N ARG A 194 38.92 23.50 -21.89
CA ARG A 194 37.50 23.35 -21.61
C ARG A 194 37.20 22.82 -20.21
N ASP A 195 37.17 21.50 -20.11
CA ASP A 195 36.91 20.82 -18.84
C ASP A 195 38.05 21.03 -17.87
N ALA A 196 37.72 21.23 -16.59
CA ALA A 196 38.79 21.54 -15.64
C ALA A 196 38.62 20.64 -14.44
N GLN A 197 38.59 21.18 -13.23
CA GLN A 197 38.22 20.35 -12.10
C GLN A 197 37.10 21.01 -11.29
N PRO A 198 35.98 20.33 -11.06
CA PRO A 198 34.91 20.96 -10.31
C PRO A 198 34.97 20.56 -8.83
N GLU A 199 34.64 21.45 -7.92
CA GLU A 199 34.73 21.11 -6.50
C GLU A 199 33.35 21.24 -5.87
N ARG A 200 32.74 20.10 -5.56
CA ARG A 200 31.45 20.07 -4.90
C ARG A 200 31.68 20.12 -3.39
N LYS A 201 31.19 21.19 -2.76
CA LYS A 201 31.20 21.34 -1.32
C LYS A 201 29.79 21.17 -0.78
N LEU A 202 29.71 20.87 0.51
CA LEU A 202 28.41 20.62 1.14
C LEU A 202 27.68 21.93 1.35
N LEU A 203 26.40 21.91 1.03
CA LEU A 203 25.51 23.07 1.18
C LEU A 203 24.79 22.94 2.52
N THR A 204 25.41 23.49 3.56
CA THR A 204 24.87 23.39 4.91
C THR A 204 23.54 24.14 5.01
N PRO A 205 22.69 23.76 5.98
CA PRO A 205 21.47 24.55 6.23
C PRO A 205 21.69 26.02 6.55
N GLY A 206 22.71 26.32 7.36
CA GLY A 206 23.00 27.70 7.71
C GLY A 206 23.36 28.56 6.51
N GLU A 207 24.18 28.00 5.60
CA GLU A 207 24.54 28.69 4.37
C GLU A 207 23.30 29.04 3.54
N ILE A 208 22.43 28.05 3.34
CA ILE A 208 21.20 28.23 2.56
C ILE A 208 20.23 29.19 3.26
N LEU A 209 20.23 29.20 4.59
CA LEU A 209 19.33 30.05 5.38
C LEU A 209 19.53 31.53 5.09
N ASN A 210 20.79 31.98 5.09
CA ASN A 210 21.09 33.38 4.84
C ASN A 210 20.70 33.79 3.42
N VAL A 211 20.98 32.92 2.45
CA VAL A 211 20.60 33.16 1.05
C VAL A 211 19.10 33.36 0.92
N PHE A 212 18.30 32.56 1.62
CA PHE A 212 16.85 32.67 1.51
C PHE A 212 16.28 33.98 2.07
N LYS A 213 16.86 34.53 3.15
CA LYS A 213 16.33 35.78 3.67
C LYS A 213 16.53 36.97 2.73
N HIS A 214 17.43 36.87 1.77
CA HIS A 214 17.66 37.98 0.86
C HIS A 214 16.78 37.94 -0.38
N ILE A 215 15.95 36.92 -0.52
CA ILE A 215 14.99 36.86 -1.64
C ILE A 215 13.99 38.00 -1.51
N SER A 216 13.79 38.74 -2.61
CA SER A 216 12.91 39.89 -2.59
C SER A 216 11.45 39.45 -2.48
N PRO A 217 10.58 40.33 -1.92
CA PRO A 217 9.12 40.08 -1.97
C PRO A 217 8.54 39.81 -3.34
N GLU A 218 9.00 40.50 -4.38
CA GLU A 218 8.48 40.27 -5.72
C GLU A 218 8.88 38.91 -6.26
N ASP A 219 10.07 38.42 -5.92
CA ASP A 219 10.47 37.09 -6.38
C ASP A 219 9.89 35.99 -5.50
N CYS A 220 9.64 36.29 -4.23
CA CYS A 220 8.89 35.38 -3.35
C CYS A 220 7.50 35.04 -3.90
N PHE A 221 6.78 36.02 -4.44
CA PHE A 221 5.47 35.73 -5.01
C PHE A 221 5.58 34.87 -6.26
N ARG A 222 6.47 35.24 -7.18
CA ARG A 222 6.66 34.53 -8.45
C ARG A 222 7.07 33.08 -8.27
N LEU A 223 7.62 32.71 -7.13
CA LEU A 223 7.99 31.35 -6.84
C LEU A 223 6.84 30.55 -6.24
N GLY A 224 5.64 31.11 -6.24
CA GLY A 224 4.49 30.43 -5.66
C GLY A 224 4.44 30.41 -4.16
N PHE A 225 5.34 31.08 -3.48
CA PHE A 225 5.28 31.17 -2.04
C PHE A 225 4.40 32.37 -1.67
N ASN A 226 4.30 32.68 -0.39
CA ASN A 226 3.33 33.67 0.05
C ASN A 226 3.97 34.44 1.19
N GLU A 227 3.99 35.76 1.06
CA GLU A 227 4.74 36.62 1.97
C GLU A 227 4.20 36.57 3.40
N ASP A 228 2.90 36.31 3.58
CA ASP A 228 2.32 36.33 4.91
C ASP A 228 2.21 34.97 5.57
N TYR A 229 2.13 33.90 4.79
CA TYR A 229 1.76 32.60 5.32
C TYR A 229 2.81 31.52 5.09
N ALA A 230 3.53 31.55 3.98
CA ALA A 230 4.52 30.53 3.65
C ALA A 230 5.73 31.23 3.06
N ARG A 231 6.51 31.85 3.93
CA ARG A 231 7.75 32.51 3.53
C ARG A 231 8.87 31.49 3.45
N PRO A 232 9.63 31.45 2.34
CA PRO A 232 10.50 30.29 2.06
C PRO A 232 11.62 30.03 3.05
N GLU A 233 12.07 31.00 3.84
CA GLU A 233 13.09 30.63 4.81
C GLU A 233 12.53 29.90 6.01
N TRP A 234 11.22 29.86 6.18
CA TRP A 234 10.60 29.12 7.26
C TRP A 234 10.58 27.62 7.05
N MET A 235 11.03 27.13 5.88
CA MET A 235 11.23 25.71 5.67
C MET A 235 12.49 25.18 6.34
N ILE A 236 13.33 26.05 6.85
CA ILE A 236 14.49 25.66 7.64
C ILE A 236 14.12 25.88 9.10
N ILE A 237 14.48 24.92 9.97
CA ILE A 237 14.04 24.89 11.35
C ILE A 237 15.13 25.51 12.20
N THR A 238 14.79 26.57 12.93
CA THR A 238 15.70 27.15 13.90
C THR A 238 15.23 27.03 15.34
N VAL A 239 13.92 27.01 15.58
CA VAL A 239 13.39 26.80 16.91
C VAL A 239 12.24 25.79 16.81
N LEU A 240 12.27 24.80 17.68
CA LEU A 240 11.33 23.68 17.62
C LEU A 240 10.21 23.89 18.61
N PRO A 241 8.96 23.81 18.16
CA PRO A 241 7.84 23.90 19.08
C PRO A 241 7.70 22.63 19.89
N VAL A 242 7.56 22.81 21.21
CA VAL A 242 7.50 21.70 22.16
C VAL A 242 6.03 21.43 22.46
N PRO A 243 5.47 20.30 22.04
CA PRO A 243 4.05 20.07 22.23
C PRO A 243 3.73 19.83 23.69
N PRO A 244 2.51 20.14 24.13
CA PRO A 244 2.16 19.99 25.55
C PRO A 244 2.03 18.52 25.90
N PRO A 245 1.92 18.15 27.20
CA PRO A 245 1.82 16.71 27.53
C PRO A 245 0.59 15.98 26.99
N GLN A 246 -0.48 16.68 26.63
CA GLN A 246 -1.65 16.03 26.03
C GLN A 246 -1.31 15.28 24.75
N VAL A 247 -0.28 15.71 24.04
CA VAL A 247 0.12 15.04 22.81
C VAL A 247 0.94 13.79 23.12
N ARG A 248 1.52 13.66 24.32
CA ARG A 248 2.46 12.58 24.61
C ARG A 248 2.23 12.15 26.06
N PRO A 249 1.09 11.53 26.37
CA PRO A 249 0.79 11.22 27.75
C PRO A 249 1.61 10.04 28.24
N SER A 250 1.83 10.00 29.54
CA SER A 250 2.46 8.86 30.15
C SER A 250 1.43 7.78 30.48
N ILE A 251 1.89 6.55 30.46
CA ILE A 251 1.08 5.36 30.71
C ILE A 251 1.76 4.57 31.81
N ALA A 252 0.98 3.83 32.59
CA ALA A 252 1.51 3.06 33.70
C ALA A 252 1.37 1.61 33.27
N MET A 253 2.52 0.98 33.01
CA MET A 253 2.57 -0.42 32.61
C MET A 253 2.03 -1.35 33.70
N ASP A 254 2.66 -1.36 34.87
CA ASP A 254 2.12 -2.13 35.99
C ASP A 254 1.96 -1.24 37.24
N GLU A 255 0.90 -0.44 37.23
CA GLU A 255 0.48 0.55 38.22
C GLU A 255 1.48 1.61 38.72
N THR A 256 2.52 1.20 39.46
CA THR A 256 3.49 2.15 40.00
C THR A 256 4.74 2.29 39.14
N THR A 257 4.68 1.87 37.89
CA THR A 257 5.79 1.95 36.95
C THR A 257 5.25 2.59 35.70
N GLN A 258 5.83 3.70 35.31
CA GLN A 258 5.34 4.44 34.16
C GLN A 258 6.48 4.64 33.17
N GLY A 259 6.17 4.36 31.92
CA GLY A 259 7.08 4.62 30.83
C GLY A 259 6.61 5.83 30.08
N GLN A 260 7.50 6.41 29.30
CA GLN A 260 7.22 7.63 28.56
C GLN A 260 6.88 7.34 27.12
N ASP A 261 6.16 8.29 26.51
CA ASP A 261 5.79 8.21 25.11
C ASP A 261 7.05 8.27 24.27
N ASP A 262 6.97 7.71 23.06
CA ASP A 262 8.10 7.71 22.12
C ASP A 262 8.58 9.12 21.82
N LEU A 263 7.67 10.08 21.76
CA LEU A 263 8.05 11.46 21.51
C LEU A 263 8.83 12.05 22.68
N THR A 264 8.43 11.71 23.92
CA THR A 264 9.13 12.18 25.10
C THR A 264 10.58 11.71 25.12
N HIS A 265 10.81 10.42 24.85
CA HIS A 265 12.17 9.91 24.76
C HIS A 265 12.93 10.57 23.62
N LYS A 266 12.27 10.77 22.47
CA LYS A 266 12.94 11.33 21.31
C LYS A 266 13.25 12.81 21.50
N LEU A 267 12.43 13.54 22.25
CA LEU A 267 12.73 14.94 22.53
C LEU A 267 13.88 15.07 23.50
N SER A 268 13.98 14.15 24.45
CA SER A 268 15.16 14.08 25.29
C SER A 268 16.44 13.91 24.47
N ASP A 269 16.41 13.05 23.45
CA ASP A 269 17.59 12.85 22.61
C ASP A 269 17.95 14.11 21.81
N ILE A 270 16.95 14.81 21.29
CA ILE A 270 17.22 16.07 20.59
C ILE A 270 17.78 17.11 21.56
N LEU A 271 17.23 17.14 22.78
CA LEU A 271 17.69 18.12 23.76
C LEU A 271 19.11 17.84 24.24
N LYS A 272 19.44 16.59 24.55
CA LYS A 272 20.83 16.23 24.85
C LYS A 272 21.76 16.60 23.71
N ALA A 273 21.40 16.22 22.48
CA ALA A 273 22.22 16.51 21.31
C ALA A 273 22.36 18.01 21.08
N ASN A 274 21.36 18.79 21.49
CA ASN A 274 21.45 20.24 21.35
C ASN A 274 22.50 20.84 22.27
N ILE A 275 22.61 20.30 23.49
CA ILE A 275 23.57 20.82 24.46
C ILE A 275 25.00 20.56 23.99
N ASN A 276 25.25 19.40 23.37
CA ASN A 276 26.59 19.07 22.90
C ASN A 276 27.04 19.91 21.72
N VAL A 277 26.12 20.50 20.96
CA VAL A 277 26.53 21.45 19.94
C VAL A 277 26.98 22.76 20.59
N GLN A 278 26.43 23.09 21.75
CA GLN A 278 26.89 24.27 22.48
C GLN A 278 28.23 24.02 23.15
N LYS A 279 28.50 22.75 23.48
CA LYS A 279 29.69 22.28 24.16
C LYS A 279 30.90 22.21 23.23
N LEU A 280 30.72 22.37 21.91
CA LEU A 280 31.79 22.25 20.93
C LEU A 280 32.41 23.59 20.59
N GLU A 281 31.61 24.59 20.20
CA GLU A 281 32.07 25.86 19.64
C GLU A 281 32.87 26.73 20.61
N MET A 282 33.04 26.32 21.87
CA MET A 282 33.73 27.10 22.87
C MET A 282 35.08 26.52 23.28
N ASP A 283 35.42 25.33 22.80
CA ASP A 283 36.67 24.65 23.15
C ASP A 283 36.98 23.57 22.13
N GLY A 284 37.52 22.43 22.59
CA GLY A 284 38.00 21.34 21.75
C GLY A 284 37.06 20.86 20.66
N SER A 285 37.18 21.48 19.50
CA SER A 285 36.53 21.02 18.27
C SER A 285 37.54 20.60 17.22
N PRO A 286 37.86 19.31 17.09
CA PRO A 286 38.62 18.85 15.92
C PRO A 286 37.91 18.82 14.57
N GLN A 287 37.11 19.83 14.23
CA GLN A 287 36.35 20.01 12.99
C GLN A 287 35.60 18.78 12.47
N HIS A 288 36.32 17.70 12.08
CA HIS A 288 35.72 16.39 11.76
C HIS A 288 34.79 15.83 12.85
N ILE A 289 34.86 16.36 14.07
CA ILE A 289 33.94 16.05 15.16
C ILE A 289 32.70 16.92 15.09
N ILE A 290 32.86 18.20 14.71
CA ILE A 290 31.73 19.11 14.54
C ILE A 290 30.75 18.56 13.49
N ASN A 291 31.28 17.97 12.42
CA ASN A 291 30.40 17.42 11.39
C ASN A 291 29.69 16.16 11.86
N GLU A 292 30.28 15.39 12.76
CA GLU A 292 29.57 14.21 13.24
C GLU A 292 28.49 14.58 14.24
N VAL A 293 28.69 15.64 15.02
CA VAL A 293 27.70 16.02 16.02
C VAL A 293 26.56 16.84 15.42
N GLU A 294 26.86 17.74 14.48
CA GLU A 294 25.80 18.48 13.80
C GLU A 294 24.92 17.59 12.93
N GLN A 295 25.51 16.64 12.20
CA GLN A 295 24.72 15.71 11.42
C GLN A 295 23.81 14.87 12.30
N LEU A 296 24.23 14.59 13.53
CA LEU A 296 23.42 13.79 14.43
C LEU A 296 22.24 14.57 14.98
N LEU A 297 22.40 15.89 15.16
CA LEU A 297 21.25 16.72 15.52
C LEU A 297 20.24 16.76 14.38
N GLN A 298 20.72 16.91 13.15
CA GLN A 298 19.88 16.82 11.96
C GLN A 298 19.16 15.48 11.89
N PHE A 299 19.84 14.39 12.25
CA PHE A 299 19.24 13.07 12.23
C PHE A 299 18.07 12.95 13.19
N HIS A 300 18.28 13.33 14.46
CA HIS A 300 17.25 13.21 15.48
C HIS A 300 16.04 14.07 15.18
N VAL A 301 16.26 15.27 14.65
CA VAL A 301 15.15 16.14 14.31
C VAL A 301 14.40 15.58 13.10
N ALA A 302 15.10 14.86 12.23
CA ALA A 302 14.43 14.28 11.08
C ALA A 302 13.56 13.10 11.50
N THR A 303 14.13 12.11 12.19
CA THR A 303 13.35 10.94 12.56
C THR A 303 12.31 11.24 13.63
N TYR A 304 12.39 12.40 14.30
CA TYR A 304 11.33 12.85 15.21
C TYR A 304 10.07 13.17 14.43
N MET A 305 10.19 13.66 13.22
CA MET A 305 9.03 13.98 12.41
C MET A 305 8.66 12.86 11.45
N ASP A 306 9.65 12.18 10.87
CA ASP A 306 9.38 11.16 9.86
C ASP A 306 10.47 10.10 10.05
N ASN A 307 10.07 8.90 10.45
CA ASN A 307 11.03 7.81 10.66
C ASN A 307 10.85 6.73 9.58
N ASP A 308 10.40 7.14 8.39
CA ASP A 308 10.35 6.24 7.25
C ASP A 308 11.15 6.79 6.08
N ILE A 309 12.23 7.50 6.37
CA ILE A 309 13.09 8.07 5.34
C ILE A 309 13.73 6.95 4.53
N ALA A 310 13.53 7.00 3.23
CA ALA A 310 14.03 5.96 2.34
C ALA A 310 15.54 6.03 2.20
N GLY A 311 16.18 4.87 2.16
CA GLY A 311 17.60 4.76 1.94
C GLY A 311 18.50 4.83 3.15
N GLN A 312 17.94 4.83 4.36
CA GLN A 312 18.79 4.87 5.54
C GLN A 312 18.08 4.12 6.66
N PRO A 313 18.83 3.59 7.64
CA PRO A 313 18.18 2.81 8.70
C PRO A 313 17.29 3.64 9.61
N GLN A 314 16.22 3.02 10.07
CA GLN A 314 15.28 3.65 10.98
C GLN A 314 15.89 3.82 12.37
N ALA A 315 15.47 4.90 13.04
CA ALA A 315 15.73 5.06 14.45
C ALA A 315 15.01 3.96 15.23
N LEU A 316 15.69 3.39 16.21
CA LEU A 316 15.16 2.27 16.97
C LEU A 316 15.07 2.60 18.45
N GLN A 317 14.02 2.10 19.09
CA GLN A 317 13.95 2.04 20.54
C GLN A 317 14.88 0.96 21.07
N LYS A 318 15.20 1.04 22.37
CA LYS A 318 16.04 0.03 23.00
C LYS A 318 15.39 -1.35 22.98
N SER A 319 14.06 -1.42 22.92
CA SER A 319 13.38 -2.68 22.72
C SER A 319 13.61 -3.27 21.33
N GLY A 320 14.16 -2.50 20.39
CA GLY A 320 14.46 -2.97 19.06
C GLY A 320 13.46 -2.57 18.00
N ARG A 321 12.24 -2.22 18.40
CA ARG A 321 11.20 -1.85 17.46
C ARG A 321 11.36 -0.37 17.07
N PRO A 322 10.95 0.01 15.85
CA PRO A 322 11.10 1.40 15.41
C PRO A 322 10.30 2.42 16.18
N VAL A 323 10.86 3.63 16.24
CA VAL A 323 10.25 4.75 16.96
C VAL A 323 9.02 5.21 16.19
N LYS A 324 7.97 5.54 16.92
CA LYS A 324 6.71 5.99 16.33
C LYS A 324 6.78 7.50 16.10
N ALA A 325 7.19 7.89 14.88
CA ALA A 325 7.32 9.29 14.55
C ALA A 325 5.94 9.92 14.31
N ILE A 326 5.92 11.26 14.22
CA ILE A 326 4.67 11.98 14.04
C ILE A 326 4.00 11.63 12.71
N ARG A 327 4.79 11.45 11.65
CA ARG A 327 4.24 11.10 10.34
C ARG A 327 3.49 9.78 10.41
N ALA A 328 4.06 8.81 11.13
CA ALA A 328 3.44 7.50 11.25
C ALA A 328 2.21 7.55 12.13
N ARG A 329 2.08 8.58 12.97
CA ARG A 329 0.87 8.76 13.77
C ARG A 329 -0.34 9.09 12.92
N LEU A 330 -0.16 9.68 11.75
CA LEU A 330 -1.30 10.17 11.01
C LEU A 330 -1.72 9.25 9.88
N LYS A 331 -0.84 8.41 9.38
CA LYS A 331 -1.16 7.64 8.20
C LYS A 331 -1.68 6.28 8.63
N GLY A 332 -2.33 5.60 7.70
CA GLY A 332 -2.73 4.22 7.87
C GLY A 332 -4.05 4.10 8.61
N LYS A 333 -4.59 2.88 8.59
CA LYS A 333 -5.90 2.55 9.15
C LYS A 333 -6.08 2.96 10.61
N GLU A 334 -5.05 2.90 11.42
CA GLU A 334 -5.22 3.21 12.84
C GLU A 334 -4.78 4.61 13.23
N GLY A 335 -4.32 5.43 12.28
CA GLY A 335 -3.77 6.73 12.61
C GLY A 335 -4.89 7.73 12.89
N ARG A 336 -4.48 9.00 13.08
CA ARG A 336 -5.42 10.03 13.50
C ARG A 336 -6.53 10.27 12.47
N LEU A 337 -6.21 10.21 11.19
CA LEU A 337 -7.21 10.56 10.22
C LEU A 337 -8.16 9.41 9.91
N ARG A 338 -7.65 8.25 9.51
CA ARG A 338 -8.57 7.18 9.17
C ARG A 338 -9.14 6.50 10.40
N GLY A 339 -8.42 6.52 11.53
CA GLY A 339 -8.85 5.84 12.74
C GLY A 339 -9.60 6.62 13.80
N ASN A 340 -9.48 7.95 13.81
CA ASN A 340 -10.15 8.77 14.81
C ASN A 340 -11.01 9.89 14.27
N LEU A 341 -10.92 10.22 12.99
CA LEU A 341 -11.65 11.36 12.45
C LEU A 341 -12.62 10.96 11.36
N MET A 342 -12.20 10.14 10.41
CA MET A 342 -13.17 9.65 9.44
C MET A 342 -14.07 8.59 10.05
N GLY A 343 -13.65 7.99 11.16
CA GLY A 343 -14.48 7.07 11.91
C GLY A 343 -13.92 6.98 13.31
N LYS A 344 -14.76 6.59 14.25
CA LYS A 344 -14.36 6.60 15.65
C LYS A 344 -15.35 5.77 16.43
N ARG A 345 -14.96 5.42 17.65
CA ARG A 345 -15.85 4.72 18.54
C ARG A 345 -16.86 5.69 19.15
N VAL A 346 -18.07 5.21 19.44
CA VAL A 346 -19.16 6.08 19.85
C VAL A 346 -19.91 5.50 21.04
N ASP A 347 -20.49 6.40 21.82
CA ASP A 347 -21.38 6.08 22.92
C ASP A 347 -22.77 5.70 22.42
N PHE A 348 -23.59 5.21 23.35
CA PHE A 348 -24.98 4.81 23.13
C PHE A 348 -25.13 3.83 21.99
N SER A 349 -24.39 2.74 22.06
CA SER A 349 -24.40 1.70 21.06
C SER A 349 -24.52 0.36 21.76
N ALA A 350 -24.92 -0.65 21.01
CA ALA A 350 -25.06 -1.97 21.61
C ALA A 350 -24.94 -3.01 20.52
N ARG A 351 -24.68 -4.25 20.93
CA ARG A 351 -24.45 -5.29 19.95
C ARG A 351 -24.76 -6.64 20.55
N THR A 352 -25.45 -7.50 19.80
CA THR A 352 -25.66 -8.88 20.20
C THR A 352 -26.11 -9.72 19.01
N VAL A 353 -26.23 -11.02 19.24
CA VAL A 353 -26.69 -11.97 18.25
C VAL A 353 -28.15 -11.69 17.91
N ILE A 354 -28.54 -11.92 16.66
CA ILE A 354 -29.90 -11.63 16.21
C ILE A 354 -30.69 -12.90 16.03
N SER A 355 -32.01 -12.81 16.19
CA SER A 355 -32.90 -13.93 15.93
C SER A 355 -34.09 -13.38 15.15
N GLY A 356 -34.77 -14.24 14.39
CA GLY A 356 -35.97 -13.81 13.71
C GLY A 356 -37.28 -13.96 14.46
N ASP A 357 -38.22 -13.09 14.15
CA ASP A 357 -39.55 -13.21 14.72
C ASP A 357 -40.62 -12.81 13.71
N PRO A 358 -41.39 -13.76 13.18
CA PRO A 358 -42.54 -13.45 12.31
C PRO A 358 -43.66 -12.67 12.96
N ASN A 359 -43.73 -12.56 14.28
CA ASN A 359 -44.85 -11.91 14.93
C ASN A 359 -44.48 -10.53 15.44
N LEU A 360 -43.60 -9.89 14.70
CA LEU A 360 -43.23 -8.50 14.86
C LEU A 360 -43.54 -7.78 13.57
N GLU A 361 -43.92 -6.51 13.67
CA GLU A 361 -44.13 -5.71 12.48
C GLU A 361 -42.82 -5.49 11.74
N LEU A 362 -42.94 -5.21 10.45
CA LEU A 362 -41.77 -4.98 9.59
C LEU A 362 -40.79 -3.96 10.17
N ASP A 363 -41.30 -2.86 10.70
CA ASP A 363 -40.43 -1.80 11.19
C ASP A 363 -40.11 -1.91 12.67
N GLN A 364 -40.35 -3.05 13.30
CA GLN A 364 -39.97 -3.20 14.70
C GLN A 364 -38.63 -3.90 14.87
N VAL A 365 -38.01 -3.68 16.02
CA VAL A 365 -36.86 -4.45 16.49
C VAL A 365 -37.04 -4.82 17.96
N GLY A 366 -36.96 -6.12 18.25
CA GLY A 366 -37.03 -6.55 19.64
C GLY A 366 -35.73 -6.32 20.37
N VAL A 367 -35.79 -5.62 21.49
CA VAL A 367 -34.61 -5.19 22.23
C VAL A 367 -34.62 -5.86 23.60
N PRO A 368 -33.59 -6.64 23.94
CA PRO A 368 -33.47 -7.23 25.28
C PRO A 368 -33.60 -6.22 26.41
N ILE A 369 -34.23 -6.66 27.51
CA ILE A 369 -34.47 -5.79 28.67
C ILE A 369 -33.16 -5.22 29.22
N SER A 370 -32.12 -6.05 29.34
CA SER A 370 -30.85 -5.60 29.92
C SER A 370 -30.22 -4.48 29.11
N ILE A 371 -30.33 -4.58 27.78
CA ILE A 371 -29.85 -3.52 26.92
C ILE A 371 -30.70 -2.28 27.10
N ALA A 372 -32.02 -2.45 27.19
CA ALA A 372 -32.94 -1.35 27.36
C ALA A 372 -32.76 -0.61 28.68
N LYS A 373 -32.18 -1.22 29.69
CA LYS A 373 -31.91 -0.49 30.92
C LYS A 373 -30.57 0.22 30.91
N THR A 374 -29.64 -0.19 30.05
CA THR A 374 -28.36 0.50 29.94
C THR A 374 -28.42 1.71 29.02
N LEU A 375 -29.11 1.62 27.90
CA LEU A 375 -29.22 2.76 27.01
C LEU A 375 -30.23 3.76 27.54
N SER A 376 -30.14 5.00 27.08
CA SER A 376 -31.03 6.03 27.59
C SER A 376 -31.25 7.12 26.55
N TYR A 377 -32.29 7.91 26.78
CA TYR A 377 -32.63 9.04 25.95
C TYR A 377 -32.92 10.23 26.85
N PRO A 378 -32.32 11.39 26.63
CA PRO A 378 -32.60 12.51 27.52
C PRO A 378 -33.84 13.30 27.11
N GLU A 379 -34.96 13.03 27.76
CA GLU A 379 -36.22 13.67 27.43
C GLU A 379 -36.39 14.95 28.24
N THR A 380 -36.63 16.06 27.56
CA THR A 380 -36.87 17.34 28.23
C THR A 380 -38.22 17.38 28.92
N VAL A 381 -38.24 17.91 30.14
CA VAL A 381 -39.43 17.98 30.98
C VAL A 381 -40.28 19.16 30.53
N THR A 382 -41.55 18.92 30.23
CA THR A 382 -42.50 19.98 29.89
C THR A 382 -43.77 19.80 30.71
N GLN A 383 -44.68 20.77 30.56
CA GLN A 383 -45.98 20.74 31.23
C GLN A 383 -46.79 19.49 30.87
N TYR A 384 -46.59 18.90 29.69
CA TYR A 384 -47.43 17.81 29.24
C TYR A 384 -46.96 16.45 29.70
N ASN A 385 -45.73 16.33 30.18
CA ASN A 385 -45.20 15.05 30.60
C ASN A 385 -44.59 15.02 32.00
N ILE A 386 -44.69 16.11 32.77
CA ILE A 386 -44.03 16.18 34.07
C ILE A 386 -44.57 15.15 35.05
N HIS A 387 -45.88 14.89 35.02
CA HIS A 387 -46.46 13.88 35.91
C HIS A 387 -45.95 12.50 35.53
N ARG A 388 -45.98 12.19 34.24
CA ARG A 388 -45.47 10.94 33.69
C ARG A 388 -44.01 10.69 34.07
N LEU A 389 -43.17 11.72 33.96
CA LEU A 389 -41.73 11.56 34.20
C LEU A 389 -41.39 11.38 35.67
N THR A 390 -42.17 11.96 36.58
CA THR A 390 -41.94 11.73 38.00
C THR A 390 -42.09 10.26 38.39
N GLU A 391 -43.04 9.56 37.76
CA GLU A 391 -43.21 8.13 38.00
C GLU A 391 -41.94 7.35 37.69
N TYR A 392 -41.31 7.66 36.56
CA TYR A 392 -40.03 7.04 36.21
C TYR A 392 -38.95 7.30 37.26
N VAL A 393 -38.90 8.51 37.81
CA VAL A 393 -37.90 8.85 38.80
C VAL A 393 -38.04 8.01 40.07
N ARG A 394 -39.27 7.79 40.55
CA ARG A 394 -39.47 6.96 41.74
C ARG A 394 -39.07 5.52 41.51
N ASN A 395 -39.27 5.00 40.30
CA ASN A 395 -38.89 3.61 40.04
C ASN A 395 -37.38 3.41 40.05
N GLY A 396 -36.62 4.42 39.64
CA GLY A 396 -35.20 4.35 39.79
C GLY A 396 -34.52 3.55 38.69
N PRO A 397 -33.21 3.38 38.80
CA PRO A 397 -32.45 2.73 37.73
C PRO A 397 -32.65 1.24 37.60
N ASN A 398 -33.26 0.57 38.57
CA ASN A 398 -33.30 -0.89 38.54
C ASN A 398 -34.67 -1.48 38.25
N GLU A 399 -35.72 -0.68 38.18
CA GLU A 399 -37.05 -1.17 37.86
C GLU A 399 -37.50 -0.49 36.59
N HIS A 400 -37.99 -1.28 35.67
CA HIS A 400 -38.43 -0.80 34.37
C HIS A 400 -39.94 -0.70 34.34
N PRO A 401 -40.49 0.43 33.89
CA PRO A 401 -39.84 1.58 33.26
C PRO A 401 -39.29 2.65 34.20
N GLY A 402 -38.00 2.93 34.08
CA GLY A 402 -37.35 3.82 35.04
C GLY A 402 -36.44 4.87 34.43
N ALA A 403 -35.45 5.33 35.18
CA ALA A 403 -34.65 6.47 34.75
C ALA A 403 -33.34 6.48 35.50
N LYS A 404 -32.32 7.09 34.91
CA LYS A 404 -30.97 7.03 35.45
C LYS A 404 -30.44 8.36 35.96
N TYR A 405 -30.75 9.49 35.33
CA TYR A 405 -30.18 10.75 35.77
C TYR A 405 -31.22 11.85 35.67
N VAL A 406 -31.03 12.90 36.46
CA VAL A 406 -31.78 14.14 36.28
C VAL A 406 -30.76 15.24 36.07
N ILE A 407 -30.86 15.94 34.94
CA ILE A 407 -29.89 16.95 34.56
C ILE A 407 -30.48 18.35 34.66
N ARG A 408 -29.88 19.18 35.50
CA ARG A 408 -30.31 20.57 35.62
C ARG A 408 -29.75 21.39 34.46
N ASP A 409 -30.35 22.57 34.26
CA ASP A 409 -29.86 23.54 33.29
C ASP A 409 -28.41 23.97 33.51
N ASN A 410 -27.82 23.74 34.68
CA ASN A 410 -26.43 24.12 34.88
C ASN A 410 -25.50 23.01 34.42
N GLY A 411 -25.98 21.79 34.38
CA GLY A 411 -25.26 20.62 33.90
C GLY A 411 -24.95 19.58 34.94
N ASP A 412 -25.15 19.87 36.22
CA ASP A 412 -24.92 18.90 37.28
C ASP A 412 -25.84 17.70 37.15
N ARG A 413 -25.27 16.50 37.04
CA ARG A 413 -26.08 15.30 36.99
C ARG A 413 -26.27 14.71 38.38
N ILE A 414 -27.49 14.26 38.65
CA ILE A 414 -27.79 13.53 39.87
C ILE A 414 -27.87 12.05 39.53
N ASP A 415 -26.95 11.29 40.08
CA ASP A 415 -26.85 9.87 39.80
C ASP A 415 -27.84 9.12 40.68
N LEU A 416 -28.85 8.53 40.06
CA LEU A 416 -29.92 7.90 40.83
C LEU A 416 -29.55 6.54 41.41
N ARG A 417 -28.34 6.04 41.18
CA ARG A 417 -27.93 4.85 41.90
C ARG A 417 -27.64 5.17 43.36
N TYR A 418 -27.11 6.35 43.64
CA TYR A 418 -26.61 6.70 44.96
C TYR A 418 -27.45 7.72 45.67
N HIS A 419 -28.55 8.16 45.09
CA HIS A 419 -29.39 9.15 45.76
C HIS A 419 -30.42 8.45 46.61
N LYS A 420 -30.21 8.49 47.92
CA LYS A 420 -31.04 7.84 48.91
C LYS A 420 -32.29 8.65 49.23
N ARG A 421 -32.32 9.92 48.84
CA ARG A 421 -33.51 10.73 49.06
C ARG A 421 -34.14 11.01 47.71
N ALA A 422 -34.33 9.96 46.91
CA ALA A 422 -34.92 10.08 45.58
C ALA A 422 -36.36 10.57 45.62
N GLY A 423 -37.09 10.24 46.68
CA GLY A 423 -38.45 10.71 46.88
C GLY A 423 -38.59 12.21 47.08
N ASP A 424 -37.52 12.91 47.42
CA ASP A 424 -37.57 14.35 47.62
C ASP A 424 -37.11 15.17 46.41
N ILE A 425 -37.15 14.62 45.19
CA ILE A 425 -36.85 15.41 44.01
C ILE A 425 -38.14 15.93 43.39
N VAL A 426 -38.19 17.24 43.11
CA VAL A 426 -39.28 17.87 42.39
C VAL A 426 -38.71 18.38 41.08
N LEU A 427 -39.33 18.02 39.97
CA LEU A 427 -38.79 18.41 38.68
C LEU A 427 -39.27 19.81 38.25
N GLN A 428 -38.34 20.59 37.74
CA GLN A 428 -38.59 21.90 37.16
C GLN A 428 -38.63 21.75 35.65
N TYR A 429 -39.52 22.51 35.00
CA TYR A 429 -39.50 22.62 33.54
C TYR A 429 -38.12 23.01 33.03
N GLY A 430 -37.75 22.44 31.89
CA GLY A 430 -36.47 22.71 31.29
C GLY A 430 -35.35 21.78 31.71
N TRP A 431 -35.48 21.12 32.86
CA TRP A 431 -34.57 20.04 33.23
C TRP A 431 -34.67 18.87 32.25
N LYS A 432 -33.72 17.96 32.35
CA LYS A 432 -33.73 16.75 31.55
C LYS A 432 -33.74 15.51 32.43
N VAL A 433 -34.51 14.51 32.04
CA VAL A 433 -34.50 13.19 32.67
C VAL A 433 -33.99 12.18 31.67
N GLU A 434 -32.90 11.49 31.98
CA GLU A 434 -32.42 10.42 31.10
C GLU A 434 -33.17 9.13 31.41
N ARG A 435 -34.28 8.91 30.74
CA ARG A 435 -35.11 7.75 31.02
C ARG A 435 -34.64 6.54 30.21
N HIS A 436 -35.11 5.38 30.62
CA HIS A 436 -34.84 4.14 29.91
C HIS A 436 -35.42 4.17 28.51
N LEU A 437 -34.86 3.34 27.65
CA LEU A 437 -35.43 3.12 26.33
C LEU A 437 -36.79 2.44 26.46
N MET A 438 -37.76 2.88 25.67
CA MET A 438 -39.15 2.49 25.84
C MET A 438 -39.78 2.29 24.47
N ASP A 439 -40.95 1.64 24.49
CA ASP A 439 -41.68 1.27 23.28
C ASP A 439 -41.89 2.44 22.34
N ASP A 440 -41.69 2.18 21.05
CA ASP A 440 -41.83 3.05 19.89
C ASP A 440 -40.78 4.14 19.78
N ASP A 441 -39.77 4.18 20.66
CA ASP A 441 -38.61 5.01 20.37
C ASP A 441 -37.93 4.54 19.09
N PRO A 442 -37.57 5.44 18.18
CA PRO A 442 -36.80 5.06 17.00
C PRO A 442 -35.33 4.88 17.31
N VAL A 443 -34.73 3.85 16.73
CA VAL A 443 -33.30 3.59 16.85
C VAL A 443 -32.77 3.20 15.49
N LEU A 444 -31.50 3.50 15.27
CA LEU A 444 -30.82 3.15 14.03
C LEU A 444 -30.16 1.80 14.15
N PHE A 445 -30.45 0.91 13.21
CA PHE A 445 -30.02 -0.47 13.28
C PHE A 445 -29.10 -0.73 12.11
N ASN A 446 -28.09 -1.56 12.29
CA ASN A 446 -26.97 -1.58 11.36
C ASN A 446 -26.23 -2.90 11.43
N ARG A 447 -25.94 -3.51 10.28
CA ARG A 447 -25.04 -4.66 10.20
C ARG A 447 -23.85 -4.37 9.32
N GLN A 448 -22.65 -4.65 9.80
CA GLN A 448 -21.45 -4.56 8.97
C GLN A 448 -21.27 -5.79 8.10
N PRO A 449 -20.70 -5.64 6.88
CA PRO A 449 -20.21 -4.43 6.21
C PRO A 449 -21.35 -3.63 5.58
N SER A 450 -21.33 -2.31 5.72
CA SER A 450 -22.39 -1.43 5.25
C SER A 450 -22.21 -1.13 3.76
N LEU A 451 -22.65 -2.06 2.91
CA LEU A 451 -22.33 -1.96 1.49
C LEU A 451 -23.20 -0.96 0.76
N HIS A 452 -24.40 -0.65 1.27
CA HIS A 452 -25.31 0.26 0.59
C HIS A 452 -26.24 0.81 1.66
N LYS A 453 -27.09 1.77 1.27
CA LYS A 453 -27.78 2.60 2.25
C LYS A 453 -28.79 1.82 3.07
N MET A 454 -29.32 0.70 2.56
CA MET A 454 -30.24 -0.05 3.39
C MET A 454 -29.53 -0.98 4.36
N SER A 455 -28.23 -0.83 4.56
CA SER A 455 -27.60 -1.39 5.74
C SER A 455 -27.86 -0.60 7.01
N MET A 456 -28.50 0.57 6.92
CA MET A 456 -28.80 1.35 8.13
C MET A 456 -30.22 1.88 8.01
N MET A 457 -31.16 1.26 8.71
CA MET A 457 -32.54 1.69 8.68
C MET A 457 -33.02 1.90 10.11
N ALA A 458 -33.99 2.78 10.28
CA ALA A 458 -34.57 3.06 11.57
C ALA A 458 -35.71 2.11 11.91
N HIS A 459 -35.61 1.43 13.05
CA HIS A 459 -36.69 0.57 13.52
C HIS A 459 -37.30 1.13 14.81
N ARG A 460 -38.54 0.76 15.08
CA ARG A 460 -39.21 1.02 16.35
C ARG A 460 -38.92 -0.06 17.39
N VAL A 461 -38.41 0.34 18.55
CA VAL A 461 -38.10 -0.58 19.64
C VAL A 461 -39.36 -1.28 20.15
N LYS A 462 -39.27 -2.57 20.41
CA LYS A 462 -40.19 -3.28 21.30
C LYS A 462 -39.38 -4.06 22.34
N VAL A 463 -39.50 -3.69 23.61
CA VAL A 463 -38.74 -4.34 24.68
C VAL A 463 -39.31 -5.72 24.97
N MET A 464 -38.42 -6.72 25.09
CA MET A 464 -38.76 -8.14 25.15
C MET A 464 -37.77 -8.85 26.06
N PRO A 465 -38.16 -9.98 26.67
CA PRO A 465 -37.19 -10.79 27.41
C PRO A 465 -36.23 -11.51 26.46
N TYR A 466 -35.18 -12.14 27.06
CA TYR A 466 -34.13 -12.86 26.32
C TYR A 466 -33.21 -11.92 25.57
N SER A 467 -32.00 -12.36 25.25
CA SER A 467 -30.87 -11.48 25.00
C SER A 467 -30.52 -11.28 23.53
N THR A 468 -31.35 -11.71 22.60
CA THR A 468 -31.07 -11.51 21.20
C THR A 468 -31.85 -10.30 20.69
N PHE A 469 -31.37 -9.68 19.61
CA PHE A 469 -32.21 -8.74 18.86
C PHE A 469 -33.18 -9.46 17.93
N ARG A 470 -34.42 -9.04 17.94
CA ARG A 470 -35.41 -9.67 17.09
C ARG A 470 -35.72 -8.80 15.89
N LEU A 471 -35.77 -9.44 14.72
CA LEU A 471 -36.08 -8.78 13.47
C LEU A 471 -37.27 -9.51 12.87
N ASN A 472 -38.19 -8.78 12.27
CA ASN A 472 -39.14 -9.43 11.40
C ASN A 472 -38.37 -10.01 10.23
N LEU A 473 -38.77 -11.20 9.78
CA LEU A 473 -37.98 -11.96 8.82
C LEU A 473 -37.82 -11.31 7.46
N SER A 474 -38.73 -10.43 7.07
CA SER A 474 -38.64 -9.87 5.74
C SER A 474 -37.58 -8.81 5.58
N VAL A 475 -36.93 -8.37 6.67
CA VAL A 475 -35.82 -7.44 6.54
C VAL A 475 -34.45 -8.11 6.50
N THR A 476 -34.37 -9.45 6.57
CA THR A 476 -33.07 -10.10 6.49
C THR A 476 -32.38 -9.85 5.15
N SER A 477 -33.16 -9.71 4.07
CA SER A 477 -32.57 -9.59 2.73
C SER A 477 -31.76 -8.29 2.56
N PRO A 478 -32.31 -7.08 2.79
CA PRO A 478 -31.47 -5.87 2.64
C PRO A 478 -30.26 -5.83 3.54
N TYR A 479 -30.32 -6.41 4.73
CA TYR A 479 -29.12 -6.43 5.55
C TYR A 479 -28.13 -7.50 5.12
N ASN A 480 -28.55 -8.41 4.23
CA ASN A 480 -27.87 -9.67 3.92
C ASN A 480 -27.52 -10.41 5.21
N ALA A 481 -28.46 -10.36 6.15
CA ALA A 481 -28.37 -10.97 7.45
C ALA A 481 -28.97 -12.37 7.42
N ASP A 482 -28.44 -13.24 8.25
CA ASP A 482 -29.14 -14.45 8.62
C ASP A 482 -28.83 -14.72 10.07
N PHE A 483 -29.23 -15.88 10.58
CA PHE A 483 -29.22 -16.11 12.01
C PHE A 483 -28.32 -17.27 12.34
N ASP A 484 -27.18 -17.33 11.67
CA ASP A 484 -26.20 -18.36 11.94
C ASP A 484 -25.06 -17.89 12.83
N GLY A 485 -25.28 -16.84 13.61
CA GLY A 485 -24.23 -16.25 14.40
C GLY A 485 -23.94 -14.79 14.17
N ASP A 486 -24.45 -14.19 13.09
CA ASP A 486 -24.41 -12.75 12.82
C ASP A 486 -24.69 -11.90 14.04
N GLU A 487 -24.03 -10.75 14.11
CA GLU A 487 -24.35 -9.77 15.12
C GLU A 487 -24.69 -8.46 14.42
N MET A 488 -25.45 -7.61 15.11
CA MET A 488 -25.84 -6.34 14.53
C MET A 488 -25.74 -5.27 15.61
N ASN A 489 -25.71 -4.01 15.16
CA ASN A 489 -25.41 -2.88 16.01
C ASN A 489 -26.64 -1.99 16.11
N LEU A 490 -26.82 -1.37 17.26
CA LEU A 490 -27.96 -0.50 17.47
C LEU A 490 -27.44 0.83 17.98
N HIS A 491 -27.95 1.91 17.45
CA HIS A 491 -27.54 3.25 17.86
C HIS A 491 -28.77 4.06 18.24
N VAL A 492 -28.68 4.76 19.35
CA VAL A 492 -29.80 5.48 19.94
C VAL A 492 -29.59 6.97 19.70
N PRO A 493 -30.46 7.65 18.97
CA PRO A 493 -30.32 9.10 18.82
C PRO A 493 -30.54 9.77 20.17
N GLN A 494 -29.86 10.90 20.37
CA GLN A 494 -29.81 11.53 21.68
C GLN A 494 -30.51 12.88 21.76
N SER A 495 -31.36 13.22 20.80
CA SER A 495 -32.02 14.52 20.88
C SER A 495 -33.31 14.47 20.07
N GLU A 496 -34.16 15.46 20.33
CA GLU A 496 -35.40 15.66 19.61
C GLU A 496 -35.23 15.84 18.11
N GLU A 497 -34.16 16.50 17.66
CA GLU A 497 -34.00 16.75 16.23
C GLU A 497 -33.70 15.47 15.45
N THR A 498 -32.87 14.61 16.00
CA THR A 498 -32.48 13.40 15.29
C THR A 498 -33.51 12.29 15.34
N ARG A 499 -34.32 12.21 16.41
CA ARG A 499 -35.49 11.33 16.37
C ARG A 499 -36.35 11.62 15.16
N ALA A 500 -36.64 12.89 14.90
CA ALA A 500 -37.50 13.22 13.78
C ALA A 500 -36.83 12.90 12.44
N GLU A 501 -35.51 13.10 12.35
CA GLU A 501 -34.77 12.75 11.13
C GLU A 501 -34.82 11.26 10.84
N LEU A 502 -34.72 10.44 11.89
CA LEU A 502 -34.81 8.99 11.73
C LEU A 502 -36.17 8.56 11.22
N SER A 503 -37.24 9.00 11.88
CA SER A 503 -38.57 8.54 11.52
C SER A 503 -39.04 9.08 10.17
N GLN A 504 -38.56 10.24 9.74
CA GLN A 504 -39.08 10.82 8.51
C GLN A 504 -38.16 10.65 7.31
N LEU A 505 -36.98 10.09 7.48
CA LEU A 505 -36.09 9.86 6.34
C LEU A 505 -35.58 8.44 6.25
N CYS A 506 -35.24 7.82 7.38
CA CYS A 506 -34.53 6.56 7.36
C CYS A 506 -35.42 5.36 7.69
N ALA A 507 -36.67 5.59 8.11
CA ALA A 507 -37.57 4.53 8.57
C ALA A 507 -37.76 3.46 7.50
N VAL A 508 -37.84 2.21 7.95
CA VAL A 508 -38.02 1.00 7.14
C VAL A 508 -39.04 1.11 6.00
N PRO A 509 -40.30 1.57 6.19
CA PRO A 509 -41.24 1.57 5.05
C PRO A 509 -40.83 2.48 3.90
N LEU A 510 -40.13 3.58 4.17
CA LEU A 510 -39.59 4.44 3.12
C LEU A 510 -38.53 3.75 2.28
N GLN A 511 -37.96 2.64 2.75
CA GLN A 511 -36.83 2.01 2.11
C GLN A 511 -37.22 0.79 1.30
N ILE A 512 -38.51 0.51 1.16
CA ILE A 512 -38.99 -0.72 0.54
C ILE A 512 -38.53 -0.79 -0.92
N VAL A 513 -38.60 0.32 -1.63
CA VAL A 513 -38.10 0.43 -3.00
C VAL A 513 -36.73 1.08 -2.96
N SER A 514 -35.77 0.47 -3.65
CA SER A 514 -34.43 1.01 -3.67
C SER A 514 -34.13 1.70 -4.99
N PRO A 515 -33.38 2.80 -4.97
CA PRO A 515 -33.00 3.44 -6.23
C PRO A 515 -32.00 2.65 -7.06
N GLN A 516 -31.41 1.59 -6.51
CA GLN A 516 -30.41 0.83 -7.25
C GLN A 516 -30.96 0.26 -8.54
N SER A 517 -32.13 -0.36 -8.47
CA SER A 517 -32.67 -0.99 -9.66
C SER A 517 -34.16 -0.76 -9.85
N ASN A 518 -34.69 0.33 -9.28
CA ASN A 518 -36.10 0.79 -9.26
C ASN A 518 -37.07 -0.37 -9.05
N LYS A 519 -36.86 -1.07 -7.95
CA LYS A 519 -37.61 -2.26 -7.61
C LYS A 519 -37.45 -2.51 -6.11
N PRO A 520 -38.30 -3.33 -5.51
CA PRO A 520 -38.16 -3.59 -4.07
C PRO A 520 -36.92 -4.40 -3.74
N VAL A 521 -36.45 -4.23 -2.51
CA VAL A 521 -35.40 -5.08 -1.97
C VAL A 521 -35.89 -5.94 -0.84
N MET A 522 -37.17 -5.90 -0.52
CA MET A 522 -37.72 -6.79 0.49
C MET A 522 -38.92 -7.49 -0.09
N GLY A 523 -39.05 -8.76 0.22
CA GLY A 523 -40.24 -9.48 -0.14
C GLY A 523 -40.58 -10.54 0.86
N ILE A 524 -41.52 -11.36 0.51
CA ILE A 524 -41.87 -12.49 1.33
C ILE A 524 -40.81 -13.54 1.04
N VAL A 525 -40.32 -14.22 2.08
CA VAL A 525 -39.16 -15.09 1.96
C VAL A 525 -39.42 -16.39 2.72
N GLN A 526 -38.54 -17.36 2.43
CA GLN A 526 -38.28 -18.65 3.09
C GLN A 526 -39.61 -19.35 3.42
N ASP A 527 -39.88 -19.69 4.68
CA ASP A 527 -41.09 -20.43 5.07
C ASP A 527 -42.37 -19.80 4.55
N THR A 528 -42.50 -18.49 4.70
CA THR A 528 -43.73 -17.82 4.33
C THR A 528 -43.93 -17.84 2.83
N LEU A 529 -42.84 -17.87 2.07
CA LEU A 529 -42.93 -17.87 0.62
C LEU A 529 -43.21 -19.29 0.11
N CYS A 530 -42.49 -20.28 0.66
CA CYS A 530 -42.81 -21.68 0.41
C CYS A 530 -44.26 -21.99 0.77
N GLY A 531 -44.70 -21.53 1.93
CA GLY A 531 -46.04 -21.84 2.37
C GLY A 531 -47.12 -21.15 1.57
N VAL A 532 -46.86 -19.95 1.07
CA VAL A 532 -47.90 -19.20 0.38
C VAL A 532 -48.17 -19.80 -0.99
N ARG A 533 -47.17 -20.45 -1.61
CA ARG A 533 -47.44 -21.19 -2.83
C ARG A 533 -48.38 -22.36 -2.55
N LYS A 534 -48.05 -23.17 -1.55
CA LYS A 534 -48.90 -24.31 -1.16
C LYS A 534 -50.31 -23.86 -0.82
N MET A 535 -50.45 -22.74 -0.10
CA MET A 535 -51.78 -22.29 0.32
C MET A 535 -52.61 -21.80 -0.85
N THR A 536 -52.02 -21.20 -1.87
CA THR A 536 -52.82 -20.63 -2.94
C THR A 536 -52.99 -21.55 -4.13
N LEU A 537 -52.57 -22.81 -4.01
CA LEU A 537 -52.93 -23.83 -4.99
C LEU A 537 -54.43 -23.93 -5.15
N ARG A 538 -54.86 -24.28 -6.37
CA ARG A 538 -56.26 -24.29 -6.74
C ARG A 538 -57.09 -25.22 -5.87
N ASP A 539 -56.52 -26.33 -5.40
CA ASP A 539 -57.24 -27.29 -4.59
C ASP A 539 -56.91 -27.23 -3.10
N THR A 540 -56.64 -26.07 -2.53
CA THR A 540 -56.54 -25.93 -1.08
C THR A 540 -57.84 -25.40 -0.51
N PHE A 541 -58.51 -26.20 0.31
CA PHE A 541 -59.77 -25.78 0.89
C PHE A 541 -59.67 -25.82 2.40
N ILE A 542 -60.40 -24.93 3.05
CA ILE A 542 -60.29 -24.73 4.49
C ILE A 542 -61.69 -24.67 5.05
N GLU A 543 -61.95 -25.49 6.07
CA GLU A 543 -63.27 -25.51 6.69
C GLU A 543 -63.46 -24.29 7.58
N TYR A 544 -64.72 -24.11 7.97
CA TYR A 544 -65.19 -22.88 8.63
C TYR A 544 -64.47 -22.59 9.93
N GLU A 545 -64.30 -23.59 10.78
CA GLU A 545 -63.72 -23.39 12.11
C GLU A 545 -62.32 -22.82 12.05
N GLN A 546 -61.51 -23.27 11.09
CA GLN A 546 -60.16 -22.75 10.92
C GLN A 546 -60.16 -21.36 10.30
N VAL A 547 -61.04 -21.11 9.32
CA VAL A 547 -61.20 -19.80 8.68
C VAL A 547 -61.40 -18.65 9.67
N MET A 548 -62.19 -18.88 10.72
CA MET A 548 -62.46 -17.81 11.68
C MET A 548 -61.20 -17.38 12.39
N ASN A 549 -60.36 -18.34 12.79
CA ASN A 549 -59.08 -18.01 13.40
C ASN A 549 -58.18 -17.20 12.47
N MET A 550 -58.09 -17.62 11.20
CA MET A 550 -57.23 -16.96 10.22
C MET A 550 -57.64 -15.51 9.96
N LEU A 551 -58.94 -15.25 9.91
CA LEU A 551 -59.40 -13.88 9.72
C LEU A 551 -58.98 -13.02 10.90
N PHE A 552 -59.16 -13.53 12.12
CA PHE A 552 -58.82 -12.80 13.32
C PHE A 552 -57.32 -12.55 13.45
N TRP A 553 -56.51 -13.31 12.72
CA TRP A 553 -55.07 -13.17 12.78
C TRP A 553 -54.59 -11.97 11.98
N VAL A 554 -55.42 -11.45 11.10
CA VAL A 554 -55.13 -10.24 10.34
C VAL A 554 -55.46 -8.97 11.12
N PRO A 555 -54.45 -8.19 11.53
CA PRO A 555 -54.73 -6.97 12.31
C PRO A 555 -55.62 -5.95 11.61
N SER A 556 -55.50 -5.82 10.30
CA SER A 556 -56.25 -4.83 9.54
C SER A 556 -57.63 -5.27 9.09
N TRP A 557 -58.07 -6.47 9.46
CA TRP A 557 -59.37 -7.00 9.04
C TRP A 557 -60.54 -6.13 9.50
N ASP A 558 -61.50 -5.93 8.61
CA ASP A 558 -62.64 -5.05 8.84
C ASP A 558 -63.80 -5.72 9.56
N GLY A 559 -63.64 -6.96 9.98
CA GLY A 559 -64.66 -7.69 10.71
C GLY A 559 -65.73 -8.39 9.87
N VAL A 560 -65.68 -8.30 8.55
CA VAL A 560 -66.66 -8.94 7.68
C VAL A 560 -66.07 -10.24 7.14
N VAL A 561 -66.59 -11.39 7.59
CA VAL A 561 -66.18 -12.69 7.04
C VAL A 561 -66.71 -12.82 5.62
N PRO A 562 -65.87 -13.13 4.64
CA PRO A 562 -66.37 -13.25 3.27
C PRO A 562 -67.05 -14.58 3.02
N GLN A 563 -67.96 -14.56 2.04
CA GLN A 563 -68.77 -15.73 1.72
C GLN A 563 -67.90 -16.86 1.19
N PRO A 564 -68.18 -18.09 1.59
CA PRO A 564 -67.39 -19.22 1.11
C PRO A 564 -67.55 -19.46 -0.37
N ALA A 565 -66.50 -20.00 -0.97
CA ALA A 565 -66.55 -20.34 -2.37
C ALA A 565 -67.53 -21.47 -2.64
N ILE A 566 -67.64 -22.43 -1.74
CA ILE A 566 -68.61 -23.51 -1.84
C ILE A 566 -69.63 -23.37 -0.71
N LEU A 567 -70.90 -23.21 -1.06
CA LEU A 567 -71.94 -23.15 -0.05
C LEU A 567 -72.52 -24.51 0.33
N LYS A 568 -72.73 -25.41 -0.62
CA LYS A 568 -73.41 -26.65 -0.31
C LYS A 568 -72.68 -27.77 -1.03
N PRO A 569 -72.51 -28.96 -0.41
CA PRO A 569 -73.00 -29.50 0.86
C PRO A 569 -72.25 -29.13 2.12
N LYS A 570 -71.21 -28.31 2.01
CA LYS A 570 -70.43 -27.97 3.19
C LYS A 570 -69.75 -26.66 2.88
N PRO A 571 -69.74 -25.68 3.79
CA PRO A 571 -69.06 -24.42 3.51
C PRO A 571 -67.55 -24.59 3.49
N LEU A 572 -66.94 -24.19 2.38
CA LEU A 572 -65.50 -24.30 2.18
C LEU A 572 -65.00 -23.04 1.49
N TRP A 573 -63.91 -22.49 1.99
CA TRP A 573 -63.20 -21.38 1.38
C TRP A 573 -61.96 -21.88 0.67
N THR A 574 -61.59 -21.19 -0.40
CA THR A 574 -60.33 -21.49 -1.05
C THR A 574 -59.25 -20.66 -0.41
N GLY A 575 -58.01 -21.12 -0.57
CA GLY A 575 -56.86 -20.37 -0.08
C GLY A 575 -56.73 -18.97 -0.64
N LYS A 576 -57.02 -18.79 -1.93
CA LYS A 576 -56.95 -17.47 -2.56
C LYS A 576 -57.87 -16.45 -1.91
N GLN A 577 -59.01 -16.86 -1.36
CA GLN A 577 -59.91 -15.89 -0.74
C GLN A 577 -59.32 -15.30 0.53
N LEU A 578 -58.71 -16.14 1.37
CA LEU A 578 -58.21 -15.65 2.65
C LEU A 578 -56.95 -14.82 2.49
N LEU A 579 -56.05 -15.22 1.57
CA LEU A 579 -54.92 -14.38 1.22
C LEU A 579 -55.38 -13.00 0.77
N SER A 580 -56.49 -12.95 0.02
CA SER A 580 -57.02 -11.69 -0.51
C SER A 580 -57.48 -10.74 0.58
N ILE A 581 -57.82 -11.26 1.76
CA ILE A 581 -58.14 -10.40 2.90
C ILE A 581 -56.95 -9.52 3.25
N ALA A 582 -55.74 -10.05 3.12
CA ALA A 582 -54.56 -9.28 3.49
C ALA A 582 -54.20 -8.20 2.47
N ILE A 583 -54.71 -8.27 1.26
CA ILE A 583 -54.43 -7.26 0.25
C ILE A 583 -55.46 -6.14 0.31
N PRO A 584 -55.03 -4.87 0.38
CA PRO A 584 -55.99 -3.77 0.46
C PRO A 584 -56.75 -3.64 -0.85
N SER A 585 -57.93 -3.04 -0.75
CA SER A 585 -58.81 -2.85 -1.91
C SER A 585 -58.25 -1.82 -2.89
N GLY A 586 -58.78 -1.87 -4.11
CA GLY A 586 -58.33 -0.99 -5.17
C GLY A 586 -57.04 -1.35 -5.86
N ILE A 587 -56.55 -2.57 -5.70
CA ILE A 587 -55.29 -2.99 -6.31
C ILE A 587 -55.53 -3.85 -7.54
N HIS A 588 -55.03 -3.42 -8.68
CA HIS A 588 -55.15 -4.15 -9.94
C HIS A 588 -53.79 -4.47 -10.51
N LEU A 589 -53.64 -5.73 -10.90
CA LEU A 589 -52.40 -6.24 -11.44
C LEU A 589 -52.72 -7.37 -12.39
N GLN A 590 -52.07 -7.38 -13.54
CA GLN A 590 -52.25 -8.42 -14.54
C GLN A 590 -50.87 -8.83 -15.01
N ARG A 591 -50.62 -10.12 -15.06
CA ARG A 591 -49.39 -10.60 -15.65
C ARG A 591 -49.68 -11.89 -16.39
N THR A 592 -49.07 -12.04 -17.56
CA THR A 592 -49.21 -13.23 -18.38
C THR A 592 -47.92 -14.02 -18.42
N ASP A 593 -48.00 -15.29 -18.03
CA ASP A 593 -46.87 -16.21 -18.11
C ASP A 593 -47.15 -17.17 -19.25
N GLY A 594 -46.22 -17.23 -20.21
CA GLY A 594 -46.27 -18.12 -21.36
C GLY A 594 -47.53 -18.10 -22.18
N GLY A 595 -48.03 -16.91 -22.49
CA GLY A 595 -49.20 -16.71 -23.32
C GLY A 595 -50.46 -17.41 -22.86
N ASN A 596 -50.67 -17.50 -21.54
CA ASN A 596 -51.85 -18.17 -21.01
C ASN A 596 -53.15 -17.44 -21.34
N SER A 597 -54.22 -18.20 -21.44
CA SER A 597 -55.54 -17.64 -21.66
C SER A 597 -56.17 -17.31 -20.32
N LEU A 598 -57.29 -16.58 -20.38
CA LEU A 598 -58.07 -16.28 -19.19
C LEU A 598 -58.65 -17.52 -18.51
N LEU A 599 -58.65 -18.67 -19.17
CA LEU A 599 -59.10 -19.92 -18.56
C LEU A 599 -57.99 -20.65 -17.82
N SER A 600 -56.72 -20.19 -17.96
CA SER A 600 -55.49 -20.63 -17.30
C SER A 600 -55.42 -22.11 -16.95
N PRO A 601 -55.29 -23.00 -17.95
CA PRO A 601 -55.21 -24.44 -17.66
C PRO A 601 -54.07 -24.86 -16.73
N LYS A 602 -52.92 -24.21 -16.83
CA LYS A 602 -51.79 -24.61 -16.00
C LYS A 602 -51.81 -23.94 -14.64
N ASP A 603 -52.82 -23.10 -14.38
CA ASP A 603 -52.96 -22.30 -13.16
C ASP A 603 -51.78 -21.33 -12.98
N ASN A 604 -51.27 -20.80 -14.08
CA ASN A 604 -50.21 -19.81 -14.04
C ASN A 604 -50.76 -18.42 -14.35
N GLY A 605 -49.87 -17.46 -14.53
CA GLY A 605 -50.21 -16.06 -14.57
C GLY A 605 -50.74 -15.53 -13.24
N MET A 606 -51.28 -14.31 -13.30
CA MET A 606 -51.81 -13.65 -12.12
C MET A 606 -52.80 -12.57 -12.55
N LEU A 607 -53.93 -12.52 -11.87
CA LEU A 607 -54.95 -11.50 -12.11
C LEU A 607 -55.53 -11.04 -10.78
N ILE A 608 -55.40 -9.77 -10.47
CA ILE A 608 -55.95 -9.25 -9.23
C ILE A 608 -56.85 -8.09 -9.56
N VAL A 609 -58.08 -8.12 -9.05
CA VAL A 609 -59.13 -7.14 -9.31
C VAL A 609 -59.71 -6.75 -7.97
N ASP A 610 -59.68 -5.44 -7.68
CA ASP A 610 -60.19 -4.85 -6.44
C ASP A 610 -59.66 -5.56 -5.19
N GLY A 611 -58.37 -5.86 -5.20
CA GLY A 611 -57.80 -6.53 -4.05
C GLY A 611 -58.26 -7.95 -3.83
N LYS A 612 -58.70 -8.63 -4.87
CA LYS A 612 -59.17 -10.00 -4.73
C LYS A 612 -58.50 -10.84 -5.81
N VAL A 613 -57.96 -11.98 -5.42
CA VAL A 613 -57.25 -12.84 -6.37
C VAL A 613 -58.27 -13.60 -7.20
N MET A 614 -58.30 -13.32 -8.51
CA MET A 614 -59.16 -14.10 -9.38
C MET A 614 -58.57 -15.47 -9.69
N PHE A 615 -57.38 -15.52 -10.28
CA PHE A 615 -56.72 -16.81 -10.48
C PHE A 615 -55.22 -16.65 -10.34
N GLY A 616 -54.52 -17.77 -10.26
CA GLY A 616 -53.07 -17.75 -10.20
C GLY A 616 -52.45 -18.15 -8.90
N VAL A 617 -51.59 -19.19 -8.95
CA VAL A 617 -50.69 -19.47 -7.85
C VAL A 617 -49.81 -18.28 -7.54
N VAL A 618 -49.71 -17.94 -6.27
CA VAL A 618 -48.87 -16.86 -5.77
C VAL A 618 -47.50 -17.41 -5.44
N ASP A 619 -46.46 -16.99 -6.15
CA ASP A 619 -45.11 -17.50 -5.96
C ASP A 619 -44.14 -16.33 -6.06
N LYS A 620 -42.85 -16.65 -6.27
CA LYS A 620 -41.80 -15.63 -6.31
C LYS A 620 -42.04 -14.55 -7.36
N LYS A 621 -42.69 -14.89 -8.48
CA LYS A 621 -42.93 -13.88 -9.50
C LYS A 621 -43.93 -12.80 -9.05
N THR A 622 -44.76 -13.05 -8.05
CA THR A 622 -45.73 -12.06 -7.62
C THR A 622 -45.39 -11.38 -6.31
N VAL A 623 -44.96 -12.13 -5.29
CA VAL A 623 -44.72 -11.59 -3.96
C VAL A 623 -43.25 -11.60 -3.60
N GLY A 624 -42.40 -11.95 -4.54
CA GLY A 624 -40.97 -11.85 -4.35
C GLY A 624 -40.49 -10.42 -4.42
N SER A 625 -39.21 -10.21 -4.68
CA SER A 625 -38.69 -8.86 -4.70
C SER A 625 -38.59 -8.30 -6.09
N GLY A 626 -39.11 -9.02 -7.08
CA GLY A 626 -39.03 -8.56 -8.47
C GLY A 626 -39.78 -7.27 -8.71
N GLY A 627 -39.30 -6.54 -9.72
CA GLY A 627 -39.96 -5.32 -10.14
C GLY A 627 -41.36 -5.60 -10.68
N GLY A 628 -42.28 -4.67 -10.42
CA GLY A 628 -43.62 -4.84 -10.95
C GLY A 628 -44.48 -5.84 -10.23
N GLY A 629 -43.99 -6.46 -9.16
CA GLY A 629 -44.78 -7.40 -8.40
C GLY A 629 -45.77 -6.72 -7.48
N LEU A 630 -46.33 -7.52 -6.60
CA LEU A 630 -47.38 -7.07 -5.69
C LEU A 630 -46.92 -5.95 -4.77
N ILE A 631 -45.77 -6.15 -4.12
CA ILE A 631 -45.24 -5.18 -3.16
C ILE A 631 -44.99 -3.82 -3.80
N HIS A 632 -44.32 -3.80 -4.95
CA HIS A 632 -44.13 -2.56 -5.73
C HIS A 632 -45.45 -1.86 -6.02
N THR A 633 -46.49 -2.61 -6.33
CA THR A 633 -47.75 -2.02 -6.76
C THR A 633 -48.48 -1.35 -5.60
N VAL A 634 -48.54 -2.01 -4.45
CA VAL A 634 -49.20 -1.45 -3.27
C VAL A 634 -48.50 -0.17 -2.82
N MET A 635 -47.18 -0.13 -2.96
CA MET A 635 -46.38 1.05 -2.62
C MET A 635 -46.81 2.27 -3.44
N ARG A 636 -46.92 2.13 -4.77
CA ARG A 636 -47.36 3.23 -5.62
C ARG A 636 -48.80 3.65 -5.32
N GLU A 637 -49.68 2.71 -5.08
CA GLU A 637 -51.09 3.04 -4.94
C GLU A 637 -51.45 3.50 -3.54
N LYS A 638 -50.82 2.96 -2.52
CA LYS A 638 -51.23 3.24 -1.17
C LYS A 638 -50.21 3.93 -0.30
N GLY A 639 -48.94 4.00 -0.71
CA GLY A 639 -47.94 4.63 0.10
C GLY A 639 -47.25 3.68 1.05
N PRO A 640 -46.18 4.15 1.70
CA PRO A 640 -45.33 3.26 2.49
C PRO A 640 -45.99 2.67 3.73
N LYS A 641 -46.89 3.40 4.39
CA LYS A 641 -47.54 2.90 5.60
C LYS A 641 -48.36 1.65 5.35
N ILE A 642 -49.26 1.71 4.37
CA ILE A 642 -50.09 0.56 4.02
C ILE A 642 -49.24 -0.61 3.57
N CYS A 643 -48.25 -0.34 2.71
CA CYS A 643 -47.35 -1.35 2.19
C CYS A 643 -46.56 -2.06 3.27
N ALA A 644 -46.24 -1.37 4.36
CA ALA A 644 -45.56 -2.03 5.47
C ALA A 644 -46.49 -3.02 6.18
N GLU A 645 -47.76 -2.66 6.32
CA GLU A 645 -48.72 -3.61 6.87
C GLU A 645 -48.90 -4.85 5.98
N LEU A 646 -48.69 -4.71 4.66
CA LEU A 646 -48.88 -5.84 3.76
C LEU A 646 -47.97 -7.01 4.16
N PHE A 647 -46.69 -6.72 4.46
CA PHE A 647 -45.76 -7.76 4.90
C PHE A 647 -46.24 -8.45 6.16
N GLY A 648 -46.69 -7.68 7.15
CA GLY A 648 -47.13 -8.27 8.40
C GLY A 648 -48.38 -9.12 8.25
N ASN A 649 -49.35 -8.63 7.48
CA ASN A 649 -50.59 -9.36 7.26
C ASN A 649 -50.37 -10.71 6.58
N ILE A 650 -49.70 -10.71 5.42
CA ILE A 650 -49.38 -11.94 4.70
C ILE A 650 -48.64 -12.95 5.57
N GLN A 651 -47.63 -12.50 6.31
CA GLN A 651 -46.84 -13.40 7.15
C GLN A 651 -47.68 -14.08 8.22
N LYS A 652 -48.56 -13.33 8.88
CA LYS A 652 -49.30 -13.88 10.00
C LYS A 652 -50.32 -14.90 9.53
N VAL A 653 -50.93 -14.67 8.37
CA VAL A 653 -51.86 -15.65 7.81
C VAL A 653 -51.16 -16.92 7.39
N VAL A 654 -50.11 -16.79 6.58
CA VAL A 654 -49.46 -17.97 5.99
C VAL A 654 -48.80 -18.83 7.05
N ASN A 655 -48.09 -18.21 8.01
CA ASN A 655 -47.40 -19.02 9.03
C ASN A 655 -48.38 -19.77 9.90
N TYR A 656 -49.55 -19.19 10.17
CA TYR A 656 -50.59 -19.95 10.87
C TYR A 656 -51.05 -21.13 10.04
N TRP A 657 -51.49 -20.88 8.80
CA TRP A 657 -51.96 -21.95 7.93
C TRP A 657 -50.90 -23.01 7.73
N LEU A 658 -49.65 -22.60 7.54
CA LEU A 658 -48.57 -23.57 7.31
C LEU A 658 -48.29 -24.40 8.56
N LEU A 659 -48.49 -23.80 9.74
CA LEU A 659 -48.36 -24.52 11.00
C LEU A 659 -49.31 -25.71 11.07
N HIS A 660 -50.51 -25.57 10.51
CA HIS A 660 -51.48 -26.64 10.62
C HIS A 660 -51.49 -27.55 9.41
N ASN A 661 -50.84 -27.17 8.32
CA ASN A 661 -50.68 -28.10 7.22
C ASN A 661 -49.38 -28.87 7.42
N GLY A 662 -48.31 -28.22 7.85
CA GLY A 662 -47.05 -28.90 7.96
C GLY A 662 -46.29 -28.94 6.65
N PHE A 663 -44.98 -29.16 6.76
CA PHE A 663 -44.11 -29.32 5.60
C PHE A 663 -42.80 -29.90 6.07
N SER A 664 -42.23 -30.80 5.28
CA SER A 664 -40.99 -31.45 5.67
C SER A 664 -40.16 -31.76 4.43
N ILE A 665 -39.02 -32.40 4.66
CA ILE A 665 -38.22 -32.98 3.59
C ILE A 665 -37.46 -34.17 4.16
N GLY A 666 -37.29 -35.22 3.36
CA GLY A 666 -36.56 -36.37 3.82
C GLY A 666 -35.72 -36.97 2.72
N ILE A 667 -35.00 -38.05 3.06
CA ILE A 667 -34.13 -38.75 2.12
C ILE A 667 -34.92 -39.28 0.93
N GLY A 668 -36.20 -39.62 1.13
CA GLY A 668 -37.02 -40.13 0.04
C GLY A 668 -37.12 -39.17 -1.13
N ASP A 669 -37.12 -37.87 -0.83
CA ASP A 669 -37.32 -36.86 -1.84
C ASP A 669 -36.13 -36.66 -2.77
N ALA A 670 -34.99 -37.30 -2.53
CA ALA A 670 -33.88 -37.23 -3.45
C ALA A 670 -33.82 -38.43 -4.38
N ILE A 671 -34.73 -39.38 -4.22
CA ILE A 671 -34.61 -40.70 -4.84
C ILE A 671 -35.52 -40.77 -6.06
N ALA A 672 -34.93 -40.90 -7.23
CA ALA A 672 -35.72 -41.20 -8.42
C ALA A 672 -35.85 -42.71 -8.59
N ASP A 673 -36.97 -43.12 -9.18
CA ASP A 673 -37.31 -44.53 -9.30
C ASP A 673 -36.41 -45.23 -10.32
N ALA A 674 -36.46 -46.57 -10.26
CA ALA A 674 -35.55 -47.43 -11.03
C ALA A 674 -35.65 -47.24 -12.54
N SER A 675 -36.85 -46.94 -13.06
CA SER A 675 -36.99 -46.70 -14.49
C SER A 675 -36.24 -45.47 -14.94
N THR A 676 -36.38 -44.37 -14.20
CA THR A 676 -35.74 -43.10 -14.55
C THR A 676 -34.22 -43.18 -14.48
N MET A 677 -33.68 -43.95 -13.53
CA MET A 677 -32.23 -44.11 -13.42
C MET A 677 -31.62 -44.70 -14.67
N LYS A 678 -32.31 -45.65 -15.31
CA LYS A 678 -31.77 -46.25 -16.52
C LYS A 678 -31.73 -45.24 -17.66
N GLU A 679 -32.73 -44.37 -17.75
CA GLU A 679 -32.66 -43.22 -18.65
C GLU A 679 -31.46 -42.34 -18.29
N ILE A 680 -31.34 -42.00 -17.01
CA ILE A 680 -30.23 -41.17 -16.51
C ILE A 680 -28.89 -41.80 -16.86
N THR A 681 -28.74 -43.10 -16.60
CA THR A 681 -27.49 -43.82 -16.83
C THR A 681 -27.17 -43.91 -18.32
N HIS A 682 -28.20 -44.05 -19.15
CA HIS A 682 -27.99 -44.08 -20.60
C HIS A 682 -27.44 -42.76 -21.12
N ALA A 683 -28.04 -41.64 -20.74
CA ALA A 683 -27.58 -40.36 -21.25
C ALA A 683 -26.13 -40.06 -20.85
N ILE A 684 -25.71 -40.50 -19.66
CA ILE A 684 -24.31 -40.32 -19.28
C ILE A 684 -23.40 -41.29 -20.04
N SER A 685 -23.86 -42.54 -20.25
CA SER A 685 -23.10 -43.52 -21.02
C SER A 685 -22.88 -43.09 -22.46
N SER A 686 -23.91 -42.52 -23.09
CA SER A 686 -23.77 -42.07 -24.47
C SER A 686 -22.89 -40.84 -24.57
N ALA A 687 -22.90 -39.97 -23.56
CA ALA A 687 -21.99 -38.83 -23.55
C ALA A 687 -20.53 -39.23 -23.43
N LYS A 688 -20.22 -40.27 -22.64
CA LYS A 688 -18.85 -40.77 -22.60
C LYS A 688 -18.42 -41.33 -23.94
N GLU A 689 -19.34 -41.93 -24.71
CA GLU A 689 -18.96 -42.42 -26.03
C GLU A 689 -18.63 -41.27 -26.99
N GLN A 690 -19.44 -40.21 -27.00
CA GLN A 690 -19.16 -39.06 -27.86
C GLN A 690 -17.79 -38.44 -27.54
N VAL A 691 -17.41 -38.42 -26.25
CA VAL A 691 -16.10 -37.88 -25.85
C VAL A 691 -14.99 -38.79 -26.39
N GLN A 692 -15.22 -40.11 -26.42
CA GLN A 692 -14.29 -41.03 -27.06
C GLN A 692 -14.11 -40.71 -28.54
N GLU A 693 -15.22 -40.52 -29.25
CA GLU A 693 -15.19 -40.14 -30.66
C GLU A 693 -14.40 -38.85 -30.88
N ILE A 694 -14.57 -37.87 -30.00
CA ILE A 694 -13.84 -36.61 -30.15
C ILE A 694 -12.33 -36.83 -29.99
N ILE A 695 -11.94 -37.64 -29.01
CA ILE A 695 -10.53 -37.99 -28.82
C ILE A 695 -9.98 -38.71 -30.05
N TYR A 696 -10.75 -39.66 -30.60
CA TYR A 696 -10.36 -40.37 -31.82
C TYR A 696 -10.15 -39.41 -32.98
N LYS A 697 -11.11 -38.52 -33.23
CA LYS A 697 -11.01 -37.56 -34.32
C LYS A 697 -9.80 -36.64 -34.16
N ALA A 698 -9.63 -36.06 -32.96
CA ALA A 698 -8.51 -35.18 -32.72
C ALA A 698 -7.16 -35.88 -32.86
N GLN A 699 -7.09 -37.16 -32.53
CA GLN A 699 -5.83 -37.87 -32.65
C GLN A 699 -5.60 -38.43 -34.04
N HIS A 700 -6.64 -38.50 -34.87
CA HIS A 700 -6.49 -38.91 -36.25
C HIS A 700 -6.63 -37.77 -37.24
N ASN A 701 -6.48 -36.52 -36.76
CA ASN A 701 -6.52 -35.29 -37.57
C ASN A 701 -7.83 -35.15 -38.35
N GLU A 702 -8.94 -35.52 -37.72
CA GLU A 702 -10.23 -35.43 -38.39
C GLU A 702 -11.15 -34.47 -37.67
N LEU A 703 -10.60 -33.57 -36.85
CA LEU A 703 -11.40 -32.66 -36.05
C LEU A 703 -11.39 -31.26 -36.64
N GLU A 704 -12.57 -30.65 -36.70
CA GLU A 704 -12.74 -29.28 -37.15
C GLU A 704 -12.10 -28.32 -36.15
N LEU A 705 -11.31 -27.37 -36.66
CA LEU A 705 -10.70 -26.34 -35.84
C LEU A 705 -11.66 -25.16 -35.73
N LYS A 706 -11.89 -24.72 -34.49
CA LYS A 706 -12.74 -23.59 -34.19
C LYS A 706 -11.95 -22.30 -34.41
N PRO A 707 -12.60 -21.25 -34.94
CA PRO A 707 -11.88 -20.00 -35.25
C PRO A 707 -11.25 -19.36 -34.02
N GLY A 708 -10.00 -18.93 -34.18
CA GLY A 708 -9.28 -18.34 -33.07
C GLY A 708 -8.69 -19.32 -32.09
N MET A 709 -8.81 -20.61 -32.34
CA MET A 709 -8.38 -21.61 -31.38
C MET A 709 -7.43 -22.62 -32.01
N THR A 710 -6.41 -23.00 -31.23
CA THR A 710 -5.52 -24.09 -31.56
C THR A 710 -6.28 -25.41 -31.49
N LEU A 711 -5.62 -26.49 -31.91
CA LEU A 711 -6.24 -27.81 -31.82
C LEU A 711 -6.59 -28.18 -30.38
N ARG A 712 -5.66 -27.98 -29.44
CA ARG A 712 -5.91 -28.42 -28.07
C ARG A 712 -6.97 -27.59 -27.39
N GLU A 713 -7.01 -26.28 -27.67
CA GLU A 713 -8.11 -25.44 -27.19
C GLU A 713 -9.46 -25.90 -27.75
N SER A 714 -9.51 -26.11 -29.07
CA SER A 714 -10.74 -26.59 -29.70
C SER A 714 -11.18 -27.93 -29.15
N PHE A 715 -10.21 -28.84 -28.96
CA PHE A 715 -10.50 -30.14 -28.37
C PHE A 715 -11.09 -30.00 -26.98
N GLU A 716 -10.42 -29.24 -26.11
CA GLU A 716 -10.89 -29.01 -24.74
C GLU A 716 -12.24 -28.32 -24.72
N GLY A 717 -12.46 -27.39 -25.65
CA GLY A 717 -13.72 -26.68 -25.71
C GLY A 717 -14.91 -27.56 -26.06
N GLU A 718 -14.75 -28.42 -27.05
CA GLU A 718 -15.83 -29.31 -27.48
C GLU A 718 -16.21 -30.33 -26.40
N VAL A 719 -15.22 -30.90 -25.72
CA VAL A 719 -15.46 -31.85 -24.64
C VAL A 719 -16.24 -31.21 -23.49
N SER A 720 -15.91 -29.96 -23.13
CA SER A 720 -16.59 -29.28 -22.04
C SER A 720 -18.06 -29.02 -22.37
N ARG A 721 -18.34 -28.51 -23.57
CA ARG A 721 -19.72 -28.30 -24.01
C ARG A 721 -20.52 -29.60 -24.00
N THR A 722 -19.93 -30.72 -24.42
CA THR A 722 -20.64 -32.00 -24.42
C THR A 722 -21.02 -32.42 -23.00
N LEU A 723 -20.08 -32.32 -22.06
CA LEU A 723 -20.30 -32.82 -20.70
C LEU A 723 -21.28 -31.95 -19.91
N ASN A 724 -21.27 -30.63 -20.11
CA ASN A 724 -22.25 -29.80 -19.42
C ASN A 724 -23.65 -30.01 -19.98
N ASP A 725 -23.76 -30.25 -21.28
CA ASP A 725 -25.07 -30.54 -21.86
C ASP A 725 -25.57 -31.91 -21.44
N ALA A 726 -24.66 -32.86 -21.25
CA ALA A 726 -25.03 -34.19 -20.73
C ALA A 726 -25.66 -34.11 -19.34
N ARG A 727 -25.09 -33.29 -18.45
CA ARG A 727 -25.63 -33.22 -17.09
C ARG A 727 -26.99 -32.55 -17.09
N ASP A 728 -27.12 -31.43 -17.81
CA ASP A 728 -28.40 -30.74 -17.95
C ASP A 728 -29.46 -31.65 -18.53
N SER A 729 -29.10 -32.46 -19.54
CA SER A 729 -30.05 -33.40 -20.10
C SER A 729 -30.46 -34.43 -19.05
N ALA A 730 -29.49 -34.93 -18.28
CA ALA A 730 -29.79 -35.88 -17.22
C ALA A 730 -30.57 -35.22 -16.10
N GLY A 731 -30.25 -33.97 -15.78
CA GLY A 731 -31.00 -33.24 -14.78
C GLY A 731 -32.44 -33.00 -15.18
N ARG A 732 -32.68 -32.69 -16.45
CA ARG A 732 -34.02 -32.47 -16.96
C ARG A 732 -34.88 -33.72 -16.83
N SER A 733 -34.30 -34.89 -17.12
CA SER A 733 -35.01 -36.16 -16.97
C SER A 733 -35.39 -36.41 -15.51
N ALA A 734 -34.47 -36.19 -14.57
CA ALA A 734 -34.77 -36.38 -13.16
C ALA A 734 -35.84 -35.44 -12.65
N GLU A 735 -35.80 -34.18 -13.09
CA GLU A 735 -36.76 -33.16 -12.67
C GLU A 735 -38.19 -33.55 -13.07
N MET A 736 -38.39 -33.91 -14.34
CA MET A 736 -39.73 -34.18 -14.86
C MET A 736 -40.38 -35.39 -14.22
N ASN A 737 -39.60 -36.38 -13.80
CA ASN A 737 -40.15 -37.55 -13.13
C ASN A 737 -40.70 -37.24 -11.73
N LEU A 738 -40.29 -36.14 -11.11
CA LEU A 738 -40.72 -35.86 -9.75
C LEU A 738 -42.18 -35.45 -9.71
N LYS A 739 -42.93 -36.07 -8.81
CA LYS A 739 -44.35 -35.74 -8.71
C LYS A 739 -44.52 -34.37 -8.09
N ASP A 740 -45.71 -33.80 -8.29
CA ASP A 740 -46.08 -32.53 -7.65
C ASP A 740 -45.99 -32.56 -6.13
N LEU A 741 -46.26 -33.69 -5.49
CA LEU A 741 -46.21 -33.71 -4.04
C LEU A 741 -44.80 -33.78 -3.47
N ASN A 742 -43.80 -34.15 -4.28
CA ASN A 742 -42.41 -34.21 -3.85
C ASN A 742 -41.95 -32.88 -3.27
N ASN A 743 -41.39 -32.94 -2.07
CA ASN A 743 -41.08 -31.77 -1.28
C ASN A 743 -39.94 -30.93 -1.84
N VAL A 744 -38.92 -31.57 -2.43
CA VAL A 744 -37.87 -30.82 -3.12
C VAL A 744 -38.46 -29.99 -4.25
N LYS A 745 -39.37 -30.58 -5.03
CA LYS A 745 -40.01 -29.87 -6.14
C LYS A 745 -40.79 -28.67 -5.68
N GLN A 746 -41.43 -28.75 -4.51
CA GLN A 746 -42.22 -27.62 -4.04
C GLN A 746 -41.36 -26.41 -3.69
N MET A 747 -40.19 -26.62 -3.10
CA MET A 747 -39.32 -25.48 -2.82
C MET A 747 -38.71 -24.90 -4.09
N VAL A 748 -38.30 -25.74 -5.04
CA VAL A 748 -37.77 -25.22 -6.30
C VAL A 748 -38.85 -24.44 -7.05
N SER A 749 -40.08 -24.95 -7.05
CA SER A 749 -41.15 -24.29 -7.78
C SER A 749 -41.57 -22.99 -7.12
N ALA A 750 -41.54 -22.93 -5.78
CA ALA A 750 -41.84 -21.67 -5.12
C ALA A 750 -40.75 -20.63 -5.30
N GLY A 751 -39.53 -21.01 -5.62
CA GLY A 751 -38.49 -20.01 -5.60
C GLY A 751 -37.93 -19.64 -4.24
N SER A 752 -38.21 -20.42 -3.21
CA SER A 752 -37.81 -20.00 -1.87
C SER A 752 -36.40 -20.40 -1.49
N LYS A 753 -35.86 -21.43 -2.14
CA LYS A 753 -34.50 -21.91 -1.96
C LYS A 753 -34.28 -22.98 -3.01
N GLY A 754 -33.10 -23.00 -3.60
CA GLY A 754 -32.81 -24.06 -4.54
C GLY A 754 -33.20 -23.68 -5.95
N SER A 755 -32.69 -24.44 -6.90
CA SER A 755 -32.93 -24.21 -8.32
C SER A 755 -32.76 -25.55 -9.02
N PHE A 756 -32.98 -25.54 -10.34
CA PHE A 756 -32.93 -26.73 -11.19
C PHE A 756 -31.68 -27.55 -10.95
N ILE A 757 -30.50 -26.88 -10.96
CA ILE A 757 -29.21 -27.54 -10.83
C ILE A 757 -29.10 -28.33 -9.52
N ASN A 758 -29.83 -27.92 -8.48
CA ASN A 758 -29.76 -28.62 -7.20
C ASN A 758 -30.49 -29.95 -7.24
N ILE A 759 -31.63 -30.02 -7.93
CA ILE A 759 -32.30 -31.29 -8.17
C ILE A 759 -31.37 -32.21 -8.96
N ALA A 760 -30.76 -31.66 -10.00
CA ALA A 760 -29.84 -32.40 -10.87
C ALA A 760 -28.70 -33.02 -10.07
N GLN A 761 -28.05 -32.23 -9.20
CA GLN A 761 -26.86 -32.73 -8.52
C GLN A 761 -27.19 -33.68 -7.38
N MET A 762 -28.33 -33.52 -6.72
CA MET A 762 -28.66 -34.47 -5.66
C MET A 762 -29.09 -35.81 -6.21
N SER A 763 -29.76 -35.83 -7.35
CA SER A 763 -30.45 -37.02 -7.80
C SER A 763 -29.84 -37.67 -9.02
N ALA A 764 -29.21 -36.92 -9.92
CA ALA A 764 -28.81 -37.47 -11.21
C ALA A 764 -27.30 -37.52 -11.40
N CYS A 765 -26.60 -36.38 -11.31
CA CYS A 765 -25.21 -36.30 -11.73
C CYS A 765 -24.60 -34.98 -11.29
N VAL A 766 -23.53 -35.03 -10.49
CA VAL A 766 -22.87 -33.83 -10.00
C VAL A 766 -22.24 -33.04 -11.15
N GLY A 767 -21.60 -33.73 -12.08
CA GLY A 767 -21.15 -33.12 -13.30
C GLY A 767 -19.70 -32.66 -13.25
N GLN A 768 -19.35 -31.83 -14.22
CA GLN A 768 -17.96 -31.48 -14.46
C GLN A 768 -17.42 -30.54 -13.39
N GLN A 769 -16.24 -30.87 -12.88
CA GLN A 769 -15.53 -30.04 -11.91
C GLN A 769 -14.55 -29.15 -12.66
N MET A 770 -14.54 -27.86 -12.34
CA MET A 770 -13.71 -26.89 -13.02
C MET A 770 -12.74 -26.25 -12.05
N VAL A 771 -11.52 -25.98 -12.52
CA VAL A 771 -10.54 -25.19 -11.78
C VAL A 771 -9.91 -24.20 -12.75
N GLU A 772 -9.93 -22.92 -12.36
CA GLU A 772 -9.38 -21.80 -13.15
C GLU A 772 -9.99 -21.76 -14.55
N GLY A 773 -11.28 -22.07 -14.64
CA GLY A 773 -11.98 -22.07 -15.90
C GLY A 773 -11.66 -23.24 -16.81
N LYS A 774 -10.82 -24.18 -16.40
CA LYS A 774 -10.41 -25.29 -17.24
C LYS A 774 -10.67 -26.58 -16.49
N ARG A 775 -10.64 -27.71 -17.21
CA ARG A 775 -10.69 -29.00 -16.56
C ARG A 775 -9.44 -29.22 -15.71
N ILE A 776 -9.51 -30.25 -14.86
CA ILE A 776 -8.45 -30.56 -13.89
C ILE A 776 -7.11 -30.76 -14.58
N ALA A 777 -6.09 -30.10 -14.07
CA ALA A 777 -4.81 -30.08 -14.75
C ALA A 777 -3.98 -31.30 -14.36
N PHE A 778 -2.98 -31.59 -15.20
CA PHE A 778 -2.05 -32.68 -14.97
C PHE A 778 -1.00 -32.21 -13.97
N GLY A 779 -1.36 -32.24 -12.68
CA GLY A 779 -0.41 -31.85 -11.65
C GLY A 779 0.65 -32.88 -11.35
N PHE A 780 0.37 -34.14 -11.60
CA PHE A 780 1.42 -35.12 -11.75
C PHE A 780 1.86 -35.10 -13.21
N ALA A 781 3.01 -35.73 -13.48
CA ALA A 781 3.53 -35.77 -14.84
C ALA A 781 2.59 -36.54 -15.76
N ASP A 782 1.91 -35.82 -16.66
CA ASP A 782 0.99 -36.35 -17.67
C ASP A 782 -0.19 -37.13 -17.11
N ARG A 783 -0.59 -36.93 -15.86
CA ARG A 783 -1.79 -37.57 -15.33
C ARG A 783 -2.30 -36.76 -14.14
N SER A 784 -3.57 -36.95 -13.84
CA SER A 784 -4.20 -36.18 -12.77
C SER A 784 -4.03 -36.80 -11.40
N LEU A 785 -3.92 -38.12 -11.32
CA LEU A 785 -3.76 -38.83 -10.06
C LEU A 785 -2.92 -40.05 -10.37
N PRO A 786 -2.16 -40.58 -9.40
CA PRO A 786 -1.39 -41.79 -9.67
C PRO A 786 -2.21 -43.06 -9.87
N HIS A 787 -3.53 -43.01 -9.84
CA HIS A 787 -4.32 -44.20 -10.10
C HIS A 787 -4.70 -44.34 -11.55
N PHE A 788 -4.25 -43.42 -12.41
CA PHE A 788 -4.53 -43.48 -13.83
C PHE A 788 -3.22 -43.62 -14.59
N THR A 789 -3.29 -44.19 -15.79
CA THR A 789 -2.17 -44.17 -16.71
C THR A 789 -1.98 -42.80 -17.33
N LYS A 790 -0.78 -42.55 -17.85
CA LYS A 790 -0.48 -41.28 -18.49
C LYS A 790 -1.28 -41.09 -19.78
N ASP A 791 -1.38 -39.81 -20.18
CA ASP A 791 -2.01 -39.36 -21.42
C ASP A 791 -3.44 -39.89 -21.57
N ASP A 792 -4.19 -39.83 -20.48
CA ASP A 792 -5.58 -40.27 -20.44
C ASP A 792 -6.48 -39.04 -20.36
N PHE A 793 -7.20 -38.74 -21.45
CA PHE A 793 -8.06 -37.57 -21.52
C PHE A 793 -9.55 -37.90 -21.40
N SER A 794 -9.88 -39.11 -20.93
CA SER A 794 -11.26 -39.55 -20.78
C SER A 794 -12.00 -38.70 -19.73
N PRO A 795 -13.34 -38.75 -19.70
CA PRO A 795 -14.08 -38.05 -18.62
C PRO A 795 -13.66 -38.34 -17.19
N GLU A 796 -13.46 -39.60 -16.80
CA GLU A 796 -13.18 -39.91 -15.41
C GLU A 796 -11.80 -39.42 -15.00
N SER A 797 -10.89 -39.27 -15.97
CA SER A 797 -9.52 -38.90 -15.69
C SER A 797 -9.37 -37.42 -15.37
N LYS A 798 -10.21 -36.56 -15.93
CA LYS A 798 -10.01 -35.13 -15.80
C LYS A 798 -11.18 -34.47 -15.09
N GLY A 799 -11.83 -35.20 -14.20
CA GLY A 799 -12.68 -34.60 -13.19
C GLY A 799 -14.17 -34.67 -13.40
N PHE A 800 -14.66 -35.56 -14.24
CA PHE A 800 -16.10 -35.71 -14.38
C PHE A 800 -16.59 -36.61 -13.25
N VAL A 801 -17.48 -36.09 -12.43
CA VAL A 801 -18.04 -36.81 -11.29
C VAL A 801 -19.35 -37.40 -11.79
N GLU A 802 -19.35 -38.69 -12.07
CA GLU A 802 -20.52 -39.32 -12.64
C GLU A 802 -21.65 -39.54 -11.64
N ASN A 803 -21.31 -39.90 -10.41
CA ASN A 803 -22.30 -40.20 -9.40
C ASN A 803 -22.98 -38.95 -8.87
N SER A 804 -24.17 -39.14 -8.32
CA SER A 804 -24.87 -38.12 -7.58
C SER A 804 -24.43 -38.14 -6.12
N TYR A 805 -24.74 -37.06 -5.39
CA TYR A 805 -24.46 -37.04 -3.96
C TYR A 805 -25.21 -38.11 -3.19
N LEU A 806 -26.40 -38.45 -3.66
CA LEU A 806 -27.19 -39.55 -3.10
C LEU A 806 -26.47 -40.88 -3.22
N ARG A 807 -26.00 -41.20 -4.43
CA ARG A 807 -25.30 -42.44 -4.71
C ARG A 807 -24.00 -42.54 -3.94
N GLY A 808 -23.31 -41.42 -3.79
CA GLY A 808 -22.02 -41.34 -3.15
C GLY A 808 -20.91 -41.27 -4.16
N LEU A 809 -19.88 -40.51 -3.83
CA LEU A 809 -18.80 -40.30 -4.77
C LEU A 809 -17.72 -41.36 -4.56
N THR A 810 -17.05 -41.72 -5.64
CA THR A 810 -15.91 -42.61 -5.52
C THR A 810 -14.71 -41.83 -4.99
N PRO A 811 -13.68 -42.52 -4.49
CA PRO A 811 -12.48 -41.81 -4.02
C PRO A 811 -11.77 -40.89 -5.01
N GLN A 812 -11.69 -41.27 -6.29
CA GLN A 812 -11.05 -40.38 -7.27
C GLN A 812 -11.86 -39.11 -7.44
N GLU A 813 -13.16 -39.27 -7.72
CA GLU A 813 -14.11 -38.19 -7.86
C GLU A 813 -14.11 -37.26 -6.65
N PHE A 814 -14.06 -37.83 -5.44
CA PHE A 814 -14.04 -37.07 -4.19
C PHE A 814 -12.94 -36.02 -4.15
N PHE A 815 -11.72 -36.40 -4.49
CA PHE A 815 -10.61 -35.46 -4.42
C PHE A 815 -10.81 -34.34 -5.43
N PHE A 816 -11.22 -34.69 -6.66
CA PHE A 816 -11.44 -33.67 -7.69
C PHE A 816 -12.52 -32.70 -7.25
N HIS A 817 -13.56 -33.21 -6.60
CA HIS A 817 -14.61 -32.34 -6.09
C HIS A 817 -14.06 -31.41 -5.01
N ALA A 818 -13.12 -31.91 -4.20
CA ALA A 818 -12.53 -31.07 -3.18
C ALA A 818 -11.60 -30.02 -3.77
N MET A 819 -10.99 -30.29 -4.93
CA MET A 819 -10.20 -29.26 -5.61
C MET A 819 -11.06 -28.12 -6.11
N ALA A 820 -12.14 -28.42 -6.81
CA ALA A 820 -13.06 -27.38 -7.26
C ALA A 820 -13.65 -26.62 -6.09
N GLY A 821 -14.00 -27.33 -5.02
CA GLY A 821 -14.60 -26.67 -3.87
C GLY A 821 -13.65 -25.71 -3.18
N ARG A 822 -12.39 -26.12 -3.02
CA ARG A 822 -11.37 -25.26 -2.44
C ARG A 822 -11.22 -23.95 -3.19
N GLU A 823 -11.19 -24.01 -4.53
CA GLU A 823 -11.06 -22.81 -5.36
C GLU A 823 -12.17 -21.81 -5.08
N GLY A 824 -13.38 -22.29 -4.79
CA GLY A 824 -14.46 -21.38 -4.46
C GLY A 824 -14.27 -20.68 -3.13
N LEU A 825 -13.75 -21.39 -2.13
CA LEU A 825 -13.49 -20.75 -0.85
C LEU A 825 -12.35 -19.75 -0.95
N ILE A 826 -11.32 -20.06 -1.74
CA ILE A 826 -10.22 -19.13 -1.95
C ILE A 826 -10.70 -17.88 -2.69
N ASP A 827 -11.47 -18.08 -3.77
CA ASP A 827 -11.98 -16.98 -4.59
C ASP A 827 -12.81 -16.01 -3.75
N THR A 828 -13.79 -16.53 -3.01
CA THR A 828 -14.64 -15.70 -2.15
C THR A 828 -13.81 -14.93 -1.14
N ALA A 829 -12.79 -15.58 -0.58
CA ALA A 829 -11.96 -14.97 0.45
C ALA A 829 -11.01 -13.93 -0.15
N VAL A 830 -10.59 -14.13 -1.39
CA VAL A 830 -9.59 -13.27 -2.00
C VAL A 830 -10.37 -12.09 -2.58
N LYS A 831 -11.23 -12.35 -3.57
CA LYS A 831 -11.88 -11.29 -4.33
C LYS A 831 -12.84 -10.42 -3.51
N THR A 832 -13.11 -10.74 -2.25
CA THR A 832 -13.92 -9.84 -1.44
C THR A 832 -13.15 -8.57 -1.13
N ALA A 833 -11.83 -8.66 -0.96
CA ALA A 833 -11.01 -7.48 -0.72
C ALA A 833 -10.75 -6.69 -1.99
N GLU A 834 -10.77 -7.35 -3.14
CA GLU A 834 -10.65 -6.66 -4.41
C GLU A 834 -11.81 -5.70 -4.61
N THR A 835 -13.03 -6.18 -4.40
CA THR A 835 -14.21 -5.35 -4.58
C THR A 835 -14.39 -4.38 -3.44
N GLY A 836 -13.84 -4.68 -2.27
CA GLY A 836 -13.94 -3.77 -1.16
C GLY A 836 -13.13 -2.52 -1.41
N TYR A 837 -11.94 -2.69 -1.99
CA TYR A 837 -11.13 -1.56 -2.42
C TYR A 837 -11.80 -0.75 -3.52
N ILE A 838 -12.46 -1.42 -4.48
CA ILE A 838 -13.20 -0.74 -5.54
C ILE A 838 -14.25 0.19 -4.96
N GLN A 839 -15.02 -0.29 -3.98
CA GLN A 839 -16.09 0.54 -3.44
C GLN A 839 -15.55 1.74 -2.70
N ARG A 840 -14.45 1.57 -1.96
CA ARG A 840 -13.84 2.70 -1.26
C ARG A 840 -13.40 3.82 -2.20
N ARG A 841 -12.70 3.49 -3.31
CA ARG A 841 -12.31 4.55 -4.24
C ARG A 841 -13.50 5.24 -4.90
N LEU A 842 -14.53 4.47 -5.28
CA LEU A 842 -15.75 5.05 -5.84
C LEU A 842 -16.42 6.05 -4.91
N VAL A 843 -16.52 5.73 -3.62
CA VAL A 843 -17.21 6.62 -2.69
C VAL A 843 -16.46 7.93 -2.54
N LYS A 844 -15.14 7.88 -2.38
CA LYS A 844 -14.35 9.10 -2.25
C LYS A 844 -14.37 9.94 -3.51
N ALA A 845 -14.43 9.30 -4.68
CA ALA A 845 -14.56 10.06 -5.92
C ALA A 845 -15.87 10.84 -5.99
N LEU A 846 -16.94 10.32 -5.39
CA LEU A 846 -18.26 10.86 -5.67
C LEU A 846 -18.98 11.48 -4.49
N GLU A 847 -18.39 11.44 -3.28
CA GLU A 847 -19.12 11.73 -2.04
C GLU A 847 -19.69 13.14 -1.98
N ASP A 848 -19.02 14.12 -2.57
CA ASP A 848 -19.40 15.53 -2.49
C ASP A 848 -20.38 15.99 -3.56
N ILE A 849 -20.98 15.10 -4.32
CA ILE A 849 -21.80 15.47 -5.46
C ILE A 849 -23.26 15.58 -5.04
N MET A 850 -23.88 16.74 -5.27
CA MET A 850 -25.18 17.03 -4.70
C MET A 850 -26.02 17.69 -5.77
N VAL A 851 -27.32 17.44 -5.73
CA VAL A 851 -28.30 18.15 -6.54
C VAL A 851 -28.63 19.48 -5.89
N HIS A 852 -28.53 20.55 -6.65
CA HIS A 852 -28.81 21.88 -6.12
C HIS A 852 -30.20 22.30 -6.56
N TYR A 853 -30.66 23.41 -5.99
CA TYR A 853 -32.03 23.86 -6.23
C TYR A 853 -32.32 24.34 -7.64
N ASP A 854 -31.32 24.57 -8.47
CA ASP A 854 -31.59 24.89 -9.87
C ASP A 854 -31.64 23.67 -10.77
N GLY A 855 -31.62 22.48 -10.18
CA GLY A 855 -31.61 21.26 -10.95
C GLY A 855 -30.26 20.79 -11.40
N THR A 856 -29.22 21.61 -11.31
CA THR A 856 -27.92 21.17 -11.75
C THR A 856 -27.34 20.18 -10.75
N THR A 857 -26.41 19.36 -11.22
CA THR A 857 -25.65 18.43 -10.38
C THR A 857 -24.22 18.91 -10.24
N ARG A 858 -23.80 19.22 -9.02
CA ARG A 858 -22.51 19.87 -8.85
C ARG A 858 -21.73 19.23 -7.71
N ASN A 859 -20.42 19.43 -7.75
CA ASN A 859 -19.57 19.01 -6.64
C ASN A 859 -19.37 20.18 -5.69
N SER A 860 -18.44 20.05 -4.75
CA SER A 860 -18.22 21.08 -3.75
C SER A 860 -17.56 22.33 -4.30
N LEU A 861 -16.92 22.24 -5.46
CA LEU A 861 -16.37 23.42 -6.09
C LEU A 861 -17.41 24.18 -6.91
N GLY A 862 -18.62 23.67 -7.01
CA GLY A 862 -19.57 24.28 -7.91
C GLY A 862 -19.34 23.98 -9.37
N ASP A 863 -18.47 23.03 -9.70
CA ASP A 863 -18.36 22.59 -11.08
C ASP A 863 -19.64 21.88 -11.46
N ILE A 864 -20.13 22.14 -12.67
CA ILE A 864 -21.30 21.42 -13.18
C ILE A 864 -20.88 20.06 -13.69
N ILE A 865 -21.45 18.99 -13.13
CA ILE A 865 -21.22 17.67 -13.70
C ILE A 865 -22.31 17.28 -14.69
N GLN A 866 -23.57 17.56 -14.39
CA GLN A 866 -24.68 17.44 -15.33
C GLN A 866 -25.57 18.65 -15.17
N PHE A 867 -26.05 19.20 -16.28
CA PHE A 867 -26.96 20.33 -16.20
C PHE A 867 -28.32 19.96 -15.64
N LEU A 868 -28.69 18.68 -15.69
CA LEU A 868 -29.94 18.25 -15.09
C LEU A 868 -29.74 16.81 -14.71
N TYR A 869 -30.06 16.47 -13.45
CA TYR A 869 -29.75 15.15 -12.90
C TYR A 869 -30.43 14.02 -13.65
N GLY A 870 -29.62 13.06 -14.08
CA GLY A 870 -30.11 11.92 -14.82
C GLY A 870 -30.68 12.22 -16.17
N GLU A 871 -30.49 13.44 -16.66
CA GLU A 871 -31.07 14.03 -17.86
C GLU A 871 -32.60 14.09 -17.84
N ASP A 872 -33.26 13.74 -16.73
CA ASP A 872 -34.70 13.82 -16.65
C ASP A 872 -35.25 14.47 -15.38
N GLY A 873 -34.40 14.83 -14.43
CA GLY A 873 -34.88 15.41 -13.20
C GLY A 873 -35.62 14.47 -12.27
N LEU A 874 -35.51 13.15 -12.45
CA LEU A 874 -36.35 12.21 -11.73
C LEU A 874 -35.58 11.50 -10.63
N ASP A 875 -36.33 11.02 -9.64
CA ASP A 875 -35.77 10.21 -8.57
C ASP A 875 -35.84 8.75 -8.99
N GLY A 876 -34.75 8.02 -8.79
CA GLY A 876 -34.65 6.62 -9.18
C GLY A 876 -35.71 5.68 -8.61
N THR A 877 -36.26 5.99 -7.45
CA THR A 877 -37.29 5.12 -6.89
C THR A 877 -38.65 5.24 -7.55
N GLN A 878 -38.83 6.15 -8.51
CA GLN A 878 -40.16 6.53 -8.96
C GLN A 878 -40.43 6.16 -10.41
N VAL A 879 -39.62 5.33 -11.02
CA VAL A 879 -39.80 4.98 -12.42
C VAL A 879 -40.05 3.48 -12.54
N GLU A 880 -40.75 3.09 -13.60
CA GLU A 880 -41.07 1.70 -13.88
C GLU A 880 -41.04 1.46 -15.37
N ARG A 881 -40.73 0.21 -15.77
CA ARG A 881 -40.73 -0.12 -17.20
C ARG A 881 -42.13 0.02 -17.75
N GLN A 882 -42.27 0.81 -18.81
CA GLN A 882 -43.54 1.00 -19.48
C GLN A 882 -43.31 0.90 -20.98
N THR A 883 -44.31 0.42 -21.71
CA THR A 883 -44.19 0.35 -23.16
C THR A 883 -44.72 1.60 -23.82
N ILE A 884 -43.97 2.10 -24.80
CA ILE A 884 -44.30 3.31 -25.55
C ILE A 884 -44.92 2.86 -26.87
N ASP A 885 -46.24 2.97 -27.00
CA ASP A 885 -46.95 2.15 -27.98
C ASP A 885 -46.82 2.67 -29.41
N THR A 886 -46.19 3.81 -29.65
CA THR A 886 -46.01 4.25 -31.01
C THR A 886 -44.76 3.68 -31.66
N ILE A 887 -43.99 2.87 -30.96
CA ILE A 887 -42.76 2.35 -31.55
C ILE A 887 -42.95 1.04 -32.31
N PRO A 888 -43.56 -0.03 -31.78
CA PRO A 888 -43.61 -1.28 -32.55
C PRO A 888 -44.74 -1.25 -33.58
N GLY A 889 -44.82 -2.31 -34.35
CA GLY A 889 -45.90 -2.54 -35.30
C GLY A 889 -45.63 -1.91 -36.65
N SER A 890 -46.40 -2.38 -37.64
CA SER A 890 -46.37 -1.81 -38.98
C SER A 890 -47.18 -0.53 -39.04
N ASP A 891 -46.89 0.27 -40.07
CA ASP A 891 -47.66 1.47 -40.38
C ASP A 891 -49.16 1.20 -40.54
N LYS A 892 -49.50 0.04 -41.08
CA LYS A 892 -50.90 -0.32 -41.26
C LYS A 892 -51.59 -0.54 -39.92
N ALA A 893 -50.97 -1.35 -39.05
CA ALA A 893 -51.53 -1.60 -37.72
C ALA A 893 -51.60 -0.32 -36.90
N PHE A 894 -50.56 0.52 -37.03
CA PHE A 894 -50.54 1.86 -36.46
C PHE A 894 -51.74 2.68 -36.91
N HIS A 895 -51.93 2.77 -38.23
CA HIS A 895 -53.02 3.56 -38.80
C HIS A 895 -54.38 3.06 -38.35
N LYS A 896 -54.54 1.73 -38.27
CA LYS A 896 -55.78 1.12 -37.83
C LYS A 896 -56.14 1.56 -36.41
N ARG A 897 -55.12 1.72 -35.56
CA ARG A 897 -55.31 2.02 -34.14
C ARG A 897 -55.57 3.50 -33.87
N TYR A 898 -54.96 4.40 -34.63
CA TYR A 898 -54.92 5.83 -34.29
C TYR A 898 -55.76 6.75 -35.17
N TYR A 899 -56.03 6.38 -36.41
CA TYR A 899 -56.68 7.27 -37.37
C TYR A 899 -58.19 7.36 -37.24
N VAL A 900 -58.70 8.58 -37.32
CA VAL A 900 -60.13 8.83 -37.32
C VAL A 900 -60.46 9.55 -38.61
N ASP A 901 -61.40 9.00 -39.36
CA ASP A 901 -61.83 9.55 -40.64
C ASP A 901 -63.28 10.01 -40.50
N LEU A 902 -63.48 11.33 -40.45
CA LEU A 902 -64.87 11.80 -40.34
C LEU A 902 -65.61 11.78 -41.67
N MET A 903 -64.98 11.34 -42.76
CA MET A 903 -65.65 11.23 -44.05
C MET A 903 -66.07 9.80 -44.34
N ASP A 904 -65.09 8.90 -44.48
CA ASP A 904 -65.37 7.47 -44.65
C ASP A 904 -65.99 6.95 -43.37
N GLU A 905 -67.27 6.60 -43.44
CA GLU A 905 -68.05 6.22 -42.26
C GLU A 905 -67.55 4.94 -41.57
N LYS A 906 -67.10 3.97 -42.35
CA LYS A 906 -66.64 2.69 -41.79
C LYS A 906 -65.23 2.75 -41.22
N ASN A 907 -64.54 3.87 -41.33
CA ASN A 907 -63.25 4.06 -40.68
C ASN A 907 -63.33 5.17 -39.64
N SER A 908 -64.52 5.50 -39.19
CA SER A 908 -64.75 6.47 -38.14
C SER A 908 -64.93 5.78 -36.81
N ILE A 909 -65.30 6.57 -35.80
CA ILE A 909 -65.55 6.04 -34.47
C ILE A 909 -66.91 5.36 -34.47
N LYS A 910 -66.99 4.21 -33.79
CA LYS A 910 -68.23 3.44 -33.71
C LYS A 910 -69.34 4.28 -33.07
N PRO A 911 -70.58 4.18 -33.55
CA PRO A 911 -71.65 5.07 -33.06
C PRO A 911 -72.15 4.77 -31.67
N ASP A 912 -72.01 3.54 -31.18
CA ASP A 912 -72.56 3.19 -29.89
C ASP A 912 -71.74 3.66 -28.70
N VAL A 913 -70.53 4.18 -28.92
CA VAL A 913 -69.73 4.68 -27.80
C VAL A 913 -69.85 6.18 -27.56
N ILE A 914 -70.51 6.93 -28.44
CA ILE A 914 -70.71 8.36 -28.24
C ILE A 914 -72.18 8.72 -28.45
N GLU A 915 -72.62 9.77 -27.77
CA GLU A 915 -73.99 10.26 -27.95
C GLU A 915 -74.11 11.18 -29.16
N TYR A 916 -73.13 12.06 -29.34
CA TYR A 916 -73.10 13.09 -30.37
C TYR A 916 -72.71 12.58 -31.75
N ALA A 917 -72.90 11.28 -32.01
CA ALA A 917 -72.41 10.61 -33.21
C ALA A 917 -72.92 11.25 -34.49
N ALA A 918 -74.14 11.80 -34.47
CA ALA A 918 -74.71 12.43 -35.65
C ALA A 918 -73.91 13.65 -36.08
N ASP A 919 -73.59 14.56 -35.14
CA ASP A 919 -72.90 15.80 -35.50
C ASP A 919 -71.41 15.62 -35.81
N ILE A 920 -70.97 14.39 -36.06
CA ILE A 920 -69.56 14.07 -36.25
C ILE A 920 -69.18 13.98 -37.71
N LEU A 921 -69.87 13.11 -38.47
CA LEU A 921 -69.46 12.79 -39.83
C LEU A 921 -69.56 14.01 -40.74
N GLY A 922 -68.50 14.24 -41.50
CA GLY A 922 -68.48 15.28 -42.51
C GLY A 922 -67.82 16.56 -42.05
N ASP A 923 -67.78 16.81 -40.73
CA ASP A 923 -67.25 18.02 -40.12
C ASP A 923 -65.77 18.18 -40.44
N VAL A 924 -65.48 19.07 -41.39
CA VAL A 924 -64.10 19.33 -41.81
C VAL A 924 -63.34 20.09 -40.74
N GLU A 925 -64.03 20.92 -39.96
CA GLU A 925 -63.36 21.69 -38.91
C GLU A 925 -62.87 20.81 -37.76
N LEU A 926 -63.64 19.78 -37.41
CA LEU A 926 -63.18 18.82 -36.42
C LEU A 926 -62.10 17.90 -36.99
N GLN A 927 -62.11 17.67 -38.30
CA GLN A 927 -61.08 16.88 -38.96
C GLN A 927 -59.72 17.59 -38.98
N LYS A 928 -59.69 18.92 -38.89
CA LYS A 928 -58.41 19.61 -38.86
C LYS A 928 -57.64 19.33 -37.57
N GLU A 929 -58.35 19.23 -36.45
CA GLU A 929 -57.70 18.84 -35.20
C GLU A 929 -57.15 17.42 -35.27
N LEU A 930 -58.01 16.46 -35.62
CA LEU A 930 -57.63 15.05 -35.71
C LEU A 930 -56.51 14.82 -36.71
N ASN A 931 -56.43 15.64 -37.76
CA ASN A 931 -55.29 15.51 -38.66
C ASN A 931 -54.02 15.99 -37.97
N SER A 932 -54.11 17.10 -37.23
CA SER A 932 -52.97 17.63 -36.48
C SER A 932 -52.56 16.68 -35.37
N GLU A 933 -53.52 15.98 -34.77
CA GLU A 933 -53.19 14.94 -33.80
C GLU A 933 -52.36 13.84 -34.45
N TYR A 934 -52.86 13.28 -35.55
CA TYR A 934 -52.17 12.17 -36.20
C TYR A 934 -50.82 12.61 -36.75
N GLU A 935 -50.71 13.85 -37.21
CA GLU A 935 -49.43 14.36 -37.70
C GLU A 935 -48.43 14.46 -36.58
N GLN A 936 -48.88 14.87 -35.39
CA GLN A 936 -48.04 14.90 -34.21
C GLN A 936 -47.52 13.51 -33.87
N LEU A 937 -48.42 12.52 -33.88
CA LEU A 937 -48.05 11.13 -33.62
C LEU A 937 -47.08 10.59 -34.67
N VAL A 938 -47.15 11.07 -35.91
CA VAL A 938 -46.23 10.61 -36.94
C VAL A 938 -44.83 11.16 -36.70
N SER A 939 -44.72 12.45 -36.35
CA SER A 939 -43.45 13.03 -35.93
C SER A 939 -42.77 12.25 -34.80
N ASP A 940 -43.51 11.97 -33.72
CA ASP A 940 -42.97 11.21 -32.59
C ASP A 940 -42.41 9.85 -33.01
N ARG A 941 -43.23 9.04 -33.71
CA ARG A 941 -42.80 7.73 -34.16
C ARG A 941 -41.57 7.80 -35.04
N LYS A 942 -41.48 8.82 -35.89
CA LYS A 942 -40.33 8.95 -36.76
C LYS A 942 -39.09 9.37 -35.98
N PHE A 943 -39.25 10.35 -35.08
CA PHE A 943 -38.17 10.78 -34.19
C PHE A 943 -37.66 9.63 -33.30
N LEU A 944 -38.56 8.89 -32.66
CA LEU A 944 -38.14 7.84 -31.73
C LEU A 944 -37.52 6.64 -32.43
N ARG A 945 -37.98 6.30 -33.61
CA ARG A 945 -37.50 5.09 -34.25
C ARG A 945 -36.18 5.33 -34.98
N GLU A 946 -35.90 6.56 -35.38
CA GLU A 946 -34.70 6.82 -36.17
C GLU A 946 -33.57 7.46 -35.40
N ILE A 947 -33.85 8.06 -34.24
CA ILE A 947 -32.86 8.81 -33.47
C ILE A 947 -32.69 8.22 -32.07
N VAL A 948 -33.79 8.03 -31.36
CA VAL A 948 -33.71 7.64 -29.94
C VAL A 948 -33.48 6.13 -29.80
N PHE A 949 -34.36 5.30 -30.35
CA PHE A 949 -34.35 3.87 -30.06
C PHE A 949 -34.23 3.11 -31.38
N VAL A 950 -33.00 3.11 -31.92
CA VAL A 950 -32.73 2.56 -33.24
C VAL A 950 -33.01 1.07 -33.30
N ASN A 951 -32.69 0.34 -32.25
CA ASN A 951 -32.90 -1.11 -32.25
C ASN A 951 -34.34 -1.55 -32.03
N GLY A 952 -35.28 -0.65 -31.84
CA GLY A 952 -36.67 -1.02 -31.74
C GLY A 952 -37.19 -1.38 -30.38
N ASP A 953 -36.36 -1.32 -29.34
CA ASP A 953 -36.83 -1.58 -27.99
C ASP A 953 -37.84 -0.54 -27.58
N HIS A 954 -38.98 -0.97 -27.09
CA HIS A 954 -40.07 -0.06 -26.82
C HIS A 954 -40.53 -0.12 -25.39
N ASN A 955 -39.88 -0.95 -24.58
CA ASN A 955 -40.14 -1.06 -23.16
C ASN A 955 -38.97 -0.40 -22.44
N TRP A 956 -39.25 0.64 -21.66
CA TRP A 956 -38.20 1.47 -21.07
C TRP A 956 -38.62 2.03 -19.73
N PRO A 957 -37.69 2.21 -18.80
CA PRO A 957 -38.00 2.89 -17.54
C PRO A 957 -38.44 4.32 -17.82
N LEU A 958 -39.61 4.66 -17.28
CA LEU A 958 -40.25 5.95 -17.43
C LEU A 958 -41.05 6.27 -16.17
N PRO A 959 -41.31 7.54 -15.91
CA PRO A 959 -42.05 7.93 -14.71
C PRO A 959 -43.53 7.59 -14.89
N VAL A 960 -44.26 7.73 -13.77
CA VAL A 960 -45.70 7.56 -13.56
C VAL A 960 -46.47 6.78 -14.62
N ASN A 961 -46.75 5.53 -14.24
CA ASN A 961 -47.34 4.47 -15.05
C ASN A 961 -48.81 4.72 -15.32
N LEU A 962 -49.07 5.05 -16.58
CA LEU A 962 -50.38 5.47 -17.03
C LEU A 962 -51.37 4.32 -17.07
N ARG A 963 -50.90 3.11 -17.41
CA ARG A 963 -51.76 1.93 -17.44
C ARG A 963 -52.45 1.68 -16.10
N ARG A 964 -51.72 1.85 -14.99
CA ARG A 964 -52.35 1.62 -13.70
C ARG A 964 -53.32 2.74 -13.35
N ILE A 965 -52.99 3.99 -13.72
CA ILE A 965 -53.86 5.13 -13.40
C ILE A 965 -55.19 5.01 -14.12
N ILE A 966 -55.19 4.50 -15.36
CA ILE A 966 -56.41 4.41 -16.13
C ILE A 966 -57.32 3.33 -15.54
N GLN A 967 -56.77 2.15 -15.27
CA GLN A 967 -57.60 1.07 -14.76
C GLN A 967 -58.09 1.34 -13.33
N ASN A 968 -57.46 2.26 -12.59
CA ASN A 968 -58.05 2.71 -11.33
C ASN A 968 -59.23 3.62 -11.59
N ALA A 969 -59.14 4.45 -12.63
CA ALA A 969 -60.23 5.35 -12.99
C ALA A 969 -61.43 4.53 -13.44
N GLN A 970 -61.17 3.42 -14.11
CA GLN A 970 -62.22 2.50 -14.51
C GLN A 970 -62.93 1.89 -13.30
N GLN A 971 -62.23 1.73 -12.18
CA GLN A 971 -62.90 1.16 -11.01
C GLN A 971 -63.69 2.19 -10.21
N ILE A 972 -63.14 3.38 -9.98
CA ILE A 972 -63.81 4.39 -9.15
C ILE A 972 -65.13 4.80 -9.77
N PHE A 973 -65.15 5.02 -11.07
CA PHE A 973 -66.34 5.52 -11.72
C PHE A 973 -67.13 4.42 -12.41
N HIS A 974 -66.81 3.14 -12.15
CA HIS A 974 -67.53 1.98 -12.70
C HIS A 974 -67.59 2.10 -14.22
N LEU A 975 -66.42 2.31 -14.81
CA LEU A 975 -66.40 2.44 -16.26
C LEU A 975 -66.60 1.22 -17.15
N ASP A 976 -67.37 0.25 -16.67
CA ASP A 976 -68.05 -0.72 -17.53
C ASP A 976 -69.19 0.08 -18.21
N ARG A 977 -70.02 -0.60 -19.00
CA ARG A 977 -71.13 0.05 -19.68
C ARG A 977 -70.89 0.20 -21.17
N ALA A 978 -71.95 0.00 -21.95
CA ALA A 978 -72.01 0.46 -23.32
C ALA A 978 -72.66 1.83 -23.41
N LYS A 979 -73.05 2.37 -22.27
CA LYS A 979 -73.68 3.68 -22.21
C LYS A 979 -72.83 4.74 -22.92
N ALA A 980 -73.20 5.04 -24.16
CA ALA A 980 -72.48 6.02 -24.94
C ALA A 980 -71.98 7.17 -24.07
N SER A 981 -70.76 7.60 -24.35
CA SER A 981 -70.06 8.64 -23.59
C SER A 981 -70.46 10.03 -24.04
N ASP A 982 -70.57 10.93 -23.06
CA ASP A 982 -70.81 12.34 -23.27
C ASP A 982 -69.54 13.17 -23.38
N LEU A 983 -68.39 12.54 -23.65
CA LEU A 983 -67.11 13.24 -23.63
C LEU A 983 -66.81 13.66 -25.07
N THR A 984 -66.81 14.96 -25.32
CA THR A 984 -66.66 15.44 -26.69
C THR A 984 -65.22 15.42 -27.16
N ILE A 985 -65.07 15.37 -28.49
CA ILE A 985 -63.75 15.26 -29.10
C ILE A 985 -62.84 16.47 -28.84
N PRO A 986 -63.28 17.75 -29.01
CA PRO A 986 -62.37 18.87 -28.69
C PRO A 986 -61.90 18.91 -27.25
N GLU A 987 -62.68 18.39 -26.31
CA GLU A 987 -62.22 18.31 -24.93
C GLU A 987 -61.01 17.39 -24.80
N ILE A 988 -61.00 16.29 -25.56
CA ILE A 988 -59.88 15.34 -25.50
C ILE A 988 -58.61 15.96 -26.07
N ILE A 989 -58.67 16.47 -27.29
CA ILE A 989 -57.47 16.95 -27.98
C ILE A 989 -56.87 18.16 -27.28
N HIS A 990 -57.72 19.09 -26.86
CA HIS A 990 -57.22 20.27 -26.16
C HIS A 990 -56.81 19.93 -24.73
N GLY A 991 -57.53 19.01 -24.08
CA GLY A 991 -57.13 18.56 -22.76
C GLY A 991 -55.72 18.00 -22.69
N VAL A 992 -55.41 17.04 -23.57
CA VAL A 992 -54.09 16.41 -23.58
C VAL A 992 -52.99 17.38 -23.95
N ARG A 993 -53.23 18.24 -24.95
CA ARG A 993 -52.22 19.19 -25.39
C ARG A 993 -51.91 20.24 -24.32
N ASP A 994 -52.92 20.65 -23.56
CA ASP A 994 -52.69 21.60 -22.46
C ASP A 994 -51.96 20.96 -21.29
N LEU A 995 -52.17 19.66 -21.07
CA LEU A 995 -51.47 18.93 -20.03
C LEU A 995 -49.95 19.00 -20.19
N CYS A 996 -49.45 18.81 -21.42
CA CYS A 996 -48.01 18.76 -21.67
C CYS A 996 -47.29 20.07 -21.43
N LYS A 997 -48.00 21.15 -21.15
CA LYS A 997 -47.38 22.42 -20.78
C LYS A 997 -47.34 22.64 -19.28
N LYS A 998 -47.95 21.75 -18.48
CA LYS A 998 -47.98 21.89 -17.04
C LYS A 998 -47.08 20.88 -16.33
N LEU A 999 -46.25 20.15 -17.05
CA LEU A 999 -45.37 19.15 -16.44
C LEU A 999 -44.04 19.82 -16.07
N PHE A 1000 -44.11 20.68 -15.06
CA PHE A 1000 -43.02 21.60 -14.74
C PHE A 1000 -41.89 20.85 -14.06
N VAL A 1001 -40.74 20.77 -14.72
CA VAL A 1001 -39.51 20.40 -14.06
C VAL A 1001 -38.77 21.64 -13.56
N LEU A 1002 -38.67 22.67 -14.40
CA LEU A 1002 -38.00 23.91 -14.07
C LEU A 1002 -38.95 25.07 -14.29
N ARG A 1003 -39.03 25.98 -13.32
CA ARG A 1003 -39.92 27.11 -13.42
C ARG A 1003 -39.11 28.38 -13.68
N GLY A 1004 -39.77 29.34 -14.33
CA GLY A 1004 -39.10 30.56 -14.76
C GLY A 1004 -39.50 30.76 -16.21
N GLU A 1005 -39.49 32.03 -16.63
CA GLU A 1005 -39.89 32.40 -17.98
C GLU A 1005 -38.76 32.59 -18.97
N ASN A 1006 -37.50 32.54 -18.52
CA ASN A 1006 -36.34 32.67 -19.42
C ASN A 1006 -36.43 31.67 -20.57
N GLU A 1007 -36.06 32.17 -21.75
CA GLU A 1007 -36.14 31.42 -23.01
C GLU A 1007 -35.36 30.11 -22.96
N LEU A 1008 -34.20 30.12 -22.31
CA LEU A 1008 -33.38 28.91 -22.21
C LEU A 1008 -34.03 27.87 -21.31
N ILE A 1009 -34.72 28.32 -20.25
CA ILE A 1009 -35.39 27.41 -19.34
C ILE A 1009 -36.51 26.67 -20.05
N LYS A 1010 -37.33 27.38 -20.82
CA LYS A 1010 -38.44 26.76 -21.54
C LYS A 1010 -37.94 25.70 -22.53
N GLU A 1011 -36.81 25.96 -23.18
CA GLU A 1011 -36.25 24.95 -24.06
C GLU A 1011 -35.78 23.74 -23.24
N ALA A 1012 -35.09 24.00 -22.13
CA ALA A 1012 -34.66 22.93 -21.25
C ALA A 1012 -35.83 22.16 -20.64
N GLN A 1013 -36.89 22.88 -20.27
CA GLN A 1013 -38.07 22.23 -19.70
C GLN A 1013 -38.75 21.33 -20.72
N GLN A 1014 -38.77 21.77 -21.98
CA GLN A 1014 -39.38 20.99 -23.04
C GLN A 1014 -38.53 19.77 -23.38
N ASN A 1015 -37.21 19.94 -23.37
CA ASN A 1015 -36.30 18.83 -23.63
C ASN A 1015 -36.37 17.73 -22.57
N ALA A 1016 -36.43 18.13 -21.29
CA ALA A 1016 -36.47 17.18 -20.18
C ALA A 1016 -37.64 16.21 -20.25
N THR A 1017 -38.78 16.65 -20.77
CA THR A 1017 -40.00 15.85 -20.77
C THR A 1017 -40.37 15.36 -22.15
N SER A 1018 -39.46 15.44 -23.13
CA SER A 1018 -39.77 15.04 -24.51
C SER A 1018 -40.22 13.60 -24.58
N LEU A 1019 -39.46 12.69 -23.97
CA LEU A 1019 -39.81 11.26 -24.05
C LEU A 1019 -41.12 10.97 -23.34
N PHE A 1020 -41.33 11.58 -22.17
CA PHE A 1020 -42.55 11.35 -21.42
C PHE A 1020 -43.80 11.88 -22.12
N GLN A 1021 -43.72 13.06 -22.76
CA GLN A 1021 -44.85 13.57 -23.53
C GLN A 1021 -45.27 12.61 -24.63
N CYS A 1022 -44.31 12.04 -25.35
CA CYS A 1022 -44.61 11.03 -26.37
C CYS A 1022 -45.34 9.84 -25.77
N LEU A 1023 -44.92 9.41 -24.58
CA LEU A 1023 -45.59 8.31 -23.89
C LEU A 1023 -47.05 8.62 -23.58
N VAL A 1024 -47.32 9.84 -23.10
CA VAL A 1024 -48.68 10.23 -22.76
C VAL A 1024 -49.55 10.27 -24.00
N ARG A 1025 -49.09 11.00 -25.04
CA ARG A 1025 -49.83 11.12 -26.29
C ARG A 1025 -50.10 9.76 -26.92
N ALA A 1026 -49.18 8.81 -26.77
CA ALA A 1026 -49.38 7.48 -27.32
C ALA A 1026 -50.49 6.70 -26.62
N ARG A 1027 -50.82 7.07 -25.39
CA ARG A 1027 -51.90 6.43 -24.64
C ARG A 1027 -53.21 7.20 -24.75
N LEU A 1028 -53.16 8.51 -24.53
CA LEU A 1028 -54.36 9.34 -24.56
C LEU A 1028 -54.64 9.85 -25.96
N ALA A 1029 -54.69 8.89 -26.89
CA ALA A 1029 -55.10 9.11 -28.27
C ALA A 1029 -56.61 8.91 -28.35
N THR A 1030 -57.24 9.71 -29.22
CA THR A 1030 -58.70 9.81 -29.36
C THR A 1030 -59.40 8.45 -29.42
N ARG A 1031 -58.96 7.55 -30.29
CA ARG A 1031 -59.64 6.26 -30.40
C ARG A 1031 -59.53 5.44 -29.11
N ARG A 1032 -58.37 5.46 -28.48
CA ARG A 1032 -58.17 4.66 -27.28
C ARG A 1032 -58.97 5.19 -26.10
N ILE A 1033 -59.06 6.52 -25.96
CA ILE A 1033 -59.82 7.10 -24.85
C ILE A 1033 -61.28 6.71 -24.98
N LEU A 1034 -61.79 6.66 -26.21
CA LEU A 1034 -63.21 6.45 -26.43
C LEU A 1034 -63.58 4.99 -26.62
N GLU A 1035 -62.82 4.24 -27.43
CA GLU A 1035 -63.16 2.84 -27.66
C GLU A 1035 -62.65 1.91 -26.56
N GLU A 1036 -61.40 2.09 -26.16
CA GLU A 1036 -60.75 1.11 -25.29
C GLU A 1036 -60.94 1.40 -23.81
N PHE A 1037 -60.57 2.59 -23.36
CA PHE A 1037 -60.70 2.90 -21.95
C PHE A 1037 -62.10 3.37 -21.58
N ARG A 1038 -62.82 4.00 -22.52
CA ARG A 1038 -64.22 4.41 -22.34
C ARG A 1038 -64.41 5.41 -21.19
N LEU A 1039 -63.62 6.45 -21.17
CA LEU A 1039 -63.74 7.43 -20.11
C LEU A 1039 -64.91 8.37 -20.38
N ASN A 1040 -65.53 8.84 -19.30
CA ASN A 1040 -66.54 9.88 -19.37
C ASN A 1040 -65.93 11.23 -19.01
N ARG A 1041 -66.79 12.22 -18.81
CA ARG A 1041 -66.31 13.57 -18.50
C ARG A 1041 -65.67 13.64 -17.12
N ASP A 1042 -66.33 13.05 -16.11
CA ASP A 1042 -65.81 13.06 -14.74
C ASP A 1042 -64.47 12.35 -14.61
N ALA A 1043 -64.37 11.16 -15.20
CA ALA A 1043 -63.15 10.37 -15.08
C ALA A 1043 -61.98 10.96 -15.84
N PHE A 1044 -62.21 11.50 -17.04
CA PHE A 1044 -61.09 12.01 -17.84
C PHE A 1044 -60.42 13.22 -17.20
N GLU A 1045 -61.22 14.14 -16.64
CA GLU A 1045 -60.64 15.29 -15.95
C GLU A 1045 -59.86 14.86 -14.73
N TRP A 1046 -60.31 13.79 -14.08
CA TRP A 1046 -59.61 13.23 -12.94
C TRP A 1046 -58.27 12.63 -13.37
N VAL A 1047 -58.24 11.87 -14.48
CA VAL A 1047 -57.01 11.30 -15.01
C VAL A 1047 -55.96 12.36 -15.30
N LEU A 1048 -56.34 13.48 -15.91
CA LEU A 1048 -55.40 14.58 -16.17
C LEU A 1048 -54.82 15.14 -14.87
N GLY A 1049 -55.68 15.36 -13.89
CA GLY A 1049 -55.22 15.89 -12.61
C GLY A 1049 -54.26 14.96 -11.90
N THR A 1050 -54.52 13.66 -11.97
CA THR A 1050 -53.65 12.69 -11.30
C THR A 1050 -52.27 12.62 -11.93
N ILE A 1051 -52.20 12.55 -13.26
CA ILE A 1051 -50.93 12.54 -13.99
C ILE A 1051 -50.11 13.77 -13.61
N GLU A 1052 -50.77 14.93 -13.62
CA GLU A 1052 -50.12 16.19 -13.28
C GLU A 1052 -49.58 16.18 -11.86
N ALA A 1053 -50.36 15.66 -10.92
CA ALA A 1053 -49.92 15.63 -9.53
C ALA A 1053 -48.79 14.62 -9.32
N GLN A 1054 -48.91 13.43 -9.90
CA GLN A 1054 -47.90 12.40 -9.67
C GLN A 1054 -46.59 12.67 -10.38
N PHE A 1055 -46.61 13.40 -11.50
CA PHE A 1055 -45.34 13.72 -12.14
C PHE A 1055 -44.51 14.66 -11.28
N GLN A 1056 -45.14 15.66 -10.68
CA GLN A 1056 -44.44 16.55 -9.75
C GLN A 1056 -43.81 15.77 -8.62
N ARG A 1057 -44.56 14.84 -8.03
CA ARG A 1057 -44.10 14.01 -6.93
C ARG A 1057 -42.94 13.10 -7.29
N SER A 1058 -42.65 12.91 -8.57
CA SER A 1058 -41.62 11.99 -9.03
C SER A 1058 -40.31 12.71 -9.33
N LEU A 1059 -40.28 14.03 -9.21
CA LEU A 1059 -39.04 14.78 -9.38
C LEU A 1059 -38.10 14.49 -8.23
N VAL A 1060 -36.80 14.42 -8.52
CA VAL A 1060 -35.81 14.25 -7.48
C VAL A 1060 -35.82 15.48 -6.57
N HIS A 1061 -35.51 15.25 -5.33
CA HIS A 1061 -35.57 16.35 -4.39
C HIS A 1061 -34.22 17.00 -4.26
N PRO A 1062 -34.14 18.32 -4.37
CA PRO A 1062 -32.89 19.04 -4.11
C PRO A 1062 -32.30 18.72 -2.74
N GLY A 1063 -30.99 18.59 -2.70
CA GLY A 1063 -30.28 18.13 -1.54
C GLY A 1063 -29.89 16.67 -1.56
N GLU A 1064 -30.42 15.91 -2.50
CA GLU A 1064 -30.19 14.46 -2.54
C GLU A 1064 -28.74 14.19 -2.92
N MET A 1065 -28.05 13.40 -2.10
CA MET A 1065 -26.64 13.10 -2.35
C MET A 1065 -26.54 11.97 -3.36
N VAL A 1066 -26.77 12.32 -4.62
CA VAL A 1066 -26.83 11.34 -5.69
C VAL A 1066 -25.47 10.73 -6.00
N GLY A 1067 -24.40 11.39 -5.59
CA GLY A 1067 -23.06 10.89 -5.75
C GLY A 1067 -22.82 9.59 -5.02
N VAL A 1068 -23.08 9.59 -3.71
CA VAL A 1068 -22.88 8.42 -2.87
C VAL A 1068 -23.79 7.28 -3.31
N ILE A 1069 -25.03 7.62 -3.68
CA ILE A 1069 -26.00 6.61 -4.15
C ILE A 1069 -25.48 5.91 -5.39
N ALA A 1070 -24.91 6.68 -6.32
CA ALA A 1070 -24.27 6.12 -7.50
C ALA A 1070 -23.12 5.18 -7.14
N ALA A 1071 -22.30 5.58 -6.17
CA ALA A 1071 -21.15 4.76 -5.80
C ALA A 1071 -21.57 3.41 -5.24
N GLN A 1072 -22.58 3.41 -4.37
CA GLN A 1072 -23.06 2.16 -3.79
C GLN A 1072 -23.80 1.31 -4.81
N SER A 1073 -24.59 1.94 -5.69
CA SER A 1073 -25.35 1.21 -6.71
C SER A 1073 -24.45 0.45 -7.68
N ILE A 1074 -23.27 0.96 -7.98
CA ILE A 1074 -22.35 0.25 -8.86
C ILE A 1074 -21.51 -0.76 -8.10
N GLY A 1075 -21.10 -0.45 -6.88
CA GLY A 1075 -20.18 -1.31 -6.17
C GLY A 1075 -20.80 -2.56 -5.61
N GLU A 1076 -22.02 -2.45 -5.07
CA GLU A 1076 -22.73 -3.59 -4.50
C GLU A 1076 -22.90 -4.78 -5.44
N PRO A 1077 -23.33 -4.65 -6.72
CA PRO A 1077 -23.40 -5.85 -7.58
C PRO A 1077 -22.05 -6.49 -7.83
N ALA A 1078 -21.01 -5.67 -7.96
CA ALA A 1078 -19.64 -6.17 -8.12
C ALA A 1078 -19.22 -7.08 -6.98
N THR A 1079 -19.71 -6.83 -5.76
CA THR A 1079 -19.36 -7.64 -4.59
C THR A 1079 -19.98 -9.04 -4.63
N GLN A 1080 -20.72 -9.40 -5.67
CA GLN A 1080 -21.42 -10.69 -5.76
C GLN A 1080 -21.32 -11.21 -7.17
N MET A 1081 -20.19 -10.95 -7.83
CA MET A 1081 -20.05 -11.28 -9.24
C MET A 1081 -18.64 -11.73 -9.58
N ASN A 1095 -13.87 -14.44 -26.41
CA ASN A 1095 -13.15 -14.57 -25.16
C ASN A 1095 -12.68 -13.20 -24.70
N VAL A 1096 -13.60 -12.44 -24.09
CA VAL A 1096 -13.27 -11.13 -23.57
C VAL A 1096 -13.24 -11.19 -22.05
N THR A 1097 -12.43 -10.30 -21.46
CA THR A 1097 -12.33 -10.18 -20.02
C THR A 1097 -13.63 -9.63 -19.45
N LEU A 1098 -14.12 -10.22 -18.37
CA LEU A 1098 -15.35 -9.74 -17.75
C LEU A 1098 -15.13 -9.70 -16.23
N GLY A 1099 -16.20 -9.48 -15.51
CA GLY A 1099 -16.25 -9.39 -14.06
C GLY A 1099 -15.30 -8.37 -13.49
N VAL A 1100 -14.88 -8.63 -12.24
CA VAL A 1100 -14.01 -7.68 -11.52
C VAL A 1100 -12.71 -7.29 -12.25
N PRO A 1101 -11.95 -8.20 -12.88
CA PRO A 1101 -10.73 -7.73 -13.58
C PRO A 1101 -10.98 -6.74 -14.70
N ARG A 1102 -12.10 -6.86 -15.41
CA ARG A 1102 -12.41 -5.91 -16.45
C ARG A 1102 -12.83 -4.56 -15.87
N LEU A 1103 -13.72 -4.60 -14.86
CA LEU A 1103 -14.11 -3.41 -14.10
C LEU A 1103 -12.91 -2.62 -13.58
N LYS A 1104 -11.89 -3.32 -13.12
CA LYS A 1104 -10.70 -2.70 -12.59
C LYS A 1104 -9.94 -1.91 -13.65
N GLU A 1105 -9.82 -2.47 -14.86
CA GLU A 1105 -9.22 -1.78 -16.01
C GLU A 1105 -9.88 -0.45 -16.32
N ILE A 1106 -11.20 -0.37 -16.19
CA ILE A 1106 -11.93 0.85 -16.51
C ILE A 1106 -11.61 1.96 -15.52
N LEU A 1107 -11.81 1.70 -14.22
CA LEU A 1107 -11.66 2.74 -13.20
C LEU A 1107 -10.22 3.26 -13.13
N ASN A 1108 -9.27 2.38 -13.33
CA ASN A 1108 -7.81 2.54 -13.35
C ASN A 1108 -7.28 3.09 -14.66
N VAL A 1109 -8.19 3.42 -15.61
CA VAL A 1109 -8.03 3.75 -17.03
C VAL A 1109 -6.62 3.45 -17.53
N ALA A 1110 -6.38 2.15 -17.56
CA ALA A 1110 -5.15 1.53 -18.00
C ALA A 1110 -4.92 1.77 -19.47
N LYS A 1111 -3.67 2.02 -19.83
CA LYS A 1111 -3.33 2.37 -21.19
C LYS A 1111 -3.24 1.11 -22.05
N ASN A 1112 -2.91 -0.01 -21.43
CA ASN A 1112 -2.74 -1.30 -22.09
C ASN A 1112 -3.66 -2.31 -21.42
N ILE A 1113 -4.86 -2.50 -21.99
CA ILE A 1113 -5.86 -3.39 -21.42
C ILE A 1113 -5.48 -4.81 -21.84
N LYS A 1114 -6.11 -5.80 -21.22
CA LYS A 1114 -5.68 -7.17 -21.41
C LYS A 1114 -6.20 -7.74 -22.73
N THR A 1115 -7.41 -7.37 -23.14
CA THR A 1115 -8.01 -7.91 -24.37
C THR A 1115 -8.48 -6.76 -25.28
N PRO A 1116 -7.56 -6.07 -25.94
CA PRO A 1116 -7.98 -5.03 -26.90
C PRO A 1116 -8.67 -5.64 -28.10
N ALA A 1117 -9.75 -5.01 -28.53
CA ALA A 1117 -10.57 -5.58 -29.60
C ALA A 1117 -11.34 -4.49 -30.33
N LEU A 1118 -11.46 -4.62 -31.64
CA LEU A 1118 -12.23 -3.70 -32.47
C LEU A 1118 -13.47 -4.42 -32.97
N THR A 1119 -14.58 -3.69 -33.06
CA THR A 1119 -15.77 -4.19 -33.71
C THR A 1119 -15.94 -3.45 -35.02
N VAL A 1120 -15.75 -4.15 -36.14
CA VAL A 1120 -15.67 -3.50 -37.43
C VAL A 1120 -16.89 -3.81 -38.27
N TYR A 1121 -17.90 -2.96 -38.22
CA TYR A 1121 -19.05 -3.09 -39.11
C TYR A 1121 -18.69 -2.73 -40.54
N LEU A 1122 -19.36 -3.39 -41.48
CA LEU A 1122 -19.07 -3.26 -42.90
C LEU A 1122 -20.27 -2.58 -43.57
N ASP A 1123 -19.99 -1.92 -44.70
CA ASP A 1123 -21.05 -1.36 -45.54
C ASP A 1123 -22.07 -2.42 -45.95
N ARG A 1124 -23.32 -1.99 -46.09
CA ARG A 1124 -24.47 -2.88 -46.23
C ARG A 1124 -24.34 -3.82 -47.43
N GLU A 1125 -23.95 -3.28 -48.59
CA GLU A 1125 -23.81 -4.05 -49.81
C GLU A 1125 -22.78 -5.18 -49.67
N ILE A 1126 -21.73 -4.94 -48.88
CA ILE A 1126 -20.70 -5.92 -48.61
C ILE A 1126 -21.11 -6.89 -47.51
N ALA A 1127 -21.87 -6.41 -46.53
CA ALA A 1127 -22.22 -7.18 -45.34
C ALA A 1127 -23.15 -8.35 -45.62
N LEU A 1128 -23.86 -8.35 -46.73
CA LEU A 1128 -24.74 -9.46 -47.07
C LEU A 1128 -24.15 -10.32 -48.20
N ASP A 1129 -22.85 -10.24 -48.43
CA ASP A 1129 -22.16 -11.04 -49.44
C ASP A 1129 -20.85 -11.52 -48.84
N ILE A 1130 -20.84 -12.78 -48.40
CA ILE A 1130 -19.72 -13.37 -47.67
C ILE A 1130 -18.43 -13.36 -48.48
N GLU A 1131 -18.51 -13.46 -49.81
CA GLU A 1131 -17.31 -13.47 -50.65
C GLU A 1131 -16.60 -12.12 -50.61
N LYS A 1132 -17.35 -11.03 -50.66
CA LYS A 1132 -16.75 -9.71 -50.61
C LYS A 1132 -16.17 -9.42 -49.23
N ALA A 1133 -16.82 -9.93 -48.18
CA ALA A 1133 -16.35 -9.74 -46.82
C ALA A 1133 -15.00 -10.43 -46.59
N LYS A 1134 -14.80 -11.60 -47.18
CA LYS A 1134 -13.51 -12.28 -47.08
C LYS A 1134 -12.39 -11.47 -47.71
N VAL A 1135 -12.71 -10.72 -48.77
CA VAL A 1135 -11.72 -9.85 -49.41
C VAL A 1135 -11.26 -8.77 -48.44
N ILE A 1136 -12.23 -8.15 -47.74
CA ILE A 1136 -11.94 -7.16 -46.71
C ILE A 1136 -11.09 -7.77 -45.60
N GLN A 1137 -11.41 -9.01 -45.21
CA GLN A 1137 -10.66 -9.72 -44.17
C GLN A 1137 -9.17 -9.78 -44.46
N SER A 1138 -8.80 -10.25 -45.65
CA SER A 1138 -7.40 -10.44 -45.98
C SER A 1138 -6.64 -9.12 -46.11
N SER A 1139 -7.32 -8.01 -46.39
CA SER A 1139 -6.63 -6.73 -46.53
C SER A 1139 -6.34 -6.10 -45.18
N ILE A 1140 -7.11 -6.42 -44.16
CA ILE A 1140 -6.95 -5.81 -42.85
C ILE A 1140 -5.91 -6.55 -42.01
N GLU A 1141 -5.85 -7.87 -42.19
CA GLU A 1141 -5.02 -8.73 -41.36
C GLU A 1141 -3.54 -8.52 -41.63
N TYR A 1142 -2.79 -8.34 -40.55
CA TYR A 1142 -1.36 -8.08 -40.65
C TYR A 1142 -0.64 -9.38 -40.98
N THR A 1143 0.17 -9.36 -42.02
CA THR A 1143 0.99 -10.50 -42.37
C THR A 1143 2.40 -10.02 -42.57
N THR A 1144 3.32 -10.55 -41.77
CA THR A 1144 4.72 -10.22 -41.98
C THR A 1144 5.37 -11.28 -42.84
N LEU A 1145 6.62 -11.01 -43.20
CA LEU A 1145 7.40 -11.99 -43.94
C LEU A 1145 7.71 -13.18 -43.05
N LYS A 1146 7.98 -12.90 -41.77
CA LYS A 1146 8.20 -13.93 -40.76
C LYS A 1146 7.02 -14.89 -40.62
N ASN A 1147 5.80 -14.42 -40.88
CA ASN A 1147 4.61 -15.26 -40.74
C ASN A 1147 4.56 -16.36 -41.78
N VAL A 1148 5.10 -16.10 -42.97
CA VAL A 1148 5.00 -17.04 -44.08
C VAL A 1148 6.29 -17.78 -44.34
N THR A 1149 7.36 -17.45 -43.63
CA THR A 1149 8.66 -18.07 -43.87
C THR A 1149 8.77 -19.33 -43.04
N SER A 1150 9.16 -20.43 -43.68
CA SER A 1150 9.42 -21.70 -43.01
C SER A 1150 10.88 -21.90 -42.62
N ALA A 1151 11.82 -21.47 -43.47
CA ALA A 1151 13.24 -21.66 -43.18
C ALA A 1151 14.08 -20.65 -43.94
N THR A 1152 15.22 -20.30 -43.35
CA THR A 1152 16.23 -19.44 -43.95
C THR A 1152 17.55 -20.20 -43.97
N GLU A 1153 18.37 -19.92 -44.99
CA GLU A 1153 19.65 -20.59 -45.14
C GLU A 1153 20.71 -19.60 -45.59
N ILE A 1154 21.98 -19.91 -45.28
CA ILE A 1154 23.11 -19.10 -45.69
C ILE A 1154 24.13 -19.98 -46.39
N TYR A 1155 24.28 -19.81 -47.70
CA TYR A 1155 25.26 -20.59 -48.45
C TYR A 1155 26.49 -19.77 -48.83
N TYR A 1156 27.56 -20.49 -49.15
CA TYR A 1156 28.73 -19.97 -49.85
C TYR A 1156 28.60 -20.35 -51.33
N ASP A 1157 28.06 -19.44 -52.15
CA ASP A 1157 27.88 -19.69 -53.58
C ASP A 1157 28.78 -18.79 -54.41
N PRO A 1158 30.03 -19.17 -54.65
CA PRO A 1158 31.03 -18.21 -55.15
C PRO A 1158 30.83 -17.77 -56.59
N ASP A 1159 30.26 -18.62 -57.42
CA ASP A 1159 30.04 -18.32 -58.83
C ASP A 1159 28.68 -17.68 -58.98
N PRO A 1160 28.58 -16.39 -59.33
CA PRO A 1160 27.27 -15.74 -59.39
C PRO A 1160 26.32 -16.31 -60.44
N THR A 1161 26.83 -16.93 -61.50
CA THR A 1161 25.97 -17.45 -62.54
C THR A 1161 25.57 -18.90 -62.32
N SER A 1162 26.18 -19.59 -61.36
CA SER A 1162 25.79 -20.97 -61.01
C SER A 1162 25.53 -21.17 -59.53
N THR A 1163 25.37 -22.43 -59.13
CA THR A 1163 25.04 -22.79 -57.76
C THR A 1163 25.49 -24.23 -57.51
N VAL A 1164 26.10 -24.44 -56.35
CA VAL A 1164 26.44 -25.78 -55.91
C VAL A 1164 25.19 -26.59 -55.58
N ILE A 1165 24.08 -25.92 -55.27
CA ILE A 1165 22.84 -26.61 -54.91
C ILE A 1165 22.20 -27.29 -56.12
N GLU A 1166 22.19 -28.62 -56.11
CA GLU A 1166 21.56 -29.41 -57.15
C GLU A 1166 20.05 -29.20 -57.18
N GLU A 1167 19.46 -28.85 -56.04
CA GLU A 1167 18.01 -28.66 -55.96
C GLU A 1167 17.59 -27.43 -56.75
N ASP A 1168 18.34 -26.34 -56.64
CA ASP A 1168 18.00 -25.13 -57.38
C ASP A 1168 18.73 -25.05 -58.71
N PHE A 1169 19.21 -26.19 -59.24
CA PHE A 1169 19.94 -26.19 -60.50
C PHE A 1169 19.06 -25.79 -61.67
N ASP A 1170 18.03 -26.58 -61.95
CA ASP A 1170 17.13 -26.28 -63.06
C ASP A 1170 16.39 -24.97 -62.87
N THR A 1171 16.19 -24.56 -61.61
CA THR A 1171 15.49 -23.30 -61.33
C THR A 1171 16.32 -22.10 -61.77
N VAL A 1172 17.55 -21.98 -61.26
CA VAL A 1172 18.35 -20.79 -61.54
C VAL A 1172 18.96 -20.81 -62.95
N GLU A 1173 19.33 -21.98 -63.48
CA GLU A 1173 19.92 -22.06 -64.82
C GLU A 1173 18.98 -21.56 -65.89
N ALA A 1174 17.73 -22.04 -65.88
CA ALA A 1174 16.81 -21.58 -66.91
C ALA A 1174 16.39 -20.13 -66.66
N TYR A 1175 16.31 -19.71 -65.39
CA TYR A 1175 15.82 -18.36 -65.07
C TYR A 1175 16.75 -17.28 -65.63
N PHE A 1176 18.07 -17.46 -65.47
CA PHE A 1176 19.04 -16.45 -65.91
C PHE A 1176 19.14 -16.36 -67.43
N SER A 1177 18.61 -17.35 -68.15
CA SER A 1177 18.65 -17.33 -69.61
C SER A 1177 17.31 -16.87 -70.17
N GLN A 1190 29.45 -8.96 -56.87
CA GLN A 1190 28.59 -9.18 -55.72
C GLN A 1190 29.12 -10.27 -54.80
N SER A 1191 28.56 -10.33 -53.60
CA SER A 1191 29.12 -11.11 -52.51
C SER A 1191 28.97 -12.61 -52.81
N PRO A 1192 29.93 -13.43 -52.38
CA PRO A 1192 29.79 -14.88 -52.55
C PRO A 1192 28.80 -15.50 -51.59
N TRP A 1193 28.44 -14.80 -50.51
CA TRP A 1193 27.48 -15.33 -49.54
C TRP A 1193 26.05 -15.21 -50.08
N LEU A 1194 25.29 -16.29 -49.96
CA LEU A 1194 23.92 -16.37 -50.44
C LEU A 1194 22.96 -16.44 -49.27
N LEU A 1195 21.90 -15.65 -49.31
CA LEU A 1195 20.77 -15.79 -48.39
C LEU A 1195 19.62 -16.47 -49.11
N ARG A 1196 19.26 -17.67 -48.67
CA ARG A 1196 18.23 -18.50 -49.28
C ARG A 1196 17.13 -18.74 -48.26
N LEU A 1197 15.93 -18.23 -48.52
CA LEU A 1197 14.80 -18.40 -47.62
C LEU A 1197 13.67 -19.15 -48.33
N GLU A 1198 13.03 -20.04 -47.58
CA GLU A 1198 11.95 -20.90 -48.08
C GLU A 1198 10.60 -20.50 -47.54
N LEU A 1199 9.62 -20.34 -48.43
CA LEU A 1199 8.25 -20.03 -48.06
C LEU A 1199 7.42 -21.30 -47.94
N ASP A 1200 6.55 -21.33 -46.94
CA ASP A 1200 5.65 -22.46 -46.72
C ASP A 1200 4.47 -22.38 -47.67
N ARG A 1201 4.23 -23.44 -48.44
CA ARG A 1201 3.21 -23.42 -49.48
C ARG A 1201 1.81 -23.28 -48.90
N ALA A 1202 1.54 -23.97 -47.79
CA ALA A 1202 0.20 -23.95 -47.18
C ALA A 1202 -0.18 -22.56 -46.70
N ARG A 1203 0.68 -21.91 -45.92
CA ARG A 1203 0.33 -20.58 -45.43
C ARG A 1203 0.29 -19.54 -46.55
N MET A 1204 1.16 -19.67 -47.55
CA MET A 1204 1.08 -18.79 -48.73
C MET A 1204 -0.18 -19.01 -49.55
N LEU A 1205 -0.68 -20.23 -49.61
CA LEU A 1205 -1.90 -20.49 -50.37
C LEU A 1205 -3.13 -19.98 -49.66
N ASP A 1206 -3.24 -20.22 -48.35
CA ASP A 1206 -4.38 -19.77 -47.55
C ASP A 1206 -4.49 -18.25 -47.55
N LYS A 1207 -3.39 -17.56 -47.30
CA LYS A 1207 -3.37 -16.10 -47.24
C LYS A 1207 -3.51 -15.45 -48.62
N GLN A 1208 -3.49 -16.22 -49.70
CA GLN A 1208 -3.64 -15.75 -51.09
C GLN A 1208 -2.55 -14.77 -51.49
N LEU A 1209 -1.31 -15.20 -51.36
CA LEU A 1209 -0.17 -14.36 -51.68
C LEU A 1209 0.61 -15.02 -52.80
N THR A 1210 1.04 -14.22 -53.77
CA THR A 1210 1.87 -14.67 -54.89
C THR A 1210 3.32 -14.31 -54.66
N MET A 1211 4.23 -15.11 -55.27
CA MET A 1211 5.67 -14.86 -55.18
C MET A 1211 6.02 -13.45 -55.65
N ASN A 1212 5.32 -12.97 -56.67
CA ASN A 1212 5.55 -11.64 -57.23
C ASN A 1212 5.32 -10.55 -56.21
N GLN A 1213 4.14 -10.56 -55.58
CA GLN A 1213 3.76 -9.46 -54.69
C GLN A 1213 4.57 -9.47 -53.41
N VAL A 1214 5.01 -10.66 -52.99
CA VAL A 1214 5.92 -10.77 -51.85
C VAL A 1214 7.26 -10.11 -52.20
N ALA A 1215 7.74 -10.36 -53.41
CA ALA A 1215 8.99 -9.77 -53.88
C ALA A 1215 8.86 -8.27 -54.11
N ASP A 1216 7.69 -7.80 -54.56
CA ASP A 1216 7.47 -6.37 -54.76
C ASP A 1216 7.72 -5.57 -53.48
N LYS A 1217 7.10 -5.99 -52.37
CA LYS A 1217 7.26 -5.29 -51.08
C LYS A 1217 8.73 -5.28 -50.64
N ILE A 1218 9.46 -6.36 -50.95
CA ILE A 1218 10.88 -6.45 -50.66
C ILE A 1218 11.66 -5.43 -51.48
N SER A 1219 11.31 -5.28 -52.76
CA SER A 1219 11.97 -4.31 -53.64
C SER A 1219 11.97 -2.88 -53.10
N GLU A 1220 10.81 -2.37 -52.66
CA GLU A 1220 10.72 -0.97 -52.21
C GLU A 1220 11.63 -0.67 -51.02
N VAL A 1221 11.73 -1.60 -50.07
CA VAL A 1221 12.55 -1.40 -48.88
C VAL A 1221 14.02 -1.79 -49.06
N PHE A 1222 14.34 -2.64 -50.03
CA PHE A 1222 15.71 -3.12 -50.20
C PHE A 1222 16.37 -2.70 -51.51
N SER A 1223 15.69 -1.89 -52.34
CA SER A 1223 16.13 -1.22 -53.55
C SER A 1223 17.21 -1.88 -54.39
N ASP A 1224 18.47 -1.49 -54.22
CA ASP A 1224 19.56 -2.06 -55.02
C ASP A 1224 20.58 -2.83 -54.19
N ASP A 1225 20.34 -3.08 -52.92
CA ASP A 1225 21.25 -3.87 -52.12
C ASP A 1225 20.97 -5.36 -52.13
N LEU A 1226 20.01 -5.81 -52.96
CA LEU A 1226 19.66 -7.22 -52.89
C LEU A 1226 19.01 -7.65 -54.19
N PHE A 1227 19.54 -8.73 -54.76
CA PHE A 1227 19.03 -9.38 -55.96
C PHE A 1227 18.04 -10.46 -55.54
N VAL A 1228 16.79 -10.36 -56.00
CA VAL A 1228 15.72 -11.26 -55.56
C VAL A 1228 15.39 -12.20 -56.72
N MET A 1229 15.34 -13.49 -56.40
CA MET A 1229 15.06 -14.56 -57.35
C MET A 1229 14.12 -15.58 -56.72
N TRP A 1230 13.00 -15.84 -57.35
CA TRP A 1230 11.99 -16.71 -56.76
C TRP A 1230 11.73 -17.91 -57.65
N SER A 1231 11.40 -19.03 -57.02
CA SER A 1231 11.08 -20.21 -57.80
C SER A 1231 9.60 -20.16 -58.17
N GLU A 1232 9.20 -21.09 -59.03
CA GLU A 1232 7.80 -21.09 -59.46
C GLU A 1232 6.93 -21.84 -58.48
N ASP A 1233 5.63 -21.50 -58.49
CA ASP A 1233 4.68 -22.16 -57.60
C ASP A 1233 4.48 -23.63 -57.93
N ASN A 1234 4.85 -24.07 -59.14
CA ASN A 1234 4.74 -25.47 -59.48
C ASN A 1234 5.86 -26.31 -58.91
N ALA A 1235 6.93 -25.66 -58.44
CA ALA A 1235 8.12 -26.34 -57.95
C ALA A 1235 7.79 -27.14 -56.69
N ASP A 1236 8.64 -28.11 -56.37
CA ASP A 1236 8.40 -28.92 -55.18
C ASP A 1236 8.54 -28.09 -53.91
N LYS A 1237 9.57 -27.24 -53.84
CA LYS A 1237 9.73 -26.29 -52.76
C LYS A 1237 9.69 -24.85 -53.28
N LEU A 1238 9.03 -23.97 -52.54
CA LEU A 1238 8.95 -22.54 -52.85
C LEU A 1238 10.16 -21.83 -52.25
N ILE A 1239 11.04 -21.30 -53.09
CA ILE A 1239 12.34 -20.82 -52.67
C ILE A 1239 12.53 -19.39 -53.19
N ILE A 1240 13.16 -18.55 -52.37
CA ILE A 1240 13.56 -17.20 -52.74
C ILE A 1240 15.03 -17.01 -52.39
N ARG A 1241 15.84 -16.66 -53.38
CA ARG A 1241 17.28 -16.43 -53.24
C ARG A 1241 17.60 -14.94 -53.19
N CYS A 1242 18.58 -14.59 -52.35
CA CYS A 1242 18.97 -13.21 -52.14
C CYS A 1242 20.48 -13.15 -52.00
N ARG A 1243 21.08 -12.11 -52.56
CA ARG A 1243 22.51 -11.85 -52.43
C ARG A 1243 22.75 -10.37 -52.24
N VAL A 1244 23.79 -10.05 -51.49
CA VAL A 1244 24.20 -8.65 -51.38
C VAL A 1244 24.89 -8.32 -52.69
N ILE A 1245 24.80 -7.07 -53.13
CA ILE A 1245 25.55 -6.65 -54.30
C ILE A 1245 26.60 -5.61 -53.94
N GLU A 1258 34.40 -7.63 -43.23
CA GLU A 1258 33.80 -8.78 -42.56
C GLU A 1258 32.29 -8.77 -42.67
N GLU A 1259 31.70 -9.84 -43.22
CA GLU A 1259 30.27 -9.81 -43.50
C GLU A 1259 29.59 -11.12 -43.13
N ASP A 1260 30.26 -11.99 -42.37
CA ASP A 1260 29.60 -13.24 -41.95
C ASP A 1260 28.48 -12.95 -41.00
N GLN A 1261 28.71 -11.99 -40.09
CA GLN A 1261 27.73 -11.62 -39.09
C GLN A 1261 26.72 -10.63 -39.65
N MET A 1262 27.13 -9.83 -40.64
CA MET A 1262 26.25 -8.84 -41.24
C MET A 1262 25.04 -9.51 -41.88
N LEU A 1263 25.22 -10.74 -42.36
CA LEU A 1263 24.10 -11.46 -42.94
C LEU A 1263 23.17 -11.98 -41.88
N LYS A 1264 23.70 -12.33 -40.70
CA LYS A 1264 22.84 -12.71 -39.60
C LYS A 1264 22.07 -11.50 -39.08
N ARG A 1265 22.73 -10.34 -39.00
CA ARG A 1265 22.06 -9.11 -38.59
C ARG A 1265 21.00 -8.68 -39.60
N ILE A 1266 21.31 -8.82 -40.90
CA ILE A 1266 20.34 -8.49 -41.93
C ILE A 1266 19.16 -9.44 -41.87
N GLU A 1267 19.43 -10.74 -41.65
CA GLU A 1267 18.36 -11.74 -41.58
C GLU A 1267 17.44 -11.43 -40.41
N ALA A 1268 18.02 -10.98 -39.29
CA ALA A 1268 17.24 -10.54 -38.14
C ALA A 1268 16.41 -9.32 -38.54
N HIS A 1269 17.06 -8.40 -39.26
CA HIS A 1269 16.41 -7.17 -39.71
C HIS A 1269 15.27 -7.47 -40.69
N MET A 1270 15.41 -8.54 -41.49
CA MET A 1270 14.38 -8.89 -42.46
C MET A 1270 13.12 -9.41 -41.78
N LEU A 1271 13.27 -10.44 -40.93
CA LEU A 1271 12.14 -11.06 -40.25
C LEU A 1271 11.40 -10.11 -39.31
N ASP A 1272 12.05 -9.05 -38.84
CA ASP A 1272 11.50 -8.15 -37.85
C ASP A 1272 10.84 -6.91 -38.45
N LEU A 1273 10.88 -6.73 -39.77
CA LEU A 1273 10.42 -5.44 -40.27
C LEU A 1273 9.67 -5.51 -41.59
N ILE A 1274 9.80 -6.57 -42.37
CA ILE A 1274 9.18 -6.56 -43.69
C ILE A 1274 7.69 -6.85 -43.51
N ALA A 1275 6.87 -5.92 -43.97
CA ALA A 1275 5.42 -6.03 -43.88
C ALA A 1275 4.88 -6.30 -45.28
N LEU A 1276 4.22 -7.43 -45.46
CA LEU A 1276 3.76 -7.75 -46.82
C LEU A 1276 2.48 -7.03 -47.18
N ARG A 1277 1.52 -6.97 -46.26
CA ARG A 1277 0.27 -6.23 -46.43
C ARG A 1277 -0.40 -6.09 -45.07
N GLY A 1278 -1.53 -5.40 -45.05
CA GLY A 1278 -2.39 -5.30 -43.88
C GLY A 1278 -2.10 -4.11 -43.00
N ILE A 1279 -2.94 -4.00 -41.98
CA ILE A 1279 -2.93 -2.90 -41.02
C ILE A 1279 -2.15 -3.31 -39.79
N PRO A 1280 -1.09 -2.60 -39.40
CA PRO A 1280 -0.31 -2.95 -38.21
C PRO A 1280 -1.13 -3.00 -36.94
N GLY A 1281 -0.82 -3.96 -36.07
CA GLY A 1281 -1.54 -4.17 -34.84
C GLY A 1281 -2.75 -5.08 -34.92
N ILE A 1282 -3.15 -5.51 -36.11
CA ILE A 1282 -4.32 -6.38 -36.26
C ILE A 1282 -3.80 -7.79 -36.53
N SER A 1283 -3.65 -8.57 -35.47
CA SER A 1283 -3.03 -9.88 -35.59
C SER A 1283 -3.99 -10.92 -36.14
N LYS A 1284 -5.28 -10.81 -35.83
CA LYS A 1284 -6.28 -11.76 -36.28
C LYS A 1284 -7.57 -11.02 -36.61
N VAL A 1285 -8.30 -11.52 -37.59
CA VAL A 1285 -9.59 -10.99 -37.98
C VAL A 1285 -10.59 -12.12 -37.98
N TYR A 1286 -11.69 -11.96 -37.24
CA TYR A 1286 -12.71 -12.99 -37.13
C TYR A 1286 -13.92 -12.56 -37.93
N MET A 1287 -14.60 -13.54 -38.51
CA MET A 1287 -15.80 -13.29 -39.28
C MET A 1287 -16.98 -13.58 -38.37
N VAL A 1288 -17.68 -12.54 -37.95
CA VAL A 1288 -18.74 -12.64 -36.93
C VAL A 1288 -20.07 -12.27 -37.57
N LYS A 1289 -21.10 -13.07 -37.28
CA LYS A 1289 -22.44 -12.76 -37.75
C LYS A 1289 -23.21 -11.98 -36.70
N HIS A 1290 -23.80 -10.85 -37.10
CA HIS A 1290 -24.62 -10.00 -36.23
C HIS A 1290 -26.09 -10.15 -36.60
N LYS A 1291 -26.93 -10.34 -35.59
CA LYS A 1291 -28.37 -10.26 -35.75
C LYS A 1291 -28.84 -8.85 -35.36
N VAL A 1292 -29.16 -8.03 -36.35
CA VAL A 1292 -29.54 -6.64 -36.13
C VAL A 1292 -31.01 -6.45 -36.52
N SER A 1293 -31.77 -5.78 -35.65
CA SER A 1293 -33.19 -5.55 -35.87
C SER A 1293 -33.36 -4.28 -36.69
N VAL A 1294 -34.02 -4.38 -37.85
CA VAL A 1294 -34.16 -3.29 -38.80
C VAL A 1294 -35.60 -3.33 -39.31
N PRO A 1295 -36.27 -2.19 -39.50
CA PRO A 1295 -37.67 -2.24 -39.92
C PRO A 1295 -37.83 -2.71 -41.35
N ASP A 1296 -38.94 -3.41 -41.60
CA ASP A 1296 -39.27 -3.93 -42.92
C ASP A 1296 -39.59 -2.77 -43.88
N GLU A 1297 -39.93 -3.10 -45.13
CA GLU A 1297 -40.63 -2.11 -45.95
C GLU A 1297 -42.07 -1.94 -45.49
N SER A 1298 -42.68 -3.01 -44.96
CA SER A 1298 -44.00 -2.89 -44.33
C SER A 1298 -43.98 -2.10 -43.02
N GLY A 1299 -42.80 -1.85 -42.45
CA GLY A 1299 -42.69 -1.20 -41.16
C GLY A 1299 -42.59 -2.09 -39.96
N GLU A 1300 -42.71 -3.40 -40.11
CA GLU A 1300 -42.65 -4.30 -38.99
C GLU A 1300 -41.19 -4.63 -38.68
N TYR A 1301 -40.86 -4.72 -37.40
CA TYR A 1301 -39.49 -5.01 -37.02
C TYR A 1301 -39.18 -6.47 -37.33
N LYS A 1302 -38.16 -6.72 -38.13
CA LYS A 1302 -37.73 -8.09 -38.39
C LYS A 1302 -36.24 -8.22 -38.18
N ASN A 1303 -35.82 -9.44 -37.88
CA ASN A 1303 -34.40 -9.69 -37.73
C ASN A 1303 -33.74 -9.74 -39.09
N GLU A 1304 -32.43 -9.53 -39.10
CA GLU A 1304 -31.69 -9.50 -40.35
C GLU A 1304 -30.26 -9.85 -40.02
N GLU A 1305 -29.73 -10.91 -40.63
CA GLU A 1305 -28.37 -11.35 -40.37
C GLU A 1305 -27.39 -10.61 -41.26
N LEU A 1306 -26.35 -10.05 -40.65
CA LEU A 1306 -25.31 -9.32 -41.36
C LEU A 1306 -23.96 -9.75 -40.84
N TRP A 1307 -22.98 -9.76 -41.75
CA TRP A 1307 -21.61 -10.11 -41.44
C TRP A 1307 -20.83 -8.89 -40.97
N ALA A 1308 -20.04 -9.08 -39.91
CA ALA A 1308 -19.12 -8.05 -39.45
C ALA A 1308 -17.81 -8.71 -39.09
N LEU A 1309 -16.82 -7.89 -38.73
CA LEU A 1309 -15.51 -8.40 -38.34
C LEU A 1309 -15.16 -7.95 -36.95
N GLU A 1310 -14.36 -8.76 -36.25
CA GLU A 1310 -13.78 -8.39 -34.97
C GLU A 1310 -12.32 -8.78 -34.95
N THR A 1311 -11.49 -7.95 -34.31
CA THR A 1311 -10.04 -8.09 -34.37
C THR A 1311 -9.47 -8.30 -32.97
N ASP A 1312 -8.33 -8.96 -32.89
CA ASP A 1312 -7.41 -8.83 -31.77
C ASP A 1312 -6.39 -7.72 -32.01
N GLY A 1313 -6.20 -6.86 -31.02
CA GLY A 1313 -5.39 -5.67 -31.17
C GLY A 1313 -6.16 -4.51 -31.77
N ILE A 1314 -5.65 -3.30 -31.56
CA ILE A 1314 -6.34 -2.10 -32.01
C ILE A 1314 -5.44 -1.21 -32.85
N ASN A 1315 -6.07 -0.55 -33.82
CA ASN A 1315 -5.54 0.60 -34.55
C ASN A 1315 -6.73 1.29 -35.18
N LEU A 1316 -7.54 1.99 -34.38
CA LEU A 1316 -8.85 2.48 -34.82
C LEU A 1316 -8.77 3.41 -36.01
N ALA A 1317 -7.79 4.33 -36.00
CA ALA A 1317 -7.67 5.33 -37.06
C ALA A 1317 -7.39 4.70 -38.41
N GLU A 1318 -6.43 3.79 -38.47
CA GLU A 1318 -6.05 3.18 -39.74
C GLU A 1318 -7.13 2.25 -40.29
N VAL A 1319 -7.83 1.53 -39.42
CA VAL A 1319 -8.85 0.59 -39.89
C VAL A 1319 -10.08 1.31 -40.43
N MET A 1320 -10.41 2.46 -39.83
CA MET A 1320 -11.52 3.30 -40.29
C MET A 1320 -11.37 3.73 -41.74
N ALA A 1321 -10.13 3.99 -42.18
CA ALA A 1321 -9.91 4.52 -43.51
C ALA A 1321 -10.00 3.47 -44.61
N VAL A 1322 -9.95 2.19 -44.26
CA VAL A 1322 -9.91 1.09 -45.22
C VAL A 1322 -11.20 1.00 -46.03
N PRO A 1323 -11.12 1.03 -47.36
CA PRO A 1323 -12.32 0.91 -48.20
C PRO A 1323 -13.06 -0.39 -47.96
N GLY A 1324 -14.38 -0.29 -47.81
CA GLY A 1324 -15.18 -1.44 -47.48
C GLY A 1324 -15.74 -1.32 -46.08
N VAL A 1325 -14.90 -0.81 -45.17
CA VAL A 1325 -15.31 -0.64 -43.79
C VAL A 1325 -16.27 0.54 -43.68
N ASP A 1326 -17.36 0.34 -42.95
CA ASP A 1326 -18.30 1.40 -42.64
C ASP A 1326 -17.61 2.34 -41.66
N SER A 1327 -16.99 3.40 -42.18
CA SER A 1327 -16.23 4.34 -41.36
C SER A 1327 -17.07 5.16 -40.38
N SER A 1328 -18.39 5.14 -40.46
CA SER A 1328 -19.19 5.88 -39.50
C SER A 1328 -19.63 5.08 -38.28
N ARG A 1329 -19.25 3.81 -38.16
CA ARG A 1329 -19.77 3.00 -37.05
C ARG A 1329 -18.74 2.16 -36.32
N THR A 1330 -17.48 2.14 -36.74
CA THR A 1330 -16.46 1.27 -36.16
C THR A 1330 -16.21 1.58 -34.69
N TYR A 1331 -16.12 0.53 -33.86
CA TYR A 1331 -16.08 0.66 -32.42
C TYR A 1331 -14.89 -0.12 -31.86
N SER A 1332 -14.31 0.41 -30.77
CA SER A 1332 -13.21 -0.22 -30.05
C SER A 1332 -13.48 -0.29 -28.56
N ASN A 1333 -13.08 -1.40 -27.93
CA ASN A 1333 -13.23 -1.48 -26.49
C ASN A 1333 -12.09 -0.82 -25.70
N SER A 1334 -11.14 -0.13 -26.33
CA SER A 1334 -10.20 0.72 -25.60
C SER A 1334 -10.64 2.17 -25.75
N PHE A 1335 -11.31 2.69 -24.73
CA PHE A 1335 -11.74 4.09 -24.73
C PHE A 1335 -10.59 5.09 -24.64
N VAL A 1336 -9.40 4.68 -24.21
CA VAL A 1336 -8.24 5.56 -24.32
C VAL A 1336 -7.93 5.90 -25.76
N GLU A 1337 -8.04 4.93 -26.65
CA GLU A 1337 -7.80 5.18 -28.07
C GLU A 1337 -8.92 6.00 -28.70
N ILE A 1338 -10.17 5.72 -28.30
CA ILE A 1338 -11.34 6.49 -28.74
C ILE A 1338 -11.16 7.98 -28.46
N LEU A 1339 -10.62 8.33 -27.29
CA LEU A 1339 -10.42 9.73 -26.94
C LEU A 1339 -9.47 10.41 -27.93
N SER A 1340 -8.44 9.71 -28.37
CA SER A 1340 -7.49 10.31 -29.29
C SER A 1340 -8.05 10.42 -30.70
N VAL A 1341 -8.94 9.52 -31.09
CA VAL A 1341 -9.49 9.52 -32.44
C VAL A 1341 -10.80 10.30 -32.53
N LEU A 1342 -11.73 10.10 -31.61
CA LEU A 1342 -13.07 10.61 -31.80
C LEU A 1342 -13.46 11.74 -30.87
N GLY A 1343 -12.72 11.97 -29.79
CA GLY A 1343 -13.01 13.09 -28.92
C GLY A 1343 -13.80 12.68 -27.71
N ILE A 1344 -14.06 13.68 -26.85
CA ILE A 1344 -14.50 13.39 -25.49
C ILE A 1344 -15.96 12.93 -25.45
N GLU A 1345 -16.82 13.45 -26.32
CA GLU A 1345 -18.22 13.05 -26.28
C GLU A 1345 -18.43 11.63 -26.75
N ALA A 1346 -17.62 11.16 -27.69
CA ALA A 1346 -17.68 9.76 -28.10
C ALA A 1346 -17.18 8.85 -26.99
N THR A 1347 -16.19 9.31 -26.22
CA THR A 1347 -15.68 8.56 -25.09
C THR A 1347 -16.77 8.31 -24.05
N ARG A 1348 -17.60 9.33 -23.78
CA ARG A 1348 -18.74 9.18 -22.87
C ARG A 1348 -19.62 8.00 -23.24
N SER A 1349 -20.04 7.90 -24.51
CA SER A 1349 -20.88 6.79 -24.92
C SER A 1349 -20.12 5.47 -24.84
N SER A 1350 -18.85 5.47 -25.20
CA SER A 1350 -18.09 4.22 -25.20
C SER A 1350 -17.82 3.74 -23.78
N LEU A 1351 -17.47 4.67 -22.88
CA LEU A 1351 -17.32 4.36 -21.47
C LEU A 1351 -18.59 3.75 -20.89
N TYR A 1352 -19.74 4.35 -21.17
CA TYR A 1352 -21.01 3.80 -20.71
C TYR A 1352 -21.26 2.41 -21.25
N LYS A 1353 -21.03 2.20 -22.54
CA LYS A 1353 -21.27 0.91 -23.15
C LYS A 1353 -20.43 -0.18 -22.48
N GLU A 1354 -19.16 0.11 -22.18
CA GLU A 1354 -18.29 -0.91 -21.60
C GLU A 1354 -18.63 -1.20 -20.14
N ILE A 1355 -19.03 -0.19 -19.37
CA ILE A 1355 -19.44 -0.46 -17.99
C ILE A 1355 -20.73 -1.26 -17.95
N LEU A 1356 -21.75 -0.79 -18.68
CA LEU A 1356 -23.05 -1.48 -18.75
C LEU A 1356 -22.92 -2.94 -19.13
N ASN A 1357 -22.09 -3.24 -20.14
CA ASN A 1357 -21.85 -4.62 -20.57
C ASN A 1357 -21.33 -5.48 -19.40
N VAL A 1358 -20.46 -4.92 -18.56
CA VAL A 1358 -19.97 -5.66 -17.40
C VAL A 1358 -21.07 -5.96 -16.41
N ILE A 1359 -21.86 -4.96 -16.04
CA ILE A 1359 -22.91 -5.13 -15.03
C ILE A 1359 -24.02 -6.03 -15.55
N ALA A 1360 -24.50 -5.76 -16.77
CA ALA A 1360 -25.62 -6.52 -17.33
C ALA A 1360 -25.30 -7.98 -17.63
N PHE A 1361 -24.03 -8.37 -17.63
CA PHE A 1361 -23.62 -9.70 -18.09
C PHE A 1361 -24.13 -10.81 -17.18
N ASP A 1362 -23.97 -10.67 -15.87
CA ASP A 1362 -24.55 -11.61 -14.91
C ASP A 1362 -26.01 -11.31 -14.57
N GLY A 1363 -26.78 -10.90 -15.56
CA GLY A 1363 -28.20 -10.58 -15.48
C GLY A 1363 -28.64 -9.41 -14.63
N SER A 1364 -27.72 -8.75 -13.94
CA SER A 1364 -28.09 -7.65 -13.07
C SER A 1364 -28.56 -6.48 -13.93
N TYR A 1365 -29.23 -5.53 -13.30
CA TYR A 1365 -29.63 -4.34 -14.04
C TYR A 1365 -29.50 -3.18 -13.08
N VAL A 1366 -28.72 -2.17 -13.46
CA VAL A 1366 -28.63 -0.94 -12.71
C VAL A 1366 -29.23 0.17 -13.54
N ASN A 1367 -30.08 0.99 -12.91
CA ASN A 1367 -30.76 2.11 -13.55
C ASN A 1367 -29.74 3.02 -14.20
N TYR A 1368 -30.11 3.59 -15.35
CA TYR A 1368 -29.20 4.37 -16.20
C TYR A 1368 -28.51 5.51 -15.47
N ARG A 1369 -29.21 6.21 -14.58
CA ARG A 1369 -28.68 7.47 -14.05
C ARG A 1369 -27.43 7.25 -13.20
N HIS A 1370 -27.25 6.08 -12.62
CA HIS A 1370 -26.08 5.85 -11.77
C HIS A 1370 -24.82 5.66 -12.61
N MET A 1371 -24.88 4.86 -13.66
CA MET A 1371 -23.71 4.71 -14.50
C MET A 1371 -23.44 5.98 -15.28
N ALA A 1372 -24.50 6.67 -15.70
CA ALA A 1372 -24.37 7.97 -16.36
C ALA A 1372 -23.66 8.97 -15.47
N LEU A 1373 -23.97 8.98 -14.17
CA LEU A 1373 -23.34 9.91 -13.25
C LEU A 1373 -21.84 9.65 -13.12
N LEU A 1374 -21.46 8.37 -13.05
CA LEU A 1374 -20.05 8.03 -12.93
C LEU A 1374 -19.24 8.46 -14.14
N VAL A 1375 -19.77 8.25 -15.35
CA VAL A 1375 -18.99 8.61 -16.54
C VAL A 1375 -18.93 10.11 -16.77
N ASP A 1376 -19.88 10.88 -16.26
CA ASP A 1376 -19.76 12.33 -16.39
C ASP A 1376 -18.66 12.87 -15.49
N VAL A 1377 -18.49 12.28 -14.31
CA VAL A 1377 -17.38 12.65 -13.44
C VAL A 1377 -16.06 12.32 -14.11
N MET A 1378 -15.98 11.17 -14.77
CA MET A 1378 -14.74 10.72 -15.39
C MET A 1378 -14.38 11.51 -16.64
N THR A 1379 -15.27 12.33 -17.18
CA THR A 1379 -15.01 13.04 -18.41
C THR A 1379 -15.18 14.54 -18.29
N SER A 1380 -15.51 15.06 -17.10
CA SER A 1380 -15.79 16.48 -16.98
C SER A 1380 -14.56 17.34 -17.23
N ARG A 1381 -13.37 16.85 -16.91
CA ARG A 1381 -12.18 17.68 -17.14
C ARG A 1381 -11.75 17.71 -18.59
N GLY A 1382 -12.42 16.98 -19.48
CA GLY A 1382 -12.00 16.90 -20.85
C GLY A 1382 -11.02 15.79 -21.15
N TYR A 1383 -10.34 15.27 -20.14
CA TYR A 1383 -9.54 14.07 -20.30
C TYR A 1383 -10.05 13.04 -19.32
N LEU A 1384 -9.55 11.82 -19.43
CA LEU A 1384 -10.03 10.75 -18.57
C LEU A 1384 -9.33 10.87 -17.21
N MET A 1385 -10.10 11.17 -16.18
CA MET A 1385 -9.58 11.17 -14.81
C MET A 1385 -9.82 9.80 -14.22
N ALA A 1386 -8.74 9.05 -14.01
CA ALA A 1386 -8.85 7.75 -13.35
C ALA A 1386 -9.29 7.89 -11.89
N ILE A 1387 -10.00 6.87 -11.42
CA ILE A 1387 -10.37 6.75 -10.01
C ILE A 1387 -9.22 6.12 -9.22
N THR A 1388 -8.09 6.83 -9.16
CA THR A 1388 -6.90 6.47 -8.38
C THR A 1388 -6.42 7.77 -7.78
N ARG A 1389 -5.40 7.71 -6.91
CA ARG A 1389 -4.84 8.93 -6.32
C ARG A 1389 -4.31 9.91 -7.36
N HIS A 1390 -3.80 9.42 -8.48
CA HIS A 1390 -3.24 10.27 -9.51
C HIS A 1390 -4.29 11.09 -10.24
N GLY A 1391 -5.52 10.60 -10.29
CA GLY A 1391 -6.61 11.40 -10.79
C GLY A 1391 -7.35 12.22 -9.77
N ILE A 1392 -7.83 11.55 -8.72
CA ILE A 1392 -8.75 12.15 -7.74
C ILE A 1392 -8.09 13.34 -7.05
N ASN A 1393 -6.84 13.17 -6.60
CA ASN A 1393 -6.20 14.22 -5.81
C ASN A 1393 -5.54 15.30 -6.65
N ARG A 1394 -5.65 15.26 -7.99
CA ARG A 1394 -5.29 16.39 -8.83
C ARG A 1394 -6.40 17.42 -9.00
N ALA A 1395 -7.37 17.48 -8.10
CA ALA A 1395 -8.49 18.40 -8.18
C ALA A 1395 -8.20 19.60 -7.30
N ASP A 1396 -8.92 20.70 -7.55
CA ASP A 1396 -8.76 21.89 -6.72
C ASP A 1396 -9.56 21.85 -5.42
N THR A 1397 -9.93 20.66 -4.95
CA THR A 1397 -10.66 20.52 -3.70
C THR A 1397 -9.73 20.77 -2.52
N GLY A 1398 -10.34 21.03 -1.36
CA GLY A 1398 -9.58 21.36 -0.16
C GLY A 1398 -8.61 20.27 0.25
N ALA A 1399 -7.57 20.69 0.98
CA ALA A 1399 -6.52 19.76 1.40
C ALA A 1399 -6.99 18.73 2.41
N LEU A 1400 -7.91 19.11 3.31
CA LEU A 1400 -8.42 18.15 4.29
C LEU A 1400 -9.20 17.02 3.64
N MET A 1401 -10.02 17.37 2.65
CA MET A 1401 -10.75 16.37 1.87
C MET A 1401 -9.82 15.44 1.11
N ARG A 1402 -8.82 16.01 0.42
CA ARG A 1402 -7.94 15.22 -0.43
C ARG A 1402 -7.03 14.30 0.38
N CYS A 1403 -6.57 14.76 1.54
CA CYS A 1403 -5.65 13.97 2.36
C CYS A 1403 -6.32 12.80 3.06
N SER A 1404 -7.65 12.80 3.14
CA SER A 1404 -8.38 11.67 3.73
C SER A 1404 -8.48 10.46 2.81
N PHE A 1405 -8.02 10.54 1.57
CA PHE A 1405 -8.07 9.38 0.68
C PHE A 1405 -6.75 8.62 0.72
N GLU A 1406 -5.72 9.17 0.09
CA GLU A 1406 -4.39 8.55 0.03
C GLU A 1406 -3.37 9.69 0.04
N GLU A 1407 -2.10 9.31 0.28
CA GLU A 1407 -0.95 10.21 0.29
C GLU A 1407 -1.16 11.31 1.33
N THR A 1408 -1.59 10.87 2.52
CA THR A 1408 -2.14 11.76 3.54
C THR A 1408 -1.16 12.84 3.98
N VAL A 1409 0.05 12.43 4.37
CA VAL A 1409 0.99 13.38 4.96
C VAL A 1409 1.60 14.27 3.88
N GLU A 1410 1.88 13.69 2.72
CA GLU A 1410 2.43 14.42 1.57
C GLU A 1410 1.52 15.56 1.13
N ILE A 1411 0.21 15.29 1.01
CA ILE A 1411 -0.76 16.35 0.72
C ILE A 1411 -0.62 17.51 1.70
N LEU A 1412 -0.51 17.21 2.98
CA LEU A 1412 -0.54 18.26 4.00
C LEU A 1412 0.76 19.06 4.04
N PHE A 1413 1.91 18.40 3.89
CA PHE A 1413 3.17 19.14 3.72
C PHE A 1413 3.12 20.05 2.51
N GLU A 1414 2.74 19.51 1.34
CA GLU A 1414 2.60 20.31 0.12
C GLU A 1414 1.58 21.44 0.29
N ALA A 1415 0.53 21.21 1.06
CA ALA A 1415 -0.49 22.23 1.27
C ALA A 1415 0.06 23.38 2.08
N GLY A 1416 0.89 23.07 3.06
CA GLY A 1416 1.53 24.10 3.86
C GLY A 1416 2.47 24.95 3.04
N ALA A 1417 3.39 24.32 2.30
CA ALA A 1417 4.40 25.04 1.54
C ALA A 1417 3.83 25.94 0.45
N ALA A 1418 2.60 25.69 -0.01
CA ALA A 1418 1.99 26.53 -1.03
C ALA A 1418 0.81 27.33 -0.51
N ALA A 1419 0.68 27.45 0.82
CA ALA A 1419 -0.38 28.20 1.52
C ALA A 1419 -1.79 28.01 0.95
N GLU A 1420 -2.21 26.76 0.82
CA GLU A 1420 -3.54 26.45 0.30
C GLU A 1420 -4.67 26.94 1.22
N LEU A 1421 -5.71 27.48 0.60
CA LEU A 1421 -6.95 27.87 1.24
C LEU A 1421 -8.06 26.86 1.00
N ASP A 1422 -8.68 26.38 2.07
CA ASP A 1422 -9.73 25.36 2.01
C ASP A 1422 -11.02 26.07 2.37
N ASP A 1423 -11.93 26.17 1.42
CA ASP A 1423 -13.16 26.93 1.55
C ASP A 1423 -14.30 26.20 2.25
N CYS A 1424 -14.07 24.96 2.73
CA CYS A 1424 -14.97 24.22 3.63
C CYS A 1424 -16.36 24.01 3.04
N ARG A 1425 -16.44 23.77 1.74
CA ARG A 1425 -17.72 23.49 1.13
C ARG A 1425 -17.99 22.01 0.97
N GLY A 1426 -16.97 21.17 1.10
CA GLY A 1426 -17.18 19.75 0.96
C GLY A 1426 -17.83 19.11 2.16
N VAL A 1427 -18.40 17.93 1.93
CA VAL A 1427 -19.00 17.16 3.02
C VAL A 1427 -17.94 16.73 4.00
N SER A 1428 -16.82 16.20 3.48
CA SER A 1428 -15.76 15.63 4.32
C SER A 1428 -15.11 16.69 5.21
N GLU A 1429 -14.87 17.91 4.69
CA GLU A 1429 -14.35 19.01 5.51
C GLU A 1429 -15.19 19.22 6.77
N ASN A 1430 -16.50 19.36 6.62
CA ASN A 1430 -17.37 19.68 7.74
C ASN A 1430 -17.60 18.53 8.69
N VAL A 1431 -17.65 17.29 8.15
CA VAL A 1431 -17.77 16.10 8.99
C VAL A 1431 -16.61 15.98 9.96
N MET A 1432 -15.37 16.14 9.49
CA MET A 1432 -14.26 15.96 10.41
C MET A 1432 -14.08 17.13 11.36
N LEU A 1433 -14.62 18.30 11.04
CA LEU A 1433 -14.62 19.41 11.97
C LEU A 1433 -15.88 19.42 12.83
N GLY A 1434 -16.73 18.42 12.69
CA GLY A 1434 -17.97 18.32 13.45
C GLY A 1434 -19.00 19.40 13.28
N GLN A 1435 -19.17 19.92 12.06
CA GLN A 1435 -20.12 20.98 11.82
C GLN A 1435 -21.17 20.43 10.85
N LEU A 1436 -22.39 20.98 10.94
CA LEU A 1436 -23.48 20.60 10.06
C LEU A 1436 -23.11 20.80 8.59
N ALA A 1437 -23.11 19.71 7.84
CA ALA A 1437 -22.63 19.67 6.47
C ALA A 1437 -23.69 20.18 5.49
N PRO A 1438 -23.29 20.88 4.44
CA PRO A 1438 -24.29 21.37 3.48
C PRO A 1438 -24.87 20.28 2.59
N MET A 1439 -25.70 19.41 3.15
CA MET A 1439 -26.28 18.27 2.47
C MET A 1439 -27.56 17.94 3.20
N GLY A 1440 -28.56 17.45 2.46
CA GLY A 1440 -29.84 16.99 3.00
C GLY A 1440 -30.49 17.97 3.93
N THR A 1441 -30.70 17.56 5.18
CA THR A 1441 -31.33 18.43 6.18
C THR A 1441 -30.47 19.64 6.53
N GLY A 1442 -29.20 19.65 6.16
CA GLY A 1442 -28.31 20.77 6.37
C GLY A 1442 -28.09 21.67 5.18
N ALA A 1443 -28.82 21.46 4.09
CA ALA A 1443 -28.60 22.24 2.86
C ALA A 1443 -29.30 23.58 2.84
N PHE A 1444 -29.81 24.06 3.98
CA PHE A 1444 -30.56 25.30 4.02
C PHE A 1444 -30.59 25.76 5.47
N ASP A 1445 -30.96 27.01 5.66
CA ASP A 1445 -31.13 27.55 7.00
C ASP A 1445 -32.62 27.73 7.31
N VAL A 1446 -32.94 27.74 8.59
CA VAL A 1446 -34.30 27.92 9.07
C VAL A 1446 -34.40 29.23 9.83
N MET A 1447 -35.30 30.11 9.40
CA MET A 1447 -35.49 31.41 10.03
C MET A 1447 -36.83 31.47 10.72
N ILE A 1448 -36.95 32.40 11.67
CA ILE A 1448 -38.18 32.59 12.42
C ILE A 1448 -39.04 33.66 11.74
N ASP A 1449 -40.30 33.29 11.47
CA ASP A 1449 -41.25 34.14 10.74
C ASP A 1449 -41.90 35.13 11.69
N GLU A 1450 -41.21 36.25 11.90
CA GLU A 1450 -41.73 37.33 12.74
C GLU A 1450 -43.08 37.87 12.27
N LYS A 1451 -43.33 37.87 10.96
CA LYS A 1451 -44.61 38.36 10.44
C LYS A 1451 -45.77 37.46 10.84
N LEU A 1452 -45.58 36.14 10.81
CA LEU A 1452 -46.67 35.23 11.14
C LEU A 1452 -46.95 35.17 12.63
N LEU A 1453 -45.95 35.47 13.47
CA LEU A 1453 -46.20 35.49 14.91
C LEU A 1453 -47.14 36.62 15.34
N THR A 1454 -47.24 37.69 14.55
CA THR A 1454 -48.06 38.82 14.97
C THR A 1454 -49.56 38.55 14.88
N SER A 1455 -49.98 37.46 14.23
CA SER A 1455 -51.38 37.07 14.23
C SER A 1455 -51.83 36.37 15.50
N LEU A 1456 -50.92 36.11 16.44
CA LEU A 1456 -51.29 35.52 17.72
C LEU A 1456 -51.92 36.57 18.64
N PRO A 1457 -52.73 36.16 19.62
CA PRO A 1457 -53.28 37.11 20.59
C PRO A 1457 -52.19 37.80 21.42
N ALA A 1458 -52.59 38.87 22.09
CA ALA A 1458 -51.66 39.72 22.85
C ALA A 1458 -51.20 39.13 24.18
N ASP A 1459 -51.96 38.24 24.81
CA ASP A 1459 -51.51 37.66 26.08
C ASP A 1459 -50.36 36.66 25.95
N TYR A 1460 -49.95 36.31 24.73
CA TYR A 1460 -48.81 35.45 24.48
C TYR A 1460 -47.49 36.22 24.37
N ALA A 1461 -47.51 37.53 24.61
CA ALA A 1461 -46.41 38.41 24.27
C ALA A 1461 -45.22 38.35 25.24
N PRO A 1462 -44.00 38.46 24.70
CA PRO A 1462 -42.80 38.61 25.55
C PRO A 1462 -42.82 39.91 26.32
N THR A 1463 -42.41 39.88 27.57
CA THR A 1463 -42.38 41.13 28.33
C THR A 1463 -40.97 41.71 28.32
N ASP B 9 -4.15 -69.44 -0.57
CA ASP B 9 -4.50 -68.39 0.38
C ASP B 9 -5.87 -67.83 0.02
N ASP B 10 -6.18 -66.63 0.51
CA ASP B 10 -7.47 -66.03 0.19
C ASP B 10 -7.30 -64.51 0.08
N THR B 11 -8.42 -63.83 -0.15
CA THR B 11 -8.43 -62.41 -0.45
C THR B 11 -8.53 -61.57 0.82
N ILE B 12 -7.85 -60.42 0.79
CA ILE B 12 -7.90 -59.46 1.88
C ILE B 12 -9.25 -58.74 1.86
N THR B 13 -9.98 -58.82 2.98
CA THR B 13 -11.31 -58.27 3.09
C THR B 13 -11.20 -56.88 3.69
N THR B 14 -12.33 -56.17 3.78
CA THR B 14 -12.33 -54.86 4.41
C THR B 14 -11.94 -54.93 5.88
N GLU B 15 -12.49 -55.90 6.61
CA GLU B 15 -12.14 -56.07 8.02
C GLU B 15 -10.65 -56.34 8.23
N ASP B 16 -10.03 -57.11 7.31
CA ASP B 16 -8.60 -57.38 7.35
C ASP B 16 -7.75 -56.13 7.17
N CYS B 17 -8.19 -55.22 6.30
CA CYS B 17 -7.49 -53.94 6.12
C CYS B 17 -7.43 -53.17 7.43
N TRP B 18 -8.52 -53.13 8.18
CA TRP B 18 -8.53 -52.45 9.46
C TRP B 18 -7.65 -53.14 10.51
N THR B 19 -7.42 -54.44 10.37
CA THR B 19 -6.46 -55.11 11.26
C THR B 19 -5.05 -54.59 11.04
N VAL B 20 -4.65 -54.38 9.78
CA VAL B 20 -3.34 -53.80 9.45
C VAL B 20 -3.24 -52.39 10.02
N ILE B 21 -4.26 -51.57 9.78
CA ILE B 21 -4.26 -50.17 10.23
C ILE B 21 -4.18 -50.10 11.75
N SER B 22 -4.90 -51.00 12.45
CA SER B 22 -4.81 -51.08 13.90
C SER B 22 -3.39 -51.33 14.38
N ALA B 23 -2.60 -52.10 13.63
CA ALA B 23 -1.25 -52.38 14.05
C ALA B 23 -0.36 -51.15 13.95
N PHE B 24 -0.55 -50.36 12.88
CA PHE B 24 0.10 -49.06 12.72
C PHE B 24 -0.09 -48.16 13.95
N PHE B 25 -1.34 -47.88 14.32
CA PHE B 25 -1.55 -46.92 15.41
C PHE B 25 -1.16 -47.51 16.75
N GLU B 26 -1.20 -48.83 16.89
CA GLU B 26 -0.72 -49.46 18.12
C GLU B 26 0.77 -49.18 18.31
N GLU B 27 1.55 -49.24 17.25
CA GLU B 27 2.98 -48.97 17.38
C GLU B 27 3.31 -47.48 17.36
N LYS B 28 2.72 -46.73 16.42
CA LYS B 28 3.21 -45.38 16.18
C LYS B 28 2.35 -44.28 16.78
N GLY B 29 1.08 -44.53 17.04
CA GLY B 29 0.23 -43.46 17.51
C GLY B 29 0.03 -42.34 16.49
N LEU B 30 -0.33 -41.18 17.01
CA LEU B 30 -0.68 -40.05 16.16
C LEU B 30 0.34 -38.93 16.15
N VAL B 31 1.25 -38.89 17.11
CA VAL B 31 2.18 -37.78 17.21
C VAL B 31 3.63 -38.24 17.14
N SER B 32 3.89 -39.40 16.55
CA SER B 32 5.26 -39.94 16.53
C SER B 32 6.20 -39.10 15.70
N GLN B 33 5.70 -38.37 14.70
CA GLN B 33 6.59 -37.50 13.95
C GLN B 33 7.04 -36.32 14.80
N GLN B 34 6.27 -35.93 15.81
CA GLN B 34 6.79 -34.95 16.74
C GLN B 34 7.82 -35.56 17.68
N LEU B 35 7.51 -36.72 18.26
CA LEU B 35 8.36 -37.27 19.30
C LEU B 35 9.67 -37.81 18.76
N ASP B 36 9.63 -38.56 17.65
CA ASP B 36 10.85 -39.12 17.08
C ASP B 36 11.79 -38.02 16.61
N SER B 37 11.23 -36.96 16.03
CA SER B 37 12.06 -35.83 15.59
C SER B 37 12.79 -35.20 16.75
N PHE B 38 12.09 -34.96 17.87
CA PHE B 38 12.76 -34.34 19.00
C PHE B 38 13.76 -35.29 19.64
N ASP B 39 13.44 -36.58 19.68
CA ASP B 39 14.35 -37.56 20.26
C ASP B 39 15.67 -37.60 19.52
N GLU B 40 15.61 -37.52 18.18
CA GLU B 40 16.82 -37.50 17.37
C GLU B 40 17.62 -36.25 17.64
N PHE B 41 16.97 -35.16 18.01
CA PHE B 41 17.66 -33.92 18.32
C PHE B 41 18.47 -34.03 19.59
N MET B 42 17.91 -34.63 20.64
CA MET B 42 18.65 -34.77 21.89
C MET B 42 19.77 -35.78 21.79
N GLU B 43 19.52 -36.93 21.15
CA GLU B 43 20.53 -37.97 21.06
C GLU B 43 21.73 -37.55 20.24
N THR B 44 21.50 -36.92 19.11
CA THR B 44 22.58 -36.80 18.15
C THR B 44 22.84 -35.37 17.69
N SER B 45 21.79 -34.59 17.42
CA SER B 45 21.94 -33.32 16.71
C SER B 45 22.69 -32.29 17.55
N ILE B 46 22.41 -32.25 18.85
CA ILE B 46 23.09 -31.33 19.77
C ILE B 46 24.58 -31.61 19.74
N GLN B 47 24.96 -32.89 19.84
CA GLN B 47 26.34 -33.32 19.81
C GLN B 47 27.04 -32.88 18.53
N ASP B 48 26.41 -33.10 17.38
CA ASP B 48 27.00 -32.70 16.10
C ASP B 48 27.17 -31.19 15.99
N LEU B 49 26.22 -30.43 16.54
CA LEU B 49 26.31 -28.98 16.48
C LEU B 49 27.50 -28.46 17.27
N VAL B 50 27.80 -29.10 18.41
CA VAL B 50 28.95 -28.72 19.20
C VAL B 50 30.24 -28.93 18.41
N TRP B 51 30.33 -30.03 17.68
CA TRP B 51 31.52 -30.30 16.89
C TRP B 51 31.58 -29.53 15.57
N GLU B 52 30.65 -28.61 15.34
CA GLU B 52 30.68 -27.82 14.10
C GLU B 52 31.84 -26.82 14.11
N GLU B 53 32.14 -26.25 15.27
CA GLU B 53 33.34 -25.43 15.46
C GLU B 53 34.04 -25.93 16.71
N PRO B 54 34.78 -27.03 16.61
CA PRO B 54 35.14 -27.78 17.82
C PRO B 54 36.21 -27.14 18.69
N ARG B 55 36.92 -26.10 18.25
CA ARG B 55 37.97 -25.51 19.06
C ARG B 55 38.05 -23.99 18.98
N LEU B 56 38.36 -23.37 20.11
CA LEU B 56 38.65 -21.94 20.18
C LEU B 56 40.15 -21.77 20.30
N ILE B 57 40.72 -20.82 19.57
CA ILE B 57 42.18 -20.65 19.52
C ILE B 57 42.52 -19.18 19.70
N LEU B 58 43.46 -18.91 20.61
CA LEU B 58 44.08 -17.59 20.76
C LEU B 58 45.57 -17.71 20.45
N ASP B 59 46.26 -16.57 20.47
CA ASP B 59 47.68 -16.44 20.15
C ASP B 59 48.18 -15.07 20.57
N GLN B 60 49.42 -15.01 21.05
CA GLN B 60 50.17 -13.80 21.37
C GLN B 60 51.60 -14.25 21.13
N PRO B 61 52.38 -13.41 20.42
CA PRO B 61 53.79 -13.60 20.09
C PRO B 61 54.64 -12.86 21.13
N ALA B 62 54.61 -13.41 22.34
CA ALA B 62 55.31 -12.86 23.50
C ALA B 62 56.64 -12.12 23.31
N GLN B 63 56.57 -10.79 23.26
CA GLN B 63 57.75 -9.94 23.20
C GLN B 63 57.18 -8.97 24.23
N HIS B 64 57.86 -8.84 25.37
CA HIS B 64 57.42 -7.96 26.43
C HIS B 64 58.56 -7.57 27.37
N ASP B 69 62.66 -12.61 23.67
CA ASP B 69 62.13 -13.76 24.41
C ASP B 69 60.72 -14.12 23.95
N ASN B 70 60.52 -14.13 22.63
CA ASN B 70 59.22 -14.46 22.07
C ASN B 70 58.73 -15.82 22.58
N ILE B 71 57.46 -15.88 22.98
CA ILE B 71 56.90 -17.12 23.50
C ILE B 71 55.45 -17.33 23.10
N ASN B 72 55.24 -17.72 21.85
CA ASN B 72 53.89 -17.98 21.34
C ASN B 72 53.15 -18.82 22.36
N LYS B 73 52.04 -18.30 22.88
CA LYS B 73 51.25 -18.99 23.90
C LYS B 73 49.85 -19.07 23.31
N ARG B 74 49.57 -20.19 22.65
CA ARG B 74 48.22 -20.42 22.17
C ARG B 74 47.35 -20.97 23.28
N TYR B 75 46.24 -20.29 23.53
CA TYR B 75 45.24 -20.71 24.49
C TYR B 75 44.17 -21.43 23.70
N GLU B 76 43.87 -22.66 24.09
CA GLU B 76 42.96 -23.49 23.33
C GLU B 76 41.94 -24.15 24.24
N ILE B 77 40.68 -24.18 23.78
CA ILE B 77 39.59 -24.80 24.51
C ILE B 77 38.81 -25.70 23.55
N ARG B 78 38.65 -26.96 23.93
CA ARG B 78 38.04 -28.00 23.11
C ARG B 78 36.77 -28.51 23.77
N PHE B 79 35.68 -28.59 22.99
CA PHE B 79 34.40 -29.02 23.51
C PHE B 79 34.22 -30.51 23.24
N GLY B 80 33.93 -31.29 24.28
CA GLY B 80 33.80 -32.71 24.05
C GLY B 80 32.41 -33.32 24.12
N LYS B 81 32.28 -34.37 24.93
CA LYS B 81 31.04 -35.15 25.04
C LYS B 81 29.92 -34.31 25.66
N ILE B 82 28.69 -34.58 25.26
CA ILE B 82 27.50 -33.99 25.88
C ILE B 82 26.83 -35.02 26.78
N TYR B 83 26.39 -34.57 27.96
CA TYR B 83 25.66 -35.41 28.90
C TYR B 83 24.39 -34.67 29.26
N LEU B 84 23.33 -35.44 29.48
CA LEU B 84 22.01 -34.94 29.80
C LEU B 84 21.57 -35.52 31.12
N SER B 85 20.89 -34.69 31.89
CA SER B 85 20.25 -35.07 33.13
C SER B 85 18.75 -34.88 33.02
N ARG B 86 18.03 -35.65 33.83
CA ARG B 86 16.58 -35.54 33.90
C ARG B 86 16.20 -34.18 34.45
N PRO B 87 14.99 -33.69 34.12
CA PRO B 87 14.60 -32.34 34.55
C PRO B 87 14.50 -32.20 36.06
N THR B 88 15.03 -31.09 36.55
CA THR B 88 15.22 -30.89 37.98
C THR B 88 14.76 -29.50 38.36
N MET B 89 14.00 -29.42 39.45
CA MET B 89 13.56 -28.17 40.05
C MET B 89 14.56 -27.77 41.12
N THR B 90 15.22 -26.64 40.95
CA THR B 90 16.10 -26.12 41.99
C THR B 90 15.46 -24.90 42.64
N GLU B 91 14.95 -25.11 43.85
CA GLU B 91 14.38 -24.09 44.70
C GLU B 91 15.41 -23.01 45.04
N ALA B 92 14.90 -21.87 45.51
CA ALA B 92 15.79 -20.83 46.06
C ALA B 92 16.59 -21.34 47.25
N ASP B 93 16.00 -22.22 48.06
CA ASP B 93 16.72 -23.01 49.07
C ASP B 93 18.07 -23.55 48.58
N GLY B 94 18.09 -24.18 47.42
CA GLY B 94 19.21 -24.97 46.96
C GLY B 94 18.91 -26.44 46.78
N THR B 95 17.89 -26.94 47.48
CA THR B 95 17.43 -28.31 47.34
C THR B 95 16.91 -28.59 45.93
N THR B 96 17.08 -29.83 45.51
CA THR B 96 16.73 -30.25 44.15
C THR B 96 15.87 -31.50 44.28
N HIS B 97 15.07 -31.74 43.26
CA HIS B 97 14.30 -32.97 43.14
C HIS B 97 13.86 -33.11 41.69
N ALA B 98 13.44 -34.32 41.33
CA ALA B 98 12.93 -34.56 39.99
C ALA B 98 11.64 -33.78 39.82
N MET B 99 11.51 -33.09 38.70
CA MET B 99 10.34 -32.30 38.40
C MET B 99 9.37 -33.10 37.55
N PHE B 100 8.14 -33.16 37.95
CA PHE B 100 7.19 -33.74 37.05
C PHE B 100 6.27 -32.65 36.50
N PRO B 101 5.71 -32.83 35.29
CA PRO B 101 4.94 -31.77 34.62
C PRO B 101 3.82 -31.10 35.40
N GLN B 102 3.09 -31.83 36.23
CA GLN B 102 1.95 -31.23 36.92
C GLN B 102 2.38 -30.11 37.86
N GLU B 103 3.50 -30.29 38.56
CA GLU B 103 4.06 -29.19 39.35
C GLU B 103 4.48 -28.03 38.46
N ALA B 104 5.07 -28.35 37.30
CA ALA B 104 5.55 -27.33 36.37
C ALA B 104 4.43 -26.46 35.83
N ARG B 105 3.28 -27.04 35.47
CA ARG B 105 2.14 -26.25 35.05
C ARG B 105 1.64 -25.33 36.15
N LEU B 106 1.44 -25.87 37.35
CA LEU B 106 0.84 -25.14 38.46
C LEU B 106 1.66 -23.92 38.86
N ARG B 107 2.96 -24.08 39.02
CA ARG B 107 3.82 -23.03 39.55
C ARG B 107 4.46 -22.18 38.47
N ASN B 108 3.98 -22.27 37.21
CA ASN B 108 4.49 -21.51 36.07
C ASN B 108 5.99 -21.66 35.89
N LEU B 109 6.44 -22.90 35.95
CA LEU B 109 7.83 -23.21 35.71
C LEU B 109 8.03 -23.70 34.29
N THR B 110 9.29 -23.85 33.92
CA THR B 110 9.66 -24.39 32.63
C THR B 110 10.16 -25.80 32.85
N TYR B 111 9.61 -26.73 32.09
CA TYR B 111 10.00 -28.12 32.19
C TYR B 111 11.21 -28.32 31.30
N SER B 112 12.40 -28.33 31.90
CA SER B 112 13.61 -28.33 31.12
C SER B 112 14.70 -29.11 31.83
N SER B 113 15.62 -29.64 31.05
CA SER B 113 16.75 -30.45 31.48
C SER B 113 18.05 -29.65 31.50
N PRO B 114 18.85 -29.72 32.55
CA PRO B 114 20.18 -29.09 32.51
C PRO B 114 21.10 -29.85 31.57
N VAL B 115 21.88 -29.11 30.79
CA VAL B 115 22.83 -29.68 29.84
C VAL B 115 24.25 -29.37 30.29
N TYR B 116 25.09 -30.40 30.38
CA TYR B 116 26.48 -30.26 30.74
C TYR B 116 27.34 -30.67 29.56
N LEU B 117 28.45 -29.96 29.39
CA LEU B 117 29.38 -30.12 28.28
C LEU B 117 30.81 -30.22 28.78
N ASP B 118 31.49 -31.28 28.38
CA ASP B 118 32.91 -31.42 28.61
C ASP B 118 33.67 -30.34 27.85
N MET B 119 34.62 -29.72 28.52
CA MET B 119 35.48 -28.71 27.94
C MET B 119 36.90 -29.05 28.34
N GLU B 120 37.85 -28.89 27.43
CA GLU B 120 39.22 -29.29 27.69
C GLU B 120 40.13 -28.11 27.41
N LYS B 121 41.02 -27.84 28.35
CA LYS B 121 41.99 -26.76 28.22
C LYS B 121 43.32 -27.35 27.77
N SER B 122 44.06 -26.59 26.99
CA SER B 122 45.40 -26.99 26.59
C SER B 122 46.23 -25.73 26.37
N MET B 123 47.57 -25.84 26.59
CA MET B 123 48.42 -24.65 26.68
C MET B 123 49.75 -24.81 25.95
N PHE B 124 49.69 -24.65 24.63
CA PHE B 124 50.91 -24.53 23.83
C PHE B 124 51.73 -23.31 24.22
N THR B 125 53.05 -23.49 24.32
CA THR B 125 54.00 -22.45 24.73
C THR B 125 55.26 -22.70 23.93
N SER B 126 55.66 -21.73 23.10
CA SER B 126 56.82 -21.92 22.23
C SER B 126 57.65 -20.66 22.09
N ILE B 127 58.90 -20.71 22.57
CA ILE B 127 59.78 -19.54 22.53
C ILE B 127 60.42 -19.47 21.14
N ASP B 128 59.74 -18.79 20.22
CA ASP B 128 60.28 -18.58 18.88
C ASP B 128 59.66 -17.38 18.17
N GLY B 153 39.02 -28.93 31.07
CA GLY B 153 38.38 -28.73 32.36
C GLY B 153 37.59 -29.94 32.80
N ASN B 154 36.29 -29.74 33.08
CA ASN B 154 35.38 -30.83 33.37
C ASN B 154 33.96 -30.28 33.09
N LYS B 155 32.93 -31.07 33.33
CA LYS B 155 31.49 -30.83 33.20
C LYS B 155 30.90 -29.42 33.41
N VAL B 156 31.27 -28.43 32.59
CA VAL B 156 30.72 -27.08 32.77
C VAL B 156 29.29 -27.02 32.23
N HIS B 157 28.40 -26.42 33.03
CA HIS B 157 26.97 -26.26 32.78
C HIS B 157 26.71 -25.13 31.78
N ILE B 158 26.04 -25.44 30.67
CA ILE B 158 25.83 -24.45 29.62
C ILE B 158 24.40 -24.00 29.44
N GLY B 159 23.43 -24.57 30.11
CA GLY B 159 22.06 -24.08 29.98
C GLY B 159 21.05 -25.19 30.13
N LYS B 160 19.78 -24.80 30.07
CA LYS B 160 18.67 -25.73 30.17
C LYS B 160 17.90 -25.79 28.85
N VAL B 161 17.57 -27.00 28.41
CA VAL B 161 16.83 -27.25 27.18
C VAL B 161 15.44 -27.77 27.53
N PRO B 162 14.36 -27.13 27.09
CA PRO B 162 13.01 -27.65 27.33
C PRO B 162 12.77 -29.02 26.73
N ILE B 163 12.17 -29.91 27.52
CA ILE B 163 11.94 -31.30 27.15
C ILE B 163 10.52 -31.46 26.63
N MET B 164 10.38 -32.12 25.49
CA MET B 164 9.07 -32.48 24.96
C MET B 164 8.46 -33.59 25.80
N LEU B 165 7.23 -33.38 26.26
CA LEU B 165 6.57 -34.35 27.13
C LEU B 165 6.37 -35.65 26.38
N ARG B 166 6.54 -36.76 27.09
CA ARG B 166 6.46 -38.16 26.65
C ARG B 166 7.59 -38.56 25.73
N SER B 167 8.56 -37.70 25.47
CA SER B 167 9.76 -38.11 24.75
C SER B 167 10.63 -38.99 25.66
N LYS B 168 11.77 -39.43 25.12
CA LYS B 168 12.63 -40.33 25.87
C LYS B 168 13.31 -39.66 27.07
N PHE B 169 13.35 -38.34 27.12
CA PHE B 169 14.03 -37.65 28.21
C PHE B 169 13.08 -37.03 29.20
N CYS B 170 11.80 -37.38 29.13
CA CYS B 170 10.79 -36.89 30.04
C CYS B 170 10.58 -37.91 31.14
N SER B 171 10.40 -37.42 32.37
CA SER B 171 10.23 -38.32 33.50
C SER B 171 8.93 -39.11 33.49
N LEU B 172 8.02 -38.87 32.54
CA LEU B 172 6.80 -39.64 32.43
C LEU B 172 6.93 -40.85 31.54
N ARG B 173 7.99 -40.92 30.71
CA ARG B 173 8.16 -42.01 29.75
C ARG B 173 8.19 -43.38 30.41
N THR B 174 8.59 -43.44 31.68
CA THR B 174 8.64 -44.68 32.43
C THR B 174 7.37 -44.75 33.26
N LEU B 175 7.50 -44.81 34.59
CA LEU B 175 6.41 -44.75 35.55
C LEU B 175 5.44 -45.93 35.48
N ASP B 176 4.78 -46.12 34.31
CA ASP B 176 3.82 -47.19 34.01
C ASP B 176 2.48 -46.87 34.67
N GLU B 177 1.40 -47.09 33.91
CA GLU B 177 0.00 -46.69 34.09
C GLU B 177 -0.50 -46.47 35.50
N VAL B 178 -0.05 -47.30 36.44
CA VAL B 178 -0.45 -47.21 37.84
C VAL B 178 -0.03 -45.88 38.45
N ASP B 179 1.25 -45.55 38.30
CA ASP B 179 1.89 -44.37 38.87
C ASP B 179 1.66 -43.09 38.08
N LEU B 180 1.27 -43.19 36.80
CA LEU B 180 0.81 -42.02 36.06
C LEU B 180 -0.34 -41.31 36.75
N TYR B 181 -1.33 -42.06 37.23
CA TYR B 181 -2.44 -41.47 37.98
C TYR B 181 -1.95 -40.75 39.23
N LYS B 182 -0.90 -41.23 39.89
CA LYS B 182 -0.44 -40.52 41.07
C LYS B 182 0.24 -39.21 40.71
N MET B 183 0.91 -39.13 39.57
CA MET B 183 1.49 -37.87 39.12
C MET B 183 0.48 -36.91 38.48
N LYS B 184 -0.82 -37.18 38.61
CA LYS B 184 -1.91 -36.35 38.10
C LYS B 184 -1.89 -36.17 36.59
N GLU B 185 -1.36 -37.14 35.86
CA GLU B 185 -1.22 -37.06 34.43
C GLU B 185 -2.26 -37.93 33.76
N CYS B 186 -2.79 -37.44 32.66
CA CYS B 186 -3.86 -38.23 32.09
C CYS B 186 -3.31 -39.18 31.04
N PRO B 187 -3.68 -40.45 31.07
CA PRO B 187 -3.14 -41.40 30.10
C PRO B 187 -3.54 -41.14 28.66
N TYR B 188 -4.59 -40.36 28.43
CA TYR B 188 -4.95 -39.95 27.07
C TYR B 188 -4.11 -38.81 26.53
N ASP B 189 -3.33 -38.13 27.38
CA ASP B 189 -2.45 -37.06 26.95
C ASP B 189 -1.22 -37.66 26.30
N MET B 190 -1.07 -37.45 25.00
CA MET B 190 -0.01 -38.07 24.22
C MET B 190 1.24 -37.22 24.07
N GLY B 191 1.31 -36.07 24.74
CA GLY B 191 2.54 -35.30 24.65
C GLY B 191 2.72 -34.59 23.31
N GLY B 192 3.98 -34.43 22.93
CA GLY B 192 4.31 -33.68 21.75
C GLY B 192 4.37 -32.17 21.92
N TYR B 193 4.42 -31.67 23.14
CA TYR B 193 4.44 -30.24 23.36
C TYR B 193 5.38 -29.89 24.51
N PHE B 194 5.65 -28.61 24.67
CA PHE B 194 6.58 -28.14 25.69
C PHE B 194 5.80 -27.36 26.72
N VAL B 195 6.40 -27.14 27.88
CA VAL B 195 5.82 -26.30 28.90
C VAL B 195 6.77 -25.14 29.18
N ILE B 196 6.34 -23.92 28.87
CA ILE B 196 7.16 -22.73 29.04
C ILE B 196 6.38 -21.71 29.85
N ASN B 197 6.90 -21.39 31.05
CA ASN B 197 6.25 -20.56 32.06
C ASN B 197 4.82 -21.00 32.32
N GLY B 198 4.62 -22.30 32.45
CA GLY B 198 3.33 -22.86 32.74
C GLY B 198 2.41 -23.01 31.55
N SER B 199 2.78 -22.47 30.40
CA SER B 199 1.92 -22.44 29.24
C SER B 199 2.39 -23.51 28.27
N GLU B 200 1.44 -24.27 27.72
CA GLU B 200 1.79 -25.34 26.82
C GLU B 200 2.01 -24.83 25.40
N LYS B 201 3.22 -25.01 24.88
CA LYS B 201 3.59 -24.50 23.56
C LYS B 201 3.91 -25.68 22.65
N VAL B 202 3.33 -25.68 21.47
CA VAL B 202 3.55 -26.69 20.43
C VAL B 202 4.26 -26.06 19.24
N LEU B 203 5.21 -26.78 18.65
CA LEU B 203 5.90 -26.29 17.47
C LEU B 203 5.12 -26.67 16.22
N ILE B 204 4.91 -25.69 15.34
CA ILE B 204 4.17 -25.86 14.10
C ILE B 204 5.16 -26.17 12.99
N ALA B 205 4.95 -27.28 12.29
CA ALA B 205 5.78 -27.65 11.16
C ALA B 205 5.85 -26.53 10.11
N GLN B 206 7.07 -26.21 9.69
CA GLN B 206 7.33 -25.12 8.75
C GLN B 206 7.65 -25.69 7.39
N GLU B 207 6.88 -25.30 6.39
CA GLU B 207 7.07 -25.80 5.03
C GLU B 207 8.11 -24.95 4.33
N ARG B 208 9.07 -25.59 3.67
CA ARG B 208 10.05 -24.86 2.89
C ARG B 208 10.32 -25.61 1.60
N SER B 209 10.98 -24.93 0.67
CA SER B 209 11.43 -25.57 -0.56
C SER B 209 12.63 -26.46 -0.29
N ALA B 210 12.71 -27.55 -1.04
CA ALA B 210 13.84 -28.46 -0.94
C ALA B 210 15.14 -27.77 -1.32
N ALA B 211 16.21 -28.19 -0.69
CA ALA B 211 17.54 -27.74 -1.06
C ALA B 211 18.16 -28.72 -2.04
N ASN B 212 19.19 -28.23 -2.74
CA ASN B 212 20.04 -29.03 -3.63
C ASN B 212 19.26 -29.61 -4.81
N ILE B 213 18.26 -28.88 -5.30
CA ILE B 213 17.52 -29.24 -6.49
C ILE B 213 17.45 -28.06 -7.43
N VAL B 214 17.50 -28.34 -8.72
CA VAL B 214 17.45 -27.34 -9.77
C VAL B 214 15.99 -27.10 -10.15
N GLN B 215 15.57 -25.85 -10.13
CA GLN B 215 14.24 -25.50 -10.59
C GLN B 215 14.33 -24.45 -11.69
N VAL B 216 13.55 -24.62 -12.74
CA VAL B 216 13.52 -23.70 -13.86
C VAL B 216 12.18 -22.98 -13.94
N PHE B 217 12.21 -21.66 -13.96
CA PHE B 217 11.00 -20.87 -14.10
C PHE B 217 11.11 -19.90 -15.26
N LYS B 218 9.97 -19.53 -15.81
CA LYS B 218 9.91 -18.52 -16.85
C LYS B 218 9.69 -17.14 -16.24
N LYS B 219 10.16 -16.12 -16.95
CA LYS B 219 10.10 -14.74 -16.49
C LYS B 219 9.08 -13.94 -17.31
N ALA B 220 8.58 -12.86 -16.70
CA ALA B 220 7.53 -12.02 -17.24
C ALA B 220 8.05 -11.23 -18.44
N ALA B 221 7.11 -10.70 -19.24
CA ALA B 221 7.45 -10.03 -20.50
C ALA B 221 8.38 -8.82 -20.37
N PRO B 222 8.17 -7.80 -19.46
CA PRO B 222 9.07 -6.63 -19.50
C PRO B 222 10.47 -6.86 -18.92
N SER B 223 11.05 -8.04 -19.09
CA SER B 223 12.34 -8.38 -18.55
C SER B 223 13.25 -8.92 -19.65
N PRO B 224 14.53 -8.55 -19.66
CA PRO B 224 15.47 -9.14 -20.63
C PRO B 224 15.72 -10.63 -20.44
N ILE B 225 15.41 -11.15 -19.26
CA ILE B 225 15.52 -12.57 -18.94
C ILE B 225 14.22 -13.28 -19.27
N SER B 226 14.34 -14.48 -19.81
CA SER B 226 13.18 -15.30 -20.18
C SER B 226 13.08 -16.58 -19.37
N HIS B 227 14.19 -17.17 -18.99
CA HIS B 227 14.23 -18.38 -18.20
C HIS B 227 15.33 -18.23 -17.15
N VAL B 228 15.09 -18.78 -15.97
CA VAL B 228 16.04 -18.72 -14.87
C VAL B 228 16.12 -20.11 -14.26
N ALA B 229 17.34 -20.55 -13.92
CA ALA B 229 17.54 -21.75 -13.14
C ALA B 229 18.01 -21.30 -11.77
N GLU B 230 17.51 -21.94 -10.72
CA GLU B 230 17.80 -21.48 -9.37
C GLU B 230 18.10 -22.69 -8.50
N ILE B 231 18.99 -22.50 -7.53
CA ILE B 231 19.22 -23.54 -6.53
C ILE B 231 19.71 -22.92 -5.22
N ARG B 232 19.16 -23.39 -4.10
CA ARG B 232 19.69 -23.00 -2.80
C ARG B 232 20.47 -24.21 -2.27
N SER B 233 21.75 -23.99 -2.01
CA SER B 233 22.66 -25.07 -1.62
C SER B 233 22.73 -25.14 -0.11
N ALA B 234 22.62 -26.34 0.43
CA ALA B 234 22.62 -26.56 1.87
C ALA B 234 23.33 -27.86 2.14
N LEU B 235 24.12 -27.90 3.21
CA LEU B 235 24.97 -29.04 3.49
C LEU B 235 24.12 -30.21 3.97
N GLU B 236 24.73 -31.39 4.00
CA GLU B 236 24.01 -32.53 4.52
C GLU B 236 24.12 -32.60 6.04
N LYS B 237 25.34 -32.46 6.56
CA LYS B 237 25.52 -32.38 8.00
C LYS B 237 24.94 -31.08 8.53
N GLY B 238 24.34 -31.12 9.72
CA GLY B 238 23.46 -30.08 10.21
C GLY B 238 22.16 -29.78 9.47
N SER B 239 22.27 -29.56 8.14
CA SER B 239 21.29 -29.47 7.06
C SER B 239 21.04 -28.00 6.70
N ARG B 240 21.97 -27.12 7.08
CA ARG B 240 21.66 -25.72 7.32
C ARG B 240 21.88 -24.99 6.00
N LEU B 241 21.18 -23.87 5.81
CA LEU B 241 21.41 -23.08 4.60
C LEU B 241 22.81 -22.48 4.55
N ILE B 242 23.31 -22.33 3.33
CA ILE B 242 24.63 -21.75 3.07
C ILE B 242 24.52 -20.56 2.13
N SER B 243 24.04 -20.81 0.92
CA SER B 243 24.03 -19.80 -0.12
C SER B 243 23.02 -20.17 -1.18
N THR B 244 22.86 -19.25 -2.13
CA THR B 244 21.86 -19.38 -3.18
C THR B 244 22.50 -18.91 -4.48
N MET B 245 22.13 -19.54 -5.59
CA MET B 245 22.84 -19.33 -6.83
C MET B 245 21.81 -19.35 -7.94
N GLN B 246 22.06 -18.58 -8.99
CA GLN B 246 21.12 -18.46 -10.09
C GLN B 246 21.87 -18.48 -11.40
N ILE B 247 21.21 -18.96 -12.44
CA ILE B 247 21.71 -18.88 -13.82
C ILE B 247 20.62 -18.32 -14.70
N LYS B 248 20.82 -17.11 -15.20
CA LYS B 248 19.81 -16.40 -15.95
C LYS B 248 20.15 -16.44 -17.43
N LEU B 249 19.13 -16.68 -18.25
CA LEU B 249 19.24 -16.61 -19.70
C LEU B 249 18.67 -15.28 -20.17
N TYR B 250 19.52 -14.42 -20.68
CA TYR B 250 19.07 -13.11 -21.12
C TYR B 250 18.43 -13.22 -22.50
N GLY B 251 18.05 -12.08 -23.06
CA GLY B 251 17.46 -12.04 -24.38
C GLY B 251 16.01 -12.45 -24.45
N ARG B 252 15.17 -11.50 -24.85
CA ARG B 252 13.73 -11.69 -25.05
C ARG B 252 13.54 -12.39 -26.41
N GLU B 253 12.31 -12.44 -26.91
CA GLU B 253 11.96 -12.98 -28.22
C GLU B 253 12.25 -11.94 -29.29
N ASP B 254 13.33 -12.17 -30.06
CA ASP B 254 13.83 -11.27 -31.12
C ASP B 254 14.27 -9.92 -30.56
N LYS B 255 14.65 -9.89 -29.28
CA LYS B 255 15.11 -8.69 -28.61
C LYS B 255 16.12 -9.15 -27.57
N GLY B 256 17.20 -8.41 -27.41
CA GLY B 256 18.25 -8.87 -26.53
C GLY B 256 19.50 -9.28 -27.28
N THR B 257 19.48 -9.13 -28.61
CA THR B 257 20.57 -9.31 -29.59
C THR B 257 21.32 -10.61 -29.28
N GLY B 258 22.61 -10.55 -28.96
CA GLY B 258 23.34 -11.69 -28.41
C GLY B 258 22.67 -12.34 -27.21
N ARG B 259 22.33 -13.61 -27.30
CA ARG B 259 21.43 -14.28 -26.36
C ARG B 259 22.23 -15.09 -25.34
N THR B 260 23.11 -14.42 -24.60
CA THR B 260 24.16 -15.18 -23.96
C THR B 260 23.63 -15.58 -22.59
N ILE B 261 24.45 -16.21 -21.78
CA ILE B 261 24.01 -16.68 -20.47
C ILE B 261 25.03 -16.25 -19.43
N LYS B 262 24.58 -15.57 -18.39
CA LYS B 262 25.47 -15.22 -17.31
C LYS B 262 24.94 -15.85 -16.02
N ALA B 263 25.83 -16.09 -15.07
CA ALA B 263 25.46 -16.64 -13.78
C ALA B 263 25.59 -15.61 -12.67
N THR B 264 25.07 -15.96 -11.51
CA THR B 264 25.16 -15.15 -10.31
C THR B 264 25.88 -15.97 -9.26
N LEU B 265 26.90 -15.39 -8.64
CA LEU B 265 27.67 -16.11 -7.63
C LEU B 265 27.52 -15.41 -6.29
N PRO B 266 27.49 -16.16 -5.18
CA PRO B 266 27.44 -15.52 -3.86
C PRO B 266 28.62 -14.60 -3.63
N TYR B 267 28.32 -13.42 -3.08
CA TYR B 267 29.29 -12.40 -2.71
C TYR B 267 30.03 -11.83 -3.92
N VAL B 268 29.39 -11.77 -5.09
CA VAL B 268 29.96 -11.08 -6.25
C VAL B 268 28.88 -10.15 -6.79
N LYS B 269 29.26 -8.91 -7.06
CA LYS B 269 28.28 -7.85 -7.30
C LYS B 269 27.61 -7.94 -8.67
N GLN B 270 28.20 -8.64 -9.63
CA GLN B 270 27.72 -8.57 -11.00
C GLN B 270 27.63 -9.97 -11.60
N ASP B 271 26.77 -10.10 -12.61
CA ASP B 271 26.60 -11.36 -13.32
C ASP B 271 27.77 -11.66 -14.26
N ILE B 272 28.25 -12.89 -14.18
CA ILE B 272 29.46 -13.35 -14.89
C ILE B 272 29.06 -14.39 -15.93
N PRO B 273 29.47 -14.22 -17.20
CA PRO B 273 29.14 -15.20 -18.25
C PRO B 273 29.64 -16.61 -17.93
N ILE B 274 28.89 -17.61 -18.41
CA ILE B 274 29.08 -19.00 -18.04
C ILE B 274 30.46 -19.51 -18.44
N VAL B 275 30.87 -19.23 -19.67
CA VAL B 275 32.15 -19.71 -20.21
C VAL B 275 33.30 -19.30 -19.31
N ILE B 276 33.25 -18.08 -18.76
CA ILE B 276 34.30 -17.56 -17.89
C ILE B 276 34.44 -18.41 -16.63
N VAL B 277 33.32 -18.85 -16.05
CA VAL B 277 33.43 -19.64 -14.81
C VAL B 277 33.89 -21.06 -15.14
N PHE B 278 33.54 -21.58 -16.32
CA PHE B 278 34.08 -22.87 -16.75
C PHE B 278 35.60 -22.81 -16.87
N ARG B 279 36.11 -21.76 -17.48
CA ARG B 279 37.56 -21.59 -17.62
C ARG B 279 38.21 -21.39 -16.26
N ALA B 280 37.59 -20.60 -15.41
CA ALA B 280 38.04 -20.35 -14.05
C ALA B 280 38.11 -21.58 -13.16
N LEU B 281 37.55 -22.70 -13.57
CA LEU B 281 37.64 -23.91 -12.75
C LEU B 281 38.72 -24.86 -13.24
N GLY B 282 39.32 -24.60 -14.38
CA GLY B 282 40.41 -25.43 -14.87
C GLY B 282 40.17 -26.15 -16.18
N VAL B 283 39.04 -25.87 -16.84
CA VAL B 283 38.74 -26.44 -18.14
C VAL B 283 38.52 -25.31 -19.13
N VAL B 284 39.51 -25.08 -20.00
CA VAL B 284 39.56 -23.85 -20.78
C VAL B 284 39.23 -24.01 -22.28
N PRO B 285 39.73 -24.99 -23.08
CA PRO B 285 39.34 -25.00 -24.50
C PRO B 285 37.86 -25.29 -24.69
N ASP B 286 37.22 -24.47 -25.54
CA ASP B 286 35.83 -24.60 -26.04
C ASP B 286 35.33 -26.02 -26.19
N GLY B 287 36.12 -26.86 -26.89
CA GLY B 287 35.67 -28.19 -27.26
C GLY B 287 35.40 -29.07 -26.06
N GLU B 288 36.14 -28.85 -24.97
CA GLU B 288 35.89 -29.60 -23.74
C GLU B 288 34.68 -29.05 -23.03
N ILE B 289 34.54 -27.71 -23.00
CA ILE B 289 33.39 -27.04 -22.41
C ILE B 289 32.08 -27.55 -23.00
N LEU B 290 31.97 -27.54 -24.32
CA LEU B 290 30.74 -28.04 -24.94
C LEU B 290 30.57 -29.53 -24.73
N GLN B 291 31.67 -30.26 -24.51
CA GLN B 291 31.56 -31.68 -24.24
C GLN B 291 31.03 -31.93 -22.82
N HIS B 292 31.15 -30.96 -21.93
CA HIS B 292 30.58 -31.07 -20.60
C HIS B 292 29.12 -30.68 -20.53
N ILE B 293 28.61 -29.88 -21.47
CA ILE B 293 27.22 -29.46 -21.36
C ILE B 293 26.27 -30.31 -22.22
N CYS B 294 26.35 -30.13 -23.53
CA CYS B 294 25.45 -30.81 -24.45
C CYS B 294 25.94 -32.22 -24.77
N TYR B 295 25.10 -33.22 -24.56
CA TYR B 295 25.43 -34.60 -24.88
C TYR B 295 24.80 -35.07 -26.18
N ASP B 296 24.64 -34.15 -27.14
CA ASP B 296 24.05 -34.51 -28.43
C ASP B 296 24.62 -33.51 -29.42
N GLU B 297 25.67 -33.94 -30.12
CA GLU B 297 26.36 -33.18 -31.16
C GLU B 297 25.48 -32.81 -32.36
N ASN B 298 24.36 -33.49 -32.56
CA ASN B 298 23.46 -33.17 -33.67
C ASN B 298 22.54 -31.99 -33.37
N ASP B 299 22.18 -31.81 -32.09
CA ASP B 299 21.26 -30.76 -31.64
C ASP B 299 21.83 -29.38 -31.98
N TRP B 300 21.58 -28.92 -33.21
CA TRP B 300 22.11 -27.64 -33.65
C TRP B 300 21.37 -26.45 -33.08
N GLN B 301 20.09 -26.64 -32.71
CA GLN B 301 19.32 -25.56 -32.08
C GLN B 301 19.94 -25.19 -30.73
N MET B 302 20.25 -26.20 -29.92
CA MET B 302 20.90 -25.95 -28.64
C MET B 302 22.29 -25.38 -28.84
N LEU B 303 23.04 -25.91 -29.82
CA LEU B 303 24.39 -25.41 -30.10
C LEU B 303 24.37 -23.98 -30.61
N GLU B 304 23.36 -23.61 -31.40
CA GLU B 304 23.23 -22.22 -31.84
C GLU B 304 22.93 -21.28 -30.69
N MET B 305 22.27 -21.76 -29.64
CA MET B 305 22.01 -20.84 -28.55
C MET B 305 23.23 -20.67 -27.66
N LEU B 306 24.18 -21.61 -27.70
CA LEU B 306 25.39 -21.41 -26.92
C LEU B 306 26.44 -20.64 -27.67
N LYS B 307 26.25 -20.41 -28.99
CA LYS B 307 27.16 -19.69 -29.88
C LYS B 307 27.52 -18.31 -29.30
N PRO B 308 26.57 -17.40 -28.99
CA PRO B 308 26.98 -16.07 -28.49
C PRO B 308 27.74 -16.10 -27.17
N CYS B 309 27.54 -17.16 -26.36
CA CYS B 309 28.23 -17.26 -25.08
C CYS B 309 29.72 -17.50 -25.27
N ILE B 310 30.08 -18.24 -26.32
CA ILE B 310 31.49 -18.49 -26.61
C ILE B 310 32.17 -17.19 -27.02
N GLU B 311 31.56 -16.48 -27.97
CA GLU B 311 32.18 -15.26 -28.49
C GLU B 311 32.22 -14.13 -27.48
N GLU B 312 31.24 -14.04 -26.58
CA GLU B 312 31.35 -12.99 -25.57
C GLU B 312 32.33 -13.34 -24.45
N GLY B 313 32.88 -14.55 -24.46
CA GLY B 313 33.88 -14.86 -23.45
C GLY B 313 35.09 -15.46 -24.13
N PHE B 314 35.37 -15.00 -25.34
CA PHE B 314 36.47 -15.57 -26.11
C PHE B 314 37.80 -15.01 -25.65
N VAL B 315 37.86 -13.70 -25.39
CA VAL B 315 39.11 -12.99 -25.10
C VAL B 315 39.70 -13.41 -23.76
N ILE B 316 38.95 -14.10 -22.92
CA ILE B 316 39.45 -14.62 -21.67
C ILE B 316 39.90 -16.02 -22.04
N GLN B 317 41.21 -16.16 -22.30
CA GLN B 317 41.73 -17.38 -22.92
C GLN B 317 42.55 -18.27 -22.00
N ASP B 318 42.59 -17.99 -20.70
CA ASP B 318 43.30 -18.87 -19.79
C ASP B 318 42.79 -18.68 -18.36
N LYS B 319 43.25 -19.56 -17.48
CA LYS B 319 42.72 -19.68 -16.12
C LYS B 319 42.98 -18.43 -15.30
N GLU B 320 44.20 -17.90 -15.39
CA GLU B 320 44.64 -16.82 -14.51
C GLU B 320 43.84 -15.54 -14.73
N VAL B 321 43.70 -15.09 -15.98
CA VAL B 321 42.91 -13.89 -16.25
C VAL B 321 41.42 -14.13 -16.01
N ALA B 322 40.97 -15.38 -16.03
CA ALA B 322 39.59 -15.68 -15.67
C ALA B 322 39.34 -15.48 -14.20
N LEU B 323 40.14 -16.14 -13.36
CA LEU B 323 40.05 -15.99 -11.90
C LEU B 323 40.18 -14.54 -11.46
N ASP B 324 41.01 -13.75 -12.16
CA ASP B 324 41.15 -12.36 -11.78
C ASP B 324 39.93 -11.54 -12.17
N PHE B 325 39.32 -11.86 -13.32
CA PHE B 325 38.09 -11.20 -13.73
C PHE B 325 36.99 -11.36 -12.68
N ILE B 326 36.96 -12.52 -12.02
CA ILE B 326 36.00 -12.76 -10.97
C ILE B 326 36.30 -11.90 -9.75
N GLY B 327 37.53 -12.03 -9.22
CA GLY B 327 37.92 -11.34 -7.98
C GLY B 327 37.72 -9.83 -8.01
N ARG B 328 37.74 -9.23 -9.19
CA ARG B 328 37.56 -7.78 -9.36
C ARG B 328 36.12 -7.33 -9.17
N ARG B 329 35.20 -8.26 -8.95
CA ARG B 329 33.81 -7.97 -8.64
C ARG B 329 33.33 -8.46 -7.28
N GLY B 330 34.05 -9.36 -6.62
CA GLY B 330 33.46 -9.95 -5.45
C GLY B 330 33.35 -9.32 -4.08
N SER B 331 32.75 -8.12 -4.02
CA SER B 331 32.47 -7.37 -2.80
C SER B 331 33.63 -7.10 -1.85
N ALA B 332 34.86 -7.31 -2.30
CA ALA B 332 35.98 -7.11 -1.39
C ALA B 332 36.40 -5.65 -1.29
N ALA B 333 37.63 -5.46 -0.86
CA ALA B 333 38.27 -4.18 -0.69
C ALA B 333 38.93 -3.81 -2.02
N LEU B 334 39.38 -2.58 -2.11
CA LEU B 334 40.00 -2.08 -3.32
C LEU B 334 41.51 -2.15 -3.14
N GLY B 335 42.16 -2.96 -3.98
CA GLY B 335 43.60 -3.07 -3.90
C GLY B 335 44.11 -4.30 -3.17
N ILE B 336 43.82 -5.47 -3.74
CA ILE B 336 44.32 -6.69 -3.14
C ILE B 336 45.32 -7.36 -4.10
N ARG B 337 45.67 -6.64 -5.18
CA ARG B 337 46.46 -7.09 -6.34
C ARG B 337 46.28 -8.52 -6.89
N ARG B 338 46.56 -8.68 -8.20
CA ARG B 338 46.44 -9.94 -8.93
C ARG B 338 47.12 -11.12 -8.24
N GLU B 339 48.26 -10.88 -7.59
CA GLU B 339 49.01 -11.91 -6.90
C GLU B 339 48.20 -12.60 -5.79
N LYS B 340 47.16 -11.92 -5.28
CA LYS B 340 46.29 -12.42 -4.22
C LYS B 340 44.80 -12.41 -4.53
N ARG B 341 44.34 -11.44 -5.34
CA ARG B 341 42.94 -11.38 -5.78
C ARG B 341 42.48 -12.66 -6.48
N ILE B 342 43.38 -13.37 -7.16
CA ILE B 342 43.11 -14.75 -7.54
C ILE B 342 42.85 -15.65 -6.34
N GLN B 343 43.78 -15.67 -5.37
CA GLN B 343 43.65 -16.52 -4.20
C GLN B 343 42.45 -16.19 -3.30
N TYR B 344 41.86 -15.01 -3.45
CA TYR B 344 40.60 -14.75 -2.75
C TYR B 344 39.41 -15.32 -3.50
N ALA B 345 39.41 -15.18 -4.83
CA ALA B 345 38.37 -15.76 -5.67
C ALA B 345 38.39 -17.28 -5.68
N LYS B 346 39.55 -17.92 -5.58
CA LYS B 346 39.61 -19.38 -5.46
C LYS B 346 38.88 -19.90 -4.22
N ASP B 347 38.70 -19.07 -3.19
CA ASP B 347 37.92 -19.50 -2.05
C ASP B 347 36.43 -19.39 -2.39
N ILE B 348 36.04 -18.31 -3.07
CA ILE B 348 34.65 -18.11 -3.49
C ILE B 348 34.24 -19.19 -4.51
N LEU B 349 35.18 -19.82 -5.17
CA LEU B 349 34.82 -20.92 -6.07
C LEU B 349 34.84 -22.26 -5.37
N GLN B 350 35.84 -22.50 -4.51
CA GLN B 350 35.95 -23.78 -3.81
C GLN B 350 34.83 -23.95 -2.79
N LYS B 351 34.65 -22.95 -1.94
CA LYS B 351 33.51 -22.91 -1.05
C LYS B 351 32.56 -21.82 -1.52
N GLU B 352 31.33 -21.90 -1.00
CA GLU B 352 30.16 -21.04 -1.20
C GLU B 352 29.49 -21.36 -2.53
N LEU B 353 30.25 -21.68 -3.57
CA LEU B 353 29.68 -22.07 -4.87
C LEU B 353 29.47 -23.58 -4.83
N LEU B 354 28.20 -23.99 -4.90
CA LEU B 354 27.78 -25.38 -4.79
C LEU B 354 28.38 -26.20 -3.64
N PRO B 355 28.35 -25.70 -2.39
CA PRO B 355 29.05 -26.41 -1.30
C PRO B 355 28.51 -27.79 -0.95
N HIS B 356 27.33 -28.15 -1.43
CA HIS B 356 26.79 -29.47 -1.17
C HIS B 356 27.51 -30.59 -1.91
N ILE B 357 28.23 -30.29 -2.99
CA ILE B 357 28.95 -31.35 -3.70
C ILE B 357 30.18 -31.79 -2.93
N THR B 358 31.11 -30.85 -2.66
CA THR B 358 32.28 -31.09 -1.83
C THR B 358 32.92 -29.75 -1.51
N GLN B 359 33.72 -29.75 -0.45
CA GLN B 359 34.54 -28.59 -0.09
C GLN B 359 36.02 -28.88 0.08
N GLU B 360 36.48 -30.11 -0.11
CA GLU B 360 37.90 -30.38 -0.09
C GLU B 360 38.54 -30.00 -1.43
N GLU B 361 39.86 -29.81 -1.40
CA GLU B 361 40.58 -29.39 -2.58
C GLU B 361 40.77 -30.54 -3.57
N GLY B 362 41.14 -30.16 -4.79
CA GLY B 362 41.48 -31.11 -5.85
C GLY B 362 40.31 -31.96 -6.28
N PHE B 363 39.08 -31.47 -6.11
CA PHE B 363 37.89 -32.16 -6.59
C PHE B 363 37.04 -31.30 -7.53
N GLU B 364 37.64 -30.35 -8.24
CA GLU B 364 36.94 -29.44 -9.14
C GLU B 364 36.31 -30.12 -10.35
N THR B 365 36.60 -31.40 -10.61
CA THR B 365 35.94 -32.12 -11.68
C THR B 365 34.45 -32.30 -11.43
N ARG B 366 34.04 -32.45 -10.17
CA ARG B 366 32.62 -32.59 -9.88
C ARG B 366 31.84 -31.31 -10.11
N LYS B 367 32.41 -30.15 -9.76
CA LYS B 367 31.66 -28.92 -9.97
C LYS B 367 31.57 -28.59 -11.45
N THR B 368 32.62 -28.84 -12.22
CA THR B 368 32.57 -28.54 -13.64
C THR B 368 31.53 -29.39 -14.35
N PHE B 369 31.48 -30.68 -14.01
CA PHE B 369 30.46 -31.57 -14.59
C PHE B 369 29.06 -31.17 -14.19
N PHE B 370 28.87 -30.76 -12.93
CA PHE B 370 27.56 -30.35 -12.47
C PHE B 370 27.08 -29.06 -13.15
N LEU B 371 27.99 -28.09 -13.29
CA LEU B 371 27.69 -26.84 -13.99
C LEU B 371 27.19 -27.08 -15.40
N GLY B 372 27.78 -28.05 -16.10
CA GLY B 372 27.31 -28.37 -17.44
C GLY B 372 25.90 -28.92 -17.43
N TYR B 373 25.56 -29.73 -16.43
CA TYR B 373 24.20 -30.25 -16.28
C TYR B 373 23.18 -29.13 -16.14
N MET B 374 23.48 -28.12 -15.32
CA MET B 374 22.59 -26.98 -15.14
C MET B 374 22.28 -26.26 -16.44
N VAL B 375 23.32 -25.93 -17.19
CA VAL B 375 23.15 -25.25 -18.47
C VAL B 375 22.33 -26.10 -19.44
N ASN B 376 22.54 -27.42 -19.41
CA ASN B 376 21.76 -28.34 -20.23
C ASN B 376 20.28 -28.26 -19.86
N ARG B 377 19.97 -28.30 -18.57
CA ARG B 377 18.58 -28.19 -18.12
C ARG B 377 17.97 -26.85 -18.47
N LEU B 378 18.75 -25.77 -18.33
CA LEU B 378 18.29 -24.43 -18.70
C LEU B 378 17.85 -24.36 -20.16
N LEU B 379 18.62 -24.95 -21.06
CA LEU B 379 18.30 -24.82 -22.47
C LEU B 379 17.14 -25.71 -22.89
N LEU B 380 16.97 -26.89 -22.27
CA LEU B 380 15.81 -27.74 -22.54
C LEU B 380 14.50 -26.99 -22.29
N CYS B 381 14.45 -26.16 -21.26
CA CYS B 381 13.22 -25.43 -21.03
C CYS B 381 13.09 -24.30 -22.04
N ALA B 382 14.19 -23.62 -22.33
CA ALA B 382 14.16 -22.56 -23.33
C ALA B 382 13.87 -23.09 -24.73
N LEU B 383 14.24 -24.34 -25.02
CA LEU B 383 13.90 -24.95 -26.30
C LEU B 383 12.51 -25.56 -26.35
N GLU B 384 11.70 -25.36 -25.30
CA GLU B 384 10.34 -25.91 -25.20
C GLU B 384 10.28 -27.42 -25.37
N ARG B 385 11.32 -28.12 -24.92
CA ARG B 385 11.31 -29.58 -24.89
C ARG B 385 10.90 -30.13 -23.54
N LYS B 386 10.76 -29.27 -22.54
CA LYS B 386 10.40 -29.64 -21.19
C LYS B 386 9.68 -28.46 -20.57
N ASP B 387 8.59 -28.74 -19.88
CA ASP B 387 7.84 -27.72 -19.18
C ASP B 387 8.70 -27.12 -18.08
N GLN B 388 8.36 -25.89 -17.70
CA GLN B 388 8.97 -25.33 -16.52
C GLN B 388 8.47 -26.11 -15.30
N ASP B 389 9.28 -26.11 -14.26
CA ASP B 389 8.95 -26.86 -13.06
C ASP B 389 7.74 -26.29 -12.35
N ASP B 390 7.01 -27.15 -11.67
CA ASP B 390 5.81 -26.77 -10.96
C ASP B 390 6.25 -26.60 -9.51
N ARG B 391 6.24 -25.35 -9.05
CA ARG B 391 6.69 -24.98 -7.71
C ARG B 391 5.89 -25.65 -6.60
N ASP B 392 4.69 -26.12 -6.90
CA ASP B 392 3.79 -26.69 -5.90
C ASP B 392 3.85 -28.21 -5.83
N HIS B 393 4.55 -28.86 -6.75
CA HIS B 393 4.80 -30.29 -6.69
C HIS B 393 5.35 -30.63 -5.31
N PHE B 394 4.64 -31.49 -4.59
CA PHE B 394 4.95 -31.79 -3.19
C PHE B 394 6.27 -32.53 -3.01
N GLY B 395 6.74 -33.24 -4.04
CA GLY B 395 8.04 -33.89 -3.96
C GLY B 395 9.20 -32.92 -3.88
N LYS B 396 8.98 -31.68 -4.28
CA LYS B 396 9.97 -30.64 -4.16
C LYS B 396 9.82 -29.86 -2.85
N LYS B 397 9.19 -30.44 -1.83
CA LYS B 397 8.91 -29.72 -0.59
C LYS B 397 9.39 -30.52 0.60
N ARG B 398 9.63 -29.83 1.70
CA ARG B 398 10.10 -30.42 2.96
C ARG B 398 9.36 -29.79 4.11
N LEU B 399 9.20 -30.57 5.18
CA LEU B 399 8.59 -30.09 6.41
C LEU B 399 9.61 -30.07 7.53
N ASP B 400 9.86 -28.89 8.09
CA ASP B 400 10.75 -28.76 9.22
C ASP B 400 9.94 -28.98 10.50
N LEU B 401 10.26 -30.03 11.25
CA LEU B 401 9.56 -30.29 12.50
C LEU B 401 10.46 -29.90 13.67
N ALA B 402 10.13 -30.40 14.87
CA ALA B 402 10.73 -29.97 16.13
C ALA B 402 12.25 -30.09 16.10
N GLY B 403 12.74 -31.23 15.62
CA GLY B 403 14.16 -31.50 15.53
C GLY B 403 14.97 -30.49 14.73
N PRO B 404 14.76 -30.44 13.41
CA PRO B 404 15.47 -29.44 12.58
C PRO B 404 15.30 -28.00 13.00
N LEU B 405 14.11 -27.61 13.46
CA LEU B 405 13.89 -26.24 13.91
C LEU B 405 14.70 -25.89 15.15
N LEU B 406 14.80 -26.81 16.10
CA LEU B 406 15.62 -26.52 17.28
C LEU B 406 17.09 -26.46 16.94
N ALA B 407 17.56 -27.30 16.02
CA ALA B 407 18.99 -27.30 15.69
C ALA B 407 19.40 -25.97 15.09
N ASN B 408 18.56 -25.39 14.22
CA ASN B 408 18.90 -24.10 13.63
C ASN B 408 18.94 -23.01 14.68
N LEU B 409 18.02 -23.05 15.63
CA LEU B 409 18.03 -22.06 16.71
C LEU B 409 19.18 -22.28 17.68
N PHE B 410 19.47 -23.54 18.00
CA PHE B 410 20.56 -23.84 18.92
C PHE B 410 21.90 -23.44 18.32
N ARG B 411 22.05 -23.62 17.01
CA ARG B 411 23.27 -23.22 16.31
C ARG B 411 23.54 -21.73 16.48
N ILE B 412 22.53 -20.89 16.26
CA ILE B 412 22.69 -19.44 16.38
C ILE B 412 23.09 -19.05 17.79
N LEU B 413 22.48 -19.67 18.80
CA LEU B 413 22.72 -19.30 20.18
C LEU B 413 24.05 -19.82 20.67
N PHE B 414 24.49 -20.97 20.20
CA PHE B 414 25.77 -21.49 20.63
C PHE B 414 26.93 -20.65 20.13
N ARG B 415 26.83 -20.07 18.92
CA ARG B 415 27.85 -19.12 18.50
C ARG B 415 27.86 -17.87 19.38
N LYS B 416 26.67 -17.38 19.76
CA LYS B 416 26.60 -16.23 20.66
C LYS B 416 27.27 -16.53 21.99
N LEU B 417 27.05 -17.73 22.54
CA LEU B 417 27.76 -18.12 23.74
C LEU B 417 29.27 -18.20 23.49
N THR B 418 29.66 -18.71 22.32
CA THR B 418 31.08 -18.82 21.96
C THR B 418 31.79 -17.47 21.96
N ARG B 419 31.23 -16.46 21.26
CA ARG B 419 31.85 -15.14 21.23
C ARG B 419 31.94 -14.50 22.61
N GLU B 420 30.98 -14.80 23.50
CA GLU B 420 31.09 -14.24 24.85
C GLU B 420 32.20 -14.90 25.63
N ILE B 421 32.53 -16.15 25.30
CA ILE B 421 33.67 -16.79 25.93
C ILE B 421 34.97 -16.18 25.40
N TYR B 422 35.05 -16.02 24.08
CA TYR B 422 36.22 -15.44 23.44
C TYR B 422 36.49 -14.01 23.91
N ARG B 423 35.46 -13.15 23.94
CA ARG B 423 35.64 -11.79 24.44
C ARG B 423 36.01 -11.76 25.92
N TYR B 424 35.67 -12.80 26.67
CA TYR B 424 36.00 -12.82 28.08
C TYR B 424 37.43 -13.30 28.34
N MET B 425 37.94 -14.20 27.51
CA MET B 425 39.33 -14.64 27.65
C MET B 425 40.34 -13.52 27.40
N GLN B 426 40.11 -12.65 26.43
CA GLN B 426 41.06 -11.57 26.18
C GLN B 426 41.19 -10.59 27.34
N ARG B 427 40.16 -10.41 28.16
CA ARG B 427 40.39 -9.65 29.39
C ARG B 427 40.93 -10.50 30.54
N CYS B 428 40.43 -11.72 30.71
CA CYS B 428 40.87 -12.48 31.89
C CYS B 428 42.25 -13.09 31.77
N ILE B 429 42.91 -13.02 30.62
CA ILE B 429 44.25 -13.56 30.49
C ILE B 429 45.29 -12.42 30.57
N GLU B 430 44.87 -11.16 30.36
CA GLU B 430 45.75 -10.03 30.62
C GLU B 430 46.09 -9.88 32.10
N THR B 431 45.23 -10.41 32.98
CA THR B 431 45.56 -10.50 34.40
C THR B 431 46.49 -11.65 34.71
N ASP B 432 46.67 -12.56 33.74
CA ASP B 432 47.46 -13.79 33.87
C ASP B 432 46.99 -14.63 35.06
N ARG B 433 45.68 -14.76 35.19
CA ARG B 433 45.08 -15.54 36.27
C ARG B 433 44.25 -16.66 35.67
N ASP B 434 44.51 -17.90 36.13
CA ASP B 434 43.78 -19.10 35.74
C ASP B 434 42.28 -18.92 35.93
N PHE B 435 41.52 -18.91 34.83
CA PHE B 435 40.09 -18.71 34.94
C PHE B 435 39.44 -20.02 35.32
N ASN B 436 38.46 -19.94 36.22
CA ASN B 436 37.78 -21.05 36.87
C ASN B 436 36.71 -21.69 35.99
N LEU B 437 36.72 -21.38 34.69
CA LEU B 437 35.84 -21.90 33.63
C LEU B 437 34.38 -21.62 33.92
N ASN B 438 33.85 -22.08 35.07
CA ASN B 438 32.45 -21.85 35.45
C ASN B 438 32.08 -20.37 35.52
N LEU B 439 33.07 -19.48 35.59
CA LEU B 439 32.88 -18.03 35.52
C LEU B 439 32.95 -17.51 34.10
N ALA B 440 33.20 -18.39 33.12
CA ALA B 440 33.26 -17.96 31.73
C ALA B 440 32.20 -18.62 30.86
N VAL B 441 31.17 -19.17 31.49
CA VAL B 441 30.04 -19.76 30.77
C VAL B 441 28.79 -19.22 31.45
N LYS B 442 28.10 -18.29 30.80
CA LYS B 442 26.90 -17.70 31.36
C LYS B 442 25.77 -18.50 30.75
N SER B 443 25.13 -19.33 31.57
CA SER B 443 24.02 -20.15 31.11
C SER B 443 22.78 -19.34 30.76
N THR B 444 22.74 -18.04 31.02
CA THR B 444 21.56 -17.27 30.66
C THR B 444 21.42 -17.10 29.15
N THR B 445 22.52 -17.21 28.40
CA THR B 445 22.46 -17.03 26.96
C THR B 445 21.60 -18.08 26.26
N ILE B 446 21.85 -19.36 26.54
CA ILE B 446 21.03 -20.40 25.93
C ILE B 446 19.66 -20.52 26.58
N THR B 447 19.60 -20.48 27.91
CA THR B 447 18.33 -20.64 28.62
C THR B 447 17.33 -19.56 28.28
N SER B 448 17.75 -18.29 28.31
CA SER B 448 16.81 -17.23 27.98
C SER B 448 16.51 -17.21 26.49
N GLY B 449 17.49 -17.57 25.66
CA GLY B 449 17.27 -17.61 24.23
C GLY B 449 16.20 -18.61 23.84
N LEU B 450 16.33 -19.86 24.31
CA LEU B 450 15.32 -20.87 23.98
C LEU B 450 13.96 -20.54 24.58
N LYS B 451 13.91 -20.12 25.85
CA LYS B 451 12.65 -19.73 26.47
C LYS B 451 11.95 -18.61 25.72
N TYR B 452 12.69 -17.59 25.29
CA TYR B 452 12.03 -16.43 24.68
C TYR B 452 11.42 -16.82 23.33
N SER B 453 12.17 -17.55 22.52
CA SER B 453 11.70 -17.92 21.20
C SER B 453 10.53 -18.89 21.28
N LEU B 454 10.57 -19.84 22.21
CA LEU B 454 9.44 -20.75 22.34
C LEU B 454 8.21 -20.05 22.92
N ALA B 455 8.40 -19.01 23.73
CA ALA B 455 7.25 -18.34 24.32
C ALA B 455 6.59 -17.37 23.38
N THR B 456 7.35 -16.69 22.52
CA THR B 456 6.76 -15.71 21.63
C THR B 456 6.61 -16.20 20.19
N GLY B 457 7.34 -17.23 19.77
CA GLY B 457 7.30 -17.54 18.36
C GLY B 457 8.23 -16.72 17.50
N ASN B 458 8.95 -15.75 18.05
CA ASN B 458 9.90 -14.95 17.29
C ASN B 458 11.19 -15.74 17.10
N TRP B 459 11.44 -16.14 15.84
CA TRP B 459 12.51 -17.06 15.50
C TRP B 459 13.80 -16.31 15.18
N GLY B 460 14.52 -15.96 16.24
CA GLY B 460 15.78 -15.27 16.06
C GLY B 460 16.24 -14.68 17.37
N GLU B 461 17.28 -13.86 17.27
CA GLU B 461 17.79 -13.15 18.43
C GLU B 461 16.75 -12.11 18.79
N GLN B 462 16.55 -11.90 20.09
CA GLN B 462 15.54 -10.98 20.60
C GLN B 462 15.67 -9.56 20.02
N LYS B 463 16.91 -9.04 19.89
CA LYS B 463 17.08 -7.70 19.32
C LYS B 463 16.70 -7.61 17.84
N LYS B 464 16.56 -8.74 17.15
CA LYS B 464 16.17 -8.76 15.74
C LYS B 464 14.80 -9.37 15.54
N ALA B 465 13.81 -8.95 16.32
CA ALA B 465 12.49 -9.58 16.30
C ALA B 465 11.76 -9.39 14.97
N MET B 466 11.88 -8.21 14.36
CA MET B 466 11.47 -8.10 12.97
C MET B 466 12.47 -8.79 12.06
N SER B 467 12.04 -9.06 10.80
CA SER B 467 12.68 -9.85 9.74
C SER B 467 12.74 -11.36 10.07
N SER B 468 12.72 -11.70 11.36
CA SER B 468 12.58 -13.07 11.84
C SER B 468 11.16 -13.58 11.61
N ARG B 469 11.03 -14.90 11.47
CA ARG B 469 9.73 -15.50 11.23
C ARG B 469 8.93 -15.60 12.53
N ALA B 470 7.66 -15.24 12.46
CA ALA B 470 6.72 -15.25 13.57
C ALA B 470 5.77 -16.45 13.51
N GLY B 471 5.21 -16.77 14.67
CA GLY B 471 4.20 -17.81 14.73
C GLY B 471 4.66 -19.25 14.67
N VAL B 472 5.95 -19.53 14.84
CA VAL B 472 6.40 -20.90 14.81
C VAL B 472 5.93 -21.67 16.04
N SER B 473 5.90 -21.03 17.19
CA SER B 473 5.31 -21.60 18.40
C SER B 473 3.98 -20.95 18.75
N GLN B 474 3.01 -21.77 19.16
CA GLN B 474 1.67 -21.31 19.47
C GLN B 474 1.17 -22.00 20.72
N VAL B 475 0.29 -21.32 21.47
CA VAL B 475 -0.34 -21.92 22.63
C VAL B 475 -1.22 -23.07 22.22
N LEU B 476 -1.03 -24.23 22.84
CA LEU B 476 -1.73 -25.43 22.43
C LEU B 476 -3.20 -25.31 22.74
N ASN B 477 -4.04 -25.42 21.71
CA ASN B 477 -5.48 -25.34 21.88
C ASN B 477 -5.96 -26.59 22.62
N ARG B 478 -6.64 -26.40 23.74
CA ARG B 478 -7.18 -27.50 24.54
C ARG B 478 -8.68 -27.44 24.68
N TYR B 479 -9.37 -26.78 23.74
CA TYR B 479 -10.82 -26.61 23.88
C TYR B 479 -11.52 -27.96 23.88
N THR B 480 -11.08 -28.89 23.03
CA THR B 480 -11.63 -30.24 22.96
C THR B 480 -10.56 -31.19 22.48
N TYR B 481 -10.84 -32.50 22.63
CA TYR B 481 -9.81 -33.50 22.38
C TYR B 481 -9.42 -33.55 20.90
N SER B 482 -10.41 -33.50 20.02
CA SER B 482 -10.15 -33.47 18.58
C SER B 482 -9.25 -32.30 18.20
N SER B 483 -9.45 -31.15 18.83
CA SER B 483 -8.67 -29.96 18.52
C SER B 483 -7.22 -30.13 18.95
N THR B 484 -6.97 -30.90 20.01
CA THR B 484 -5.58 -31.15 20.39
C THR B 484 -4.87 -31.98 19.34
N LEU B 485 -5.50 -33.06 18.86
CA LEU B 485 -4.90 -33.87 17.81
C LEU B 485 -4.61 -33.08 16.55
N SER B 486 -5.56 -32.24 16.11
CA SER B 486 -5.32 -31.45 14.90
C SER B 486 -4.18 -30.47 15.10
N HIS B 487 -4.12 -29.83 16.26
CA HIS B 487 -3.13 -28.79 16.48
C HIS B 487 -1.71 -29.36 16.48
N LEU B 488 -1.53 -30.58 16.96
CA LEU B 488 -0.20 -31.16 17.00
C LEU B 488 0.27 -31.65 15.63
N ARG B 489 -0.61 -31.69 14.64
CA ARG B 489 -0.33 -32.20 13.30
C ARG B 489 -0.49 -31.12 12.24
N ARG B 490 -0.32 -29.87 12.61
CA ARG B 490 -0.57 -28.77 11.71
C ARG B 490 0.74 -28.42 11.01
N THR B 491 0.63 -27.86 9.81
CA THR B 491 1.80 -27.43 9.05
C THR B 491 1.50 -26.02 8.60
N ASN B 492 2.56 -25.26 8.35
CA ASN B 492 2.40 -23.87 7.99
C ASN B 492 3.32 -23.56 6.82
N THR B 493 2.80 -22.85 5.83
CA THR B 493 3.63 -22.33 4.75
C THR B 493 3.85 -20.85 4.99
N PRO B 494 5.07 -20.37 5.13
CA PRO B 494 5.26 -18.97 5.51
C PRO B 494 5.42 -18.02 4.32
N ILE B 495 4.36 -17.91 3.54
CA ILE B 495 4.39 -17.08 2.33
C ILE B 495 3.88 -15.68 2.65
N GLY B 496 2.83 -15.57 3.46
CA GLY B 496 2.30 -14.28 3.83
C GLY B 496 0.81 -14.05 3.84
N ARG B 497 0.42 -12.88 3.36
CA ARG B 497 -0.94 -12.38 3.19
C ARG B 497 -0.77 -11.32 2.11
N ASP B 498 0.49 -11.02 1.85
CA ASP B 498 0.97 -10.16 0.79
C ASP B 498 1.26 -11.11 -0.37
N GLY B 499 0.64 -10.86 -1.51
CA GLY B 499 0.76 -11.78 -2.63
C GLY B 499 -0.60 -12.46 -2.60
N LYS B 500 -1.39 -12.09 -3.60
CA LYS B 500 -2.72 -12.67 -3.78
C LYS B 500 -2.64 -13.96 -4.58
N LEU B 501 -3.05 -13.91 -5.85
CA LEU B 501 -3.03 -15.07 -6.76
C LEU B 501 -3.70 -16.32 -6.20
N ALA B 502 -3.19 -17.49 -6.57
CA ALA B 502 -3.75 -18.74 -6.07
C ALA B 502 -2.82 -19.91 -5.87
N LYS B 503 -1.63 -19.89 -6.48
CA LYS B 503 -0.82 -21.10 -6.58
C LYS B 503 -0.41 -21.70 -5.24
N PRO B 504 0.13 -20.98 -4.24
CA PRO B 504 0.38 -21.67 -2.97
C PRO B 504 -0.90 -22.00 -2.21
N ARG B 505 -2.01 -21.33 -2.52
CA ARG B 505 -3.25 -21.63 -1.81
C ARG B 505 -4.04 -22.81 -2.37
N GLN B 506 -3.85 -23.20 -3.62
CA GLN B 506 -4.67 -24.25 -4.21
C GLN B 506 -4.35 -25.62 -3.65
N LEU B 507 -5.36 -26.49 -3.66
CA LEU B 507 -5.15 -27.90 -3.35
C LEU B 507 -4.57 -28.57 -4.59
N HIS B 508 -3.26 -28.83 -4.57
CA HIS B 508 -2.58 -29.42 -5.71
C HIS B 508 -2.81 -30.93 -5.72
N ASN B 509 -2.79 -31.52 -6.93
CA ASN B 509 -3.00 -32.96 -7.10
C ASN B 509 -2.04 -33.80 -6.27
N THR B 510 -0.80 -33.36 -6.11
CA THR B 510 0.18 -34.16 -5.40
C THR B 510 -0.01 -34.16 -3.89
N HIS B 511 -1.01 -33.45 -3.39
CA HIS B 511 -1.33 -33.52 -1.97
C HIS B 511 -2.04 -34.80 -1.56
N TRP B 512 -2.60 -35.55 -2.52
CA TRP B 512 -3.30 -36.81 -2.30
C TRP B 512 -2.60 -37.72 -1.32
N GLY B 513 -3.30 -38.05 -0.23
CA GLY B 513 -2.79 -38.96 0.77
C GLY B 513 -1.74 -38.38 1.70
N LEU B 514 -1.26 -37.16 1.47
CA LEU B 514 -0.23 -36.57 2.30
C LEU B 514 -0.74 -35.43 3.16
N VAL B 515 -1.55 -34.53 2.65
CA VAL B 515 -2.23 -33.58 3.51
C VAL B 515 -3.73 -33.67 3.23
N CYS B 516 -4.51 -33.32 4.25
CA CYS B 516 -5.97 -33.42 4.17
C CYS B 516 -6.53 -32.53 3.07
N PRO B 517 -7.44 -33.04 2.25
CA PRO B 517 -8.12 -32.20 1.25
C PRO B 517 -9.24 -31.35 1.80
N ALA B 518 -9.69 -31.59 3.02
CA ALA B 518 -10.83 -30.89 3.59
C ALA B 518 -10.46 -29.87 4.66
N GLU B 519 -9.56 -30.21 5.58
CA GLU B 519 -9.25 -29.40 6.75
C GLU B 519 -8.37 -28.21 6.42
N THR B 520 -9.00 -27.02 6.32
CA THR B 520 -8.24 -25.79 6.17
C THR B 520 -8.99 -24.59 6.73
N PRO B 521 -8.29 -23.63 7.34
CA PRO B 521 -8.98 -22.50 7.98
C PRO B 521 -9.68 -21.59 6.99
N GLU B 522 -10.74 -20.93 7.46
CA GLU B 522 -11.36 -19.85 6.71
C GLU B 522 -10.56 -18.57 6.90
N GLY B 523 -10.63 -17.70 5.89
CA GLY B 523 -10.01 -16.40 6.04
C GLY B 523 -8.63 -16.26 5.41
N GLN B 524 -7.75 -15.51 6.09
CA GLN B 524 -6.49 -15.10 5.48
C GLN B 524 -5.50 -16.24 5.29
N ALA B 525 -5.54 -17.22 6.18
CA ALA B 525 -4.65 -18.37 6.12
C ALA B 525 -5.16 -19.48 5.21
N CYS B 526 -6.29 -19.28 4.52
CA CYS B 526 -6.97 -20.35 3.79
C CYS B 526 -6.12 -20.90 2.67
N GLY B 527 -5.83 -22.20 2.74
CA GLY B 527 -5.00 -22.87 1.79
C GLY B 527 -3.52 -22.86 2.09
N LEU B 528 -3.07 -22.02 3.01
CA LEU B 528 -1.66 -21.96 3.36
C LEU B 528 -1.32 -22.80 4.56
N VAL B 529 -2.24 -22.94 5.49
CA VAL B 529 -2.08 -23.82 6.63
C VAL B 529 -2.77 -25.12 6.31
N LYS B 530 -2.05 -26.23 6.43
CA LYS B 530 -2.56 -27.51 6.00
C LYS B 530 -2.43 -28.50 7.15
N ASN B 531 -2.96 -29.71 6.96
CA ASN B 531 -2.95 -30.68 8.04
C ASN B 531 -2.67 -32.07 7.50
N LEU B 532 -1.77 -32.78 8.16
CA LEU B 532 -1.30 -34.08 7.70
C LEU B 532 -2.41 -35.11 7.72
N SER B 533 -2.53 -35.84 6.62
CA SER B 533 -3.44 -36.97 6.52
C SER B 533 -3.09 -38.02 7.56
N LEU B 534 -4.07 -38.90 7.82
CA LEU B 534 -4.04 -39.77 8.99
C LEU B 534 -2.87 -40.74 8.97
N LEU B 535 -2.47 -41.23 7.80
CA LEU B 535 -1.38 -42.19 7.72
C LEU B 535 -0.07 -41.57 7.31
N SER B 536 0.05 -40.25 7.33
CA SER B 536 1.29 -39.61 6.94
C SER B 536 2.39 -39.86 7.95
N GLY B 537 3.62 -39.80 7.47
CA GLY B 537 4.77 -39.80 8.33
C GLY B 537 5.79 -38.83 7.79
N ILE B 538 6.77 -38.50 8.63
CA ILE B 538 7.85 -37.60 8.25
C ILE B 538 9.17 -38.32 8.42
N SER B 539 10.00 -38.25 7.39
CA SER B 539 11.31 -38.89 7.40
C SER B 539 12.19 -38.29 8.47
N ILE B 540 12.80 -39.15 9.28
CA ILE B 540 13.66 -38.67 10.37
C ILE B 540 15.02 -38.28 9.82
N GLY B 541 15.46 -38.88 8.73
CA GLY B 541 16.79 -38.60 8.23
C GLY B 541 17.68 -39.82 8.35
N SER B 542 18.55 -40.00 7.36
CA SER B 542 19.37 -41.19 7.26
C SER B 542 20.69 -40.82 6.63
N PRO B 543 21.80 -41.47 7.03
CA PRO B 543 23.09 -41.13 6.45
C PRO B 543 23.16 -41.62 5.01
N SER B 544 23.74 -40.79 4.14
CA SER B 544 23.86 -41.15 2.74
C SER B 544 25.05 -42.06 2.45
N GLU B 545 26.02 -42.12 3.37
CA GLU B 545 27.22 -42.92 3.16
C GLU B 545 26.99 -44.41 2.89
N PRO B 546 26.12 -45.16 3.60
CA PRO B 546 25.87 -46.56 3.20
C PRO B 546 25.30 -46.74 1.81
N ILE B 547 24.58 -45.75 1.29
CA ILE B 547 23.98 -45.84 -0.04
C ILE B 547 25.04 -45.77 -1.13
N ILE B 548 26.02 -44.90 -0.97
CA ILE B 548 27.15 -44.82 -1.90
C ILE B 548 27.86 -46.16 -2.00
N ASN B 549 28.16 -46.77 -0.86
CA ASN B 549 28.84 -48.06 -0.83
C ASN B 549 28.03 -49.13 -1.56
N PHE B 550 26.71 -49.09 -1.45
CA PHE B 550 25.89 -50.05 -2.17
C PHE B 550 25.90 -49.81 -3.68
N LEU B 551 25.97 -48.55 -4.11
CA LEU B 551 25.92 -48.28 -5.54
C LEU B 551 27.21 -48.69 -6.26
N GLU B 552 28.36 -48.45 -5.64
CA GLU B 552 29.64 -48.83 -6.24
C GLU B 552 29.86 -50.33 -6.23
N GLU B 553 29.33 -51.03 -5.24
CA GLU B 553 29.44 -52.48 -5.20
C GLU B 553 28.65 -53.14 -6.34
N TRP B 554 27.62 -52.47 -6.85
CA TRP B 554 26.78 -53.07 -7.89
C TRP B 554 26.90 -52.33 -9.22
N GLY B 555 28.08 -51.79 -9.52
CA GLY B 555 28.41 -51.47 -10.90
C GLY B 555 28.44 -50.01 -11.29
N MET B 556 28.36 -49.09 -10.34
CA MET B 556 28.34 -47.67 -10.71
C MET B 556 29.76 -47.24 -11.05
N GLU B 557 29.88 -46.49 -12.11
CA GLU B 557 31.15 -46.05 -12.63
C GLU B 557 31.40 -44.58 -12.30
N PRO B 558 32.65 -44.25 -11.99
CA PRO B 558 33.01 -42.89 -11.57
C PRO B 558 32.84 -41.87 -12.68
N LEU B 559 32.85 -40.61 -12.24
CA LEU B 559 32.70 -39.46 -13.13
C LEU B 559 33.93 -39.17 -13.98
N GLU B 560 35.11 -39.61 -13.57
CA GLU B 560 36.28 -39.44 -14.43
C GLU B 560 36.29 -40.36 -15.65
N ASP B 561 35.49 -41.41 -15.65
CA ASP B 561 35.41 -42.34 -16.79
C ASP B 561 34.28 -42.06 -17.76
N TYR B 562 33.83 -40.83 -17.94
CA TYR B 562 32.53 -40.68 -18.59
C TYR B 562 32.79 -39.72 -19.74
N ASP B 563 32.27 -40.08 -20.90
CA ASP B 563 32.38 -39.35 -22.15
C ASP B 563 31.07 -39.42 -22.92
N PRO B 564 30.50 -38.30 -23.34
CA PRO B 564 29.22 -38.39 -24.09
C PRO B 564 29.33 -39.14 -25.41
N ALA B 565 30.51 -39.20 -26.04
CA ALA B 565 30.63 -40.01 -27.25
C ALA B 565 30.53 -41.49 -26.93
N GLN B 566 31.19 -41.93 -25.85
CA GLN B 566 31.08 -43.33 -25.43
C GLN B 566 29.78 -43.59 -24.68
N HIS B 567 29.40 -42.68 -23.79
CA HIS B 567 28.17 -42.77 -23.03
C HIS B 567 27.11 -41.85 -23.62
N THR B 568 26.57 -42.28 -24.74
CA THR B 568 25.52 -41.52 -25.38
C THR B 568 24.14 -41.99 -24.94
N LYS B 569 24.08 -43.00 -24.07
CA LYS B 569 22.81 -43.59 -23.68
C LYS B 569 22.67 -43.92 -22.19
N SER B 570 23.72 -43.82 -21.37
CA SER B 570 23.61 -44.27 -20.00
C SER B 570 22.83 -43.28 -19.11
N THR B 571 22.39 -43.78 -17.97
CA THR B 571 21.57 -43.03 -17.03
C THR B 571 22.43 -42.40 -15.94
N ARG B 572 22.17 -41.13 -15.65
CA ARG B 572 22.78 -40.42 -14.55
C ARG B 572 22.14 -40.75 -13.21
N ILE B 573 22.97 -40.80 -12.16
CA ILE B 573 22.55 -41.22 -10.83
C ILE B 573 22.80 -40.09 -9.85
N PHE B 574 21.76 -39.67 -9.14
CA PHE B 574 21.83 -38.62 -8.14
C PHE B 574 21.53 -39.17 -6.76
N VAL B 575 22.32 -38.75 -5.77
CA VAL B 575 22.12 -39.09 -4.37
C VAL B 575 22.09 -37.78 -3.62
N ASN B 576 20.91 -37.37 -3.15
CA ASN B 576 20.68 -36.09 -2.46
C ASN B 576 21.06 -34.90 -3.33
N GLY B 577 20.78 -34.98 -4.62
CA GLY B 577 20.98 -33.87 -5.53
C GLY B 577 22.38 -33.66 -6.08
N VAL B 578 23.38 -34.41 -5.64
CA VAL B 578 24.71 -34.30 -6.25
C VAL B 578 24.87 -35.46 -7.22
N TRP B 579 25.24 -35.12 -8.45
CA TRP B 579 25.61 -36.09 -9.46
C TRP B 579 26.83 -36.89 -9.04
N THR B 580 26.68 -38.17 -8.74
CA THR B 580 27.79 -38.95 -8.19
C THR B 580 28.30 -40.04 -9.12
N GLY B 581 27.59 -40.36 -10.19
CA GLY B 581 28.06 -41.46 -11.02
C GLY B 581 27.14 -41.68 -12.20
N ILE B 582 27.46 -42.73 -12.96
CA ILE B 582 26.68 -43.15 -14.12
C ILE B 582 26.64 -44.67 -14.17
N HIS B 583 25.51 -45.21 -14.62
CA HIS B 583 25.36 -46.65 -14.76
C HIS B 583 24.73 -46.93 -16.12
N ARG B 584 25.22 -47.96 -16.78
CA ARG B 584 24.85 -48.28 -18.14
C ARG B 584 23.65 -49.20 -18.26
N ASP B 585 23.37 -50.00 -17.24
CA ASP B 585 22.23 -50.92 -17.16
C ASP B 585 21.41 -50.59 -15.91
N PRO B 586 20.58 -49.56 -15.96
CA PRO B 586 19.80 -49.20 -14.77
C PRO B 586 18.72 -50.20 -14.38
N SER B 587 18.15 -50.94 -15.34
CA SER B 587 17.04 -51.85 -15.08
C SER B 587 17.34 -52.92 -14.03
N MET B 588 18.54 -53.51 -14.05
CA MET B 588 18.86 -54.50 -13.02
C MET B 588 19.14 -53.82 -11.68
N LEU B 589 19.81 -52.67 -11.75
CA LEU B 589 20.24 -51.92 -10.56
C LEU B 589 19.07 -51.52 -9.67
N VAL B 590 18.00 -50.99 -10.27
CA VAL B 590 16.88 -50.51 -9.47
C VAL B 590 16.17 -51.66 -8.79
N SER B 591 15.99 -52.79 -9.49
CA SER B 591 15.38 -53.98 -8.90
C SER B 591 16.15 -54.48 -7.68
N THR B 592 17.48 -54.47 -7.76
CA THR B 592 18.31 -54.89 -6.62
C THR B 592 18.15 -53.91 -5.47
N MET B 593 18.29 -52.61 -5.76
CA MET B 593 18.12 -51.56 -4.76
C MET B 593 16.75 -51.64 -4.13
N ARG B 594 15.71 -51.86 -4.95
CA ARG B 594 14.35 -51.94 -4.43
C ARG B 594 14.24 -53.10 -3.45
N ASP B 595 14.87 -54.24 -3.78
CA ASP B 595 14.80 -55.40 -2.90
C ASP B 595 15.55 -55.19 -1.60
N LEU B 596 16.61 -54.38 -1.61
CA LEU B 596 17.29 -54.06 -0.36
C LEU B 596 16.41 -53.25 0.57
N ARG B 597 15.57 -52.36 0.03
CA ARG B 597 14.68 -51.62 0.91
C ARG B 597 13.58 -52.52 1.44
N ARG B 598 13.08 -53.42 0.61
CA ARG B 598 11.99 -54.30 1.02
C ARG B 598 12.43 -55.36 2.01
N SER B 599 13.73 -55.54 2.23
CA SER B 599 14.18 -56.48 3.25
C SER B 599 14.65 -55.80 4.51
N GLY B 600 15.07 -54.54 4.46
CA GLY B 600 15.57 -53.84 5.63
C GLY B 600 17.04 -53.49 5.62
N ALA B 601 17.81 -53.97 4.63
CA ALA B 601 19.22 -53.62 4.50
C ALA B 601 19.44 -52.12 4.36
N ILE B 602 18.57 -51.46 3.63
CA ILE B 602 18.51 -50.01 3.56
C ILE B 602 17.31 -49.56 4.37
N SER B 603 17.46 -48.43 5.07
CA SER B 603 16.42 -47.88 5.91
C SER B 603 15.14 -47.67 5.10
N PRO B 604 13.99 -48.14 5.60
CA PRO B 604 12.74 -48.10 4.82
C PRO B 604 12.27 -46.73 4.39
N GLU B 605 12.75 -45.67 5.01
CA GLU B 605 12.34 -44.33 4.63
C GLU B 605 13.10 -43.77 3.44
N VAL B 606 14.07 -44.51 2.91
CA VAL B 606 14.80 -44.05 1.73
C VAL B 606 13.92 -44.12 0.49
N SER B 607 14.03 -43.11 -0.35
CA SER B 607 13.34 -43.03 -1.63
C SER B 607 14.21 -43.52 -2.78
N ILE B 608 13.64 -44.35 -3.66
CA ILE B 608 14.35 -44.90 -4.81
C ILE B 608 13.48 -44.55 -6.00
N ILE B 609 13.92 -43.60 -6.80
CA ILE B 609 13.11 -43.00 -7.84
C ILE B 609 13.79 -43.16 -9.17
N ARG B 610 13.20 -43.93 -10.06
CA ARG B 610 13.68 -44.03 -11.43
C ARG B 610 12.78 -43.21 -12.34
N ASP B 611 13.33 -42.16 -12.94
CA ASP B 611 12.66 -41.37 -13.97
C ASP B 611 13.19 -41.88 -15.31
N ILE B 612 12.41 -42.76 -15.97
CA ILE B 612 12.90 -43.41 -17.17
C ILE B 612 13.00 -42.45 -18.35
N ARG B 613 12.00 -41.59 -18.55
CA ARG B 613 11.98 -40.67 -19.68
C ARG B 613 13.16 -39.71 -19.66
N GLU B 614 13.43 -39.08 -18.53
CA GLU B 614 14.52 -38.11 -18.50
C GLU B 614 15.88 -38.77 -18.31
N ARG B 615 15.92 -40.10 -18.26
CA ARG B 615 17.13 -40.90 -18.05
C ARG B 615 17.90 -40.45 -16.81
N GLU B 616 17.18 -40.37 -15.70
CA GLU B 616 17.73 -39.95 -14.43
C GLU B 616 17.29 -40.91 -13.36
N PHE B 617 18.17 -41.18 -12.42
CA PHE B 617 17.89 -42.06 -11.29
C PHE B 617 18.27 -41.31 -10.03
N LYS B 618 17.28 -40.99 -9.21
CA LYS B 618 17.48 -40.13 -8.04
C LYS B 618 17.17 -40.92 -6.79
N ILE B 619 18.02 -40.77 -5.79
CA ILE B 619 17.87 -41.43 -4.50
C ILE B 619 17.89 -40.32 -3.48
N PHE B 620 16.99 -40.38 -2.51
CA PHE B 620 16.91 -39.36 -1.47
C PHE B 620 16.97 -39.99 -0.09
N THR B 621 17.93 -39.55 0.72
CA THR B 621 17.95 -39.85 2.14
C THR B 621 17.71 -38.61 2.99
N ASP B 622 17.28 -37.52 2.35
CA ASP B 622 16.94 -36.25 2.99
C ASP B 622 16.01 -36.39 4.20
N VAL B 623 16.19 -35.50 5.17
CA VAL B 623 15.27 -35.36 6.28
C VAL B 623 14.11 -34.45 5.88
N GLY B 624 12.90 -34.77 6.34
CA GLY B 624 11.74 -33.92 6.12
C GLY B 624 10.86 -34.29 4.96
N ARG B 625 11.07 -35.43 4.30
CA ARG B 625 10.20 -35.86 3.22
C ARG B 625 8.93 -36.47 3.78
N VAL B 626 7.79 -36.08 3.23
CA VAL B 626 6.52 -36.61 3.68
C VAL B 626 6.19 -37.87 2.89
N TYR B 627 5.87 -38.95 3.60
CA TYR B 627 5.63 -40.22 2.95
C TYR B 627 4.42 -40.91 3.56
N ARG B 628 3.95 -41.95 2.87
CA ARG B 628 2.79 -42.71 3.31
C ARG B 628 3.01 -44.16 2.92
N PRO B 629 2.38 -45.10 3.61
CA PRO B 629 2.54 -46.51 3.26
C PRO B 629 1.52 -47.04 2.27
N LEU B 630 1.95 -48.04 1.49
CA LEU B 630 1.07 -48.73 0.57
C LEU B 630 1.36 -50.23 0.60
N PHE B 631 0.33 -51.02 0.28
CA PHE B 631 0.50 -52.44 0.00
C PHE B 631 1.32 -52.65 -1.27
N ILE B 632 2.23 -53.61 -1.24
CA ILE B 632 3.00 -53.97 -2.43
C ILE B 632 2.25 -55.03 -3.21
N VAL B 633 2.11 -54.82 -4.53
CA VAL B 633 1.52 -55.77 -5.45
C VAL B 633 2.65 -56.45 -6.20
N GLU B 634 2.59 -57.77 -6.32
CA GLU B 634 3.61 -58.51 -7.05
C GLU B 634 3.53 -58.22 -8.55
N ASP B 635 4.63 -57.73 -9.13
CA ASP B 635 4.65 -57.29 -10.52
C ASP B 635 5.56 -58.12 -11.41
N ASP B 636 6.32 -59.04 -10.83
CA ASP B 636 7.27 -59.85 -11.58
C ASP B 636 6.57 -61.05 -12.19
N GLU B 637 6.68 -61.19 -13.51
CA GLU B 637 6.07 -62.29 -14.26
C GLU B 637 6.97 -63.53 -14.16
N SER B 638 7.38 -63.89 -12.94
CA SER B 638 8.14 -65.11 -12.71
C SER B 638 7.51 -66.00 -11.65
N LYS B 639 6.22 -65.80 -11.35
CA LYS B 639 5.55 -66.55 -10.29
C LYS B 639 4.04 -66.47 -10.45
N ASP B 640 3.37 -67.49 -9.91
CA ASP B 640 1.92 -67.58 -9.86
C ASP B 640 1.31 -66.51 -8.98
N ASN B 641 2.13 -65.91 -8.10
CA ASN B 641 1.72 -64.84 -7.21
C ASN B 641 1.23 -63.60 -7.94
N LYS B 642 1.67 -63.40 -9.20
CA LYS B 642 1.50 -62.16 -9.96
C LYS B 642 0.05 -61.71 -10.01
N GLY B 643 -0.12 -60.39 -9.95
CA GLY B 643 -1.41 -59.73 -10.01
C GLY B 643 -2.14 -59.63 -8.69
N GLU B 644 -1.63 -60.27 -7.63
CA GLU B 644 -2.30 -60.31 -6.34
C GLU B 644 -1.46 -59.57 -5.30
N LEU B 645 -2.10 -59.27 -4.16
CA LEU B 645 -1.43 -58.65 -3.03
C LEU B 645 -0.38 -59.58 -2.45
N ARG B 646 0.79 -59.03 -2.08
CA ARG B 646 1.78 -59.85 -1.38
C ARG B 646 1.32 -60.23 0.02
N ILE B 647 0.50 -59.42 0.65
CA ILE B 647 0.11 -59.71 2.02
C ILE B 647 -1.00 -60.75 1.99
N THR B 648 -0.96 -61.67 2.95
CA THR B 648 -1.88 -62.79 3.00
C THR B 648 -2.41 -62.89 4.41
N LYS B 649 -3.44 -63.71 4.61
CA LYS B 649 -4.00 -63.93 5.95
C LYS B 649 -3.01 -64.52 6.94
N GLU B 650 -1.90 -65.11 6.47
CA GLU B 650 -0.91 -65.65 7.39
C GLU B 650 -0.22 -64.52 8.15
N HIS B 651 0.17 -63.46 7.45
CA HIS B 651 0.66 -62.26 8.10
C HIS B 651 -0.38 -61.68 9.04
N ILE B 652 -1.65 -61.62 8.59
CA ILE B 652 -2.76 -61.11 9.39
C ILE B 652 -2.95 -61.96 10.63
N ARG B 653 -2.72 -63.26 10.51
CA ARG B 653 -2.82 -64.17 11.65
C ARG B 653 -1.78 -63.84 12.70
N LYS B 654 -0.52 -63.71 12.27
CA LYS B 654 0.58 -63.39 13.17
C LYS B 654 0.45 -62.00 13.80
N ILE B 655 -0.13 -61.05 13.08
CA ILE B 655 -0.39 -59.71 13.63
C ILE B 655 -1.29 -59.77 14.84
N GLN B 656 -2.40 -60.51 14.76
CA GLN B 656 -3.28 -60.60 15.90
C GLN B 656 -2.69 -61.39 17.06
N GLN B 657 -1.84 -62.37 16.76
CA GLN B 657 -1.19 -63.11 17.84
C GLN B 657 -0.11 -62.29 18.54
N GLY B 658 0.69 -61.55 17.77
CA GLY B 658 1.80 -60.81 18.35
C GLY B 658 3.15 -61.51 18.23
N TYR B 659 3.20 -62.71 17.67
CA TYR B 659 4.42 -63.50 17.62
C TYR B 659 4.41 -64.31 16.34
N ASP B 660 5.60 -64.74 15.92
CA ASP B 660 5.74 -65.62 14.79
C ASP B 660 5.71 -67.07 15.24
N ASP B 661 5.35 -67.97 14.30
CA ASP B 661 5.37 -69.40 14.55
C ASP B 661 6.73 -70.03 14.20
N ASP B 662 7.75 -69.60 14.96
CA ASP B 662 9.13 -70.08 14.91
C ASP B 662 9.71 -70.06 13.49
N VAL B 675 8.68 -58.80 19.54
CA VAL B 675 7.32 -58.38 19.23
C VAL B 675 7.12 -58.35 17.72
N TYR B 676 5.94 -58.74 17.27
CA TYR B 676 5.62 -58.78 15.84
C TYR B 676 4.48 -57.79 15.59
N GLY B 677 4.83 -56.59 15.13
CA GLY B 677 3.84 -55.56 14.91
C GLY B 677 4.04 -54.95 13.54
N TRP B 678 3.76 -53.64 13.45
CA TRP B 678 3.72 -52.94 12.17
C TRP B 678 5.03 -53.03 11.43
N SER B 679 6.13 -52.68 12.10
CA SER B 679 7.45 -52.67 11.46
C SER B 679 7.92 -54.05 11.06
N SER B 680 7.36 -55.10 11.64
CA SER B 680 7.65 -56.45 11.18
C SER B 680 7.19 -56.65 9.74
N LEU B 681 6.04 -56.06 9.39
CA LEU B 681 5.54 -56.12 8.01
C LEU B 681 6.42 -55.35 7.04
N VAL B 682 7.04 -54.25 7.47
CA VAL B 682 7.79 -53.42 6.55
C VAL B 682 9.10 -54.07 6.16
N THR B 683 9.73 -54.79 7.08
CA THR B 683 10.98 -55.44 6.78
C THR B 683 10.79 -56.87 6.31
N SER B 684 9.56 -57.24 5.95
CA SER B 684 9.28 -58.52 5.34
C SER B 684 8.65 -58.35 3.96
N GLY B 685 8.82 -57.17 3.36
CA GLY B 685 8.45 -56.95 1.98
C GLY B 685 6.99 -56.90 1.62
N VAL B 686 6.07 -56.76 2.59
CA VAL B 686 4.67 -56.64 2.22
C VAL B 686 4.13 -55.21 2.22
N ILE B 687 4.78 -54.27 2.89
CA ILE B 687 4.39 -52.86 2.84
C ILE B 687 5.64 -52.03 2.64
N GLU B 688 5.55 -50.98 1.83
CA GLU B 688 6.65 -50.04 1.75
C GLU B 688 6.12 -48.64 1.78
N TYR B 689 7.01 -47.72 2.11
CA TYR B 689 6.75 -46.30 2.15
C TYR B 689 7.08 -45.64 0.83
N VAL B 690 6.20 -44.77 0.35
CA VAL B 690 6.50 -43.94 -0.82
C VAL B 690 6.25 -42.50 -0.46
N ASP B 691 7.11 -41.62 -0.96
CA ASP B 691 6.95 -40.19 -0.81
C ASP B 691 6.38 -39.62 -2.10
N GLY B 692 6.26 -38.29 -2.17
CA GLY B 692 5.65 -37.64 -3.32
C GLY B 692 6.41 -37.83 -4.62
N GLU B 693 7.74 -37.89 -4.54
CA GLU B 693 8.54 -38.02 -5.74
C GLU B 693 8.46 -39.42 -6.32
N GLU B 694 8.55 -40.45 -5.48
CA GLU B 694 8.44 -41.82 -5.96
C GLU B 694 7.03 -42.15 -6.41
N GLU B 695 6.03 -41.47 -5.84
CA GLU B 695 4.62 -41.68 -6.19
C GLU B 695 4.37 -41.37 -7.66
N GLU B 696 5.18 -40.51 -8.26
CA GLU B 696 5.07 -40.16 -9.68
C GLU B 696 5.28 -41.34 -10.62
N THR B 697 5.96 -42.39 -10.18
CA THR B 697 6.38 -43.46 -11.07
C THR B 697 5.67 -44.78 -10.85
N ILE B 698 4.62 -44.81 -10.05
CA ILE B 698 3.94 -46.05 -9.71
C ILE B 698 2.50 -45.98 -10.18
N MET B 699 1.84 -47.14 -10.18
CA MET B 699 0.47 -47.27 -10.63
C MET B 699 -0.33 -47.91 -9.51
N ILE B 700 -1.31 -47.19 -8.97
CA ILE B 700 -1.97 -47.55 -7.72
C ILE B 700 -3.40 -47.94 -8.01
N ALA B 701 -3.81 -49.12 -7.55
CA ALA B 701 -5.22 -49.50 -7.58
C ALA B 701 -5.92 -48.95 -6.38
N MET B 702 -7.19 -48.56 -6.55
CA MET B 702 -7.87 -47.84 -5.49
C MET B 702 -8.32 -48.76 -4.37
N THR B 703 -8.76 -49.97 -4.71
CA THR B 703 -9.14 -50.96 -3.72
C THR B 703 -8.64 -52.31 -4.18
N PRO B 704 -8.53 -53.29 -3.27
CA PRO B 704 -8.10 -54.64 -3.69
C PRO B 704 -8.98 -55.26 -4.76
N GLU B 705 -10.27 -54.95 -4.77
CA GLU B 705 -11.18 -55.50 -5.77
C GLU B 705 -10.84 -55.05 -7.18
N ASP B 706 -10.18 -53.91 -7.36
CA ASP B 706 -9.85 -53.45 -8.70
C ASP B 706 -8.65 -54.17 -9.29
N LEU B 707 -7.99 -55.03 -8.53
CA LEU B 707 -6.85 -55.79 -9.04
C LEU B 707 -7.27 -56.86 -10.03
N GLN B 708 -8.53 -57.28 -10.00
CA GLN B 708 -9.05 -58.35 -10.85
C GLN B 708 -10.31 -57.90 -11.54
N THR B 709 -10.46 -58.30 -12.80
CA THR B 709 -11.64 -57.96 -13.57
C THR B 709 -12.83 -58.78 -13.07
N ARG B 710 -14.05 -58.29 -13.34
CA ARG B 710 -15.25 -58.89 -12.78
C ARG B 710 -16.04 -59.58 -13.89
N SER B 711 -17.18 -60.15 -13.50
CA SER B 711 -18.07 -60.90 -14.38
C SER B 711 -18.60 -60.07 -15.55
N LEU B 719 -25.06 -56.14 -12.29
CA LEU B 719 -25.29 -55.08 -11.31
C LEU B 719 -26.70 -54.51 -11.52
N ASN B 720 -26.77 -53.34 -12.17
CA ASN B 720 -28.01 -52.64 -12.54
C ASN B 720 -28.89 -52.31 -11.33
N ASP B 721 -28.28 -52.10 -10.16
CA ASP B 721 -29.00 -51.60 -8.98
C ASP B 721 -29.04 -50.08 -9.06
N THR B 722 -30.22 -49.54 -9.36
CA THR B 722 -30.41 -48.11 -9.66
C THR B 722 -30.16 -47.18 -8.48
N ALA B 723 -29.94 -47.69 -7.27
CA ALA B 723 -29.68 -46.86 -6.09
C ALA B 723 -28.20 -46.62 -5.87
N LYS B 724 -27.38 -47.64 -6.10
CA LYS B 724 -25.96 -47.61 -5.79
C LYS B 724 -25.15 -46.93 -6.88
N ARG B 725 -23.91 -46.59 -6.51
CA ARG B 725 -23.07 -45.74 -7.33
C ARG B 725 -22.37 -46.50 -8.46
N ILE B 726 -22.14 -45.78 -9.56
CA ILE B 726 -21.54 -46.33 -10.76
C ILE B 726 -20.01 -46.36 -10.58
N LYS B 727 -19.41 -47.51 -10.87
CA LYS B 727 -17.96 -47.58 -10.85
C LYS B 727 -17.43 -47.20 -12.24
N PRO B 728 -16.32 -46.46 -12.32
CA PRO B 728 -15.77 -46.04 -13.63
C PRO B 728 -15.43 -47.20 -14.54
N GLU B 729 -15.57 -46.94 -15.85
CA GLU B 729 -15.37 -47.99 -16.85
C GLU B 729 -13.89 -48.33 -17.04
N MET B 730 -13.02 -47.31 -17.10
CA MET B 730 -11.56 -47.44 -17.26
C MET B 730 -11.19 -48.13 -18.58
N SER B 731 -11.72 -47.61 -19.69
CA SER B 731 -11.52 -48.25 -20.98
C SER B 731 -10.54 -47.53 -21.91
N THR B 732 -9.64 -46.69 -21.37
CA THR B 732 -8.67 -46.08 -22.27
C THR B 732 -7.43 -46.96 -22.47
N SER B 733 -6.99 -47.69 -21.45
CA SER B 733 -5.88 -48.63 -21.57
C SER B 733 -6.45 -50.04 -21.51
N SER B 734 -6.00 -50.90 -22.42
CA SER B 734 -6.54 -52.25 -22.51
C SER B 734 -6.18 -53.10 -21.30
N HIS B 735 -4.92 -53.11 -20.88
CA HIS B 735 -4.53 -53.87 -19.69
C HIS B 735 -3.66 -53.04 -18.77
N HIS B 736 -4.07 -52.92 -17.50
CA HIS B 736 -3.31 -52.20 -16.47
C HIS B 736 -2.40 -53.14 -15.68
N THR B 737 -1.22 -52.63 -15.31
CA THR B 737 -0.21 -53.35 -14.54
C THR B 737 0.01 -52.64 -13.21
N PHE B 738 -0.83 -52.94 -12.22
CA PHE B 738 -0.76 -52.27 -10.93
C PHE B 738 0.49 -52.69 -10.15
N THR B 739 1.18 -51.70 -9.59
CA THR B 739 2.30 -51.93 -8.69
C THR B 739 1.97 -51.84 -7.21
N HIS B 740 0.94 -51.09 -6.81
CA HIS B 740 0.64 -50.90 -5.40
C HIS B 740 -0.86 -50.84 -5.19
N CYS B 741 -1.28 -50.90 -3.93
CA CYS B 741 -2.68 -50.77 -3.59
C CYS B 741 -2.84 -49.99 -2.30
N GLU B 742 -3.82 -49.09 -2.29
CA GLU B 742 -4.18 -48.33 -1.11
C GLU B 742 -4.61 -49.24 0.02
N ILE B 743 -4.26 -48.88 1.25
CA ILE B 743 -4.67 -49.69 2.39
C ILE B 743 -6.15 -49.49 2.70
N HIS B 744 -6.59 -48.24 2.79
CA HIS B 744 -7.99 -47.90 2.69
C HIS B 744 -8.07 -46.47 2.24
N PRO B 745 -8.95 -46.14 1.30
CA PRO B 745 -8.95 -44.79 0.75
C PRO B 745 -9.45 -43.73 1.69
N SER B 746 -10.21 -44.08 2.73
CA SER B 746 -10.64 -43.10 3.72
C SER B 746 -9.52 -42.48 4.53
N MET B 747 -8.31 -43.03 4.50
CA MET B 747 -7.17 -42.45 5.19
C MET B 747 -6.61 -41.21 4.51
N ILE B 748 -7.15 -40.76 3.37
CA ILE B 748 -6.72 -39.48 2.84
C ILE B 748 -7.19 -38.31 3.70
N LEU B 749 -8.19 -38.51 4.55
CA LEU B 749 -8.70 -37.44 5.38
C LEU B 749 -7.79 -37.26 6.59
N GLY B 750 -7.86 -36.08 7.20
CA GLY B 750 -7.12 -35.82 8.41
C GLY B 750 -7.95 -36.05 9.66
N VAL B 751 -7.40 -35.60 10.79
CA VAL B 751 -8.02 -35.80 12.09
C VAL B 751 -9.43 -35.22 12.13
N ALA B 752 -9.58 -33.96 11.70
CA ALA B 752 -10.84 -33.26 11.88
C ALA B 752 -11.92 -33.83 10.97
N ALA B 753 -11.60 -34.01 9.67
CA ALA B 753 -12.58 -34.49 8.71
C ALA B 753 -12.99 -35.94 8.94
N SER B 754 -12.22 -36.71 9.71
CA SER B 754 -12.55 -38.10 10.00
C SER B 754 -13.72 -38.26 10.94
N ILE B 755 -14.20 -37.18 11.54
CA ILE B 755 -15.34 -37.23 12.45
C ILE B 755 -16.65 -37.16 11.67
N ILE B 756 -16.59 -36.71 10.42
CA ILE B 756 -17.81 -36.55 9.62
C ILE B 756 -18.32 -37.92 9.17
N PRO B 757 -19.57 -38.25 9.45
CA PRO B 757 -20.17 -39.46 8.88
C PRO B 757 -20.52 -39.17 7.43
N PHE B 758 -20.15 -40.10 6.55
CA PHE B 758 -20.44 -40.04 5.13
C PHE B 758 -19.92 -38.81 4.37
N PRO B 759 -18.66 -38.39 4.51
CA PRO B 759 -18.20 -37.19 3.75
C PRO B 759 -18.28 -37.34 2.24
N ASP B 760 -18.37 -38.54 1.71
CA ASP B 760 -18.56 -38.76 0.28
C ASP B 760 -19.95 -38.42 -0.20
N HIS B 761 -20.85 -37.94 0.64
CA HIS B 761 -22.17 -37.49 0.21
C HIS B 761 -22.38 -36.01 0.42
N ASN B 762 -21.32 -35.23 0.65
CA ASN B 762 -21.49 -33.81 0.90
C ASN B 762 -20.84 -32.96 -0.17
N GLN B 763 -21.48 -31.83 -0.47
CA GLN B 763 -20.83 -30.72 -1.15
C GLN B 763 -19.58 -30.30 -0.40
N SER B 764 -18.49 -30.17 -1.14
CA SER B 764 -17.16 -30.03 -0.54
C SER B 764 -16.94 -28.90 0.45
N PRO B 765 -17.52 -27.68 0.32
CA PRO B 765 -17.28 -26.69 1.37
C PRO B 765 -17.82 -27.07 2.74
N ARG B 766 -18.94 -27.80 2.81
CA ARG B 766 -19.43 -28.26 4.11
C ARG B 766 -18.44 -29.13 4.86
N ASN B 767 -17.61 -29.92 4.17
CA ASN B 767 -16.61 -30.67 4.92
C ASN B 767 -15.54 -29.75 5.48
N THR B 768 -15.18 -28.70 4.73
CA THR B 768 -14.26 -27.69 5.26
C THR B 768 -14.86 -26.97 6.45
N TYR B 769 -16.13 -26.56 6.36
CA TYR B 769 -16.76 -25.83 7.47
C TYR B 769 -16.85 -26.68 8.72
N GLN B 770 -17.19 -27.97 8.58
CA GLN B 770 -17.23 -28.81 9.77
C GLN B 770 -15.84 -29.02 10.35
N SER B 771 -14.82 -29.17 9.50
CA SER B 771 -13.44 -29.34 9.98
C SER B 771 -12.98 -28.15 10.82
N ALA B 772 -13.53 -26.97 10.58
CA ALA B 772 -13.26 -25.81 11.42
C ALA B 772 -14.08 -25.88 12.69
N MET B 773 -15.38 -26.11 12.58
CA MET B 773 -16.27 -26.03 13.73
C MET B 773 -16.02 -27.15 14.72
N GLY B 774 -15.57 -28.31 14.24
CA GLY B 774 -15.28 -29.44 15.11
C GLY B 774 -14.26 -29.14 16.18
N LYS B 775 -13.34 -28.23 15.92
CA LYS B 775 -12.37 -27.81 16.91
C LYS B 775 -12.93 -26.82 17.92
N GLN B 776 -14.19 -26.38 17.77
CA GLN B 776 -14.81 -25.45 18.70
C GLN B 776 -15.93 -26.07 19.52
N ALA B 777 -16.04 -27.39 19.56
CA ALA B 777 -17.18 -28.03 20.18
C ALA B 777 -16.80 -28.56 21.54
N MET B 778 -17.55 -28.15 22.57
CA MET B 778 -17.30 -28.60 23.93
C MET B 778 -17.42 -30.11 24.04
N GLY B 779 -16.49 -30.71 24.76
CA GLY B 779 -16.66 -32.09 25.12
C GLY B 779 -16.02 -32.34 26.45
N VAL B 780 -15.02 -33.19 26.50
CA VAL B 780 -14.24 -33.44 27.71
C VAL B 780 -12.81 -33.54 27.25
N PHE B 781 -12.04 -32.46 27.41
CA PHE B 781 -10.75 -32.39 26.73
C PHE B 781 -9.71 -33.30 27.37
N LEU B 782 -9.79 -33.50 28.68
CA LEU B 782 -8.98 -34.50 29.37
C LEU B 782 -9.73 -34.96 30.61
N THR B 783 -9.32 -36.10 31.12
CA THR B 783 -9.97 -36.66 32.28
C THR B 783 -9.47 -36.05 33.59
N ASN B 784 -8.41 -35.25 33.56
CA ASN B 784 -7.84 -34.67 34.78
C ASN B 784 -8.18 -33.19 34.96
N TYR B 785 -9.32 -32.74 34.42
CA TYR B 785 -9.66 -31.32 34.44
C TYR B 785 -9.73 -30.72 35.85
N ASN B 786 -10.01 -31.53 36.87
CA ASN B 786 -10.14 -30.98 38.22
C ASN B 786 -8.81 -30.55 38.82
N VAL B 787 -7.69 -31.10 38.37
CA VAL B 787 -6.39 -30.71 38.91
C VAL B 787 -5.62 -29.76 38.02
N ARG B 788 -6.03 -29.55 36.77
CA ARG B 788 -5.44 -28.53 35.92
C ARG B 788 -6.10 -27.19 36.18
N MET B 789 -5.32 -26.13 36.14
CA MET B 789 -5.86 -24.78 36.28
C MET B 789 -5.65 -23.99 35.00
N ASP B 790 -6.50 -24.23 34.01
CA ASP B 790 -6.41 -23.59 32.72
C ASP B 790 -7.20 -22.30 32.74
N THR B 791 -6.82 -21.37 31.85
CA THR B 791 -7.49 -20.08 31.73
C THR B 791 -8.98 -20.23 31.44
N MET B 792 -9.34 -21.15 30.55
CA MET B 792 -10.76 -21.40 30.26
C MET B 792 -10.89 -22.88 29.98
N ALA B 793 -11.94 -23.48 30.50
CA ALA B 793 -12.21 -24.88 30.21
C ALA B 793 -13.70 -25.09 30.16
N ASN B 794 -14.13 -25.97 29.28
CA ASN B 794 -15.54 -26.32 29.16
C ASN B 794 -15.70 -27.82 29.16
N ILE B 795 -16.62 -28.32 29.96
CA ILE B 795 -16.92 -29.75 30.00
C ILE B 795 -18.42 -29.91 29.87
N LEU B 796 -18.84 -30.59 28.81
CA LEU B 796 -20.22 -30.97 28.61
C LEU B 796 -20.66 -31.92 29.71
N TYR B 797 -21.85 -31.67 30.28
CA TYR B 797 -22.38 -32.49 31.37
C TYR B 797 -22.46 -33.97 31.00
N TYR B 798 -23.18 -34.30 29.94
CA TYR B 798 -23.50 -35.69 29.61
C TYR B 798 -23.08 -35.99 28.18
N PRO B 799 -21.80 -36.21 27.92
CA PRO B 799 -21.39 -36.60 26.57
C PRO B 799 -21.97 -37.95 26.18
N GLN B 800 -22.33 -38.08 24.92
CA GLN B 800 -22.78 -39.36 24.37
C GLN B 800 -21.91 -39.72 23.18
N LYS B 801 -21.66 -41.00 22.99
CA LYS B 801 -20.99 -41.35 21.75
C LYS B 801 -21.99 -41.39 20.60
N PRO B 802 -21.57 -41.02 19.38
CA PRO B 802 -22.51 -40.90 18.28
C PRO B 802 -23.00 -42.24 17.75
N LEU B 803 -24.28 -42.29 17.38
CA LEU B 803 -24.87 -43.46 16.76
C LEU B 803 -24.33 -43.77 15.37
N ALA B 804 -23.74 -42.81 14.68
CA ALA B 804 -23.17 -43.06 13.37
C ALA B 804 -21.71 -42.69 13.46
N LYS B 805 -20.85 -43.69 13.43
CA LYS B 805 -19.43 -43.51 13.63
C LYS B 805 -18.67 -44.00 12.42
N THR B 806 -17.38 -43.71 12.40
CA THR B 806 -16.50 -44.21 11.37
C THR B 806 -15.44 -45.08 12.03
N GLN B 807 -14.80 -45.92 11.22
CA GLN B 807 -13.75 -46.80 11.74
C GLN B 807 -12.57 -46.02 12.30
N ALA B 808 -12.26 -44.87 11.70
CA ALA B 808 -11.08 -44.12 12.14
C ALA B 808 -11.27 -43.52 13.53
N MET B 809 -12.52 -43.38 13.99
CA MET B 809 -12.78 -42.85 15.33
C MET B 809 -12.28 -43.73 16.45
N GLU B 810 -12.07 -45.03 16.20
CA GLU B 810 -11.57 -45.93 17.25
C GLU B 810 -10.22 -45.45 17.79
N TYR B 811 -9.34 -44.97 16.91
CA TYR B 811 -7.99 -44.51 17.23
C TYR B 811 -7.90 -43.06 17.65
N LEU B 812 -8.93 -42.26 17.38
CA LEU B 812 -8.93 -40.88 17.83
C LEU B 812 -9.51 -40.76 19.23
N LYS B 813 -10.06 -41.86 19.74
CA LYS B 813 -10.63 -42.03 21.07
C LYS B 813 -11.94 -41.28 21.21
N PHE B 814 -12.57 -41.01 20.06
CA PHE B 814 -13.77 -40.18 20.05
C PHE B 814 -14.91 -40.86 20.78
N ARG B 815 -15.01 -42.17 20.70
CA ARG B 815 -16.06 -42.83 21.45
C ARG B 815 -15.76 -42.82 22.94
N GLU B 816 -14.50 -42.67 23.34
CA GLU B 816 -14.15 -42.61 24.75
C GLU B 816 -14.20 -41.19 25.31
N LEU B 817 -13.90 -40.17 24.51
CA LEU B 817 -14.07 -38.77 24.92
C LEU B 817 -14.94 -38.02 23.92
N PRO B 818 -16.23 -38.31 23.89
CA PRO B 818 -17.10 -37.71 22.88
C PRO B 818 -17.41 -36.26 23.17
N ALA B 819 -17.84 -35.55 22.14
CA ALA B 819 -18.00 -34.11 22.20
C ALA B 819 -19.34 -33.70 21.59
N GLY B 820 -20.43 -34.11 22.20
CA GLY B 820 -21.75 -33.80 21.67
C GLY B 820 -22.81 -34.75 22.19
N GLN B 821 -24.03 -34.53 21.73
CA GLN B 821 -25.17 -35.32 22.16
C GLN B 821 -26.08 -35.64 21.00
N ASN B 822 -26.72 -36.80 21.07
CA ASN B 822 -27.72 -37.22 20.09
C ASN B 822 -29.07 -36.59 20.36
N ALA B 823 -29.42 -35.56 19.60
CA ALA B 823 -30.72 -34.94 19.78
C ALA B 823 -31.73 -35.63 18.86
N ILE B 824 -32.97 -35.73 19.32
CA ILE B 824 -34.06 -36.19 18.45
C ILE B 824 -34.56 -35.01 17.66
N VAL B 825 -34.43 -35.10 16.35
CA VAL B 825 -34.58 -33.97 15.45
C VAL B 825 -35.71 -34.26 14.48
N ALA B 826 -36.65 -33.34 14.39
CA ALA B 826 -37.64 -33.30 13.33
C ALA B 826 -37.23 -32.21 12.38
N ILE B 827 -37.18 -32.52 11.09
CA ILE B 827 -37.03 -31.51 10.06
C ILE B 827 -38.42 -31.07 9.61
N ALA B 828 -38.83 -29.90 10.06
CA ALA B 828 -40.18 -29.44 9.77
C ALA B 828 -40.22 -27.92 9.84
N CYS B 829 -41.15 -27.35 9.10
CA CYS B 829 -41.60 -25.98 9.29
C CYS B 829 -42.66 -26.03 10.37
N TYR B 830 -42.41 -25.39 11.51
CA TYR B 830 -43.40 -25.41 12.56
C TYR B 830 -44.03 -24.04 12.73
N SER B 831 -43.54 -23.20 13.62
CA SER B 831 -44.21 -21.92 13.83
C SER B 831 -43.57 -20.79 13.06
N GLY B 832 -42.58 -21.07 12.22
CA GLY B 832 -41.89 -20.00 11.58
C GLY B 832 -40.81 -19.36 12.44
N TYR B 833 -40.58 -19.86 13.65
CA TYR B 833 -39.48 -19.42 14.48
C TYR B 833 -38.21 -20.20 14.19
N ASN B 834 -38.11 -20.83 13.04
CA ASN B 834 -36.87 -21.49 12.66
C ASN B 834 -36.49 -21.21 11.22
N GLN B 835 -36.93 -20.09 10.68
CA GLN B 835 -36.56 -19.71 9.34
C GLN B 835 -35.13 -19.20 9.36
N GLU B 836 -34.48 -19.27 8.21
CA GLU B 836 -33.12 -18.73 7.98
C GLU B 836 -32.11 -19.27 8.99
N ASP B 837 -32.11 -20.60 9.15
CA ASP B 837 -31.10 -21.36 9.88
C ASP B 837 -31.16 -21.18 11.38
N SER B 838 -32.29 -20.80 11.94
CA SER B 838 -32.45 -20.99 13.37
C SER B 838 -33.17 -22.30 13.64
N MET B 839 -33.45 -22.55 14.92
CA MET B 839 -34.00 -23.84 15.32
C MET B 839 -34.75 -23.66 16.62
N ILE B 840 -35.81 -24.44 16.75
CA ILE B 840 -36.62 -24.50 17.95
C ILE B 840 -36.13 -25.63 18.82
N MET B 841 -35.84 -25.36 20.08
CA MET B 841 -35.44 -26.41 20.99
C MET B 841 -36.52 -26.66 22.03
N ASN B 842 -36.66 -27.92 22.41
CA ASN B 842 -37.64 -28.37 23.37
C ASN B 842 -37.18 -27.94 24.76
N GLN B 843 -37.93 -27.03 25.39
CA GLN B 843 -37.57 -26.51 26.72
C GLN B 843 -37.52 -27.58 27.79
N SER B 844 -38.34 -28.61 27.69
CA SER B 844 -38.29 -29.66 28.70
C SER B 844 -37.01 -30.48 28.61
N SER B 845 -36.52 -30.72 27.39
CA SER B 845 -35.22 -31.36 27.22
C SER B 845 -34.10 -30.56 27.88
N ILE B 846 -34.11 -29.23 27.74
CA ILE B 846 -33.11 -28.40 28.43
C ILE B 846 -33.19 -28.58 29.93
N ASP B 847 -34.43 -28.58 30.48
CA ASP B 847 -34.65 -28.80 31.91
C ASP B 847 -34.07 -30.12 32.39
N ARG B 848 -34.12 -31.17 31.58
CA ARG B 848 -33.58 -32.43 32.05
C ARG B 848 -32.08 -32.54 31.82
N GLY B 849 -31.45 -31.55 31.21
CA GLY B 849 -30.01 -31.55 31.13
C GLY B 849 -29.39 -31.55 29.75
N LEU B 850 -30.18 -31.52 28.67
CA LEU B 850 -29.66 -31.56 27.32
C LEU B 850 -28.73 -30.37 27.09
N PHE B 851 -27.55 -30.66 26.54
CA PHE B 851 -26.53 -29.69 26.09
C PHE B 851 -26.11 -28.71 27.19
N ARG B 852 -26.37 -29.00 28.46
CA ARG B 852 -25.85 -28.20 29.55
C ARG B 852 -24.35 -28.41 29.70
N SER B 853 -23.63 -27.37 30.09
CA SER B 853 -22.19 -27.51 30.25
C SER B 853 -21.66 -26.67 31.39
N LEU B 854 -20.59 -27.18 32.01
CA LEU B 854 -19.73 -26.46 32.93
C LEU B 854 -18.80 -25.50 32.22
N PHE B 855 -18.50 -24.39 32.89
CA PHE B 855 -17.54 -23.40 32.40
C PHE B 855 -16.61 -23.04 33.54
N PHE B 856 -15.29 -23.01 33.29
CA PHE B 856 -14.26 -22.75 34.29
C PHE B 856 -13.39 -21.59 33.84
N ARG B 857 -13.10 -20.66 34.76
CA ARG B 857 -12.12 -19.61 34.49
C ARG B 857 -11.12 -19.51 35.64
N SER B 858 -9.83 -19.47 35.33
CA SER B 858 -8.79 -19.29 36.34
C SER B 858 -8.14 -17.91 36.30
N TYR B 859 -7.98 -17.29 37.47
CA TYR B 859 -7.24 -16.05 37.63
C TYR B 859 -5.94 -16.31 38.35
N MET B 860 -4.84 -15.73 37.86
CA MET B 860 -3.52 -15.89 38.45
C MET B 860 -3.03 -14.54 38.92
N ASP B 861 -2.35 -14.52 40.08
CA ASP B 861 -1.65 -13.32 40.50
C ASP B 861 -0.45 -13.70 41.35
N GLN B 862 0.53 -12.79 41.41
CA GLN B 862 1.70 -12.99 42.26
C GLN B 862 2.25 -11.66 42.75
N GLU B 863 3.03 -11.73 43.83
CA GLU B 863 3.69 -10.55 44.39
C GLU B 863 4.92 -10.20 43.57
N LYS B 864 5.10 -8.91 43.33
CA LYS B 864 6.21 -8.40 42.56
C LYS B 864 7.22 -7.73 43.50
N ARG B 865 8.49 -7.74 43.10
CA ARG B 865 9.55 -7.11 43.87
C ARG B 865 9.94 -5.76 43.26
N PHE B 866 9.99 -4.72 44.09
CA PHE B 866 10.49 -3.42 43.64
C PHE B 866 11.76 -2.97 44.33
N GLY B 867 12.19 -3.65 45.39
CA GLY B 867 13.43 -3.30 46.04
C GLY B 867 13.85 -4.38 47.01
N ILE B 868 14.89 -4.04 47.78
CA ILE B 868 15.56 -4.98 48.69
C ILE B 868 14.55 -5.59 49.67
N SER B 869 13.70 -4.74 50.24
CA SER B 869 12.63 -5.16 51.14
C SER B 869 11.32 -4.51 50.75
N ILE B 870 11.18 -4.14 49.48
CA ILE B 870 9.96 -3.52 48.99
C ILE B 870 9.26 -4.56 48.14
N VAL B 871 8.24 -5.19 48.70
CA VAL B 871 7.46 -6.22 48.02
C VAL B 871 5.99 -5.90 48.21
N GLU B 872 5.19 -6.30 47.22
CA GLU B 872 3.75 -6.29 47.39
C GLU B 872 3.33 -7.32 48.45
N GLU B 873 2.11 -7.18 48.95
CA GLU B 873 1.67 -8.01 50.05
C GLU B 873 0.20 -8.34 49.90
N PHE B 874 -0.12 -9.63 49.97
CA PHE B 874 -1.49 -10.11 50.00
C PHE B 874 -2.12 -9.85 51.35
N GLU B 875 -3.26 -9.17 51.35
CA GLU B 875 -3.96 -8.81 52.57
C GLU B 875 -5.34 -8.31 52.15
N LYS B 876 -6.21 -8.14 53.14
CA LYS B 876 -7.48 -7.47 52.95
C LYS B 876 -7.26 -6.00 53.21
N PRO B 877 -7.27 -5.14 52.19
CA PRO B 877 -6.80 -3.77 52.42
C PRO B 877 -7.82 -2.94 53.18
N THR B 878 -7.34 -2.31 54.24
CA THR B 878 -8.12 -1.40 55.05
C THR B 878 -8.30 -0.08 54.34
N ARG B 879 -9.52 0.46 54.40
CA ARG B 879 -9.83 1.69 53.66
C ARG B 879 -9.05 2.88 54.20
N ALA B 880 -8.63 2.82 55.47
CA ALA B 880 -7.94 3.94 56.09
C ALA B 880 -6.49 4.07 55.60
N THR B 881 -5.86 2.97 55.21
CA THR B 881 -4.44 2.97 54.92
C THR B 881 -4.09 2.86 53.45
N THR B 882 -5.05 2.57 52.58
CA THR B 882 -4.78 2.31 51.18
C THR B 882 -5.61 3.27 50.34
N LEU B 883 -4.97 3.92 49.38
CA LEU B 883 -5.65 4.86 48.52
C LEU B 883 -6.04 4.27 47.16
N ARG B 884 -7.03 4.92 46.54
CA ARG B 884 -7.57 4.58 45.21
C ARG B 884 -8.09 3.14 45.15
N LEU B 885 -8.89 2.79 46.16
CA LEU B 885 -9.63 1.54 46.21
C LEU B 885 -10.65 1.39 45.10
N LYS B 886 -10.87 0.14 44.69
CA LYS B 886 -11.89 -0.22 43.71
C LYS B 886 -13.29 0.01 44.29
N HIS B 887 -14.27 0.12 43.38
CA HIS B 887 -15.63 0.41 43.79
C HIS B 887 -16.39 -0.82 44.31
N GLY B 888 -15.94 -2.03 43.99
CA GLY B 888 -16.64 -3.23 44.44
C GLY B 888 -16.47 -3.56 45.91
N THR B 889 -17.19 -4.60 46.34
CA THR B 889 -17.17 -5.05 47.72
C THR B 889 -15.91 -5.85 48.01
N TYR B 890 -15.34 -5.63 49.19
CA TYR B 890 -14.22 -6.41 49.68
C TYR B 890 -14.62 -7.43 50.74
N GLU B 891 -15.91 -7.59 51.00
CA GLU B 891 -16.37 -8.36 52.15
C GLU B 891 -16.34 -9.86 51.96
N LYS B 892 -15.91 -10.36 50.81
CA LYS B 892 -15.78 -11.81 50.69
C LYS B 892 -14.36 -12.31 50.92
N LEU B 893 -13.38 -11.41 51.06
CA LEU B 893 -12.03 -11.84 51.36
C LEU B 893 -11.87 -12.26 52.81
N ASP B 894 -11.12 -13.33 53.03
CA ASP B 894 -10.71 -13.69 54.37
C ASP B 894 -9.49 -12.87 54.77
N GLU B 895 -9.01 -13.10 55.99
CA GLU B 895 -7.87 -12.37 56.52
C GLU B 895 -6.56 -12.64 55.80
N ASP B 896 -6.40 -13.77 55.12
CA ASP B 896 -5.18 -14.05 54.38
C ASP B 896 -5.11 -13.34 53.03
N GLY B 897 -6.10 -12.51 52.70
CA GLY B 897 -6.19 -11.84 51.43
C GLY B 897 -6.78 -12.66 50.30
N LEU B 898 -7.26 -13.86 50.58
CA LEU B 898 -7.74 -14.76 49.54
C LEU B 898 -9.18 -15.13 49.85
N ILE B 899 -9.98 -15.28 48.81
CA ILE B 899 -11.36 -15.70 49.02
C ILE B 899 -11.39 -17.22 49.18
N ALA B 900 -12.43 -17.71 49.82
CA ALA B 900 -12.46 -19.14 50.08
C ALA B 900 -13.41 -19.85 49.13
N PRO B 901 -13.12 -21.10 48.80
CA PRO B 901 -14.02 -21.90 47.95
C PRO B 901 -15.41 -22.05 48.54
N GLY B 902 -16.39 -22.08 47.67
CA GLY B 902 -17.78 -22.18 48.03
C GLY B 902 -18.55 -20.88 48.04
N VAL B 903 -17.89 -19.75 47.89
CA VAL B 903 -18.58 -18.47 47.98
C VAL B 903 -18.98 -18.07 46.58
N ARG B 904 -20.24 -17.69 46.38
CA ARG B 904 -20.65 -17.16 45.09
C ARG B 904 -20.09 -15.75 44.90
N VAL B 905 -19.66 -15.44 43.68
CA VAL B 905 -19.14 -14.12 43.34
C VAL B 905 -19.89 -13.60 42.13
N SER B 906 -20.05 -12.29 42.08
CA SER B 906 -20.58 -11.56 40.95
C SER B 906 -19.53 -10.59 40.47
N GLY B 907 -19.78 -10.01 39.29
CA GLY B 907 -18.88 -9.03 38.68
C GLY B 907 -18.43 -7.88 39.56
N ASP B 908 -17.15 -7.53 39.41
CA ASP B 908 -16.42 -6.45 40.08
C ASP B 908 -16.11 -6.72 41.54
N ASP B 909 -16.63 -7.81 42.12
CA ASP B 909 -16.17 -8.25 43.43
C ASP B 909 -14.67 -8.52 43.42
N ILE B 910 -14.00 -8.10 44.47
CA ILE B 910 -12.58 -8.40 44.64
C ILE B 910 -12.41 -9.82 45.16
N ILE B 911 -11.55 -10.60 44.51
CA ILE B 911 -11.30 -11.96 44.99
C ILE B 911 -9.87 -12.15 45.44
N ILE B 912 -8.94 -11.29 45.05
CA ILE B 912 -7.55 -11.35 45.51
C ILE B 912 -7.17 -9.93 45.87
N GLY B 913 -6.95 -9.68 47.16
CA GLY B 913 -6.51 -8.39 47.63
C GLY B 913 -5.00 -8.28 47.66
N LYS B 914 -4.49 -7.24 47.02
CA LYS B 914 -3.05 -7.01 47.02
C LYS B 914 -2.79 -5.52 47.01
N THR B 915 -1.78 -5.08 47.74
CA THR B 915 -1.40 -3.68 47.78
C THR B 915 0.04 -3.50 47.32
N THR B 916 0.35 -2.28 46.86
CA THR B 916 1.71 -1.87 46.57
C THR B 916 1.99 -0.57 47.32
N PRO B 917 3.13 -0.45 47.98
CA PRO B 917 3.43 0.79 48.70
C PRO B 917 3.74 1.95 47.77
N ILE B 918 3.41 3.16 48.22
CA ILE B 918 3.70 4.37 47.47
C ILE B 918 5.06 4.88 47.92
N PRO B 919 5.98 5.19 47.00
CA PRO B 919 7.29 5.72 47.40
C PRO B 919 7.16 7.11 47.99
N PRO B 920 8.14 7.55 48.79
CA PRO B 920 8.11 8.93 49.29
C PRO B 920 8.74 9.91 48.31
N TYR B 931 1.72 8.26 57.95
CA TYR B 931 1.73 7.16 56.98
C TYR B 931 0.89 7.27 55.72
N HIS B 932 0.05 6.25 55.50
CA HIS B 932 -1.03 6.16 54.52
C HIS B 932 -0.17 6.05 53.27
N THR B 933 0.31 4.83 53.05
CA THR B 933 1.42 4.53 52.14
C THR B 933 1.13 3.57 51.02
N LYS B 934 0.02 2.85 51.02
CA LYS B 934 -0.12 1.87 49.95
C LYS B 934 -1.18 2.23 48.93
N ARG B 935 -1.10 1.52 47.81
CA ARG B 935 -1.99 1.61 46.67
C ARG B 935 -2.55 0.23 46.32
N ASP B 936 -3.83 0.20 45.99
CA ASP B 936 -4.49 -1.07 45.72
C ASP B 936 -4.03 -1.62 44.38
N ALA B 937 -3.81 -2.93 44.34
CA ALA B 937 -3.45 -3.61 43.11
C ALA B 937 -4.23 -4.91 43.00
N SER B 938 -5.49 -4.86 43.40
CA SER B 938 -6.29 -6.06 43.55
C SER B 938 -6.92 -6.46 42.22
N THR B 939 -7.43 -7.69 42.17
CA THR B 939 -7.98 -8.24 40.94
C THR B 939 -9.47 -8.44 41.11
N PRO B 940 -10.31 -7.76 40.37
CA PRO B 940 -11.74 -8.05 40.40
C PRO B 940 -12.15 -9.07 39.36
N LEU B 941 -13.19 -9.83 39.71
CA LEU B 941 -13.88 -10.69 38.76
C LEU B 941 -14.36 -9.90 37.56
N ARG B 942 -14.26 -10.51 36.38
CA ARG B 942 -14.72 -9.93 35.13
C ARG B 942 -16.18 -9.52 35.22
N SER B 943 -16.49 -8.33 34.70
CA SER B 943 -17.76 -7.66 34.97
C SER B 943 -18.97 -8.44 34.47
N THR B 944 -18.79 -9.21 33.40
CA THR B 944 -19.88 -9.94 32.76
C THR B 944 -20.10 -11.35 33.32
N GLU B 945 -19.45 -11.73 34.42
CA GLU B 945 -19.47 -13.12 34.84
C GLU B 945 -19.99 -13.25 36.27
N ASN B 946 -20.31 -14.50 36.63
CA ASN B 946 -20.71 -14.91 37.97
C ASN B 946 -20.45 -16.40 38.09
N GLY B 947 -20.53 -16.89 39.32
CA GLY B 947 -20.36 -18.30 39.57
C GLY B 947 -19.89 -18.54 41.00
N ILE B 948 -19.26 -19.69 41.21
CA ILE B 948 -18.83 -20.08 42.54
C ILE B 948 -17.33 -20.28 42.50
N VAL B 949 -16.62 -19.80 43.52
CA VAL B 949 -15.21 -20.11 43.66
C VAL B 949 -15.05 -21.59 43.94
N ASP B 950 -14.24 -22.27 43.14
CA ASP B 950 -14.16 -23.72 43.27
C ASP B 950 -12.96 -24.21 44.03
N GLN B 951 -11.82 -23.56 43.87
CA GLN B 951 -10.56 -24.08 44.38
C GLN B 951 -9.55 -22.96 44.33
N VAL B 952 -8.70 -22.87 45.34
CA VAL B 952 -7.71 -21.80 45.43
C VAL B 952 -6.36 -22.43 45.70
N LEU B 953 -5.45 -22.25 44.76
CA LEU B 953 -4.10 -22.75 44.87
C LEU B 953 -3.23 -21.67 45.48
N LEU B 954 -2.43 -22.04 46.48
CA LEU B 954 -1.46 -21.13 47.05
C LEU B 954 -0.09 -21.78 47.05
N THR B 955 0.90 -21.08 46.52
CA THR B 955 2.24 -21.64 46.39
C THR B 955 3.22 -20.48 46.20
N THR B 956 4.47 -20.81 45.92
CA THR B 956 5.46 -19.81 45.57
C THR B 956 6.03 -20.11 44.20
N ASN B 957 6.53 -19.06 43.55
CA ASN B 957 7.09 -19.17 42.23
C ASN B 957 8.60 -19.35 42.32
N GLN B 958 9.25 -19.39 41.15
CA GLN B 958 10.69 -19.61 41.05
C GLN B 958 11.50 -18.56 41.81
N GLU B 959 10.97 -17.34 41.94
CA GLU B 959 11.68 -16.28 42.64
C GLU B 959 11.37 -16.25 44.14
N GLY B 960 10.55 -17.16 44.63
CA GLY B 960 10.28 -17.23 46.06
C GLY B 960 9.17 -16.38 46.63
N LEU B 961 8.53 -15.52 45.84
CA LEU B 961 7.41 -14.75 46.36
C LEU B 961 6.11 -15.54 46.25
N LYS B 962 5.08 -15.05 46.96
CA LYS B 962 3.82 -15.77 47.03
C LYS B 962 3.07 -15.70 45.71
N PHE B 963 2.28 -16.74 45.46
CA PHE B 963 1.68 -16.97 44.16
C PHE B 963 0.36 -17.68 44.33
N VAL B 964 -0.71 -17.14 43.74
CA VAL B 964 -2.03 -17.71 43.95
C VAL B 964 -2.70 -17.92 42.60
N LYS B 965 -3.61 -18.89 42.56
CA LYS B 965 -4.56 -19.08 41.47
C LYS B 965 -5.94 -19.35 42.01
N VAL B 966 -6.94 -18.69 41.46
CA VAL B 966 -8.33 -18.87 41.87
C VAL B 966 -9.11 -19.36 40.67
N ARG B 967 -9.68 -20.57 40.76
CA ARG B 967 -10.50 -21.08 39.68
C ARG B 967 -11.96 -20.86 40.04
N MET B 968 -12.72 -20.27 39.12
CA MET B 968 -14.15 -20.09 39.32
C MET B 968 -14.89 -21.00 38.35
N ARG B 969 -15.97 -21.63 38.81
CA ARG B 969 -16.83 -22.47 37.98
C ARG B 969 -18.23 -21.88 37.96
N THR B 970 -18.85 -21.93 36.79
CA THR B 970 -20.28 -21.72 36.70
C THR B 970 -20.85 -22.71 35.70
N THR B 971 -22.19 -22.72 35.62
CA THR B 971 -22.88 -23.61 34.70
C THR B 971 -23.63 -22.78 33.68
N LYS B 972 -23.44 -23.11 32.41
CA LYS B 972 -24.09 -22.43 31.30
C LYS B 972 -25.20 -23.32 30.76
N VAL B 973 -26.41 -22.79 30.77
CA VAL B 973 -27.62 -23.50 30.38
C VAL B 973 -28.05 -22.96 29.02
N PRO B 974 -28.32 -23.82 28.03
CA PRO B 974 -28.69 -23.36 26.69
C PRO B 974 -29.87 -22.40 26.73
N GLN B 975 -29.82 -21.38 25.89
CA GLN B 975 -30.90 -20.41 25.86
C GLN B 975 -30.91 -19.82 24.46
N ILE B 976 -31.96 -19.06 24.18
CA ILE B 976 -32.11 -18.28 22.94
C ILE B 976 -30.80 -17.58 22.59
N GLY B 977 -30.32 -17.78 21.38
CA GLY B 977 -29.11 -17.16 20.93
C GLY B 977 -27.89 -18.07 20.94
N ASP B 978 -27.89 -19.14 21.73
CA ASP B 978 -26.75 -20.04 21.74
C ASP B 978 -26.68 -20.83 20.43
N LYS B 979 -25.48 -21.26 20.10
CA LYS B 979 -25.16 -21.79 18.77
C LYS B 979 -24.94 -23.29 18.84
N PHE B 980 -25.43 -24.02 17.82
CA PHE B 980 -25.36 -25.47 17.73
C PHE B 980 -25.14 -25.86 16.29
N ALA B 981 -24.63 -27.06 16.09
CA ALA B 981 -24.36 -27.52 14.73
C ALA B 981 -24.34 -29.02 14.72
N SER B 982 -24.83 -29.61 13.64
CA SER B 982 -24.59 -31.01 13.35
C SER B 982 -23.22 -31.13 12.74
N ARG B 983 -22.79 -32.35 12.39
CA ARG B 983 -21.44 -32.47 11.89
C ARG B 983 -21.33 -32.24 10.39
N HIS B 984 -22.23 -31.48 9.78
CA HIS B 984 -22.23 -31.31 8.34
C HIS B 984 -22.27 -29.84 7.94
N GLY B 985 -21.77 -28.97 8.79
CA GLY B 985 -21.81 -27.57 8.44
C GLY B 985 -23.18 -26.93 8.50
N GLN B 986 -24.09 -27.51 9.25
CA GLN B 986 -25.47 -27.05 9.33
C GLN B 986 -25.58 -26.47 10.72
N LYS B 987 -25.34 -25.18 10.83
CA LYS B 987 -25.20 -24.53 12.12
C LYS B 987 -26.36 -23.56 12.32
N GLY B 988 -26.67 -23.30 13.58
CA GLY B 988 -27.77 -22.40 13.87
C GLY B 988 -27.82 -21.97 15.31
N THR B 989 -28.61 -20.93 15.54
CA THR B 989 -28.91 -20.45 16.87
C THR B 989 -30.34 -20.78 17.25
N ILE B 990 -30.59 -20.88 18.54
CA ILE B 990 -31.93 -21.17 19.02
C ILE B 990 -32.81 -19.96 18.79
N GLY B 991 -33.94 -20.16 18.13
CA GLY B 991 -34.85 -19.05 17.89
C GLY B 991 -35.93 -18.90 18.94
N VAL B 992 -36.33 -20.00 19.57
CA VAL B 992 -37.32 -19.95 20.64
C VAL B 992 -37.27 -21.29 21.35
N THR B 993 -37.81 -21.33 22.56
CA THR B 993 -38.02 -22.59 23.23
C THR B 993 -39.51 -22.85 23.42
N TYR B 994 -39.88 -24.14 23.36
CA TYR B 994 -41.22 -24.62 23.60
C TYR B 994 -41.23 -25.70 24.67
N ARG B 995 -42.20 -25.65 25.55
CA ARG B 995 -42.32 -26.70 26.54
C ARG B 995 -42.81 -27.98 25.87
N HIS B 996 -42.67 -29.10 26.59
CA HIS B 996 -43.01 -30.45 26.12
C HIS B 996 -44.35 -30.56 25.40
N GLU B 997 -45.40 -30.01 25.97
CA GLU B 997 -46.72 -30.26 25.43
C GLU B 997 -47.05 -29.46 24.18
N ASP B 998 -46.29 -28.44 23.85
CA ASP B 998 -46.54 -27.70 22.62
C ASP B 998 -45.79 -28.25 21.41
N MET B 999 -44.84 -29.15 21.61
CA MET B 999 -44.12 -29.71 20.48
C MET B 999 -45.03 -30.64 19.68
N PRO B 1000 -44.79 -30.79 18.38
CA PRO B 1000 -45.41 -31.87 17.63
C PRO B 1000 -44.93 -33.22 18.14
N PHE B 1001 -45.80 -34.21 18.07
CA PHE B 1001 -45.45 -35.53 18.55
C PHE B 1001 -45.86 -36.59 17.56
N SER B 1002 -45.11 -37.69 17.56
CA SER B 1002 -45.49 -38.87 16.82
C SER B 1002 -46.50 -39.66 17.62
N ALA B 1003 -47.14 -40.62 16.94
CA ALA B 1003 -48.14 -41.48 17.57
C ALA B 1003 -47.62 -42.19 18.82
N GLU B 1004 -46.36 -42.62 18.81
CA GLU B 1004 -45.76 -43.19 20.02
C GLU B 1004 -45.52 -42.20 21.14
N GLY B 1005 -45.81 -40.92 20.97
CA GLY B 1005 -45.59 -39.94 22.00
C GLY B 1005 -44.17 -39.45 22.12
N ILE B 1006 -43.34 -39.73 21.14
CA ILE B 1006 -41.98 -39.21 21.07
C ILE B 1006 -42.07 -37.79 20.57
N VAL B 1007 -41.40 -36.86 21.25
CA VAL B 1007 -41.39 -35.49 20.74
C VAL B 1007 -39.96 -35.16 20.37
N PRO B 1008 -39.70 -34.31 19.40
CA PRO B 1008 -38.32 -34.01 19.05
C PRO B 1008 -37.74 -33.11 20.12
N ASP B 1009 -36.45 -33.27 20.37
CA ASP B 1009 -35.67 -32.30 21.12
C ASP B 1009 -35.43 -31.00 20.37
N LEU B 1010 -35.57 -30.98 19.06
CA LEU B 1010 -34.94 -29.93 18.27
C LEU B 1010 -35.55 -29.95 16.88
N ILE B 1011 -35.95 -28.80 16.34
CA ILE B 1011 -36.54 -28.68 15.02
C ILE B 1011 -35.69 -27.77 14.14
N ILE B 1012 -35.09 -28.34 13.11
CA ILE B 1012 -34.39 -27.57 12.10
C ILE B 1012 -35.31 -27.36 10.91
N ASN B 1013 -34.87 -26.52 9.98
CA ASN B 1013 -35.74 -26.00 8.94
C ASN B 1013 -35.51 -26.78 7.65
N PRO B 1014 -36.56 -27.15 6.90
CA PRO B 1014 -36.36 -27.85 5.64
C PRO B 1014 -35.56 -27.10 4.59
N HIS B 1015 -35.56 -25.77 4.62
CA HIS B 1015 -34.86 -25.00 3.59
C HIS B 1015 -33.35 -25.05 3.75
N ALA B 1016 -32.84 -25.61 4.83
CA ALA B 1016 -31.41 -25.74 4.99
C ALA B 1016 -30.81 -26.81 4.08
N ILE B 1017 -31.63 -27.67 3.49
CA ILE B 1017 -31.12 -28.86 2.82
C ILE B 1017 -30.91 -28.63 1.32
N PRO B 1018 -31.89 -28.19 0.50
CA PRO B 1018 -31.72 -28.38 -0.95
C PRO B 1018 -30.63 -27.54 -1.58
N SER B 1019 -30.41 -26.32 -1.11
CA SER B 1019 -29.36 -25.54 -1.72
C SER B 1019 -28.00 -25.84 -1.13
N ARG B 1020 -27.96 -26.33 0.11
CA ARG B 1020 -26.66 -26.68 0.65
C ARG B 1020 -26.23 -28.09 0.25
N MET B 1021 -27.19 -28.94 -0.11
CA MET B 1021 -26.98 -30.31 -0.61
C MET B 1021 -26.19 -31.17 0.37
N THR B 1022 -26.48 -31.03 1.65
CA THR B 1022 -25.89 -31.89 2.67
C THR B 1022 -26.75 -33.16 2.81
N VAL B 1023 -26.74 -33.97 1.75
CA VAL B 1023 -27.53 -35.18 1.72
C VAL B 1023 -27.05 -36.17 2.78
N ALA B 1024 -25.75 -36.12 3.12
CA ALA B 1024 -25.18 -36.95 4.19
C ALA B 1024 -25.87 -36.73 5.52
N HIS B 1025 -26.38 -35.53 5.77
CA HIS B 1025 -27.07 -35.23 7.02
C HIS B 1025 -28.34 -36.07 7.11
N LEU B 1026 -29.09 -36.14 6.02
CA LEU B 1026 -30.29 -36.95 5.98
C LEU B 1026 -29.98 -38.43 6.15
N ILE B 1027 -29.03 -38.97 5.37
CA ILE B 1027 -28.63 -40.38 5.49
C ILE B 1027 -28.16 -40.73 6.89
N GLU B 1028 -27.45 -39.81 7.56
CA GLU B 1028 -27.01 -40.07 8.93
C GLU B 1028 -28.21 -40.24 9.85
N CYS B 1029 -29.25 -39.42 9.64
CA CYS B 1029 -30.46 -39.50 10.44
C CYS B 1029 -31.13 -40.85 10.21
N LEU B 1030 -31.30 -41.23 8.96
CA LEU B 1030 -31.87 -42.53 8.59
C LEU B 1030 -31.10 -43.69 9.22
N LEU B 1031 -29.77 -43.70 9.04
CA LEU B 1031 -28.93 -44.76 9.57
C LEU B 1031 -29.00 -44.83 11.09
N SER B 1032 -29.07 -43.68 11.76
CA SER B 1032 -29.07 -43.69 13.22
C SER B 1032 -30.40 -44.18 13.78
N LYS B 1033 -31.49 -43.92 13.07
CA LYS B 1033 -32.79 -44.48 13.42
C LYS B 1033 -32.72 -46.00 13.46
N VAL B 1034 -32.28 -46.61 12.36
CA VAL B 1034 -32.05 -48.06 12.29
C VAL B 1034 -31.17 -48.51 13.43
N GLY B 1035 -30.08 -47.77 13.67
CA GLY B 1035 -29.10 -48.16 14.66
C GLY B 1035 -29.64 -48.19 16.08
N SER B 1036 -30.53 -47.26 16.40
CA SER B 1036 -31.04 -47.23 17.77
C SER B 1036 -32.14 -48.26 17.99
N ILE B 1037 -32.88 -48.62 16.94
CA ILE B 1037 -33.88 -49.68 17.07
C ILE B 1037 -33.22 -51.04 17.26
N ARG B 1038 -32.25 -51.37 16.41
CA ARG B 1038 -31.64 -52.69 16.51
C ARG B 1038 -30.54 -52.74 17.54
N GLY B 1039 -30.11 -51.60 18.04
CA GLY B 1039 -29.10 -51.59 19.07
C GLY B 1039 -27.65 -51.73 18.68
N TYR B 1040 -27.19 -50.99 17.69
CA TYR B 1040 -25.76 -50.92 17.45
C TYR B 1040 -25.47 -49.59 16.78
N GLU B 1041 -24.20 -49.25 16.70
CA GLU B 1041 -23.78 -48.05 15.99
C GLU B 1041 -23.42 -48.41 14.56
N GLY B 1042 -24.18 -47.87 13.61
CA GLY B 1042 -23.93 -48.15 12.22
C GLY B 1042 -22.56 -47.66 11.78
N ASP B 1043 -21.99 -48.36 10.81
CA ASP B 1043 -20.68 -48.00 10.28
C ASP B 1043 -20.93 -47.05 9.13
N ALA B 1044 -20.52 -45.80 9.31
CA ALA B 1044 -20.69 -44.73 8.34
C ALA B 1044 -19.38 -44.28 7.72
N THR B 1045 -18.37 -45.15 7.73
CA THR B 1045 -17.12 -44.89 7.05
C THR B 1045 -17.38 -44.55 5.59
N PRO B 1046 -16.69 -43.56 5.03
CA PRO B 1046 -16.85 -43.29 3.60
C PRO B 1046 -16.19 -44.37 2.76
N PHE B 1047 -16.71 -44.50 1.54
CA PHE B 1047 -16.15 -45.36 0.49
C PHE B 1047 -16.32 -46.83 0.86
N THR B 1048 -17.51 -47.19 1.33
CA THR B 1048 -17.89 -48.58 1.60
C THR B 1048 -19.07 -49.00 0.74
N ASP B 1049 -19.48 -50.25 0.93
CA ASP B 1049 -20.57 -50.86 0.17
C ASP B 1049 -21.95 -50.51 0.69
N LEU B 1050 -22.06 -49.83 1.82
CA LEU B 1050 -23.35 -49.45 2.39
C LEU B 1050 -24.14 -48.56 1.45
N THR B 1051 -25.39 -48.93 1.19
CA THR B 1051 -26.26 -48.14 0.34
C THR B 1051 -27.48 -47.71 1.14
N VAL B 1052 -28.16 -46.68 0.62
CA VAL B 1052 -29.37 -46.18 1.26
C VAL B 1052 -30.47 -47.24 1.26
N ASP B 1053 -30.59 -48.00 0.17
CA ASP B 1053 -31.64 -49.03 0.08
C ASP B 1053 -31.43 -50.14 1.10
N ALA B 1054 -30.19 -50.52 1.37
CA ALA B 1054 -29.94 -51.55 2.36
C ALA B 1054 -30.38 -51.11 3.75
N VAL B 1055 -30.11 -49.85 4.09
CA VAL B 1055 -30.55 -49.32 5.38
C VAL B 1055 -32.08 -49.19 5.42
N SER B 1056 -32.69 -48.77 4.31
CA SER B 1056 -34.13 -48.64 4.23
C SER B 1056 -34.88 -49.96 4.39
N ASN B 1057 -34.34 -51.05 3.84
CA ASN B 1057 -34.93 -52.37 3.99
C ASN B 1057 -35.01 -52.81 5.44
N LEU B 1058 -33.92 -52.64 6.18
CA LEU B 1058 -33.91 -52.96 7.60
C LEU B 1058 -34.96 -52.17 8.37
N LEU B 1059 -35.05 -50.87 8.10
CA LEU B 1059 -35.97 -50.00 8.83
C LEU B 1059 -37.43 -50.39 8.64
N ARG B 1060 -37.84 -50.76 7.42
CA ARG B 1060 -39.25 -51.10 7.19
C ARG B 1060 -39.62 -52.39 7.93
N ASP B 1061 -38.69 -53.36 7.96
CA ASP B 1061 -38.88 -54.60 8.71
C ASP B 1061 -39.04 -54.42 10.22
N ASN B 1062 -38.87 -53.22 10.76
CA ASN B 1062 -39.02 -52.96 12.18
C ASN B 1062 -40.29 -52.17 12.47
N GLY B 1063 -41.13 -51.97 11.46
CA GLY B 1063 -42.44 -51.36 11.68
C GLY B 1063 -42.53 -49.88 11.40
N TYR B 1064 -41.46 -49.25 10.94
CA TYR B 1064 -41.44 -47.83 10.61
C TYR B 1064 -41.44 -47.66 9.10
N GLN B 1065 -42.00 -46.54 8.64
CA GLN B 1065 -41.94 -46.17 7.23
C GLN B 1065 -40.50 -46.08 6.77
N SER B 1066 -40.23 -46.59 5.56
CA SER B 1066 -38.87 -46.96 5.22
C SER B 1066 -37.97 -45.76 4.94
N ARG B 1067 -38.53 -44.61 4.63
CA ARG B 1067 -37.71 -43.45 4.33
C ARG B 1067 -37.52 -42.54 5.53
N GLY B 1068 -37.95 -42.96 6.71
CA GLY B 1068 -37.73 -42.20 7.92
C GLY B 1068 -38.88 -41.31 8.34
N PHE B 1069 -39.88 -41.13 7.49
CA PHE B 1069 -41.01 -40.29 7.83
C PHE B 1069 -41.85 -40.93 8.92
N GLU B 1070 -42.63 -40.11 9.61
CA GLU B 1070 -43.60 -40.56 10.60
C GLU B 1070 -44.74 -39.56 10.57
N VAL B 1071 -45.95 -40.07 10.73
CA VAL B 1071 -47.11 -39.21 10.97
C VAL B 1071 -46.90 -38.48 12.28
N MET B 1072 -47.21 -37.19 12.30
CA MET B 1072 -47.06 -36.43 13.52
C MET B 1072 -48.28 -35.55 13.70
N TYR B 1073 -48.47 -35.08 14.92
CA TYR B 1073 -49.68 -34.40 15.33
C TYR B 1073 -49.32 -33.02 15.84
N ASN B 1074 -50.10 -32.01 15.47
CA ASN B 1074 -49.85 -30.69 15.97
C ASN B 1074 -50.15 -30.61 17.46
N GLY B 1075 -49.24 -30.01 18.20
CA GLY B 1075 -49.38 -29.97 19.64
C GLY B 1075 -50.45 -29.03 20.14
N HIS B 1076 -50.76 -27.97 19.40
CA HIS B 1076 -51.75 -27.02 19.89
C HIS B 1076 -53.16 -27.57 19.82
N THR B 1077 -53.48 -28.31 18.76
CA THR B 1077 -54.84 -28.70 18.46
C THR B 1077 -55.09 -30.19 18.54
N GLY B 1078 -54.06 -31.02 18.48
CA GLY B 1078 -54.25 -32.43 18.32
C GLY B 1078 -54.59 -32.88 16.92
N LYS B 1079 -54.79 -31.97 15.98
CA LYS B 1079 -55.11 -32.33 14.60
C LYS B 1079 -53.85 -32.86 13.92
N LYS B 1080 -54.00 -33.85 13.05
CA LYS B 1080 -52.87 -34.29 12.23
C LYS B 1080 -52.32 -33.18 11.35
N LEU B 1081 -51.02 -33.25 11.11
CA LEU B 1081 -50.43 -32.43 10.08
C LEU B 1081 -50.68 -33.11 8.75
N MET B 1082 -51.10 -32.32 7.75
CA MET B 1082 -51.32 -32.84 6.41
C MET B 1082 -50.07 -33.45 5.78
N ALA B 1083 -48.88 -33.08 6.24
CA ALA B 1083 -47.63 -33.60 5.72
C ALA B 1083 -46.94 -34.41 6.80
N GLN B 1084 -46.23 -35.46 6.39
CA GLN B 1084 -45.46 -36.23 7.33
C GLN B 1084 -44.04 -35.69 7.44
N VAL B 1085 -43.42 -35.95 8.59
CA VAL B 1085 -42.23 -35.23 9.02
C VAL B 1085 -41.09 -36.23 9.19
N PHE B 1086 -39.99 -35.97 8.49
CA PHE B 1086 -38.72 -36.65 8.70
C PHE B 1086 -38.21 -36.49 10.12
N PHE B 1087 -37.94 -37.61 10.77
CA PHE B 1087 -37.84 -37.67 12.21
C PHE B 1087 -36.84 -38.73 12.64
N GLY B 1088 -35.91 -38.36 13.52
CA GLY B 1088 -34.91 -39.30 14.00
C GLY B 1088 -33.70 -38.69 14.69
N PRO B 1089 -32.84 -39.52 15.27
CA PRO B 1089 -31.66 -39.01 15.98
C PRO B 1089 -30.60 -38.46 15.07
N THR B 1090 -29.96 -37.37 15.50
CA THR B 1090 -28.81 -36.80 14.84
C THR B 1090 -27.82 -36.26 15.86
N TYR B 1091 -26.52 -36.45 15.61
CA TYR B 1091 -25.50 -36.00 16.54
C TYR B 1091 -25.32 -34.51 16.45
N TYR B 1092 -25.53 -33.79 17.54
CA TYR B 1092 -25.38 -32.35 17.44
C TYR B 1092 -24.30 -31.92 18.40
N GLN B 1093 -23.52 -30.91 17.99
CA GLN B 1093 -22.42 -30.41 18.81
C GLN B 1093 -22.61 -28.96 19.26
N ARG B 1094 -22.33 -28.73 20.54
CA ARG B 1094 -22.42 -27.42 21.18
C ARG B 1094 -21.16 -26.55 21.02
N LEU B 1095 -21.25 -25.52 20.20
CA LEU B 1095 -20.09 -24.68 19.91
C LEU B 1095 -19.92 -23.58 20.96
N ARG B 1096 -18.71 -23.02 21.02
CA ARG B 1096 -18.29 -22.06 22.05
C ARG B 1096 -18.99 -20.71 21.99
N HIS B 1097 -19.75 -20.38 20.95
CA HIS B 1097 -20.31 -19.03 20.82
C HIS B 1097 -21.67 -18.97 21.48
N MET B 1098 -21.71 -18.34 22.64
CA MET B 1098 -22.90 -18.16 23.44
C MET B 1098 -23.18 -16.69 23.61
N VAL B 1099 -24.47 -16.33 23.57
CA VAL B 1099 -24.91 -14.94 23.48
C VAL B 1099 -24.43 -14.12 24.67
N ASP B 1100 -24.38 -14.70 25.87
CA ASP B 1100 -23.95 -13.90 27.01
C ASP B 1100 -22.45 -13.67 27.04
N ASP B 1101 -21.71 -14.24 26.10
CA ASP B 1101 -20.32 -13.88 25.90
C ASP B 1101 -20.16 -12.79 24.84
N LYS B 1102 -21.24 -12.34 24.22
CA LYS B 1102 -21.16 -11.36 23.14
C LYS B 1102 -21.95 -10.10 23.40
N ILE B 1103 -23.09 -10.19 24.09
CA ILE B 1103 -23.97 -9.04 24.36
C ILE B 1103 -23.17 -7.91 24.99
N HIS B 1104 -23.42 -6.70 24.53
CA HIS B 1104 -22.69 -5.56 25.04
C HIS B 1104 -23.47 -4.30 24.83
N ALA B 1105 -23.46 -3.41 25.83
CA ALA B 1105 -24.08 -2.10 25.71
C ALA B 1105 -23.24 -1.06 26.45
N ARG B 1106 -23.23 0.16 25.93
CA ARG B 1106 -22.54 1.25 26.60
C ARG B 1106 -23.35 2.52 26.61
N ALA B 1107 -23.58 3.09 27.79
CA ALA B 1107 -24.13 4.43 27.82
C ALA B 1107 -22.99 5.44 27.76
N ARG B 1108 -22.52 5.90 28.91
CA ARG B 1108 -21.24 6.56 29.05
C ARG B 1108 -20.26 5.61 29.72
N GLY B 1109 -18.98 5.97 29.73
CA GLY B 1109 -17.99 5.12 30.33
C GLY B 1109 -16.56 5.59 30.14
N PRO B 1110 -15.60 4.70 30.35
CA PRO B 1110 -14.20 5.11 30.38
C PRO B 1110 -13.74 5.55 29.01
N VAL B 1111 -12.78 6.46 28.98
CA VAL B 1111 -12.24 6.97 27.74
C VAL B 1111 -10.73 6.75 27.68
N GLN B 1112 -10.18 6.85 26.48
CA GLN B 1112 -8.74 6.78 26.32
C GLN B 1112 -8.12 8.08 26.78
N VAL B 1113 -6.95 7.99 27.41
CA VAL B 1113 -6.25 9.17 27.90
C VAL B 1113 -5.85 10.08 26.74
N LEU B 1114 -5.40 9.50 25.64
CA LEU B 1114 -4.84 10.23 24.52
C LEU B 1114 -5.87 10.93 23.63
N THR B 1115 -6.97 10.25 23.29
CA THR B 1115 -7.94 10.81 22.37
C THR B 1115 -9.22 11.29 23.01
N ARG B 1116 -9.46 10.97 24.28
CA ARG B 1116 -10.72 11.20 25.02
C ARG B 1116 -11.96 10.66 24.31
N GLN B 1117 -11.80 9.66 23.48
CA GLN B 1117 -12.77 8.82 22.81
C GLN B 1117 -12.97 7.51 23.56
N PRO B 1118 -14.19 6.95 23.51
CA PRO B 1118 -14.49 5.67 24.18
C PRO B 1118 -13.47 4.57 23.92
N VAL B 1119 -13.18 3.77 24.94
CA VAL B 1119 -12.19 2.70 24.82
C VAL B 1119 -12.66 1.56 23.94
N GLU B 1120 -11.73 0.69 23.54
CA GLU B 1120 -12.03 -0.46 22.70
C GLU B 1120 -12.25 -1.71 23.54
N GLY B 1121 -13.33 -2.43 23.29
CA GLY B 1121 -13.42 -3.78 23.82
C GLY B 1121 -14.44 -4.00 24.91
N ARG B 1122 -15.23 -5.08 24.76
CA ARG B 1122 -16.13 -5.64 25.76
C ARG B 1122 -15.57 -5.67 27.17
N SER B 1123 -14.32 -6.11 27.31
CA SER B 1123 -13.70 -6.31 28.61
C SER B 1123 -13.34 -5.00 29.29
N ARG B 1124 -13.46 -3.88 28.58
CA ARG B 1124 -13.14 -2.58 29.14
C ARG B 1124 -14.33 -1.62 29.12
N ASP B 1125 -15.56 -2.14 29.01
CA ASP B 1125 -16.79 -1.33 28.80
C ASP B 1125 -16.68 -0.44 27.57
N GLY B 1126 -16.19 -0.99 26.47
CA GLY B 1126 -15.99 -0.17 25.29
C GLY B 1126 -17.23 0.14 24.48
N GLY B 1127 -17.03 1.02 23.50
CA GLY B 1127 -18.07 1.44 22.57
C GLY B 1127 -17.85 0.88 21.17
N LEU B 1128 -18.95 0.76 20.43
CA LEU B 1128 -18.87 0.27 19.05
C LEU B 1128 -18.25 1.32 18.13
N ARG B 1129 -17.55 0.81 17.11
CA ARG B 1129 -16.92 1.66 16.11
C ARG B 1129 -17.87 2.09 15.00
N PHE B 1130 -18.09 3.39 14.88
CA PHE B 1130 -18.78 4.03 13.76
C PHE B 1130 -17.79 4.29 12.64
N GLY B 1131 -17.65 3.32 11.74
CA GLY B 1131 -16.56 3.34 10.76
C GLY B 1131 -16.86 4.17 9.53
N GLU B 1132 -15.93 4.10 8.57
CA GLU B 1132 -16.04 4.92 7.37
C GLU B 1132 -17.26 4.56 6.53
N MET B 1133 -17.63 3.28 6.51
CA MET B 1133 -18.74 2.84 5.69
C MET B 1133 -20.08 3.25 6.27
N GLU B 1134 -20.18 3.36 7.60
CA GLU B 1134 -21.41 3.85 8.22
C GLU B 1134 -21.61 5.34 8.00
N ARG B 1135 -20.52 6.10 8.02
CA ARG B 1135 -20.54 7.50 7.61
C ARG B 1135 -21.20 7.68 6.24
N ASP B 1136 -20.78 6.90 5.24
CA ASP B 1136 -21.34 7.04 3.89
C ASP B 1136 -22.84 6.77 3.84
N CYS B 1137 -23.33 5.78 4.58
CA CYS B 1137 -24.76 5.46 4.61
C CYS B 1137 -25.59 6.63 5.09
N MET B 1138 -25.12 7.36 6.10
CA MET B 1138 -25.90 8.49 6.58
C MET B 1138 -25.90 9.63 5.57
N ILE B 1139 -24.81 9.80 4.81
CA ILE B 1139 -24.83 10.77 3.71
C ILE B 1139 -25.89 10.41 2.69
N ALA B 1140 -25.95 9.14 2.29
CA ALA B 1140 -26.93 8.68 1.31
C ALA B 1140 -28.34 8.92 1.78
N HIS B 1141 -28.61 8.69 3.07
CA HIS B 1141 -29.92 9.01 3.62
C HIS B 1141 -30.17 10.51 3.66
N GLY B 1142 -29.14 11.33 3.50
CA GLY B 1142 -29.22 12.75 3.71
C GLY B 1142 -29.46 13.18 5.13
N ALA B 1143 -29.11 12.35 6.09
CA ALA B 1143 -29.37 12.67 7.49
C ALA B 1143 -28.15 13.39 8.08
N ALA B 1144 -27.97 14.63 7.62
CA ALA B 1144 -26.80 15.42 8.00
C ALA B 1144 -26.81 15.77 9.47
N GLY B 1145 -27.99 16.10 10.01
CA GLY B 1145 -28.11 16.44 11.42
C GLY B 1145 -27.71 15.29 12.33
N PHE B 1146 -28.20 14.09 12.03
CA PHE B 1146 -27.85 12.90 12.81
C PHE B 1146 -26.36 12.63 12.80
N LEU B 1147 -25.71 12.78 11.65
CA LEU B 1147 -24.30 12.47 11.53
C LEU B 1147 -23.45 13.40 12.37
N LYS B 1148 -23.76 14.71 12.34
CA LYS B 1148 -23.09 15.68 13.21
C LYS B 1148 -23.16 15.31 14.69
N GLU B 1149 -24.36 15.02 15.19
CA GLU B 1149 -24.53 14.69 16.60
C GLU B 1149 -23.75 13.45 17.02
N ARG B 1150 -23.84 12.35 16.23
CA ARG B 1150 -23.10 11.11 16.50
C ARG B 1150 -21.62 11.36 16.72
N LEU B 1151 -21.02 12.23 15.93
CA LEU B 1151 -19.58 12.35 15.92
C LEU B 1151 -19.11 13.45 16.85
N MET B 1152 -20.03 14.12 17.54
CA MET B 1152 -19.67 15.18 18.48
C MET B 1152 -20.24 15.03 19.88
N GLU B 1153 -21.54 15.34 20.02
CA GLU B 1153 -22.22 15.29 21.32
C GLU B 1153 -22.21 13.89 21.94
N ALA B 1154 -22.31 12.87 21.10
CA ALA B 1154 -22.31 11.48 21.53
C ALA B 1154 -20.92 10.90 21.59
N SER B 1155 -19.89 11.73 21.46
CA SER B 1155 -18.52 11.26 21.59
C SER B 1155 -17.60 12.27 22.28
N ASP B 1156 -16.65 12.82 21.54
CA ASP B 1156 -15.51 13.55 22.07
C ASP B 1156 -15.54 15.05 21.82
N ALA B 1157 -16.72 15.66 21.92
CA ALA B 1157 -16.91 17.10 21.74
C ALA B 1157 -16.04 17.91 22.69
N PHE B 1158 -15.45 18.97 22.16
CA PHE B 1158 -14.49 19.79 22.89
C PHE B 1158 -14.67 21.23 22.47
N ARG B 1159 -14.49 22.15 23.41
CA ARG B 1159 -14.53 23.58 23.15
C ARG B 1159 -13.12 24.18 23.14
N VAL B 1160 -12.81 24.93 22.07
CA VAL B 1160 -11.53 25.63 21.97
C VAL B 1160 -11.80 27.10 21.72
N HIS B 1161 -10.81 27.93 22.05
CA HIS B 1161 -10.81 29.35 21.75
C HIS B 1161 -9.81 29.70 20.67
N VAL B 1162 -10.21 30.56 19.73
CA VAL B 1162 -9.29 31.00 18.69
C VAL B 1162 -9.20 32.51 18.68
N CYS B 1163 -8.09 33.00 18.13
CA CYS B 1163 -7.85 34.44 17.99
C CYS B 1163 -8.43 34.87 16.65
N GLY B 1164 -9.24 35.91 16.67
CA GLY B 1164 -9.85 36.38 15.43
C GLY B 1164 -8.89 36.96 14.42
N ILE B 1165 -7.66 37.25 14.82
CA ILE B 1165 -6.69 37.89 13.93
C ILE B 1165 -5.80 36.86 13.28
N CYS B 1166 -5.11 36.06 14.09
CA CYS B 1166 -4.17 35.08 13.58
C CYS B 1166 -4.75 33.69 13.43
N GLY B 1167 -5.95 33.43 13.93
CA GLY B 1167 -6.59 32.16 13.65
C GLY B 1167 -6.03 30.94 14.34
N LEU B 1168 -5.10 31.11 15.27
CA LEU B 1168 -4.50 29.99 15.98
C LEU B 1168 -5.25 29.73 17.27
N MET B 1169 -5.07 28.52 17.81
CA MET B 1169 -5.64 28.16 19.10
C MET B 1169 -4.72 28.58 20.24
N SER B 1170 -4.17 29.79 20.19
CA SER B 1170 -3.20 30.29 21.13
C SER B 1170 -3.83 31.13 22.22
N VAL B 1171 -5.10 31.00 22.48
CA VAL B 1171 -5.71 31.88 23.44
C VAL B 1171 -5.53 31.26 24.81
N ILE B 1172 -5.22 32.12 25.78
CA ILE B 1172 -5.09 31.76 27.18
C ILE B 1172 -6.32 32.29 27.87
N ALA B 1173 -7.16 31.39 28.35
CA ALA B 1173 -8.52 31.72 28.78
C ALA B 1173 -8.66 31.32 30.23
N ASN B 1174 -8.72 32.30 31.12
CA ASN B 1174 -9.06 32.06 32.52
C ASN B 1174 -10.53 32.42 32.67
N LEU B 1175 -11.36 31.41 32.92
CA LEU B 1175 -12.81 31.63 32.86
C LEU B 1175 -13.36 32.20 34.16
N LYS B 1176 -12.74 31.89 35.29
CA LYS B 1176 -13.20 32.53 36.52
C LYS B 1176 -12.71 33.96 36.62
N LYS B 1177 -11.55 34.30 36.05
CA LYS B 1177 -11.17 35.70 36.02
C LYS B 1177 -11.79 36.45 34.85
N ASN B 1178 -12.35 35.73 33.88
CA ASN B 1178 -13.04 36.27 32.70
C ASN B 1178 -12.12 37.17 31.87
N GLN B 1179 -10.87 36.76 31.69
CA GLN B 1179 -9.91 37.54 30.92
C GLN B 1179 -9.26 36.64 29.90
N PHE B 1180 -9.20 37.11 28.66
CA PHE B 1180 -8.66 36.37 27.53
C PHE B 1180 -7.60 37.21 26.82
N GLU B 1181 -6.56 36.54 26.34
CA GLU B 1181 -5.51 37.26 25.62
C GLU B 1181 -4.76 36.30 24.72
N CYS B 1182 -4.71 36.66 23.43
CA CYS B 1182 -3.72 36.14 22.51
C CYS B 1182 -2.54 37.09 22.60
N ARG B 1183 -1.48 36.63 23.24
CA ARG B 1183 -0.27 37.43 23.45
C ARG B 1183 0.40 37.86 22.16
N SER B 1184 0.35 37.01 21.15
CA SER B 1184 0.99 37.33 19.88
C SER B 1184 0.32 38.51 19.18
N CYS B 1185 -1.00 38.55 19.16
CA CYS B 1185 -1.66 39.65 18.49
C CYS B 1185 -1.96 40.83 19.40
N LYS B 1186 -1.65 40.72 20.71
CA LYS B 1186 -2.02 41.70 21.73
C LYS B 1186 -3.51 42.03 21.63
N ASN B 1187 -4.32 40.98 21.62
CA ASN B 1187 -5.73 41.10 21.26
C ASN B 1187 -6.52 40.49 22.41
N LYS B 1188 -7.38 41.30 23.01
CA LYS B 1188 -8.24 40.86 24.11
C LYS B 1188 -9.72 40.99 23.75
N THR B 1189 -10.05 41.29 22.50
CA THR B 1189 -11.43 41.60 22.14
C THR B 1189 -11.96 40.75 21.01
N ASN B 1190 -11.13 40.48 20.00
CA ASN B 1190 -11.57 39.75 18.81
C ASN B 1190 -11.24 38.27 18.98
N ILE B 1191 -12.06 37.56 19.75
CA ILE B 1191 -11.76 36.18 20.14
C ILE B 1191 -13.05 35.38 20.05
N TYR B 1192 -12.98 34.19 19.46
CA TYR B 1192 -14.14 33.35 19.23
C TYR B 1192 -13.95 31.99 19.90
N GLN B 1193 -15.05 31.34 20.26
CA GLN B 1193 -15.02 29.95 20.66
C GLN B 1193 -15.63 29.04 19.60
N LEU B 1194 -15.08 27.83 19.53
CA LEU B 1194 -15.47 26.82 18.57
C LEU B 1194 -15.82 25.53 19.30
N HIS B 1195 -16.69 24.75 18.70
CA HIS B 1195 -16.92 23.37 19.09
C HIS B 1195 -16.34 22.48 18.01
N ILE B 1196 -15.28 21.75 18.35
CA ILE B 1196 -14.67 20.82 17.40
C ILE B 1196 -14.40 19.51 18.12
N PRO B 1197 -14.26 18.40 17.36
CA PRO B 1197 -13.82 17.15 17.99
C PRO B 1197 -12.48 17.29 18.67
N TYR B 1198 -12.36 16.65 19.84
CA TYR B 1198 -11.08 16.56 20.52
C TYR B 1198 -9.99 15.97 19.65
N ALA B 1199 -10.31 14.91 18.90
CA ALA B 1199 -9.31 14.33 18.00
C ALA B 1199 -8.89 15.28 16.89
N ALA B 1200 -9.69 16.29 16.58
CA ALA B 1200 -9.27 17.31 15.63
C ALA B 1200 -8.35 18.32 16.27
N LYS B 1201 -8.68 18.75 17.50
CA LYS B 1201 -7.79 19.58 18.31
C LYS B 1201 -6.42 18.93 18.45
N LEU B 1202 -6.42 17.63 18.73
CA LEU B 1202 -5.19 16.86 18.84
C LEU B 1202 -4.41 16.91 17.53
N LEU B 1203 -5.11 16.67 16.41
CA LEU B 1203 -4.49 16.70 15.09
C LEU B 1203 -3.78 18.02 14.83
N PHE B 1204 -4.43 19.16 15.12
CA PHE B 1204 -3.83 20.46 14.88
C PHE B 1204 -2.60 20.69 15.75
N GLN B 1205 -2.62 20.25 17.00
CA GLN B 1205 -1.42 20.36 17.82
C GLN B 1205 -0.30 19.49 17.30
N GLU B 1206 -0.60 18.31 16.74
CA GLU B 1206 0.49 17.54 16.13
C GLU B 1206 1.02 18.24 14.89
N LEU B 1207 0.15 18.91 14.13
CA LEU B 1207 0.64 19.65 12.97
C LEU B 1207 1.49 20.84 13.36
N MET B 1208 1.07 21.59 14.40
CA MET B 1208 1.90 22.68 14.92
C MET B 1208 3.27 22.20 15.33
N ALA B 1209 3.36 21.02 15.95
CA ALA B 1209 4.65 20.48 16.37
C ALA B 1209 5.57 20.16 15.19
N MET B 1210 5.04 20.04 13.99
CA MET B 1210 5.84 19.88 12.78
C MET B 1210 5.92 21.15 11.96
N ASN B 1211 5.72 22.31 12.58
CA ASN B 1211 5.85 23.64 11.98
C ASN B 1211 4.78 23.92 10.94
N ILE B 1212 3.66 23.20 10.94
CA ILE B 1212 2.56 23.50 10.04
C ILE B 1212 1.57 24.32 10.82
N ALA B 1213 1.16 25.47 10.27
CA ALA B 1213 0.18 26.37 10.88
C ALA B 1213 -1.22 26.15 10.33
N PRO B 1214 -2.13 25.53 11.04
CA PRO B 1214 -3.51 25.46 10.57
C PRO B 1214 -4.40 26.56 11.14
N ARG B 1215 -4.65 27.59 10.35
CA ARG B 1215 -5.36 28.77 10.82
C ARG B 1215 -6.85 28.65 10.58
N LEU B 1216 -7.63 28.65 11.66
CA LEU B 1216 -9.08 28.52 11.60
C LEU B 1216 -9.73 29.90 11.58
N TYR B 1217 -10.30 30.29 10.44
CA TYR B 1217 -11.01 31.55 10.37
C TYR B 1217 -12.51 31.29 10.31
N THR B 1218 -13.30 32.17 10.93
CA THR B 1218 -14.73 31.98 10.96
C THR B 1218 -15.50 32.79 9.91
N GLU B 1219 -14.83 33.41 8.94
CA GLU B 1219 -15.52 34.18 7.90
C GLU B 1219 -14.77 34.07 6.59
N ARG B 1220 -15.51 34.20 5.49
CA ARG B 1220 -14.89 34.12 4.18
C ARG B 1220 -14.49 35.51 3.73
N SER B 1221 -13.85 35.59 2.57
CA SER B 1221 -13.38 36.87 2.03
C SER B 1221 -13.31 36.79 0.51
N GLY B 1222 -13.25 35.57 -0.02
CA GLY B 1222 -13.11 35.36 -1.45
C GLY B 1222 -11.68 35.45 -1.93
N GLU C 4 -72.73 -38.57 28.16
CA GLU C 4 -72.43 -39.03 26.81
C GLU C 4 -70.96 -39.46 26.50
N PRO C 5 -69.90 -38.83 27.08
CA PRO C 5 -68.55 -39.40 26.93
C PRO C 5 -68.42 -40.81 27.49
N LYS C 6 -67.75 -41.67 26.74
CA LYS C 6 -67.53 -43.06 27.10
C LYS C 6 -66.05 -43.40 27.09
N VAL C 7 -65.66 -44.32 27.97
CA VAL C 7 -64.27 -44.74 28.12
C VAL C 7 -64.27 -46.26 28.11
N ASN C 8 -63.25 -46.85 27.47
CA ASN C 8 -63.10 -48.30 27.44
C ASN C 8 -61.60 -48.53 27.62
N ILE C 9 -61.24 -49.04 28.79
CA ILE C 9 -59.84 -49.30 29.16
C ILE C 9 -59.35 -50.59 28.51
N ILE C 10 -58.41 -50.46 27.59
CA ILE C 10 -57.86 -51.62 26.88
C ILE C 10 -56.88 -52.39 27.75
N ASN C 11 -55.98 -51.71 28.45
CA ASN C 11 -55.08 -52.40 29.38
C ASN C 11 -54.82 -51.50 30.57
N ALA C 12 -54.30 -52.10 31.63
CA ALA C 12 -54.07 -51.36 32.85
C ALA C 12 -53.04 -52.04 33.71
N GLN C 13 -52.24 -51.24 34.40
CA GLN C 13 -51.30 -51.66 35.42
C GLN C 13 -50.96 -50.42 36.21
N ASP C 14 -50.04 -50.57 37.18
CA ASP C 14 -49.77 -49.52 38.15
C ASP C 14 -49.30 -48.22 37.51
N ASP C 15 -48.35 -48.31 36.58
CA ASP C 15 -47.72 -47.12 36.04
C ASP C 15 -48.07 -46.78 34.60
N GLU C 16 -48.98 -47.50 33.96
CA GLU C 16 -49.50 -47.03 32.67
C GLU C 16 -50.89 -47.58 32.42
N VAL C 17 -51.75 -46.71 31.90
CA VAL C 17 -53.11 -47.05 31.53
C VAL C 17 -53.25 -46.77 30.07
N GLU C 18 -53.67 -47.77 29.31
CA GLU C 18 -54.00 -47.62 27.90
C GLU C 18 -55.50 -47.59 27.80
N LEU C 19 -56.04 -46.65 27.05
CA LEU C 19 -57.48 -46.50 27.09
C LEU C 19 -57.98 -45.89 25.80
N MET C 20 -59.24 -46.16 25.50
CA MET C 20 -59.94 -45.53 24.41
C MET C 20 -60.93 -44.52 24.95
N LEU C 21 -60.94 -43.36 24.34
CA LEU C 21 -61.78 -42.24 24.73
C LEU C 21 -62.67 -41.93 23.54
N SER C 22 -63.96 -41.76 23.79
CA SER C 22 -64.88 -41.62 22.67
C SER C 22 -66.02 -40.70 23.03
N ASP C 23 -66.75 -40.28 22.00
CA ASP C 23 -67.85 -39.32 22.07
C ASP C 23 -67.42 -38.00 22.72
N VAL C 24 -66.22 -37.53 22.39
CA VAL C 24 -65.79 -36.19 22.77
C VAL C 24 -65.20 -35.49 21.56
N ASN C 25 -64.99 -34.19 21.73
CA ASN C 25 -64.36 -33.36 20.73
C ASN C 25 -62.85 -33.57 20.78
N LEU C 26 -62.23 -33.46 19.61
CA LEU C 26 -60.76 -33.46 19.47
C LEU C 26 -60.09 -32.52 20.46
N SER C 27 -60.61 -31.30 20.60
CA SER C 27 -59.99 -30.31 21.48
C SER C 27 -59.98 -30.77 22.93
N LEU C 28 -61.00 -31.51 23.35
CA LEU C 28 -61.03 -31.98 24.74
C LEU C 28 -60.01 -33.09 24.96
N ALA C 29 -59.85 -33.99 23.99
CA ALA C 29 -58.83 -35.01 24.08
C ALA C 29 -57.44 -34.38 24.13
N ASN C 30 -57.23 -33.32 23.36
CA ASN C 30 -55.92 -32.70 23.33
C ASN C 30 -55.65 -31.93 24.62
N SER C 31 -56.65 -31.20 25.12
CA SER C 31 -56.49 -30.46 26.37
C SER C 31 -56.24 -31.40 27.55
N LEU C 32 -56.83 -32.58 27.52
CA LEU C 32 -56.53 -33.57 28.54
C LEU C 32 -55.08 -34.02 28.43
N ARG C 33 -54.60 -34.30 27.22
CA ARG C 33 -53.19 -34.62 26.99
C ARG C 33 -52.26 -33.55 27.56
N ARG C 34 -52.51 -32.28 27.23
CA ARG C 34 -51.65 -31.20 27.71
C ARG C 34 -51.70 -31.04 29.22
N THR C 35 -52.90 -31.10 29.81
CA THR C 35 -53.04 -30.91 31.26
C THR C 35 -52.25 -31.95 32.06
N MET C 36 -52.30 -33.22 31.64
CA MET C 36 -51.59 -34.26 32.37
C MET C 36 -50.09 -34.05 32.32
N LEU C 37 -49.57 -33.54 31.20
CA LEU C 37 -48.14 -33.30 31.09
C LEU C 37 -47.72 -32.09 31.90
N ALA C 38 -48.52 -31.04 31.91
CA ALA C 38 -48.04 -29.73 32.29
C ALA C 38 -48.58 -29.20 33.61
N GLU C 39 -49.77 -29.59 34.04
CA GLU C 39 -50.42 -28.87 35.13
C GLU C 39 -50.86 -29.74 36.29
N VAL C 40 -50.63 -31.05 36.23
CA VAL C 40 -50.95 -31.92 37.34
C VAL C 40 -49.84 -31.77 38.37
N PRO C 41 -50.12 -31.27 39.57
CA PRO C 41 -49.05 -30.99 40.54
C PRO C 41 -48.34 -32.28 40.98
N THR C 42 -47.06 -32.15 41.31
CA THR C 42 -46.32 -33.21 41.98
C THR C 42 -45.38 -32.58 42.99
N LEU C 43 -44.64 -33.43 43.66
CA LEU C 43 -43.65 -33.01 44.64
C LEU C 43 -42.26 -33.31 44.09
N ALA C 44 -41.32 -32.38 44.30
CA ALA C 44 -39.97 -32.55 43.79
C ALA C 44 -39.03 -31.67 44.58
N ILE C 45 -37.80 -32.15 44.76
CA ILE C 45 -36.74 -31.41 45.42
C ILE C 45 -36.51 -30.07 44.74
N ASP C 46 -36.43 -28.99 45.52
CA ASP C 46 -36.26 -27.68 44.93
C ASP C 46 -35.23 -26.82 45.65
N LEU C 47 -34.53 -27.35 46.63
CA LEU C 47 -33.50 -26.62 47.38
C LEU C 47 -32.58 -27.63 48.03
N VAL C 48 -31.29 -27.50 47.77
CA VAL C 48 -30.33 -28.47 48.25
C VAL C 48 -29.28 -27.69 49.02
N GLU C 49 -29.12 -28.03 50.30
CA GLU C 49 -28.12 -27.39 51.14
C GLU C 49 -26.96 -28.36 51.25
N ILE C 50 -25.83 -28.00 50.65
CA ILE C 50 -24.66 -28.85 50.67
C ILE C 50 -23.77 -28.40 51.82
N LYS C 51 -23.67 -29.23 52.85
CA LYS C 51 -22.74 -28.97 53.93
C LYS C 51 -21.37 -29.56 53.68
N MET C 52 -21.27 -30.61 52.87
CA MET C 52 -19.98 -31.18 52.53
C MET C 52 -20.15 -31.96 51.23
N ASN C 53 -19.26 -31.72 50.28
CA ASN C 53 -19.21 -32.52 49.05
C ASN C 53 -17.77 -32.56 48.58
N THR C 54 -17.07 -33.62 48.93
CA THR C 54 -15.71 -33.85 48.46
C THR C 54 -15.64 -34.93 47.39
N SER C 55 -16.74 -35.20 46.70
CA SER C 55 -16.71 -36.09 45.56
C SER C 55 -16.15 -35.40 44.32
N VAL C 56 -15.97 -36.20 43.27
CA VAL C 56 -15.45 -35.68 42.00
C VAL C 56 -16.49 -34.96 41.17
N LEU C 57 -17.75 -35.00 41.57
CA LEU C 57 -18.80 -34.32 40.85
C LEU C 57 -18.95 -32.93 41.40
N ALA C 58 -19.30 -31.99 40.53
CA ALA C 58 -19.47 -30.61 40.97
C ALA C 58 -20.75 -30.50 41.77
N ASP C 59 -20.75 -29.55 42.72
CA ASP C 59 -21.88 -29.32 43.63
C ASP C 59 -23.22 -29.20 42.92
N GLU C 60 -23.34 -28.31 41.93
CA GLU C 60 -24.66 -28.16 41.32
C GLU C 60 -24.99 -29.30 40.38
N PHE C 61 -23.98 -30.01 39.87
CA PHE C 61 -24.21 -31.24 39.13
C PHE C 61 -24.94 -32.26 39.98
N ILE C 62 -24.48 -32.47 41.22
CA ILE C 62 -25.18 -33.41 42.10
C ILE C 62 -26.56 -32.87 42.41
N SER C 63 -26.64 -31.57 42.72
CA SER C 63 -27.93 -30.94 43.04
C SER C 63 -28.90 -31.08 41.89
N HIS C 64 -28.40 -30.97 40.66
CA HIS C 64 -29.26 -31.11 39.48
C HIS C 64 -29.87 -32.49 39.38
N ARG C 65 -29.08 -33.52 39.66
CA ARG C 65 -29.61 -34.88 39.65
C ARG C 65 -30.68 -35.08 40.73
N LEU C 66 -30.47 -34.51 41.90
CA LEU C 66 -31.43 -34.60 43.00
C LEU C 66 -32.81 -34.08 42.61
N GLY C 67 -32.87 -32.96 41.88
CA GLY C 67 -34.14 -32.41 41.45
C GLY C 67 -34.96 -33.35 40.58
N LEU C 68 -34.29 -34.25 39.89
CA LEU C 68 -34.93 -35.16 38.94
C LEU C 68 -35.44 -36.45 39.57
N ILE C 69 -35.15 -36.71 40.84
CA ILE C 69 -35.61 -37.91 41.54
C ILE C 69 -37.11 -37.89 41.80
N PRO C 70 -37.88 -38.84 41.28
CA PRO C 70 -39.34 -38.83 41.47
C PRO C 70 -39.73 -39.18 42.90
N LEU C 71 -40.58 -38.35 43.50
CA LEU C 71 -41.07 -38.59 44.86
C LEU C 71 -42.55 -38.92 44.86
N VAL C 72 -42.94 -39.80 45.78
CA VAL C 72 -44.34 -40.17 46.04
C VAL C 72 -45.13 -38.89 46.30
N SER C 73 -46.16 -38.64 45.50
CA SER C 73 -46.90 -37.39 45.55
C SER C 73 -48.39 -37.60 45.75
N GLU C 74 -48.78 -38.75 46.33
CA GLU C 74 -50.17 -39.17 46.42
C GLU C 74 -51.05 -38.17 47.15
N ASP C 75 -50.62 -37.69 48.31
CA ASP C 75 -51.44 -36.78 49.11
C ASP C 75 -51.15 -35.30 48.87
N VAL C 76 -50.57 -34.96 47.71
CA VAL C 76 -50.11 -33.59 47.45
C VAL C 76 -51.26 -32.57 47.32
N GLU C 77 -52.50 -33.01 47.06
CA GLU C 77 -53.62 -32.06 46.93
C GLU C 77 -53.92 -31.31 48.22
N GLU C 78 -53.74 -31.94 49.38
CA GLU C 78 -53.97 -31.22 50.62
C GLU C 78 -52.82 -30.30 51.00
N MET C 79 -51.69 -30.39 50.30
CA MET C 79 -50.54 -29.57 50.59
C MET C 79 -50.63 -28.25 49.85
N LYS C 80 -50.13 -27.20 50.47
CA LYS C 80 -50.14 -25.85 49.94
C LYS C 80 -48.90 -25.57 49.11
N TYR C 81 -48.99 -24.58 48.24
CA TYR C 81 -47.80 -24.05 47.60
C TYR C 81 -47.07 -23.17 48.59
N SER C 82 -45.73 -23.19 48.50
CA SER C 82 -44.88 -22.36 49.36
C SER C 82 -45.23 -20.89 49.21
N ARG C 83 -45.51 -20.45 47.99
CA ARG C 83 -45.80 -19.06 47.72
C ARG C 83 -47.13 -18.60 48.30
N ASP C 84 -48.01 -19.52 48.67
CA ASP C 84 -49.30 -19.22 49.28
C ASP C 84 -49.37 -19.45 50.78
N CYS C 85 -48.27 -19.77 51.45
CA CYS C 85 -48.36 -20.06 52.87
C CYS C 85 -48.02 -18.84 53.72
N THR C 86 -48.83 -18.65 54.75
CA THR C 86 -48.84 -17.53 55.70
C THR C 86 -47.70 -17.53 56.70
N CYS C 87 -46.93 -18.59 56.77
CA CYS C 87 -45.85 -18.78 57.70
C CYS C 87 -44.57 -18.02 57.36
N GLU C 88 -43.71 -17.97 58.36
CA GLU C 88 -42.33 -17.48 58.31
C GLU C 88 -41.56 -18.71 57.90
N ASP C 89 -40.48 -18.52 57.15
CA ASP C 89 -39.64 -19.46 56.37
C ASP C 89 -40.31 -20.82 56.16
N TYR C 90 -39.62 -21.94 56.04
CA TYR C 90 -40.48 -23.09 55.79
C TYR C 90 -40.98 -23.69 57.08
N CYS C 91 -41.87 -24.65 56.92
CA CYS C 91 -42.51 -25.32 58.03
C CYS C 91 -43.01 -26.68 57.56
N ASP C 92 -43.83 -27.29 58.40
CA ASP C 92 -44.32 -28.63 58.18
C ASP C 92 -45.47 -28.69 57.20
N GLU C 93 -46.09 -27.55 56.90
CA GLU C 93 -47.24 -27.54 56.02
C GLU C 93 -46.90 -27.28 54.56
N CYS C 94 -45.71 -26.78 54.25
CA CYS C 94 -45.43 -26.46 52.86
C CYS C 94 -44.16 -27.10 52.30
N SER C 95 -43.49 -27.99 53.03
CA SER C 95 -42.28 -28.60 52.50
C SER C 95 -42.04 -29.94 53.16
N VAL C 96 -41.30 -30.79 52.48
CA VAL C 96 -40.76 -32.03 53.04
C VAL C 96 -39.25 -31.86 53.11
N VAL C 97 -38.63 -32.26 54.22
CA VAL C 97 -37.18 -32.18 54.34
C VAL C 97 -36.61 -33.57 54.19
N LEU C 98 -35.64 -33.74 53.30
CA LEU C 98 -34.92 -34.99 53.16
C LEU C 98 -33.44 -34.80 53.45
N GLU C 99 -32.80 -35.87 53.90
CA GLU C 99 -31.38 -35.84 54.23
C GLU C 99 -30.67 -37.03 53.62
N LEU C 100 -29.41 -36.82 53.25
CA LEU C 100 -28.57 -37.87 52.70
C LEU C 100 -27.16 -37.75 53.25
N SER C 101 -26.56 -38.89 53.61
CA SER C 101 -25.18 -38.89 54.08
C SER C 101 -24.52 -40.19 53.66
N ALA C 102 -23.46 -40.10 52.87
CA ALA C 102 -22.71 -41.28 52.48
C ALA C 102 -21.21 -41.04 52.64
N ARG C 103 -20.46 -42.13 52.75
CA ARG C 103 -19.02 -42.07 52.99
C ARG C 103 -18.49 -43.46 52.61
N HIS C 104 -17.23 -43.49 52.19
CA HIS C 104 -16.49 -44.71 51.88
C HIS C 104 -15.30 -44.86 52.81
N GLU C 105 -15.38 -45.87 53.68
CA GLU C 105 -14.24 -46.27 54.48
C GLU C 105 -13.59 -47.49 53.86
N GLY C 106 -12.26 -47.51 53.86
CA GLY C 106 -11.50 -48.55 53.21
C GLY C 106 -10.70 -47.92 52.09
N GLU C 107 -9.52 -48.45 51.79
CA GLU C 107 -8.69 -47.88 50.74
C GLU C 107 -8.99 -48.43 49.35
N GLU C 108 -10.00 -49.27 49.21
CA GLU C 108 -10.22 -49.95 47.93
C GLU C 108 -11.72 -50.03 47.69
N GLY C 109 -12.09 -50.18 46.42
CA GLY C 109 -13.47 -50.35 46.06
C GLY C 109 -14.15 -49.01 45.92
N THR C 110 -15.40 -49.06 45.49
CA THR C 110 -16.18 -47.86 45.24
C THR C 110 -17.51 -47.97 45.94
N THR C 111 -17.92 -46.90 46.62
CA THR C 111 -19.22 -46.83 47.25
C THR C 111 -20.13 -46.08 46.31
N ASP C 112 -21.19 -46.75 45.87
CA ASP C 112 -22.17 -46.18 44.98
C ASP C 112 -23.31 -45.59 45.80
N VAL C 113 -23.59 -44.31 45.60
CA VAL C 113 -24.63 -43.65 46.38
C VAL C 113 -25.89 -43.71 45.54
N TYR C 114 -26.93 -44.29 46.11
CA TYR C 114 -28.19 -44.52 45.43
C TYR C 114 -29.29 -43.71 46.07
N SER C 115 -30.36 -43.53 45.32
CA SER C 115 -31.52 -42.77 45.78
C SER C 115 -32.20 -43.39 46.99
N SER C 116 -31.96 -44.68 47.27
CA SER C 116 -32.54 -45.33 48.44
C SER C 116 -31.96 -44.83 49.74
N SER C 117 -30.81 -44.17 49.72
CA SER C 117 -30.24 -43.58 50.91
C SER C 117 -30.87 -42.24 51.29
N LEU C 118 -31.85 -41.76 50.52
CA LEU C 118 -32.54 -40.53 50.89
C LEU C 118 -33.50 -40.82 52.03
N ILE C 119 -33.30 -40.15 53.15
CA ILE C 119 -34.05 -40.40 54.37
C ILE C 119 -34.98 -39.23 54.61
N LYS C 120 -36.27 -39.52 54.68
CA LYS C 120 -37.24 -38.50 55.06
C LYS C 120 -37.05 -38.16 56.52
N VAL C 121 -36.98 -36.86 56.84
CA VAL C 121 -36.69 -36.40 58.18
C VAL C 121 -37.91 -35.75 58.81
N SER C 122 -38.67 -34.99 58.04
CA SER C 122 -39.90 -34.39 58.51
C SER C 122 -40.86 -34.36 57.32
N GLY C 123 -42.03 -33.79 57.53
CA GLY C 123 -43.03 -33.81 56.51
C GLY C 123 -44.41 -33.68 57.09
N PRO C 124 -45.38 -33.28 56.28
CA PRO C 124 -46.74 -33.13 56.79
C PRO C 124 -47.41 -34.46 57.14
N GLY C 125 -47.12 -34.95 58.34
CA GLY C 125 -47.71 -36.20 58.79
C GLY C 125 -49.22 -36.13 58.86
N ASN C 126 -49.87 -37.27 58.68
CA ASN C 126 -49.21 -38.53 58.33
C ASN C 126 -49.43 -38.84 56.87
N LEU C 127 -49.36 -37.79 56.04
CA LEU C 127 -49.64 -37.92 54.63
C LEU C 127 -48.53 -38.71 53.96
N ASN C 128 -48.91 -39.63 53.07
CA ASN C 128 -47.94 -40.46 52.35
C ASN C 128 -47.35 -39.67 51.19
N VAL C 129 -46.37 -38.83 51.51
CA VAL C 129 -45.67 -38.01 50.52
C VAL C 129 -44.21 -37.90 50.92
N GLY C 130 -43.33 -37.92 49.93
CA GLY C 130 -41.94 -37.56 50.09
C GLY C 130 -40.96 -38.70 49.97
N GLU C 131 -41.39 -39.93 50.04
CA GLU C 131 -40.46 -41.03 49.88
C GLU C 131 -40.06 -41.17 48.41
N PRO C 132 -38.77 -41.30 48.11
CA PRO C 132 -38.35 -41.60 46.73
C PRO C 132 -38.92 -42.93 46.28
N VAL C 133 -39.62 -42.90 45.15
CA VAL C 133 -40.28 -44.06 44.55
C VAL C 133 -39.32 -45.24 44.33
N ARG C 134 -39.82 -46.44 44.63
CA ARG C 134 -39.11 -47.70 44.47
C ARG C 134 -39.96 -48.70 43.68
N ARG C 135 -39.30 -49.53 42.87
CA ARG C 135 -40.07 -50.55 42.15
C ARG C 135 -40.44 -51.67 43.10
N ASP C 136 -39.43 -52.32 43.68
CA ASP C 136 -39.59 -53.41 44.64
C ASP C 136 -39.16 -52.91 46.02
N ASP C 137 -38.84 -53.85 46.92
CA ASP C 137 -38.13 -53.52 48.14
C ASP C 137 -36.61 -53.75 48.07
N TYR C 138 -36.11 -54.59 47.16
CA TYR C 138 -34.67 -54.79 47.06
C TYR C 138 -34.04 -53.96 45.95
N ASP C 139 -34.76 -52.96 45.45
CA ASP C 139 -34.32 -52.17 44.32
C ASP C 139 -33.58 -50.99 44.93
N GLN C 140 -32.30 -50.84 44.61
CA GLN C 140 -31.54 -49.70 45.12
C GLN C 140 -31.94 -48.37 44.49
N GLY C 141 -32.56 -48.39 43.33
CA GLY C 141 -32.98 -47.15 42.72
C GLY C 141 -32.01 -46.42 41.83
N ILE C 142 -32.04 -45.09 41.88
CA ILE C 142 -31.35 -44.26 40.90
C ILE C 142 -29.95 -43.92 41.37
N LEU C 143 -28.97 -44.12 40.49
CA LEU C 143 -27.59 -43.78 40.77
C LEU C 143 -27.41 -42.26 40.86
N LEU C 144 -26.82 -41.79 41.94
CA LEU C 144 -26.60 -40.35 42.13
C LEU C 144 -25.15 -39.95 41.99
N CYS C 145 -24.24 -40.75 42.51
CA CYS C 145 -22.83 -40.40 42.62
C CYS C 145 -22.06 -41.68 42.85
N LYS C 146 -20.74 -41.55 42.85
CA LYS C 146 -19.89 -42.66 43.24
C LYS C 146 -18.75 -42.10 44.06
N LEU C 147 -18.36 -42.84 45.07
CA LEU C 147 -17.37 -42.38 46.02
C LEU C 147 -16.23 -43.38 46.11
N ARG C 148 -15.05 -42.87 46.38
CA ARG C 148 -13.85 -43.66 46.58
C ARG C 148 -13.34 -43.20 47.93
N ASN C 149 -12.29 -43.85 48.46
CA ASN C 149 -11.70 -43.66 49.78
C ASN C 149 -11.58 -42.20 50.23
N HIS C 150 -12.20 -41.90 51.36
CA HIS C 150 -12.25 -40.66 52.15
C HIS C 150 -13.21 -39.63 51.56
N GLN C 151 -13.85 -39.90 50.43
CA GLN C 151 -14.75 -38.93 49.83
C GLN C 151 -16.13 -39.04 50.47
N GLU C 152 -16.72 -37.90 50.81
CA GLU C 152 -17.94 -37.87 51.59
C GLU C 152 -18.95 -36.95 50.91
N LEU C 153 -20.23 -37.25 51.08
CA LEU C 153 -21.32 -36.44 50.56
C LEU C 153 -22.39 -36.33 51.64
N ASN C 154 -22.63 -35.11 52.12
CA ASN C 154 -23.60 -34.90 53.20
C ASN C 154 -24.44 -33.68 52.84
N ILE C 155 -25.69 -33.91 52.41
CA ILE C 155 -26.57 -32.87 51.87
C ILE C 155 -27.93 -32.90 52.55
N ARG C 156 -28.58 -31.74 52.57
CA ARG C 156 -29.94 -31.57 53.08
C ARG C 156 -30.83 -30.98 51.99
N CYS C 157 -31.89 -31.71 51.63
CA CYS C 157 -32.76 -31.38 50.52
C CYS C 157 -34.14 -30.95 50.96
N ILE C 158 -34.65 -29.87 50.36
CA ILE C 158 -35.99 -29.38 50.61
C ILE C 158 -36.86 -29.66 49.40
N ALA C 159 -37.90 -30.45 49.57
CA ALA C 159 -38.82 -30.78 48.48
C ALA C 159 -40.07 -29.92 48.56
N LYS C 160 -40.54 -29.44 47.40
CA LYS C 160 -41.67 -28.52 47.35
C LYS C 160 -42.66 -28.94 46.27
N LYS C 161 -43.89 -28.50 46.45
CA LYS C 161 -44.97 -28.73 45.48
C LYS C 161 -44.81 -27.79 44.30
N GLY C 162 -44.97 -28.31 43.10
CA GLY C 162 -44.83 -27.47 41.91
C GLY C 162 -45.49 -28.13 40.72
N ILE C 163 -45.51 -27.40 39.61
CA ILE C 163 -46.13 -27.85 38.38
C ILE C 163 -45.13 -27.78 37.25
N ALA C 164 -45.41 -28.53 36.19
CA ALA C 164 -44.43 -28.70 35.13
C ALA C 164 -44.22 -27.47 34.28
N LYS C 165 -45.17 -26.53 34.27
CA LYS C 165 -44.96 -25.23 33.64
C LYS C 165 -43.70 -24.52 34.12
N GLU C 166 -43.38 -24.66 35.41
CA GLU C 166 -42.20 -24.01 35.93
C GLU C 166 -40.90 -24.74 35.61
N HIS C 167 -40.87 -26.06 35.73
CA HIS C 167 -39.69 -26.84 35.43
C HIS C 167 -40.11 -28.28 35.21
N ALA C 168 -39.55 -28.92 34.18
CA ALA C 168 -39.99 -30.26 33.77
C ALA C 168 -39.81 -31.34 34.83
N LYS C 169 -39.06 -31.09 35.91
CA LYS C 169 -38.90 -32.09 36.94
C LYS C 169 -40.20 -32.38 37.69
N TRP C 170 -41.14 -31.45 37.69
CA TRP C 170 -42.45 -31.61 38.31
C TRP C 170 -43.47 -32.30 37.41
N SER C 171 -43.08 -32.85 36.28
CA SER C 171 -44.09 -33.51 35.46
C SER C 171 -44.36 -34.92 35.93
N PRO C 172 -45.62 -35.32 36.09
CA PRO C 172 -45.93 -36.70 36.47
C PRO C 172 -45.92 -37.69 35.33
N CYS C 173 -45.97 -37.26 34.08
CA CYS C 173 -46.01 -38.20 32.98
C CYS C 173 -44.62 -38.37 32.41
N SER C 174 -44.46 -39.38 31.56
CA SER C 174 -43.36 -39.34 30.62
C SER C 174 -43.91 -39.05 29.23
N ALA C 175 -43.91 -40.05 28.36
CA ALA C 175 -44.58 -39.88 27.09
C ALA C 175 -46.08 -40.02 27.28
N ILE C 176 -46.85 -39.46 26.35
CA ILE C 176 -48.26 -39.78 26.23
C ILE C 176 -48.49 -40.17 24.78
N ALA C 177 -48.61 -41.47 24.53
CA ALA C 177 -49.00 -41.95 23.22
C ALA C 177 -50.43 -41.52 22.94
N PHE C 178 -50.71 -41.23 21.68
CA PHE C 178 -51.98 -40.61 21.34
C PHE C 178 -52.17 -40.75 19.85
N GLU C 179 -53.31 -41.29 19.43
CA GLU C 179 -53.61 -41.40 18.01
C GLU C 179 -55.10 -41.64 17.86
N TYR C 180 -55.56 -41.53 16.62
CA TYR C 180 -56.95 -41.72 16.25
C TYR C 180 -57.03 -41.97 14.76
N ASP C 181 -58.18 -42.50 14.34
CA ASP C 181 -58.48 -42.79 12.94
C ASP C 181 -57.38 -43.56 12.20
N PRO C 182 -57.06 -44.79 12.64
CA PRO C 182 -55.92 -45.52 12.05
C PRO C 182 -56.01 -45.79 10.56
N HIS C 183 -57.18 -45.73 9.93
CA HIS C 183 -57.26 -45.96 8.50
C HIS C 183 -57.43 -44.68 7.69
N ASN C 184 -57.36 -43.51 8.33
CA ASN C 184 -57.37 -42.22 7.65
C ASN C 184 -58.68 -41.99 6.86
N LYS C 185 -59.80 -42.43 7.41
CA LYS C 185 -61.09 -42.15 6.76
C LYS C 185 -61.41 -40.67 6.74
N LEU C 186 -60.98 -39.91 7.74
CA LEU C 186 -61.25 -38.47 7.75
C LEU C 186 -60.44 -37.69 6.73
N LYS C 187 -59.40 -38.28 6.17
CA LYS C 187 -58.50 -37.65 5.20
C LYS C 187 -57.80 -36.42 5.78
N HIS C 188 -57.40 -36.50 7.05
CA HIS C 188 -56.68 -35.39 7.66
C HIS C 188 -55.23 -35.38 7.27
N THR C 189 -54.72 -36.49 6.76
CA THR C 189 -53.38 -36.51 6.19
C THR C 189 -53.43 -37.02 4.75
N ASP C 190 -52.45 -36.55 3.99
CA ASP C 190 -52.29 -36.87 2.57
C ASP C 190 -50.96 -37.58 2.48
N PHE C 191 -51.00 -38.87 2.18
CA PHE C 191 -49.83 -39.70 2.40
C PHE C 191 -48.79 -39.50 1.32
N TRP C 192 -47.54 -39.46 1.76
CA TRP C 192 -46.41 -39.44 0.86
C TRP C 192 -46.14 -40.86 0.40
N PHE C 193 -45.88 -41.01 -0.89
CA PHE C 193 -45.58 -42.34 -1.40
C PHE C 193 -44.66 -42.23 -2.60
N GLU C 194 -43.93 -43.32 -2.85
CA GLU C 194 -43.19 -43.48 -4.09
C GLU C 194 -44.05 -44.20 -5.13
N VAL C 195 -44.55 -45.39 -4.79
CA VAL C 195 -45.32 -46.17 -5.75
C VAL C 195 -46.78 -46.36 -5.32
N ASP C 196 -47.01 -46.95 -4.15
CA ASP C 196 -48.35 -47.24 -3.67
C ASP C 196 -48.40 -46.92 -2.19
N ALA C 197 -49.30 -45.99 -1.82
CA ALA C 197 -49.34 -45.48 -0.45
C ALA C 197 -49.66 -46.54 0.59
N LYS C 198 -50.56 -47.47 0.27
CA LYS C 198 -50.96 -48.47 1.26
C LYS C 198 -49.83 -49.44 1.61
N LYS C 199 -49.07 -49.91 0.61
CA LYS C 199 -47.98 -50.84 0.91
C LYS C 199 -46.81 -50.17 1.62
N GLU C 200 -46.59 -48.88 1.41
CA GLU C 200 -45.38 -48.26 1.94
C GLU C 200 -45.58 -47.69 3.34
N TRP C 201 -46.80 -47.60 3.83
CA TRP C 201 -46.95 -47.06 5.15
C TRP C 201 -47.35 -48.16 6.11
N PRO C 202 -46.68 -48.28 7.25
CA PRO C 202 -47.03 -49.34 8.19
C PRO C 202 -48.40 -49.13 8.80
N ASP C 203 -48.91 -50.20 9.36
CA ASP C 203 -50.20 -50.16 10.03
C ASP C 203 -50.03 -49.65 11.45
N SER C 204 -51.00 -48.85 11.89
CA SER C 204 -51.14 -48.50 13.30
C SER C 204 -51.23 -49.77 14.14
N LYS C 205 -50.80 -49.68 15.40
CA LYS C 205 -51.03 -50.78 16.31
C LYS C 205 -52.50 -50.93 16.76
N TYR C 206 -53.40 -50.07 16.29
CA TYR C 206 -54.84 -50.19 16.53
C TYR C 206 -55.60 -50.36 15.23
N ALA C 207 -54.94 -50.89 14.20
CA ALA C 207 -55.60 -51.09 12.92
C ALA C 207 -56.74 -52.09 13.00
N THR C 208 -56.61 -53.11 13.84
CA THR C 208 -57.65 -54.12 13.99
C THR C 208 -58.78 -53.71 14.94
N TRP C 209 -58.74 -52.50 15.48
CA TRP C 209 -59.82 -52.04 16.34
C TRP C 209 -60.88 -51.24 15.59
N GLU C 210 -60.74 -51.05 14.28
CA GLU C 210 -61.69 -50.32 13.48
C GLU C 210 -61.71 -50.92 12.09
N GLU C 211 -62.82 -50.71 11.39
CA GLU C 211 -62.89 -51.46 10.14
C GLU C 211 -62.42 -50.62 8.96
N PRO C 212 -61.63 -51.23 8.09
CA PRO C 212 -61.11 -50.57 6.87
C PRO C 212 -62.20 -49.93 6.02
N PRO C 213 -61.86 -48.92 5.23
CA PRO C 213 -62.85 -48.31 4.34
C PRO C 213 -63.16 -49.25 3.19
N LYS C 214 -64.44 -49.39 2.86
CA LYS C 214 -64.84 -50.26 1.77
C LYS C 214 -64.37 -49.70 0.43
N PRO C 215 -64.03 -50.59 -0.52
CA PRO C 215 -63.53 -50.14 -1.83
C PRO C 215 -64.46 -49.24 -2.62
N GLY C 216 -65.78 -49.35 -2.42
CA GLY C 216 -66.69 -48.48 -3.13
C GLY C 216 -66.98 -47.16 -2.46
N GLU C 217 -67.20 -47.21 -1.13
CA GLU C 217 -67.55 -46.16 -0.17
C GLU C 217 -67.20 -44.73 -0.58
N VAL C 218 -68.22 -43.86 -0.55
CA VAL C 218 -68.01 -42.44 -0.79
C VAL C 218 -67.57 -41.73 0.48
N PHE C 219 -66.95 -40.57 0.29
CA PHE C 219 -66.38 -39.79 1.37
C PHE C 219 -67.48 -39.11 2.17
N ASP C 220 -67.57 -39.44 3.45
CA ASP C 220 -68.49 -38.85 4.43
C ASP C 220 -67.90 -37.51 4.88
N TYR C 221 -68.32 -36.44 4.22
CA TYR C 221 -67.82 -35.11 4.56
C TYR C 221 -68.39 -34.57 5.88
N LYS C 222 -69.29 -35.30 6.53
CA LYS C 222 -69.85 -34.92 7.83
C LYS C 222 -69.23 -35.68 8.98
N ALA C 223 -68.45 -36.72 8.70
CA ALA C 223 -67.83 -37.50 9.77
C ALA C 223 -66.82 -36.62 10.51
N LYS C 224 -66.77 -36.80 11.81
CA LYS C 224 -65.85 -36.12 12.70
C LYS C 224 -64.99 -37.14 13.44
N PRO C 225 -63.82 -36.72 13.96
CA PRO C 225 -63.04 -37.63 14.82
C PRO C 225 -63.86 -37.99 16.04
N ASN C 226 -63.79 -39.26 16.44
CA ASN C 226 -64.70 -39.64 17.51
C ASN C 226 -64.12 -40.65 18.48
N ARG C 227 -63.04 -41.34 18.13
CA ARG C 227 -62.43 -42.31 19.03
C ARG C 227 -60.94 -42.01 19.20
N PHE C 228 -60.52 -41.72 20.42
CA PHE C 228 -59.14 -41.30 20.67
C PHE C 228 -58.48 -42.29 21.62
N TYR C 229 -57.55 -43.07 21.10
CA TYR C 229 -56.79 -44.04 21.89
C TYR C 229 -55.53 -43.39 22.45
N MET C 230 -55.33 -43.48 23.76
CA MET C 230 -54.15 -42.88 24.37
C MET C 230 -53.64 -43.78 25.49
N THR C 231 -52.34 -43.70 25.74
CA THR C 231 -51.70 -44.42 26.83
C THR C 231 -50.92 -43.45 27.67
N VAL C 232 -51.23 -43.39 28.96
CA VAL C 232 -50.58 -42.46 29.88
C VAL C 232 -49.56 -43.23 30.70
N GLU C 233 -48.29 -43.03 30.42
CA GLU C 233 -47.25 -43.59 31.27
C GLU C 233 -46.84 -42.58 32.33
N THR C 234 -46.48 -43.10 33.51
CA THR C 234 -46.05 -42.24 34.59
C THR C 234 -44.70 -42.72 35.09
N THR C 235 -44.08 -41.88 35.91
CA THR C 235 -42.77 -42.15 36.45
C THR C 235 -42.83 -42.83 37.80
N GLY C 236 -44.01 -43.05 38.35
CA GLY C 236 -44.14 -43.65 39.65
C GLY C 236 -44.36 -42.64 40.73
N SER C 237 -44.13 -41.36 40.45
CA SER C 237 -44.47 -40.29 41.37
C SER C 237 -45.96 -40.23 41.68
N LEU C 238 -46.78 -40.67 40.75
CA LEU C 238 -48.22 -40.80 40.94
C LEU C 238 -48.66 -42.06 40.24
N LYS C 239 -49.70 -42.70 40.75
CA LYS C 239 -50.21 -43.86 40.05
C LYS C 239 -51.01 -43.40 38.85
N ALA C 240 -51.07 -44.27 37.83
CA ALA C 240 -51.65 -43.93 36.54
C ALA C 240 -53.11 -43.51 36.64
N ASN C 241 -53.89 -44.21 37.47
CA ASN C 241 -55.28 -43.83 37.68
C ASN C 241 -55.45 -42.46 38.33
N GLN C 242 -54.55 -42.09 39.23
CA GLN C 242 -54.60 -40.77 39.85
C GLN C 242 -54.35 -39.66 38.85
N VAL C 243 -53.38 -39.85 37.93
CA VAL C 243 -53.04 -38.84 36.94
C VAL C 243 -54.21 -38.54 36.03
N PHE C 244 -54.91 -39.57 35.55
CA PHE C 244 -56.07 -39.33 34.71
C PHE C 244 -57.17 -38.63 35.48
N SER C 245 -57.41 -39.04 36.72
CA SER C 245 -58.43 -38.41 37.56
C SER C 245 -58.06 -36.97 37.89
N ARG C 246 -56.84 -36.73 38.37
CA ARG C 246 -56.46 -35.36 38.72
C ARG C 246 -56.28 -34.45 37.51
N GLY C 247 -55.96 -35.01 36.34
CA GLY C 247 -55.96 -34.19 35.13
C GLY C 247 -57.33 -33.58 34.88
N ILE C 248 -58.37 -34.41 34.93
CA ILE C 248 -59.75 -33.95 34.79
C ILE C 248 -60.12 -32.95 35.88
N LYS C 249 -59.75 -33.25 37.14
CA LYS C 249 -60.06 -32.38 38.27
C LYS C 249 -59.41 -31.01 38.10
N THR C 250 -58.12 -30.98 37.75
CA THR C 250 -57.39 -29.72 37.60
C THR C 250 -57.99 -28.86 36.51
N LEU C 251 -58.32 -29.49 35.38
CA LEU C 251 -58.96 -28.80 34.26
C LEU C 251 -60.32 -28.23 34.65
N GLN C 252 -61.00 -28.85 35.61
CA GLN C 252 -62.29 -28.33 36.05
C GLN C 252 -62.14 -27.01 36.79
N GLU C 253 -61.24 -26.96 37.77
CA GLU C 253 -61.04 -25.74 38.55
C GLU C 253 -60.61 -24.56 37.68
N LYS C 254 -59.79 -24.81 36.66
CA LYS C 254 -59.38 -23.75 35.74
C LYS C 254 -60.59 -23.16 35.00
N LEU C 255 -61.49 -24.02 34.51
CA LEU C 255 -62.71 -23.52 33.88
C LEU C 255 -63.63 -22.88 34.91
N ALA C 256 -63.66 -23.43 36.11
CA ALA C 256 -64.46 -22.87 37.20
C ALA C 256 -63.98 -21.47 37.54
N ASN C 257 -62.66 -21.28 37.56
CA ASN C 257 -62.08 -19.98 37.88
C ASN C 257 -62.47 -18.94 36.83
N VAL C 258 -62.50 -19.33 35.57
CA VAL C 258 -62.97 -18.44 34.50
C VAL C 258 -64.44 -18.07 34.71
N LEU C 259 -65.25 -19.06 35.06
CA LEU C 259 -66.67 -18.84 35.29
C LEU C 259 -66.94 -17.90 36.45
N PHE C 260 -66.16 -18.06 37.53
CA PHE C 260 -66.20 -17.15 38.66
C PHE C 260 -65.96 -15.70 38.27
N GLU C 261 -64.92 -15.46 37.47
CA GLU C 261 -64.54 -14.10 37.13
C GLU C 261 -65.58 -13.36 36.29
N LEU C 262 -66.33 -14.06 35.45
CA LEU C 262 -67.38 -13.38 34.69
C LEU C 262 -68.52 -12.93 35.58
N GLU C 263 -68.95 -13.76 36.52
CA GLU C 263 -70.06 -13.37 37.38
C GLU C 263 -69.65 -12.42 38.50
N ASN C 264 -68.37 -12.12 38.64
CA ASN C 264 -67.92 -11.10 39.57
C ASN C 264 -67.55 -9.77 38.93
N SER C 265 -67.16 -9.76 37.65
CA SER C 265 -66.85 -8.49 36.99
C SER C 265 -68.02 -7.55 36.74
N ARG C 266 -69.27 -8.00 36.79
CA ARG C 266 -70.38 -7.06 36.59
C ARG C 266 -70.52 -6.08 37.76
N VAL D 3 -17.86 41.10 21.50
CA VAL D 3 -19.27 41.18 21.86
C VAL D 3 -19.99 41.90 20.73
N SER D 4 -20.01 43.22 20.78
CA SER D 4 -20.63 44.05 19.76
C SER D 4 -19.60 44.38 18.67
N THR D 5 -20.03 44.25 17.41
CA THR D 5 -19.14 44.42 16.27
C THR D 5 -19.76 45.41 15.30
N SER D 6 -19.03 45.71 14.22
CA SER D 6 -19.44 46.73 13.27
C SER D 6 -19.46 46.24 11.82
N THR D 7 -19.63 47.18 10.90
CA THR D 7 -19.65 46.85 9.48
C THR D 7 -18.25 46.47 9.00
N VAL D 8 -17.23 47.14 9.55
CA VAL D 8 -15.83 46.95 9.16
C VAL D 8 -15.38 45.57 9.64
N GLY D 9 -14.91 44.72 8.74
CA GLY D 9 -14.50 43.39 9.15
C GLY D 9 -13.13 42.87 8.75
N ALA D 10 -12.93 41.59 9.03
CA ALA D 10 -11.71 40.84 8.72
C ALA D 10 -10.39 41.36 9.33
N ARG D 11 -9.83 42.41 8.72
CA ARG D 11 -8.53 42.96 9.17
C ARG D 11 -7.49 41.82 9.24
N ARG D 12 -7.49 40.96 8.22
CA ARG D 12 -6.47 39.93 8.15
C ARG D 12 -5.07 40.52 8.01
N ARG D 13 -4.08 39.70 8.36
CA ARG D 13 -2.68 40.12 8.46
C ARG D 13 -2.09 40.52 7.10
N ARG D 14 -1.34 41.62 7.08
CA ARG D 14 -0.58 42.04 5.90
C ARG D 14 0.92 42.04 6.17
N ALA D 15 1.69 41.95 5.07
CA ALA D 15 3.14 41.80 5.16
C ALA D 15 3.81 43.03 5.74
N LYS D 16 3.33 44.22 5.39
CA LYS D 16 3.93 45.44 5.87
C LYS D 16 3.07 45.93 7.01
N GLN D 17 3.71 46.27 8.12
CA GLN D 17 2.93 46.73 9.25
C GLN D 17 2.53 48.18 9.00
N GLN D 18 1.80 48.74 9.95
CA GLN D 18 1.39 50.12 9.82
C GLN D 18 1.40 50.79 11.17
N VAL D 19 1.90 52.02 11.18
CA VAL D 19 1.92 52.84 12.37
C VAL D 19 1.14 54.12 12.13
N ASP D 20 0.52 54.26 10.95
CA ASP D 20 -0.65 55.10 10.82
C ASP D 20 -1.89 54.41 11.40
N ASP D 21 -1.89 53.95 12.65
CA ASP D 21 -3.15 53.44 13.19
C ASP D 21 -3.38 54.11 14.54
N GLU D 22 -2.28 54.41 15.24
CA GLU D 22 -2.29 54.97 16.59
C GLU D 22 -3.08 56.26 16.55
N GLU D 23 -4.11 56.35 17.38
CA GLU D 23 -4.97 57.53 17.31
C GLU D 23 -4.27 58.81 17.75
N ASN D 24 -4.19 59.73 16.80
CA ASN D 24 -3.56 61.04 16.93
C ASN D 24 -4.48 61.99 16.20
N ALA D 25 -5.20 62.85 16.92
CA ALA D 25 -6.08 63.80 16.22
C ALA D 25 -5.29 64.81 15.39
N THR D 26 -4.06 65.12 15.81
CA THR D 26 -3.19 66.02 15.05
C THR D 26 -2.84 65.45 13.67
N LEU D 27 -2.54 64.14 13.61
CA LEU D 27 -2.17 63.48 12.36
C LEU D 27 -3.33 62.84 11.60
N LEU D 28 -4.58 63.11 11.99
CA LEU D 28 -5.80 62.59 11.34
C LEU D 28 -5.81 61.05 11.29
N ARG D 29 -5.32 60.42 12.36
CA ARG D 29 -5.37 58.98 12.50
C ARG D 29 -6.46 58.57 13.48
N LEU D 30 -7.59 58.09 12.96
CA LEU D 30 -8.73 57.79 13.79
C LEU D 30 -8.93 56.29 13.97
N GLY D 31 -8.00 55.48 13.48
CA GLY D 31 -8.02 54.04 13.62
C GLY D 31 -8.85 53.39 12.53
N PRO D 32 -8.96 52.06 12.58
CA PRO D 32 -9.63 51.35 11.49
C PRO D 32 -11.15 51.47 11.52
N GLU D 33 -11.72 51.80 12.67
CA GLU D 33 -13.17 51.86 12.82
C GLU D 33 -13.73 53.20 12.36
N PHE D 34 -12.93 54.26 12.42
CA PHE D 34 -13.35 55.62 12.16
C PHE D 34 -12.59 56.12 10.95
N ALA D 35 -12.53 55.29 9.90
CA ALA D 35 -11.97 55.70 8.61
C ALA D 35 -12.78 56.85 8.01
N LEU D 36 -12.17 57.55 7.05
CA LEU D 36 -12.87 58.66 6.41
C LEU D 36 -14.13 58.20 5.70
N LYS D 37 -14.04 57.12 4.92
CA LYS D 37 -15.22 56.60 4.23
C LYS D 37 -15.71 55.36 4.97
N GLN D 38 -16.88 55.46 5.60
CA GLN D 38 -17.52 54.31 6.22
C GLN D 38 -18.64 53.76 5.35
N TYR D 39 -19.16 52.62 5.78
CA TYR D 39 -20.30 52.00 5.16
C TYR D 39 -21.33 51.67 6.22
N ASP D 40 -22.58 51.97 5.90
CA ASP D 40 -23.71 51.70 6.78
C ASP D 40 -24.13 50.24 6.68
N HIS D 41 -25.21 49.89 7.37
CA HIS D 41 -25.68 48.50 7.37
C HIS D 41 -26.32 48.03 6.05
N ASP D 42 -26.28 48.78 4.95
CA ASP D 42 -26.75 48.32 3.66
C ASP D 42 -25.62 48.24 2.64
N GLY D 43 -24.40 48.64 3.01
CA GLY D 43 -23.28 48.64 2.10
C GLY D 43 -23.06 49.95 1.40
N ASN D 44 -23.90 50.95 1.64
CA ASN D 44 -23.79 52.25 0.98
C ASN D 44 -22.64 53.05 1.57
N GLU D 45 -21.98 53.84 0.73
CA GLU D 45 -20.85 54.66 1.15
C GLU D 45 -21.37 55.87 1.93
N HIS D 46 -20.54 56.34 2.86
CA HIS D 46 -20.97 57.37 3.79
C HIS D 46 -19.75 58.04 4.41
N ASP D 47 -19.80 59.37 4.49
CA ASP D 47 -18.77 60.14 5.17
C ASP D 47 -18.82 59.93 6.68
N LEU D 48 -17.66 60.01 7.32
CA LEU D 48 -17.59 59.84 8.77
C LEU D 48 -18.41 60.92 9.46
N ILE D 49 -19.15 60.53 10.49
CA ILE D 49 -20.06 61.46 11.17
C ILE D 49 -19.42 61.89 12.48
N ALA D 50 -18.70 63.00 12.45
CA ALA D 50 -18.17 63.64 13.64
C ALA D 50 -19.13 64.76 14.04
N LEU D 51 -19.42 64.88 15.34
CA LEU D 51 -20.46 65.78 15.81
C LEU D 51 -19.90 66.81 16.76
N SER D 52 -20.20 68.08 16.49
CA SER D 52 -19.89 69.16 17.42
C SER D 52 -20.77 69.05 18.67
N LEU D 53 -20.38 69.82 19.68
CA LEU D 53 -21.12 69.88 20.94
C LEU D 53 -22.55 70.39 20.75
N SER D 54 -22.78 71.24 19.74
CA SER D 54 -24.10 71.85 19.58
C SER D 54 -25.09 70.90 18.92
N GLU D 55 -24.69 70.26 17.81
CA GLU D 55 -25.47 69.16 17.21
C GLU D 55 -25.83 68.08 18.21
N SER D 56 -24.80 67.51 18.87
CA SER D 56 -24.95 66.43 19.84
C SER D 56 -25.94 66.72 20.95
N ARG D 57 -25.99 67.97 21.44
CA ARG D 57 -26.94 68.29 22.50
C ARG D 57 -28.39 68.17 22.03
N LEU D 58 -28.67 68.61 20.80
CA LEU D 58 -30.02 68.53 20.27
C LEU D 58 -30.48 67.09 20.02
N LEU D 59 -29.66 66.29 19.30
CA LEU D 59 -30.00 64.90 18.98
C LEU D 59 -30.24 64.05 20.22
N ILE D 60 -29.32 64.09 21.18
CA ILE D 60 -29.41 63.23 22.37
C ILE D 60 -30.64 63.59 23.19
N ARG D 61 -30.87 64.89 23.39
CA ARG D 61 -32.02 65.35 24.16
C ARG D 61 -33.33 65.02 23.44
N GLU D 62 -33.36 65.17 22.12
CA GLU D 62 -34.55 64.83 21.34
C GLU D 62 -34.85 63.34 21.42
N ALA D 63 -33.82 62.51 21.22
CA ALA D 63 -33.98 61.06 21.26
C ALA D 63 -34.50 60.60 22.60
N LEU D 64 -34.05 61.24 23.68
CA LEU D 64 -34.47 60.80 25.02
C LEU D 64 -35.92 61.18 25.28
N LYS D 65 -36.33 62.39 24.89
CA LYS D 65 -37.72 62.79 25.16
C LYS D 65 -38.71 62.16 24.19
N ALA D 66 -38.31 61.88 22.93
CA ALA D 66 -39.19 61.13 22.05
C ALA D 66 -39.40 59.70 22.53
N ARG D 67 -38.33 59.08 23.03
CA ARG D 67 -38.44 57.75 23.61
C ARG D 67 -39.23 57.78 24.92
N SER D 68 -39.05 58.83 25.72
CA SER D 68 -39.79 58.98 26.98
C SER D 68 -41.26 59.15 26.71
N ARG D 69 -41.59 59.87 25.65
CA ARG D 69 -42.98 60.08 25.26
C ARG D 69 -43.57 58.76 24.78
N ALA D 70 -42.76 58.00 24.03
CA ALA D 70 -43.17 56.68 23.54
C ALA D 70 -43.41 55.71 24.69
N ARG D 71 -42.59 55.79 25.76
CA ARG D 71 -42.80 54.94 26.93
C ARG D 71 -44.07 55.30 27.68
N ASN D 72 -44.54 56.53 27.51
CA ASN D 72 -45.76 57.05 28.10
C ASN D 72 -46.94 56.98 27.13
N GLY D 73 -46.82 56.20 26.05
CA GLY D 73 -47.92 56.09 25.11
C GLY D 73 -48.21 57.33 24.30
N GLY D 74 -47.34 58.34 24.37
CA GLY D 74 -47.51 59.59 23.63
C GLY D 74 -48.02 60.72 24.48
N VAL D 75 -47.43 60.89 25.66
CA VAL D 75 -47.60 62.11 26.46
C VAL D 75 -46.43 63.06 26.24
N ILE D 84 -36.49 69.79 28.58
CA ILE D 84 -36.22 71.07 29.19
C ILE D 84 -35.07 70.90 30.20
N ASP D 85 -35.34 70.38 31.40
CA ASP D 85 -34.32 70.28 32.43
C ASP D 85 -33.52 69.00 32.24
N ASP D 86 -32.21 69.09 32.51
CA ASP D 86 -31.30 67.98 32.28
C ASP D 86 -31.45 66.87 33.32
N ASP D 87 -31.68 67.24 34.57
CA ASP D 87 -31.84 66.28 35.66
C ASP D 87 -33.11 65.42 35.50
N GLU D 88 -34.15 65.95 34.85
CA GLU D 88 -35.35 65.18 34.58
C GLU D 88 -35.19 64.25 33.38
N LEU D 89 -34.46 64.70 32.36
CA LEU D 89 -34.29 63.90 31.15
C LEU D 89 -33.44 62.65 31.36
N ALA D 90 -32.51 62.66 32.32
CA ALA D 90 -31.65 61.50 32.60
C ALA D 90 -32.31 60.35 33.35
N LYS D 91 -33.49 60.54 33.96
CA LYS D 91 -34.20 59.46 34.64
C LYS D 91 -34.89 58.49 33.69
N VAL D 92 -34.92 58.78 32.39
CA VAL D 92 -35.47 57.87 31.39
C VAL D 92 -34.69 56.55 31.28
N THR D 93 -33.38 56.56 31.56
CA THR D 93 -32.57 55.36 31.46
C THR D 93 -32.94 54.31 32.51
N SER D 94 -32.44 53.10 32.30
CA SER D 94 -32.76 51.93 33.11
C SER D 94 -31.50 51.45 33.82
N GLY D 95 -31.47 51.55 35.14
CA GLY D 95 -30.31 51.10 35.89
C GLY D 95 -29.42 52.24 36.34
N ALA D 96 -28.85 52.12 37.55
CA ALA D 96 -28.04 53.21 38.10
C ALA D 96 -26.74 53.43 37.32
N VAL D 97 -26.21 52.38 36.68
CA VAL D 97 -25.02 52.55 35.84
C VAL D 97 -25.36 53.42 34.64
N ALA D 98 -26.51 53.17 34.02
CA ALA D 98 -26.97 53.96 32.88
C ALA D 98 -27.36 55.36 33.30
N ASN D 99 -28.01 55.49 34.47
CA ASN D 99 -28.36 56.79 35.04
C ASN D 99 -27.14 57.70 35.19
N GLY D 100 -26.01 57.13 35.61
CA GLY D 100 -24.81 57.92 35.81
C GLY D 100 -24.20 58.54 34.57
N VAL D 101 -23.87 57.71 33.57
CA VAL D 101 -23.18 58.16 32.35
C VAL D 101 -24.02 59.18 31.58
N VAL D 102 -25.34 59.00 31.56
CA VAL D 102 -26.20 59.88 30.76
C VAL D 102 -26.36 61.23 31.44
N LYS D 103 -26.55 61.25 32.76
CA LYS D 103 -26.68 62.50 33.51
C LYS D 103 -25.40 63.33 33.45
N LYS D 104 -24.24 62.68 33.62
CA LYS D 104 -22.96 63.37 33.54
C LYS D 104 -22.68 63.91 32.15
N THR D 105 -23.21 63.26 31.10
CA THR D 105 -22.93 63.77 29.76
C THR D 105 -23.77 65.00 29.46
N LEU D 106 -25.03 65.04 29.91
CA LEU D 106 -25.87 66.20 29.65
C LEU D 106 -25.37 67.42 30.44
N ASP D 107 -25.08 67.22 31.72
CA ASP D 107 -24.57 68.29 32.59
C ASP D 107 -23.23 68.83 32.10
N TYR D 108 -22.35 67.96 31.58
CA TYR D 108 -21.10 68.42 30.98
C TYR D 108 -21.40 69.29 29.77
N LEU D 109 -22.29 68.80 28.89
CA LEU D 109 -22.73 69.58 27.75
C LEU D 109 -23.51 70.81 28.19
N ASN D 110 -24.20 70.74 29.34
CA ASN D 110 -24.94 71.89 29.86
C ASN D 110 -24.01 73.04 30.25
N THR D 111 -22.74 72.76 30.54
CA THR D 111 -21.82 73.79 30.98
C THR D 111 -20.75 74.09 29.94
N PHE D 112 -20.86 73.55 28.72
CA PHE D 112 -19.88 73.90 27.71
C PHE D 112 -20.45 74.06 26.30
N ALA D 113 -21.75 73.84 26.08
CA ALA D 113 -22.40 74.09 24.79
C ALA D 113 -22.79 75.55 24.64
N ARG D 114 -22.11 76.29 23.76
CA ARG D 114 -22.42 77.71 23.59
C ARG D 114 -23.84 77.91 23.05
N PHE D 115 -24.18 77.21 21.96
CA PHE D 115 -25.45 77.43 21.27
C PHE D 115 -26.46 76.37 21.73
N LYS D 116 -27.17 76.70 22.79
CA LYS D 116 -28.01 75.79 23.55
C LYS D 116 -29.45 75.71 23.02
N ASP D 117 -29.72 76.23 21.81
CA ASP D 117 -31.04 76.08 21.20
C ASP D 117 -30.90 75.83 19.71
N GLU D 118 -31.98 75.30 19.12
CA GLU D 118 -31.97 74.88 17.72
C GLU D 118 -31.99 76.05 16.73
N GLU D 119 -32.55 77.21 17.11
CA GLU D 119 -32.48 78.40 16.27
C GLU D 119 -31.05 78.80 15.95
N THR D 120 -30.26 79.11 16.99
CA THR D 120 -28.84 79.40 16.82
C THR D 120 -28.07 78.24 16.22
N CYS D 121 -28.42 77.00 16.60
CA CYS D 121 -27.69 75.81 16.15
C CYS D 121 -27.80 75.60 14.65
N THR D 122 -29.02 75.73 14.12
CA THR D 122 -29.21 75.64 12.68
C THR D 122 -28.48 76.76 11.95
N ALA D 123 -28.41 77.95 12.55
CA ALA D 123 -27.59 79.01 11.98
C ALA D 123 -26.11 78.61 11.93
N VAL D 124 -25.61 78.00 13.01
CA VAL D 124 -24.25 77.46 13.00
C VAL D 124 -24.13 76.28 12.04
N ASP D 125 -25.21 75.48 11.90
CA ASP D 125 -25.23 74.34 11.00
C ASP D 125 -25.07 74.77 9.55
N GLN D 126 -25.85 75.78 9.13
CA GLN D 126 -25.77 76.28 7.76
C GLN D 126 -24.45 76.99 7.49
N LEU D 127 -23.92 77.71 8.49
CA LEU D 127 -22.64 78.41 8.35
C LEU D 127 -21.50 77.45 8.05
N LEU D 128 -21.48 76.29 8.71
CA LEU D 128 -20.40 75.32 8.53
C LEU D 128 -20.65 74.35 7.39
N HIS D 129 -21.92 74.11 7.06
CA HIS D 129 -22.25 73.22 5.95
C HIS D 129 -22.79 74.03 4.77
N LEU D 137 -11.16 69.84 1.92
CA LEU D 137 -11.82 70.04 3.20
C LEU D 137 -12.17 68.71 3.85
N HIS D 138 -11.42 68.33 4.89
CA HIS D 138 -11.70 67.04 5.50
C HIS D 138 -12.82 67.18 6.52
N PRO D 139 -13.71 66.19 6.64
CA PRO D 139 -14.82 66.29 7.60
C PRO D 139 -14.43 66.38 9.07
N PHE D 140 -13.30 65.81 9.48
CA PHE D 140 -12.83 65.90 10.87
C PHE D 140 -12.43 67.32 11.28
N GLU D 141 -11.70 68.04 10.42
CA GLU D 141 -11.29 69.40 10.76
C GLU D 141 -12.49 70.33 10.89
N ILE D 142 -13.51 70.17 10.03
CA ILE D 142 -14.69 71.03 10.03
C ILE D 142 -15.43 70.91 11.38
N ALA D 143 -15.42 69.70 11.96
CA ALA D 143 -16.03 69.43 13.25
C ALA D 143 -15.20 69.94 14.43
N GLN D 144 -13.87 69.97 14.28
CA GLN D 144 -12.98 70.43 15.33
C GLN D 144 -13.15 71.93 15.59
N LEU D 145 -13.14 72.73 14.52
CA LEU D 145 -13.33 74.19 14.56
C LEU D 145 -14.57 74.62 15.32
N SER D 146 -15.66 73.85 15.24
CA SER D 146 -16.89 74.19 15.95
C SER D 146 -16.80 73.88 17.43
N SER D 147 -16.07 72.83 17.81
CA SER D 147 -16.04 72.42 19.22
C SER D 147 -15.15 73.34 20.04
N LEU D 148 -14.00 73.76 19.50
CA LEU D 148 -13.04 74.55 20.26
C LEU D 148 -13.28 76.02 19.92
N GLY D 149 -13.80 76.76 20.89
CA GLY D 149 -13.94 78.20 20.74
C GLY D 149 -12.60 78.90 20.64
N CYS D 150 -12.53 79.87 19.73
CA CYS D 150 -11.32 80.65 19.49
C CYS D 150 -11.70 82.11 19.27
N GLU D 151 -10.77 83.01 19.60
CA GLU D 151 -10.96 84.44 19.38
C GLU D 151 -10.46 84.88 18.01
N ASP D 152 -9.17 84.67 17.73
CA ASP D 152 -8.50 85.18 16.55
C ASP D 152 -7.90 84.04 15.74
N VAL D 153 -7.41 84.36 14.55
CA VAL D 153 -6.72 83.38 13.70
C VAL D 153 -5.46 82.83 14.39
N ASP D 154 -4.77 83.68 15.18
CA ASP D 154 -3.57 83.27 15.89
C ASP D 154 -3.84 82.12 16.86
N GLU D 155 -4.98 82.16 17.54
CA GLU D 155 -5.35 81.14 18.51
C GLU D 155 -5.80 79.83 17.86
N ALA D 156 -6.29 79.85 16.63
CA ALA D 156 -6.78 78.60 16.05
C ALA D 156 -5.67 77.70 15.51
N ILE D 157 -4.69 78.25 14.78
CA ILE D 157 -3.61 77.44 14.23
C ILE D 157 -2.57 76.98 15.24
N THR D 158 -2.56 77.49 16.46
CA THR D 158 -1.64 76.97 17.47
C THR D 158 -2.16 75.70 18.13
N LEU D 159 -3.32 75.79 18.77
CA LEU D 159 -3.94 74.65 19.45
C LEU D 159 -4.36 73.53 18.51
N ILE D 160 -4.59 73.85 17.23
CA ILE D 160 -4.98 72.89 16.19
C ILE D 160 -3.98 73.05 15.05
N PRO D 161 -2.74 72.52 15.19
CA PRO D 161 -1.68 72.82 14.21
C PRO D 161 -1.84 72.24 12.81
N SER D 162 -2.99 71.64 12.49
CA SER D 162 -3.19 71.08 11.16
C SER D 162 -3.72 72.11 10.18
N LEU D 163 -4.33 73.20 10.68
CA LEU D 163 -4.86 74.29 9.86
C LEU D 163 -3.78 75.19 9.26
N ALA D 164 -2.51 74.97 9.58
CA ALA D 164 -1.37 75.73 9.07
C ALA D 164 -1.32 75.86 7.55
N ALA D 165 -0.92 74.78 6.88
CA ALA D 165 -0.67 74.74 5.45
C ALA D 165 -1.91 74.44 4.63
N LYS D 166 -3.05 75.07 4.91
CA LYS D 166 -4.21 74.88 4.05
C LYS D 166 -4.54 76.08 3.17
N LYS D 167 -4.18 77.31 3.57
CA LYS D 167 -4.14 78.49 2.68
C LYS D 167 -5.54 78.93 2.28
N GLU D 168 -6.49 78.73 3.18
CA GLU D 168 -7.91 79.00 2.95
C GLU D 168 -8.51 79.36 4.29
N VAL D 169 -8.56 80.67 4.56
CA VAL D 169 -8.84 81.14 5.91
C VAL D 169 -10.38 81.16 5.90
N ASN D 170 -11.01 82.34 5.82
CA ASN D 170 -12.36 82.75 6.24
C ASN D 170 -12.56 82.69 7.77
N LEU D 171 -11.67 81.95 8.47
CA LEU D 171 -11.40 81.77 9.90
C LEU D 171 -11.90 82.93 10.76
N GLN D 172 -11.56 84.15 10.35
CA GLN D 172 -11.88 85.34 11.12
C GLN D 172 -13.39 85.55 11.13
N ARG D 173 -14.02 85.45 9.96
CA ARG D 173 -15.47 85.56 9.85
C ARG D 173 -16.18 84.35 10.45
N ILE D 174 -15.53 83.18 10.46
CA ILE D 174 -16.00 82.05 11.25
C ILE D 174 -16.09 82.40 12.73
N LEU D 175 -14.96 82.81 13.32
CA LEU D 175 -14.90 83.23 14.74
C LEU D 175 -15.79 84.41 15.07
N ASP D 176 -15.91 85.39 14.16
CA ASP D 176 -16.77 86.54 14.41
C ASP D 176 -18.24 86.12 14.49
N GLU D 177 -18.69 85.29 13.55
CA GLU D 177 -20.07 84.81 13.59
C GLU D 177 -20.32 83.91 14.81
N LEU D 178 -19.39 83.00 15.13
CA LEU D 178 -19.51 82.19 16.34
C LEU D 178 -19.63 83.05 17.59
N ASN D 179 -18.77 84.07 17.71
CA ASN D 179 -18.81 84.95 18.88
C ASN D 179 -20.01 85.90 18.89
N ARG D 180 -20.48 86.33 17.71
CA ARG D 180 -21.67 87.19 17.67
C ARG D 180 -22.94 86.41 17.99
N LEU D 181 -23.10 85.21 17.41
CA LEU D 181 -24.23 84.34 17.77
C LEU D 181 -24.20 83.95 19.26
N GLU D 182 -23.00 83.90 19.85
CA GLU D 182 -22.78 83.56 21.26
C GLU D 182 -23.46 84.52 22.21
N ASP D 183 -24.45 84.02 22.97
CA ASP D 183 -25.19 84.85 23.90
C ASP D 183 -24.28 85.28 25.05
N PRO D 184 -24.59 86.38 25.74
CA PRO D 184 -23.82 86.73 26.93
C PRO D 184 -24.06 85.75 28.07
N TYR D 185 -23.23 85.87 29.10
CA TYR D 185 -23.32 84.99 30.25
C TYR D 185 -23.05 85.80 31.51
N GLU E 2 -3.60 1.24 -60.00
CA GLU E 2 -3.16 0.32 -58.94
C GLU E 2 -2.90 1.05 -57.60
N ASP E 3 -1.67 1.01 -57.07
CA ASP E 3 -1.31 1.79 -55.89
C ASP E 3 -1.47 3.29 -56.10
N ASN E 4 -1.38 3.77 -57.34
CA ASN E 4 -1.60 5.20 -57.57
C ASN E 4 -3.06 5.57 -57.32
N ASN E 5 -3.99 4.62 -57.49
CA ASN E 5 -5.39 4.91 -57.26
C ASN E 5 -5.70 5.13 -55.78
N ARG E 6 -5.02 4.41 -54.89
CA ARG E 6 -5.26 4.60 -53.47
C ARG E 6 -4.72 5.94 -52.96
N ILE E 7 -3.64 6.45 -53.54
CA ILE E 7 -3.17 7.79 -53.21
C ILE E 7 -4.21 8.84 -53.58
N ILE E 8 -4.69 8.79 -54.82
CA ILE E 8 -5.72 9.73 -55.29
C ILE E 8 -7.00 9.60 -54.49
N SER E 9 -7.41 8.36 -54.18
CA SER E 9 -8.68 8.15 -53.49
C SER E 9 -8.67 8.75 -52.09
N ARG E 10 -7.63 8.44 -51.30
CA ARG E 10 -7.52 8.98 -49.95
C ARG E 10 -7.44 10.49 -49.96
N LEU E 11 -6.65 11.05 -50.89
CA LEU E 11 -6.57 12.49 -51.04
C LEU E 11 -7.90 13.11 -51.44
N TRP E 12 -8.66 12.45 -52.34
CA TRP E 12 -9.98 12.95 -52.71
C TRP E 12 -10.94 12.91 -51.54
N ARG E 13 -10.81 11.92 -50.67
CA ARG E 13 -11.71 11.80 -49.53
C ARG E 13 -11.37 12.86 -48.51
N SER E 14 -10.08 13.07 -48.27
CA SER E 14 -9.61 14.18 -47.46
C SER E 14 -10.14 15.52 -47.93
N PHE E 15 -10.25 15.69 -49.25
CA PHE E 15 -10.74 16.97 -49.77
C PHE E 15 -12.21 17.20 -49.43
N ARG E 16 -13.04 16.16 -49.57
CA ARG E 16 -14.45 16.28 -49.21
C ARG E 16 -14.61 16.61 -47.72
N THR E 17 -13.74 16.04 -46.88
CA THR E 17 -13.79 16.30 -45.44
C THR E 17 -13.47 17.76 -45.14
N VAL E 18 -12.46 18.33 -45.81
CA VAL E 18 -12.08 19.73 -45.62
C VAL E 18 -13.24 20.65 -46.00
N LYS E 19 -13.94 20.33 -47.08
CA LYS E 19 -15.09 21.12 -47.49
C LYS E 19 -16.20 21.06 -46.45
N GLU E 20 -16.51 19.86 -45.98
CA GLU E 20 -17.45 19.70 -44.86
C GLU E 20 -17.03 20.53 -43.64
N MET E 21 -15.73 20.50 -43.32
CA MET E 21 -15.20 21.30 -42.22
C MET E 21 -15.47 22.78 -42.44
N ALA E 22 -15.18 23.28 -43.64
CA ALA E 22 -15.42 24.67 -43.98
C ALA E 22 -16.89 25.02 -43.88
N ALA E 23 -17.76 24.15 -44.40
CA ALA E 23 -19.20 24.36 -44.34
C ALA E 23 -19.70 24.49 -42.91
N ASP E 24 -19.27 23.58 -42.03
CA ASP E 24 -19.71 23.63 -40.63
C ASP E 24 -19.20 24.85 -39.91
N ARG E 25 -18.03 25.37 -40.28
CA ARG E 25 -17.59 26.58 -39.60
C ARG E 25 -18.35 27.82 -40.06
N GLY E 26 -19.24 27.73 -41.05
CA GLY E 26 -19.99 28.89 -41.47
C GLY E 26 -19.54 29.49 -42.77
N TYR E 27 -18.55 28.90 -43.42
CA TYR E 27 -18.12 29.51 -44.67
C TYR E 27 -18.99 29.01 -45.80
N PHE E 28 -19.06 29.80 -46.85
CA PHE E 28 -19.88 29.48 -48.00
C PHE E 28 -19.05 28.66 -48.99
N ILE E 29 -19.57 27.49 -49.33
CA ILE E 29 -19.02 26.61 -50.34
C ILE E 29 -20.13 26.29 -51.32
N SER E 30 -19.83 26.46 -52.61
CA SER E 30 -20.83 26.29 -53.66
C SER E 30 -21.32 24.85 -53.71
N GLN E 31 -22.62 24.68 -53.98
CA GLN E 31 -23.24 23.36 -54.04
C GLN E 31 -22.75 22.50 -55.20
N GLU E 32 -21.90 23.02 -56.08
CA GLU E 32 -21.26 22.25 -57.14
C GLU E 32 -19.90 21.71 -56.71
N GLU E 33 -19.18 22.48 -55.89
CA GLU E 33 -17.89 22.03 -55.37
C GLU E 33 -18.02 21.01 -54.25
N MET E 34 -19.08 21.05 -53.47
CA MET E 34 -19.24 20.06 -52.41
C MET E 34 -19.53 18.67 -52.97
N ASP E 35 -20.32 18.58 -54.01
CA ASP E 35 -20.71 17.30 -54.57
C ASP E 35 -19.82 16.80 -55.70
N GLN E 36 -18.65 17.41 -55.90
CA GLN E 36 -17.73 17.06 -56.99
C GLN E 36 -17.32 15.59 -56.90
N SER E 37 -17.64 14.82 -57.95
CA SER E 37 -17.31 13.41 -57.97
C SER E 37 -15.81 13.15 -58.02
N LEU E 38 -15.47 11.89 -57.79
CA LEU E 38 -14.08 11.43 -57.88
C LEU E 38 -13.52 11.46 -59.29
N GLU E 39 -14.34 11.16 -60.29
CA GLU E 39 -13.86 11.13 -61.69
C GLU E 39 -13.43 12.49 -62.19
N GLU E 40 -14.27 13.51 -61.97
CA GLU E 40 -13.93 14.89 -62.32
C GLU E 40 -12.68 15.34 -61.58
N PHE E 41 -12.55 14.91 -60.34
CA PHE E 41 -11.38 15.24 -59.52
C PHE E 41 -10.08 14.71 -60.12
N ARG E 42 -10.09 13.47 -60.63
CA ARG E 42 -8.84 12.90 -61.17
C ARG E 42 -8.38 13.66 -62.42
N SER E 43 -9.33 13.98 -63.29
CA SER E 43 -9.06 14.76 -64.50
C SER E 43 -8.39 16.09 -64.19
N LYS E 44 -8.89 16.81 -63.17
CA LYS E 44 -8.41 18.17 -62.93
C LYS E 44 -7.10 18.22 -62.17
N ILE E 45 -6.80 17.22 -61.36
CA ILE E 45 -5.72 17.34 -60.39
C ILE E 45 -4.47 16.55 -60.80
N CYS E 46 -4.63 15.42 -61.47
CA CYS E 46 -3.47 14.60 -61.76
C CYS E 46 -2.79 15.06 -63.04
N ASP E 47 -1.52 14.72 -63.17
CA ASP E 47 -0.75 14.96 -64.38
C ASP E 47 -1.13 14.00 -65.50
N SER E 48 -0.29 13.94 -66.54
CA SER E 48 -0.45 12.87 -67.50
C SER E 48 0.04 11.55 -66.92
N MET E 49 0.98 11.60 -65.99
CA MET E 49 1.47 10.40 -65.34
C MET E 49 0.58 9.98 -64.17
N GLY E 50 -0.42 10.78 -63.81
CA GLY E 50 -1.34 10.42 -62.76
C GLY E 50 -1.01 10.97 -61.38
N ASN E 51 0.13 11.65 -61.25
CA ASN E 51 0.59 12.20 -59.99
C ASN E 51 -0.10 13.53 -59.70
N PRO E 52 -0.55 13.75 -58.47
CA PRO E 52 -1.36 14.93 -58.16
C PRO E 52 -0.56 16.16 -57.76
N GLN E 53 -1.10 17.31 -58.13
CA GLN E 53 -0.46 18.61 -57.89
C GLN E 53 -1.26 19.30 -56.79
N ARG E 54 -0.69 19.32 -55.58
CA ARG E 54 -1.41 19.84 -54.42
C ARG E 54 -1.75 21.32 -54.57
N LYS E 55 -0.84 22.11 -55.14
CA LYS E 55 -1.03 23.55 -55.27
C LYS E 55 -2.25 23.94 -56.10
N LEU E 56 -2.75 23.03 -56.92
CA LEU E 56 -3.99 23.30 -57.64
C LEU E 56 -5.22 23.08 -56.77
N MET E 57 -5.08 22.42 -55.62
CA MET E 57 -6.23 22.13 -54.79
C MET E 57 -6.60 23.23 -53.80
N SER E 58 -5.69 24.18 -53.53
CA SER E 58 -5.94 25.28 -52.62
C SER E 58 -7.17 26.08 -53.04
N PHE E 59 -7.86 26.65 -52.07
CA PHE E 59 -9.05 27.43 -52.37
C PHE E 59 -9.31 28.41 -51.26
N LEU E 60 -10.23 29.32 -51.55
CA LEU E 60 -10.61 30.43 -50.71
C LEU E 60 -12.12 30.36 -50.51
N ALA E 61 -12.57 30.78 -49.33
CA ALA E 61 -13.99 30.76 -49.04
C ALA E 61 -14.33 31.94 -48.14
N ASN E 62 -15.59 32.36 -48.22
CA ASN E 62 -16.11 33.46 -47.42
C ASN E 62 -17.29 32.99 -46.59
N PRO E 63 -17.58 33.67 -45.47
CA PRO E 63 -18.75 33.29 -44.67
C PRO E 63 -20.07 33.52 -45.38
N THR E 64 -21.02 32.61 -45.15
CA THR E 64 -22.42 32.83 -45.52
C THR E 64 -22.97 34.05 -44.80
N PRO E 65 -24.04 34.68 -45.34
CA PRO E 65 -24.67 35.79 -44.60
C PRO E 65 -25.19 35.42 -43.23
N GLU E 66 -25.75 34.21 -43.09
CA GLU E 66 -26.25 33.75 -41.79
C GLU E 66 -25.12 33.67 -40.77
N ALA E 67 -24.00 33.06 -41.15
CA ALA E 67 -22.87 32.90 -40.25
C ALA E 67 -22.31 34.25 -39.84
N LEU E 68 -22.29 35.20 -40.78
CA LEU E 68 -21.78 36.54 -40.50
C LEU E 68 -22.71 37.26 -39.54
N GLU E 69 -24.01 36.99 -39.66
CA GLU E 69 -24.97 37.52 -38.71
C GLU E 69 -24.72 36.97 -37.31
N LYS E 70 -24.45 35.67 -37.21
CA LYS E 70 -24.24 35.05 -35.91
C LYS E 70 -22.87 35.41 -35.32
N TYR E 71 -21.80 35.21 -36.10
CA TYR E 71 -20.43 35.43 -35.66
C TYR E 71 -19.80 36.57 -36.45
N SER E 72 -19.64 37.73 -35.83
CA SER E 72 -19.07 38.87 -36.52
C SER E 72 -17.54 38.84 -36.58
N ASP E 73 -16.91 37.83 -36.00
CA ASP E 73 -15.46 37.66 -36.04
C ASP E 73 -14.99 36.74 -37.17
N LEU E 74 -15.87 36.38 -38.09
CA LEU E 74 -15.56 35.40 -39.12
C LEU E 74 -15.08 36.08 -40.40
N GLY E 75 -13.81 35.87 -40.73
CA GLY E 75 -13.14 36.48 -41.87
C GLY E 75 -12.98 35.52 -43.02
N THR E 76 -11.87 35.66 -43.75
CA THR E 76 -11.58 34.80 -44.89
C THR E 76 -10.73 33.61 -44.49
N LEU E 77 -11.01 32.45 -45.09
CA LEU E 77 -10.36 31.20 -44.77
C LEU E 77 -9.56 30.77 -45.98
N TRP E 78 -8.30 30.43 -45.76
CA TRP E 78 -7.39 29.93 -46.79
C TRP E 78 -7.00 28.50 -46.47
N VAL E 79 -7.31 27.58 -47.39
CA VAL E 79 -6.97 26.18 -47.24
C VAL E 79 -5.83 25.87 -48.20
N GLU E 80 -4.80 25.19 -47.71
CA GLU E 80 -3.61 24.88 -48.48
C GLU E 80 -3.11 23.47 -48.19
N PHE E 81 -2.85 22.71 -49.24
CA PHE E 81 -2.18 21.42 -49.15
C PHE E 81 -0.71 21.61 -49.48
N CYS E 82 0.16 21.14 -48.59
CA CYS E 82 1.59 21.38 -48.73
C CYS E 82 2.22 20.26 -49.54
N ASP E 83 2.94 20.64 -50.60
CA ASP E 83 3.61 19.67 -51.45
C ASP E 83 4.83 19.00 -50.83
N GLU E 84 5.36 19.51 -49.73
CA GLU E 84 6.56 18.92 -49.16
C GLU E 84 6.24 17.97 -48.01
N PRO E 85 6.50 16.66 -48.17
CA PRO E 85 6.16 15.67 -47.12
C PRO E 85 6.64 16.02 -45.72
N SER E 86 7.89 16.43 -45.61
CA SER E 86 8.48 16.85 -44.35
C SER E 86 8.46 18.37 -44.39
N VAL E 87 7.75 18.99 -43.44
CA VAL E 87 7.65 20.44 -43.44
C VAL E 87 8.77 21.02 -42.59
N GLY E 88 9.71 21.67 -43.26
CA GLY E 88 10.87 22.27 -42.62
C GLY E 88 10.71 23.78 -42.46
N ILE E 89 11.80 24.39 -41.98
CA ILE E 89 11.85 25.84 -41.74
C ILE E 89 11.66 26.62 -43.04
N LYS E 90 12.08 26.03 -44.17
CA LYS E 90 11.95 26.69 -45.47
C LYS E 90 10.49 26.82 -45.90
N THR E 91 9.69 25.77 -45.68
CA THR E 91 8.31 25.77 -46.14
C THR E 91 7.47 26.74 -45.34
N MET E 92 7.70 26.79 -44.03
CA MET E 92 6.85 27.57 -43.15
C MET E 92 7.01 29.07 -43.41
N ARG E 93 8.21 29.54 -43.78
CA ARG E 93 8.41 30.97 -43.99
C ARG E 93 7.57 31.50 -45.14
N ASN E 94 7.59 30.80 -46.27
CA ASN E 94 6.79 31.19 -47.43
C ASN E 94 5.30 31.09 -47.17
N PHE E 95 4.90 30.13 -46.34
CA PHE E 95 3.49 30.01 -45.99
C PHE E 95 3.03 31.16 -45.11
N CYS E 96 3.79 31.50 -44.07
CA CYS E 96 3.41 32.62 -43.20
C CYS E 96 3.43 33.94 -43.96
N LEU E 97 4.39 34.10 -44.88
CA LEU E 97 4.46 35.29 -45.73
C LEU E 97 3.23 35.40 -46.63
N ARG E 98 2.85 34.29 -47.28
CA ARG E 98 1.70 34.25 -48.18
C ARG E 98 0.42 34.67 -47.47
N ILE E 99 0.24 34.23 -46.22
CA ILE E 99 -0.97 34.52 -45.45
C ILE E 99 -1.06 36.00 -45.15
N GLN E 100 0.06 36.58 -44.70
CA GLN E 100 0.11 37.99 -44.35
C GLN E 100 -0.06 38.89 -45.58
N GLU E 101 0.64 38.55 -46.66
CA GLU E 101 0.61 39.36 -47.89
C GLU E 101 -0.82 39.47 -48.43
N LYS E 102 -1.50 38.34 -48.57
CA LYS E 102 -2.88 38.30 -49.03
C LYS E 102 -3.91 38.57 -47.94
N ASN E 103 -3.45 38.89 -46.71
CA ASN E 103 -4.21 39.13 -45.46
C ASN E 103 -5.43 38.21 -45.28
N PHE E 104 -5.16 36.91 -45.24
CA PHE E 104 -6.17 35.97 -44.79
C PHE E 104 -6.36 36.01 -43.27
N SER E 105 -7.60 35.72 -42.86
CA SER E 105 -7.93 35.63 -41.44
C SER E 105 -7.54 34.30 -40.81
N THR E 106 -7.60 33.20 -41.56
CA THR E 106 -7.28 31.88 -41.00
C THR E 106 -6.69 31.01 -42.09
N GLY E 107 -5.64 30.26 -41.74
CA GLY E 107 -5.09 29.29 -42.66
C GLY E 107 -4.96 27.86 -42.17
N ILE E 108 -5.51 26.94 -42.96
CA ILE E 108 -5.53 25.53 -42.64
C ILE E 108 -4.41 24.87 -43.43
N PHE E 109 -3.45 24.27 -42.74
CA PHE E 109 -2.26 23.68 -43.36
C PHE E 109 -2.24 22.16 -43.24
N ILE E 110 -2.51 21.50 -44.35
CA ILE E 110 -2.49 20.04 -44.42
C ILE E 110 -1.10 19.60 -44.85
N TYR E 111 -0.47 18.76 -44.04
CA TYR E 111 0.85 18.21 -44.36
C TYR E 111 0.71 16.74 -44.70
N GLN E 112 1.80 16.14 -45.16
CA GLN E 112 1.75 14.76 -45.61
C GLN E 112 2.22 13.75 -44.58
N ASN E 113 3.44 13.90 -44.08
CA ASN E 113 4.00 12.89 -43.20
C ASN E 113 4.23 13.34 -41.76
N ASN E 114 4.86 14.50 -41.54
CA ASN E 114 5.17 14.91 -40.18
C ASN E 114 5.46 16.41 -40.18
N ILE E 115 5.54 16.97 -38.98
CA ILE E 115 6.01 18.34 -38.76
C ILE E 115 7.06 18.33 -37.66
N THR E 116 8.26 18.83 -37.97
CA THR E 116 9.36 18.82 -37.01
C THR E 116 9.03 19.71 -35.82
N PRO E 117 9.42 19.30 -34.60
CA PRO E 117 9.14 20.13 -33.40
C PRO E 117 9.72 21.54 -33.45
N SER E 118 10.81 21.74 -34.18
CA SER E 118 11.38 23.07 -34.35
C SER E 118 10.44 23.93 -35.20
N ALA E 119 9.92 23.37 -36.27
CA ALA E 119 8.96 24.06 -37.12
C ALA E 119 7.61 24.25 -36.41
N ASN E 120 7.30 23.43 -35.42
CA ASN E 120 6.04 23.55 -34.69
C ASN E 120 6.00 24.82 -33.83
N LYS E 121 7.14 25.43 -33.53
CA LYS E 121 7.12 26.68 -32.76
C LYS E 121 6.86 27.90 -33.64
N MET E 122 7.02 27.78 -34.96
CA MET E 122 6.68 28.86 -35.89
C MET E 122 5.18 29.09 -36.07
N ILE E 123 4.33 28.34 -35.39
CA ILE E 123 2.88 28.41 -35.57
C ILE E 123 2.24 29.53 -34.74
N PRO E 124 2.52 29.71 -33.44
CA PRO E 124 1.86 30.82 -32.73
C PRO E 124 2.57 32.17 -32.87
N THR E 125 3.63 32.28 -33.66
CA THR E 125 4.34 33.54 -33.84
C THR E 125 3.81 34.41 -34.98
N VAL E 126 2.58 34.18 -35.43
CA VAL E 126 2.11 34.72 -36.70
C VAL E 126 0.71 35.29 -36.43
N SER E 127 0.46 35.59 -35.16
CA SER E 127 -0.81 36.17 -34.71
C SER E 127 -0.96 37.61 -35.22
N PRO E 128 -2.19 38.16 -35.24
CA PRO E 128 -3.54 37.69 -34.87
C PRO E 128 -4.16 36.73 -35.87
N ALA E 129 -3.42 36.41 -36.92
CA ALA E 129 -3.82 35.37 -37.84
C ALA E 129 -3.65 34.02 -37.14
N ILE E 130 -4.50 33.05 -37.48
CA ILE E 130 -4.53 31.79 -36.76
C ILE E 130 -4.10 30.72 -37.75
N ILE E 131 -3.10 29.93 -37.40
CA ILE E 131 -2.67 28.82 -38.22
C ILE E 131 -3.04 27.50 -37.54
N GLU E 132 -3.72 26.63 -38.28
CA GLU E 132 -4.07 25.29 -37.81
C GLU E 132 -3.48 24.26 -38.76
N THR E 133 -2.95 23.17 -38.21
CA THR E 133 -2.32 22.12 -38.99
C THR E 133 -3.06 20.80 -38.85
N PHE E 134 -3.07 20.02 -39.93
CA PHE E 134 -3.70 18.70 -39.91
C PHE E 134 -2.85 17.71 -40.68
N GLN E 135 -2.70 16.52 -40.12
CA GLN E 135 -2.10 15.41 -40.83
C GLN E 135 -3.12 14.80 -41.79
N GLU E 136 -2.66 14.54 -43.03
CA GLU E 136 -3.54 14.09 -44.10
C GLU E 136 -4.25 12.78 -43.76
N SER E 137 -3.60 11.90 -42.99
CA SER E 137 -4.23 10.67 -42.53
C SER E 137 -5.49 10.95 -41.73
N ASP E 138 -5.42 11.89 -40.79
CA ASP E 138 -6.51 12.18 -39.86
C ASP E 138 -7.77 12.70 -40.52
N LEU E 139 -7.73 13.06 -41.81
CA LEU E 139 -8.88 13.64 -42.47
C LEU E 139 -9.52 12.71 -43.47
N VAL E 140 -8.96 11.51 -43.67
CA VAL E 140 -9.52 10.52 -44.60
C VAL E 140 -10.96 10.18 -44.25
N VAL E 141 -11.28 10.08 -42.97
CA VAL E 141 -12.64 9.93 -42.50
C VAL E 141 -13.06 11.17 -41.75
N ASN E 142 -14.26 11.68 -42.05
CA ASN E 142 -14.82 12.81 -41.32
C ASN E 142 -15.45 12.22 -40.06
N ILE E 143 -14.78 12.43 -38.92
CA ILE E 143 -15.17 11.79 -37.68
C ILE E 143 -16.53 12.26 -37.17
N THR E 144 -16.99 13.45 -37.54
CA THR E 144 -18.30 13.90 -37.07
C THR E 144 -19.47 13.13 -37.67
N HIS E 145 -19.26 12.29 -38.67
CA HIS E 145 -20.35 11.46 -39.18
C HIS E 145 -20.50 10.18 -38.39
N HIS E 146 -19.68 9.97 -37.37
CA HIS E 146 -19.74 8.74 -36.59
C HIS E 146 -20.95 8.77 -35.67
N GLU E 147 -21.56 7.60 -35.48
CA GLU E 147 -22.66 7.43 -34.52
C GLU E 147 -22.37 8.03 -33.15
N LEU E 148 -21.17 7.80 -32.63
CA LEU E 148 -20.89 8.20 -31.26
C LEU E 148 -20.60 9.68 -31.10
N VAL E 149 -20.45 10.44 -32.18
CA VAL E 149 -20.16 11.86 -32.09
C VAL E 149 -21.40 12.70 -32.35
N PRO E 150 -22.03 13.25 -31.32
CA PRO E 150 -23.19 14.13 -31.54
C PRO E 150 -22.78 15.47 -32.13
N LYS E 151 -23.78 16.18 -32.66
CA LYS E 151 -23.58 17.44 -33.37
C LYS E 151 -23.14 18.56 -32.44
N HIS E 152 -21.92 19.07 -32.66
CA HIS E 152 -21.42 20.23 -31.95
C HIS E 152 -21.71 21.53 -32.67
N ILE E 153 -22.24 22.51 -31.93
CA ILE E 153 -22.57 23.82 -32.48
C ILE E 153 -21.94 24.87 -31.57
N ARG E 154 -21.10 25.74 -32.12
CA ARG E 154 -20.47 26.76 -31.27
C ARG E 154 -21.48 27.82 -30.89
N LEU E 155 -21.53 28.21 -29.61
CA LEU E 155 -22.39 29.32 -29.21
C LEU E 155 -21.77 30.67 -29.53
N SER E 156 -22.61 31.60 -29.97
CA SER E 156 -22.21 32.99 -30.13
C SER E 156 -21.96 33.66 -28.78
N ASP E 157 -21.25 34.79 -28.83
CA ASP E 157 -20.93 35.57 -27.64
C ASP E 157 -22.18 36.05 -26.89
N GLY E 158 -23.23 36.43 -27.61
CA GLY E 158 -24.45 36.84 -26.94
C GLY E 158 -25.15 35.68 -26.26
N GLU E 159 -25.21 34.53 -26.95
CA GLU E 159 -25.83 33.33 -26.37
C GLU E 159 -25.06 32.84 -25.16
N LYS E 160 -23.73 32.89 -25.22
CA LYS E 160 -22.88 32.50 -24.09
C LYS E 160 -23.13 33.34 -22.85
N SER E 161 -23.12 34.67 -23.00
CA SER E 161 -23.41 35.55 -21.87
C SER E 161 -24.78 35.29 -21.26
N GLN E 162 -25.78 35.05 -22.10
CA GLN E 162 -27.12 34.74 -21.61
C GLN E 162 -27.13 33.44 -20.83
N LEU E 163 -26.34 32.46 -21.27
CA LEU E 163 -26.24 31.16 -20.59
C LEU E 163 -25.64 31.30 -19.20
N LEU E 164 -24.54 32.04 -19.07
CA LEU E 164 -23.84 32.16 -17.79
C LEU E 164 -24.72 32.80 -16.74
N GLN E 165 -25.56 33.76 -17.14
CA GLN E 165 -26.42 34.43 -16.18
C GLN E 165 -27.53 33.52 -15.71
N ARG E 166 -28.09 32.70 -16.62
CA ARG E 166 -29.17 31.79 -16.26
C ARG E 166 -28.74 30.80 -15.18
N TYR E 167 -27.51 30.30 -15.25
CA TYR E 167 -27.02 29.40 -14.22
C TYR E 167 -26.18 30.08 -13.15
N LYS E 168 -26.00 31.41 -13.23
CA LYS E 168 -25.16 32.19 -12.31
C LYS E 168 -23.77 31.61 -12.12
N LEU E 169 -23.10 31.37 -13.25
CA LEU E 169 -21.86 30.62 -13.34
C LEU E 169 -20.68 31.54 -13.60
N LYS E 170 -19.55 31.25 -12.96
CA LYS E 170 -18.29 31.68 -13.53
C LYS E 170 -17.91 30.77 -14.70
N GLU E 171 -17.06 31.29 -15.58
CA GLU E 171 -16.65 30.55 -16.77
C GLU E 171 -15.91 29.27 -16.43
N SER E 172 -15.13 29.31 -15.35
CA SER E 172 -14.31 28.17 -14.94
C SER E 172 -15.09 27.00 -14.31
N GLN E 173 -16.42 27.10 -14.27
CA GLN E 173 -17.24 26.05 -13.69
C GLN E 173 -17.89 25.11 -14.71
N LEU E 174 -17.77 25.43 -16.00
CA LEU E 174 -18.39 24.57 -16.99
C LEU E 174 -17.48 23.37 -17.25
N PRO E 175 -18.02 22.22 -17.68
CA PRO E 175 -17.17 21.14 -18.20
C PRO E 175 -16.28 21.61 -19.34
N ARG E 176 -15.18 20.91 -19.52
CA ARG E 176 -14.14 21.38 -20.41
C ARG E 176 -13.89 20.43 -21.57
N ILE E 177 -13.32 20.98 -22.63
CA ILE E 177 -12.76 20.19 -23.73
C ILE E 177 -11.38 20.74 -24.08
N GLN E 178 -10.41 19.85 -24.18
CA GLN E 178 -9.03 20.26 -24.47
C GLN E 178 -8.93 20.77 -25.91
N ARG E 179 -8.05 21.75 -26.12
CA ARG E 179 -7.83 22.28 -27.46
C ARG E 179 -7.39 21.22 -28.48
N GLU E 180 -6.57 20.25 -28.09
CA GLU E 180 -6.19 19.26 -29.08
C GLU E 180 -7.21 18.15 -29.31
N ASP E 181 -8.37 18.21 -28.65
CA ASP E 181 -9.42 17.23 -28.92
C ASP E 181 -9.82 17.29 -30.39
N PRO E 182 -10.02 16.13 -31.04
CA PRO E 182 -10.42 16.10 -32.46
C PRO E 182 -11.61 16.94 -32.86
N VAL E 183 -12.65 17.04 -32.04
CA VAL E 183 -13.79 17.81 -32.52
C VAL E 183 -13.56 19.31 -32.31
N ALA E 184 -12.83 19.69 -31.25
CA ALA E 184 -12.46 21.09 -31.06
C ALA E 184 -11.55 21.60 -32.17
N ARG E 185 -10.61 20.79 -32.61
CA ARG E 185 -9.71 21.19 -33.69
C ARG E 185 -10.47 21.33 -35.00
N TYR E 186 -11.38 20.39 -35.25
CA TYR E 186 -12.23 20.42 -36.44
C TYR E 186 -13.00 21.72 -36.54
N LEU E 187 -13.46 22.26 -35.42
CA LEU E 187 -14.21 23.51 -35.48
C LEU E 187 -13.31 24.73 -35.37
N GLY E 188 -12.01 24.54 -35.16
CA GLY E 188 -11.10 25.64 -34.89
C GLY E 188 -11.46 26.46 -33.67
N LEU E 189 -11.88 25.79 -32.60
CA LEU E 189 -12.22 26.46 -31.36
C LEU E 189 -11.02 27.14 -30.72
N LYS E 190 -11.24 28.36 -30.23
CA LYS E 190 -10.24 29.08 -29.47
C LYS E 190 -10.69 29.15 -28.02
N ARG E 191 -9.72 29.38 -27.14
CA ARG E 191 -9.96 29.51 -25.69
C ARG E 191 -11.08 30.48 -25.35
N GLY E 192 -12.00 30.03 -24.50
CA GLY E 192 -13.12 30.82 -24.06
C GLY E 192 -14.41 30.56 -24.79
N GLN E 193 -14.37 29.89 -25.94
CA GLN E 193 -15.56 29.61 -26.70
C GLN E 193 -16.26 28.36 -26.20
N VAL E 194 -17.58 28.36 -26.32
CA VAL E 194 -18.42 27.28 -25.81
C VAL E 194 -19.07 26.55 -26.97
N VAL E 195 -19.08 25.22 -26.92
CA VAL E 195 -19.88 24.43 -27.84
C VAL E 195 -21.11 23.96 -27.11
N LYS E 196 -22.21 23.88 -27.83
CA LYS E 196 -23.43 23.24 -27.37
C LYS E 196 -23.55 21.88 -28.03
N ILE E 197 -23.91 20.89 -27.24
CA ILE E 197 -23.91 19.50 -27.69
C ILE E 197 -25.27 18.93 -27.39
N ILE E 198 -26.06 18.70 -28.44
CA ILE E 198 -27.37 18.09 -28.31
C ILE E 198 -27.23 16.61 -28.60
N ARG E 199 -27.77 15.79 -27.71
CA ARG E 199 -27.30 14.41 -27.60
C ARG E 199 -28.52 13.52 -27.37
N ARG E 200 -28.52 12.34 -27.99
CA ARG E 200 -29.48 11.31 -27.66
C ARG E 200 -29.43 10.96 -26.18
N SER E 201 -30.60 10.66 -25.62
CA SER E 201 -30.70 10.17 -24.26
C SER E 201 -31.78 9.12 -24.16
N GLU E 202 -31.48 7.98 -23.55
CA GLU E 202 -32.49 6.94 -23.44
C GLU E 202 -33.51 7.19 -22.34
N THR E 203 -33.31 8.16 -21.46
CA THR E 203 -34.32 8.49 -20.46
C THR E 203 -35.17 9.70 -20.81
N SER E 204 -34.64 10.71 -21.47
CA SER E 204 -35.44 11.87 -21.82
C SER E 204 -35.59 12.11 -23.31
N GLY E 205 -34.97 11.31 -24.16
CA GLY E 205 -35.03 11.57 -25.58
C GLY E 205 -34.02 12.57 -26.10
N ARG E 206 -34.00 13.77 -25.55
CA ARG E 206 -33.13 14.81 -26.07
C ARG E 206 -32.49 15.51 -24.88
N TYR E 207 -31.22 15.87 -24.97
CA TYR E 207 -30.58 16.52 -23.84
C TYR E 207 -29.48 17.43 -24.35
N ALA E 208 -29.46 18.69 -23.92
CA ALA E 208 -28.44 19.64 -24.34
C ALA E 208 -27.32 19.77 -23.32
N SER E 209 -26.11 19.43 -23.72
CA SER E 209 -24.92 19.51 -22.90
C SER E 209 -24.05 20.66 -23.40
N TYR E 210 -23.47 21.43 -22.49
CA TYR E 210 -22.57 22.52 -22.86
C TYR E 210 -21.16 22.24 -22.37
N ARG E 211 -20.16 22.48 -23.23
CA ARG E 211 -18.75 22.45 -22.85
C ARG E 211 -18.01 23.68 -23.33
N ILE E 212 -17.06 24.15 -22.52
CA ILE E 212 -16.25 25.31 -22.85
C ILE E 212 -14.84 24.85 -23.17
N CYS E 213 -14.22 25.49 -24.16
CA CYS E 213 -12.93 25.08 -24.66
C CYS E 213 -11.80 25.71 -23.85
N LEU E 214 -10.83 24.92 -23.45
CA LEU E 214 -9.68 25.53 -22.82
C LEU E 214 -8.79 26.11 -23.92
N GLU F 71 -29.42 42.53 -1.04
CA GLU F 71 -28.43 42.24 -2.06
C GLU F 71 -28.55 40.82 -2.62
N LEU F 72 -28.15 39.84 -1.80
CA LEU F 72 -28.31 38.44 -2.17
C LEU F 72 -29.76 38.01 -2.26
N ALA F 73 -30.65 38.66 -1.51
CA ALA F 73 -32.03 38.21 -1.42
C ALA F 73 -32.78 38.43 -2.73
N ILE F 74 -33.56 37.43 -3.12
CA ILE F 74 -34.33 37.42 -4.35
C ILE F 74 -35.77 37.80 -4.01
N LEU F 75 -36.32 38.75 -4.77
CA LEU F 75 -37.64 39.29 -4.51
C LEU F 75 -38.72 38.23 -4.71
N LYS F 76 -39.81 38.38 -3.95
CA LYS F 76 -40.92 37.42 -3.91
C LYS F 76 -41.49 37.09 -5.28
N GLU F 77 -41.62 38.08 -6.16
CA GLU F 77 -42.23 37.85 -7.45
C GLU F 77 -41.32 37.04 -8.39
N GLU F 78 -40.02 37.03 -8.13
CA GLU F 78 -39.02 36.38 -8.97
C GLU F 78 -38.47 35.08 -8.39
N ARG F 79 -39.17 34.46 -7.45
CA ARG F 79 -38.69 33.21 -6.86
C ARG F 79 -38.88 32.08 -7.86
N THR F 80 -37.82 31.28 -8.04
CA THR F 80 -37.83 30.21 -9.03
C THR F 80 -37.74 28.78 -8.51
N THR F 81 -37.45 28.55 -7.24
CA THR F 81 -37.28 27.18 -6.82
C THR F 81 -38.65 26.51 -6.64
N THR F 82 -38.61 25.19 -6.45
CA THR F 82 -39.82 24.38 -6.49
C THR F 82 -40.80 24.77 -5.39
N PRO F 83 -42.10 24.87 -5.68
CA PRO F 83 -43.08 25.18 -4.64
C PRO F 83 -43.51 24.01 -3.77
N TYR F 84 -42.93 22.82 -3.90
CA TYR F 84 -43.28 21.73 -3.01
C TYR F 84 -42.21 21.58 -1.95
N LEU F 85 -42.65 21.29 -0.74
CA LEU F 85 -41.74 20.95 0.35
C LEU F 85 -41.04 19.63 0.07
N THR F 86 -39.71 19.63 0.10
CA THR F 86 -38.92 18.45 -0.15
C THR F 86 -38.90 17.58 1.10
N LYS F 87 -38.55 16.29 0.94
CA LYS F 87 -38.48 15.43 2.12
C LYS F 87 -37.44 15.93 3.13
N TYR F 88 -36.35 16.53 2.66
CA TYR F 88 -35.34 17.03 3.57
C TYR F 88 -35.81 18.27 4.31
N GLU F 89 -36.48 19.19 3.62
CA GLU F 89 -37.04 20.36 4.29
C GLU F 89 -38.10 19.96 5.31
N ARG F 90 -38.91 18.96 5.00
CA ARG F 90 -39.97 18.51 5.89
C ARG F 90 -39.39 17.95 7.18
N ALA F 91 -38.39 17.09 7.08
CA ALA F 91 -37.74 16.47 8.24
C ALA F 91 -37.10 17.50 9.15
N ARG F 92 -36.43 18.49 8.58
CA ARG F 92 -35.80 19.53 9.37
C ARG F 92 -36.83 20.40 10.08
N ILE F 93 -37.91 20.76 9.37
CA ILE F 93 -38.96 21.59 9.95
C ILE F 93 -39.64 20.89 11.13
N LEU F 94 -39.98 19.61 10.95
CA LEU F 94 -40.63 18.85 12.01
C LEU F 94 -39.74 18.73 13.23
N GLY F 95 -38.47 18.39 13.02
CA GLY F 95 -37.54 18.27 14.14
C GLY F 95 -37.30 19.56 14.87
N THR F 96 -37.03 20.64 14.14
CA THR F 96 -36.79 21.95 14.75
C THR F 96 -37.99 22.41 15.55
N ARG F 97 -39.18 22.29 14.97
CA ARG F 97 -40.38 22.74 15.67
C ARG F 97 -40.68 21.87 16.89
N ALA F 98 -40.52 20.56 16.75
CA ALA F 98 -40.60 19.64 17.89
C ALA F 98 -39.68 20.05 19.02
N LEU F 99 -38.41 20.32 18.70
CA LEU F 99 -37.43 20.76 19.68
C LEU F 99 -37.88 22.00 20.42
N GLN F 100 -38.36 23.01 19.68
CA GLN F 100 -38.82 24.24 20.31
C GLN F 100 -40.00 24.01 21.25
N ILE F 101 -40.91 23.09 20.89
CA ILE F 101 -42.05 22.80 21.74
C ILE F 101 -41.61 22.16 23.05
N SER F 102 -40.65 21.23 22.98
CA SER F 102 -40.15 20.62 24.21
C SER F 102 -39.41 21.60 25.10
N MET F 103 -38.97 22.74 24.58
CA MET F 103 -38.41 23.79 25.41
C MET F 103 -39.44 24.83 25.78
N ASN F 104 -40.73 24.50 25.60
CA ASN F 104 -41.89 25.28 26.05
C ASN F 104 -42.14 26.54 25.22
N ALA F 105 -41.92 26.45 23.93
CA ALA F 105 -42.39 27.49 23.02
C ALA F 105 -43.91 27.46 22.95
N PRO F 106 -44.55 28.62 22.78
CA PRO F 106 -46.00 28.66 22.60
C PRO F 106 -46.45 27.84 21.40
N VAL F 107 -47.42 26.95 21.63
CA VAL F 107 -47.94 26.09 20.58
C VAL F 107 -49.14 26.80 19.95
N LEU F 108 -49.25 26.73 18.63
CA LEU F 108 -50.26 27.46 17.87
C LEU F 108 -51.51 26.65 17.53
N VAL F 109 -51.61 25.38 17.93
CA VAL F 109 -52.82 24.61 17.68
C VAL F 109 -53.33 24.07 18.99
N ASP F 110 -54.59 23.64 18.98
CA ASP F 110 -55.14 22.93 20.12
C ASP F 110 -54.48 21.56 20.28
N ILE F 111 -54.09 21.25 21.50
CA ILE F 111 -53.53 19.96 21.87
C ILE F 111 -54.62 19.14 22.55
N GLU F 112 -55.05 18.05 21.93
CA GLU F 112 -56.01 17.19 22.58
C GLU F 112 -55.33 16.06 23.35
N GLY F 113 -55.43 14.85 22.82
CA GLY F 113 -54.92 13.66 23.46
C GLY F 113 -53.47 13.34 23.13
N GLU F 114 -52.99 13.90 22.03
CA GLU F 114 -51.67 13.59 21.49
C GLU F 114 -50.64 14.58 22.03
N THR F 115 -49.85 14.13 23.00
CA THR F 115 -49.00 15.01 23.77
C THR F 115 -47.50 14.83 23.51
N ASP F 116 -47.09 13.86 22.68
CA ASP F 116 -45.69 13.74 22.30
C ASP F 116 -45.23 15.01 21.57
N PRO F 117 -43.99 15.46 21.78
CA PRO F 117 -43.49 16.62 21.03
C PRO F 117 -43.55 16.49 19.52
N LEU F 118 -43.17 15.34 18.98
CA LEU F 118 -43.22 15.11 17.53
C LEU F 118 -44.65 15.13 17.00
N GLN F 119 -45.60 14.61 17.79
CA GLN F 119 -46.99 14.55 17.35
C GLN F 119 -47.60 15.94 17.24
N ILE F 120 -47.34 16.81 18.23
CA ILE F 120 -47.85 18.17 18.19
C ILE F 120 -47.28 18.92 16.98
N ALA F 121 -45.99 18.74 16.71
CA ALA F 121 -45.37 19.39 15.56
C ALA F 121 -45.97 18.89 14.24
N MET F 122 -46.22 17.59 14.14
CA MET F 122 -46.88 17.03 12.96
C MET F 122 -48.31 17.52 12.80
N LYS F 123 -49.00 17.78 13.91
CA LYS F 123 -50.35 18.33 13.84
C LYS F 123 -50.31 19.77 13.30
N GLU F 124 -49.37 20.58 13.80
CA GLU F 124 -49.22 21.95 13.29
C GLU F 124 -48.90 21.98 11.81
N LEU F 125 -48.06 21.05 11.33
CA LEU F 125 -47.74 21.00 9.91
C LEU F 125 -48.97 20.75 9.05
N SER F 126 -49.82 19.81 9.48
CA SER F 126 -51.00 19.45 8.71
C SER F 126 -52.01 20.58 8.58
N GLN F 127 -51.99 21.53 9.51
CA GLN F 127 -52.90 22.67 9.45
C GLN F 127 -52.25 23.92 8.91
N ARG F 128 -51.04 23.81 8.34
CA ARG F 128 -50.28 24.92 7.77
C ARG F 128 -50.00 26.05 8.78
N LYS F 129 -49.63 25.69 10.00
CA LYS F 129 -49.49 26.66 11.09
C LYS F 129 -48.11 26.75 11.70
N ILE F 130 -47.09 26.15 11.09
CA ILE F 130 -45.72 26.28 11.58
C ILE F 130 -45.08 27.62 11.19
N PRO F 131 -44.68 28.45 12.18
CA PRO F 131 -44.18 29.80 11.93
C PRO F 131 -42.70 29.91 11.56
N LEU F 132 -42.27 29.17 10.54
CA LEU F 132 -40.87 29.17 10.14
C LEU F 132 -40.72 29.48 8.66
N VAL F 133 -39.53 29.94 8.31
CA VAL F 133 -39.19 30.31 6.94
C VAL F 133 -37.96 29.51 6.54
N ILE F 134 -38.04 28.87 5.37
CA ILE F 134 -36.90 28.20 4.77
C ILE F 134 -36.06 29.18 3.99
N ARG F 135 -34.77 29.22 4.28
CA ARG F 135 -33.83 29.98 3.47
C ARG F 135 -33.10 28.98 2.59
N ARG F 136 -33.51 28.88 1.33
CA ARG F 136 -32.92 27.91 0.41
C ARG F 136 -31.73 28.54 -0.27
N TYR F 137 -30.54 28.04 0.00
CA TYR F 137 -29.37 28.58 -0.67
C TYR F 137 -29.24 27.96 -2.04
N LEU F 138 -29.00 28.79 -3.03
CA LEU F 138 -28.67 28.48 -4.41
C LEU F 138 -27.15 28.37 -4.52
N PRO F 139 -26.63 27.69 -5.55
CA PRO F 139 -25.16 27.51 -5.66
C PRO F 139 -24.28 28.75 -5.60
N ASP F 140 -24.74 29.90 -6.10
CA ASP F 140 -23.90 31.08 -6.07
C ASP F 140 -23.89 31.80 -4.73
N GLY F 141 -24.69 31.35 -3.77
CA GLY F 141 -24.76 31.98 -2.49
C GLY F 141 -26.01 32.80 -2.28
N SER F 142 -26.66 33.24 -3.35
CA SER F 142 -27.96 33.91 -3.21
C SER F 142 -29.01 32.94 -2.68
N TYR F 143 -30.16 33.48 -2.31
CA TYR F 143 -31.12 32.63 -1.62
C TYR F 143 -32.53 33.17 -1.80
N GLU F 144 -33.50 32.25 -1.75
CA GLU F 144 -34.91 32.58 -1.73
C GLU F 144 -35.46 32.17 -0.38
N ASP F 145 -36.07 33.11 0.34
CA ASP F 145 -36.80 32.77 1.55
C ASP F 145 -38.21 32.33 1.21
N TRP F 146 -38.60 31.14 1.68
CA TRP F 146 -39.95 30.61 1.54
C TRP F 146 -40.52 30.31 2.92
N GLY F 147 -41.68 30.87 3.24
CA GLY F 147 -42.34 30.49 4.48
C GLY F 147 -42.97 29.13 4.36
N CYS F 148 -42.97 28.37 5.46
CA CYS F 148 -43.67 27.09 5.50
C CYS F 148 -45.18 27.22 5.43
N ASP F 149 -45.71 28.42 5.69
CA ASP F 149 -47.12 28.66 5.44
C ASP F 149 -47.47 28.66 3.96
N GLU F 150 -46.55 28.99 3.07
CA GLU F 150 -46.94 29.06 1.67
C GLU F 150 -46.50 27.87 0.84
N LEU F 151 -45.53 27.08 1.28
CA LEU F 151 -45.13 25.91 0.52
C LEU F 151 -46.15 24.79 0.61
N ILE F 152 -46.41 24.17 -0.54
CA ILE F 152 -47.41 23.11 -0.62
C ILE F 152 -46.80 21.83 -0.10
N VAL F 153 -47.48 21.19 0.84
CA VAL F 153 -47.05 19.90 1.38
C VAL F 153 -47.95 18.83 0.80
N ASP F 154 -47.34 17.78 0.27
CA ASP F 154 -48.13 16.67 -0.24
C ASP F 154 -48.93 15.96 0.85
N MET G 1 -14.78 62.76 22.25
CA MET G 1 -15.03 63.23 20.88
C MET G 1 -16.22 62.40 20.39
N PHE G 2 -17.32 63.08 20.04
CA PHE G 2 -18.56 62.39 19.70
C PHE G 2 -18.65 62.00 18.24
N PHE G 3 -19.17 60.80 17.98
CA PHE G 3 -19.44 60.31 16.65
C PHE G 3 -20.80 59.62 16.62
N LEU G 4 -21.33 59.47 15.41
CA LEU G 4 -22.42 58.55 15.12
C LEU G 4 -21.90 57.29 14.45
N LYS G 5 -22.16 56.14 15.06
CA LYS G 5 -21.70 54.85 14.58
C LYS G 5 -22.84 53.87 14.35
N ASP G 6 -22.77 53.21 13.21
CA ASP G 6 -23.68 52.14 12.83
C ASP G 6 -23.09 50.83 13.37
N LEU G 7 -23.72 50.27 14.40
CA LEU G 7 -23.21 49.09 15.08
C LEU G 7 -24.17 47.94 14.95
N SER G 8 -23.74 46.79 15.45
CA SER G 8 -24.62 45.63 15.49
C SER G 8 -24.21 44.72 16.63
N LEU G 9 -25.20 43.96 17.09
CA LEU G 9 -25.07 43.09 18.24
C LEU G 9 -25.72 41.76 17.94
N ILE G 10 -25.03 40.67 18.22
CA ILE G 10 -25.59 39.33 18.09
C ILE G 10 -26.35 39.04 19.37
N LEU G 11 -27.64 38.77 19.22
CA LEU G 11 -28.54 38.44 20.31
C LEU G 11 -29.05 37.02 20.16
N THR G 12 -28.95 36.24 21.22
CA THR G 12 -29.46 34.88 21.26
C THR G 12 -30.73 34.86 22.09
N LEU G 13 -31.80 34.30 21.52
CA LEU G 13 -33.12 34.32 22.11
C LEU G 13 -33.55 32.90 22.44
N HIS G 14 -33.98 32.69 23.68
CA HIS G 14 -34.46 31.38 24.07
C HIS G 14 -35.85 31.16 23.44
N PRO G 15 -36.17 29.93 23.03
CA PRO G 15 -37.43 29.68 22.31
C PRO G 15 -38.72 30.05 23.06
N SER G 16 -38.70 30.04 24.39
CA SER G 16 -39.85 30.45 25.19
C SER G 16 -40.23 31.93 25.05
N TYR G 17 -39.42 32.73 24.37
CA TYR G 17 -39.68 34.14 24.12
C TYR G 17 -40.30 34.37 22.74
N PHE G 18 -40.69 33.31 22.04
CA PHE G 18 -41.23 33.39 20.68
C PHE G 18 -42.70 33.79 20.64
N GLY G 19 -42.98 35.04 20.93
CA GLY G 19 -44.35 35.50 21.00
C GLY G 19 -44.58 36.68 20.07
N PRO G 20 -45.79 37.24 20.09
CA PRO G 20 -46.15 38.29 19.12
C PRO G 20 -45.46 39.62 19.35
N GLN G 21 -44.85 39.85 20.51
CA GLN G 21 -44.14 41.09 20.83
C GLN G 21 -42.64 40.86 20.93
N MET G 22 -42.15 39.92 20.11
CA MET G 22 -40.78 39.45 20.15
C MET G 22 -39.83 40.61 19.90
N ASN G 23 -40.13 41.39 18.85
CA ASN G 23 -39.30 42.51 18.42
C ASN G 23 -39.24 43.58 19.51
N GLN G 24 -40.36 43.83 20.18
CA GLN G 24 -40.37 44.85 21.23
C GLN G 24 -39.52 44.42 22.42
N TYR G 25 -39.58 43.13 22.77
CA TYR G 25 -38.68 42.58 23.80
C TYR G 25 -37.23 42.79 23.41
N LEU G 26 -36.90 42.56 22.13
CA LEU G 26 -35.51 42.68 21.66
C LEU G 26 -35.04 44.11 21.70
N ARG G 27 -35.94 45.04 21.43
CA ARG G 27 -35.58 46.46 21.45
C ARG G 27 -35.24 46.88 22.86
N GLU G 28 -36.04 46.46 23.84
CA GLU G 28 -35.71 46.69 25.25
C GLU G 28 -34.43 45.97 25.62
N LYS G 29 -34.23 44.75 25.11
CA LYS G 29 -33.05 43.96 25.44
C LYS G 29 -31.77 44.60 24.92
N LEU G 30 -31.78 45.09 23.68
CA LEU G 30 -30.64 45.79 23.11
C LEU G 30 -30.22 47.00 23.94
N LEU G 31 -31.19 47.83 24.34
CA LEU G 31 -30.91 49.06 25.09
C LEU G 31 -30.32 48.77 26.46
N THR G 32 -30.91 47.81 27.19
CA THR G 32 -30.42 47.44 28.53
C THR G 32 -28.96 46.96 28.49
N ASP G 33 -28.56 46.32 27.41
CA ASP G 33 -27.25 45.68 27.34
C ASP G 33 -26.17 46.62 26.81
N VAL G 34 -26.53 47.65 26.04
CA VAL G 34 -25.58 48.43 25.26
C VAL G 34 -25.42 49.84 25.83
N GLU G 35 -26.49 50.45 26.34
CA GLU G 35 -26.44 51.84 26.78
C GLU G 35 -25.64 52.00 28.07
N GLY G 36 -24.66 52.90 28.04
CA GLY G 36 -23.82 53.18 29.19
C GLY G 36 -22.55 52.36 29.26
N THR G 37 -22.42 51.32 28.46
CA THR G 37 -21.25 50.46 28.44
C THR G 37 -20.14 51.07 27.58
N CYS G 38 -18.91 50.67 27.88
CA CYS G 38 -17.72 51.18 27.24
C CYS G 38 -16.92 50.04 26.62
N THR G 39 -16.33 50.31 25.45
CA THR G 39 -15.37 49.42 24.81
C THR G 39 -14.21 50.26 24.29
N GLY G 40 -13.01 49.68 24.32
CA GLY G 40 -11.83 50.33 23.76
C GLY G 40 -11.88 50.58 22.26
N GLN G 41 -12.71 49.84 21.53
CA GLN G 41 -12.76 49.94 20.08
C GLN G 41 -13.55 51.16 19.61
N PHE G 42 -14.66 51.47 20.28
CA PHE G 42 -15.52 52.59 19.95
C PHE G 42 -15.64 53.67 21.02
N GLY G 43 -15.38 53.36 22.28
CA GLY G 43 -15.59 54.31 23.36
C GLY G 43 -16.85 54.03 24.14
N TYR G 44 -17.34 55.07 24.80
CA TYR G 44 -18.61 54.98 25.51
C TYR G 44 -19.75 55.08 24.52
N ILE G 45 -20.71 54.17 24.61
CA ILE G 45 -21.94 54.25 23.83
C ILE G 45 -22.97 55.02 24.64
N VAL G 46 -23.24 56.27 24.23
CA VAL G 46 -24.03 57.16 25.07
C VAL G 46 -25.52 56.86 24.94
N THR G 47 -26.09 57.06 23.75
CA THR G 47 -27.47 56.71 23.46
C THR G 47 -27.59 56.15 22.05
N VAL G 48 -28.53 55.24 21.88
CA VAL G 48 -28.80 54.62 20.59
C VAL G 48 -29.90 55.41 19.89
N LEU G 49 -29.70 55.71 18.61
CA LEU G 49 -30.68 56.46 17.83
C LEU G 49 -31.82 55.56 17.36
N ASP G 50 -33.05 56.09 17.46
CA ASP G 50 -34.26 55.52 16.87
C ASP G 50 -34.54 54.11 17.39
N GLY G 51 -34.45 53.97 18.72
CA GLY G 51 -34.47 52.64 19.33
C GLY G 51 -35.76 51.88 19.09
N MET G 52 -36.90 52.58 19.15
CA MET G 52 -38.17 51.90 19.02
C MET G 52 -38.49 51.49 17.58
N ASN G 53 -37.70 51.92 16.60
CA ASN G 53 -37.93 51.57 15.20
C ASN G 53 -36.83 50.71 14.58
N ILE G 54 -35.92 50.14 15.37
CA ILE G 54 -34.83 49.35 14.80
C ILE G 54 -35.34 48.10 14.11
N ASP G 55 -34.86 47.88 12.88
CA ASP G 55 -35.16 46.69 12.08
C ASP G 55 -34.19 45.58 12.46
N VAL G 56 -34.68 44.55 13.13
CA VAL G 56 -33.84 43.46 13.63
C VAL G 56 -33.54 42.37 12.61
N GLY G 57 -34.18 42.35 11.45
CA GLY G 57 -33.91 41.31 10.50
C GLY G 57 -34.58 40.01 10.90
N LYS G 58 -34.16 38.91 10.29
CA LYS G 58 -34.67 37.61 10.64
C LYS G 58 -33.69 36.83 11.50
N GLY G 59 -34.24 36.06 12.45
CA GLY G 59 -33.44 35.25 13.33
C GLY G 59 -33.04 33.88 12.80
N ARG G 60 -31.74 33.60 12.83
CA ARG G 60 -31.22 32.30 12.49
C ARG G 60 -31.34 31.31 13.65
N ILE G 61 -31.99 30.18 13.39
CA ILE G 61 -32.12 29.11 14.37
C ILE G 61 -30.81 28.32 14.45
N ILE G 62 -30.28 28.17 15.65
CA ILE G 62 -29.04 27.41 15.85
C ILE G 62 -29.29 25.91 15.77
N PRO G 63 -28.65 25.20 14.84
CA PRO G 63 -28.81 23.74 14.75
C PRO G 63 -28.40 23.04 16.04
N GLY G 64 -29.29 22.19 16.55
CA GLY G 64 -28.98 21.38 17.71
C GLY G 64 -29.34 21.98 19.05
N SER G 65 -29.69 23.26 19.10
CA SER G 65 -30.02 23.90 20.36
C SER G 65 -31.35 24.63 20.37
N GLY G 66 -31.96 24.88 19.22
CA GLY G 66 -33.29 25.48 19.22
C GLY G 66 -33.36 26.98 19.41
N SER G 67 -32.39 27.58 20.10
CA SER G 67 -32.37 29.02 20.32
C SER G 67 -32.18 29.76 19.00
N ALA G 68 -32.59 31.03 18.99
CA ALA G 68 -32.59 31.85 17.79
C ALA G 68 -31.59 32.98 17.93
N GLU G 69 -30.90 33.27 16.82
CA GLU G 69 -29.85 34.28 16.74
C GLU G 69 -30.28 35.44 15.85
N PHE G 70 -30.36 36.63 16.44
CA PHE G 70 -30.66 37.86 15.72
C PHE G 70 -29.42 38.70 15.60
N GLU G 71 -29.23 39.31 14.43
CA GLU G 71 -28.24 40.35 14.26
C GLU G 71 -28.98 41.67 14.21
N VAL G 72 -28.94 42.40 15.32
CA VAL G 72 -29.64 43.67 15.46
C VAL G 72 -28.70 44.76 14.97
N LYS G 73 -28.95 45.27 13.77
CA LYS G 73 -28.18 46.39 13.27
C LYS G 73 -28.79 47.66 13.84
N TYR G 74 -27.95 48.60 14.26
CA TYR G 74 -28.47 49.81 14.88
C TYR G 74 -27.50 50.96 14.70
N ARG G 75 -27.95 52.14 15.14
CA ARG G 75 -27.18 53.37 15.06
C ARG G 75 -27.17 54.05 16.42
N ALA G 76 -25.98 54.44 16.90
CA ALA G 76 -25.84 55.02 18.22
C ALA G 76 -24.98 56.28 18.21
N VAL G 77 -25.16 57.08 19.27
CA VAL G 77 -24.23 58.14 19.64
C VAL G 77 -23.10 57.54 20.46
N VAL G 78 -21.87 57.69 19.99
CA VAL G 78 -20.75 57.12 20.74
C VAL G 78 -19.80 58.23 21.13
N TRP G 79 -19.11 58.03 22.25
CA TRP G 79 -18.10 58.94 22.77
C TRP G 79 -16.77 58.25 23.05
N LYS G 80 -15.77 58.58 22.24
CA LYS G 80 -14.43 58.11 22.49
C LYS G 80 -13.48 59.32 22.51
N PRO G 81 -12.62 59.45 23.51
CA PRO G 81 -11.62 60.51 23.48
C PRO G 81 -10.41 60.07 22.66
N PHE G 82 -9.57 61.03 22.31
CA PHE G 82 -8.41 60.72 21.46
C PHE G 82 -7.19 61.47 21.96
N LYS G 83 -6.04 60.80 21.83
CA LYS G 83 -4.74 61.41 22.05
C LYS G 83 -4.47 62.52 21.04
N GLY G 84 -4.10 63.68 21.55
CA GLY G 84 -3.85 64.86 20.76
C GLY G 84 -4.98 65.87 20.80
N GLU G 85 -6.16 65.41 21.19
CA GLU G 85 -7.37 66.24 21.17
C GLU G 85 -7.32 67.19 22.35
N VAL G 86 -7.50 68.48 22.10
CA VAL G 86 -7.58 69.46 23.17
C VAL G 86 -9.04 69.55 23.57
N VAL G 87 -9.30 69.52 24.88
CA VAL G 87 -10.65 69.52 25.43
C VAL G 87 -10.69 70.34 26.71
N ASP G 88 -11.89 70.80 27.02
CA ASP G 88 -12.24 71.45 28.26
C ASP G 88 -12.69 70.40 29.27
N ALA G 89 -12.76 70.78 30.54
CA ALA G 89 -13.08 69.81 31.59
C ALA G 89 -13.56 70.52 32.85
N ILE G 90 -14.05 69.71 33.79
CA ILE G 90 -14.48 70.14 35.10
C ILE G 90 -13.73 69.31 36.14
N VAL G 91 -12.96 69.97 37.00
CA VAL G 91 -12.12 69.27 37.96
C VAL G 91 -12.96 68.59 39.03
N SER G 92 -12.66 67.33 39.30
CA SER G 92 -13.37 66.53 40.30
C SER G 92 -12.64 66.45 41.65
N ASN G 93 -11.32 66.41 41.62
CA ASN G 93 -10.48 66.32 42.82
C ASN G 93 -9.19 67.08 42.59
N VAL G 94 -8.59 67.55 43.68
CA VAL G 94 -7.26 68.14 43.64
C VAL G 94 -6.42 67.45 44.71
N SER G 95 -5.21 67.04 44.33
CA SER G 95 -4.37 66.30 45.27
C SER G 95 -2.90 66.68 45.10
N PRO G 96 -1.99 66.28 46.00
CA PRO G 96 -0.56 66.62 45.81
C PRO G 96 0.07 66.06 44.53
N ILE G 97 -0.54 65.05 43.90
CA ILE G 97 0.01 64.44 42.69
C ILE G 97 -0.64 64.99 41.42
N GLY G 98 -1.47 66.01 41.53
CA GLY G 98 -2.13 66.59 40.38
C GLY G 98 -3.62 66.78 40.59
N PHE G 99 -4.42 66.69 39.53
CA PHE G 99 -5.85 66.77 39.69
C PHE G 99 -6.56 65.75 38.80
N PHE G 100 -7.83 65.52 39.13
CA PHE G 100 -8.71 64.63 38.38
C PHE G 100 -9.84 65.46 37.80
N ALA G 101 -10.14 65.27 36.53
CA ALA G 101 -11.12 66.10 35.84
C ALA G 101 -12.16 65.22 35.15
N ASP G 102 -13.43 65.51 35.39
CA ASP G 102 -14.52 64.74 34.79
C ASP G 102 -14.83 65.34 33.42
N VAL G 103 -14.55 64.58 32.36
CA VAL G 103 -14.95 64.99 31.02
C VAL G 103 -16.07 64.08 30.60
N GLY G 104 -17.28 64.38 31.07
CA GLY G 104 -18.45 63.61 30.72
C GLY G 104 -18.43 62.32 31.50
N PRO G 105 -18.36 61.19 30.77
CA PRO G 105 -18.40 59.88 31.46
C PRO G 105 -17.22 59.61 32.38
N LEU G 106 -15.99 59.90 31.92
CA LEU G 106 -14.80 59.41 32.59
C LEU G 106 -14.00 60.54 33.25
N ASN G 107 -12.88 60.16 33.84
CA ASN G 107 -12.01 61.03 34.60
C ASN G 107 -10.58 60.98 34.06
N VAL G 108 -9.93 62.15 33.93
CA VAL G 108 -8.57 62.24 33.39
C VAL G 108 -7.63 62.70 34.50
N PHE G 109 -6.47 62.03 34.62
CA PHE G 109 -5.44 62.37 35.61
C PHE G 109 -4.29 63.14 34.92
N VAL G 110 -3.98 64.33 35.42
CA VAL G 110 -2.80 65.12 35.02
C VAL G 110 -1.78 65.12 36.15
N SER G 111 -0.57 64.63 35.88
CA SER G 111 0.45 64.54 36.93
C SER G 111 1.23 65.85 37.12
N THR G 112 1.93 65.92 38.27
CA THR G 112 2.65 67.13 38.72
C THR G 112 3.82 67.57 37.85
N ARG G 113 4.58 66.64 37.24
CA ARG G 113 5.70 67.10 36.42
C ARG G 113 5.25 67.72 35.10
N LEU G 114 3.99 67.54 34.71
CA LEU G 114 3.40 68.23 33.56
C LEU G 114 2.48 69.36 33.96
N ILE G 115 2.68 69.96 35.14
CA ILE G 115 1.94 71.15 35.56
C ILE G 115 2.94 72.28 35.75
N PRO G 116 2.69 73.47 35.19
CA PRO G 116 3.60 74.62 35.39
C PRO G 116 3.84 74.98 36.86
N ASP G 117 5.04 75.51 37.11
CA ASP G 117 5.49 75.73 38.49
C ASP G 117 4.68 76.81 39.20
N ASN G 118 4.22 77.84 38.48
CA ASN G 118 3.50 78.93 39.14
C ASN G 118 2.10 78.55 39.64
N LEU G 119 1.57 77.39 39.27
CA LEU G 119 0.28 76.97 39.80
C LEU G 119 0.58 76.17 41.05
N VAL G 120 0.26 76.74 42.21
CA VAL G 120 0.65 76.17 43.49
C VAL G 120 -0.60 75.72 44.22
N TYR G 121 -0.58 74.47 44.70
CA TYR G 121 -1.68 73.91 45.46
C TYR G 121 -1.79 74.64 46.80
N ASN G 122 -2.95 75.22 47.09
CA ASN G 122 -3.13 76.00 48.31
C ASN G 122 -4.22 75.39 49.17
N PRO G 123 -3.87 74.54 50.15
CA PRO G 123 -4.89 73.97 51.04
C PRO G 123 -5.49 74.96 52.04
N SER G 124 -4.72 75.95 52.51
CA SER G 124 -5.20 76.89 53.52
C SER G 124 -6.32 77.79 53.03
N ASN G 125 -6.41 78.06 51.72
CA ASN G 125 -7.47 78.90 51.18
C ASN G 125 -8.83 78.22 51.42
N SER G 126 -9.88 79.01 51.54
CA SER G 126 -11.24 78.50 51.67
C SER G 126 -12.13 79.09 50.59
N PRO G 127 -12.60 78.30 49.61
CA PRO G 127 -12.35 76.86 49.44
C PRO G 127 -11.02 76.54 48.74
N PRO G 128 -10.50 75.31 48.89
CA PRO G 128 -9.20 74.97 48.30
C PRO G 128 -9.20 75.07 46.78
N ALA G 129 -8.08 75.53 46.23
CA ALA G 129 -8.00 75.81 44.81
C ALA G 129 -6.53 75.86 44.38
N TYR G 130 -6.35 75.80 43.06
CA TYR G 130 -5.09 76.18 42.43
C TYR G 130 -5.24 77.66 42.11
N MET G 131 -4.36 78.51 42.61
CA MET G 131 -4.66 79.93 42.53
C MET G 131 -3.55 80.72 41.86
N SER G 132 -3.95 81.84 41.26
CA SER G 132 -3.04 82.88 40.81
C SER G 132 -3.68 84.23 41.10
N ASN G 133 -3.19 85.27 40.44
CA ASN G 133 -3.80 86.61 40.39
C ASN G 133 -4.36 86.82 38.98
N ASP G 134 -5.68 86.50 38.83
CA ASP G 134 -6.64 86.61 37.70
C ASP G 134 -7.00 85.21 37.19
N GLU G 135 -6.47 84.19 37.85
CA GLU G 135 -6.75 82.81 37.54
C GLU G 135 -7.40 82.21 38.79
N LEU G 136 -8.27 81.24 38.58
CA LEU G 136 -9.04 80.68 39.68
C LEU G 136 -9.54 79.32 39.23
N ILE G 137 -8.94 78.27 39.78
CA ILE G 137 -9.31 76.90 39.44
C ILE G 137 -9.95 76.28 40.67
N THR G 138 -11.26 76.44 40.78
CA THR G 138 -12.07 75.77 41.79
C THR G 138 -12.89 74.73 41.05
N LYS G 139 -13.66 73.93 41.79
CA LYS G 139 -14.47 72.90 41.14
C LYS G 139 -15.47 73.56 40.21
N GLY G 140 -15.52 73.09 38.96
CA GLY G 140 -16.38 73.70 37.97
C GLY G 140 -15.72 74.79 37.15
N SER G 141 -14.42 75.02 37.31
CA SER G 141 -13.69 76.03 36.57
C SER G 141 -13.32 75.47 35.21
N LYS G 142 -13.65 76.24 34.16
CA LYS G 142 -13.22 75.85 32.82
C LYS G 142 -11.70 75.88 32.73
N VAL G 143 -11.13 74.78 32.28
CA VAL G 143 -9.70 74.58 32.16
C VAL G 143 -9.57 73.96 30.78
N ARG G 144 -8.43 74.17 30.12
CA ARG G 144 -8.20 73.60 28.80
C ARG G 144 -6.97 72.70 28.80
N LEU G 145 -7.15 71.40 28.57
CA LEU G 145 -6.02 70.48 28.66
C LEU G 145 -5.90 69.73 27.33
N LYS G 146 -4.82 68.97 27.16
CA LYS G 146 -4.61 68.18 25.93
C LYS G 146 -4.32 66.73 26.29
N VAL G 147 -5.06 65.80 25.69
CA VAL G 147 -4.89 64.36 25.93
C VAL G 147 -3.64 63.86 25.22
N VAL G 148 -2.66 63.42 26.00
CA VAL G 148 -1.34 62.99 25.50
C VAL G 148 -1.14 61.48 25.54
N GLY G 149 -2.11 60.71 26.03
CA GLY G 149 -1.96 59.26 26.07
C GLY G 149 -3.24 58.55 26.47
N THR G 150 -3.63 57.53 25.71
CA THR G 150 -4.80 56.71 25.99
C THR G 150 -4.43 55.25 26.28
N ARG G 151 -4.85 54.77 27.45
CA ARG G 151 -4.64 53.40 27.90
C ARG G 151 -6.00 52.70 27.94
N THR G 152 -6.02 51.43 27.55
CA THR G 152 -7.27 50.68 27.39
C THR G 152 -7.34 49.48 28.31
N ASP G 153 -8.38 49.45 29.14
CA ASP G 153 -8.74 48.37 30.05
C ASP G 153 -9.92 47.55 29.49
N VAL G 154 -10.36 47.82 28.24
CA VAL G 154 -11.54 47.28 27.54
C VAL G 154 -12.88 47.37 28.29
N ASN G 155 -12.88 47.90 29.50
CA ASN G 155 -14.04 48.04 30.35
C ASN G 155 -14.28 49.52 30.60
N GLU G 156 -13.22 50.25 30.92
CA GLU G 156 -13.21 51.69 31.03
C GLU G 156 -11.86 52.09 30.47
N ILE G 157 -11.79 53.18 29.74
CA ILE G 157 -10.50 53.55 29.17
C ILE G 157 -9.96 54.69 30.02
N TYR G 158 -8.64 54.80 30.09
CA TYR G 158 -7.96 55.80 30.90
C TYR G 158 -6.99 56.63 30.08
N ALA G 159 -7.17 57.94 30.18
CA ALA G 159 -6.46 58.94 29.41
C ALA G 159 -5.73 59.85 30.39
N ILE G 160 -4.50 60.19 30.04
CA ILE G 160 -3.66 61.09 30.82
C ILE G 160 -3.47 62.39 30.06
N GLY G 161 -3.67 63.51 30.76
CA GLY G 161 -3.55 64.83 30.20
C GLY G 161 -2.30 65.58 30.63
N SER G 162 -2.25 66.83 30.21
CA SER G 162 -1.12 67.71 30.44
C SER G 162 -1.59 69.16 30.30
N ILE G 163 -1.10 70.02 31.18
CA ILE G 163 -1.25 71.46 31.03
C ILE G 163 0.10 72.15 30.91
N LYS G 164 1.13 71.38 30.56
CA LYS G 164 2.51 71.85 30.40
C LYS G 164 2.77 72.43 28.99
N GLU G 165 1.80 73.14 28.41
CA GLU G 165 1.98 73.65 27.06
C GLU G 165 1.28 75.00 26.94
N ASP G 166 1.46 75.63 25.77
CA ASP G 166 0.94 76.97 25.53
C ASP G 166 -0.58 77.00 25.45
N PHE G 167 -1.16 78.08 25.99
CA PHE G 167 -2.61 78.37 25.97
C PHE G 167 -3.45 77.38 26.73
N LEU G 168 -2.86 76.39 27.40
CA LEU G 168 -3.65 75.47 28.19
C LEU G 168 -3.64 75.89 29.64
N GLY G 169 -4.79 75.77 30.28
CA GLY G 169 -5.01 76.12 31.67
C GLY G 169 -6.38 76.73 31.81
N ALA G 170 -6.57 77.46 32.91
CA ALA G 170 -7.81 78.17 33.18
C ALA G 170 -8.00 79.33 32.21
N ILE G 171 -9.26 79.70 31.98
CA ILE G 171 -9.58 80.78 31.05
C ILE G 171 -10.66 81.63 31.71
N SER H 3 -86.95 -16.10 -11.55
CA SER H 3 -86.21 -15.69 -10.36
C SER H 3 -84.73 -15.94 -10.52
N ALA H 4 -84.37 -16.54 -11.66
CA ALA H 4 -82.99 -16.81 -12.00
C ALA H 4 -82.64 -16.16 -13.33
N LEU H 5 -81.34 -16.08 -13.60
CA LEU H 5 -80.84 -15.43 -14.80
C LEU H 5 -80.59 -16.38 -15.95
N PHE H 6 -80.26 -17.63 -15.67
CA PHE H 6 -79.93 -18.57 -16.73
C PHE H 6 -80.26 -19.97 -16.24
N ASP H 7 -80.65 -20.83 -17.17
CA ASP H 7 -81.03 -22.19 -16.85
C ASP H 7 -80.84 -23.04 -18.08
N ASP H 8 -80.31 -24.25 -17.90
CA ASP H 8 -80.08 -25.18 -19.01
C ASP H 8 -79.62 -26.52 -18.43
N ILE H 9 -79.52 -27.51 -19.32
CA ILE H 9 -79.04 -28.86 -19.00
C ILE H 9 -77.83 -29.17 -19.88
N PHE H 10 -76.79 -29.75 -19.28
CA PHE H 10 -75.52 -29.94 -19.96
C PHE H 10 -75.09 -31.41 -19.95
N THR H 11 -74.49 -31.86 -21.05
CA THR H 11 -73.87 -33.17 -21.11
C THR H 11 -72.36 -33.02 -20.94
N VAL H 12 -71.79 -33.79 -20.03
CA VAL H 12 -70.37 -33.73 -19.73
C VAL H 12 -69.59 -34.48 -20.80
N GLN H 13 -68.73 -33.77 -21.51
CA GLN H 13 -67.91 -34.44 -22.52
C GLN H 13 -66.57 -34.92 -22.00
N THR H 14 -65.88 -34.14 -21.17
CA THR H 14 -64.57 -34.53 -20.65
C THR H 14 -64.46 -34.19 -19.18
N VAL H 15 -63.72 -35.01 -18.45
CA VAL H 15 -63.43 -34.79 -17.03
C VAL H 15 -61.93 -34.98 -16.91
N ASP H 16 -61.20 -33.87 -16.86
CA ASP H 16 -59.75 -33.88 -16.72
C ASP H 16 -59.37 -33.89 -15.24
N ASN H 17 -58.71 -34.96 -14.82
CA ASN H 17 -58.13 -34.97 -13.48
C ASN H 17 -56.73 -34.39 -13.52
N GLY H 18 -55.76 -35.18 -13.99
CA GLY H 18 -54.35 -34.85 -14.13
C GLY H 18 -53.71 -34.09 -12.98
N ARG H 19 -53.86 -32.77 -13.01
CA ARG H 19 -53.04 -31.87 -12.21
C ARG H 19 -53.27 -32.07 -10.71
N TYR H 20 -54.54 -32.16 -10.31
CA TYR H 20 -54.93 -32.11 -8.91
C TYR H 20 -55.69 -33.36 -8.52
N ASN H 21 -55.65 -33.65 -7.23
CA ASN H 21 -56.40 -34.75 -6.63
C ASN H 21 -57.82 -34.39 -6.23
N LYS H 22 -58.15 -33.12 -6.09
CA LYS H 22 -59.47 -32.75 -5.61
C LYS H 22 -60.21 -31.82 -6.55
N VAL H 23 -59.69 -31.50 -7.71
CA VAL H 23 -60.38 -30.64 -8.66
C VAL H 23 -60.32 -31.32 -10.02
N SER H 24 -61.43 -31.23 -10.76
CA SER H 24 -61.53 -31.66 -12.14
C SER H 24 -62.17 -30.56 -12.96
N ARG H 25 -61.69 -30.44 -14.19
CA ARG H 25 -62.27 -29.55 -15.18
C ARG H 25 -63.26 -30.29 -16.05
N ILE H 26 -64.44 -29.73 -16.23
CA ILE H 26 -65.45 -30.38 -17.04
C ILE H 26 -65.79 -29.43 -18.17
N ILE H 27 -66.06 -30.00 -19.33
CA ILE H 27 -66.57 -29.27 -20.48
C ILE H 27 -67.94 -29.80 -20.81
N GLY H 28 -68.88 -28.91 -21.12
CA GLY H 28 -70.20 -29.35 -21.50
C GLY H 28 -70.81 -28.47 -22.57
N ILE H 29 -71.75 -29.06 -23.31
CA ILE H 29 -72.51 -28.37 -24.34
C ILE H 29 -73.98 -28.57 -24.02
N SER H 30 -74.77 -27.53 -24.21
CA SER H 30 -76.21 -27.58 -24.01
C SER H 30 -76.86 -28.63 -24.90
N THR H 31 -77.66 -29.50 -24.29
CA THR H 31 -78.45 -30.47 -25.03
C THR H 31 -79.41 -29.81 -26.02
N THR H 32 -79.95 -28.64 -25.68
CA THR H 32 -81.00 -28.04 -26.49
C THR H 32 -80.48 -27.00 -27.47
N ASN H 33 -79.23 -26.56 -27.33
CA ASN H 33 -78.74 -25.43 -28.12
C ASN H 33 -77.23 -25.60 -28.22
N SER H 34 -76.74 -26.09 -29.36
CA SER H 34 -75.29 -26.14 -29.57
C SER H 34 -74.71 -24.72 -29.65
N ALA H 35 -73.37 -24.66 -29.62
CA ALA H 35 -72.56 -23.44 -29.54
C ALA H 35 -72.75 -22.68 -28.22
N ILE H 36 -73.43 -23.29 -27.25
CA ILE H 36 -73.46 -22.80 -25.88
C ILE H 36 -72.62 -23.79 -25.07
N LYS H 37 -71.41 -23.39 -24.71
CA LYS H 37 -70.46 -24.27 -24.04
C LYS H 37 -70.15 -23.77 -22.64
N LEU H 38 -69.91 -24.72 -21.74
CA LEU H 38 -69.63 -24.44 -20.35
C LEU H 38 -68.35 -25.17 -19.96
N THR H 39 -67.36 -24.44 -19.50
CA THR H 39 -66.16 -25.02 -18.90
C THR H 39 -66.13 -24.69 -17.42
N LEU H 40 -66.02 -25.70 -16.58
CA LEU H 40 -66.18 -25.50 -15.14
C LEU H 40 -65.26 -26.42 -14.35
N ASP H 41 -64.50 -25.82 -13.44
CA ASP H 41 -63.80 -26.56 -12.40
C ASP H 41 -64.73 -26.88 -11.23
N ILE H 42 -64.64 -28.11 -10.72
CA ILE H 42 -65.46 -28.54 -9.58
C ILE H 42 -64.65 -29.41 -8.66
N ASN H 43 -65.09 -29.47 -7.40
CA ASN H 43 -64.44 -30.26 -6.38
C ASN H 43 -64.89 -31.72 -6.55
N ASN H 44 -63.94 -32.61 -6.84
CA ASN H 44 -64.20 -34.03 -7.04
C ASN H 44 -64.88 -34.70 -5.86
N GLU H 45 -64.37 -34.47 -4.65
CA GLU H 45 -64.80 -35.28 -3.51
C GLU H 45 -66.19 -34.91 -3.02
N MET H 46 -66.64 -33.72 -3.30
CA MET H 46 -67.93 -33.24 -2.83
C MET H 46 -69.01 -33.52 -3.85
N PHE H 47 -68.64 -33.52 -5.12
CA PHE H 47 -69.61 -33.66 -6.20
C PHE H 47 -68.93 -34.42 -7.33
N PRO H 48 -68.82 -35.76 -7.18
CA PRO H 48 -68.16 -36.56 -8.21
C PRO H 48 -69.02 -36.61 -9.46
N VAL H 49 -68.40 -36.33 -10.59
CA VAL H 49 -69.07 -36.35 -11.87
C VAL H 49 -68.37 -37.34 -12.77
N SER H 50 -69.15 -37.93 -13.66
CA SER H 50 -68.64 -38.82 -14.67
C SER H 50 -68.93 -38.23 -16.03
N GLN H 51 -68.32 -38.82 -17.05
CA GLN H 51 -68.57 -38.36 -18.40
C GLN H 51 -69.97 -38.78 -18.82
N ASP H 52 -70.60 -37.95 -19.65
CA ASP H 52 -71.96 -38.08 -20.22
C ASP H 52 -73.05 -37.82 -19.19
N ASP H 53 -72.71 -37.30 -18.01
CA ASP H 53 -73.72 -37.00 -17.01
C ASP H 53 -74.54 -35.77 -17.40
N SER H 54 -75.82 -35.80 -17.07
CA SER H 54 -76.72 -34.68 -17.31
C SER H 54 -76.81 -33.82 -16.06
N LEU H 55 -76.56 -32.52 -16.21
CA LEU H 55 -76.45 -31.59 -15.11
C LEU H 55 -77.29 -30.37 -15.40
N THR H 56 -78.19 -30.02 -14.50
CA THR H 56 -78.94 -28.78 -14.60
C THR H 56 -78.15 -27.68 -13.94
N VAL H 57 -77.89 -26.61 -14.69
CA VAL H 57 -77.02 -25.54 -14.22
C VAL H 57 -77.84 -24.26 -14.23
N THR H 58 -78.00 -23.67 -13.07
CA THR H 58 -78.70 -22.41 -12.91
C THR H 58 -77.74 -21.33 -12.44
N LEU H 59 -77.90 -20.12 -12.97
CA LEU H 59 -77.11 -18.96 -12.55
C LEU H 59 -78.03 -17.88 -12.02
N ALA H 60 -77.82 -17.51 -10.77
CA ALA H 60 -78.61 -16.48 -10.12
C ALA H 60 -77.67 -15.42 -9.58
N ASN H 61 -78.22 -14.23 -9.34
CA ASN H 61 -77.48 -13.20 -8.63
C ASN H 61 -77.90 -13.06 -7.17
N SER H 62 -78.79 -13.92 -6.70
CA SER H 62 -79.24 -13.91 -5.31
C SER H 62 -79.88 -15.24 -5.03
N LEU H 63 -79.71 -15.74 -3.81
CA LEU H 63 -80.38 -16.97 -3.41
C LEU H 63 -81.65 -16.73 -2.62
N SER H 64 -82.10 -15.48 -2.48
CA SER H 64 -83.25 -15.18 -1.65
C SER H 64 -84.52 -15.33 -2.46
N LEU H 65 -85.44 -16.16 -1.97
CA LEU H 65 -86.70 -16.40 -2.67
C LEU H 65 -87.64 -15.22 -2.55
N LYS H 76 -74.06 -8.60 4.59
CA LYS H 76 -72.84 -8.84 3.81
C LYS H 76 -71.87 -9.80 4.50
N SER H 77 -71.99 -9.95 5.81
CA SER H 77 -71.05 -10.76 6.58
C SER H 77 -71.72 -12.12 6.72
N TRP H 78 -71.10 -13.12 6.11
CA TRP H 78 -71.65 -14.48 6.05
C TRP H 78 -71.84 -15.05 7.45
N ARG H 79 -72.97 -15.69 7.64
CA ARG H 79 -73.26 -16.34 8.90
C ARG H 79 -73.67 -17.78 8.60
N PRO H 80 -73.42 -18.70 9.54
CA PRO H 80 -73.91 -20.07 9.38
C PRO H 80 -75.41 -20.10 9.18
N PRO H 81 -75.90 -20.82 8.17
CA PRO H 81 -77.32 -20.76 7.84
C PRO H 81 -78.19 -21.35 8.94
N LYS H 82 -79.26 -20.64 9.29
CA LYS H 82 -80.22 -21.18 10.23
C LYS H 82 -81.01 -22.30 9.55
N PRO H 83 -81.31 -23.39 10.26
CA PRO H 83 -82.16 -24.43 9.66
C PRO H 83 -83.60 -23.99 9.38
N THR H 84 -84.07 -22.89 9.96
CA THR H 84 -85.45 -22.46 9.72
C THR H 84 -85.65 -21.69 8.43
N ASP H 85 -84.68 -20.90 7.98
CA ASP H 85 -84.90 -20.11 6.78
C ASP H 85 -84.72 -20.96 5.53
N LYS H 86 -85.06 -20.38 4.38
CA LYS H 86 -85.11 -21.16 3.16
C LYS H 86 -84.68 -20.27 2.00
N SER H 87 -83.92 -20.89 1.09
CA SER H 87 -83.29 -20.19 -0.02
C SER H 87 -83.30 -21.12 -1.21
N LEU H 88 -82.98 -20.55 -2.39
CA LEU H 88 -82.87 -21.31 -3.64
C LEU H 88 -81.96 -22.55 -3.55
N ALA H 89 -81.00 -22.54 -2.63
CA ALA H 89 -80.01 -23.61 -2.59
C ALA H 89 -80.53 -24.88 -1.95
N ASP H 90 -81.74 -24.86 -1.37
CA ASP H 90 -82.28 -26.05 -0.72
C ASP H 90 -82.60 -27.17 -1.70
N ASP H 91 -82.76 -26.85 -2.98
CA ASP H 91 -83.11 -27.83 -3.99
C ASP H 91 -81.95 -28.25 -4.87
N TYR H 92 -80.75 -27.77 -4.62
CA TYR H 92 -79.60 -28.19 -5.39
C TYR H 92 -78.54 -28.89 -4.54
N ASP H 93 -77.61 -29.54 -5.23
CA ASP H 93 -76.58 -30.34 -4.60
C ASP H 93 -75.26 -29.62 -4.42
N TYR H 94 -74.94 -28.69 -5.31
CA TYR H 94 -73.60 -28.10 -5.36
C TYR H 94 -73.78 -26.64 -5.73
N VAL H 95 -73.40 -25.73 -4.85
CA VAL H 95 -73.57 -24.31 -5.09
C VAL H 95 -72.22 -23.64 -4.93
N MET H 96 -71.91 -22.70 -5.79
CA MET H 96 -70.67 -21.93 -5.68
C MET H 96 -70.99 -20.46 -5.87
N PHE H 97 -70.17 -19.60 -5.27
CA PHE H 97 -70.33 -18.16 -5.37
C PHE H 97 -69.07 -17.51 -5.95
N GLY H 98 -69.26 -16.54 -6.85
CA GLY H 98 -68.10 -16.07 -7.59
C GLY H 98 -68.18 -14.64 -8.08
N THR H 99 -67.09 -14.24 -8.74
CA THR H 99 -66.88 -12.89 -9.25
C THR H 99 -66.76 -12.94 -10.76
N VAL H 100 -67.52 -12.09 -11.45
CA VAL H 100 -67.38 -11.96 -12.90
C VAL H 100 -66.17 -11.08 -13.20
N TYR H 101 -65.17 -11.64 -13.88
CA TYR H 101 -63.96 -10.86 -14.12
C TYR H 101 -63.70 -10.57 -15.59
N LYS H 102 -64.57 -10.97 -16.51
CA LYS H 102 -64.44 -10.61 -17.91
C LYS H 102 -65.78 -10.83 -18.58
N PHE H 103 -66.26 -9.80 -19.27
CA PHE H 103 -67.47 -9.80 -20.09
C PHE H 103 -67.12 -9.50 -21.55
N GLU H 104 -67.08 -10.53 -22.39
CA GLU H 104 -66.58 -10.46 -23.75
C GLU H 104 -67.69 -10.13 -24.74
N GLU H 105 -67.66 -8.92 -25.29
CA GLU H 105 -68.61 -8.50 -26.32
C GLU H 105 -67.91 -8.83 -27.64
N GLY H 106 -68.08 -10.09 -28.04
CA GLY H 106 -67.37 -10.70 -29.15
C GLY H 106 -68.06 -10.56 -30.50
N ASP H 107 -67.56 -11.35 -31.45
CA ASP H 107 -67.98 -11.40 -32.84
C ASP H 107 -69.33 -12.10 -32.87
N GLU H 108 -70.02 -12.04 -34.05
CA GLU H 108 -71.44 -12.30 -34.33
C GLU H 108 -72.24 -12.87 -33.16
N ASP H 109 -72.00 -14.10 -32.71
CA ASP H 109 -72.69 -14.38 -31.46
C ASP H 109 -71.76 -15.16 -30.53
N LYS H 110 -70.46 -14.91 -30.60
CA LYS H 110 -69.50 -15.57 -29.72
C LYS H 110 -69.35 -14.77 -28.44
N ILE H 111 -70.08 -15.14 -27.38
CA ILE H 111 -69.97 -14.41 -26.12
C ILE H 111 -69.37 -15.34 -25.10
N LYS H 112 -68.33 -14.89 -24.39
CA LYS H 112 -67.74 -15.68 -23.34
C LYS H 112 -67.87 -14.89 -22.04
N VAL H 113 -68.19 -15.58 -20.97
CA VAL H 113 -68.31 -14.98 -19.65
C VAL H 113 -67.38 -15.74 -18.72
N TYR H 114 -66.34 -15.07 -18.23
CA TYR H 114 -65.38 -15.68 -17.34
C TYR H 114 -65.71 -15.28 -15.91
N VAL H 115 -65.83 -16.27 -15.03
CA VAL H 115 -66.14 -16.05 -13.63
C VAL H 115 -65.12 -16.85 -12.82
N SER H 116 -64.70 -16.29 -11.69
CA SER H 116 -63.75 -16.91 -10.77
C SER H 116 -64.44 -17.22 -9.45
N PHE H 117 -64.54 -18.51 -9.11
CA PHE H 117 -65.05 -18.94 -7.81
C PHE H 117 -63.88 -19.22 -6.88
N GLY H 118 -63.28 -18.15 -6.37
CA GLY H 118 -62.10 -18.28 -5.53
C GLY H 118 -60.93 -18.99 -6.19
N GLY H 119 -60.76 -18.84 -7.48
CA GLY H 119 -59.71 -19.51 -8.21
C GLY H 119 -60.18 -20.75 -8.93
N LEU H 120 -61.32 -21.31 -8.54
CA LEU H 120 -62.02 -22.25 -9.39
C LEU H 120 -62.70 -21.50 -10.53
N LEU H 121 -62.29 -21.78 -11.76
CA LEU H 121 -62.60 -20.92 -12.89
C LEU H 121 -63.77 -21.49 -13.68
N MET H 122 -64.50 -20.59 -14.34
CA MET H 122 -65.59 -20.96 -15.24
C MET H 122 -65.48 -20.11 -16.49
N CYS H 123 -65.62 -20.75 -17.65
CA CYS H 123 -65.95 -20.05 -18.88
C CYS H 123 -67.29 -20.54 -19.39
N LEU H 124 -68.20 -19.60 -19.63
CA LEU H 124 -69.49 -19.89 -20.23
C LEU H 124 -69.56 -19.24 -21.59
N GLU H 125 -69.70 -20.06 -22.62
CA GLU H 125 -69.83 -19.59 -23.99
C GLU H 125 -71.28 -19.69 -24.44
N GLY H 126 -71.71 -18.78 -25.29
CA GLY H 126 -73.09 -18.81 -25.73
C GLY H 126 -73.47 -17.54 -26.45
N GLY H 127 -74.78 -17.38 -26.67
CA GLY H 127 -75.29 -16.26 -27.44
C GLY H 127 -75.79 -15.09 -26.63
N TYR H 128 -75.91 -13.95 -27.32
CA TYR H 128 -76.31 -12.69 -26.67
C TYR H 128 -77.69 -12.80 -26.03
N LYS H 129 -78.64 -13.42 -26.73
CA LYS H 129 -80.01 -13.49 -26.24
C LYS H 129 -80.13 -14.38 -25.00
N SER H 130 -79.24 -15.36 -24.86
CA SER H 130 -79.21 -16.22 -23.69
C SER H 130 -78.43 -15.65 -22.51
N LEU H 131 -77.52 -14.71 -22.75
CA LEU H 131 -76.56 -14.28 -21.72
C LEU H 131 -76.54 -12.80 -21.42
N ALA H 132 -77.43 -11.99 -22.00
CA ALA H 132 -77.39 -10.54 -21.82
C ALA H 132 -77.61 -10.14 -20.37
N SER H 133 -78.41 -10.90 -19.63
CA SER H 133 -78.71 -10.58 -18.25
C SER H 133 -77.54 -10.87 -17.31
N LEU H 134 -76.57 -11.69 -17.74
CA LEU H 134 -75.43 -12.08 -16.92
C LEU H 134 -74.38 -11.00 -16.71
N LYS H 135 -74.52 -9.79 -17.24
CA LYS H 135 -73.55 -8.73 -16.96
C LYS H 135 -73.75 -8.24 -15.52
N GLN H 136 -73.21 -9.01 -14.58
CA GLN H 136 -73.42 -8.78 -13.17
C GLN H 136 -72.08 -8.62 -12.46
N ASP H 137 -72.15 -8.18 -11.21
CA ASP H 137 -70.98 -8.14 -10.35
C ASP H 137 -70.66 -9.50 -9.74
N ASN H 138 -71.67 -10.20 -9.23
CA ASN H 138 -71.44 -11.50 -8.64
C ASN H 138 -72.46 -12.50 -9.16
N LEU H 139 -72.08 -13.77 -9.13
CA LEU H 139 -72.97 -14.82 -9.60
C LEU H 139 -72.88 -16.02 -8.68
N TYR H 140 -74.03 -16.60 -8.39
CA TYR H 140 -74.09 -17.97 -7.92
C TYR H 140 -74.21 -18.92 -9.08
N ILE H 141 -73.68 -20.12 -8.92
CA ILE H 141 -73.93 -21.22 -9.83
C ILE H 141 -74.50 -22.36 -9.02
N LEU H 142 -75.58 -22.94 -9.50
CA LEU H 142 -76.26 -24.03 -8.81
C LEU H 142 -76.31 -25.21 -9.77
N ILE H 143 -75.97 -26.39 -9.28
CA ILE H 143 -75.85 -27.59 -10.09
C ILE H 143 -76.77 -28.62 -9.47
N ARG H 144 -77.60 -29.23 -10.31
CA ARG H 144 -78.58 -30.21 -9.85
C ARG H 144 -78.30 -31.59 -10.40
N ARG H 145 -78.36 -32.58 -9.51
CA ARG H 145 -78.24 -34.03 -9.74
C ARG H 145 -76.80 -34.45 -10.03
N SER I 3 25.92 -30.30 -36.30
CA SER I 3 27.29 -30.70 -35.95
C SER I 3 28.28 -29.60 -36.29
N PHE I 4 28.84 -28.93 -35.27
CA PHE I 4 29.83 -27.89 -35.47
C PHE I 4 31.14 -28.38 -34.88
N ARG I 5 32.26 -28.09 -35.51
CA ARG I 5 33.44 -28.82 -35.05
C ARG I 5 34.51 -27.94 -34.41
N PHE I 6 35.49 -28.64 -33.84
CA PHE I 6 36.61 -28.10 -33.11
C PHE I 6 37.94 -28.49 -33.74
N CYS I 7 38.91 -27.60 -33.59
CA CYS I 7 40.25 -27.83 -34.12
C CYS I 7 40.85 -29.05 -33.44
N LEU I 8 41.47 -29.92 -34.23
CA LEU I 8 42.01 -31.15 -33.68
C LEU I 8 43.29 -30.97 -32.89
N GLU I 9 43.90 -29.79 -32.89
CA GLU I 9 45.13 -29.55 -32.15
C GLU I 9 45.00 -28.53 -31.03
N CYS I 10 43.99 -27.68 -31.06
CA CYS I 10 43.83 -26.62 -30.08
C CYS I 10 42.54 -26.77 -29.29
N ASN I 11 41.59 -27.52 -29.83
CA ASN I 11 40.24 -27.85 -29.36
C ASN I 11 39.31 -26.64 -29.32
N ASN I 12 39.76 -25.47 -29.72
CA ASN I 12 38.90 -24.31 -29.87
C ASN I 12 38.11 -24.38 -31.17
N MET I 13 37.05 -23.57 -31.24
CA MET I 13 36.09 -23.70 -32.32
C MET I 13 36.56 -23.03 -33.61
N LEU I 14 36.25 -23.66 -34.74
CA LEU I 14 36.62 -23.13 -36.05
C LEU I 14 35.54 -22.19 -36.57
N TYR I 15 35.97 -21.08 -37.18
CA TYR I 15 34.98 -20.20 -37.78
C TYR I 15 35.10 -20.22 -39.30
N PRO I 16 33.99 -20.12 -40.04
CA PRO I 16 34.08 -20.15 -41.51
C PRO I 16 34.63 -18.83 -42.03
N LYS I 17 35.58 -18.91 -42.96
CA LYS I 17 36.18 -17.72 -43.57
C LYS I 17 36.52 -18.04 -45.02
N GLU I 18 36.30 -17.08 -45.92
CA GLU I 18 36.56 -17.30 -47.33
C GLU I 18 38.04 -17.08 -47.65
N ASP I 19 38.59 -17.97 -48.49
CA ASP I 19 39.88 -17.78 -49.14
C ASP I 19 39.73 -17.05 -50.47
N LYS I 20 39.94 -15.73 -50.46
CA LYS I 20 39.64 -14.87 -51.60
C LYS I 20 40.51 -15.24 -52.81
N GLU I 21 41.77 -15.61 -52.57
CA GLU I 21 42.71 -15.83 -53.67
C GLU I 21 42.39 -17.09 -54.47
N ASN I 22 42.09 -18.21 -53.79
CA ASN I 22 41.78 -19.45 -54.49
C ASN I 22 40.30 -19.58 -54.78
N GLN I 23 39.50 -18.67 -54.20
CA GLN I 23 38.03 -18.60 -54.32
C GLN I 23 37.37 -19.89 -53.83
N ARG I 24 37.62 -20.20 -52.55
CA ARG I 24 37.06 -21.35 -51.87
C ARG I 24 36.78 -21.04 -50.41
N LEU I 25 35.81 -21.77 -49.85
CA LEU I 25 35.38 -21.61 -48.46
C LEU I 25 36.26 -22.46 -47.56
N LEU I 26 36.78 -21.84 -46.50
CA LEU I 26 37.57 -22.49 -45.46
C LEU I 26 36.87 -22.44 -44.10
N TYR I 27 37.38 -23.28 -43.18
CA TYR I 27 37.03 -23.24 -41.76
C TYR I 27 38.28 -22.89 -40.98
N SER I 28 38.36 -21.66 -40.47
CA SER I 28 39.54 -21.19 -39.77
C SER I 28 39.35 -21.12 -38.25
N CYS I 29 40.44 -21.37 -37.53
CA CYS I 29 40.56 -21.21 -36.09
C CYS I 29 40.76 -19.73 -35.74
N ARG I 30 40.81 -19.44 -34.44
CA ARG I 30 40.99 -18.07 -33.98
C ARG I 30 42.12 -17.96 -32.97
N ASN I 31 42.64 -19.07 -32.46
CA ASN I 31 43.81 -19.05 -31.59
C ASN I 31 45.09 -19.53 -32.24
N CYS I 32 45.01 -20.10 -33.45
CA CYS I 32 46.23 -20.54 -34.12
C CYS I 32 45.97 -20.52 -35.63
N ASP I 33 46.95 -21.02 -36.38
CA ASP I 33 46.97 -20.90 -37.83
C ASP I 33 46.34 -22.07 -38.57
N TYR I 34 45.69 -23.00 -37.85
CA TYR I 34 45.16 -24.18 -38.51
C TYR I 34 43.96 -23.79 -39.36
N THR I 35 43.85 -24.40 -40.54
CA THR I 35 42.73 -24.14 -41.45
C THR I 35 42.48 -25.41 -42.25
N GLU I 36 41.23 -25.64 -42.66
CA GLU I 36 40.88 -26.83 -43.44
C GLU I 36 39.72 -26.50 -44.38
N LEU I 37 39.53 -27.38 -45.36
CA LEU I 37 38.55 -27.18 -46.43
C LEU I 37 37.13 -27.53 -45.98
N ALA I 38 36.17 -26.75 -46.47
CA ALA I 38 34.76 -26.92 -46.11
C ALA I 38 34.12 -27.95 -47.03
N GLU I 39 33.50 -28.97 -46.44
CA GLU I 39 32.73 -29.96 -47.19
C GLU I 39 31.31 -29.50 -47.55
N ASP I 40 30.79 -28.46 -46.89
CA ASP I 40 29.38 -28.08 -47.03
C ASP I 40 29.28 -26.60 -47.30
N PRO I 41 28.68 -26.17 -48.43
CA PRO I 41 28.50 -24.73 -48.65
C PRO I 41 27.54 -24.10 -47.65
N LYS I 42 26.66 -24.88 -47.02
CA LYS I 42 25.71 -24.33 -46.07
C LYS I 42 26.44 -23.97 -44.78
N VAL I 43 26.13 -22.81 -44.24
CA VAL I 43 26.86 -22.31 -43.07
C VAL I 43 25.95 -22.15 -41.86
N TYR I 44 24.65 -21.97 -42.06
CA TYR I 44 23.73 -21.60 -41.01
C TYR I 44 22.33 -21.94 -41.51
N ARG I 45 21.49 -22.46 -40.62
CA ARG I 45 20.10 -22.70 -40.96
C ARG I 45 19.25 -22.28 -39.77
N HIS I 46 18.11 -21.67 -40.07
CA HIS I 46 17.15 -21.19 -39.09
C HIS I 46 15.76 -21.67 -39.49
N GLU I 47 15.21 -22.58 -38.70
CA GLU I 47 13.90 -23.16 -38.95
C GLU I 47 12.89 -22.36 -38.13
N LEU I 48 11.98 -21.68 -38.84
CA LEU I 48 10.86 -20.99 -38.20
C LEU I 48 9.71 -21.95 -37.94
N ILE I 49 9.28 -22.68 -38.97
CA ILE I 49 8.29 -23.74 -38.78
C ILE I 49 9.06 -25.02 -38.54
N THR I 50 9.28 -25.36 -37.28
CA THR I 50 10.16 -26.47 -36.91
C THR I 50 9.34 -27.67 -36.44
N ASN I 51 9.93 -28.85 -36.59
CA ASN I 51 9.36 -30.09 -36.06
C ASN I 51 10.39 -30.88 -35.25
N ILE I 52 11.53 -30.29 -34.94
CA ILE I 52 12.61 -31.00 -34.25
C ILE I 52 12.32 -31.16 -32.76
N GLY I 53 12.65 -32.34 -32.26
CA GLY I 53 12.35 -32.91 -30.96
C GLY I 53 10.97 -33.49 -30.77
N GLU I 54 10.20 -33.68 -31.85
CA GLU I 54 8.86 -34.24 -31.71
C GLU I 54 8.92 -35.69 -31.26
N THR I 55 9.65 -36.50 -32.04
CA THR I 55 9.93 -37.92 -31.98
C THR I 55 11.12 -38.36 -31.12
N ALA I 56 12.20 -37.56 -31.10
CA ALA I 56 13.46 -37.65 -30.33
C ALA I 56 13.45 -38.56 -29.10
N GLY I 57 12.63 -38.33 -28.07
CA GLY I 57 12.92 -39.08 -26.85
C GLY I 57 12.43 -40.53 -26.97
N ILE I 58 13.21 -41.35 -27.66
CA ILE I 58 13.01 -42.79 -27.79
C ILE I 58 13.99 -43.55 -26.89
N VAL I 59 13.59 -44.07 -25.72
CA VAL I 59 14.64 -44.70 -24.94
C VAL I 59 14.38 -46.21 -24.89
N ASP I 60 15.45 -46.97 -24.65
CA ASP I 60 15.36 -48.43 -24.57
C ASP I 60 14.52 -49.00 -23.42
N ASP I 61 14.33 -48.25 -22.33
CA ASP I 61 13.61 -48.80 -21.19
C ASP I 61 12.21 -48.22 -21.03
N ILE I 62 11.65 -47.61 -22.06
CA ILE I 62 10.32 -47.01 -21.95
C ILE I 62 9.24 -48.07 -21.68
N GLY I 63 9.46 -49.31 -22.15
CA GLY I 63 8.55 -50.41 -21.87
C GLY I 63 8.60 -50.97 -20.48
N GLN I 64 9.56 -50.55 -19.66
CA GLN I 64 9.64 -51.00 -18.28
C GLN I 64 8.85 -50.10 -17.34
N ASP I 65 8.35 -48.99 -17.84
CA ASP I 65 7.54 -48.00 -17.15
C ASP I 65 6.09 -48.50 -17.07
N PRO I 66 5.63 -48.95 -15.91
CA PRO I 66 4.28 -49.53 -15.83
C PRO I 66 3.17 -48.49 -15.87
N THR I 67 3.50 -47.21 -15.86
CA THR I 67 2.52 -46.13 -15.91
C THR I 67 2.04 -45.81 -17.32
N LEU I 68 2.70 -46.32 -18.32
CA LEU I 68 2.34 -46.10 -19.71
C LEU I 68 1.20 -47.03 -20.15
N PRO I 69 0.25 -46.51 -20.92
CA PRO I 69 -0.83 -47.34 -21.43
C PRO I 69 -0.34 -48.26 -22.54
N ARG I 70 -1.03 -49.37 -22.70
CA ARG I 70 -0.64 -50.43 -23.61
C ARG I 70 -1.70 -50.59 -24.70
N SER I 71 -1.24 -50.98 -25.88
CA SER I 71 -2.08 -51.05 -27.06
C SER I 71 -1.92 -52.38 -27.76
N ASP I 72 -2.78 -52.59 -28.76
CA ASP I 72 -2.80 -53.80 -29.58
C ASP I 72 -2.13 -53.64 -30.95
N LYS I 73 -1.63 -52.44 -31.27
CA LYS I 73 -1.16 -52.15 -32.64
C LYS I 73 -0.07 -53.12 -33.07
N GLU I 74 -0.14 -53.54 -34.31
CA GLU I 74 0.81 -54.50 -34.87
C GLU I 74 2.11 -53.82 -35.27
N CYS I 75 3.22 -54.31 -34.74
CA CYS I 75 4.53 -53.81 -35.13
C CYS I 75 4.81 -54.14 -36.58
N PRO I 76 5.36 -53.20 -37.37
CA PRO I 76 5.73 -53.56 -38.73
C PRO I 76 6.87 -54.55 -38.79
N GLU I 77 7.84 -54.45 -37.87
CA GLU I 77 8.99 -55.34 -37.90
C GLU I 77 8.68 -56.75 -37.42
N CYS I 78 8.48 -56.89 -36.10
CA CYS I 78 8.32 -58.20 -35.48
C CYS I 78 6.89 -58.65 -35.28
N HIS I 79 5.90 -57.77 -35.49
CA HIS I 79 4.46 -58.09 -35.35
C HIS I 79 4.08 -58.51 -33.93
N SER I 80 4.71 -57.92 -32.90
CA SER I 80 4.30 -58.15 -31.52
C SER I 80 3.00 -57.42 -31.14
N ARG I 81 2.30 -58.01 -30.17
CA ARG I 81 1.01 -57.55 -29.69
C ARG I 81 1.15 -56.93 -28.29
N ASP I 82 2.17 -56.09 -28.12
CA ASP I 82 2.51 -55.56 -26.81
C ASP I 82 3.41 -54.34 -27.01
N CYS I 83 2.89 -53.16 -26.68
CA CYS I 83 3.63 -51.94 -26.88
C CYS I 83 3.19 -50.91 -25.83
N VAL I 84 3.95 -49.84 -25.71
CA VAL I 84 3.51 -48.67 -24.96
C VAL I 84 3.29 -47.53 -25.94
N PHE I 85 2.42 -46.58 -25.59
CA PHE I 85 2.19 -45.46 -26.47
C PHE I 85 2.12 -44.18 -25.66
N PHE I 86 2.24 -43.04 -26.36
CA PHE I 86 2.27 -41.75 -25.70
C PHE I 86 2.10 -40.67 -26.77
N GLN I 87 1.44 -39.58 -26.40
CA GLN I 87 1.37 -38.46 -27.32
C GLN I 87 2.72 -37.74 -27.34
N SER I 88 2.85 -36.77 -28.24
CA SER I 88 4.11 -36.04 -28.44
C SER I 88 4.62 -35.40 -27.15
N GLN I 89 5.93 -35.55 -26.90
CA GLN I 89 6.63 -34.92 -25.79
C GLN I 89 7.08 -33.50 -26.11
N GLN I 90 6.70 -32.97 -27.26
CA GLN I 90 6.94 -31.58 -27.58
C GLN I 90 5.98 -30.69 -26.81
N ARG I 91 6.51 -29.75 -26.03
CA ARG I 91 5.77 -28.89 -25.13
C ARG I 91 5.36 -27.56 -25.74
N ARG I 92 5.07 -27.54 -27.04
CA ARG I 92 4.58 -26.34 -27.65
C ARG I 92 3.07 -26.27 -27.42
N LYS I 93 2.51 -25.08 -27.59
CA LYS I 93 1.08 -24.93 -27.34
C LYS I 93 0.25 -25.42 -28.52
N ASP I 94 0.80 -25.38 -29.72
CA ASP I 94 0.13 -25.82 -30.94
C ASP I 94 0.40 -27.27 -31.29
N THR I 95 1.09 -28.01 -30.41
CA THR I 95 1.45 -29.41 -30.67
C THR I 95 0.19 -30.25 -30.91
N ASN I 96 0.28 -31.16 -31.87
CA ASN I 96 -0.80 -32.08 -32.15
C ASN I 96 -0.97 -33.04 -30.97
N MET I 97 -2.05 -33.82 -31.01
CA MET I 97 -2.35 -34.80 -29.98
C MET I 97 -2.17 -36.22 -30.51
N THR I 98 -1.63 -36.38 -31.70
CA THR I 98 -1.46 -37.69 -32.31
C THR I 98 -0.49 -38.54 -31.51
N LEU I 99 -0.77 -39.82 -31.46
CA LEU I 99 -0.04 -40.70 -30.56
C LEU I 99 1.14 -41.31 -31.28
N PHE I 100 2.20 -41.54 -30.52
CA PHE I 100 3.33 -42.37 -30.94
C PHE I 100 3.26 -43.69 -30.21
N TYR I 101 3.43 -44.78 -30.96
CA TYR I 101 3.47 -46.11 -30.40
C TYR I 101 4.91 -46.59 -30.50
N VAL I 102 5.38 -47.30 -29.48
CA VAL I 102 6.72 -47.87 -29.48
C VAL I 102 6.66 -49.36 -29.25
N CYS I 103 7.06 -50.14 -30.25
CA CYS I 103 7.13 -51.59 -30.12
C CYS I 103 8.21 -51.90 -29.11
N LEU I 104 7.91 -52.74 -28.13
CA LEU I 104 8.95 -53.03 -27.16
C LEU I 104 10.08 -53.90 -27.68
N ASN I 105 9.99 -54.42 -28.90
CA ASN I 105 11.03 -55.29 -29.45
C ASN I 105 12.02 -54.46 -30.28
N CYS I 106 11.56 -53.92 -31.42
CA CYS I 106 12.48 -53.14 -32.26
C CYS I 106 12.54 -51.65 -31.94
N LYS I 107 11.70 -51.15 -31.03
CA LYS I 107 11.63 -49.73 -30.64
C LYS I 107 11.34 -48.76 -31.79
N LYS I 108 10.60 -49.20 -32.81
CA LYS I 108 10.18 -48.27 -33.85
C LYS I 108 8.97 -47.44 -33.37
N THR I 109 8.93 -46.17 -33.83
CA THR I 109 7.85 -45.21 -33.59
C THR I 109 6.92 -44.93 -34.77
N PHE I 110 5.65 -45.28 -34.64
CA PHE I 110 4.67 -45.05 -35.71
C PHE I 110 3.46 -44.28 -35.15
N ARG I 111 2.51 -43.96 -36.03
CA ARG I 111 1.29 -43.20 -35.70
C ARG I 111 0.05 -43.91 -36.23
N ASP I 112 -1.11 -43.30 -35.96
CA ASP I 112 -2.40 -43.76 -36.45
C ASP I 112 -2.92 -42.97 -37.66
N GLU I 113 -2.08 -42.50 -38.57
CA GLU I 113 -2.61 -41.75 -39.70
C GLU I 113 -2.82 -42.62 -40.93
N MET J 1 -21.08 -38.43 31.56
CA MET J 1 -20.25 -38.41 32.74
C MET J 1 -20.70 -39.52 33.66
N ILE J 2 -21.99 -39.49 33.96
CA ILE J 2 -22.66 -40.55 34.70
C ILE J 2 -24.04 -40.61 34.06
N ILE J 3 -24.69 -41.77 34.13
CA ILE J 3 -25.97 -42.04 33.46
C ILE J 3 -27.00 -40.97 33.82
N PRO J 4 -27.64 -40.35 32.83
CA PRO J 4 -28.68 -39.36 33.12
C PRO J 4 -29.86 -39.96 33.86
N VAL J 5 -30.47 -39.14 34.72
CA VAL J 5 -31.63 -39.59 35.46
C VAL J 5 -32.80 -39.83 34.52
N ARG J 6 -33.07 -38.88 33.62
CA ARG J 6 -34.20 -39.00 32.71
C ARG J 6 -33.74 -39.05 31.27
N CYS J 7 -34.53 -39.72 30.44
CA CYS J 7 -34.45 -39.55 28.99
C CYS J 7 -34.71 -38.10 28.65
N PHE J 8 -33.81 -37.48 27.88
CA PHE J 8 -33.98 -36.09 27.49
C PHE J 8 -35.29 -35.83 26.74
N SER J 9 -35.64 -36.72 25.82
CA SER J 9 -36.74 -36.42 24.90
C SER J 9 -38.12 -36.67 25.48
N CYS J 10 -38.31 -37.78 26.21
CA CYS J 10 -39.64 -38.10 26.70
C CYS J 10 -39.80 -38.06 28.21
N GLY J 11 -38.72 -38.14 28.97
CA GLY J 11 -38.80 -38.05 30.40
C GLY J 11 -38.85 -39.34 31.20
N LYS J 12 -38.97 -40.51 30.55
CA LYS J 12 -38.99 -41.77 31.30
C LYS J 12 -37.71 -41.92 32.09
N VAL J 13 -37.83 -42.38 33.34
CA VAL J 13 -36.65 -42.57 34.17
C VAL J 13 -35.80 -43.70 33.62
N VAL J 14 -34.52 -43.41 33.36
CA VAL J 14 -33.56 -44.41 32.94
C VAL J 14 -32.35 -44.46 33.85
N GLY J 15 -32.29 -43.64 34.89
CA GLY J 15 -31.12 -43.69 35.73
C GLY J 15 -31.03 -44.85 36.70
N ASP J 16 -32.04 -45.71 36.75
CA ASP J 16 -32.00 -46.88 37.61
C ASP J 16 -31.75 -48.17 36.84
N LYS J 17 -31.41 -48.07 35.56
CA LYS J 17 -31.30 -49.25 34.72
C LYS J 17 -29.88 -49.46 34.21
N TRP J 18 -28.93 -48.65 34.67
CA TRP J 18 -27.57 -48.73 34.15
C TRP J 18 -26.84 -49.97 34.65
N ASP J 19 -26.97 -50.25 35.94
CA ASP J 19 -26.36 -51.45 36.52
C ASP J 19 -26.92 -52.71 35.91
N ALA J 20 -28.24 -52.76 35.73
CA ALA J 20 -28.88 -53.92 35.11
C ALA J 20 -28.39 -54.13 33.69
N TYR J 21 -28.10 -53.05 32.96
CA TYR J 21 -27.63 -53.18 31.58
C TYR J 21 -26.23 -53.77 31.48
N LEU J 22 -25.30 -53.35 32.34
CA LEU J 22 -23.95 -53.90 32.30
C LEU J 22 -23.91 -55.38 32.65
N ARG J 23 -24.77 -55.81 33.59
CA ARG J 23 -24.79 -57.22 33.98
C ARG J 23 -25.26 -58.10 32.83
N LEU J 24 -26.32 -57.68 32.12
CA LEU J 24 -26.84 -58.39 30.96
C LEU J 24 -25.80 -58.57 29.85
N LEU J 25 -24.86 -57.64 29.72
CA LEU J 25 -23.84 -57.76 28.69
C LEU J 25 -22.81 -58.81 29.04
N GLU J 26 -22.52 -59.00 30.33
CA GLU J 26 -21.65 -60.10 30.74
C GLU J 26 -22.26 -61.44 30.37
N GLU J 27 -23.56 -61.62 30.57
CA GLU J 27 -24.21 -62.86 30.16
C GLU J 27 -24.28 -63.07 28.62
N GLY J 28 -23.67 -62.25 27.77
CA GLY J 28 -23.62 -62.48 26.34
C GLY J 28 -24.79 -61.98 25.53
N LYS J 29 -25.78 -61.32 26.14
CA LYS J 29 -26.87 -60.75 25.36
C LYS J 29 -26.36 -59.63 24.46
N GLN J 30 -27.03 -59.48 23.32
CA GLN J 30 -26.75 -58.38 22.41
C GLN J 30 -27.49 -57.14 22.86
N GLU J 31 -26.94 -55.99 22.46
CA GLU J 31 -27.36 -54.69 22.98
C GLU J 31 -28.84 -54.46 22.76
N GLY J 32 -29.32 -54.77 21.55
CA GLY J 32 -30.74 -54.63 21.24
C GLY J 32 -31.62 -55.47 22.15
N ASP J 33 -31.21 -56.71 22.42
CA ASP J 33 -31.98 -57.60 23.28
C ASP J 33 -31.96 -57.15 24.73
N ALA J 34 -30.79 -56.69 25.22
CA ALA J 34 -30.69 -56.17 26.59
C ALA J 34 -31.63 -55.00 26.82
N LEU J 35 -31.69 -54.06 25.88
CA LEU J 35 -32.62 -52.96 25.98
C LEU J 35 -34.06 -53.43 25.96
N ASP J 36 -34.36 -54.44 25.13
CA ASP J 36 -35.69 -55.03 25.06
C ASP J 36 -36.12 -55.61 26.40
N GLU J 37 -35.23 -56.33 27.08
CA GLU J 37 -35.57 -56.92 28.37
C GLU J 37 -35.88 -55.85 29.41
N LEU J 38 -35.20 -54.71 29.34
CA LEU J 38 -35.45 -53.63 30.29
C LEU J 38 -36.71 -52.84 29.99
N LYS J 39 -37.44 -53.20 28.93
CA LYS J 39 -38.69 -52.56 28.50
C LYS J 39 -38.50 -51.13 28.00
N LEU J 40 -37.34 -50.81 27.43
CA LEU J 40 -37.12 -49.49 26.85
C LEU J 40 -37.54 -49.57 25.40
N LYS J 41 -38.81 -49.29 25.12
CA LYS J 41 -39.32 -49.60 23.79
C LYS J 41 -39.14 -48.45 22.81
N ARG J 42 -39.45 -47.22 23.20
CA ARG J 42 -39.27 -46.09 22.32
C ARG J 42 -37.79 -45.82 22.12
N TYR J 43 -37.43 -45.48 20.88
CA TYR J 43 -36.02 -45.28 20.57
C TYR J 43 -35.42 -44.03 21.19
N CYS J 44 -36.21 -43.06 21.65
CA CYS J 44 -35.66 -41.98 22.45
C CYS J 44 -35.02 -42.50 23.73
N CYS J 45 -35.68 -43.44 24.41
CA CYS J 45 -35.11 -43.99 25.64
C CYS J 45 -33.89 -44.85 25.34
N ARG J 46 -33.92 -45.59 24.23
CA ARG J 46 -32.82 -46.48 23.86
C ARG J 46 -31.51 -45.76 23.63
N ARG J 47 -31.52 -44.61 22.94
CA ARG J 47 -30.28 -43.85 22.73
C ARG J 47 -29.58 -43.52 24.05
N MET J 48 -30.36 -43.21 25.10
CA MET J 48 -29.80 -42.80 26.39
C MET J 48 -28.89 -43.87 26.96
N VAL J 49 -29.34 -45.12 26.94
CA VAL J 49 -28.53 -46.16 27.54
C VAL J 49 -27.48 -46.67 26.57
N LEU J 50 -27.86 -46.86 25.31
CA LEU J 50 -26.96 -47.42 24.31
C LEU J 50 -25.75 -46.55 24.03
N THR J 51 -25.90 -45.23 24.09
CA THR J 51 -24.83 -44.33 23.68
C THR J 51 -24.19 -43.55 24.81
N HIS J 52 -24.55 -43.82 26.06
CA HIS J 52 -23.89 -43.13 27.16
C HIS J 52 -22.45 -43.62 27.29
N VAL J 53 -21.56 -42.73 27.70
CA VAL J 53 -20.15 -43.07 27.91
C VAL J 53 -19.83 -42.75 29.35
N ASP J 54 -19.38 -43.78 30.09
CA ASP J 54 -19.19 -43.70 31.54
C ASP J 54 -17.81 -43.20 31.89
N LEU J 55 -17.66 -41.88 31.96
CA LEU J 55 -16.35 -41.30 32.25
C LEU J 55 -16.03 -41.25 33.73
N ILE J 56 -17.04 -41.32 34.60
CA ILE J 56 -16.83 -41.21 36.04
C ILE J 56 -15.89 -42.30 36.58
N GLU J 57 -15.86 -43.47 35.93
CA GLU J 57 -14.90 -44.49 36.33
C GLU J 57 -13.48 -44.02 36.12
N LYS J 58 -13.23 -43.25 35.08
CA LYS J 58 -11.91 -42.66 34.89
C LYS J 58 -11.61 -41.55 35.90
N PHE J 59 -12.55 -40.64 36.17
CA PHE J 59 -12.23 -39.55 37.10
C PHE J 59 -11.96 -40.02 38.51
N LEU J 60 -12.57 -41.12 38.94
CA LEU J 60 -12.33 -41.59 40.30
C LEU J 60 -10.90 -42.10 40.52
N ARG J 61 -10.21 -42.53 39.47
CA ARG J 61 -8.85 -43.02 39.61
C ARG J 61 -7.87 -41.97 40.12
N TYR J 62 -8.21 -40.69 40.03
CA TYR J 62 -7.27 -39.62 40.40
C TYR J 62 -7.39 -39.44 41.90
N ASN J 63 -6.41 -39.97 42.64
CA ASN J 63 -6.33 -40.07 44.10
C ASN J 63 -6.76 -38.81 44.83
N PRO J 64 -7.90 -38.90 45.59
CA PRO J 64 -8.61 -37.76 46.21
C PRO J 64 -7.77 -36.61 46.75
N LEU J 65 -8.27 -35.39 46.62
CA LEU J 65 -7.48 -34.19 46.90
C LEU J 65 -7.70 -33.68 48.32
N GLU J 66 -8.11 -34.58 49.22
CA GLU J 66 -8.13 -34.40 50.67
C GLU J 66 -8.06 -35.79 51.31
N MET K 1 -29.78 -14.17 32.29
CA MET K 1 -29.58 -12.77 32.59
C MET K 1 -30.80 -11.96 32.16
N ASN K 2 -31.41 -12.37 31.05
CA ASN K 2 -32.67 -11.80 30.60
C ASN K 2 -33.78 -12.82 30.50
N ALA K 3 -33.56 -14.01 31.05
CA ALA K 3 -34.61 -15.02 31.06
C ALA K 3 -35.64 -14.57 32.08
N PRO K 4 -36.93 -14.62 31.77
CA PRO K 4 -37.92 -14.25 32.78
C PRO K 4 -38.15 -15.41 33.73
N ASP K 5 -38.71 -15.09 34.89
CA ASP K 5 -39.07 -16.14 35.83
C ASP K 5 -40.11 -17.06 35.24
N ARG K 6 -39.87 -18.37 35.34
CA ARG K 6 -40.78 -19.32 34.74
C ARG K 6 -42.14 -19.34 35.43
N PHE K 7 -42.19 -19.06 36.75
CA PHE K 7 -43.45 -18.98 37.49
C PHE K 7 -44.38 -17.86 37.04
N GLU K 8 -43.91 -16.90 36.24
CA GLU K 8 -44.75 -15.83 35.72
C GLU K 8 -45.77 -16.30 34.68
N LEU K 9 -45.67 -17.55 34.22
CA LEU K 9 -46.66 -18.10 33.29
C LEU K 9 -48.03 -18.28 33.94
N PHE K 10 -48.09 -18.53 35.24
CA PHE K 10 -49.37 -18.88 35.87
C PHE K 10 -49.69 -18.04 37.10
N ILE K 11 -48.72 -17.34 37.68
CA ILE K 11 -48.96 -16.49 38.83
C ILE K 11 -49.35 -15.10 38.35
N LEU K 12 -50.50 -14.65 38.79
CA LEU K 12 -51.06 -13.37 38.40
C LEU K 12 -50.52 -12.24 39.26
N PRO K 13 -49.91 -11.20 38.68
CA PRO K 13 -49.60 -9.97 39.45
C PRO K 13 -50.86 -9.37 40.06
N ASP K 14 -50.67 -8.66 41.18
CA ASP K 14 -51.84 -8.14 41.92
C ASP K 14 -52.58 -7.04 41.20
N ASP K 15 -51.89 -6.23 40.39
CA ASP K 15 -52.51 -5.15 39.65
C ASP K 15 -53.00 -5.57 38.27
N VAL K 16 -53.05 -6.86 37.98
CA VAL K 16 -53.36 -7.36 36.65
C VAL K 16 -54.58 -8.28 36.74
N PRO K 17 -55.67 -8.00 36.05
CA PRO K 17 -56.86 -8.85 36.16
C PRO K 17 -56.64 -10.12 35.35
N LYS K 18 -57.13 -11.24 35.88
CA LYS K 18 -57.10 -12.52 35.18
C LYS K 18 -57.83 -12.47 33.84
N LEU K 19 -58.80 -11.56 33.69
CA LEU K 19 -59.75 -11.57 32.59
C LEU K 19 -60.14 -10.12 32.35
N LYS K 20 -60.20 -9.72 31.08
CA LYS K 20 -60.62 -8.37 30.73
C LYS K 20 -61.51 -8.36 29.50
N ILE K 21 -62.70 -7.78 29.64
CA ILE K 21 -63.69 -7.71 28.58
C ILE K 21 -63.77 -6.28 28.10
N THR K 22 -63.66 -6.07 26.80
CA THR K 22 -63.89 -4.76 26.22
C THR K 22 -64.82 -4.92 25.04
N PRO K 23 -65.51 -3.86 24.62
CA PRO K 23 -66.37 -3.96 23.44
C PRO K 23 -65.60 -3.74 22.16
N ASP K 24 -66.14 -4.29 21.08
CA ASP K 24 -65.74 -3.95 19.72
C ASP K 24 -66.96 -3.23 19.14
N SER K 25 -66.98 -1.90 19.28
CA SER K 25 -68.16 -1.15 18.86
C SER K 25 -68.26 -0.99 17.34
N ARG K 26 -67.25 -1.44 16.58
CA ARG K 26 -67.31 -1.33 15.12
C ARG K 26 -68.42 -2.17 14.51
N VAL K 27 -68.74 -3.30 15.14
CA VAL K 27 -69.86 -4.14 14.73
C VAL K 27 -70.75 -4.33 15.95
N PRO K 28 -72.05 -4.62 15.75
CA PRO K 28 -72.93 -4.82 16.91
C PRO K 28 -72.64 -6.14 17.61
N ASN K 29 -72.65 -6.08 18.95
CA ASN K 29 -72.75 -7.24 19.83
C ASN K 29 -71.48 -8.11 19.79
N CYS K 30 -70.33 -7.47 19.89
CA CYS K 30 -69.05 -8.16 19.77
C CYS K 30 -68.16 -7.73 20.92
N ILE K 31 -67.53 -8.70 21.57
CA ILE K 31 -66.60 -8.40 22.65
C ILE K 31 -65.23 -8.99 22.35
N ILE K 32 -64.23 -8.36 22.95
CA ILE K 32 -62.85 -8.85 22.97
C ILE K 32 -62.54 -9.28 24.39
N ILE K 33 -62.19 -10.55 24.57
CA ILE K 33 -61.81 -11.04 25.90
C ILE K 33 -60.34 -11.34 25.91
N LYS K 34 -59.62 -10.66 26.79
CA LYS K 34 -58.20 -10.86 27.03
C LYS K 34 -57.99 -11.76 28.24
N PHE K 35 -57.39 -12.91 28.05
CA PHE K 35 -57.12 -13.84 29.14
C PHE K 35 -55.66 -13.72 29.55
N GLU K 36 -55.42 -13.48 30.82
CA GLU K 36 -54.07 -13.36 31.33
C GLU K 36 -53.63 -14.65 32.00
N ARG K 37 -52.36 -15.00 31.81
CA ARG K 37 -51.71 -16.18 32.39
C ARG K 37 -52.44 -17.47 32.02
N GLU K 38 -52.70 -17.64 30.72
CA GLU K 38 -53.32 -18.85 30.19
C GLU K 38 -52.76 -19.18 28.81
N ASP K 39 -53.12 -20.37 28.34
CA ASP K 39 -52.47 -21.07 27.24
C ASP K 39 -53.48 -21.51 26.20
N HIS K 40 -52.97 -22.14 25.15
CA HIS K 40 -53.77 -22.97 24.24
C HIS K 40 -54.63 -24.01 24.95
N THR K 41 -54.13 -24.57 26.06
CA THR K 41 -54.84 -25.58 26.86
C THR K 41 -56.26 -25.16 27.19
N LEU K 42 -56.41 -23.99 27.78
CA LEU K 42 -57.72 -23.47 28.09
C LEU K 42 -58.44 -23.01 26.83
N ALA K 43 -57.73 -22.29 25.95
CA ALA K 43 -58.33 -21.54 24.86
C ALA K 43 -58.98 -22.43 23.82
N ASN K 44 -58.29 -23.49 23.42
CA ASN K 44 -58.81 -24.37 22.38
C ASN K 44 -60.03 -25.12 22.88
N LEU K 45 -60.02 -25.49 24.16
CA LEU K 45 -61.17 -26.14 24.77
C LEU K 45 -62.44 -25.30 24.68
N LEU K 46 -62.38 -24.05 25.14
CA LEU K 46 -63.51 -23.15 25.04
C LEU K 46 -63.94 -22.90 23.60
N ARG K 47 -62.98 -22.79 22.68
CA ARG K 47 -63.27 -22.34 21.32
C ARG K 47 -64.16 -23.33 20.57
N GLU K 48 -63.82 -24.61 20.57
CA GLU K 48 -64.59 -25.58 19.80
C GLU K 48 -66.01 -25.72 20.35
N GLU K 49 -66.12 -25.92 21.67
CA GLU K 49 -67.40 -25.89 22.38
C GLU K 49 -68.31 -24.75 21.95
N LEU K 50 -67.77 -23.53 21.94
CA LEU K 50 -68.56 -22.36 21.56
C LEU K 50 -69.03 -22.44 20.12
N ALA K 51 -68.21 -23.01 19.24
CA ALA K 51 -68.53 -22.96 17.81
C ALA K 51 -69.70 -23.85 17.46
N LEU K 52 -70.01 -24.86 18.27
CA LEU K 52 -71.16 -25.70 18.00
C LEU K 52 -72.47 -25.12 18.51
N TYR K 53 -72.44 -24.02 19.24
CA TYR K 53 -73.69 -23.41 19.65
C TYR K 53 -74.33 -22.64 18.48
N PRO K 54 -75.64 -22.79 18.29
CA PRO K 54 -76.31 -22.11 17.17
C PRO K 54 -76.30 -20.60 17.22
N ASP K 55 -76.26 -19.99 18.40
CA ASP K 55 -76.31 -18.54 18.48
C ASP K 55 -74.95 -17.85 18.50
N VAL K 56 -73.86 -18.58 18.38
CA VAL K 56 -72.54 -17.97 18.22
C VAL K 56 -72.24 -17.87 16.73
N THR K 57 -72.07 -16.65 16.24
CA THR K 57 -71.78 -16.43 14.83
C THR K 57 -70.30 -16.28 14.53
N PHE K 58 -69.50 -15.91 15.50
CA PHE K 58 -68.06 -15.81 15.29
C PHE K 58 -67.35 -16.10 16.60
N VAL K 59 -66.37 -17.00 16.55
CA VAL K 59 -65.45 -17.19 17.66
C VAL K 59 -64.06 -17.49 17.12
N ALA K 60 -63.05 -16.83 17.70
CA ALA K 60 -61.66 -17.03 17.31
C ALA K 60 -60.77 -16.65 18.48
N TYR K 61 -59.54 -17.16 18.46
CA TYR K 61 -58.50 -16.75 19.38
C TYR K 61 -57.13 -16.73 18.73
N LYS K 62 -56.21 -15.98 19.33
CA LYS K 62 -54.81 -16.04 18.93
C LYS K 62 -53.95 -15.91 20.16
N VAL K 63 -52.85 -16.67 20.21
CA VAL K 63 -51.78 -16.42 21.17
C VAL K 63 -50.79 -15.53 20.46
N GLU K 64 -50.78 -14.24 20.82
CA GLU K 64 -50.02 -13.27 20.05
C GLU K 64 -48.51 -13.47 20.11
N HIS K 65 -47.98 -13.93 21.22
CA HIS K 65 -46.55 -14.20 21.24
C HIS K 65 -46.26 -15.29 22.26
N PRO K 66 -45.65 -16.42 21.89
CA PRO K 66 -45.43 -17.51 22.86
C PRO K 66 -44.57 -17.15 24.05
N LEU K 67 -43.81 -16.05 24.01
CA LEU K 67 -42.99 -15.69 25.15
C LEU K 67 -43.81 -15.03 26.25
N PHE K 68 -45.08 -14.74 25.99
CA PHE K 68 -45.97 -14.13 26.96
C PHE K 68 -47.17 -15.04 27.06
N ALA K 69 -47.47 -15.51 28.26
CA ALA K 69 -48.57 -16.45 28.46
C ALA K 69 -49.89 -15.66 28.53
N ASN K 70 -50.34 -15.18 27.37
CA ASN K 70 -51.69 -14.69 27.29
C ASN K 70 -52.29 -15.03 25.95
N PHE K 71 -53.59 -14.83 25.83
CA PHE K 71 -54.24 -14.91 24.55
C PHE K 71 -55.45 -14.02 24.60
N VAL K 72 -55.98 -13.74 23.43
CA VAL K 72 -57.12 -12.86 23.28
C VAL K 72 -58.15 -13.56 22.41
N MET K 73 -59.41 -13.52 22.83
CA MET K 73 -60.46 -14.20 22.11
C MET K 73 -61.45 -13.15 21.65
N ARG K 74 -62.02 -13.37 20.47
CA ARG K 74 -63.06 -12.51 19.91
C ARG K 74 -64.33 -13.30 19.77
N LEU K 75 -65.43 -12.75 20.26
CA LEU K 75 -66.69 -13.49 20.31
C LEU K 75 -67.81 -12.57 19.90
N GLN K 76 -68.51 -12.92 18.82
CA GLN K 76 -69.68 -12.18 18.39
C GLN K 76 -70.87 -13.12 18.34
N THR K 77 -71.99 -12.68 18.89
CA THR K 77 -73.25 -13.41 18.86
C THR K 77 -74.33 -12.57 18.20
N GLU K 78 -75.37 -13.26 17.73
CA GLU K 78 -76.52 -12.58 17.14
C GLU K 78 -77.25 -11.75 18.20
N GLU K 79 -78.12 -10.87 17.69
CA GLU K 79 -78.79 -9.82 18.47
C GLU K 79 -79.47 -10.31 19.75
N GLY K 80 -80.13 -11.48 19.69
CA GLY K 80 -80.85 -11.99 20.86
C GLY K 80 -79.99 -12.25 22.08
N THR K 81 -78.85 -12.90 21.89
CA THR K 81 -78.07 -13.41 23.01
C THR K 81 -76.97 -12.42 23.39
N ARG K 82 -76.60 -12.39 24.68
CA ARG K 82 -75.50 -11.53 25.07
C ARG K 82 -74.24 -12.37 25.14
N PRO K 83 -73.15 -11.95 24.45
CA PRO K 83 -71.95 -12.81 24.32
C PRO K 83 -71.40 -13.34 25.63
N LYS K 84 -71.23 -12.45 26.62
CA LYS K 84 -70.75 -12.82 27.94
C LYS K 84 -71.59 -13.90 28.60
N GLN K 85 -72.91 -13.88 28.39
CA GLN K 85 -73.77 -14.92 28.96
C GLN K 85 -73.49 -16.25 28.28
N ALA K 86 -73.39 -16.22 26.95
CA ALA K 86 -73.09 -17.39 26.13
C ALA K 86 -71.78 -18.04 26.54
N LEU K 87 -70.80 -17.24 26.94
CA LEU K 87 -69.53 -17.79 27.40
C LEU K 87 -69.72 -18.59 28.68
N GLU K 88 -70.51 -18.07 29.62
CA GLU K 88 -70.87 -18.81 30.82
C GLU K 88 -71.51 -20.15 30.49
N ARG K 89 -72.39 -20.19 29.50
CA ARG K 89 -73.05 -21.43 29.11
C ARG K 89 -72.04 -22.45 28.60
N ALA K 90 -71.12 -22.01 27.74
CA ALA K 90 -70.05 -22.88 27.24
C ALA K 90 -69.20 -23.46 28.36
N CYS K 91 -68.89 -22.65 29.37
CA CYS K 91 -68.12 -23.10 30.53
C CYS K 91 -68.84 -24.20 31.30
N ALA K 92 -70.12 -24.01 31.60
CA ALA K 92 -70.85 -24.96 32.42
C ALA K 92 -71.06 -26.30 31.71
N SER K 93 -71.32 -26.26 30.41
CA SER K 93 -71.37 -27.48 29.60
C SER K 93 -70.12 -28.34 29.74
N ILE K 94 -68.93 -27.73 29.63
CA ILE K 94 -67.70 -28.51 29.64
C ILE K 94 -67.40 -29.05 31.03
N ILE K 95 -67.65 -28.25 32.07
CA ILE K 95 -67.53 -28.74 33.46
C ILE K 95 -68.43 -29.95 33.67
N ASN K 96 -69.63 -29.92 33.10
CA ASN K 96 -70.53 -31.07 33.23
C ASN K 96 -69.99 -32.28 32.48
N LYS K 97 -69.59 -32.11 31.20
CA LYS K 97 -69.02 -33.22 30.45
C LYS K 97 -67.79 -33.83 31.11
N LEU K 98 -66.96 -33.02 31.75
CA LEU K 98 -65.80 -33.59 32.42
C LEU K 98 -66.16 -34.29 33.71
N LYS K 99 -67.17 -33.80 34.43
CA LYS K 99 -67.67 -34.47 35.62
C LYS K 99 -68.20 -35.86 35.27
N THR K 100 -69.07 -35.93 34.26
CA THR K 100 -69.53 -37.20 33.72
C THR K 100 -68.37 -38.09 33.32
N LEU K 101 -67.40 -37.53 32.59
CA LEU K 101 -66.27 -38.29 32.07
C LEU K 101 -65.42 -38.86 33.20
N ASP K 102 -65.25 -38.08 34.28
CA ASP K 102 -64.49 -38.55 35.44
C ASP K 102 -65.22 -39.70 36.12
N HIS K 103 -66.54 -39.62 36.19
CA HIS K 103 -67.36 -40.66 36.82
C HIS K 103 -67.24 -41.97 36.07
N LYS K 104 -67.44 -41.94 34.75
CA LYS K 104 -67.38 -43.15 33.95
C LYS K 104 -66.01 -43.80 33.94
N PHE K 105 -64.94 -43.02 34.10
CA PHE K 105 -63.62 -43.63 34.22
C PHE K 105 -63.44 -44.37 35.53
N ASN K 106 -63.87 -43.78 36.63
CA ASN K 106 -63.81 -44.41 37.96
C ASN K 106 -64.52 -45.76 37.99
N GLU K 107 -65.73 -45.82 37.45
CA GLU K 107 -66.49 -47.07 37.40
C GLU K 107 -65.72 -48.14 36.62
N GLU K 108 -65.32 -47.82 35.39
CA GLU K 108 -64.56 -48.76 34.56
C GLU K 108 -63.25 -49.19 35.20
N TRP K 109 -62.66 -48.32 36.03
CA TRP K 109 -61.36 -48.60 36.65
C TRP K 109 -61.43 -49.68 37.71
N ASN K 110 -62.45 -49.65 38.57
CA ASN K 110 -62.61 -50.66 39.60
C ASN K 110 -62.81 -52.05 39.01
N ILE K 111 -63.54 -52.16 37.90
CA ILE K 111 -63.73 -53.46 37.26
C ILE K 111 -62.39 -54.07 36.82
N LYS K 112 -61.44 -53.24 36.39
CA LYS K 112 -60.15 -53.77 35.97
C LYS K 112 -59.17 -53.94 37.13
N ASN K 113 -59.42 -53.31 38.27
CA ASN K 113 -58.61 -53.38 39.50
C ASN K 113 -58.35 -54.84 39.91
N GLY L 28 -6.20 -19.92 62.29
CA GLY L 28 -6.84 -18.78 61.65
C GLY L 28 -7.58 -19.16 60.38
N VAL L 29 -6.83 -19.61 59.37
CA VAL L 29 -7.39 -20.02 58.09
C VAL L 29 -6.99 -21.46 57.82
N LYS L 30 -7.96 -22.30 57.51
CA LYS L 30 -7.72 -23.71 57.29
C LYS L 30 -7.13 -23.94 55.90
N TYR L 31 -6.11 -24.79 55.83
CA TYR L 31 -5.48 -25.17 54.56
C TYR L 31 -5.45 -26.68 54.45
N THR L 32 -4.90 -27.18 53.35
CA THR L 32 -4.83 -28.60 53.09
C THR L 32 -3.59 -28.91 52.27
N CYS L 33 -2.87 -29.95 52.67
CA CYS L 33 -1.62 -30.31 52.00
C CYS L 33 -1.92 -31.07 50.72
N GLY L 34 -1.31 -30.64 49.61
CA GLY L 34 -1.59 -31.28 48.34
C GLY L 34 -1.06 -32.70 48.21
N ALA L 35 -0.20 -33.14 49.12
CA ALA L 35 0.39 -34.48 49.07
C ALA L 35 -0.17 -35.43 50.12
N CYS L 36 -0.17 -35.02 51.38
CA CYS L 36 -0.50 -35.90 52.49
C CYS L 36 -1.83 -35.56 53.15
N ALA L 37 -2.49 -34.48 52.70
CA ALA L 37 -3.83 -34.05 53.11
C ALA L 37 -3.93 -33.63 54.57
N HIS L 38 -2.83 -33.42 55.28
CA HIS L 38 -2.88 -32.90 56.64
C HIS L 38 -3.50 -31.52 56.63
N ASN L 39 -4.35 -31.22 57.60
CA ASN L 39 -4.89 -29.88 57.77
C ASN L 39 -4.19 -29.08 58.87
N PHE L 40 -4.01 -27.79 58.62
CA PHE L 40 -3.31 -26.89 59.54
C PHE L 40 -3.66 -25.46 59.15
N SER L 41 -3.29 -24.52 60.01
CA SER L 41 -3.46 -23.11 59.72
C SER L 41 -2.15 -22.37 59.58
N LEU L 42 -2.23 -21.21 58.92
CA LEU L 42 -1.08 -20.31 58.76
C LEU L 42 -1.56 -18.86 58.88
N ASN L 43 -0.85 -18.02 59.67
CA ASN L 43 -1.14 -16.57 59.76
C ASN L 43 -0.25 -15.71 58.84
N LYS L 44 -0.47 -15.88 57.54
CA LYS L 44 0.29 -15.40 56.38
C LYS L 44 1.82 -15.22 56.40
N SER L 45 2.44 -14.97 57.56
CA SER L 45 3.87 -14.67 57.54
C SER L 45 4.71 -15.93 57.57
N ASP L 46 4.09 -17.07 57.86
CA ASP L 46 4.76 -18.35 57.89
C ASP L 46 5.15 -18.69 56.45
N PRO L 47 6.20 -19.48 56.22
CA PRO L 47 6.49 -19.90 54.84
C PRO L 47 5.41 -20.84 54.32
N VAL L 48 5.30 -20.86 53.00
CA VAL L 48 4.23 -21.58 52.31
C VAL L 48 4.75 -23.00 52.06
N ARG L 49 4.45 -23.89 52.99
CA ARG L 49 4.78 -25.31 52.87
C ARG L 49 3.91 -26.12 53.82
N CYS L 50 3.91 -27.43 53.60
CA CYS L 50 3.24 -28.37 54.49
C CYS L 50 4.16 -28.74 55.64
N LYS L 51 3.64 -28.69 56.87
CA LYS L 51 4.43 -29.07 58.02
C LYS L 51 4.83 -30.55 57.98
N GLU L 52 3.97 -31.40 57.40
CA GLU L 52 4.21 -32.84 57.46
C GLU L 52 5.27 -33.31 56.47
N CYS L 53 5.07 -33.01 55.18
CA CYS L 53 5.95 -33.51 54.13
C CYS L 53 6.76 -32.44 53.42
N GLY L 54 6.55 -31.16 53.72
CA GLY L 54 7.28 -30.14 53.01
C GLY L 54 6.79 -29.84 51.61
N HIS L 55 5.60 -30.31 51.23
CA HIS L 55 5.08 -30.05 49.89
C HIS L 55 4.78 -28.57 49.76
N ARG L 56 5.06 -28.01 48.59
CA ARG L 56 4.96 -26.57 48.38
C ARG L 56 3.72 -26.16 47.59
N VAL L 57 2.77 -27.05 47.39
CA VAL L 57 1.49 -26.77 46.76
C VAL L 57 0.37 -27.01 47.77
N ILE L 58 -0.35 -25.95 48.16
CA ILE L 58 -1.40 -26.10 49.18
C ILE L 58 -2.68 -25.42 48.71
N TYR L 59 -3.79 -25.77 49.37
CA TYR L 59 -5.12 -25.35 48.94
C TYR L 59 -5.96 -24.86 50.11
N LYS L 60 -6.74 -23.82 49.89
CA LYS L 60 -7.64 -23.29 50.92
C LYS L 60 -8.80 -24.24 51.18
N ALA L 61 -9.15 -24.41 52.45
CA ALA L 61 -10.33 -25.21 52.73
C ALA L 61 -11.59 -24.38 52.48
N ARG L 62 -12.70 -25.08 52.35
CA ARG L 62 -13.96 -24.46 51.94
C ARG L 62 -14.50 -23.56 53.05
N THR L 63 -15.31 -22.58 52.66
CA THR L 63 -15.95 -21.63 53.56
C THR L 63 -16.80 -22.29 54.65
N LYS L 64 -16.88 -21.58 55.78
CA LYS L 64 -17.82 -21.95 56.83
C LYS L 64 -19.27 -21.82 56.40
N ARG L 65 -19.58 -20.89 55.49
CA ARG L 65 -20.96 -20.59 55.15
C ARG L 65 -21.64 -21.75 54.43
N MET L 66 -22.95 -21.86 54.62
CA MET L 66 -23.76 -22.82 53.89
C MET L 66 -24.00 -22.34 52.46
N ILE L 67 -23.99 -23.30 51.54
CA ILE L 67 -24.22 -23.08 50.11
C ILE L 67 -25.53 -23.73 49.72
N GLN L 68 -26.38 -23.00 49.00
CA GLN L 68 -27.66 -23.50 48.51
C GLN L 68 -27.74 -23.50 46.99
N PHE L 69 -28.34 -24.55 46.43
CA PHE L 69 -28.56 -24.61 44.99
C PHE L 69 -30.00 -25.01 44.71
N ASP L 70 -30.56 -24.51 43.61
CA ASP L 70 -31.98 -24.65 43.32
C ASP L 70 -32.34 -25.96 42.65
N ALA L 71 -31.35 -26.79 42.34
CA ALA L 71 -31.56 -28.12 41.74
C ALA L 71 -32.33 -28.04 40.43
N ARG L 72 -32.06 -26.99 39.66
CA ARG L 72 -32.67 -26.82 38.35
C ARG L 72 -31.61 -26.83 37.27
N GLU P 3 46.46 1.35 36.83
CA GLU P 3 47.41 2.23 36.12
C GLU P 3 47.42 3.65 36.66
N ARG P 4 48.62 4.20 36.87
CA ARG P 4 48.73 5.60 37.26
C ARG P 4 49.66 6.33 36.29
N ALA P 5 49.56 7.66 36.28
CA ALA P 5 50.36 8.48 35.40
C ALA P 5 51.29 9.33 36.24
N CYS P 6 52.58 9.36 35.88
CA CYS P 6 53.55 10.18 36.60
C CYS P 6 53.26 11.66 36.36
N MET P 7 53.19 12.41 37.43
CA MET P 7 52.93 13.82 37.23
C MET P 7 54.12 14.52 36.60
N LEU P 8 55.29 14.06 36.75
CA LEU P 8 56.45 14.79 36.23
C LEU P 8 56.67 14.54 34.74
N CYS P 9 56.59 13.27 34.32
CA CYS P 9 56.90 12.91 32.94
C CYS P 9 55.70 12.42 32.14
N GLY P 10 54.61 12.08 32.83
CA GLY P 10 53.39 11.74 32.13
C GLY P 10 53.29 10.27 31.76
N ILE P 11 54.28 9.49 32.11
CA ILE P 11 54.26 8.07 31.72
C ILE P 11 53.18 7.32 32.49
N VAL P 12 52.56 6.37 31.77
CA VAL P 12 51.49 5.54 32.33
C VAL P 12 51.97 4.12 32.59
N LEU P 13 51.88 3.70 33.85
CA LEU P 13 52.34 2.38 34.28
C LEU P 13 51.40 1.84 35.33
N PRO P 14 51.35 0.51 35.48
CA PRO P 14 50.66 -0.05 36.65
C PRO P 14 51.24 0.56 37.92
N GLY P 15 50.37 0.94 38.86
CA GLY P 15 50.79 1.61 40.08
C GLY P 15 51.88 0.91 40.85
N ARG P 16 51.81 -0.42 40.90
CA ARG P 16 52.79 -1.19 41.65
C ARG P 16 54.20 -1.01 41.07
N VAL P 17 54.25 -0.67 39.79
CA VAL P 17 55.53 -0.45 39.11
C VAL P 17 56.19 0.77 39.73
N PHE P 18 55.40 1.78 40.03
CA PHE P 18 55.90 3.00 40.64
C PHE P 18 56.46 2.67 42.02
N MET P 19 55.92 1.62 42.63
CA MET P 19 56.38 1.18 43.95
C MET P 19 57.60 0.26 43.82
N GLN P 20 57.56 -0.65 42.85
CA GLN P 20 58.64 -1.61 42.62
C GLN P 20 59.92 -1.01 42.06
N ASN P 21 59.79 -0.27 40.96
CA ASN P 21 60.94 0.22 40.21
C ASN P 21 61.08 1.74 40.18
N GLY P 22 60.07 2.46 40.64
CA GLY P 22 60.06 3.92 40.57
C GLY P 22 59.62 4.35 39.19
N CYS P 23 59.62 5.66 38.92
CA CYS P 23 59.33 6.09 37.55
C CYS P 23 60.55 5.88 36.67
N PRO P 24 60.55 5.12 35.45
CA PRO P 24 61.76 4.90 34.61
C PRO P 24 62.36 6.17 34.04
N ASN P 25 61.59 7.25 34.00
CA ASN P 25 62.11 8.54 33.55
C ASN P 25 62.62 9.43 34.66
N CYS P 26 61.99 9.34 35.83
CA CYS P 26 62.10 10.38 36.86
C CYS P 26 62.74 9.95 38.17
N ASP P 27 63.02 8.66 38.35
CA ASP P 27 63.21 8.20 39.72
C ASP P 27 64.54 8.67 40.30
N SER P 28 65.43 9.17 39.45
CA SER P 28 66.69 9.76 39.93
C SER P 28 66.43 10.96 40.83
N VAL P 29 65.30 11.63 40.65
CA VAL P 29 64.97 12.79 41.46
C VAL P 29 63.73 12.52 42.33
N LEU P 30 62.83 11.67 41.86
CA LEU P 30 61.57 11.45 42.56
C LEU P 30 61.68 10.37 43.63
N ASN P 31 62.59 9.41 43.42
CA ASN P 31 62.85 8.35 44.39
C ASN P 31 61.59 7.59 44.79
N LEU P 32 60.71 7.28 43.84
CA LEU P 32 59.48 6.60 44.27
C LEU P 32 59.74 5.16 44.64
N ARG P 33 60.84 4.61 44.13
CA ARG P 33 61.14 3.21 44.36
C ARG P 33 61.26 3.02 45.86
N ASP P 34 61.93 3.97 46.52
CA ASP P 34 62.19 3.87 47.94
C ASP P 34 61.20 4.68 48.80
N SER P 35 59.95 4.74 48.37
CA SER P 35 58.97 5.57 49.07
C SER P 35 57.91 4.70 49.74
N ASP P 36 56.93 5.36 50.34
CA ASP P 36 55.72 4.68 50.81
C ASP P 36 54.60 4.93 49.80
N GLN P 37 53.45 4.28 49.98
CA GLN P 37 52.35 4.46 49.04
C GLN P 37 51.83 5.89 49.05
N ALA P 38 51.89 6.56 50.20
CA ALA P 38 51.43 7.95 50.27
C ALA P 38 52.28 8.82 49.33
N THR P 39 53.58 8.60 49.31
CA THR P 39 54.46 9.36 48.40
C THR P 39 54.18 9.07 46.92
N VAL P 40 54.06 7.80 46.57
CA VAL P 40 53.77 7.41 45.20
C VAL P 40 52.47 8.05 44.72
N ASN P 41 51.49 8.09 45.59
CA ASN P 41 50.16 8.62 45.24
C ASN P 41 50.15 10.14 45.20
N GLU P 42 51.20 10.77 45.71
CA GLU P 42 51.29 12.22 45.63
C GLU P 42 52.02 12.64 44.38
N CYS P 43 52.78 11.71 43.79
CA CYS P 43 53.54 12.02 42.56
C CYS P 43 52.99 11.37 41.31
N THR P 44 52.03 10.48 41.47
CA THR P 44 51.41 9.81 40.33
C THR P 44 49.89 9.89 40.52
N SER P 45 49.16 9.91 39.41
CA SER P 45 47.72 10.09 39.49
C SER P 45 46.95 8.92 38.87
N SER P 46 45.87 8.51 39.54
CA SER P 46 44.99 7.49 39.01
C SER P 46 44.07 8.08 37.93
N SER P 47 44.08 9.41 37.83
CA SER P 47 43.21 10.14 36.91
C SER P 47 43.95 10.84 35.79
N PHE P 48 43.76 10.36 34.57
CA PHE P 48 44.45 10.91 33.43
C PHE P 48 43.66 10.63 32.17
N GLU P 49 43.95 11.41 31.13
CA GLU P 49 43.21 11.31 29.88
C GLU P 49 44.11 11.51 28.67
N GLY P 50 43.79 10.80 27.59
CA GLY P 50 44.50 10.94 26.33
C GLY P 50 45.69 10.02 26.33
N LEU P 51 45.42 8.76 26.04
CA LEU P 51 46.47 7.74 26.03
C LEU P 51 47.31 7.84 24.75
N VAL P 52 48.62 7.92 24.92
CA VAL P 52 49.55 8.12 23.80
C VAL P 52 50.59 7.01 23.79
N ALA P 53 50.63 6.26 22.70
CA ALA P 53 51.71 5.31 22.50
C ALA P 53 52.86 6.10 21.89
N VAL P 54 53.97 6.23 22.60
CA VAL P 54 55.14 6.87 22.01
C VAL P 54 56.16 5.79 21.69
N GLY P 55 56.40 5.57 20.41
CA GLY P 55 57.29 4.51 19.99
C GLY P 55 58.69 5.03 19.70
N ASP P 56 58.75 6.29 19.29
CA ASP P 56 59.99 6.91 18.83
C ASP P 56 60.12 8.31 19.39
N ASN P 57 60.47 8.42 20.67
CA ASN P 57 60.44 9.71 21.37
C ASN P 57 61.23 10.81 20.70
N GLU P 58 62.28 10.42 20.16
CA GLU P 58 63.19 11.49 19.81
C GLU P 58 62.87 12.08 18.44
N HIS P 59 62.07 11.39 17.63
CA HIS P 59 61.68 11.92 16.31
C HIS P 59 60.18 12.15 16.11
N SER P 60 59.40 11.84 17.12
CA SER P 60 57.97 12.10 17.12
C SER P 60 57.66 13.57 17.38
N TRP P 61 56.85 14.18 16.52
CA TRP P 61 56.40 15.53 16.81
C TRP P 61 55.43 15.49 17.99
N VAL P 62 54.59 14.47 18.03
CA VAL P 62 53.64 14.33 19.13
C VAL P 62 54.42 14.33 20.44
N ALA P 63 55.49 13.56 20.51
CA ALA P 63 56.32 13.51 21.70
C ALA P 63 56.94 14.87 22.03
N LYS P 64 57.39 15.61 21.01
CA LYS P 64 57.99 16.90 21.29
C LYS P 64 56.96 17.88 21.87
N TRP P 65 55.75 17.85 21.31
CA TRP P 65 54.69 18.74 21.81
C TRP P 65 54.36 18.45 23.27
N LEU P 66 54.34 17.16 23.62
CA LEU P 66 53.99 16.75 24.97
C LEU P 66 55.20 16.82 25.92
N ARG P 67 56.36 17.21 25.36
CA ARG P 67 57.61 17.32 26.10
C ARG P 67 57.98 15.97 26.73
N VAL P 68 57.85 14.92 25.93
CA VAL P 68 58.33 13.60 26.33
C VAL P 68 59.35 13.07 25.32
N ASP P 69 59.93 13.97 24.53
CA ASP P 69 60.86 13.57 23.50
C ASP P 69 62.21 13.08 24.04
N ARG P 70 62.53 13.37 25.28
CA ARG P 70 63.78 12.90 25.86
C ARG P 70 63.57 11.67 26.74
N PHE P 71 62.34 11.17 26.76
CA PHE P 71 62.01 10.06 27.64
C PHE P 71 62.01 8.72 26.88
N GLN P 72 61.60 7.66 27.57
CA GLN P 72 61.65 6.33 27.01
C GLN P 72 60.35 5.97 26.29
N PRO P 73 60.44 5.10 25.27
CA PRO P 73 59.21 4.65 24.60
C PRO P 73 58.25 4.00 25.58
N GLY P 74 56.95 4.22 25.37
CA GLY P 74 55.98 3.78 26.33
C GLY P 74 54.64 4.45 26.16
N LEU P 75 53.77 4.23 27.14
CA LEU P 75 52.45 4.86 27.17
C LEU P 75 52.51 6.12 27.99
N TYR P 76 51.98 7.21 27.46
CA TYR P 76 51.97 8.49 28.14
C TYR P 76 50.56 9.05 28.13
N ALA P 77 50.34 10.05 28.96
CA ALA P 77 49.03 10.68 29.06
C ALA P 77 49.11 12.11 28.60
N VAL P 78 48.13 12.56 27.82
CA VAL P 78 48.09 13.95 27.41
C VAL P 78 47.81 14.87 28.61
N ARG P 79 46.85 14.48 29.42
CA ARG P 79 46.48 15.24 30.61
C ARG P 79 46.56 14.38 31.85
N VAL P 80 47.29 14.88 32.84
CA VAL P 80 47.39 14.21 34.14
C VAL P 80 46.79 15.13 35.20
N ASP P 81 45.79 14.65 35.92
CA ASP P 81 45.12 15.49 36.91
C ASP P 81 45.83 15.53 38.26
N GLY P 82 45.82 16.69 38.88
CA GLY P 82 46.48 16.87 40.15
C GLY P 82 47.76 17.62 39.90
N ARG P 83 48.41 18.08 40.96
CA ARG P 83 49.72 18.65 40.80
C ARG P 83 50.62 18.10 41.89
N LEU P 84 51.92 18.06 41.60
CA LEU P 84 52.91 17.67 42.59
C LEU P 84 52.75 18.53 43.84
N PRO P 85 52.90 17.91 45.02
CA PRO P 85 52.83 18.65 46.29
C PRO P 85 53.91 19.73 46.36
N SER P 86 53.62 20.85 46.99
CA SER P 86 54.56 21.97 46.97
C SER P 86 55.91 21.58 47.58
N ASP P 87 55.92 20.66 48.54
CA ASP P 87 57.16 20.25 49.17
C ASP P 87 58.05 19.46 48.20
N ILE P 88 57.42 18.64 47.37
CA ILE P 88 58.16 17.90 46.36
C ILE P 88 58.62 18.81 45.22
N VAL P 89 57.77 19.73 44.79
CA VAL P 89 58.19 20.71 43.81
C VAL P 89 59.41 21.46 44.34
N ALA P 90 59.40 21.84 45.61
CA ALA P 90 60.53 22.56 46.18
C ALA P 90 61.79 21.70 46.16
N ALA P 91 61.64 20.40 46.45
CA ALA P 91 62.80 19.54 46.48
C ALA P 91 63.35 19.30 45.08
N LEU P 92 62.46 19.21 44.09
CA LEU P 92 62.92 19.03 42.72
C LEU P 92 63.69 20.26 42.25
N GLU P 93 63.23 21.43 42.70
CA GLU P 93 63.87 22.66 42.28
C GLU P 93 65.27 22.76 42.88
N GLN P 94 65.43 22.23 44.09
CA GLN P 94 66.77 22.13 44.68
C GLN P 94 67.71 21.29 43.81
N TYR P 95 67.14 20.42 42.98
CA TYR P 95 67.91 19.53 42.11
C TYR P 95 68.09 20.05 40.71
N GLY P 96 67.68 21.29 40.48
CA GLY P 96 67.79 21.87 39.16
C GLY P 96 66.73 21.38 38.19
N VAL P 97 65.66 20.79 38.71
CA VAL P 97 64.57 20.30 37.87
C VAL P 97 63.39 21.27 37.88
N TYR P 98 62.94 21.70 36.71
CA TYR P 98 61.78 22.61 36.68
C TYR P 98 60.48 21.88 36.33
N TYR P 99 59.55 21.91 37.27
CA TYR P 99 58.27 21.26 37.11
C TYR P 99 57.33 22.08 36.24
N ARG P 100 56.88 21.50 35.14
CA ARG P 100 55.86 22.14 34.34
C ARG P 100 54.64 21.22 34.46
N PRO P 101 53.61 21.69 35.17
CA PRO P 101 52.44 20.85 35.43
C PRO P 101 51.80 20.30 34.15
N ARG P 102 51.29 19.08 34.24
CA ARG P 102 50.71 18.41 33.07
C ARG P 102 49.19 18.31 33.15
N ASP P 103 48.57 19.19 33.95
CA ASP P 103 47.14 19.11 34.21
C ASP P 103 46.32 20.04 33.35
N GLY P 104 46.99 20.84 32.53
CA GLY P 104 46.31 21.81 31.68
C GLY P 104 46.12 23.16 32.35
N PRO Q 216 59.49 27.91 27.12
CA PRO Q 216 58.11 28.33 26.82
C PRO Q 216 57.40 27.34 25.92
N GLN Q 217 56.12 27.08 26.20
CA GLN Q 217 55.33 26.15 25.39
C GLN Q 217 55.27 26.59 23.91
N ARG Q 218 55.32 27.90 23.65
CA ARG Q 218 55.21 28.40 22.28
C ARG Q 218 56.37 27.96 21.38
N LEU Q 219 57.47 27.47 21.95
CA LEU Q 219 58.59 27.03 21.12
C LEU Q 219 58.44 25.57 20.73
N LEU Q 220 57.40 24.92 21.25
CA LEU Q 220 57.19 23.50 20.96
C LEU Q 220 56.11 23.25 19.90
N ILE Q 221 55.65 24.31 19.24
CA ILE Q 221 54.61 24.15 18.23
C ILE Q 221 55.10 23.24 17.09
N PRO Q 222 54.16 22.50 16.47
CA PRO Q 222 54.52 21.59 15.38
C PRO Q 222 54.84 22.32 14.09
N THR Q 223 55.64 21.65 13.26
CA THR Q 223 56.03 22.17 11.97
C THR Q 223 55.85 21.10 10.92
N VAL Q 224 56.11 21.48 9.68
CA VAL Q 224 55.99 20.59 8.53
C VAL Q 224 57.00 19.42 8.63
N ASP Q 225 58.03 19.58 9.45
CA ASP Q 225 59.04 18.53 9.64
C ASP Q 225 58.60 17.44 10.61
N ASP Q 226 57.55 17.72 11.36
CA ASP Q 226 57.03 16.76 12.34
C ASP Q 226 56.18 15.70 11.68
N PRO Q 227 56.04 14.52 12.33
CA PRO Q 227 55.20 13.49 11.72
C PRO Q 227 53.77 13.94 11.55
N GLY Q 228 53.04 13.24 10.67
CA GLY Q 228 51.63 13.48 10.49
C GLY Q 228 50.82 12.85 11.60
N ILE Q 229 49.59 13.31 11.76
CA ILE Q 229 48.65 12.69 12.69
C ILE Q 229 47.37 12.36 11.93
N TRP Q 230 46.96 11.11 12.03
CA TRP Q 230 45.71 10.63 11.46
C TRP Q 230 44.73 10.34 12.58
N GLY Q 231 43.45 10.61 12.36
CA GLY Q 231 42.41 10.13 13.25
C GLY Q 231 41.82 8.84 12.68
N VAL Q 232 41.36 7.97 13.56
CA VAL Q 232 40.74 6.72 13.16
C VAL Q 232 39.49 6.48 14.01
N LYS Q 233 38.41 6.03 13.37
CA LYS Q 233 37.17 5.69 14.04
C LYS Q 233 37.29 4.34 14.72
N VAL Q 234 36.92 4.26 16.01
CA VAL Q 234 36.93 2.98 16.71
C VAL Q 234 35.62 2.77 17.47
N ARG Q 235 35.36 1.54 17.88
CA ARG Q 235 34.17 1.21 18.66
C ARG Q 235 34.09 2.06 19.93
N LEU Q 236 32.91 2.64 20.17
CA LEU Q 236 32.71 3.51 21.32
C LEU Q 236 33.08 2.79 22.61
N GLY Q 237 33.87 3.44 23.45
CA GLY Q 237 34.29 2.85 24.71
C GLY Q 237 35.55 1.99 24.60
N LYS Q 238 36.06 1.85 23.38
CA LYS Q 238 37.22 1.00 23.18
C LYS Q 238 38.45 1.80 22.79
N GLU Q 239 38.37 3.12 22.92
CA GLU Q 239 39.47 3.99 22.53
C GLU Q 239 40.73 3.77 23.36
N LYS Q 240 40.59 3.66 24.68
CA LYS Q 240 41.75 3.37 25.52
C LYS Q 240 42.34 2.02 25.19
N ASP Q 241 41.49 1.02 24.95
CA ASP Q 241 41.99 -0.31 24.60
C ASP Q 241 42.83 -0.30 23.33
N VAL Q 242 42.37 0.45 22.31
CA VAL Q 242 43.11 0.56 21.05
C VAL Q 242 44.46 1.24 21.27
N VAL Q 243 44.49 2.29 22.09
CA VAL Q 243 45.76 2.96 22.38
C VAL Q 243 46.74 2.00 23.05
N ARG Q 244 46.25 1.22 24.01
CA ARG Q 244 47.02 0.16 24.66
C ARG Q 244 47.60 -0.85 23.69
N GLN Q 245 46.70 -1.33 22.80
CA GLN Q 245 47.07 -2.38 21.84
C GLN Q 245 48.15 -1.87 20.89
N ILE Q 246 48.02 -0.61 20.48
CA ILE Q 246 49.04 0.00 19.62
C ILE Q 246 50.39 0.06 20.34
N LEU Q 247 50.40 0.41 21.61
CA LEU Q 247 51.66 0.45 22.36
C LEU Q 247 52.30 -0.94 22.41
N LYS Q 248 51.51 -1.97 22.72
CA LYS Q 248 52.07 -3.32 22.77
C LYS Q 248 52.72 -3.74 21.47
N LYS Q 249 52.04 -3.42 20.37
CA LYS Q 249 52.56 -3.77 19.04
C LYS Q 249 53.84 -3.02 18.75
N LYS Q 250 53.88 -1.72 19.05
CA LYS Q 250 55.08 -0.90 18.87
C LYS Q 250 56.30 -1.46 19.62
N LEU Q 251 56.10 -1.74 20.91
CA LEU Q 251 57.20 -2.16 21.77
C LEU Q 251 57.70 -3.56 21.39
N ALA Q 252 56.79 -4.39 20.90
CA ALA Q 252 57.10 -5.78 20.57
C ALA Q 252 57.92 -5.90 19.31
N ARG Q 253 57.78 -4.90 18.45
CA ARG Q 253 58.40 -4.89 17.14
C ARG Q 253 59.64 -3.98 17.07
N GLU Q 254 59.92 -3.26 18.16
CA GLU Q 254 61.12 -2.41 18.21
C GLU Q 254 62.40 -3.20 17.91
N GLY Q 255 63.23 -2.72 16.99
CA GLY Q 255 64.50 -3.36 16.70
C GLY Q 255 64.44 -4.57 15.78
N THR Q 256 63.23 -4.99 15.39
CA THR Q 256 63.09 -6.10 14.45
C THR Q 256 63.22 -5.57 13.04
N LYS Q 257 63.12 -6.44 12.04
CA LYS Q 257 63.25 -5.98 10.66
C LYS Q 257 61.97 -5.30 10.18
N ASN Q 258 60.88 -5.48 10.92
CA ASN Q 258 59.60 -4.86 10.58
C ASN Q 258 59.03 -4.05 11.75
N PRO Q 259 59.71 -2.97 12.14
CA PRO Q 259 59.22 -2.15 13.26
C PRO Q 259 57.89 -1.51 12.91
N LEU Q 260 57.05 -1.24 13.90
CA LEU Q 260 55.84 -0.46 13.67
C LEU Q 260 56.23 1.01 13.62
N GLU Q 261 56.08 1.61 12.45
CA GLU Q 261 56.59 2.94 12.25
C GLU Q 261 55.54 3.99 12.61
N ILE Q 262 55.05 3.89 13.86
CA ILE Q 262 54.31 4.97 14.47
C ILE Q 262 55.11 5.54 15.65
N TYR Q 263 54.86 6.81 15.97
CA TYR Q 263 55.58 7.46 17.07
C TYR Q 263 54.77 7.48 18.36
N SER Q 264 53.48 7.69 18.22
CA SER Q 264 52.61 7.78 19.37
C SER Q 264 51.18 7.54 18.93
N ALA Q 265 50.31 7.27 19.89
CA ALA Q 265 48.87 7.21 19.62
C ALA Q 265 48.13 7.68 20.84
N PHE Q 266 46.99 8.31 20.67
CA PHE Q 266 46.27 8.76 21.88
C PHE Q 266 44.78 8.87 21.63
N GLN Q 267 44.02 9.01 22.72
CA GLN Q 267 42.57 9.12 22.63
C GLN Q 267 42.05 10.14 23.65
N ARG Q 268 41.31 11.11 23.17
CA ARG Q 268 40.73 12.14 24.03
C ARG Q 268 39.30 11.82 24.42
N ASP Q 269 39.01 11.87 25.71
CA ASP Q 269 37.67 11.58 26.22
C ASP Q 269 36.62 12.44 25.51
N SER Q 270 36.92 13.73 25.36
CA SER Q 270 36.00 14.66 24.70
C SER Q 270 35.69 14.23 23.26
N PHE Q 271 36.57 13.45 22.65
CA PHE Q 271 36.41 12.98 21.28
C PHE Q 271 36.05 11.50 21.24
N LYS Q 272 34.82 11.14 21.61
CA LYS Q 272 34.37 9.76 21.59
C LYS Q 272 34.59 9.03 20.26
N GLY Q 273 34.93 7.75 20.32
CA GLY Q 273 35.00 6.93 19.13
C GLY Q 273 36.16 7.17 18.19
N HIS Q 274 37.24 7.78 18.55
CA HIS Q 274 38.40 8.16 17.76
C HIS Q 274 39.70 7.88 18.50
N VAL Q 275 40.65 7.47 17.74
CA VAL Q 275 42.03 7.39 18.21
C VAL Q 275 42.87 8.20 17.23
N TYR Q 276 43.90 8.87 17.74
CA TYR Q 276 44.81 9.61 16.88
C TYR Q 276 46.16 8.94 16.88
N ILE Q 277 46.78 8.87 15.71
CA ILE Q 277 48.01 8.10 15.58
C ILE Q 277 49.04 8.92 14.84
N GLU Q 278 50.24 8.99 15.40
CA GLU Q 278 51.31 9.81 14.85
C GLU Q 278 52.27 8.95 14.03
N ALA Q 279 52.51 9.35 12.79
CA ALA Q 279 53.42 8.61 11.90
C ALA Q 279 53.87 9.47 10.73
N ARG Q 280 54.61 8.86 9.82
CA ARG Q 280 55.11 9.58 8.64
C ARG Q 280 54.38 9.12 7.39
N LYS Q 281 54.23 7.82 7.23
CA LYS Q 281 53.54 7.25 6.08
C LYS Q 281 52.16 6.73 6.48
N ALA Q 282 51.27 6.63 5.50
CA ALA Q 282 49.91 6.16 5.74
C ALA Q 282 49.88 4.64 5.92
N GLU Q 283 50.87 3.97 5.37
CA GLU Q 283 50.96 2.52 5.46
C GLU Q 283 51.22 2.06 6.90
N ALA Q 284 51.68 2.98 7.74
CA ALA Q 284 51.96 2.67 9.13
C ALA Q 284 50.68 2.69 9.97
N ILE Q 285 49.73 3.54 9.58
CA ILE Q 285 48.46 3.59 10.30
C ILE Q 285 47.73 2.26 10.09
N ASN Q 286 47.68 1.81 8.83
CA ASN Q 286 47.05 0.52 8.54
C ASN Q 286 47.73 -0.63 9.28
N ASP Q 287 49.06 -0.55 9.35
CA ASP Q 287 49.87 -1.53 10.07
C ASP Q 287 49.53 -1.54 11.57
N ALA Q 288 49.43 -0.35 12.17
CA ALA Q 288 49.10 -0.26 13.60
C ALA Q 288 47.77 -0.91 13.93
N LEU Q 289 46.80 -0.77 13.05
CA LEU Q 289 45.44 -1.24 13.33
C LEU Q 289 45.11 -2.63 12.82
N LYS Q 290 46.03 -3.24 12.08
CA LYS Q 290 45.74 -4.52 11.44
C LYS Q 290 45.37 -5.58 12.48
N GLY Q 291 44.20 -6.19 12.28
CA GLY Q 291 43.70 -7.24 13.15
C GLY Q 291 43.04 -6.75 14.41
N ASN Q 292 42.97 -5.44 14.59
CA ASN Q 292 42.39 -4.92 15.84
C ASN Q 292 40.87 -5.00 15.76
N VAL Q 293 40.27 -5.76 16.67
CA VAL Q 293 38.84 -6.06 16.60
C VAL Q 293 37.96 -4.89 17.00
N ASN Q 294 38.58 -3.84 17.52
CA ASN Q 294 37.87 -2.65 18.00
C ASN Q 294 37.83 -1.51 16.98
N VAL Q 295 38.39 -1.77 15.80
CA VAL Q 295 38.53 -0.76 14.78
C VAL Q 295 37.60 -1.03 13.61
N PHE Q 296 36.94 0.01 13.08
CA PHE Q 296 36.05 -0.24 11.95
C PHE Q 296 36.82 -0.44 10.64
N SER Q 297 36.53 -1.59 10.04
CA SER Q 297 37.21 -2.08 8.84
C SER Q 297 37.14 -1.17 7.63
N ASN Q 298 36.08 -0.35 7.54
CA ASN Q 298 36.01 0.64 6.48
C ASN Q 298 37.29 1.51 6.48
N ASN Q 299 37.74 1.94 5.29
CA ASN Q 299 39.04 2.62 5.25
C ASN Q 299 38.84 4.06 5.71
N SER Q 300 38.29 4.17 6.91
CA SER Q 300 38.02 5.47 7.52
C SER Q 300 39.15 5.86 8.47
N LYS Q 301 40.16 6.48 7.95
CA LYS Q 301 41.07 7.31 8.69
C LYS Q 301 41.01 8.65 8.01
N PHE Q 302 41.35 9.64 8.82
CA PHE Q 302 41.34 11.00 8.29
C PHE Q 302 42.60 11.73 8.73
N LEU Q 303 43.07 12.64 7.89
CA LEU Q 303 44.27 13.44 8.16
C LEU Q 303 43.95 14.69 9.01
N VAL Q 304 44.80 14.98 9.98
CA VAL Q 304 44.69 16.18 10.79
C VAL Q 304 45.67 17.25 10.28
N GLY Q 305 45.24 18.51 10.24
CA GLY Q 305 46.16 19.56 9.83
C GLY Q 305 47.14 19.94 10.93
N ILE Q 306 48.37 20.29 10.56
CA ILE Q 306 49.36 20.73 11.53
C ILE Q 306 48.80 21.81 12.47
N VAL Q 307 47.96 22.68 11.93
CA VAL Q 307 47.44 23.80 12.69
C VAL Q 307 46.38 23.36 13.72
N GLU Q 308 45.96 22.10 13.61
CA GLU Q 308 44.98 21.49 14.52
C GLU Q 308 45.62 20.61 15.60
N TYR Q 309 46.91 20.35 15.49
CA TYR Q 309 47.57 19.40 16.40
C TYR Q 309 47.47 19.78 17.87
N LYS Q 310 47.78 21.07 18.20
CA LYS Q 310 47.93 21.27 19.64
C LYS Q 310 46.57 21.26 20.37
N ASP Q 311 45.57 21.62 19.66
CA ASP Q 311 44.26 21.65 20.26
C ASP Q 311 43.81 20.23 20.65
N LEU Q 312 44.37 19.23 19.98
CA LEU Q 312 44.06 17.83 20.25
C LEU Q 312 44.55 17.43 21.63
N LEU Q 313 45.55 18.17 22.14
CA LEU Q 313 46.26 17.85 23.37
C LEU Q 313 46.03 18.90 24.47
N ARG Q 314 45.00 19.74 24.29
CA ARG Q 314 44.64 20.65 25.38
C ARG Q 314 44.19 19.88 26.60
N PRO Q 315 44.80 20.16 27.76
CA PRO Q 315 44.42 19.35 28.91
C PRO Q 315 43.05 19.72 29.43
N VAL Q 316 42.69 21.00 29.47
CA VAL Q 316 41.37 21.42 29.96
C VAL Q 316 40.59 22.15 28.88
N LYS Q 322 38.93 23.11 39.09
CA LYS Q 322 38.34 24.06 40.02
C LYS Q 322 37.98 23.39 41.34
N LEU Q 323 37.42 24.17 42.26
CA LEU Q 323 37.03 23.66 43.56
C LEU Q 323 37.70 24.50 44.63
N THR Q 324 36.92 25.27 45.35
CA THR Q 324 37.48 26.13 46.38
C THR Q 324 36.64 26.03 47.63
N ARG Q 325 37.32 26.07 48.76
CA ARG Q 325 36.65 26.03 50.02
C ARG Q 325 35.69 27.23 50.18
N GLY Q 326 34.47 26.96 50.59
CA GLY Q 326 33.43 27.96 50.72
C GLY Q 326 32.47 28.02 49.55
N SER Q 327 32.83 27.37 48.43
CA SER Q 327 31.99 27.33 47.25
C SER Q 327 31.01 26.17 47.30
N TYR Q 328 30.03 26.20 46.42
CA TYR Q 328 29.05 25.13 46.32
C TYR Q 328 29.37 24.14 45.23
N VAL Q 329 29.03 22.89 45.49
CA VAL Q 329 29.13 21.82 44.52
C VAL Q 329 27.83 21.00 44.62
N ARG Q 330 27.60 20.12 43.65
CA ARG Q 330 26.49 19.17 43.72
C ARG Q 330 27.04 17.75 43.88
N VAL Q 331 26.48 17.01 44.84
CA VAL Q 331 26.93 15.64 45.12
C VAL Q 331 26.40 14.70 44.02
N LYS Q 332 27.25 13.75 43.62
CA LYS Q 332 26.96 12.85 42.50
C LYS Q 332 26.63 11.41 42.91
N ASN Q 333 26.73 11.06 44.19
CA ASN Q 333 26.57 9.67 44.64
C ASN Q 333 25.84 9.61 45.99
N GLY Q 334 25.16 8.49 46.23
CA GLY Q 334 24.63 8.22 47.56
C GLY Q 334 23.27 8.87 47.84
N LYS Q 335 22.83 8.83 49.08
CA LYS Q 335 21.54 9.43 49.41
C LYS Q 335 21.53 10.93 49.19
N PHE Q 336 22.71 11.54 49.14
CA PHE Q 336 22.78 12.98 48.94
C PHE Q 336 22.98 13.34 47.47
N LYS Q 337 22.86 12.35 46.59
CA LYS Q 337 22.99 12.60 45.16
C LYS Q 337 22.05 13.70 44.69
N GLY Q 338 22.60 14.67 43.97
CA GLY Q 338 21.83 15.79 43.50
C GLY Q 338 21.75 16.96 44.46
N ASP Q 339 22.16 16.77 45.71
CA ASP Q 339 22.04 17.84 46.70
C ASP Q 339 23.19 18.83 46.58
N LEU Q 340 22.88 20.09 46.86
CA LEU Q 340 23.87 21.15 46.91
C LEU Q 340 24.63 21.06 48.21
N ALA Q 341 25.94 21.26 48.16
CA ALA Q 341 26.74 21.19 49.39
C ALA Q 341 27.82 22.24 49.35
N GLN Q 342 28.18 22.75 50.51
CA GLN Q 342 29.39 23.67 50.57
C GLN Q 342 30.67 22.90 50.78
N VAL Q 343 31.68 23.27 49.99
CA VAL Q 343 33.01 22.69 50.20
C VAL Q 343 33.64 23.24 51.48
N ASP Q 344 33.81 22.39 52.48
CA ASP Q 344 34.43 22.83 53.73
C ASP Q 344 35.96 22.75 53.71
N GLU Q 345 36.48 21.64 53.19
CA GLU Q 345 37.92 21.45 53.12
C GLU Q 345 38.28 20.21 52.31
N VAL Q 346 39.55 20.10 51.94
CA VAL Q 346 40.02 18.96 51.16
C VAL Q 346 41.14 18.23 51.89
N LEU Q 347 41.31 16.95 51.57
CA LEU Q 347 42.34 16.13 52.19
C LEU Q 347 43.74 16.60 51.78
N GLU Q 348 44.71 16.36 52.65
CA GLU Q 348 46.10 16.76 52.39
C GLU Q 348 46.58 16.20 51.06
N ASN Q 349 46.36 14.91 50.84
CA ASN Q 349 46.77 14.25 49.61
C ASN Q 349 46.12 14.88 48.38
N GLY Q 350 44.85 15.21 48.50
CA GLY Q 350 44.12 15.81 47.40
C GLY Q 350 43.29 14.80 46.62
N LEU Q 351 42.17 14.38 47.22
CA LEU Q 351 41.30 13.40 46.58
C LEU Q 351 39.86 13.58 47.04
N GLU Q 352 39.64 13.53 48.35
CA GLU Q 352 38.31 13.69 48.91
C GLU Q 352 38.14 15.05 49.57
N ALA Q 353 36.94 15.61 49.48
CA ALA Q 353 36.64 16.92 50.06
C ALA Q 353 35.56 16.82 51.12
N ARG Q 354 35.75 17.52 52.23
CA ARG Q 354 34.79 17.50 53.31
C ARG Q 354 33.69 18.47 52.89
N LEU Q 355 32.45 17.99 52.89
CA LEU Q 355 31.28 18.76 52.48
C LEU Q 355 30.33 19.02 53.62
N LYS Q 356 29.72 20.20 53.60
CA LYS Q 356 28.71 20.62 54.55
C LYS Q 356 27.36 20.45 53.86
N LEU Q 357 26.51 19.63 54.44
CA LEU Q 357 25.31 19.10 53.76
C LEU Q 357 24.10 19.18 54.69
N VAL Q 358 22.94 19.52 54.14
CA VAL Q 358 21.70 19.41 54.89
C VAL Q 358 21.33 17.93 55.03
N PRO Q 359 21.26 17.41 56.26
CA PRO Q 359 21.08 15.96 56.43
C PRO Q 359 19.72 15.41 56.02
N ARG Q 360 19.69 14.11 55.79
CA ARG Q 360 18.47 13.38 55.49
C ARG Q 360 18.40 12.19 56.46
N LEU Q 361 17.81 12.43 57.64
CA LEU Q 361 17.86 11.50 58.77
C LEU Q 361 16.51 11.05 59.25
N ASP Q 362 16.48 9.92 59.96
CA ASP Q 362 15.28 9.40 60.61
C ASP Q 362 15.38 9.22 62.14
N TYR Q 363 16.54 9.54 62.71
CA TYR Q 363 16.76 9.37 64.14
C TYR Q 363 16.54 7.95 64.62
N GLY Q 364 16.88 6.98 63.77
CA GLY Q 364 16.84 5.57 64.11
C GLY Q 364 15.43 5.01 64.23
N LYS Q 365 14.45 5.74 63.71
CA LYS Q 365 13.04 5.45 63.94
C LYS Q 365 12.59 4.04 63.61
N ASP Q 366 13.10 3.46 62.53
CA ASP Q 366 12.66 2.12 62.14
C ASP Q 366 13.81 1.10 62.11
N LEU Q 367 14.84 1.34 62.90
CA LEU Q 367 15.99 0.43 62.94
C LEU Q 367 15.68 -0.84 63.74
N SER Q 368 16.36 -1.92 63.39
CA SER Q 368 16.19 -3.20 64.08
C SER Q 368 17.49 -3.66 64.74
N TYR Q 386 20.79 2.52 53.39
CA TYR Q 386 19.85 3.45 52.79
C TYR Q 386 20.15 3.67 51.31
N THR Q 387 19.12 4.05 50.55
CA THR Q 387 19.28 4.29 49.12
C THR Q 387 18.86 5.70 48.75
N SER Q 388 19.08 6.08 47.49
CA SER Q 388 18.72 7.41 47.02
C SER Q 388 17.27 7.46 46.57
N LYS Q 389 16.66 6.29 46.42
CA LYS Q 389 15.27 6.20 46.00
C LYS Q 389 14.34 5.99 47.20
N PHE Q 390 14.92 5.60 48.33
CA PHE Q 390 14.15 5.37 49.54
C PHE Q 390 14.74 6.16 50.71
N ARG Q 391 15.33 7.31 50.41
CA ARG Q 391 15.92 8.16 51.43
C ARG Q 391 14.85 8.95 52.16
N PRO Q 392 15.27 9.92 53.00
CA PRO Q 392 14.48 10.82 53.83
C PRO Q 392 14.50 12.24 53.26
N ALA Q 393 13.51 13.06 53.65
CA ALA Q 393 13.57 14.48 53.33
C ALA Q 393 14.75 15.17 54.00
N GLN Q 394 15.21 16.28 53.41
CA GLN Q 394 16.31 17.04 54.00
C GLN Q 394 15.81 17.92 55.15
N ARG Q 395 16.56 17.92 56.25
CA ARG Q 395 16.21 18.79 57.37
C ARG Q 395 17.45 18.88 58.24
N LEU Q 396 17.72 20.07 58.78
CA LEU Q 396 18.90 20.24 59.63
C LEU Q 396 18.84 19.27 60.81
N PHE Q 397 20.01 18.79 61.20
CA PHE Q 397 20.11 17.88 62.34
C PHE Q 397 19.62 18.62 63.59
N SER Q 398 18.84 17.92 64.40
CA SER Q 398 18.33 18.48 65.65
C SER Q 398 18.85 17.58 66.75
N GLU Q 399 19.81 18.08 67.53
CA GLU Q 399 20.40 17.25 68.59
C GLU Q 399 19.44 16.92 69.72
N ALA Q 400 18.48 17.79 70.03
CA ALA Q 400 17.51 17.44 71.07
C ALA Q 400 16.55 16.36 70.63
N GLU Q 401 16.24 16.32 69.34
CA GLU Q 401 15.43 15.26 68.79
C GLU Q 401 16.19 13.93 68.87
N ALA Q 402 17.48 13.96 68.54
CA ALA Q 402 18.33 12.78 68.69
C ALA Q 402 18.43 12.33 70.15
N ARG Q 403 18.56 13.30 71.06
CA ARG Q 403 18.62 13.01 72.48
C ARG Q 403 17.34 12.30 72.93
N VAL Q 404 16.20 12.82 72.50
CA VAL Q 404 14.92 12.27 72.88
C VAL Q 404 14.72 10.86 72.33
N HIS Q 405 15.05 10.67 71.05
CA HIS Q 405 14.63 9.47 70.34
C HIS Q 405 15.68 8.36 70.21
N GLU Q 406 16.96 8.72 70.28
CA GLU Q 406 18.02 7.75 70.03
C GLU Q 406 19.31 8.14 70.73
N ILE Q 409 24.13 9.05 70.22
CA ILE Q 409 24.45 10.48 70.21
C ILE Q 409 25.63 10.80 71.13
N ARG Q 410 26.64 11.44 70.58
CA ARG Q 410 27.87 11.81 71.31
C ARG Q 410 28.18 13.28 71.10
N ARG Q 411 28.27 14.05 72.18
CA ARG Q 411 28.70 15.43 72.05
C ARG Q 411 30.22 15.48 71.91
N ASP Q 412 30.68 16.28 70.94
CA ASP Q 412 32.10 16.38 70.62
C ASP Q 412 32.70 17.75 70.85
N ARG Q 413 31.87 18.78 70.83
CA ARG Q 413 32.34 20.16 70.95
C ARG Q 413 31.12 21.03 71.04
N ASP Q 414 31.32 22.34 71.08
CA ASP Q 414 30.22 23.26 70.94
C ASP Q 414 29.60 23.05 69.56
N GLY Q 415 28.33 22.73 69.61
CA GLY Q 415 27.45 22.53 68.46
C GLY Q 415 27.81 21.34 67.58
N PHE Q 416 28.67 20.47 68.08
CA PHE Q 416 29.17 19.35 67.29
C PHE Q 416 28.80 18.04 67.97
N VAL Q 417 28.04 17.22 67.25
CA VAL Q 417 27.63 15.91 67.72
C VAL Q 417 28.00 14.85 66.69
N THR Q 418 28.37 13.68 67.19
CA THR Q 418 28.49 12.52 66.33
C THR Q 418 27.25 11.67 66.57
N TYR Q 419 26.47 11.47 65.53
CA TYR Q 419 25.22 10.74 65.64
C TYR Q 419 25.24 9.63 64.60
N GLY Q 420 25.09 8.39 65.04
CA GLY Q 420 25.26 7.22 64.18
C GLY Q 420 26.53 7.32 63.34
N GLY Q 421 27.63 7.70 64.00
CA GLY Q 421 28.96 7.68 63.38
C GLY Q 421 29.14 8.67 62.24
N GLU Q 422 28.28 9.70 62.20
CA GLU Q 422 28.47 10.83 61.30
C GLU Q 422 28.51 12.10 62.14
N GLU Q 423 29.21 13.09 61.64
CA GLU Q 423 29.39 14.36 62.35
C GLU Q 423 28.45 15.48 61.88
N TYR Q 424 27.80 16.12 62.85
CA TYR Q 424 26.84 17.21 62.59
C TYR Q 424 27.27 18.39 63.41
N TYR Q 425 27.53 19.52 62.73
CA TYR Q 425 27.96 20.74 63.38
C TYR Q 425 26.97 21.85 63.04
N GLU Q 426 26.33 22.40 64.07
CA GLU Q 426 25.31 23.42 63.91
C GLU Q 426 24.22 23.01 62.92
N GLY Q 427 23.89 21.71 62.95
CA GLY Q 427 22.79 21.16 62.16
C GLY Q 427 23.17 20.58 60.82
N PHE Q 428 24.40 20.81 60.37
CA PHE Q 428 24.83 20.30 59.07
C PHE Q 428 25.72 19.06 59.21
N LEU Q 429 25.53 18.11 58.30
CA LEU Q 429 26.44 16.98 58.14
C LEU Q 429 27.76 17.49 57.54
N TYR Q 430 28.87 17.03 58.10
CA TYR Q 430 30.18 17.22 57.50
C TYR Q 430 30.68 15.85 57.15
N LYS Q 431 30.81 15.57 55.85
CA LYS Q 431 31.15 14.23 55.38
C LYS Q 431 32.10 14.32 54.19
N THR Q 432 33.08 13.42 54.16
CA THR Q 432 34.06 13.41 53.10
C THR Q 432 33.55 12.67 51.87
N PHE Q 433 33.74 13.29 50.70
CA PHE Q 433 33.41 12.70 49.41
C PHE Q 433 34.63 12.77 48.51
N ARG Q 434 34.78 11.77 47.66
CA ARG Q 434 35.77 11.88 46.61
C ARG Q 434 35.46 13.09 45.74
N LEU Q 435 36.51 13.81 45.35
CA LEU Q 435 36.35 14.93 44.45
C LEU Q 435 35.69 14.47 43.15
N GLN Q 436 35.99 13.24 42.71
CA GLN Q 436 35.37 12.74 41.49
C GLN Q 436 33.86 12.48 41.65
N ASN Q 437 33.41 12.51 42.92
CA ASN Q 437 32.01 12.30 43.30
C ASN Q 437 31.20 13.60 43.48
N LEU Q 438 31.81 14.73 43.11
CA LEU Q 438 31.09 15.98 43.16
C LEU Q 438 31.20 16.69 41.82
N ILE Q 439 30.18 17.50 41.53
CA ILE Q 439 30.16 18.30 40.32
C ILE Q 439 30.47 19.74 40.71
N VAL Q 440 31.46 20.33 40.06
CA VAL Q 440 31.89 21.70 40.36
C VAL Q 440 31.52 22.73 39.30
N ASN Q 441 31.10 22.25 38.13
CA ASN Q 441 30.87 23.08 36.96
C ASN Q 441 29.42 23.15 36.53
N SER Q 442 29.03 24.33 36.03
CA SER Q 442 27.68 24.55 35.49
C SER Q 442 26.50 24.22 36.39
N ILE Q 443 26.71 24.32 37.69
CA ILE Q 443 25.65 24.08 38.67
C ILE Q 443 24.60 25.04 38.54
N ASN Q 444 23.35 24.62 38.54
CA ASN Q 444 22.20 25.53 38.50
C ASN Q 444 21.43 25.44 39.81
N PRO Q 445 21.50 26.46 40.66
CA PRO Q 445 20.72 26.39 41.90
C PRO Q 445 19.23 26.29 41.54
N THR Q 446 18.50 25.52 42.33
CA THR Q 446 17.07 25.33 42.12
C THR Q 446 16.29 26.41 42.84
N LEU Q 447 14.98 26.44 42.57
CA LEU Q 447 14.08 27.31 43.30
C LEU Q 447 14.20 27.07 44.81
N ASN Q 448 14.17 25.80 45.18
CA ASN Q 448 14.22 25.41 46.58
C ASN Q 448 15.54 25.87 47.23
N GLU Q 449 16.64 25.79 46.49
CA GLU Q 449 17.96 26.18 47.01
C GLU Q 449 18.11 27.69 47.17
N LEU Q 450 17.48 28.44 46.27
CA LEU Q 450 17.45 29.88 46.42
C LEU Q 450 16.64 30.25 47.68
N SER Q 451 15.54 29.55 47.91
CA SER Q 451 14.77 29.79 49.14
C SER Q 451 15.60 29.49 50.38
N LEU Q 452 16.41 28.42 50.36
CA LEU Q 452 17.14 28.01 51.56
C LEU Q 452 18.44 28.77 51.78
N PHE Q 453 19.35 28.72 50.80
CA PHE Q 453 20.66 29.36 50.95
C PHE Q 453 20.65 30.81 50.46
N ASP Q 752 -26.23 2.21 56.91
CA ASP Q 752 -27.23 1.22 57.26
C ASP Q 752 -26.44 0.00 57.77
N PRO Q 753 -26.93 -0.70 58.79
CA PRO Q 753 -26.15 -1.78 59.40
C PRO Q 753 -26.34 -3.17 58.84
N THR Q 754 -27.10 -3.35 57.75
CA THR Q 754 -27.36 -4.68 57.24
C THR Q 754 -26.82 -4.97 55.85
N LEU Q 755 -26.07 -4.04 55.25
CA LEU Q 755 -25.42 -4.32 53.97
C LEU Q 755 -24.42 -5.46 54.15
N ASN Q 756 -24.28 -6.26 53.08
CA ASN Q 756 -23.28 -7.32 52.93
C ASN Q 756 -23.42 -8.49 53.91
N LYS Q 757 -24.44 -8.47 54.77
CA LYS Q 757 -24.74 -9.55 55.70
C LYS Q 757 -25.68 -10.55 55.04
N THR Q 758 -25.52 -11.81 55.39
CA THR Q 758 -26.27 -12.88 54.75
C THR Q 758 -27.73 -12.83 55.24
N VAL Q 759 -28.67 -13.19 54.34
CA VAL Q 759 -30.09 -12.95 54.55
C VAL Q 759 -30.84 -14.18 54.03
N LYS Q 760 -31.97 -14.50 54.68
CA LYS Q 760 -32.94 -15.48 54.21
C LYS Q 760 -34.27 -14.80 53.99
N ILE Q 761 -34.97 -15.21 52.93
CA ILE Q 761 -36.23 -14.61 52.53
C ILE Q 761 -37.36 -15.48 53.09
N ARG Q 762 -38.33 -14.85 53.76
CA ARG Q 762 -39.38 -15.59 54.45
C ARG Q 762 -40.78 -15.49 53.84
N GLN Q 763 -40.98 -14.63 52.85
CA GLN Q 763 -42.25 -14.56 52.14
C GLN Q 763 -41.96 -14.45 50.65
N GLY Q 764 -42.96 -14.78 49.83
CA GLY Q 764 -42.89 -14.54 48.40
C GLY Q 764 -42.42 -15.76 47.64
N GLY Q 765 -42.23 -15.59 46.33
CA GLY Q 765 -41.76 -16.70 45.51
C GLY Q 765 -40.34 -17.15 45.75
N TYR Q 766 -39.52 -16.33 46.42
CA TYR Q 766 -38.12 -16.68 46.72
C TYR Q 766 -37.94 -17.04 48.18
N LYS Q 767 -38.98 -17.58 48.79
CA LYS Q 767 -39.00 -17.85 50.22
C LYS Q 767 -38.11 -19.05 50.53
N GLY Q 768 -37.21 -18.89 51.50
CA GLY Q 768 -36.25 -19.92 51.85
C GLY Q 768 -34.88 -19.84 51.20
N LYS Q 769 -34.59 -18.84 50.38
CA LYS Q 769 -33.34 -18.74 49.64
C LYS Q 769 -32.33 -17.84 50.35
N ILE Q 770 -31.04 -18.20 50.22
CA ILE Q 770 -29.94 -17.43 50.81
C ILE Q 770 -29.60 -16.28 49.85
N GLY Q 771 -29.06 -15.20 50.40
CA GLY Q 771 -28.65 -14.06 49.59
C GLY Q 771 -27.75 -13.15 50.40
N ILE Q 772 -27.27 -12.10 49.74
CA ILE Q 772 -26.43 -11.07 50.36
C ILE Q 772 -26.99 -9.71 49.95
N VAL Q 773 -27.06 -8.78 50.91
CA VAL Q 773 -27.54 -7.43 50.66
C VAL Q 773 -26.50 -6.66 49.85
N LYS Q 774 -26.79 -6.47 48.56
CA LYS Q 774 -25.88 -5.76 47.68
C LYS Q 774 -26.03 -4.24 47.75
N GLU Q 775 -27.25 -3.75 47.94
CA GLU Q 775 -27.53 -2.31 47.99
C GLU Q 775 -28.80 -2.08 48.79
N ALA Q 776 -28.74 -1.17 49.78
CA ALA Q 776 -29.87 -0.89 50.66
C ALA Q 776 -30.18 0.61 50.70
N ASN Q 777 -30.62 1.15 49.56
CA ASN Q 777 -30.94 2.57 49.46
C ASN Q 777 -32.09 2.98 50.40
N GLY Q 778 -33.24 2.34 50.24
CA GLY Q 778 -34.37 2.62 51.11
C GLY Q 778 -35.56 1.73 50.81
N ASP Q 779 -36.08 1.00 51.83
CA ASP Q 779 -37.30 0.18 51.75
C ASP Q 779 -37.22 -1.01 50.78
N ARG Q 780 -36.69 -0.77 49.59
CA ARG Q 780 -36.44 -1.75 48.55
C ARG Q 780 -34.97 -2.14 48.58
N PHE Q 781 -34.68 -3.39 48.92
CA PHE Q 781 -33.30 -3.87 48.99
C PHE Q 781 -32.93 -4.52 47.68
N ARG Q 782 -31.62 -4.68 47.48
CA ARG Q 782 -31.06 -5.44 46.39
C ARG Q 782 -30.33 -6.63 47.00
N VAL Q 783 -30.92 -7.81 46.87
CA VAL Q 783 -30.31 -9.03 47.36
C VAL Q 783 -29.67 -9.75 46.18
N GLU Q 784 -28.39 -10.11 46.31
CA GLU Q 784 -27.78 -10.92 45.26
C GLU Q 784 -28.10 -12.35 45.69
N LEU Q 785 -29.14 -12.92 45.08
CA LEU Q 785 -29.54 -14.30 45.38
C LEU Q 785 -28.39 -15.25 45.09
N HIS Q 786 -28.33 -16.34 45.84
CA HIS Q 786 -27.25 -17.27 45.54
C HIS Q 786 -27.65 -18.22 44.42
N ASN Q 787 -28.91 -18.59 44.39
CA ASN Q 787 -29.36 -19.78 43.70
C ASN Q 787 -29.42 -19.56 42.19
N PRO Q 788 -30.13 -18.54 41.61
CA PRO Q 788 -29.82 -18.25 40.21
C PRO Q 788 -28.96 -16.99 40.08
N ASN Q 789 -28.25 -16.84 38.98
CA ASN Q 789 -27.32 -15.72 38.85
C ASN Q 789 -28.17 -14.50 38.50
N LYS Q 790 -28.81 -13.95 39.53
CA LYS Q 790 -29.64 -12.76 39.41
C LYS Q 790 -29.68 -12.01 40.74
N THR Q 791 -29.70 -10.68 40.65
CA THR Q 791 -29.85 -9.79 41.78
C THR Q 791 -31.24 -9.15 41.74
N ILE Q 792 -32.03 -9.31 42.80
CA ILE Q 792 -33.43 -8.92 42.73
C ILE Q 792 -33.72 -7.65 43.54
N PRO Q 793 -34.75 -6.89 43.17
CA PRO Q 793 -35.28 -5.84 44.04
C PRO Q 793 -36.30 -6.44 45.01
N ILE Q 794 -36.18 -6.13 46.30
CA ILE Q 794 -37.11 -6.77 47.24
C ILE Q 794 -37.47 -5.82 48.40
N PRO Q 795 -38.73 -5.83 48.83
CA PRO Q 795 -39.14 -5.06 50.03
C PRO Q 795 -38.62 -5.60 51.35
N CYS Q 796 -38.38 -4.67 52.28
CA CYS Q 796 -37.81 -4.95 53.59
C CYS Q 796 -38.65 -5.82 54.53
N SER Q 797 -39.97 -5.86 54.36
CA SER Q 797 -40.80 -6.78 55.15
C SER Q 797 -40.49 -8.26 54.93
N PHE Q 798 -39.90 -8.60 53.78
CA PHE Q 798 -39.68 -9.97 53.34
C PHE Q 798 -38.40 -10.63 53.85
N LEU Q 799 -37.54 -9.95 54.61
CA LEU Q 799 -36.21 -10.49 54.89
C LEU Q 799 -36.07 -10.97 56.33
N LEU Q 800 -35.31 -12.06 56.50
CA LEU Q 800 -34.74 -12.47 57.76
C LEU Q 800 -33.23 -12.27 57.70
N ILE Q 801 -32.64 -11.70 58.75
CA ILE Q 801 -31.20 -11.47 58.81
C ILE Q 801 -30.57 -12.47 59.78
N GLU Q 802 -29.36 -12.93 59.45
CA GLU Q 802 -28.63 -13.81 60.36
C GLU Q 802 -27.89 -12.99 61.41
N SER Q 803 -27.90 -13.51 62.63
CA SER Q 803 -27.28 -12.86 63.78
C SER Q 803 -26.65 -13.97 64.61
N THR Q 804 -26.43 -13.69 65.88
CA THR Q 804 -25.80 -14.66 66.78
C THR Q 804 -26.64 -15.92 66.91
N HIS Q 805 -27.96 -15.76 67.07
CA HIS Q 805 -28.88 -16.88 67.18
C HIS Q 805 -29.90 -16.79 66.06
N GLY Q 806 -29.74 -17.64 65.05
CA GLY Q 806 -30.64 -17.84 63.93
C GLY Q 806 -30.96 -16.62 63.06
N TRP Q 807 -32.00 -16.81 62.26
CA TRP Q 807 -32.52 -15.80 61.35
C TRP Q 807 -33.53 -14.97 62.12
N VAL Q 808 -33.26 -13.68 62.26
CA VAL Q 808 -34.05 -12.80 63.11
C VAL Q 808 -34.82 -11.80 62.25
N PRO Q 809 -36.14 -11.60 62.51
CA PRO Q 809 -36.95 -10.55 61.85
C PRO Q 809 -36.46 -9.14 62.12
N TYR Q 810 -37.23 -8.12 61.71
CA TYR Q 810 -36.79 -6.73 61.87
C TYR Q 810 -36.82 -6.23 63.31
N GLU Q 811 -36.14 -6.96 64.20
CA GLU Q 811 -35.84 -6.51 65.56
C GLU Q 811 -34.33 -6.53 65.80
N ASP Q 812 -33.54 -6.54 64.74
CA ASP Q 812 -32.08 -6.60 64.84
C ASP Q 812 -31.47 -5.21 64.94
N PRO R 42 88.23 19.29 -91.11
CA PRO R 42 88.62 18.08 -90.38
C PRO R 42 87.49 17.49 -89.55
N HIS R 43 87.78 17.19 -88.28
CA HIS R 43 86.84 16.55 -87.38
C HIS R 43 86.24 17.52 -86.35
N ARG R 44 85.88 18.72 -86.80
CA ARG R 44 85.39 19.87 -86.02
C ARG R 44 84.39 19.54 -84.91
N TYR R 45 83.47 18.60 -85.19
CA TYR R 45 82.51 18.07 -84.22
C TYR R 45 81.56 19.11 -83.64
N ARG R 46 80.48 19.38 -84.37
CA ARG R 46 79.26 19.93 -83.77
C ARG R 46 79.01 19.32 -82.39
N PRO R 47 78.71 20.17 -81.40
CA PRO R 47 79.17 19.91 -80.03
C PRO R 47 78.39 18.82 -79.31
N GLY R 48 78.82 18.53 -78.09
CA GLY R 48 78.11 17.64 -77.20
C GLY R 48 79.01 16.71 -76.43
N THR R 49 80.07 16.22 -77.05
CA THR R 49 80.96 15.25 -76.40
C THR R 49 82.01 15.96 -75.55
N VAL R 50 82.33 17.20 -75.92
CA VAL R 50 83.37 17.95 -75.24
C VAL R 50 83.00 18.25 -73.80
N ALA R 51 81.86 18.91 -73.60
CA ALA R 51 81.42 19.33 -72.28
C ALA R 51 81.15 18.15 -71.36
N LEU R 52 80.40 17.18 -71.87
CA LEU R 52 79.98 16.05 -71.05
C LEU R 52 81.15 15.13 -70.77
N ARG R 53 82.07 15.03 -71.73
CA ARG R 53 83.28 14.25 -71.54
C ARG R 53 84.15 14.88 -70.45
N GLU R 54 84.26 16.20 -70.45
CA GLU R 54 85.06 16.83 -69.40
C GLU R 54 84.35 16.78 -68.06
N ILE R 55 83.02 16.72 -68.06
CA ILE R 55 82.29 16.44 -66.83
C ILE R 55 82.63 15.06 -66.31
N ARG R 56 82.71 14.08 -67.23
CA ARG R 56 83.12 12.73 -66.85
C ARG R 56 84.54 12.71 -66.30
N ARG R 57 85.41 13.50 -66.89
CA ARG R 57 86.79 13.56 -66.40
C ARG R 57 86.85 14.22 -65.03
N TYR R 58 86.17 15.33 -64.85
CA TYR R 58 86.24 16.06 -63.58
C TYR R 58 85.43 15.40 -62.48
N GLN R 59 84.60 14.41 -62.82
CA GLN R 59 83.97 13.62 -61.78
C GLN R 59 84.68 12.29 -61.58
N LYS R 60 85.53 11.89 -62.52
CA LYS R 60 86.54 10.87 -62.19
C LYS R 60 87.61 11.45 -61.29
N SER R 61 87.74 12.76 -61.28
CA SER R 61 88.86 13.45 -60.66
C SER R 61 88.78 13.38 -59.15
N THR R 62 89.87 13.79 -58.52
CA THR R 62 89.96 13.89 -57.07
C THR R 62 90.22 15.32 -56.61
N GLU R 63 91.27 15.94 -57.16
CA GLU R 63 91.88 17.11 -56.55
C GLU R 63 91.20 18.42 -56.92
N LEU R 64 91.89 19.52 -56.65
CA LEU R 64 91.31 20.84 -56.77
C LEU R 64 91.16 21.27 -58.22
N LEU R 65 90.66 22.48 -58.42
CA LEU R 65 90.64 23.08 -59.74
C LEU R 65 91.24 24.47 -59.77
N ILE R 66 90.96 25.30 -58.76
CA ILE R 66 91.55 26.62 -58.71
C ILE R 66 93.00 26.48 -58.28
N ARG R 67 93.92 27.07 -59.04
CA ARG R 67 95.30 26.90 -58.70
C ARG R 67 95.75 27.95 -57.70
N LYS R 68 96.90 27.68 -57.08
CA LYS R 68 97.13 28.02 -55.69
C LYS R 68 97.36 29.50 -55.45
N LEU R 69 98.42 30.03 -56.03
CA LEU R 69 98.93 31.39 -55.86
C LEU R 69 97.92 32.52 -56.01
N PRO R 70 97.07 32.59 -57.07
CA PRO R 70 96.20 33.76 -57.15
C PRO R 70 95.11 33.74 -56.11
N PHE R 71 94.63 32.54 -55.77
CA PHE R 71 93.70 32.37 -54.68
C PHE R 71 94.32 32.80 -53.35
N GLN R 72 95.59 32.45 -53.14
CA GLN R 72 96.28 32.84 -51.92
C GLN R 72 96.41 34.35 -51.83
N ARG R 73 96.75 35.00 -52.94
CA ARG R 73 96.92 36.44 -52.93
C ARG R 73 95.59 37.16 -52.72
N LEU R 74 94.50 36.61 -53.25
CA LEU R 74 93.18 37.17 -52.99
C LEU R 74 92.81 37.04 -51.52
N VAL R 75 93.15 35.89 -50.94
CA VAL R 75 92.92 35.67 -49.51
C VAL R 75 93.67 36.71 -48.68
N ARG R 76 94.92 36.98 -49.04
CA ARG R 76 95.69 37.95 -48.28
C ARG R 76 95.20 39.37 -48.50
N GLU R 77 94.59 39.65 -49.66
CA GLU R 77 94.05 40.98 -49.88
C GLU R 77 92.79 41.19 -49.04
N ILE R 78 91.92 40.19 -48.97
CA ILE R 78 90.80 40.25 -48.05
C ILE R 78 91.29 40.29 -46.60
N ALA R 79 92.39 39.58 -46.32
CA ALA R 79 92.93 39.53 -44.99
C ALA R 79 93.56 40.85 -44.56
N GLN R 80 93.92 41.69 -45.53
CA GLN R 80 94.63 42.92 -45.20
C GLN R 80 93.66 44.04 -44.85
N ASP R 81 92.44 43.69 -44.43
CA ASP R 81 91.39 44.67 -44.29
C ASP R 81 90.92 44.86 -42.85
N PHE R 82 91.06 43.86 -41.99
CA PHE R 82 90.53 43.97 -40.64
C PHE R 82 91.60 44.01 -39.58
N LYS R 83 92.63 43.18 -39.69
CA LYS R 83 93.85 43.37 -38.92
C LYS R 83 95.00 43.23 -39.91
N THR R 84 95.92 44.17 -39.86
CA THR R 84 97.02 44.16 -40.80
C THR R 84 98.01 43.06 -40.42
N ASP R 85 98.80 42.64 -41.42
CA ASP R 85 100.09 41.99 -41.23
C ASP R 85 99.94 40.66 -40.49
N LEU R 86 99.22 39.74 -41.12
CA LEU R 86 98.94 38.48 -40.48
C LEU R 86 99.58 37.34 -41.24
N ARG R 87 100.09 36.37 -40.50
CA ARG R 87 100.80 35.26 -41.10
C ARG R 87 99.98 33.99 -41.01
N PHE R 88 100.31 33.03 -41.86
CA PHE R 88 99.42 31.91 -42.16
C PHE R 88 100.21 30.63 -42.35
N GLN R 89 99.63 29.52 -41.96
CA GLN R 89 100.15 28.22 -42.35
C GLN R 89 99.37 27.69 -43.53
N SER R 90 100.00 26.80 -44.29
CA SER R 90 99.48 26.46 -45.61
C SER R 90 98.22 25.62 -45.53
N ALA R 91 98.08 24.83 -44.47
CA ALA R 91 96.94 23.93 -44.34
C ALA R 91 95.65 24.69 -44.16
N ALA R 92 95.71 25.84 -43.50
CA ALA R 92 94.55 26.73 -43.39
C ALA R 92 94.08 27.16 -44.76
N ILE R 93 95.02 27.56 -45.61
CA ILE R 93 94.71 28.03 -46.94
C ILE R 93 94.13 26.90 -47.79
N GLY R 94 94.67 25.70 -47.62
CA GLY R 94 94.14 24.55 -48.35
C GLY R 94 92.72 24.19 -47.92
N ALA R 95 92.44 24.32 -46.62
CA ALA R 95 91.08 24.11 -46.15
C ALA R 95 90.13 25.16 -46.71
N LEU R 96 90.60 26.41 -46.76
CA LEU R 96 89.82 27.49 -47.34
C LEU R 96 89.50 27.22 -48.79
N GLN R 97 90.48 26.74 -49.54
CA GLN R 97 90.29 26.43 -50.95
C GLN R 97 89.32 25.27 -51.13
N GLU R 98 89.45 24.24 -50.27
CA GLU R 98 88.57 23.08 -50.28
C GLU R 98 87.12 23.48 -50.07
N ALA R 99 86.85 24.21 -48.98
CA ALA R 99 85.49 24.56 -48.63
C ALA R 99 84.92 25.59 -49.60
N SER R 100 85.80 26.41 -50.17
CA SER R 100 85.37 27.35 -51.19
C SER R 100 84.85 26.63 -52.42
N GLU R 101 85.63 25.67 -52.92
CA GLU R 101 85.21 24.93 -54.11
C GLU R 101 83.99 24.08 -53.82
N ALA R 102 83.86 23.57 -52.60
CA ALA R 102 82.66 22.81 -52.25
C ALA R 102 81.42 23.71 -52.23
N TYR R 103 81.57 24.91 -51.67
CA TYR R 103 80.48 25.88 -51.60
C TYR R 103 79.99 26.24 -52.99
N LEU R 104 80.93 26.45 -53.90
CA LEU R 104 80.55 26.82 -55.24
C LEU R 104 80.00 25.64 -56.01
N VAL R 105 80.47 24.42 -55.71
CA VAL R 105 79.93 23.23 -56.34
C VAL R 105 78.46 23.06 -55.97
N GLY R 106 78.12 23.27 -54.70
CA GLY R 106 76.73 23.17 -54.29
C GLY R 106 75.86 24.24 -54.93
N LEU R 107 76.40 25.47 -55.02
CA LEU R 107 75.71 26.52 -55.75
C LEU R 107 75.43 26.12 -57.19
N PHE R 108 76.43 25.54 -57.85
CA PHE R 108 76.26 25.11 -59.23
C PHE R 108 75.25 23.98 -59.37
N GLU R 109 75.21 23.06 -58.40
CA GLU R 109 74.26 21.95 -58.50
C GLU R 109 72.83 22.45 -58.43
N ASP R 110 72.52 23.27 -57.42
CA ASP R 110 71.14 23.75 -57.33
C ASP R 110 70.83 24.73 -58.46
N THR R 111 71.83 25.45 -58.94
CA THR R 111 71.63 26.32 -60.10
C THR R 111 71.31 25.51 -61.33
N ASN R 112 71.97 24.37 -61.48
CA ASN R 112 71.73 23.45 -62.57
C ASN R 112 70.32 22.90 -62.51
N LEU R 113 69.85 22.55 -61.33
CA LEU R 113 68.48 22.05 -61.24
C LEU R 113 67.46 23.16 -61.47
N CYS R 114 67.81 24.40 -61.10
CA CYS R 114 66.95 25.53 -61.44
C CYS R 114 66.86 25.73 -62.94
N ALA R 115 67.96 25.52 -63.64
CA ALA R 115 67.96 25.68 -65.08
C ALA R 115 67.18 24.57 -65.76
N ILE R 116 67.29 23.35 -65.22
CA ILE R 116 66.54 22.22 -65.77
C ILE R 116 65.06 22.44 -65.56
N HIS R 117 64.68 23.02 -64.43
CA HIS R 117 63.28 23.38 -64.25
C HIS R 117 62.89 24.56 -65.12
N ALA R 118 63.85 25.37 -65.53
CA ALA R 118 63.55 26.47 -66.44
C ALA R 118 63.40 26.03 -67.90
N LYS R 119 63.42 24.71 -68.16
CA LYS R 119 63.38 24.12 -69.50
C LYS R 119 64.49 24.65 -70.39
N ARG R 120 65.64 24.95 -69.79
CA ARG R 120 66.78 25.48 -70.50
C ARG R 120 68.02 24.73 -70.05
N VAL R 121 69.09 24.88 -70.79
CA VAL R 121 70.39 24.44 -70.35
C VAL R 121 71.31 25.62 -70.08
N THR R 122 71.05 26.77 -70.69
CA THR R 122 71.78 27.98 -70.40
C THR R 122 71.46 28.47 -69.00
N ILE R 123 72.49 28.72 -68.21
CA ILE R 123 72.29 29.28 -66.88
C ILE R 123 71.97 30.77 -66.97
N MET R 124 71.50 31.32 -65.86
CA MET R 124 71.21 32.74 -65.73
C MET R 124 71.69 33.20 -64.36
N PRO R 125 71.92 34.50 -64.19
CA PRO R 125 72.33 34.97 -62.87
C PRO R 125 71.23 34.89 -61.83
N LYS R 126 69.99 35.15 -62.21
CA LYS R 126 68.93 35.14 -61.21
C LYS R 126 68.60 33.74 -60.76
N ASP R 127 69.04 32.72 -61.50
CA ASP R 127 69.12 31.36 -60.97
C ASP R 127 69.94 31.30 -59.69
N ILE R 128 71.18 31.82 -59.73
CA ILE R 128 72.02 31.84 -58.55
C ILE R 128 71.41 32.69 -57.46
N GLN R 129 70.74 33.79 -57.85
CA GLN R 129 70.11 34.63 -56.84
C GLN R 129 68.92 33.91 -56.18
N LEU R 130 68.19 33.12 -56.93
CA LEU R 130 67.10 32.34 -56.35
C LEU R 130 67.65 31.24 -55.45
N ALA R 131 68.76 30.63 -55.85
CA ALA R 131 69.36 29.56 -55.06
C ALA R 131 69.85 30.07 -53.72
N ARG R 132 70.55 31.20 -53.74
CA ARG R 132 70.95 31.81 -52.49
C ARG R 132 69.79 32.42 -51.72
N ARG R 133 68.68 32.75 -52.39
CA ARG R 133 67.49 33.18 -51.68
C ARG R 133 66.92 32.04 -50.86
N ILE R 134 66.88 30.85 -51.45
CA ILE R 134 66.32 29.72 -50.74
C ILE R 134 67.30 29.22 -49.68
N ARG R 135 68.60 29.38 -49.90
CA ARG R 135 69.55 28.91 -48.90
C ARG R 135 69.63 29.81 -47.67
N GLY R 136 68.96 30.95 -47.67
CA GLY R 136 69.01 31.83 -46.52
C GLY R 136 70.33 32.51 -46.30
N GLU R 137 71.17 32.57 -47.33
CA GLU R 137 72.50 33.18 -47.23
C GLU R 137 72.50 34.42 -48.11
N ARG R 138 72.04 35.53 -47.54
CA ARG R 138 71.59 36.67 -48.32
C ARG R 138 72.74 37.57 -48.76
N ARG S 27 95.57 43.97 -54.63
CA ARG S 27 94.73 44.61 -55.62
C ARG S 27 94.47 43.69 -56.81
N ASP S 28 93.20 43.68 -57.24
CA ASP S 28 92.77 43.12 -58.53
C ASP S 28 92.95 41.60 -58.61
N ASN S 29 93.26 40.96 -57.49
CA ASN S 29 93.27 39.50 -57.46
C ASN S 29 91.87 38.92 -57.46
N ILE S 30 90.86 39.75 -57.17
CA ILE S 30 89.48 39.40 -57.48
C ILE S 30 89.33 39.11 -58.96
N GLN S 31 90.03 39.86 -59.80
CA GLN S 31 90.10 39.58 -61.23
C GLN S 31 91.13 38.50 -61.54
N GLY S 32 91.82 37.98 -60.52
CA GLY S 32 92.64 36.81 -60.74
C GLY S 32 91.83 35.55 -60.93
N ILE S 33 90.53 35.61 -60.64
CA ILE S 33 89.62 34.51 -60.93
C ILE S 33 89.53 34.38 -62.45
N THR S 34 89.83 33.20 -62.98
CA THR S 34 89.83 33.01 -64.42
C THR S 34 88.54 32.35 -64.86
N LYS S 35 88.08 32.75 -66.04
CA LYS S 35 86.96 32.07 -66.68
C LYS S 35 87.14 30.56 -66.87
N PRO S 36 88.30 30.02 -67.31
CA PRO S 36 88.41 28.55 -67.37
C PRO S 36 88.34 27.86 -66.02
N ALA S 37 88.70 28.54 -64.94
CA ALA S 37 88.50 27.92 -63.63
C ALA S 37 87.03 27.81 -63.31
N ILE S 38 86.26 28.85 -63.65
CA ILE S 38 84.82 28.83 -63.46
C ILE S 38 84.20 27.75 -64.33
N ARG S 39 84.74 27.57 -65.53
CA ARG S 39 84.35 26.46 -66.40
C ARG S 39 84.58 25.12 -65.74
N ARG S 40 85.77 24.91 -65.18
CA ARG S 40 86.10 23.63 -64.56
C ARG S 40 85.20 23.36 -63.37
N LEU S 41 84.90 24.40 -62.59
CA LEU S 41 83.98 24.27 -61.48
C LEU S 41 82.57 23.98 -61.94
N ALA S 42 82.17 24.51 -63.08
CA ALA S 42 80.87 24.19 -63.60
C ALA S 42 80.81 22.74 -64.07
N ARG S 43 81.92 22.23 -64.61
CA ARG S 43 81.89 20.88 -65.15
C ARG S 43 81.87 19.84 -64.04
N ARG S 44 82.72 20.02 -63.01
CA ARG S 44 82.59 19.13 -61.85
C ARG S 44 81.27 19.40 -61.14
N GLY S 45 80.81 20.65 -61.17
CA GLY S 45 79.45 20.97 -60.75
C GLY S 45 78.39 20.43 -61.69
N GLY S 46 78.78 19.98 -62.88
CA GLY S 46 77.87 19.28 -63.74
C GLY S 46 77.13 20.21 -64.67
N VAL S 47 77.48 21.48 -64.63
CA VAL S 47 76.80 22.46 -65.44
C VAL S 47 77.27 22.32 -66.88
N LYS S 48 76.31 22.23 -67.80
CA LYS S 48 76.65 22.14 -69.21
C LYS S 48 76.89 23.49 -69.86
N ARG S 49 75.87 24.33 -69.90
CA ARG S 49 75.89 25.54 -70.73
C ARG S 49 76.12 26.75 -69.84
N ILE S 50 77.06 27.61 -70.25
CA ILE S 50 77.53 28.71 -69.44
C ILE S 50 77.14 30.02 -70.09
N SER S 51 76.45 30.88 -69.37
CA SER S 51 76.16 32.21 -69.88
C SER S 51 77.33 33.14 -69.58
N GLY S 52 77.32 34.31 -70.21
CA GLY S 52 78.44 35.22 -70.08
C GLY S 52 78.32 36.20 -68.95
N LEU S 53 77.11 36.38 -68.44
CA LEU S 53 76.89 37.33 -67.36
C LEU S 53 77.03 36.70 -66.00
N ILE S 54 77.90 35.71 -65.86
CA ILE S 54 77.90 34.89 -64.67
C ILE S 54 79.13 35.16 -63.82
N TYR S 55 80.23 35.54 -64.47
CA TYR S 55 81.55 35.40 -63.89
C TYR S 55 81.78 36.40 -62.76
N GLU S 56 81.39 37.65 -62.96
CA GLU S 56 81.63 38.63 -61.93
C GLU S 56 80.66 38.49 -60.78
N GLU S 57 79.45 38.01 -61.08
CA GLU S 57 78.50 37.66 -60.03
C GLU S 57 79.07 36.55 -59.15
N THR S 58 79.67 35.55 -59.79
CA THR S 58 80.37 34.48 -59.09
C THR S 58 81.49 35.02 -58.22
N ARG S 59 82.26 35.95 -58.77
CA ARG S 59 83.35 36.58 -58.02
C ARG S 59 82.83 37.32 -56.79
N GLY S 60 81.69 38.01 -56.93
CA GLY S 60 81.15 38.75 -55.80
C GLY S 60 80.64 37.84 -54.69
N VAL S 61 79.98 36.74 -55.08
CA VAL S 61 79.49 35.81 -54.07
C VAL S 61 80.63 35.13 -53.34
N LEU S 62 81.64 34.67 -54.10
CA LEU S 62 82.85 34.09 -53.52
C LEU S 62 83.53 35.05 -52.57
N LYS S 63 83.56 36.32 -52.94
CA LYS S 63 84.21 37.34 -52.14
C LYS S 63 83.50 37.53 -50.80
N VAL S 64 82.16 37.64 -50.83
CA VAL S 64 81.40 37.87 -49.59
C VAL S 64 81.50 36.67 -48.65
N PHE S 65 81.44 35.47 -49.22
CA PHE S 65 81.73 34.23 -48.50
C PHE S 65 83.04 34.32 -47.75
N LEU S 66 84.13 34.57 -48.48
CA LEU S 66 85.44 34.59 -47.87
C LEU S 66 85.61 35.76 -46.90
N GLU S 67 84.86 36.84 -47.11
CA GLU S 67 84.84 37.96 -46.17
C GLU S 67 84.40 37.49 -44.80
N ASN S 68 83.23 36.87 -44.73
CA ASN S 68 82.70 36.44 -43.43
C ASN S 68 83.59 35.38 -42.80
N VAL S 69 84.14 34.49 -43.64
CA VAL S 69 85.01 33.43 -43.17
C VAL S 69 86.26 34.00 -42.50
N ILE S 70 87.00 34.83 -43.22
CA ILE S 70 88.28 35.28 -42.70
C ILE S 70 88.10 36.29 -41.59
N ARG S 71 86.99 37.06 -41.59
CA ARG S 71 86.66 37.91 -40.44
C ARG S 71 86.57 37.09 -39.17
N ASP S 72 85.81 36.00 -39.22
CA ASP S 72 85.64 35.19 -38.02
C ASP S 72 86.93 34.48 -37.62
N ALA S 73 87.72 34.03 -38.61
CA ALA S 73 88.96 33.34 -38.30
C ALA S 73 89.97 34.28 -37.66
N VAL S 74 90.06 35.49 -38.19
CA VAL S 74 90.96 36.48 -37.62
C VAL S 74 90.48 36.90 -36.24
N THR S 75 89.16 36.90 -35.99
CA THR S 75 88.69 37.24 -34.66
C THR S 75 89.07 36.17 -33.64
N TYR S 76 88.90 34.90 -34.02
CA TYR S 76 89.44 33.79 -33.24
C TYR S 76 90.93 33.92 -33.01
N THR S 77 91.65 34.48 -33.94
CA THR S 77 93.08 34.61 -33.70
C THR S 77 93.40 35.87 -32.90
N GLU S 78 92.50 36.86 -32.94
CA GLU S 78 92.62 38.06 -32.11
C GLU S 78 92.61 37.68 -30.64
N HIS S 79 91.66 36.85 -30.25
CA HIS S 79 91.70 36.39 -28.87
C HIS S 79 92.83 35.40 -28.62
N ALA S 80 93.39 34.81 -29.67
CA ALA S 80 94.49 33.87 -29.48
C ALA S 80 95.78 34.55 -29.05
N LYS S 81 95.91 35.87 -29.24
CA LYS S 81 97.11 36.65 -28.93
C LYS S 81 98.34 36.10 -29.61
N ARG S 82 98.16 35.59 -30.82
CA ARG S 82 99.24 35.12 -31.67
C ARG S 82 98.98 35.69 -33.04
N LYS S 83 100.01 36.29 -33.64
CA LYS S 83 99.83 37.03 -34.88
C LYS S 83 99.71 36.11 -36.10
N THR S 84 99.65 34.79 -35.90
CA THR S 84 99.55 33.83 -36.99
C THR S 84 98.29 33.00 -36.79
N VAL S 85 97.52 32.84 -37.86
CA VAL S 85 96.28 32.07 -37.83
C VAL S 85 96.59 30.64 -38.24
N THR S 86 96.02 29.68 -37.53
CA THR S 86 96.27 28.28 -37.84
C THR S 86 95.13 27.69 -38.63
N ALA S 87 95.37 26.47 -39.11
CA ALA S 87 94.33 25.68 -39.73
C ALA S 87 93.21 25.38 -38.76
N MET S 88 93.57 25.15 -37.49
CA MET S 88 92.60 24.83 -36.46
C MET S 88 91.63 25.98 -36.27
N ASP S 89 92.15 27.21 -36.36
CA ASP S 89 91.33 28.42 -36.22
C ASP S 89 90.25 28.47 -37.28
N VAL S 90 90.63 28.24 -38.52
CA VAL S 90 89.71 28.30 -39.63
C VAL S 90 88.70 27.17 -39.52
N VAL S 91 89.15 26.02 -39.01
CA VAL S 91 88.25 24.90 -38.75
C VAL S 91 87.18 25.29 -37.75
N TYR S 92 87.59 25.92 -36.65
CA TYR S 92 86.65 26.26 -35.59
C TYR S 92 85.67 27.31 -36.08
N ALA S 93 86.17 28.27 -36.84
CA ALA S 93 85.35 29.35 -37.37
C ALA S 93 84.34 28.83 -38.36
N LEU S 94 84.72 27.87 -39.19
CA LEU S 94 83.74 27.39 -40.13
C LEU S 94 82.76 26.44 -39.47
N LYS S 95 83.16 25.83 -38.36
CA LYS S 95 82.18 25.11 -37.58
C LYS S 95 81.16 26.06 -36.99
N ARG S 96 81.61 27.26 -36.61
CA ARG S 96 80.69 28.29 -36.12
C ARG S 96 79.68 28.71 -37.17
N GLN S 97 80.04 28.68 -38.45
CA GLN S 97 79.08 29.00 -39.48
C GLN S 97 78.17 27.83 -39.80
N GLY S 98 78.58 26.62 -39.45
CA GLY S 98 77.73 25.48 -39.69
C GLY S 98 77.93 24.90 -41.07
N ARG S 99 79.00 25.33 -41.72
CA ARG S 99 79.44 24.84 -43.02
C ARG S 99 80.57 23.86 -42.82
N THR S 100 80.41 23.04 -41.79
CA THR S 100 81.53 22.45 -41.08
C THR S 100 82.25 21.41 -41.91
N LEU S 101 83.57 21.54 -41.96
CA LEU S 101 84.44 20.76 -42.82
C LEU S 101 85.38 19.94 -41.97
N TYR S 102 85.54 18.67 -42.34
CA TYR S 102 86.47 17.78 -41.64
C TYR S 102 87.84 17.89 -42.29
N GLY S 103 88.69 16.91 -41.99
CA GLY S 103 89.88 16.66 -42.76
C GLY S 103 91.17 17.08 -42.13
N PHE S 104 91.19 18.24 -41.49
CA PHE S 104 92.43 18.77 -40.96
C PHE S 104 92.45 18.79 -39.44
N GLY S 105 91.46 18.16 -38.80
CA GLY S 105 91.42 18.11 -37.35
C GLY S 105 90.88 19.37 -36.72
N GLY S 106 90.10 19.23 -35.65
CA GLY S 106 89.59 20.40 -34.94
C GLY S 106 88.31 20.20 -34.16
N THR T 20 73.51 46.24 -4.55
CA THR T 20 73.63 45.38 -5.72
C THR T 20 74.66 45.91 -6.67
N ARG T 21 75.47 44.99 -7.20
CA ARG T 21 76.53 45.31 -8.14
C ARG T 21 76.03 45.98 -9.41
N SER T 22 74.79 45.70 -9.80
CA SER T 22 74.18 46.31 -10.98
C SER T 22 74.03 47.81 -10.79
N SER T 23 73.46 48.20 -9.65
CA SER T 23 73.46 49.60 -9.27
C SER T 23 74.87 50.13 -9.09
N ARG T 24 75.78 49.33 -8.57
CA ARG T 24 77.16 49.75 -8.46
C ARG T 24 77.85 49.77 -9.82
N ALA T 25 77.31 49.06 -10.81
CA ALA T 25 77.69 49.29 -12.18
C ALA T 25 76.78 50.28 -12.89
N GLY T 26 75.73 50.75 -12.23
CA GLY T 26 74.82 51.72 -12.82
C GLY T 26 74.02 51.16 -13.97
N LEU T 27 73.62 49.89 -13.86
CA LEU T 27 72.95 49.23 -14.96
C LEU T 27 71.62 48.65 -14.49
N GLN T 28 71.00 47.79 -15.28
CA GLN T 28 69.68 47.27 -14.90
C GLN T 28 69.59 45.76 -14.84
N PHE T 29 70.66 45.03 -15.14
CA PHE T 29 70.39 43.60 -15.02
C PHE T 29 71.11 43.01 -13.82
N PRO T 30 70.44 42.11 -13.09
CA PRO T 30 71.03 41.52 -11.90
C PRO T 30 72.25 40.66 -12.19
N VAL T 31 73.37 41.09 -11.63
CA VAL T 31 74.66 40.47 -11.86
C VAL T 31 74.69 39.09 -11.27
N GLY T 32 74.35 38.99 -9.98
CA GLY T 32 74.60 37.76 -9.24
C GLY T 32 73.74 36.61 -9.68
N ARG T 33 72.55 36.90 -10.21
CA ARG T 33 71.75 35.85 -10.82
C ARG T 33 72.48 35.28 -12.03
N VAL T 34 73.09 36.15 -12.82
CA VAL T 34 73.83 35.69 -13.97
C VAL T 34 75.09 34.96 -13.53
N HIS T 35 75.74 35.46 -12.48
CA HIS T 35 76.90 34.78 -11.91
C HIS T 35 76.56 33.40 -11.40
N ARG T 36 75.36 33.25 -10.85
CA ARG T 36 74.87 31.96 -10.42
C ARG T 36 74.64 31.04 -11.62
N LEU T 37 73.99 31.57 -12.65
CA LEU T 37 73.66 30.74 -13.81
C LEU T 37 74.90 30.35 -14.59
N LEU T 38 75.95 31.17 -14.54
CA LEU T 38 77.20 30.77 -15.15
C LEU T 38 77.83 29.61 -14.41
N ARG T 39 77.74 29.59 -13.08
CA ARG T 39 78.18 28.47 -12.29
C ARG T 39 77.41 27.20 -12.59
N LYS T 40 76.10 27.26 -12.56
CA LYS T 40 75.31 26.04 -12.72
C LYS T 40 75.15 25.61 -14.16
N GLY T 41 75.79 26.30 -15.10
CA GLY T 41 75.72 25.92 -16.50
C GLY T 41 76.85 25.02 -16.93
N ASN T 42 77.74 24.70 -16.00
CA ASN T 42 79.03 24.03 -16.28
C ASN T 42 79.82 24.78 -17.32
N TYR T 43 79.78 26.11 -17.24
CA TYR T 43 80.31 26.92 -18.30
C TYR T 43 81.82 27.02 -18.25
N SER T 44 82.40 26.91 -17.07
CA SER T 44 83.84 26.78 -16.92
C SER T 44 84.08 26.09 -15.58
N GLU T 45 85.32 26.18 -15.12
CA GLU T 45 85.58 25.74 -13.75
C GLU T 45 85.49 26.93 -12.80
N ARG T 46 86.15 28.04 -13.13
CA ARG T 46 86.05 29.23 -12.31
C ARG T 46 85.48 30.40 -13.10
N VAL T 47 84.95 31.37 -12.36
CA VAL T 47 84.21 32.50 -12.90
C VAL T 47 84.84 33.78 -12.39
N GLY T 48 85.19 34.68 -13.30
CA GLY T 48 85.85 35.92 -12.94
C GLY T 48 84.97 36.92 -12.23
N ALA T 49 85.51 38.13 -12.05
CA ALA T 49 84.78 39.15 -11.32
C ALA T 49 83.74 39.83 -12.19
N GLY T 50 84.17 40.52 -13.24
CA GLY T 50 83.30 41.42 -13.97
C GLY T 50 82.77 40.94 -15.29
N ALA T 51 83.13 39.73 -15.70
CA ALA T 51 82.49 39.10 -16.87
C ALA T 51 80.96 39.13 -16.87
N PRO T 52 80.24 38.85 -15.77
CA PRO T 52 78.78 38.98 -15.85
C PRO T 52 78.30 40.40 -16.02
N VAL T 53 79.08 41.38 -15.56
CA VAL T 53 78.71 42.77 -15.78
C VAL T 53 78.74 43.09 -17.27
N TYR T 54 79.78 42.63 -17.95
CA TYR T 54 79.94 42.87 -19.38
C TYR T 54 78.84 42.18 -20.15
N LEU T 55 78.54 40.95 -19.78
CA LEU T 55 77.48 40.20 -20.46
C LEU T 55 76.12 40.83 -20.23
N ALA T 56 75.87 41.32 -19.01
CA ALA T 56 74.60 41.93 -18.69
C ALA T 56 74.41 43.23 -19.46
N ALA T 57 75.49 44.00 -19.61
CA ALA T 57 75.42 45.22 -20.40
C ALA T 57 75.17 44.91 -21.86
N VAL T 58 75.76 43.82 -22.36
CA VAL T 58 75.51 43.40 -23.74
C VAL T 58 74.04 43.09 -23.94
N LEU T 59 73.47 42.30 -23.03
CA LEU T 59 72.05 42.00 -23.05
C LEU T 59 71.21 43.26 -22.99
N GLU T 60 71.65 44.21 -22.18
CA GLU T 60 70.90 45.43 -21.94
C GLU T 60 70.84 46.29 -23.20
N TYR T 61 71.96 46.42 -23.89
CA TYR T 61 71.95 47.21 -25.12
C TYR T 61 71.20 46.49 -26.24
N LEU T 62 71.29 45.15 -26.27
CA LEU T 62 70.56 44.39 -27.27
C LEU T 62 69.07 44.58 -27.12
N THR T 63 68.55 44.36 -25.92
CA THR T 63 67.13 44.51 -25.72
C THR T 63 66.69 45.95 -25.86
N ALA T 64 67.59 46.90 -25.57
CA ALA T 64 67.27 48.31 -25.78
C ALA T 64 67.06 48.59 -27.25
N GLU T 65 67.95 48.10 -28.10
CA GLU T 65 67.84 48.33 -29.54
C GLU T 65 66.60 47.67 -30.11
N ILE T 66 66.36 46.42 -29.71
CA ILE T 66 65.23 45.65 -30.22
C ILE T 66 63.93 46.31 -29.83
N LEU T 67 63.77 46.59 -28.56
CA LEU T 67 62.50 47.15 -28.13
C LEU T 67 62.37 48.61 -28.50
N GLU T 68 63.47 49.27 -28.84
CA GLU T 68 63.38 50.62 -29.38
C GLU T 68 62.74 50.59 -30.76
N LEU T 69 63.19 49.66 -31.60
CA LEU T 69 62.54 49.49 -32.89
C LEU T 69 61.11 49.01 -32.74
N ALA T 70 60.84 48.23 -31.71
CA ALA T 70 59.48 47.80 -31.43
C ALA T 70 58.60 48.98 -31.03
N GLY T 71 59.19 49.92 -30.27
CA GLY T 71 58.46 51.12 -29.92
C GLY T 71 58.13 51.95 -31.13
N ASN T 72 59.06 52.02 -32.08
CA ASN T 72 58.76 52.68 -33.34
C ASN T 72 57.68 51.94 -34.12
N ALA T 73 57.69 50.61 -34.03
CA ALA T 73 56.65 49.82 -34.68
C ALA T 73 55.28 50.09 -34.10
N ALA T 74 55.21 50.30 -32.79
CA ALA T 74 53.95 50.68 -32.18
C ALA T 74 53.57 52.11 -32.54
N ARG T 75 54.57 52.97 -32.73
CA ARG T 75 54.31 54.32 -33.21
C ARG T 75 53.71 54.31 -34.60
N ASP T 76 54.06 53.30 -35.41
CA ASP T 76 53.52 53.20 -36.75
C ASP T 76 52.03 52.92 -36.73
N ASN T 77 51.62 51.87 -36.03
CA ASN T 77 50.23 51.45 -36.00
C ASN T 77 49.40 52.28 -35.05
N LYS T 78 50.05 53.18 -34.29
CA LYS T 78 49.44 53.94 -33.20
C LYS T 78 48.81 53.01 -32.18
N LYS T 79 49.57 52.03 -31.75
CA LYS T 79 49.18 51.12 -30.70
C LYS T 79 50.01 51.40 -29.46
N THR T 80 49.41 51.17 -28.29
CA THR T 80 50.10 51.46 -27.04
C THR T 80 50.71 50.22 -26.42
N ARG T 81 49.98 49.11 -26.42
CA ARG T 81 50.51 47.84 -25.94
C ARG T 81 51.19 47.13 -27.10
N ILE T 82 52.34 46.54 -26.82
CA ILE T 82 53.10 45.87 -27.86
C ILE T 82 52.43 44.55 -28.17
N ILE T 83 52.08 44.35 -29.44
CA ILE T 83 51.68 43.02 -29.88
C ILE T 83 52.92 42.37 -30.46
N PRO T 84 52.99 41.03 -30.48
CA PRO T 84 54.16 40.36 -31.08
C PRO T 84 54.34 40.59 -32.56
N ARG T 85 53.27 41.00 -33.27
CA ARG T 85 53.39 41.30 -34.70
C ARG T 85 54.35 42.46 -34.91
N HIS T 86 54.30 43.45 -34.02
CA HIS T 86 55.28 44.53 -34.01
C HIS T 86 56.68 44.00 -33.90
N LEU T 87 56.87 42.97 -33.07
CA LEU T 87 58.19 42.43 -32.83
C LEU T 87 58.72 41.74 -34.07
N GLN T 88 57.87 40.94 -34.71
CA GLN T 88 58.31 40.23 -35.91
C GLN T 88 58.59 41.19 -37.05
N LEU T 89 57.77 42.24 -37.17
CA LEU T 89 57.99 43.25 -38.21
C LEU T 89 59.30 43.98 -38.00
N ALA T 90 59.57 44.40 -36.77
CA ALA T 90 60.80 45.13 -36.49
C ALA T 90 62.01 44.22 -36.63
N ILE T 91 61.84 42.92 -36.42
CA ILE T 91 62.92 42.01 -36.75
C ILE T 91 63.13 41.93 -38.25
N ARG T 92 62.05 41.84 -39.02
CA ARG T 92 62.17 41.64 -40.45
C ARG T 92 62.49 42.91 -41.22
N ASN T 93 62.51 44.07 -40.55
CA ASN T 93 62.87 45.27 -41.27
C ASN T 93 64.38 45.52 -41.27
N ASP T 94 64.98 45.58 -40.08
CA ASP T 94 66.39 45.87 -39.94
C ASP T 94 67.24 44.75 -40.51
N GLU T 95 68.39 45.12 -41.06
CA GLU T 95 69.22 44.16 -41.78
C GLU T 95 69.92 43.21 -40.81
N GLU T 96 70.82 43.76 -39.97
CA GLU T 96 71.70 42.95 -39.14
C GLU T 96 70.94 42.12 -38.14
N LEU T 97 69.84 42.66 -37.63
CA LEU T 97 68.98 41.91 -36.72
C LEU T 97 68.31 40.74 -37.41
N ASN T 98 67.85 40.92 -38.64
CA ASN T 98 67.23 39.83 -39.35
C ASN T 98 68.24 38.79 -39.78
N LYS T 99 69.48 39.20 -40.04
CA LYS T 99 70.51 38.20 -40.35
C LYS T 99 70.89 37.43 -39.10
N LEU T 100 70.82 38.09 -37.95
CA LEU T 100 70.99 37.41 -36.67
C LEU T 100 69.90 36.37 -36.45
N LEU T 101 68.65 36.82 -36.48
CA LEU T 101 67.55 35.93 -36.13
C LEU T 101 66.94 35.27 -37.36
N GLY T 102 67.79 34.72 -38.23
CA GLY T 102 67.31 34.14 -39.46
C GLY T 102 66.60 32.83 -39.22
N ARG T 103 67.16 32.04 -38.34
CA ARG T 103 66.55 30.77 -37.99
C ARG T 103 65.55 30.91 -36.85
N VAL T 104 64.98 32.07 -36.65
CA VAL T 104 64.13 32.36 -35.51
C VAL T 104 62.73 32.58 -36.01
N THR T 105 61.77 31.90 -35.41
CA THR T 105 60.40 32.30 -35.62
C THR T 105 59.70 32.51 -34.29
N ILE T 106 58.56 33.21 -34.35
CA ILE T 106 57.81 33.61 -33.17
C ILE T 106 56.35 33.26 -33.39
N ALA T 107 55.73 32.66 -32.38
CA ALA T 107 54.29 32.47 -32.41
C ALA T 107 53.59 33.82 -32.47
N GLN T 108 52.45 33.85 -33.17
CA GLN T 108 51.78 35.08 -33.61
C GLN T 108 52.74 35.98 -34.36
N GLY T 109 53.57 35.40 -35.22
CA GLY T 109 54.56 36.18 -35.94
C GLY T 109 54.07 36.84 -37.21
N GLY T 110 53.61 36.04 -38.16
CA GLY T 110 53.35 36.58 -39.49
C GLY T 110 54.63 36.84 -40.22
N VAL T 111 54.51 37.43 -41.41
CA VAL T 111 55.64 37.71 -42.26
C VAL T 111 55.53 39.12 -42.81
N LEU T 112 56.44 39.43 -43.72
CA LEU T 112 56.44 40.69 -44.43
C LEU T 112 55.21 40.81 -45.31
N PRO T 113 54.50 41.94 -45.25
CA PRO T 113 53.45 42.19 -46.22
C PRO T 113 54.10 42.45 -47.57
N ASN T 114 54.13 41.43 -48.42
CA ASN T 114 55.01 41.44 -49.59
C ASN T 114 54.30 40.83 -50.77
N ILE T 115 54.38 41.50 -51.91
CA ILE T 115 53.69 41.11 -53.13
C ILE T 115 54.68 41.19 -54.27
N GLN T 116 54.85 40.09 -54.99
CA GLN T 116 55.62 40.10 -56.22
C GLN T 116 54.80 40.80 -57.29
N ALA T 117 55.28 41.97 -57.73
CA ALA T 117 54.50 42.83 -58.63
C ALA T 117 54.37 42.23 -60.02
N VAL T 118 55.20 41.23 -60.35
CA VAL T 118 55.00 40.45 -61.56
C VAL T 118 53.73 39.62 -61.51
N LEU T 119 53.16 39.42 -60.34
CA LEU T 119 51.88 38.78 -60.19
C LEU T 119 50.76 39.78 -59.98
N LEU T 120 51.08 41.05 -59.87
CA LEU T 120 50.03 42.05 -59.96
C LEU T 120 49.46 42.08 -61.36
N PRO T 121 48.16 42.32 -61.51
CA PRO T 121 47.56 42.37 -62.84
C PRO T 121 47.94 43.63 -63.60
N LYS T 122 47.57 43.66 -64.86
CA LYS T 122 47.97 44.75 -65.74
C LYS T 122 46.79 45.67 -66.06
N ARG U 35 55.13 25.79 -2.77
CA ARG U 35 55.07 26.48 -4.05
C ARG U 35 56.48 26.77 -4.54
N SER U 36 56.87 26.10 -5.63
CA SER U 36 58.20 26.28 -6.19
C SER U 36 58.31 27.63 -6.88
N ARG U 37 59.42 28.31 -6.64
CA ARG U 37 59.63 29.69 -7.13
C ARG U 37 60.22 29.62 -8.52
N LYS U 38 59.48 30.16 -9.49
CA LYS U 38 59.93 30.17 -10.88
C LYS U 38 60.58 31.50 -11.24
N GLU U 39 61.25 31.52 -12.38
CA GLU U 39 62.07 32.64 -12.81
C GLU U 39 61.40 33.41 -13.93
N SER U 40 61.76 34.69 -14.03
CA SER U 40 61.42 35.51 -15.19
C SER U 40 62.44 36.64 -15.25
N TYR U 41 62.54 37.29 -16.40
CA TYR U 41 63.38 38.47 -16.51
C TYR U 41 62.51 39.69 -16.75
N SER U 42 61.22 39.58 -16.41
CA SER U 42 60.22 40.52 -16.91
C SER U 42 60.39 41.89 -16.31
N ILE U 43 60.72 41.97 -15.03
CA ILE U 43 60.76 43.25 -14.35
C ILE U 43 61.94 44.10 -14.82
N TYR U 44 63.02 43.45 -15.22
CA TYR U 44 64.25 44.12 -15.59
C TYR U 44 64.11 44.83 -16.93
N VAL U 45 63.79 44.04 -17.95
CA VAL U 45 63.56 44.55 -19.29
C VAL U 45 62.31 45.43 -19.30
N TYR U 46 61.38 45.17 -18.37
CA TYR U 46 60.26 46.06 -18.14
C TYR U 46 60.72 47.46 -17.76
N LYS U 47 61.64 47.55 -16.79
CA LYS U 47 62.23 48.83 -16.43
C LYS U 47 62.97 49.47 -17.59
N VAL U 48 63.67 48.65 -18.38
CA VAL U 48 64.43 49.19 -19.51
C VAL U 48 63.49 49.77 -20.55
N LEU U 49 62.37 49.08 -20.78
CA LEU U 49 61.33 49.57 -21.67
C LEU U 49 60.75 50.88 -21.15
N LYS U 50 60.50 50.95 -19.84
CA LYS U 50 60.04 52.19 -19.24
C LYS U 50 61.04 53.32 -19.37
N GLN U 51 62.33 53.00 -19.35
CA GLN U 51 63.35 54.00 -19.61
C GLN U 51 63.23 54.52 -21.03
N VAL U 52 63.35 53.62 -22.01
CA VAL U 52 63.42 54.05 -23.40
C VAL U 52 62.10 54.52 -23.95
N HIS U 53 60.98 54.12 -23.33
CA HIS U 53 59.66 54.62 -23.72
C HIS U 53 58.80 54.64 -22.49
N PRO U 54 58.63 55.81 -21.89
CA PRO U 54 57.75 55.90 -20.73
C PRO U 54 56.29 55.72 -21.08
N ASP U 55 55.85 56.22 -22.22
CA ASP U 55 54.46 56.09 -22.63
C ASP U 55 54.29 54.92 -23.60
N THR U 56 54.32 53.71 -23.05
CA THR U 56 54.24 52.50 -23.87
C THR U 56 53.82 51.32 -23.00
N GLY U 57 52.79 50.59 -23.42
CA GLY U 57 52.40 49.35 -22.79
C GLY U 57 52.95 48.15 -23.54
N ILE U 58 52.65 46.97 -23.01
CA ILE U 58 53.19 45.72 -23.57
C ILE U 58 52.24 44.59 -23.20
N SER U 59 52.22 43.54 -24.03
CA SER U 59 51.48 42.33 -23.73
C SER U 59 52.35 41.36 -22.95
N SER U 60 51.69 40.45 -22.24
CA SER U 60 52.39 39.52 -21.38
C SER U 60 53.16 38.48 -22.18
N LYS U 61 52.55 37.99 -23.27
CA LYS U 61 53.19 36.97 -24.08
C LYS U 61 54.46 37.49 -24.70
N ALA U 62 54.45 38.75 -25.15
CA ALA U 62 55.65 39.37 -25.69
C ALA U 62 56.72 39.51 -24.64
N MET U 63 56.34 39.71 -23.39
CA MET U 63 57.32 39.75 -22.32
C MET U 63 57.97 38.39 -22.15
N GLY U 64 57.17 37.34 -22.27
CA GLY U 64 57.75 36.00 -22.28
C GLY U 64 58.66 35.77 -23.47
N ILE U 65 58.29 36.34 -24.63
CA ILE U 65 59.10 36.22 -25.83
C ILE U 65 60.46 36.85 -25.61
N MET U 66 60.48 38.01 -24.97
CA MET U 66 61.74 38.67 -24.71
C MET U 66 62.56 37.91 -23.69
N ASN U 67 61.90 37.24 -22.76
CA ASN U 67 62.61 36.40 -21.82
C ASN U 67 63.30 35.25 -22.55
N SER U 68 62.57 34.64 -23.49
CA SER U 68 63.15 33.59 -24.32
C SER U 68 64.28 34.13 -25.19
N PHE U 69 64.15 35.39 -25.60
CA PHE U 69 65.17 36.04 -26.41
C PHE U 69 66.48 36.14 -25.65
N VAL U 70 66.39 36.64 -24.42
CA VAL U 70 67.55 36.73 -23.56
C VAL U 70 68.15 35.37 -23.30
N ASN U 71 67.27 34.37 -23.12
CA ASN U 71 67.72 32.99 -22.94
C ASN U 71 68.56 32.53 -24.12
N ASP U 72 68.06 32.75 -25.34
CA ASP U 72 68.71 32.23 -26.53
C ASP U 72 70.05 32.91 -26.76
N ILE U 73 70.08 34.24 -26.61
CA ILE U 73 71.31 34.97 -26.86
C ILE U 73 72.36 34.59 -25.83
N PHE U 74 71.93 34.48 -24.57
CA PHE U 74 72.80 34.05 -23.49
C PHE U 74 73.38 32.66 -23.75
N GLU U 75 72.54 31.76 -24.25
CA GLU U 75 73.00 30.40 -24.49
C GLU U 75 74.02 30.32 -25.61
N ARG U 76 73.80 31.06 -26.69
CA ARG U 76 74.77 31.05 -27.78
C ARG U 76 76.09 31.65 -27.35
N ILE U 77 76.03 32.74 -26.57
CA ILE U 77 77.23 33.36 -26.02
C ILE U 77 77.98 32.39 -25.13
N ALA U 78 77.27 31.72 -24.26
CA ALA U 78 77.92 30.84 -23.29
C ALA U 78 78.55 29.65 -23.98
N GLY U 79 77.89 29.14 -25.02
CA GLY U 79 78.47 28.06 -25.79
C GLY U 79 79.71 28.50 -26.51
N GLU U 80 79.72 29.73 -27.00
CA GLU U 80 80.94 30.25 -27.60
C GLU U 80 82.01 30.48 -26.54
N ALA U 81 81.60 30.76 -25.31
CA ALA U 81 82.56 30.91 -24.24
C ALA U 81 83.19 29.57 -23.89
N SER U 82 82.41 28.50 -23.90
CA SER U 82 82.97 27.19 -23.61
C SER U 82 83.93 26.75 -24.71
N ARG U 83 83.56 27.05 -25.96
CA ARG U 83 84.50 26.79 -27.04
C ARG U 83 85.72 27.69 -26.95
N LEU U 84 85.56 28.93 -26.47
CA LEU U 84 86.71 29.79 -26.21
C LEU U 84 87.65 29.15 -25.21
N ALA U 85 87.07 28.55 -24.18
CA ALA U 85 87.85 27.85 -23.17
C ALA U 85 88.62 26.70 -23.78
N HIS U 86 87.93 25.84 -24.53
CA HIS U 86 88.55 24.61 -24.98
C HIS U 86 89.48 24.84 -26.16
N TYR U 87 89.27 25.90 -26.93
CA TYR U 87 90.28 26.23 -27.92
C TYR U 87 91.31 27.16 -27.35
N ASN U 88 91.23 27.47 -26.06
CA ASN U 88 92.32 28.17 -25.41
C ASN U 88 92.92 27.40 -24.25
N LYS U 89 92.37 26.22 -23.94
CA LYS U 89 92.89 25.31 -22.90
C LYS U 89 92.95 25.98 -21.54
N ARG U 90 92.01 26.88 -21.30
CA ARG U 90 91.94 27.64 -20.06
C ARG U 90 90.54 27.52 -19.51
N SER U 91 90.38 27.75 -18.21
CA SER U 91 89.08 27.56 -17.58
C SER U 91 88.64 28.77 -16.78
N THR U 92 89.33 29.89 -16.90
CA THR U 92 88.93 31.12 -16.25
C THR U 92 88.10 31.87 -17.27
N ILE U 93 87.07 32.57 -16.82
CA ILE U 93 86.33 33.44 -17.72
C ILE U 93 86.49 34.88 -17.26
N THR U 94 87.05 35.73 -18.12
CA THR U 94 87.04 37.17 -17.91
C THR U 94 86.15 37.84 -18.95
N SER U 95 86.05 39.16 -18.86
CA SER U 95 85.24 39.97 -19.76
C SER U 95 85.78 40.01 -21.18
N ARG U 96 87.08 39.76 -21.35
CA ARG U 96 87.69 39.79 -22.67
C ARG U 96 87.11 38.70 -23.55
N GLU U 97 86.86 37.54 -22.95
CA GLU U 97 86.25 36.42 -23.65
C GLU U 97 84.83 36.74 -24.04
N ILE U 98 84.13 37.49 -23.20
CA ILE U 98 82.77 37.87 -23.50
C ILE U 98 82.74 38.83 -24.67
N GLN U 99 83.72 39.76 -24.71
CA GLN U 99 83.84 40.69 -25.83
C GLN U 99 84.10 39.97 -27.13
N THR U 100 85.06 39.05 -27.11
CA THR U 100 85.37 38.37 -28.36
C THR U 100 84.26 37.42 -28.76
N ALA U 101 83.49 36.92 -27.79
CA ALA U 101 82.33 36.11 -28.10
C ALA U 101 81.24 36.92 -28.79
N VAL U 102 80.98 38.13 -28.27
CA VAL U 102 79.93 38.95 -28.84
C VAL U 102 80.29 39.37 -30.25
N ARG U 103 81.55 39.78 -30.48
CA ARG U 103 81.89 40.16 -31.84
C ARG U 103 82.23 38.96 -32.71
N LEU U 104 82.18 37.75 -32.16
CA LEU U 104 82.07 36.58 -33.03
C LEU U 104 80.63 36.35 -33.45
N LEU U 105 79.68 36.57 -32.54
CA LEU U 105 78.33 36.18 -32.88
C LEU U 105 77.57 37.29 -33.59
N LEU U 106 77.59 38.40 -33.08
CA LEU U 106 76.75 39.43 -33.64
C LEU U 106 77.40 40.11 -34.85
N PRO U 107 76.60 40.62 -35.78
CA PRO U 107 77.16 41.35 -36.91
C PRO U 107 77.68 42.71 -36.50
N GLY U 108 78.63 43.19 -37.31
CA GLY U 108 79.59 44.23 -36.97
C GLY U 108 79.18 45.51 -36.26
N GLU U 109 78.29 46.30 -36.85
CA GLU U 109 78.04 47.65 -36.36
C GLU U 109 77.30 47.63 -35.03
N LEU U 110 76.22 46.85 -35.00
CA LEU U 110 75.51 46.53 -33.76
C LEU U 110 76.46 46.01 -32.69
N ALA U 111 77.34 45.08 -33.09
CA ALA U 111 78.29 44.47 -32.15
C ALA U 111 79.25 45.50 -31.58
N LYS U 112 79.74 46.42 -32.39
CA LYS U 112 80.71 47.39 -31.90
C LYS U 112 80.04 48.39 -30.98
N HIS U 113 78.79 48.76 -31.26
CA HIS U 113 78.04 49.60 -30.33
C HIS U 113 77.83 48.90 -29.00
N ALA U 114 77.50 47.61 -29.04
CA ALA U 114 77.30 46.87 -27.81
C ALA U 114 78.59 46.72 -27.03
N VAL U 115 79.70 46.52 -27.73
CA VAL U 115 81.01 46.42 -27.09
C VAL U 115 81.35 47.74 -26.41
N SER U 116 80.99 48.85 -27.05
CA SER U 116 81.21 50.16 -26.47
C SER U 116 80.43 50.33 -25.18
N GLU U 117 79.15 49.94 -25.20
CA GLU U 117 78.31 50.02 -24.01
C GLU U 117 78.86 49.18 -22.87
N GLY U 118 79.25 47.96 -23.19
CA GLY U 118 79.79 47.06 -22.18
C GLY U 118 81.11 47.55 -21.63
N THR U 119 81.95 48.13 -22.48
CA THR U 119 83.27 48.56 -22.04
C THR U 119 83.16 49.78 -21.15
N LYS U 120 82.26 50.71 -21.50
CA LYS U 120 82.04 51.87 -20.65
C LYS U 120 81.42 51.46 -19.32
N ALA U 121 80.59 50.43 -19.34
CA ALA U 121 80.05 49.93 -18.08
C ALA U 121 81.13 49.27 -17.23
N VAL U 122 82.08 48.57 -17.88
CA VAL U 122 83.21 47.96 -17.17
C VAL U 122 84.04 49.04 -16.49
N THR U 123 84.28 50.13 -17.20
CA THR U 123 85.03 51.25 -16.64
C THR U 123 84.28 51.88 -15.47
N LYS U 124 82.98 52.12 -15.62
CA LYS U 124 82.23 52.79 -14.56
C LYS U 124 82.09 51.92 -13.32
N TYR U 125 81.94 50.61 -13.49
CA TYR U 125 81.91 49.74 -12.32
C TYR U 125 83.28 49.60 -11.68
N THR U 126 84.25 49.05 -12.41
CA THR U 126 85.54 48.71 -11.83
C THR U 126 86.40 49.92 -11.49
N SER U 127 86.01 51.12 -11.96
CA SER U 127 86.69 52.33 -11.52
C SER U 127 86.40 52.61 -10.05
N ALA U 128 85.13 52.50 -9.66
CA ALA U 128 84.76 52.40 -8.27
C ALA U 128 84.90 50.95 -7.83
N LYS U 129 84.29 50.61 -6.69
CA LYS U 129 84.31 49.23 -6.23
C LYS U 129 83.46 48.35 -7.15
N HIS V 43 26.80 40.04 -60.85
CA HIS V 43 27.51 39.70 -62.06
C HIS V 43 28.79 38.96 -61.69
N ARG V 44 29.66 38.71 -62.66
CA ARG V 44 30.85 37.91 -62.44
C ARG V 44 32.09 38.80 -62.41
N TYR V 45 32.97 38.56 -61.43
CA TYR V 45 34.24 39.27 -61.34
C TYR V 45 35.31 38.57 -62.17
N ARG V 46 36.36 39.30 -62.51
CA ARG V 46 37.43 38.75 -63.33
C ARG V 46 38.51 38.17 -62.46
N PRO V 47 39.07 37.02 -62.85
CA PRO V 47 39.81 36.19 -61.89
C PRO V 47 41.16 36.78 -61.52
N GLY V 48 41.71 36.28 -60.41
CA GLY V 48 42.96 36.72 -59.88
C GLY V 48 42.85 37.83 -58.85
N THR V 49 41.74 38.58 -58.89
CA THR V 49 41.66 39.81 -58.11
C THR V 49 41.41 39.51 -56.65
N VAL V 50 40.38 38.69 -56.37
CA VAL V 50 39.94 38.42 -55.02
C VAL V 50 41.02 37.70 -54.24
N ALA V 51 41.82 36.87 -54.93
CA ALA V 51 42.93 36.17 -54.32
C ALA V 51 43.97 37.13 -53.79
N LEU V 52 44.35 38.13 -54.59
CA LEU V 52 45.36 39.08 -54.14
C LEU V 52 44.80 39.99 -53.07
N ARG V 53 43.51 40.30 -53.16
CA ARG V 53 42.88 41.12 -52.12
C ARG V 53 42.88 40.40 -50.79
N GLU V 54 42.64 39.10 -50.81
CA GLU V 54 42.72 38.35 -49.56
C GLU V 54 44.15 37.99 -49.19
N ILE V 55 45.10 38.10 -50.11
CA ILE V 55 46.50 38.09 -49.70
C ILE V 55 46.80 39.31 -48.84
N ARG V 56 46.31 40.48 -49.28
CA ARG V 56 46.46 41.69 -48.50
C ARG V 56 45.68 41.62 -47.19
N ARG V 57 44.60 40.85 -47.19
CA ARG V 57 43.90 40.66 -45.94
C ARG V 57 44.63 39.68 -45.02
N TYR V 58 45.19 38.60 -45.55
CA TYR V 58 45.78 37.50 -44.78
C TYR V 58 47.24 37.72 -44.44
N GLN V 59 47.81 38.83 -44.87
CA GLN V 59 49.09 39.25 -44.34
C GLN V 59 48.95 40.10 -43.09
N LYS V 60 47.75 40.12 -42.49
CA LYS V 60 47.51 41.01 -41.37
C LYS V 60 47.36 40.30 -40.05
N SER V 61 46.40 39.39 -39.91
CA SER V 61 46.17 38.71 -38.65
C SER V 61 47.05 37.48 -38.60
N THR V 62 47.86 37.38 -37.55
CA THR V 62 48.72 36.23 -37.37
C THR V 62 48.02 35.08 -36.66
N GLU V 63 46.69 35.04 -36.71
CA GLU V 63 45.96 33.96 -36.08
C GLU V 63 46.14 32.67 -36.86
N LEU V 64 45.92 31.55 -36.17
CA LEU V 64 46.21 30.25 -36.73
C LEU V 64 45.21 29.88 -37.82
N LEU V 65 45.74 29.44 -38.95
CA LEU V 65 44.90 29.10 -40.09
C LEU V 65 44.18 27.78 -39.95
N ILE V 66 44.89 26.69 -39.68
CA ILE V 66 44.23 25.41 -39.48
C ILE V 66 43.57 25.42 -38.10
N ARG V 67 42.27 25.17 -38.05
CA ARG V 67 41.63 25.19 -36.74
C ARG V 67 41.82 23.85 -36.04
N LYS V 68 41.42 23.82 -34.77
CA LYS V 68 42.15 23.08 -33.76
C LYS V 68 41.93 21.58 -33.85
N LEU V 69 40.69 21.15 -33.61
CA LEU V 69 40.25 19.75 -33.51
C LEU V 69 40.75 18.80 -34.60
N PRO V 70 40.69 19.14 -35.90
CA PRO V 70 41.19 18.16 -36.88
C PRO V 70 42.71 18.05 -36.85
N PHE V 71 43.37 19.19 -36.64
CA PHE V 71 44.82 19.21 -36.50
C PHE V 71 45.26 18.39 -35.30
N GLN V 72 44.51 18.51 -34.20
CA GLN V 72 44.78 17.74 -33.01
C GLN V 72 44.61 16.26 -33.25
N ARG V 73 43.55 15.89 -33.98
CA ARG V 73 43.35 14.48 -34.31
C ARG V 73 44.46 13.93 -35.18
N LEU V 74 44.94 14.73 -36.12
CA LEU V 74 46.01 14.27 -36.99
C LEU V 74 47.31 14.06 -36.21
N VAL V 75 47.63 15.01 -35.36
CA VAL V 75 48.82 14.91 -34.54
C VAL V 75 48.72 13.72 -33.59
N ARG V 76 47.55 13.51 -32.99
CA ARG V 76 47.35 12.37 -32.10
C ARG V 76 47.49 11.06 -32.84
N GLU V 77 46.98 10.99 -34.08
CA GLU V 77 47.02 9.74 -34.83
C GLU V 77 48.45 9.38 -35.21
N ILE V 78 49.26 10.38 -35.57
CA ILE V 78 50.65 10.08 -35.87
C ILE V 78 51.39 9.75 -34.58
N ALA V 79 51.01 10.38 -33.49
CA ALA V 79 51.63 10.11 -32.21
C ALA V 79 51.25 8.75 -31.65
N GLN V 80 50.21 8.13 -32.20
CA GLN V 80 49.75 6.85 -31.68
C GLN V 80 50.79 5.76 -31.85
N ASP V 81 51.58 5.82 -32.90
CA ASP V 81 52.41 4.69 -33.29
C ASP V 81 53.84 4.78 -32.78
N PHE V 82 54.04 5.34 -31.61
CA PHE V 82 55.36 5.28 -30.98
C PHE V 82 55.32 4.66 -29.61
N LYS V 83 54.43 5.13 -28.74
CA LYS V 83 54.07 4.41 -27.53
C LYS V 83 52.63 4.79 -27.24
N THR V 84 51.89 3.86 -26.65
CA THR V 84 50.44 3.92 -26.70
C THR V 84 49.87 5.01 -25.80
N ASP V 85 49.09 5.90 -26.41
CA ASP V 85 48.14 6.80 -25.74
C ASP V 85 48.83 7.74 -24.74
N LEU V 86 49.62 8.65 -25.28
CA LEU V 86 50.29 9.64 -24.46
C LEU V 86 49.42 10.88 -24.32
N ARG V 87 49.31 11.38 -23.10
CA ARG V 87 48.57 12.61 -22.88
C ARG V 87 49.35 13.81 -23.41
N PHE V 88 48.65 14.93 -23.55
CA PHE V 88 49.23 16.11 -24.18
C PHE V 88 48.88 17.40 -23.48
N GLN V 89 49.87 18.29 -23.42
CA GLN V 89 49.64 19.66 -23.04
C GLN V 89 49.08 20.43 -24.23
N SER V 90 48.00 21.17 -23.98
CA SER V 90 47.36 21.94 -25.03
C SER V 90 48.23 23.07 -25.54
N ALA V 91 49.05 23.65 -24.66
CA ALA V 91 49.99 24.66 -25.09
C ALA V 91 51.03 24.08 -26.04
N ALA V 92 51.43 22.83 -25.80
CA ALA V 92 52.34 22.16 -26.71
C ALA V 92 51.68 21.94 -28.07
N ILE V 93 50.38 21.69 -28.06
CA ILE V 93 49.64 21.53 -29.31
C ILE V 93 49.60 22.83 -30.07
N GLY V 94 49.39 23.94 -29.37
CA GLY V 94 49.48 25.24 -30.02
C GLY V 94 50.87 25.55 -30.56
N ALA V 95 51.90 25.07 -29.86
CA ALA V 95 53.27 25.24 -30.33
C ALA V 95 53.52 24.50 -31.64
N LEU V 96 53.11 23.24 -31.69
CA LEU V 96 53.16 22.45 -32.91
C LEU V 96 52.42 23.11 -34.05
N GLN V 97 51.25 23.67 -33.74
CA GLN V 97 50.42 24.31 -34.75
C GLN V 97 51.09 25.54 -35.32
N GLU V 98 51.61 26.40 -34.44
CA GLU V 98 52.33 27.60 -34.85
C GLU V 98 53.53 27.26 -35.73
N ALA V 99 54.37 26.34 -35.26
CA ALA V 99 55.60 26.01 -35.95
C ALA V 99 55.31 25.40 -37.31
N SER V 100 54.29 24.55 -37.37
CA SER V 100 53.92 23.92 -38.61
C SER V 100 53.41 24.94 -39.63
N GLU V 101 52.56 25.87 -39.18
CA GLU V 101 51.99 26.83 -40.12
C GLU V 101 53.03 27.80 -40.65
N ALA V 102 53.93 28.29 -39.78
CA ALA V 102 54.95 29.20 -40.25
C ALA V 102 55.93 28.51 -41.19
N TYR V 103 56.30 27.26 -40.85
CA TYR V 103 57.13 26.41 -41.68
C TYR V 103 56.58 26.27 -43.10
N LEU V 104 55.33 25.88 -43.20
CA LEU V 104 54.72 25.71 -44.50
C LEU V 104 54.56 27.02 -45.25
N VAL V 105 54.31 28.13 -44.55
CA VAL V 105 54.18 29.43 -45.23
C VAL V 105 55.50 29.83 -45.86
N GLY V 106 56.60 29.68 -45.13
CA GLY V 106 57.90 30.04 -45.67
C GLY V 106 58.31 29.16 -46.83
N LEU V 107 58.00 27.86 -46.72
CA LEU V 107 58.32 26.95 -47.82
C LEU V 107 57.48 27.27 -49.04
N PHE V 108 56.24 27.72 -48.83
CA PHE V 108 55.45 28.24 -49.93
C PHE V 108 56.05 29.47 -50.55
N GLU V 109 56.66 30.34 -49.76
CA GLU V 109 57.24 31.56 -50.31
C GLU V 109 58.39 31.22 -51.26
N ASP V 110 59.26 30.32 -50.83
CA ASP V 110 60.35 29.90 -51.71
C ASP V 110 59.82 29.17 -52.94
N THR V 111 58.78 28.36 -52.79
CA THR V 111 58.23 27.65 -53.94
C THR V 111 57.59 28.62 -54.93
N ASN V 112 56.92 29.64 -54.40
CA ASN V 112 56.31 30.66 -55.24
C ASN V 112 57.36 31.43 -56.01
N LEU V 113 58.47 31.76 -55.36
CA LEU V 113 59.53 32.47 -56.06
C LEU V 113 60.20 31.58 -57.10
N CYS V 114 60.24 30.27 -56.85
CA CYS V 114 60.71 29.32 -57.87
C CYS V 114 59.84 29.38 -59.10
N ALA V 115 58.52 29.38 -58.91
CA ALA V 115 57.62 29.39 -60.05
C ALA V 115 57.65 30.72 -60.79
N ILE V 116 57.83 31.83 -60.06
CA ILE V 116 58.00 33.13 -60.69
C ILE V 116 59.25 33.15 -61.54
N HIS V 117 60.31 32.51 -61.06
CA HIS V 117 61.48 32.33 -61.89
C HIS V 117 61.20 31.42 -63.08
N ALA V 118 60.27 30.50 -62.93
CA ALA V 118 60.00 29.51 -63.97
C ALA V 118 59.10 30.04 -65.08
N LYS V 119 58.99 31.38 -65.21
CA LYS V 119 58.28 32.06 -66.28
C LYS V 119 56.80 31.71 -66.29
N ARG V 120 56.28 31.41 -65.09
CA ARG V 120 54.90 30.99 -64.91
C ARG V 120 54.33 31.70 -63.69
N VAL V 121 53.04 31.49 -63.47
CA VAL V 121 52.38 32.03 -62.30
C VAL V 121 51.86 30.94 -61.38
N THR V 122 51.45 29.81 -61.91
CA THR V 122 50.81 28.77 -61.14
C THR V 122 51.86 27.84 -60.56
N ILE V 123 51.60 27.34 -59.35
CA ILE V 123 52.49 26.40 -58.73
C ILE V 123 52.41 25.04 -59.41
N MET V 124 53.44 24.22 -59.17
CA MET V 124 53.51 22.84 -59.61
C MET V 124 54.08 22.03 -58.47
N PRO V 125 53.80 20.73 -58.41
CA PRO V 125 54.45 19.90 -57.38
C PRO V 125 55.96 19.77 -57.59
N LYS V 126 56.39 19.79 -58.85
CA LYS V 126 57.82 19.77 -59.15
C LYS V 126 58.53 20.98 -58.59
N ASP V 127 57.81 22.09 -58.39
CA ASP V 127 58.40 23.27 -57.77
C ASP V 127 58.72 22.99 -56.32
N ILE V 128 57.82 22.29 -55.63
CA ILE V 128 58.06 21.91 -54.25
C ILE V 128 59.22 20.96 -54.17
N GLN V 129 59.33 20.07 -55.16
CA GLN V 129 60.46 19.16 -55.22
C GLN V 129 61.77 19.90 -55.42
N LEU V 130 61.75 20.94 -56.24
CA LEU V 130 62.94 21.73 -56.48
C LEU V 130 63.38 22.47 -55.23
N ALA V 131 62.43 23.08 -54.54
CA ALA V 131 62.74 23.83 -53.33
C ALA V 131 63.26 22.92 -52.23
N ARG V 132 62.63 21.75 -52.08
CA ARG V 132 63.08 20.80 -51.09
C ARG V 132 64.44 20.23 -51.44
N ARG V 133 64.71 20.06 -52.73
CA ARG V 133 66.00 19.58 -53.19
C ARG V 133 67.09 20.61 -52.93
N ILE V 134 66.73 21.88 -52.93
CA ILE V 134 67.70 22.90 -52.55
C ILE V 134 67.93 22.88 -51.04
N ARG V 135 66.85 22.79 -50.26
CA ARG V 135 67.04 22.79 -48.81
C ARG V 135 67.66 21.50 -48.29
N GLY V 136 67.31 20.35 -48.86
CA GLY V 136 67.96 19.12 -48.48
C GLY V 136 67.21 18.26 -47.49
N GLU V 137 65.88 18.26 -47.54
CA GLU V 137 65.14 17.32 -46.72
C GLU V 137 65.31 15.91 -47.25
N ARG V 138 64.78 15.66 -48.45
CA ARG V 138 64.97 14.39 -49.13
C ARG V 138 66.41 14.34 -49.64
N ALA V 139 66.96 13.13 -49.75
CA ALA V 139 68.20 12.93 -50.47
C ALA V 139 67.99 13.23 -51.95
N ASN W 29 41.86 10.90 -41.63
CA ASN W 29 43.23 10.72 -41.15
C ASN W 29 44.05 11.93 -41.56
N ILE W 30 44.94 11.73 -42.53
CA ILE W 30 45.66 12.83 -43.13
C ILE W 30 44.72 13.70 -43.97
N GLN W 31 43.57 13.18 -44.35
CA GLN W 31 42.61 13.89 -45.16
C GLN W 31 41.76 14.87 -44.35
N GLY W 32 42.11 15.09 -43.09
CA GLY W 32 41.51 16.17 -42.33
C GLY W 32 42.03 17.54 -42.72
N ILE W 33 43.02 17.59 -43.58
CA ILE W 33 43.54 18.85 -44.10
C ILE W 33 42.64 19.29 -45.23
N THR W 34 41.95 20.42 -45.07
CA THR W 34 41.05 20.86 -46.12
C THR W 34 41.83 21.59 -47.21
N LYS W 35 41.27 21.56 -48.42
CA LYS W 35 41.76 22.38 -49.51
C LYS W 35 41.85 23.88 -49.20
N PRO W 36 40.84 24.55 -48.63
CA PRO W 36 41.03 25.99 -48.34
C PRO W 36 42.01 26.26 -47.23
N ALA W 37 42.39 25.27 -46.44
CA ALA W 37 43.46 25.47 -45.47
C ALA W 37 44.79 25.67 -46.16
N ILE W 38 45.14 24.79 -47.09
CA ILE W 38 46.39 24.95 -47.83
C ILE W 38 46.29 26.16 -48.75
N ARG W 39 45.08 26.51 -49.18
CA ARG W 39 44.90 27.77 -49.90
C ARG W 39 45.21 28.97 -49.03
N ARG W 40 44.75 28.96 -47.78
CA ARG W 40 45.08 30.02 -46.84
C ARG W 40 46.58 30.05 -46.56
N LEU W 41 47.21 28.87 -46.57
CA LEU W 41 48.66 28.81 -46.47
C LEU W 41 49.35 29.46 -47.64
N ALA W 42 48.76 29.33 -48.83
CA ALA W 42 49.30 30.07 -49.97
C ALA W 42 49.05 31.56 -49.83
N ARG W 43 47.94 31.92 -49.19
CA ARG W 43 47.58 33.33 -49.09
C ARG W 43 48.49 34.07 -48.12
N ARG W 44 48.77 33.48 -46.95
CA ARG W 44 49.72 34.10 -46.04
C ARG W 44 51.13 34.01 -46.60
N GLY W 45 51.42 32.96 -47.37
CA GLY W 45 52.60 32.98 -48.18
C GLY W 45 52.54 34.01 -49.29
N GLY W 46 51.35 34.34 -49.75
CA GLY W 46 51.17 35.28 -50.82
C GLY W 46 51.20 34.68 -52.18
N VAL W 47 50.61 33.51 -52.38
CA VAL W 47 50.73 32.79 -53.64
C VAL W 47 49.39 32.90 -54.36
N LYS W 48 49.44 33.13 -55.66
CA LYS W 48 48.23 33.49 -56.38
C LYS W 48 47.50 32.28 -56.91
N ARG W 49 48.13 31.50 -57.78
CA ARG W 49 47.39 30.55 -58.60
C ARG W 49 47.85 29.12 -58.33
N ILE W 50 46.88 28.22 -58.20
CA ILE W 50 47.05 26.93 -57.53
C ILE W 50 46.78 25.80 -58.51
N SER W 51 47.63 24.77 -58.48
CA SER W 51 47.42 23.57 -59.30
C SER W 51 46.68 22.47 -58.55
N GLY W 52 46.71 21.25 -59.07
CA GLY W 52 45.95 20.15 -58.51
C GLY W 52 46.63 19.27 -57.49
N LEU W 53 47.76 18.65 -57.86
CA LEU W 53 48.41 17.62 -57.05
C LEU W 53 49.12 18.19 -55.81
N ILE W 54 49.18 19.53 -55.76
CA ILE W 54 49.66 20.34 -54.66
C ILE W 54 49.15 19.86 -53.31
N TYR W 55 47.88 19.47 -53.27
CA TYR W 55 47.21 19.19 -52.00
C TYR W 55 47.80 17.97 -51.34
N GLU W 56 47.88 16.88 -52.09
CA GLU W 56 48.37 15.63 -51.54
C GLU W 56 49.86 15.71 -51.30
N GLU W 57 50.58 16.44 -52.16
CA GLU W 57 52.01 16.64 -51.93
C GLU W 57 52.25 17.41 -50.63
N THR W 58 51.39 18.39 -50.36
CA THR W 58 51.49 19.21 -49.17
C THR W 58 51.27 18.36 -47.93
N ARG W 59 50.23 17.54 -47.96
CA ARG W 59 49.92 16.67 -46.84
C ARG W 59 51.07 15.71 -46.57
N GLY W 60 51.74 15.23 -47.63
CA GLY W 60 52.86 14.33 -47.44
C GLY W 60 54.05 15.00 -46.77
N VAL W 61 54.41 16.19 -47.22
CA VAL W 61 55.60 16.83 -46.65
C VAL W 61 55.32 17.26 -45.22
N LEU W 62 54.10 17.74 -44.95
CA LEU W 62 53.68 18.06 -43.59
C LEU W 62 53.75 16.84 -42.69
N LYS W 63 53.39 15.68 -43.24
CA LYS W 63 53.42 14.45 -42.47
C LYS W 63 54.83 14.10 -42.04
N VAL W 64 55.79 14.14 -42.99
CA VAL W 64 57.17 13.76 -42.67
C VAL W 64 57.78 14.73 -41.67
N PHE W 65 57.44 16.01 -41.82
CA PHE W 65 57.85 17.05 -40.88
C PHE W 65 57.40 16.72 -39.46
N LEU W 66 56.10 16.50 -39.29
CA LEU W 66 55.57 16.16 -37.97
C LEU W 66 56.09 14.83 -37.48
N GLU W 67 56.42 13.91 -38.38
CA GLU W 67 56.97 12.62 -38.00
C GLU W 67 58.28 12.77 -37.27
N ASN W 68 59.23 13.50 -37.86
CA ASN W 68 60.52 13.68 -37.20
C ASN W 68 60.38 14.47 -35.91
N VAL W 69 59.53 15.51 -35.93
CA VAL W 69 59.36 16.37 -34.77
C VAL W 69 58.80 15.58 -33.59
N ILE W 70 57.69 14.89 -33.80
CA ILE W 70 57.03 14.24 -32.69
C ILE W 70 57.77 12.98 -32.29
N ARG W 71 58.56 12.38 -33.21
CA ARG W 71 59.41 11.26 -32.83
C ARG W 71 60.44 11.65 -31.78
N ASP W 72 61.21 12.69 -32.05
CA ASP W 72 62.19 13.06 -31.04
C ASP W 72 61.55 13.74 -29.84
N ALA W 73 60.34 14.29 -29.99
CA ALA W 73 59.62 14.80 -28.84
C ALA W 73 59.25 13.68 -27.87
N VAL W 74 58.72 12.58 -28.42
CA VAL W 74 58.40 11.45 -27.58
C VAL W 74 59.67 10.78 -27.07
N THR W 75 60.79 10.94 -27.77
CA THR W 75 62.06 10.49 -27.23
C THR W 75 62.44 11.26 -25.97
N TYR W 76 62.28 12.59 -26.02
CA TYR W 76 62.45 13.42 -24.83
C TYR W 76 61.54 12.98 -23.69
N THR W 77 60.30 12.67 -24.00
CA THR W 77 59.38 12.33 -22.92
C THR W 77 59.65 10.91 -22.41
N GLU W 78 60.17 10.05 -23.28
CA GLU W 78 60.69 8.75 -22.85
C GLU W 78 61.78 8.90 -21.82
N HIS W 79 62.71 9.83 -22.05
CA HIS W 79 63.70 10.06 -21.01
C HIS W 79 63.09 10.72 -19.78
N ALA W 80 62.00 11.47 -19.97
CA ALA W 80 61.35 12.12 -18.83
C ALA W 80 60.66 11.14 -17.89
N LYS W 81 60.44 9.89 -18.32
CA LYS W 81 59.76 8.85 -17.55
C LYS W 81 58.34 9.24 -17.16
N ARG W 82 57.74 10.11 -17.96
CA ARG W 82 56.44 10.67 -17.64
C ARG W 82 55.53 10.49 -18.85
N LYS W 83 54.23 10.56 -18.60
CA LYS W 83 53.26 10.11 -19.56
C LYS W 83 52.63 11.25 -20.35
N THR W 84 53.15 12.45 -20.24
CA THR W 84 52.70 13.59 -21.02
C THR W 84 53.91 14.29 -21.60
N VAL W 85 53.87 14.55 -22.91
CA VAL W 85 54.96 15.29 -23.54
C VAL W 85 54.85 16.74 -23.10
N THR W 86 55.97 17.29 -22.61
CA THR W 86 55.95 18.67 -22.18
C THR W 86 56.04 19.59 -23.38
N ALA W 87 55.51 20.79 -23.21
CA ALA W 87 55.76 21.83 -24.21
C ALA W 87 57.23 22.19 -24.27
N MET W 88 57.93 22.07 -23.13
CA MET W 88 59.37 22.27 -23.08
C MET W 88 60.09 21.33 -24.02
N ASP W 89 59.73 20.05 -23.99
CA ASP W 89 60.35 19.04 -24.84
C ASP W 89 60.10 19.31 -26.32
N VAL W 90 58.90 19.81 -26.63
CA VAL W 90 58.59 20.23 -27.99
C VAL W 90 59.54 21.34 -28.42
N VAL W 91 59.74 22.32 -27.54
CA VAL W 91 60.62 23.43 -27.84
C VAL W 91 62.05 22.94 -28.03
N TYR W 92 62.51 22.06 -27.15
CA TYR W 92 63.88 21.59 -27.25
C TYR W 92 64.08 20.72 -28.46
N ALA W 93 63.06 19.98 -28.88
CA ALA W 93 63.17 19.19 -30.10
C ALA W 93 63.24 20.09 -31.32
N LEU W 94 62.50 21.20 -31.29
CA LEU W 94 62.63 22.18 -32.34
C LEU W 94 64.02 22.78 -32.38
N LYS W 95 64.62 23.00 -31.21
CA LYS W 95 66.01 23.44 -31.16
C LYS W 95 66.93 22.36 -31.73
N ARG W 96 66.60 21.10 -31.50
CA ARG W 96 67.43 20.01 -31.97
C ARG W 96 67.37 19.90 -33.49
N GLN W 97 66.25 20.28 -34.09
CA GLN W 97 66.24 20.41 -35.53
C GLN W 97 66.61 21.79 -36.01
N GLY W 98 67.14 22.64 -35.14
CA GLY W 98 67.55 23.96 -35.56
C GLY W 98 66.40 24.84 -35.94
N ARG W 99 65.26 24.70 -35.27
CA ARG W 99 64.02 25.35 -35.63
C ARG W 99 63.51 26.13 -34.45
N THR W 100 64.39 26.96 -33.90
CA THR W 100 64.15 27.62 -32.62
C THR W 100 62.96 28.58 -32.69
N LEU W 101 62.01 28.33 -31.81
CA LEU W 101 60.76 29.08 -31.72
C LEU W 101 60.65 29.67 -30.34
N TYR W 102 60.42 30.97 -30.27
CA TYR W 102 60.23 31.65 -29.01
C TYR W 102 58.79 31.52 -28.55
N GLY W 103 58.40 32.35 -27.60
CA GLY W 103 57.01 32.56 -27.30
C GLY W 103 56.46 31.72 -26.18
N PHE W 104 56.80 30.44 -26.13
CA PHE W 104 56.12 29.55 -25.20
C PHE W 104 57.06 29.05 -24.12
N GLY W 105 57.96 29.90 -23.63
CA GLY W 105 58.86 29.51 -22.58
C GLY W 105 59.91 28.53 -23.05
N GLY W 106 60.90 29.01 -23.79
CA GLY W 106 61.97 28.14 -24.28
C GLY W 106 63.36 28.67 -24.03
N ALA X 18 91.03 -9.70 -15.93
CA ALA X 18 91.37 -8.57 -16.79
C ALA X 18 91.61 -7.31 -15.98
N LYS X 19 92.83 -6.78 -16.05
CA LYS X 19 93.16 -5.55 -15.32
C LYS X 19 92.47 -4.35 -15.96
N THR X 20 92.64 -4.19 -17.27
CA THR X 20 92.12 -3.01 -17.95
C THR X 20 90.63 -3.14 -18.21
N ARG X 21 89.91 -2.02 -18.06
CA ARG X 21 88.48 -1.99 -18.31
C ARG X 21 88.13 -2.23 -19.76
N SER X 22 89.06 -1.94 -20.67
CA SER X 22 88.85 -2.27 -22.07
C SER X 22 88.79 -3.77 -22.27
N SER X 23 89.68 -4.50 -21.59
CA SER X 23 89.58 -5.95 -21.60
C SER X 23 88.38 -6.42 -20.80
N ARG X 24 87.98 -5.66 -19.78
CA ARG X 24 86.76 -5.98 -19.05
C ARG X 24 85.50 -5.67 -19.85
N ALA X 25 85.63 -4.87 -20.91
CA ALA X 25 84.52 -4.66 -21.82
C ALA X 25 84.66 -5.43 -23.10
N GLY X 26 85.84 -5.99 -23.39
CA GLY X 26 86.04 -6.72 -24.62
C GLY X 26 85.99 -5.85 -25.85
N LEU X 27 86.36 -4.59 -25.72
CA LEU X 27 86.22 -3.60 -26.78
C LEU X 27 87.59 -3.09 -27.17
N GLN X 28 87.62 -2.03 -27.98
CA GLN X 28 88.87 -1.53 -28.51
C GLN X 28 89.17 -0.08 -28.16
N PHE X 29 88.31 0.59 -27.42
CA PHE X 29 88.54 1.99 -27.11
C PHE X 29 88.94 2.16 -25.64
N PRO X 30 89.70 3.20 -25.28
CA PRO X 30 90.02 3.43 -23.87
C PRO X 30 88.89 4.16 -23.17
N VAL X 31 88.34 3.53 -22.14
CA VAL X 31 87.16 4.10 -21.49
C VAL X 31 87.56 5.23 -20.57
N GLY X 32 88.64 5.04 -19.80
CA GLY X 32 89.04 6.06 -18.84
C GLY X 32 89.53 7.33 -19.51
N ARG X 33 90.03 7.20 -20.75
CA ARG X 33 90.14 8.31 -21.67
C ARG X 33 88.85 9.10 -21.75
N VAL X 34 87.76 8.41 -22.05
CA VAL X 34 86.48 9.07 -22.28
C VAL X 34 85.96 9.66 -20.98
N HIS X 35 86.20 8.97 -19.86
CA HIS X 35 85.76 9.47 -18.57
C HIS X 35 86.53 10.73 -18.19
N ARG X 36 87.81 10.80 -18.54
CA ARG X 36 88.57 12.00 -18.27
C ARG X 36 88.15 13.12 -19.20
N LEU X 37 87.80 12.76 -20.45
CA LEU X 37 87.25 13.72 -21.39
C LEU X 37 85.96 14.31 -20.88
N LEU X 38 85.12 13.49 -20.27
CA LEU X 38 83.90 13.97 -19.64
C LEU X 38 84.23 14.84 -18.44
N ARG X 39 85.24 14.45 -17.66
CA ARG X 39 85.64 15.26 -16.52
C ARG X 39 86.31 16.55 -16.98
N LYS X 40 87.26 16.44 -17.88
CA LYS X 40 87.85 17.64 -18.50
C LYS X 40 87.02 18.08 -19.70
N GLY X 41 85.73 18.25 -19.47
CA GLY X 41 84.85 18.69 -20.51
C GLY X 41 84.01 19.86 -20.06
N ASN X 42 83.91 20.02 -18.73
CA ASN X 42 82.87 20.82 -18.10
C ASN X 42 81.50 20.42 -18.64
N TYR X 43 81.26 19.13 -18.66
CA TYR X 43 80.05 18.57 -19.20
C TYR X 43 78.98 18.38 -18.14
N SER X 44 79.25 17.53 -17.16
CA SER X 44 78.43 17.41 -15.97
C SER X 44 79.33 17.72 -14.78
N GLU X 45 78.76 17.61 -13.58
CA GLU X 45 79.62 17.69 -12.41
C GLU X 45 80.16 16.32 -12.04
N ARG X 46 79.31 15.31 -12.02
CA ARG X 46 79.77 13.96 -11.80
C ARG X 46 79.40 13.10 -13.00
N VAL X 47 80.14 12.01 -13.17
CA VAL X 47 79.95 11.08 -14.27
C VAL X 47 79.94 9.68 -13.70
N GLY X 48 78.88 8.93 -14.01
CA GLY X 48 78.76 7.56 -13.55
C GLY X 48 79.69 6.59 -14.27
N ALA X 49 79.48 5.32 -13.97
CA ALA X 49 80.36 4.26 -14.44
C ALA X 49 79.91 3.63 -15.74
N GLY X 50 78.63 3.69 -16.08
CA GLY X 50 78.16 2.95 -17.23
C GLY X 50 78.04 3.79 -18.48
N ALA X 51 77.76 5.07 -18.31
CA ALA X 51 77.74 6.00 -19.43
C ALA X 51 79.00 6.03 -20.30
N PRO X 52 80.25 6.07 -19.78
CA PRO X 52 81.40 6.12 -20.71
C PRO X 52 81.58 4.85 -21.49
N VAL X 53 81.33 3.71 -20.85
CA VAL X 53 81.35 2.43 -21.53
C VAL X 53 80.29 2.41 -22.63
N TYR X 54 79.10 2.92 -22.32
CA TYR X 54 77.98 2.90 -23.25
C TYR X 54 78.28 3.74 -24.49
N LEU X 55 78.80 4.93 -24.25
CA LEU X 55 79.11 5.83 -25.35
C LEU X 55 80.26 5.31 -26.20
N ALA X 56 81.27 4.73 -25.55
CA ALA X 56 82.38 4.15 -26.31
C ALA X 56 81.94 2.99 -27.17
N ALA X 57 81.00 2.19 -26.67
CA ALA X 57 80.44 1.10 -27.47
C ALA X 57 79.68 1.64 -28.67
N VAL X 58 78.95 2.73 -28.48
CA VAL X 58 78.24 3.36 -29.60
C VAL X 58 79.23 3.85 -30.64
N LEU X 59 80.33 4.45 -30.19
CA LEU X 59 81.37 4.92 -31.09
C LEU X 59 81.98 3.78 -31.88
N GLU X 60 82.23 2.67 -31.20
CA GLU X 60 82.85 1.53 -31.84
C GLU X 60 81.93 0.91 -32.88
N TYR X 61 80.62 0.89 -32.58
CA TYR X 61 79.66 0.43 -33.57
C TYR X 61 79.61 1.35 -34.78
N LEU X 62 79.68 2.66 -34.55
CA LEU X 62 79.62 3.60 -35.66
C LEU X 62 80.84 3.47 -36.56
N THR X 63 82.02 3.29 -35.95
CA THR X 63 83.22 3.06 -36.72
C THR X 63 83.11 1.82 -37.58
N ALA X 64 82.71 0.69 -36.98
CA ALA X 64 82.64 -0.56 -37.73
C ALA X 64 81.59 -0.49 -38.83
N GLU X 65 80.46 0.16 -38.54
CA GLU X 65 79.38 0.28 -39.50
C GLU X 65 79.77 1.09 -40.72
N ILE X 66 80.44 2.24 -40.51
CA ILE X 66 80.77 3.06 -41.66
C ILE X 66 81.98 2.49 -42.39
N LEU X 67 82.89 1.86 -41.65
CA LEU X 67 84.02 1.21 -42.29
C LEU X 67 83.62 0.01 -43.12
N GLU X 68 82.46 -0.58 -42.87
CA GLU X 68 81.92 -1.57 -43.80
C GLU X 68 81.70 -0.98 -45.18
N LEU X 69 80.99 0.15 -45.24
CA LEU X 69 80.75 0.81 -46.52
C LEU X 69 82.03 1.34 -47.13
N ALA X 70 82.98 1.70 -46.27
CA ALA X 70 84.30 2.09 -46.73
C ALA X 70 85.02 0.93 -47.40
N GLY X 71 84.93 -0.25 -46.80
CA GLY X 71 85.61 -1.42 -47.36
C GLY X 71 85.05 -1.81 -48.71
N ASN X 72 83.72 -1.82 -48.82
CA ASN X 72 83.12 -2.15 -50.12
C ASN X 72 83.40 -1.07 -51.17
N ALA X 73 83.36 0.20 -50.75
CA ALA X 73 83.57 1.28 -51.72
C ALA X 73 85.01 1.33 -52.19
N ALA X 74 85.96 0.99 -51.32
CA ALA X 74 87.35 0.93 -51.75
C ALA X 74 87.61 -0.30 -52.59
N ARG X 75 86.91 -1.41 -52.29
CA ARG X 75 87.06 -2.63 -53.07
C ARG X 75 86.43 -2.50 -54.45
N ASP X 76 85.59 -1.47 -54.65
CA ASP X 76 85.03 -1.20 -55.98
C ASP X 76 86.08 -0.84 -57.02
N ASN X 77 87.28 -0.44 -56.61
CA ASN X 77 88.27 0.05 -57.56
C ASN X 77 89.61 -0.65 -57.46
N LYS X 78 89.64 -1.85 -56.88
CA LYS X 78 90.83 -2.73 -56.82
C LYS X 78 92.00 -2.04 -56.11
N LYS X 79 91.68 -1.29 -55.07
CA LYS X 79 92.70 -0.56 -54.33
C LYS X 79 92.60 -0.93 -52.86
N THR X 80 93.74 -1.27 -52.29
CA THR X 80 93.78 -1.78 -50.92
C THR X 80 93.55 -0.64 -49.92
N ARG X 81 93.86 0.58 -50.33
CA ARG X 81 93.84 1.71 -49.42
C ARG X 81 92.59 2.55 -49.60
N ILE X 82 92.01 3.00 -48.49
CA ILE X 82 90.83 3.85 -48.54
C ILE X 82 91.28 5.27 -48.85
N ILE X 83 90.63 5.90 -49.82
CA ILE X 83 90.95 7.28 -50.14
C ILE X 83 89.76 8.11 -49.66
N PRO X 84 89.88 9.43 -49.53
CA PRO X 84 88.71 10.23 -49.13
C PRO X 84 87.55 10.17 -50.10
N ARG X 85 87.82 10.02 -51.40
CA ARG X 85 86.76 9.89 -52.39
C ARG X 85 85.92 8.66 -52.12
N HIS X 86 86.57 7.57 -51.70
CA HIS X 86 85.86 6.38 -51.26
C HIS X 86 84.91 6.69 -50.12
N LEU X 87 85.36 7.47 -49.16
CA LEU X 87 84.55 7.75 -47.99
C LEU X 87 83.34 8.58 -48.36
N GLN X 88 83.54 9.57 -49.22
CA GLN X 88 82.41 10.40 -49.64
C GLN X 88 81.42 9.61 -50.46
N LEU X 89 81.93 8.71 -51.32
CA LEU X 89 81.05 7.83 -52.09
C LEU X 89 80.25 6.92 -51.19
N ALA X 90 80.90 6.35 -50.18
CA ALA X 90 80.22 5.41 -49.29
C ALA X 90 79.19 6.14 -48.43
N ILE X 91 79.47 7.40 -48.08
CA ILE X 91 78.47 8.16 -47.36
C ILE X 91 77.28 8.47 -48.23
N ARG X 92 77.52 9.02 -49.41
CA ARG X 92 76.42 9.43 -50.27
C ARG X 92 75.64 8.25 -50.83
N ASN X 93 76.25 7.07 -50.86
CA ASN X 93 75.50 5.90 -51.27
C ASN X 93 74.68 5.33 -50.12
N ASP X 94 74.94 5.78 -48.90
CA ASP X 94 74.08 5.43 -47.79
C ASP X 94 72.93 6.42 -47.72
N GLU X 95 71.84 6.02 -47.07
CA GLU X 95 70.77 6.96 -46.80
C GLU X 95 70.87 7.58 -45.40
N GLU X 96 70.99 6.74 -44.36
CA GLU X 96 71.06 7.26 -43.00
C GLU X 96 72.30 8.09 -42.77
N LEU X 97 73.43 7.67 -43.32
CA LEU X 97 74.65 8.43 -43.14
C LEU X 97 74.63 9.74 -43.93
N ASN X 98 73.90 9.77 -45.05
CA ASN X 98 73.85 11.00 -45.84
C ASN X 98 72.97 12.04 -45.15
N LYS X 99 71.85 11.61 -44.58
CA LYS X 99 71.05 12.55 -43.81
C LYS X 99 71.72 12.86 -42.48
N LEU X 100 72.60 11.96 -42.01
CA LEU X 100 73.48 12.30 -40.90
C LEU X 100 74.43 13.43 -41.28
N LEU X 101 75.12 13.27 -42.39
CA LEU X 101 76.22 14.17 -42.74
C LEU X 101 75.79 15.25 -43.72
N GLY X 102 74.58 15.78 -43.56
CA GLY X 102 74.03 16.71 -44.54
C GLY X 102 74.73 18.05 -44.57
N ARG X 103 75.06 18.59 -43.40
CA ARG X 103 75.82 19.82 -43.33
C ARG X 103 77.32 19.57 -43.39
N VAL X 104 77.74 18.38 -43.77
CA VAL X 104 79.10 17.92 -43.57
C VAL X 104 79.80 17.79 -44.91
N THR X 105 81.06 18.18 -44.95
CA THR X 105 81.86 18.11 -46.16
C THR X 105 83.17 17.43 -45.81
N ILE X 106 83.64 16.58 -46.69
CA ILE X 106 84.90 15.87 -46.53
C ILE X 106 85.95 16.58 -47.37
N ALA X 107 87.16 16.73 -46.82
CA ALA X 107 88.27 17.17 -47.64
C ALA X 107 88.60 16.11 -48.69
N GLN X 108 88.97 16.60 -49.87
CA GLN X 108 89.21 15.79 -51.07
C GLN X 108 88.01 14.93 -51.43
N GLY X 109 86.80 15.46 -51.26
CA GLY X 109 85.60 14.70 -51.49
C GLY X 109 85.02 14.71 -52.89
N GLY X 110 84.65 15.89 -53.40
CA GLY X 110 83.84 15.94 -54.60
C GLY X 110 82.42 15.49 -54.30
N VAL X 111 81.67 15.20 -55.37
CA VAL X 111 80.30 14.72 -55.25
C VAL X 111 80.08 13.57 -56.23
N LEU X 112 78.83 13.10 -56.24
CA LEU X 112 78.46 11.91 -56.99
C LEU X 112 78.44 12.17 -58.49
N PRO X 113 78.46 11.13 -59.31
CA PRO X 113 78.14 11.33 -60.73
C PRO X 113 76.68 11.66 -60.89
N ASN X 114 76.39 12.92 -61.20
CA ASN X 114 75.03 13.36 -61.47
C ASN X 114 74.98 13.82 -62.92
N ILE X 115 74.82 12.86 -63.83
CA ILE X 115 74.63 13.15 -65.23
C ILE X 115 73.13 13.15 -65.49
N GLN X 116 72.61 14.29 -65.88
CA GLN X 116 71.18 14.38 -66.13
C GLN X 116 70.85 13.72 -67.47
N ALA X 117 69.61 13.23 -67.57
CA ALA X 117 69.21 12.45 -68.75
C ALA X 117 69.05 13.34 -69.97
N VAL X 118 68.91 14.66 -69.76
CA VAL X 118 68.84 15.61 -70.86
C VAL X 118 70.19 15.86 -71.52
N LEU X 119 71.24 15.16 -71.12
CA LEU X 119 72.59 15.53 -71.52
C LEU X 119 73.25 14.50 -72.42
N LEU X 120 72.83 13.23 -72.34
CA LEU X 120 73.47 12.20 -73.13
C LEU X 120 73.07 12.34 -74.60
N PRO X 121 73.99 12.10 -75.53
CA PRO X 121 73.65 12.20 -76.96
C PRO X 121 72.74 11.06 -77.39
N LYS X 122 71.48 11.41 -77.67
CA LYS X 122 70.45 10.43 -77.97
C LYS X 122 70.15 10.37 -79.46
N LYS Y 38 99.92 13.80 -28.33
CA LYS Y 38 98.55 14.25 -28.51
C LYS Y 38 97.83 13.21 -29.36
N GLU Y 39 97.09 12.32 -28.71
CA GLU Y 39 96.81 11.02 -29.29
C GLU Y 39 95.72 11.08 -30.34
N SER Y 40 95.93 10.35 -31.43
CA SER Y 40 94.88 10.07 -32.39
C SER Y 40 94.42 8.64 -32.19
N TYR Y 41 93.52 8.15 -33.01
CA TYR Y 41 92.85 6.89 -32.71
C TYR Y 41 93.24 5.80 -33.70
N SER Y 42 94.51 5.80 -34.10
CA SER Y 42 94.93 5.14 -35.34
C SER Y 42 94.86 3.62 -35.23
N ILE Y 43 95.48 3.06 -34.19
CA ILE Y 43 95.50 1.61 -34.08
C ILE Y 43 94.14 1.08 -33.70
N TYR Y 44 93.30 1.92 -33.10
CA TYR Y 44 91.90 1.56 -32.87
C TYR Y 44 91.20 1.33 -34.19
N VAL Y 45 91.43 2.24 -35.14
CA VAL Y 45 90.94 2.09 -36.49
C VAL Y 45 91.52 0.86 -37.16
N TYR Y 46 92.82 0.58 -36.94
CA TYR Y 46 93.44 -0.61 -37.51
C TYR Y 46 92.79 -1.88 -37.01
N LYS Y 47 92.46 -1.92 -35.72
CA LYS Y 47 91.87 -3.13 -35.17
C LYS Y 47 90.42 -3.29 -35.59
N VAL Y 48 89.67 -2.19 -35.70
CA VAL Y 48 88.31 -2.27 -36.25
C VAL Y 48 88.35 -2.75 -37.70
N LEU Y 49 89.31 -2.24 -38.45
CA LEU Y 49 89.46 -2.59 -39.85
C LEU Y 49 89.84 -4.04 -40.03
N LYS Y 50 90.75 -4.54 -39.20
CA LYS Y 50 91.09 -5.96 -39.26
C LYS Y 50 89.96 -6.83 -38.75
N GLN Y 51 89.08 -6.30 -37.90
CA GLN Y 51 87.87 -7.02 -37.56
C GLN Y 51 86.81 -6.97 -38.64
N VAL Y 52 86.93 -6.10 -39.63
CA VAL Y 52 85.88 -6.05 -40.63
C VAL Y 52 86.38 -6.46 -42.01
N HIS Y 53 87.27 -5.67 -42.60
CA HIS Y 53 87.88 -6.03 -43.88
C HIS Y 53 89.36 -6.22 -43.62
N PRO Y 54 89.80 -7.41 -43.24
CA PRO Y 54 91.17 -7.54 -42.69
C PRO Y 54 92.28 -7.53 -43.72
N ASP Y 55 92.01 -7.19 -44.98
CA ASP Y 55 93.05 -7.09 -46.01
C ASP Y 55 92.99 -5.72 -46.67
N THR Y 56 92.93 -4.68 -45.86
CA THR Y 56 92.61 -3.35 -46.36
C THR Y 56 93.58 -2.34 -45.79
N GLY Y 57 94.21 -1.56 -46.66
CA GLY Y 57 95.06 -0.48 -46.22
C GLY Y 57 94.28 0.81 -46.09
N ILE Y 58 95.02 1.89 -45.84
CA ILE Y 58 94.43 3.19 -45.59
C ILE Y 58 95.51 4.24 -45.80
N SER Y 59 95.10 5.44 -46.22
CA SER Y 59 96.02 6.55 -46.33
C SER Y 59 96.07 7.31 -45.01
N SER Y 60 96.99 8.26 -44.94
CA SER Y 60 97.11 9.08 -43.74
C SER Y 60 95.91 10.00 -43.59
N LYS Y 61 95.56 10.71 -44.66
CA LYS Y 61 94.53 11.72 -44.53
C LYS Y 61 93.16 11.10 -44.39
N ALA Y 62 92.99 9.85 -44.85
CA ALA Y 62 91.78 9.11 -44.55
C ALA Y 62 91.60 8.92 -43.06
N MET Y 63 92.68 8.52 -42.38
CA MET Y 63 92.66 8.43 -40.93
C MET Y 63 92.38 9.78 -40.29
N GLY Y 64 92.91 10.86 -40.87
CA GLY Y 64 92.65 12.18 -40.33
C GLY Y 64 91.18 12.56 -40.42
N ILE Y 65 90.54 12.26 -41.54
CA ILE Y 65 89.12 12.55 -41.69
C ILE Y 65 88.30 11.68 -40.76
N MET Y 66 88.73 10.44 -40.57
CA MET Y 66 88.05 9.55 -39.64
C MET Y 66 88.10 10.08 -38.22
N ASN Y 67 89.24 10.61 -37.80
CA ASN Y 67 89.34 11.08 -36.43
C ASN Y 67 88.60 12.40 -36.25
N SER Y 68 88.57 13.20 -37.32
CA SER Y 68 87.71 14.38 -37.36
C SER Y 68 86.26 13.99 -37.15
N PHE Y 69 85.84 12.95 -37.86
CA PHE Y 69 84.50 12.40 -37.74
C PHE Y 69 84.20 11.96 -36.32
N VAL Y 70 85.11 11.19 -35.73
CA VAL Y 70 84.89 10.62 -34.40
C VAL Y 70 84.78 11.72 -33.36
N ASN Y 71 85.63 12.73 -33.47
CA ASN Y 71 85.58 13.84 -32.53
C ASN Y 71 84.30 14.63 -32.65
N ASP Y 72 83.84 14.85 -33.89
CA ASP Y 72 82.57 15.54 -34.11
C ASP Y 72 81.42 14.80 -33.46
N ILE Y 73 81.37 13.48 -33.68
CA ILE Y 73 80.28 12.68 -33.15
C ILE Y 73 80.30 12.68 -31.65
N PHE Y 74 81.48 12.53 -31.06
CA PHE Y 74 81.64 12.54 -29.62
C PHE Y 74 81.18 13.85 -29.02
N GLU Y 75 81.57 14.96 -29.65
CA GLU Y 75 81.19 16.27 -29.15
C GLU Y 75 79.70 16.49 -29.24
N ARG Y 76 79.09 16.04 -30.35
CA ARG Y 76 77.64 16.27 -30.52
C ARG Y 76 76.85 15.49 -29.50
N ILE Y 77 77.23 14.23 -29.27
CA ILE Y 77 76.50 13.41 -28.31
C ILE Y 77 76.68 13.95 -26.91
N ALA Y 78 77.92 14.33 -26.56
CA ALA Y 78 78.22 14.77 -25.20
C ALA Y 78 77.51 16.07 -24.89
N GLY Y 79 77.50 17.00 -25.83
CA GLY Y 79 76.78 18.23 -25.62
C GLY Y 79 75.29 18.01 -25.54
N GLU Y 80 74.78 17.05 -26.31
CA GLU Y 80 73.36 16.78 -26.22
C GLU Y 80 73.02 16.14 -24.88
N ALA Y 81 73.93 15.35 -24.34
CA ALA Y 81 73.73 14.79 -23.02
C ALA Y 81 73.78 15.86 -21.94
N SER Y 82 74.64 16.85 -22.14
CA SER Y 82 74.68 17.97 -21.21
C SER Y 82 73.39 18.77 -21.26
N ARG Y 83 72.82 18.88 -22.47
CA ARG Y 83 71.49 19.46 -22.59
C ARG Y 83 70.46 18.61 -21.89
N LEU Y 84 70.61 17.28 -21.92
CA LEU Y 84 69.68 16.42 -21.20
C LEU Y 84 69.73 16.69 -19.71
N ALA Y 85 70.94 16.86 -19.18
CA ALA Y 85 71.11 17.16 -17.76
C ALA Y 85 70.47 18.48 -17.40
N HIS Y 86 70.83 19.55 -18.11
CA HIS Y 86 70.33 20.87 -17.74
C HIS Y 86 68.86 21.05 -18.09
N TYR Y 87 68.34 20.33 -19.06
CA TYR Y 87 66.90 20.36 -19.31
C TYR Y 87 66.17 19.45 -18.35
N ASN Y 88 66.89 18.62 -17.60
CA ASN Y 88 66.25 17.68 -16.70
C ASN Y 88 66.74 17.76 -15.27
N LYS Y 89 67.65 18.70 -14.96
CA LYS Y 89 68.09 19.03 -13.61
C LYS Y 89 68.72 17.82 -12.90
N ARG Y 90 69.35 16.96 -13.68
CA ARG Y 90 69.96 15.77 -13.15
C ARG Y 90 71.46 16.03 -13.07
N SER Y 91 72.01 15.95 -11.86
CA SER Y 91 73.34 16.45 -11.60
C SER Y 91 74.44 15.54 -12.12
N THR Y 92 74.10 14.37 -12.65
CA THR Y 92 75.07 13.55 -13.34
C THR Y 92 74.40 12.88 -14.53
N ILE Y 93 75.18 12.04 -15.20
CA ILE Y 93 74.73 11.37 -16.42
C ILE Y 93 75.07 9.90 -16.30
N THR Y 94 74.07 9.05 -16.45
CA THR Y 94 74.24 7.61 -16.53
C THR Y 94 74.10 7.17 -17.98
N SER Y 95 74.04 5.87 -18.19
CA SER Y 95 73.94 5.33 -19.54
C SER Y 95 72.58 5.58 -20.19
N ARG Y 96 71.52 5.77 -19.40
CA ARG Y 96 70.18 5.95 -19.95
C ARG Y 96 70.08 7.25 -20.74
N GLU Y 97 70.74 8.28 -20.25
CA GLU Y 97 70.86 9.54 -20.95
C GLU Y 97 71.60 9.36 -22.27
N ILE Y 98 72.60 8.49 -22.28
CA ILE Y 98 73.37 8.28 -23.50
C ILE Y 98 72.53 7.55 -24.52
N GLN Y 99 71.71 6.61 -24.05
CA GLN Y 99 70.80 5.89 -24.93
C GLN Y 99 69.80 6.83 -25.57
N THR Y 100 69.17 7.67 -24.76
CA THR Y 100 68.18 8.57 -25.35
C THR Y 100 68.83 9.63 -26.23
N ALA Y 101 70.09 9.99 -25.97
CA ALA Y 101 70.74 10.96 -26.83
C ALA Y 101 71.10 10.35 -28.17
N VAL Y 102 71.56 9.10 -28.18
CA VAL Y 102 71.82 8.39 -29.42
C VAL Y 102 70.55 8.23 -30.22
N ARG Y 103 69.41 8.02 -29.54
CA ARG Y 103 68.12 8.09 -30.22
C ARG Y 103 67.89 9.46 -30.83
N LEU Y 104 68.26 10.53 -30.12
CA LEU Y 104 67.96 11.87 -30.59
C LEU Y 104 68.81 12.27 -31.78
N LEU Y 105 69.99 11.65 -31.93
CA LEU Y 105 70.85 12.05 -33.04
C LEU Y 105 70.69 11.14 -34.24
N LEU Y 106 70.90 9.88 -34.06
CA LEU Y 106 70.92 9.05 -35.24
C LEU Y 106 69.50 8.57 -35.57
N PRO Y 107 69.16 8.45 -36.85
CA PRO Y 107 67.85 7.88 -37.22
C PRO Y 107 67.76 6.38 -37.02
N GLY Y 108 66.59 5.82 -37.34
CA GLY Y 108 66.08 4.53 -36.89
C GLY Y 108 66.94 3.28 -36.83
N GLU Y 109 67.42 2.80 -37.98
CA GLU Y 109 68.11 1.52 -38.04
C GLU Y 109 69.43 1.58 -37.30
N LEU Y 110 70.21 2.61 -37.60
CA LEU Y 110 71.44 2.90 -36.88
C LEU Y 110 71.20 3.03 -35.39
N ALA Y 111 70.10 3.69 -35.01
CA ALA Y 111 69.79 3.91 -33.60
C ALA Y 111 69.50 2.60 -32.89
N LYS Y 112 68.71 1.73 -33.53
CA LYS Y 112 68.31 0.51 -32.86
C LYS Y 112 69.49 -0.44 -32.75
N HIS Y 113 70.31 -0.54 -33.81
CA HIS Y 113 71.49 -1.39 -33.73
C HIS Y 113 72.52 -0.85 -32.74
N ALA Y 114 72.59 0.47 -32.61
CA ALA Y 114 73.52 1.04 -31.65
C ALA Y 114 73.06 0.80 -30.23
N VAL Y 115 71.75 0.91 -29.99
CA VAL Y 115 71.20 0.61 -28.66
C VAL Y 115 71.47 -0.84 -28.30
N SER Y 116 71.34 -1.73 -29.29
CA SER Y 116 71.61 -3.15 -29.07
C SER Y 116 73.06 -3.38 -28.69
N GLU Y 117 73.98 -2.77 -29.44
CA GLU Y 117 75.41 -2.96 -29.17
C GLU Y 117 75.79 -2.38 -27.83
N GLY Y 118 75.22 -1.23 -27.47
CA GLY Y 118 75.54 -0.61 -26.21
C GLY Y 118 75.06 -1.42 -25.03
N THR Y 119 73.82 -1.94 -25.12
CA THR Y 119 73.31 -2.76 -24.02
C THR Y 119 74.05 -4.07 -23.93
N LYS Y 120 74.51 -4.62 -25.05
CA LYS Y 120 75.31 -5.85 -25.00
C LYS Y 120 76.64 -5.61 -24.32
N ALA Y 121 77.26 -4.46 -24.60
CA ALA Y 121 78.50 -4.10 -23.92
C ALA Y 121 78.28 -3.88 -22.43
N VAL Y 122 77.17 -3.22 -22.07
CA VAL Y 122 76.78 -3.05 -20.68
C VAL Y 122 76.62 -4.39 -19.99
N THR Y 123 76.02 -5.33 -20.70
CA THR Y 123 75.80 -6.67 -20.17
C THR Y 123 77.10 -7.40 -19.91
N LYS Y 124 78.00 -7.40 -20.88
CA LYS Y 124 79.20 -8.19 -20.72
C LYS Y 124 80.17 -7.54 -19.74
N TYR Y 125 80.18 -6.20 -19.68
CA TYR Y 125 81.00 -5.56 -18.66
C TYR Y 125 80.40 -5.71 -17.28
N THR Y 126 79.07 -5.81 -17.18
CA THR Y 126 78.43 -5.92 -15.87
C THR Y 126 78.57 -7.32 -15.32
N SER Y 127 78.60 -8.32 -16.22
CA SER Y 127 78.79 -9.70 -15.79
C SER Y 127 80.18 -9.94 -15.21
N ALA Y 128 81.16 -9.18 -15.69
CA ALA Y 128 82.53 -9.28 -15.18
C ALA Y 128 83.27 -7.97 -15.40
#